data_8W9R
#
_entry.id   8W9R
#
_cell.length_a   1.00
_cell.length_b   1.00
_cell.length_c   1.00
_cell.angle_alpha   90.00
_cell.angle_beta   90.00
_cell.angle_gamma   90.00
#
_symmetry.space_group_name_H-M   'P 1'
#
loop_
_entity.id
_entity.type
_entity.pdbx_description
1 polymer Vp2
2 polymer VP8
3 polymer VP10
#
loop_
_entity_poly.entity_id
_entity_poly.type
_entity_poly.pdbx_seq_one_letter_code
_entity_poly.pdbx_strand_id
1 'polypeptide(L)'
;MPRKKDQVTKNDDGNQTSDVQTQDFKTAVQPDTNTAQLIKTYSNPKQRGDKGEIIYDGGLSSKLADVVDKTTEPHNADGA
VKDGRIAPVKLDLEKQKLDKLKLFETSPFDPLTIKNNQDVVDKLYATQSSSIQEVVPTKTFATELQFGVTSEDMAKIYGA
VAAVSKNVNSSVTYEVKRGTHELIKVPTIPHNLVLIQSDNGKHALIKEDLGQWPVETGISLVNQAGVFAVQLANKLGIDK
PFVLDAGSNYFTDTSFIDTRKYCTDGLSPREIQKALNRQRAYYDRPELTISENKTLLSQSIIYPDADGNDVSIIFSGAMS
HAIFTYAQSQWNKNIIKLDDYIREITLTVPKQYRPRRFKEIEHTHGYVYRELNQGSLLPLVDANLKESSSYYFKKLMSSI
SNVPVDARTLQSATAALAADTGQAVNRAQHVSMLTNRLTTANAPTVRAITVLTCMFKQFRIGMTYALDPNIMDVAAATCM
LLFRPAQSISDEQYRYCLQTMAVFLTNTTYDIVNNDTIDVLKMKLRNQGWPFVERYNAVEIDMSVEPLRSPGQVGRYYNP
FNIDPLTKKHVEDRLEEFINQVQVGRFRNASGNAVGTTLAAFLRACRDKTSANWRGYSVLVSRYRSLIPNELFESLRNIS
GEYNINPQDEHSFFFALAQINADDEFIGAIDKESAEYLDEYATLARDISNSLTLVKAAFGPLERTSGSIINHANNLNKVI
NHVFADKPLISETMLKILTIDGTTGKDGYRNWLDKLVGHNYPVYVEPVVNIMNFISARFVADSSYFGYTNEIMIMPNHIN
VPVDDRFGFRDSPFCTSLPRTIMGNDVRRISYNVFSMMEDIDDVISEGFILYDAYFNFSYDIMTTDGVTRLKEDILIVTD
TGNDIKPIHFYIYFENRNDKKLRYESKMNVSYRLYIKTPACLLPLSDYMRAQHDYVSPSSSRVYIKDPAVVYTRS
;
A,B
2 'polypeptide(L)'
;MANRATSAFLDNPHPVGVNYVDEGSRQFVAVAELLASKLIDSSRESDESNSDVPFVQAYSKFADDNPRHLRVKTGGKMAN
ALTNVIRSYYSINAPAIVPQVEIDRLASKATVSGDMYNSYAIFNSVPIVEVLSPARTTVSIVGSDRADVTMLNTGAGAAN
ITFNFGQIAETVILKGSVPFQLARLNQPMPAARFTYKLRPLDGPFIVVLPVGNPLVISATAATRIQVPLAFNKALVESGF
QTAMNDGLFDIQNVNYYSSFDEFIISQYHAQDGINRVSTCVILGLALQAYDQMRRALPVRRV
;
C,D,E,F,G,H,I,J,K,L,M,N,O
3 'polypeptide(L)'
;MDVLSKGSLKELLAHLEKTPLEEAISYRIGTVPYQNVLISRNEYYNQLYPDTTSLIDGVSREGQRNVNGLIMSIISYVVS
GSGHYIPNIGFMLLRRSILDILTKHDTGLVTNNLNYGIIARNLTVSKMNCEQRKRMLICFKLLAYKDGNQNDYEIYLNQN
IPLKQIAPNFIPGDMRTVIHNQDQLAIVGIPAYRLTQSTELSIRDDNAKSYKLGYVDWYNSNSFLRERSEFNLIRLKDRD
TKYGKLNGW
;
P,Q
#
# COMPACT_ATOMS: atom_id res chain seq x y z
N GLU A 182 -30.07 -53.12 -39.65
CA GLU A 182 -29.78 -53.85 -40.87
C GLU A 182 -28.39 -53.51 -41.41
N LEU A 183 -27.87 -54.38 -42.26
CA LEU A 183 -26.58 -54.19 -42.90
C LEU A 183 -26.82 -53.99 -44.39
N ILE A 184 -26.56 -52.77 -44.87
CA ILE A 184 -26.86 -52.44 -46.25
C ILE A 184 -25.75 -52.96 -47.16
N LYS A 185 -26.09 -53.15 -48.43
CA LYS A 185 -25.18 -53.71 -49.42
C LYS A 185 -25.01 -52.72 -50.55
N VAL A 186 -23.77 -52.38 -50.88
CA VAL A 186 -23.45 -51.33 -51.83
C VAL A 186 -23.10 -51.99 -53.16
N PRO A 187 -23.89 -51.79 -54.22
CA PRO A 187 -23.57 -52.49 -55.49
C PRO A 187 -22.40 -51.91 -56.24
N THR A 188 -22.29 -50.58 -56.33
CA THR A 188 -21.32 -49.92 -57.19
C THR A 188 -20.31 -49.11 -56.37
N ILE A 189 -19.14 -48.92 -56.96
CA ILE A 189 -18.04 -48.18 -56.33
C ILE A 189 -18.10 -46.71 -56.77
N PRO A 190 -18.04 -45.75 -55.85
CA PRO A 190 -18.08 -44.31 -56.19
C PRO A 190 -16.73 -43.76 -56.66
N HIS A 191 -16.46 -43.93 -57.95
CA HIS A 191 -15.16 -43.50 -58.50
C HIS A 191 -15.03 -41.98 -58.49
N ASN A 192 -16.10 -41.25 -58.79
CA ASN A 192 -16.12 -39.79 -58.74
C ASN A 192 -15.07 -39.18 -59.67
N LEU A 193 -15.09 -39.60 -60.94
CA LEU A 193 -14.09 -39.18 -61.91
C LEU A 193 -14.76 -38.68 -63.18
N VAL A 194 -14.16 -37.66 -63.79
CA VAL A 194 -14.58 -37.14 -65.08
C VAL A 194 -13.36 -36.98 -65.97
N LEU A 195 -13.60 -36.93 -67.28
CA LEU A 195 -12.54 -36.75 -68.27
C LEU A 195 -12.85 -35.51 -69.10
N ILE A 196 -11.91 -34.58 -69.12
CA ILE A 196 -12.04 -33.32 -69.86
C ILE A 196 -10.96 -33.28 -70.92
N GLN A 197 -11.36 -33.09 -72.18
CA GLN A 197 -10.44 -33.03 -73.30
C GLN A 197 -10.76 -31.83 -74.17
N SER A 198 -9.72 -31.27 -74.78
CA SER A 198 -9.90 -30.11 -75.65
C SER A 198 -10.55 -30.54 -76.96
N ASP A 199 -11.05 -29.53 -77.69
CA ASP A 199 -11.73 -29.80 -78.96
C ASP A 199 -10.77 -30.42 -79.97
N ASN A 200 -9.56 -29.89 -80.08
CA ASN A 200 -8.58 -30.44 -81.01
C ASN A 200 -7.98 -31.76 -80.51
N GLY A 201 -8.18 -32.09 -79.24
CA GLY A 201 -7.73 -33.36 -78.70
C GLY A 201 -6.33 -33.38 -78.15
N LYS A 202 -5.58 -32.28 -78.28
CA LYS A 202 -4.18 -32.29 -77.86
C LYS A 202 -4.04 -32.53 -76.36
N HIS A 203 -4.91 -31.92 -75.56
CA HIS A 203 -4.79 -31.96 -74.11
C HIS A 203 -6.01 -32.60 -73.49
N ALA A 204 -5.79 -33.46 -72.51
CA ALA A 204 -6.85 -34.09 -71.74
C ALA A 204 -6.37 -34.28 -70.30
N LEU A 205 -7.32 -34.34 -69.38
CA LEU A 205 -7.00 -34.52 -67.97
C LEU A 205 -8.12 -35.27 -67.28
N ILE A 206 -7.79 -35.87 -66.14
CA ILE A 206 -8.74 -36.59 -65.31
C ILE A 206 -8.93 -35.81 -64.03
N LYS A 207 -10.17 -35.44 -63.73
CA LYS A 207 -10.50 -34.61 -62.58
C LYS A 207 -11.43 -35.39 -61.65
N GLU A 208 -11.13 -35.34 -60.35
CA GLU A 208 -11.98 -35.94 -59.34
C GLU A 208 -12.81 -34.85 -58.68
N ASP A 209 -14.14 -34.99 -58.77
CA ASP A 209 -15.07 -33.97 -58.29
C ASP A 209 -15.70 -34.45 -57.00
N LEU A 210 -15.21 -33.91 -55.88
CA LEU A 210 -15.77 -34.20 -54.56
C LEU A 210 -16.68 -33.08 -54.06
N GLY A 211 -16.93 -32.06 -54.88
CA GLY A 211 -17.81 -30.98 -54.51
C GLY A 211 -17.08 -29.76 -54.00
N GLN A 212 -17.86 -28.76 -53.63
CA GLN A 212 -17.35 -27.50 -53.10
C GLN A 212 -17.92 -27.30 -51.71
N TRP A 213 -17.04 -26.97 -50.75
CA TRP A 213 -17.44 -26.81 -49.35
C TRP A 213 -16.94 -25.46 -48.86
N PRO A 214 -17.84 -24.54 -48.49
CA PRO A 214 -17.39 -23.23 -48.01
C PRO A 214 -16.74 -23.32 -46.64
N VAL A 215 -15.69 -22.52 -46.45
CA VAL A 215 -14.93 -22.49 -45.19
C VAL A 215 -14.91 -21.05 -44.70
N GLU A 216 -15.27 -20.86 -43.43
CA GLU A 216 -15.30 -19.53 -42.82
C GLU A 216 -14.05 -19.31 -41.99
N THR A 217 -13.44 -18.15 -42.15
CA THR A 217 -12.20 -17.81 -41.47
C THR A 217 -12.48 -17.15 -40.13
N GLY A 218 -11.48 -17.20 -39.25
CA GLY A 218 -11.60 -16.66 -37.91
C GLY A 218 -12.09 -17.62 -36.86
N ILE A 219 -12.56 -18.81 -37.26
CA ILE A 219 -13.02 -19.82 -36.33
C ILE A 219 -12.28 -21.12 -36.63
N SER A 220 -12.39 -22.07 -35.71
CA SER A 220 -11.64 -23.31 -35.82
C SER A 220 -12.04 -24.09 -37.08
N LEU A 221 -11.03 -24.56 -37.82
CA LEU A 221 -11.28 -25.31 -39.04
C LEU A 221 -11.72 -26.74 -38.76
N VAL A 222 -11.24 -27.33 -37.67
CA VAL A 222 -11.56 -28.73 -37.37
C VAL A 222 -13.05 -28.89 -37.09
N ASN A 223 -13.66 -27.89 -36.44
CA ASN A 223 -15.08 -27.98 -36.15
C ASN A 223 -15.92 -27.93 -37.42
N GLN A 224 -15.52 -27.11 -38.39
CA GLN A 224 -16.21 -27.10 -39.67
C GLN A 224 -15.96 -28.39 -40.45
N ALA A 225 -14.77 -28.96 -40.32
CA ALA A 225 -14.46 -30.20 -41.02
C ALA A 225 -15.35 -31.34 -40.55
N GLY A 226 -15.65 -31.38 -39.25
CA GLY A 226 -16.52 -32.44 -38.74
C GLY A 226 -17.91 -32.39 -39.31
N VAL A 227 -18.45 -31.18 -39.50
CA VAL A 227 -19.77 -31.04 -40.11
C VAL A 227 -19.74 -31.51 -41.56
N PHE A 228 -18.69 -31.15 -42.29
CA PHE A 228 -18.59 -31.54 -43.69
C PHE A 228 -18.24 -33.02 -43.83
N ALA A 229 -17.63 -33.61 -42.80
CA ALA A 229 -17.27 -35.02 -42.86
C ALA A 229 -18.50 -35.91 -42.96
N VAL A 230 -19.55 -35.59 -42.19
CA VAL A 230 -20.77 -36.39 -42.23
C VAL A 230 -21.46 -36.24 -43.58
N GLN A 231 -21.46 -35.03 -44.13
CA GLN A 231 -22.06 -34.82 -45.45
C GLN A 231 -21.26 -35.53 -46.53
N LEU A 232 -19.92 -35.53 -46.42
CA LEU A 232 -19.09 -36.27 -47.36
C LEU A 232 -19.36 -37.76 -47.28
N ALA A 233 -19.50 -38.29 -46.06
CA ALA A 233 -19.80 -39.72 -45.90
C ALA A 233 -21.16 -40.07 -46.48
N ASN A 234 -22.13 -39.16 -46.35
CA ASN A 234 -23.44 -39.37 -46.96
C ASN A 234 -23.33 -39.44 -48.47
N LYS A 235 -22.49 -38.58 -49.07
CA LYS A 235 -22.34 -38.59 -50.52
C LYS A 235 -21.73 -39.90 -51.02
N LEU A 236 -20.73 -40.42 -50.29
CA LEU A 236 -20.08 -41.66 -50.67
C LEU A 236 -20.84 -42.91 -50.20
N GLY A 237 -21.91 -42.74 -49.43
CA GLY A 237 -22.67 -43.88 -48.96
C GLY A 237 -21.92 -44.77 -48.00
N ILE A 238 -21.19 -44.19 -47.05
CA ILE A 238 -20.42 -44.95 -46.08
C ILE A 238 -20.76 -44.56 -44.65
N ASP A 239 -21.86 -43.82 -44.44
CA ASP A 239 -22.23 -43.40 -43.10
C ASP A 239 -22.75 -44.56 -42.28
N LYS A 240 -23.60 -45.38 -42.86
CA LYS A 240 -24.22 -46.53 -42.23
C LYS A 240 -23.44 -47.80 -42.51
N PRO A 241 -23.51 -48.79 -41.63
CA PRO A 241 -22.76 -50.04 -41.84
C PRO A 241 -23.11 -50.69 -43.16
N PHE A 242 -22.09 -51.06 -43.92
CA PHE A 242 -22.28 -51.57 -45.27
C PHE A 242 -21.25 -52.64 -45.59
N VAL A 243 -21.60 -53.47 -46.56
CA VAL A 243 -20.70 -54.47 -47.13
C VAL A 243 -20.78 -54.35 -48.64
N LEU A 244 -19.62 -54.27 -49.29
CA LEU A 244 -19.56 -54.04 -50.73
C LEU A 244 -19.77 -55.36 -51.48
N ASP A 245 -20.73 -55.36 -52.41
CA ASP A 245 -20.90 -56.44 -53.40
C ASP A 245 -20.75 -55.83 -54.78
N ALA A 246 -19.54 -55.93 -55.33
CA ALA A 246 -19.30 -55.57 -56.73
C ALA A 246 -18.79 -56.76 -57.53
N GLY A 247 -18.91 -57.96 -56.97
CA GLY A 247 -18.36 -59.14 -57.63
C GLY A 247 -19.07 -59.51 -58.93
N SER A 248 -20.36 -59.22 -59.02
CA SER A 248 -21.13 -59.55 -60.21
C SER A 248 -21.08 -58.48 -61.29
N ASN A 249 -20.37 -57.37 -61.04
CA ASN A 249 -20.26 -56.29 -62.02
C ASN A 249 -19.09 -56.58 -62.95
N TYR A 250 -19.31 -57.51 -63.87
CA TYR A 250 -18.25 -57.91 -64.79
C TYR A 250 -18.86 -58.49 -66.06
N PHE A 251 -18.05 -58.54 -67.10
CA PHE A 251 -18.40 -59.17 -68.36
C PHE A 251 -17.17 -59.88 -68.91
N THR A 252 -17.40 -60.75 -69.90
CA THR A 252 -16.35 -61.58 -70.47
C THR A 252 -16.21 -61.28 -71.96
N ASP A 253 -14.96 -61.20 -72.42
CA ASP A 253 -14.69 -60.85 -73.81
C ASP A 253 -15.03 -61.99 -74.75
N THR A 254 -15.07 -61.69 -76.04
CA THR A 254 -15.41 -62.66 -77.07
C THR A 254 -14.22 -63.53 -77.47
N SER A 255 -13.00 -63.18 -77.07
CA SER A 255 -11.85 -63.98 -77.42
C SER A 255 -11.88 -65.32 -76.70
N PHE A 256 -11.21 -66.32 -77.30
CA PHE A 256 -11.22 -67.66 -76.74
C PHE A 256 -10.30 -67.77 -75.54
N ILE A 257 -9.16 -67.08 -75.58
CA ILE A 257 -8.12 -67.27 -74.57
C ILE A 257 -8.17 -66.16 -73.53
N ASP A 258 -9.24 -65.36 -73.54
CA ASP A 258 -9.34 -64.25 -72.60
C ASP A 258 -9.59 -64.74 -71.18
N THR A 259 -10.71 -65.45 -70.98
CA THR A 259 -11.15 -66.00 -69.69
C THR A 259 -10.82 -65.06 -68.52
N ARG A 260 -11.17 -63.79 -68.70
CA ARG A 260 -10.96 -62.78 -67.68
C ARG A 260 -12.26 -62.01 -67.48
N LYS A 261 -12.44 -61.50 -66.27
CA LYS A 261 -13.63 -60.75 -65.89
C LYS A 261 -13.30 -59.27 -65.91
N TYR A 262 -14.00 -58.52 -66.75
CA TYR A 262 -13.76 -57.09 -66.93
C TYR A 262 -14.76 -56.30 -66.09
N CYS A 263 -14.25 -55.48 -65.18
CA CYS A 263 -15.10 -54.76 -64.23
C CYS A 263 -15.85 -53.63 -64.92
N THR A 264 -17.13 -53.49 -64.60
CA THR A 264 -17.95 -52.41 -65.12
C THR A 264 -17.77 -51.13 -64.32
N ASP A 265 -17.54 -51.25 -63.01
CA ASP A 265 -17.45 -50.09 -62.14
C ASP A 265 -16.21 -49.24 -62.48
N GLY A 266 -16.24 -47.99 -62.05
CA GLY A 266 -15.15 -47.08 -62.29
C GLY A 266 -15.23 -46.43 -63.65
N LEU A 267 -14.22 -45.59 -63.93
CA LEU A 267 -14.14 -44.94 -65.23
C LEU A 267 -13.78 -45.99 -66.28
N SER A 268 -14.60 -46.09 -67.32
CA SER A 268 -14.43 -47.14 -68.31
C SER A 268 -13.16 -46.90 -69.12
N PRO A 269 -12.40 -47.96 -69.41
CA PRO A 269 -11.21 -47.79 -70.27
C PRO A 269 -11.55 -47.35 -71.68
N ARG A 270 -12.80 -47.51 -72.12
CA ARG A 270 -13.19 -47.03 -73.44
C ARG A 270 -13.06 -45.52 -73.55
N GLU A 271 -13.42 -44.79 -72.50
CA GLU A 271 -13.27 -43.34 -72.50
C GLU A 271 -11.80 -42.95 -72.59
N ILE A 272 -10.93 -43.66 -71.88
CA ILE A 272 -9.50 -43.38 -71.96
C ILE A 272 -8.98 -43.70 -73.36
N GLN A 273 -9.50 -44.77 -73.97
CA GLN A 273 -9.09 -45.12 -75.32
C GLN A 273 -9.48 -44.04 -76.32
N LYS A 274 -10.71 -43.53 -76.22
CA LYS A 274 -11.15 -42.47 -77.13
C LYS A 274 -10.33 -41.20 -76.92
N ALA A 275 -10.05 -40.85 -75.66
CA ALA A 275 -9.25 -39.68 -75.37
C ALA A 275 -7.84 -39.82 -75.92
N LEU A 276 -7.24 -41.00 -75.75
CA LEU A 276 -5.88 -41.22 -76.24
C LEU A 276 -5.86 -41.24 -77.76
N ASN A 277 -6.90 -41.80 -78.39
CA ASN A 277 -6.94 -41.83 -79.85
C ASN A 277 -7.11 -40.43 -80.44
N ARG A 278 -7.91 -39.59 -79.79
CA ARG A 278 -8.06 -38.22 -80.25
C ARG A 278 -6.75 -37.44 -80.10
N GLN A 279 -6.00 -37.73 -79.04
CA GLN A 279 -4.69 -37.10 -78.87
C GLN A 279 -3.74 -37.50 -80.00
N ARG A 280 -3.76 -38.78 -80.39
CA ARG A 280 -2.89 -39.25 -81.45
C ARG A 280 -3.28 -38.66 -82.79
N ALA A 281 -4.57 -38.38 -83.00
CA ALA A 281 -5.01 -37.78 -84.24
C ALA A 281 -4.46 -36.37 -84.41
N TYR A 282 -4.37 -35.62 -83.32
CA TYR A 282 -3.82 -34.26 -83.40
C TYR A 282 -2.36 -34.28 -83.82
N TYR A 283 -1.59 -35.24 -83.30
CA TYR A 283 -0.16 -35.31 -83.58
C TYR A 283 0.15 -36.10 -84.86
N ASP A 284 -0.87 -36.56 -85.58
CA ASP A 284 -0.72 -37.38 -86.77
C ASP A 284 -0.02 -38.70 -86.49
N ARG A 285 -0.07 -39.16 -85.24
CA ARG A 285 0.44 -40.46 -84.88
C ARG A 285 -0.55 -41.55 -85.27
N PRO A 286 -0.09 -42.78 -85.48
CA PRO A 286 -1.01 -43.88 -85.73
C PRO A 286 -1.92 -44.13 -84.53
N GLU A 287 -3.13 -44.59 -84.80
CA GLU A 287 -4.05 -44.94 -83.73
C GLU A 287 -3.50 -46.10 -82.90
N LEU A 288 -4.09 -46.29 -81.73
CA LEU A 288 -3.67 -47.40 -80.87
C LEU A 288 -3.86 -48.72 -81.60
N THR A 289 -2.80 -49.52 -81.63
CA THR A 289 -2.85 -50.79 -82.33
C THR A 289 -3.69 -51.79 -81.53
N ILE A 290 -3.91 -52.97 -82.11
CA ILE A 290 -4.78 -53.96 -81.50
C ILE A 290 -4.18 -54.43 -80.18
N SER A 291 -2.86 -54.61 -80.13
CA SER A 291 -2.23 -55.10 -78.91
C SER A 291 -2.40 -54.12 -77.76
N GLU A 292 -2.18 -52.83 -78.01
CA GLU A 292 -2.33 -51.84 -76.95
C GLU A 292 -3.80 -51.60 -76.60
N ASN A 293 -4.70 -51.76 -77.56
CA ASN A 293 -6.13 -51.65 -77.26
C ASN A 293 -6.57 -52.73 -76.28
N LYS A 294 -6.10 -53.96 -76.48
CA LYS A 294 -6.46 -55.04 -75.57
C LYS A 294 -5.87 -54.81 -74.17
N THR A 295 -4.64 -54.31 -74.10
CA THR A 295 -4.03 -54.05 -72.80
C THR A 295 -4.76 -52.95 -72.06
N LEU A 296 -5.16 -51.88 -72.77
CA LEU A 296 -5.86 -50.78 -72.12
C LEU A 296 -7.26 -51.19 -71.67
N LEU A 297 -7.97 -51.94 -72.51
CA LEU A 297 -9.34 -52.33 -72.18
C LEU A 297 -9.40 -53.45 -71.16
N SER A 298 -8.28 -54.09 -70.83
CA SER A 298 -8.24 -55.14 -69.82
C SER A 298 -7.67 -54.66 -68.50
N GLN A 299 -7.49 -53.34 -68.33
CA GLN A 299 -6.91 -52.81 -67.10
C GLN A 299 -7.82 -53.06 -65.91
N SER A 300 -9.13 -52.88 -66.09
CA SER A 300 -10.09 -53.09 -65.03
C SER A 300 -10.55 -54.54 -65.02
N ILE A 301 -10.27 -55.25 -63.93
CA ILE A 301 -10.55 -56.67 -63.81
C ILE A 301 -11.13 -56.97 -62.44
N ILE A 302 -11.76 -58.15 -62.32
CA ILE A 302 -12.22 -58.69 -61.07
C ILE A 302 -11.64 -60.09 -60.92
N TYR A 303 -10.92 -60.32 -59.84
CA TYR A 303 -10.28 -61.62 -59.61
C TYR A 303 -10.47 -62.04 -58.16
N PRO A 304 -10.60 -63.34 -57.91
CA PRO A 304 -10.75 -63.81 -56.53
C PRO A 304 -9.42 -64.01 -55.85
N ASP A 305 -9.43 -63.86 -54.52
CA ASP A 305 -8.27 -64.10 -53.69
C ASP A 305 -8.39 -65.46 -53.01
N ALA A 306 -7.39 -65.77 -52.18
CA ALA A 306 -7.35 -67.07 -51.50
C ALA A 306 -8.51 -67.24 -50.53
N ASP A 307 -8.86 -66.18 -49.80
CA ASP A 307 -9.90 -66.27 -48.80
C ASP A 307 -11.30 -66.40 -49.39
N GLY A 308 -11.45 -66.25 -50.70
CA GLY A 308 -12.74 -66.33 -51.35
C GLY A 308 -13.33 -65.00 -51.74
N ASN A 309 -12.77 -63.89 -51.26
CA ASN A 309 -13.25 -62.57 -51.65
C ASN A 309 -12.86 -62.30 -53.11
N ASP A 310 -13.54 -61.33 -53.70
CA ASP A 310 -13.27 -60.91 -55.08
C ASP A 310 -12.77 -59.46 -55.07
N VAL A 311 -11.66 -59.23 -55.75
CA VAL A 311 -10.98 -57.94 -55.76
C VAL A 311 -11.27 -57.25 -57.08
N SER A 312 -11.70 -55.99 -57.00
CA SER A 312 -11.99 -55.18 -58.17
C SER A 312 -10.92 -54.12 -58.32
N ILE A 313 -10.28 -54.10 -59.48
CA ILE A 313 -9.27 -53.10 -59.82
C ILE A 313 -9.89 -52.16 -60.85
N ILE A 314 -10.05 -50.89 -60.49
CA ILE A 314 -10.78 -49.92 -61.30
C ILE A 314 -10.05 -48.58 -61.27
N PHE A 315 -10.54 -47.66 -62.08
CA PHE A 315 -10.04 -46.29 -62.10
C PHE A 315 -10.92 -45.44 -61.20
N SER A 316 -10.32 -44.82 -60.19
CA SER A 316 -11.07 -44.03 -59.22
C SER A 316 -10.15 -42.99 -58.60
N GLY A 317 -10.76 -42.03 -57.90
CA GLY A 317 -10.00 -40.99 -57.27
C GLY A 317 -9.24 -41.47 -56.04
N ALA A 318 -8.17 -40.75 -55.72
CA ALA A 318 -7.33 -41.13 -54.59
C ALA A 318 -8.08 -40.97 -53.26
N MET A 319 -8.73 -39.81 -53.07
CA MET A 319 -9.44 -39.59 -51.83
C MET A 319 -10.70 -40.43 -51.74
N SER A 320 -11.39 -40.64 -52.86
CA SER A 320 -12.55 -41.52 -52.86
C SER A 320 -12.15 -42.95 -52.51
N HIS A 321 -10.99 -43.40 -53.02
CA HIS A 321 -10.51 -44.73 -52.69
C HIS A 321 -10.11 -44.83 -51.23
N ALA A 322 -9.39 -43.83 -50.73
CA ALA A 322 -8.88 -43.89 -49.35
C ALA A 322 -10.01 -43.86 -48.34
N ILE A 323 -11.00 -42.98 -48.56
CA ILE A 323 -12.11 -42.86 -47.62
C ILE A 323 -12.98 -44.11 -47.66
N PHE A 324 -13.27 -44.62 -48.87
CA PHE A 324 -14.13 -45.79 -48.99
C PHE A 324 -13.49 -47.03 -48.36
N THR A 325 -12.19 -47.23 -48.60
CA THR A 325 -11.53 -48.43 -48.09
C THR A 325 -11.37 -48.35 -46.57
N TYR A 326 -11.17 -47.16 -46.02
CA TYR A 326 -11.03 -47.03 -44.58
C TYR A 326 -12.34 -47.31 -43.86
N ALA A 327 -13.45 -46.81 -44.40
CA ALA A 327 -14.75 -47.09 -43.80
C ALA A 327 -15.09 -48.58 -43.90
N GLN A 328 -14.61 -49.24 -44.95
CA GLN A 328 -14.80 -50.68 -45.08
C GLN A 328 -14.10 -51.42 -43.95
N SER A 329 -12.88 -50.99 -43.62
CA SER A 329 -12.13 -51.64 -42.54
C SER A 329 -12.80 -51.45 -41.19
N GLN A 330 -13.35 -50.25 -40.93
CA GLN A 330 -13.93 -49.97 -39.63
C GLN A 330 -15.21 -50.76 -39.40
N TRP A 331 -16.06 -50.85 -40.43
CA TRP A 331 -17.29 -51.63 -40.27
C TRP A 331 -17.02 -53.12 -40.18
N ASN A 332 -15.97 -53.60 -40.83
CA ASN A 332 -15.68 -55.04 -40.85
C ASN A 332 -15.27 -55.56 -39.47
N LYS A 333 -14.87 -54.68 -38.55
CA LYS A 333 -14.49 -55.13 -37.22
C LYS A 333 -15.68 -55.69 -36.46
N ASN A 334 -16.89 -55.22 -36.76
CA ASN A 334 -18.08 -55.67 -36.07
C ASN A 334 -18.75 -56.86 -36.74
N ILE A 335 -18.33 -57.22 -37.94
CA ILE A 335 -18.88 -58.39 -38.61
C ILE A 335 -18.11 -59.62 -38.16
N ILE A 336 -18.78 -60.52 -37.44
CA ILE A 336 -18.16 -61.71 -36.90
C ILE A 336 -19.00 -62.92 -37.27
N LYS A 337 -18.36 -64.09 -37.19
CA LYS A 337 -19.06 -65.33 -37.50
C LYS A 337 -20.14 -65.61 -36.46
N LEU A 338 -21.15 -66.38 -36.87
CA LEU A 338 -22.25 -66.70 -35.97
C LEU A 338 -21.76 -67.53 -34.79
N ASP A 339 -20.85 -68.47 -35.02
CA ASP A 339 -20.35 -69.30 -33.94
C ASP A 339 -19.56 -68.48 -32.92
N ASP A 340 -18.83 -67.47 -33.40
CA ASP A 340 -18.12 -66.60 -32.48
C ASP A 340 -19.07 -65.77 -31.64
N TYR A 341 -20.17 -65.31 -32.24
CA TYR A 341 -21.15 -64.54 -31.49
C TYR A 341 -21.83 -65.39 -30.41
N ILE A 342 -22.14 -66.64 -30.74
CA ILE A 342 -22.79 -67.53 -29.78
C ILE A 342 -21.87 -67.76 -28.58
N ARG A 343 -20.57 -67.98 -28.85
CA ARG A 343 -19.61 -68.24 -27.79
C ARG A 343 -19.53 -67.07 -26.81
N GLU A 344 -19.88 -65.86 -27.28
CA GLU A 344 -19.82 -64.70 -26.41
C GLU A 344 -21.07 -64.57 -25.53
N ILE A 345 -22.18 -65.16 -25.96
CA ILE A 345 -23.45 -65.00 -25.26
C ILE A 345 -23.92 -66.32 -24.62
N THR A 346 -23.05 -67.34 -24.58
CA THR A 346 -23.44 -68.61 -23.99
C THR A 346 -23.72 -68.48 -22.51
N LEU A 347 -22.89 -67.71 -21.80
CA LEU A 347 -23.00 -67.66 -20.34
C LEU A 347 -24.28 -66.96 -19.89
N THR A 348 -24.87 -66.12 -20.73
CA THR A 348 -26.05 -65.34 -20.36
C THR A 348 -27.37 -66.07 -20.64
N VAL A 349 -27.33 -67.26 -21.24
CA VAL A 349 -28.54 -67.95 -21.67
C VAL A 349 -29.11 -68.78 -20.52
N PRO A 350 -30.35 -68.53 -20.10
CA PRO A 350 -30.94 -69.33 -19.02
C PRO A 350 -31.28 -70.75 -19.45
N LYS A 351 -31.84 -71.54 -18.54
CA LYS A 351 -32.15 -72.93 -18.80
C LYS A 351 -33.60 -73.16 -19.20
N GLN A 352 -34.49 -72.21 -18.91
CA GLN A 352 -35.91 -72.42 -19.15
C GLN A 352 -36.27 -72.37 -20.63
N TYR A 353 -35.40 -71.79 -21.46
CA TYR A 353 -35.75 -71.51 -22.84
C TYR A 353 -35.22 -72.59 -23.79
N ARG A 354 -36.02 -72.88 -24.82
CA ARG A 354 -35.69 -73.93 -25.77
C ARG A 354 -34.61 -73.44 -26.74
N PRO A 355 -33.59 -74.25 -27.02
CA PRO A 355 -32.55 -73.83 -27.96
C PRO A 355 -33.10 -73.70 -29.38
N ARG A 356 -32.47 -72.81 -30.15
CA ARG A 356 -32.88 -72.51 -31.51
C ARG A 356 -31.98 -73.26 -32.49
N ARG A 357 -32.59 -73.87 -33.50
CA ARG A 357 -31.87 -74.64 -34.51
C ARG A 357 -31.68 -73.79 -35.76
N PHE A 358 -30.47 -73.31 -35.97
CA PHE A 358 -30.14 -72.63 -37.21
C PHE A 358 -29.95 -73.65 -38.34
N LYS A 359 -30.10 -73.17 -39.57
CA LYS A 359 -29.87 -74.02 -40.72
C LYS A 359 -28.38 -74.29 -40.89
N GLU A 360 -28.06 -75.38 -41.59
CA GLU A 360 -26.67 -75.80 -41.73
C GLU A 360 -25.86 -74.78 -42.53
N ILE A 361 -26.51 -74.00 -43.40
CA ILE A 361 -25.80 -72.94 -44.09
C ILE A 361 -25.42 -71.83 -43.12
N GLU A 362 -26.32 -71.49 -42.20
CA GLU A 362 -26.06 -70.40 -41.26
C GLU A 362 -24.93 -70.74 -40.29
N HIS A 363 -24.68 -72.03 -40.05
CA HIS A 363 -23.57 -72.41 -39.18
C HIS A 363 -22.24 -72.30 -39.89
N THR A 364 -22.21 -72.59 -41.20
CA THR A 364 -20.95 -72.58 -41.93
C THR A 364 -20.65 -71.21 -42.52
N HIS A 365 -21.67 -70.52 -43.03
CA HIS A 365 -21.48 -69.26 -43.74
C HIS A 365 -22.30 -68.13 -43.12
N GLY A 366 -22.57 -68.20 -41.82
CA GLY A 366 -23.39 -67.19 -41.16
C GLY A 366 -22.53 -66.12 -40.51
N TYR A 367 -22.92 -64.87 -40.75
CA TYR A 367 -22.23 -63.71 -40.20
C TYR A 367 -23.25 -62.72 -39.65
N VAL A 368 -22.88 -62.03 -38.58
CA VAL A 368 -23.76 -61.06 -37.94
C VAL A 368 -22.99 -59.76 -37.73
N TYR A 369 -23.75 -58.68 -37.56
CA TYR A 369 -23.21 -57.35 -37.28
C TYR A 369 -23.67 -56.94 -35.89
N ARG A 370 -22.77 -57.01 -34.91
CA ARG A 370 -23.06 -56.61 -33.54
C ARG A 370 -21.94 -55.70 -33.03
N GLU A 371 -22.31 -54.74 -32.20
CA GLU A 371 -21.34 -53.80 -31.64
C GLU A 371 -20.43 -54.49 -30.62
N LEU A 372 -21.03 -55.29 -29.73
CA LEU A 372 -20.29 -56.10 -28.77
C LEU A 372 -19.46 -55.25 -27.80
N ASN A 373 -19.93 -54.04 -27.49
CA ASN A 373 -19.32 -53.20 -26.48
C ASN A 373 -20.42 -52.67 -25.57
N GLN A 374 -20.20 -52.76 -24.26
CA GLN A 374 -21.20 -52.38 -23.27
C GLN A 374 -20.76 -51.11 -22.56
N GLY A 375 -21.48 -50.02 -22.80
CA GLY A 375 -21.20 -48.78 -22.10
C GLY A 375 -21.76 -48.79 -20.69
N SER A 376 -21.04 -48.09 -19.80
CA SER A 376 -21.43 -48.04 -18.40
C SER A 376 -22.65 -47.13 -18.21
N LEU A 377 -23.55 -47.55 -17.33
CA LEU A 377 -24.72 -46.77 -16.96
C LEU A 377 -24.47 -45.87 -15.77
N LEU A 378 -23.29 -45.93 -15.17
CA LEU A 378 -22.93 -45.21 -13.97
C LEU A 378 -23.01 -43.69 -14.10
N PRO A 379 -22.56 -43.07 -15.21
CA PRO A 379 -22.62 -41.61 -15.29
C PRO A 379 -24.01 -41.04 -15.05
N LEU A 380 -25.06 -41.70 -15.54
CA LEU A 380 -26.42 -41.24 -15.26
C LEU A 380 -26.81 -41.57 -13.82
N VAL A 381 -26.46 -42.78 -13.36
CA VAL A 381 -26.89 -43.23 -12.04
C VAL A 381 -26.18 -42.44 -10.94
N ASP A 382 -24.87 -42.25 -11.07
CA ASP A 382 -24.11 -41.56 -10.04
C ASP A 382 -24.53 -40.09 -9.94
N ALA A 383 -24.73 -39.43 -11.07
CA ALA A 383 -25.11 -38.02 -11.04
C ALA A 383 -26.49 -37.83 -10.44
N ASN A 384 -27.45 -38.65 -10.85
CA ASN A 384 -28.82 -38.60 -10.35
C ASN A 384 -29.16 -39.92 -9.69
N LEU A 385 -28.81 -40.05 -8.41
CA LEU A 385 -29.14 -41.28 -7.67
C LEU A 385 -30.60 -41.31 -7.28
N LYS A 386 -31.16 -40.16 -6.88
CA LYS A 386 -32.54 -40.11 -6.43
C LYS A 386 -33.50 -40.35 -7.59
N GLU A 387 -33.30 -39.66 -8.71
CA GLU A 387 -34.22 -39.77 -9.83
C GLU A 387 -34.14 -41.15 -10.48
N SER A 388 -32.92 -41.67 -10.67
CA SER A 388 -32.77 -42.98 -11.30
C SER A 388 -33.35 -44.09 -10.43
N SER A 389 -33.08 -44.06 -9.12
CA SER A 389 -33.59 -45.10 -8.24
C SER A 389 -35.10 -45.08 -8.18
N SER A 390 -35.70 -43.89 -8.13
CA SER A 390 -37.15 -43.78 -8.07
C SER A 390 -37.79 -44.31 -9.35
N TYR A 391 -37.14 -44.10 -10.49
CA TYR A 391 -37.69 -44.56 -11.76
C TYR A 391 -37.71 -46.09 -11.83
N TYR A 392 -36.61 -46.73 -11.44
CA TYR A 392 -36.54 -48.19 -11.55
C TYR A 392 -37.37 -48.87 -10.48
N PHE A 393 -37.40 -48.32 -9.27
CA PHE A 393 -38.22 -48.92 -8.22
C PHE A 393 -39.69 -48.88 -8.58
N LYS A 394 -40.15 -47.77 -9.15
CA LYS A 394 -41.55 -47.67 -9.56
C LYS A 394 -41.88 -48.65 -10.68
N LYS A 395 -40.98 -48.79 -11.65
CA LYS A 395 -41.23 -49.68 -12.78
C LYS A 395 -41.31 -51.13 -12.33
N LEU A 396 -40.39 -51.55 -11.46
CA LEU A 396 -40.42 -52.91 -10.94
C LEU A 396 -41.68 -53.14 -10.10
N MET A 397 -42.06 -52.16 -9.29
CA MET A 397 -43.17 -52.34 -8.36
C MET A 397 -44.51 -52.31 -9.10
N SER A 398 -44.56 -51.69 -10.27
CA SER A 398 -45.79 -51.72 -11.05
C SER A 398 -46.06 -53.12 -11.61
N SER A 399 -45.06 -54.00 -11.58
CA SER A 399 -45.20 -55.35 -12.10
C SER A 399 -45.28 -56.40 -11.01
N ILE A 400 -44.48 -56.24 -9.94
CA ILE A 400 -44.52 -57.21 -8.84
C ILE A 400 -45.87 -57.16 -8.14
N SER A 401 -46.49 -55.98 -8.05
CA SER A 401 -47.78 -55.85 -7.40
C SER A 401 -48.89 -56.56 -8.15
N ASN A 402 -48.64 -56.99 -9.39
CA ASN A 402 -49.63 -57.68 -10.21
C ASN A 402 -49.45 -59.19 -10.18
N VAL A 403 -48.64 -59.72 -9.27
CA VAL A 403 -48.38 -61.16 -9.25
C VAL A 403 -49.66 -61.89 -8.81
N PRO A 404 -50.05 -62.97 -9.49
CA PRO A 404 -51.17 -63.77 -8.99
C PRO A 404 -50.84 -64.38 -7.65
N VAL A 405 -51.83 -64.46 -6.78
CA VAL A 405 -51.65 -64.96 -5.43
C VAL A 405 -52.78 -65.93 -5.11
N ASP A 406 -52.53 -66.83 -4.16
CA ASP A 406 -53.51 -67.83 -3.75
C ASP A 406 -54.20 -67.37 -2.48
N ALA A 407 -55.52 -67.39 -2.50
CA ALA A 407 -56.32 -66.97 -1.35
C ALA A 407 -56.22 -67.98 -0.21
N GLN A 429 -59.19 -57.26 24.60
CA GLN A 429 -58.08 -58.20 24.74
C GLN A 429 -56.96 -57.87 23.77
N HIS A 430 -55.75 -58.32 24.09
CA HIS A 430 -54.62 -58.12 23.20
C HIS A 430 -54.80 -58.86 21.89
N VAL A 431 -55.32 -60.09 21.95
CA VAL A 431 -55.59 -60.85 20.73
C VAL A 431 -56.65 -60.16 19.90
N SER A 432 -57.70 -59.63 20.54
CA SER A 432 -58.72 -58.88 19.82
C SER A 432 -58.14 -57.63 19.18
N MET A 433 -57.18 -56.99 19.86
CA MET A 433 -56.54 -55.80 19.32
C MET A 433 -55.81 -56.11 18.02
N LEU A 434 -55.03 -57.20 18.00
CA LEU A 434 -54.24 -57.52 16.82
C LEU A 434 -55.11 -58.15 15.72
N THR A 435 -56.25 -58.71 16.07
CA THR A 435 -57.18 -59.18 15.04
C THR A 435 -57.86 -58.01 14.34
N ASN A 436 -58.14 -56.94 15.08
CA ASN A 436 -58.78 -55.77 14.49
C ASN A 436 -57.85 -55.05 13.52
N ARG A 437 -56.57 -54.93 13.87
CA ARG A 437 -55.62 -54.25 13.02
C ARG A 437 -55.27 -55.03 11.75
N LEU A 438 -55.70 -56.28 11.65
CA LEU A 438 -55.39 -57.09 10.48
C LEU A 438 -56.04 -56.47 9.24
N THR A 439 -55.25 -56.38 8.16
CA THR A 439 -55.72 -55.76 6.93
C THR A 439 -55.05 -56.43 5.74
N THR A 440 -55.67 -56.27 4.57
CA THR A 440 -55.19 -56.89 3.34
C THR A 440 -55.16 -55.93 2.17
N ALA A 441 -55.76 -54.74 2.28
CA ALA A 441 -55.87 -53.83 1.15
C ALA A 441 -54.50 -53.39 0.62
N ASN A 442 -53.48 -53.39 1.48
CA ASN A 442 -52.13 -53.00 1.08
C ASN A 442 -51.20 -54.20 0.90
N ALA A 443 -51.76 -55.39 0.76
CA ALA A 443 -50.92 -56.58 0.58
C ALA A 443 -50.05 -56.53 -0.67
N PRO A 444 -50.56 -56.14 -1.86
CA PRO A 444 -49.67 -56.11 -3.04
C PRO A 444 -48.47 -55.20 -2.87
N THR A 445 -48.63 -54.06 -2.19
CA THR A 445 -47.51 -53.14 -2.02
C THR A 445 -46.41 -53.75 -1.14
N VAL A 446 -46.80 -54.38 -0.03
CA VAL A 446 -45.81 -54.94 0.88
C VAL A 446 -45.10 -56.13 0.25
N ARG A 447 -45.80 -56.88 -0.60
CA ARG A 447 -45.17 -58.01 -1.27
C ARG A 447 -44.03 -57.53 -2.16
N ALA A 448 -44.24 -56.44 -2.89
CA ALA A 448 -43.22 -55.94 -3.81
C ALA A 448 -42.06 -55.31 -3.05
N ILE A 449 -42.34 -54.66 -1.92
CA ILE A 449 -41.26 -54.16 -1.08
C ILE A 449 -40.40 -55.31 -0.59
N THR A 450 -41.02 -56.45 -0.28
CA THR A 450 -40.28 -57.63 0.14
C THR A 450 -39.34 -58.11 -0.95
N VAL A 451 -39.82 -58.12 -2.20
CA VAL A 451 -38.97 -58.54 -3.32
C VAL A 451 -37.84 -57.55 -3.55
N LEU A 452 -38.14 -56.26 -3.47
CA LEU A 452 -37.13 -55.24 -3.72
C LEU A 452 -36.00 -55.31 -2.70
N THR A 453 -36.32 -55.58 -1.44
CA THR A 453 -35.29 -55.70 -0.41
C THR A 453 -34.36 -56.87 -0.71
N CYS A 454 -34.90 -57.97 -1.23
CA CYS A 454 -34.10 -59.14 -1.54
C CYS A 454 -33.48 -59.09 -2.93
N MET A 455 -33.86 -58.12 -3.76
CA MET A 455 -33.34 -58.02 -5.12
C MET A 455 -32.14 -57.09 -5.22
N PHE A 456 -32.10 -56.05 -4.39
CA PHE A 456 -31.01 -55.09 -4.40
C PHE A 456 -30.08 -55.31 -3.21
N LYS A 457 -28.86 -54.78 -3.34
CA LYS A 457 -27.86 -54.96 -2.30
C LYS A 457 -28.25 -54.21 -1.02
N GLN A 458 -28.63 -52.95 -1.16
CA GLN A 458 -28.95 -52.10 -0.02
C GLN A 458 -30.20 -51.29 -0.36
N PHE A 459 -31.36 -51.83 -0.01
CA PHE A 459 -32.65 -51.15 -0.17
C PHE A 459 -33.26 -51.04 1.21
N ARG A 460 -33.08 -49.88 1.85
CA ARG A 460 -33.46 -49.70 3.24
C ARG A 460 -34.89 -49.18 3.33
N ILE A 461 -35.69 -49.80 4.21
CA ILE A 461 -37.06 -49.38 4.46
C ILE A 461 -37.20 -49.00 5.92
N GLY A 462 -38.19 -48.16 6.21
CA GLY A 462 -38.41 -47.69 7.56
C GLY A 462 -39.86 -47.86 7.98
N MET A 463 -40.05 -48.02 9.28
CA MET A 463 -41.37 -48.12 9.89
C MET A 463 -41.54 -47.03 10.93
N THR A 464 -42.70 -46.37 10.90
CA THR A 464 -43.02 -45.29 11.83
C THR A 464 -44.08 -45.78 12.81
N TYR A 465 -43.65 -46.12 14.01
CA TYR A 465 -44.55 -46.62 15.03
C TYR A 465 -45.42 -45.50 15.59
N ALA A 466 -46.46 -45.89 16.32
CA ALA A 466 -47.35 -44.92 16.93
C ALA A 466 -46.66 -44.23 18.11
N LEU A 467 -47.22 -43.09 18.52
CA LEU A 467 -46.66 -42.36 19.65
C LEU A 467 -46.76 -43.18 20.93
N ASP A 468 -47.88 -43.86 21.14
CA ASP A 468 -48.04 -44.75 22.28
C ASP A 468 -47.93 -46.18 21.79
N PRO A 469 -46.82 -46.87 22.04
CA PRO A 469 -46.66 -48.23 21.51
C PRO A 469 -47.72 -49.17 22.07
N ASN A 470 -48.16 -50.08 21.20
CA ASN A 470 -49.19 -51.06 21.51
C ASN A 470 -48.58 -52.44 21.26
N ILE A 471 -49.31 -53.49 21.66
CA ILE A 471 -48.85 -54.84 21.37
C ILE A 471 -48.81 -55.08 19.87
N MET A 472 -49.50 -54.24 19.10
CA MET A 472 -49.30 -54.19 17.66
C MET A 472 -47.86 -53.80 17.32
N ASP A 473 -47.33 -52.79 18.01
CA ASP A 473 -46.02 -52.24 17.65
C ASP A 473 -44.91 -53.25 17.94
N VAL A 474 -45.02 -53.97 19.05
CA VAL A 474 -43.99 -54.96 19.39
C VAL A 474 -44.01 -56.11 18.40
N ALA A 475 -45.21 -56.52 17.95
CA ALA A 475 -45.31 -57.58 16.96
C ALA A 475 -44.66 -57.17 15.64
N ALA A 476 -44.91 -55.94 15.21
CA ALA A 476 -44.31 -55.46 13.96
C ALA A 476 -42.79 -55.36 14.09
N ALA A 477 -42.31 -54.88 15.23
CA ALA A 477 -40.86 -54.78 15.44
C ALA A 477 -40.20 -56.14 15.42
N THR A 478 -40.82 -57.13 16.06
CA THR A 478 -40.24 -58.47 16.08
C THR A 478 -40.25 -59.09 14.69
N CYS A 479 -41.32 -58.89 13.93
CA CYS A 479 -41.41 -59.49 12.60
C CYS A 479 -40.36 -58.90 11.66
N MET A 480 -40.16 -57.58 11.70
CA MET A 480 -39.17 -56.96 10.83
C MET A 480 -37.75 -57.36 11.21
N LEU A 481 -37.45 -57.37 12.51
CA LEU A 481 -36.10 -57.74 12.95
C LEU A 481 -35.81 -59.21 12.68
N LEU A 482 -36.84 -60.03 12.47
CA LEU A 482 -36.67 -61.46 12.27
C LEU A 482 -36.74 -61.84 10.79
N PHE A 483 -37.73 -61.32 10.06
CA PHE A 483 -38.03 -61.78 8.71
C PHE A 483 -37.64 -60.75 7.64
N ARG A 484 -36.68 -59.87 7.94
CA ARG A 484 -36.18 -58.95 6.94
C ARG A 484 -34.66 -58.96 6.96
N PRO A 485 -34.02 -58.73 5.81
CA PRO A 485 -32.55 -58.76 5.77
C PRO A 485 -31.94 -57.70 6.67
N ALA A 486 -30.81 -58.05 7.29
CA ALA A 486 -30.08 -57.09 8.09
C ALA A 486 -29.49 -55.98 7.23
N GLN A 487 -29.27 -56.25 5.94
CA GLN A 487 -28.74 -55.22 5.05
C GLN A 487 -29.78 -54.13 4.80
N SER A 488 -31.06 -54.50 4.82
CA SER A 488 -32.12 -53.52 4.58
C SER A 488 -32.47 -52.73 5.84
N ILE A 489 -31.86 -53.04 6.98
CA ILE A 489 -32.15 -52.38 8.24
C ILE A 489 -30.97 -51.48 8.59
N SER A 490 -31.25 -50.19 8.77
CA SER A 490 -30.22 -49.25 9.15
C SER A 490 -29.97 -49.32 10.65
N ASP A 491 -28.84 -48.74 11.07
CA ASP A 491 -28.52 -48.70 12.49
C ASP A 491 -29.54 -47.88 13.27
N GLU A 492 -29.99 -46.76 12.69
CA GLU A 492 -31.00 -45.94 13.35
C GLU A 492 -32.31 -46.69 13.50
N GLN A 493 -32.73 -47.42 12.46
CA GLN A 493 -33.97 -48.18 12.55
C GLN A 493 -33.83 -49.35 13.53
N TYR A 494 -32.61 -49.87 13.67
CA TYR A 494 -32.36 -50.92 14.67
C TYR A 494 -32.60 -50.39 16.07
N ARG A 495 -32.15 -49.17 16.35
CA ARG A 495 -32.39 -48.56 17.66
C ARG A 495 -33.87 -48.29 17.88
N TYR A 496 -34.53 -47.68 16.89
CA TYR A 496 -35.92 -47.29 17.04
C TYR A 496 -36.82 -48.50 17.26
N CYS A 497 -36.54 -49.60 16.55
CA CYS A 497 -37.26 -50.84 16.81
C CYS A 497 -36.96 -51.37 18.20
N LEU A 498 -35.70 -51.29 18.64
CA LEU A 498 -35.35 -51.76 19.98
C LEU A 498 -36.00 -50.90 21.05
N GLN A 499 -36.07 -49.59 20.82
CA GLN A 499 -36.68 -48.69 21.81
C GLN A 499 -38.16 -49.00 21.97
N THR A 500 -38.85 -49.29 20.87
CA THR A 500 -40.28 -49.61 20.95
C THR A 500 -40.52 -50.88 21.76
N MET A 501 -39.65 -51.88 21.59
CA MET A 501 -39.76 -53.10 22.39
C MET A 501 -39.60 -52.80 23.87
N ALA A 502 -38.60 -51.99 24.22
CA ALA A 502 -38.34 -51.69 25.62
C ALA A 502 -39.47 -50.88 26.23
N VAL A 503 -40.04 -49.96 25.46
CA VAL A 503 -41.07 -49.07 26.01
C VAL A 503 -42.29 -49.86 26.45
N PHE A 504 -42.74 -50.80 25.63
CA PHE A 504 -43.96 -51.55 25.94
C PHE A 504 -43.67 -52.66 26.95
N LEU A 505 -42.58 -53.40 26.75
CA LEU A 505 -42.31 -54.55 27.61
C LEU A 505 -41.88 -54.14 29.01
N THR A 506 -41.05 -53.09 29.13
CA THR A 506 -40.55 -52.64 30.41
C THR A 506 -41.43 -51.56 31.04
N ASN A 507 -42.52 -51.17 30.36
CA ASN A 507 -43.44 -50.15 30.86
C ASN A 507 -42.70 -48.85 31.18
N THR A 508 -41.85 -48.43 30.24
CA THR A 508 -41.07 -47.21 30.37
C THR A 508 -41.36 -46.29 29.19
N THR A 509 -41.35 -44.99 29.45
CA THR A 509 -41.63 -44.03 28.41
C THR A 509 -40.38 -43.72 27.60
N TYR A 510 -40.56 -43.05 26.47
CA TYR A 510 -39.49 -42.83 25.51
C TYR A 510 -38.36 -41.96 26.07
N ASP A 511 -38.62 -41.19 27.12
CA ASP A 511 -37.63 -40.23 27.60
C ASP A 511 -36.38 -40.92 28.12
N ILE A 512 -36.53 -41.96 28.94
CA ILE A 512 -35.37 -42.62 29.51
C ILE A 512 -34.57 -43.37 28.46
N VAL A 513 -35.25 -44.00 27.50
CA VAL A 513 -34.56 -44.83 26.51
C VAL A 513 -34.04 -44.02 25.33
N ASN A 514 -34.28 -42.71 25.29
CA ASN A 514 -33.84 -41.92 24.14
C ASN A 514 -32.33 -41.77 24.11
N ASN A 515 -31.67 -41.80 25.27
CA ASN A 515 -30.22 -41.67 25.33
C ASN A 515 -29.50 -43.01 25.40
N ASP A 516 -30.23 -44.11 25.49
CA ASP A 516 -29.61 -45.42 25.60
C ASP A 516 -28.99 -45.85 24.28
N THR A 517 -27.82 -46.48 24.37
CA THR A 517 -27.15 -47.02 23.20
C THR A 517 -27.75 -48.36 22.81
N ILE A 518 -27.20 -48.97 21.75
CA ILE A 518 -27.68 -50.27 21.30
C ILE A 518 -27.42 -51.33 22.35
N ASP A 519 -26.20 -51.35 22.90
CA ASP A 519 -25.83 -52.38 23.87
C ASP A 519 -26.65 -52.26 25.15
N VAL A 520 -26.88 -51.03 25.62
CA VAL A 520 -27.66 -50.83 26.84
C VAL A 520 -29.09 -51.33 26.64
N LEU A 521 -29.69 -51.00 25.49
CA LEU A 521 -31.06 -51.45 25.22
C LEU A 521 -31.14 -52.97 25.14
N LYS A 522 -30.15 -53.60 24.51
CA LYS A 522 -30.15 -55.06 24.42
C LYS A 522 -30.05 -55.70 25.80
N MET A 523 -29.19 -55.17 26.67
CA MET A 523 -29.06 -55.72 28.01
C MET A 523 -30.35 -55.52 28.81
N LYS A 524 -30.98 -54.35 28.67
CA LYS A 524 -32.21 -54.09 29.41
C LYS A 524 -33.34 -55.01 28.96
N LEU A 525 -33.44 -55.24 27.64
CA LEU A 525 -34.49 -56.11 27.13
C LEU A 525 -34.23 -57.57 27.50
N ARG A 526 -32.97 -58.00 27.43
CA ARG A 526 -32.64 -59.40 27.73
C ARG A 526 -32.91 -59.73 29.19
N ASN A 527 -32.60 -58.81 30.10
CA ASN A 527 -32.84 -59.07 31.52
C ASN A 527 -34.33 -59.22 31.81
N GLN A 528 -35.16 -58.42 31.16
CA GLN A 528 -36.60 -58.53 31.37
C GLN A 528 -37.13 -59.88 30.91
N GLY A 529 -36.55 -60.43 29.84
CA GLY A 529 -36.97 -61.72 29.34
C GLY A 529 -37.23 -61.75 27.85
N TRP A 530 -36.79 -60.71 27.14
CA TRP A 530 -36.98 -60.63 25.70
C TRP A 530 -35.70 -61.07 24.99
N PRO A 531 -35.70 -62.20 24.29
CA PRO A 531 -34.48 -62.65 23.61
C PRO A 531 -34.31 -62.15 22.18
N PHE A 532 -35.36 -61.61 21.57
CA PHE A 532 -35.31 -61.15 20.17
C PHE A 532 -34.78 -59.72 20.14
N VAL A 533 -33.45 -59.60 20.13
CA VAL A 533 -32.78 -58.30 20.13
C VAL A 533 -31.74 -58.18 19.04
N GLU A 534 -31.66 -59.13 18.11
CA GLU A 534 -30.63 -59.13 17.09
C GLU A 534 -31.25 -59.13 15.70
N ARG A 535 -30.57 -58.48 14.76
CA ARG A 535 -30.92 -58.55 13.36
C ARG A 535 -30.05 -59.60 12.68
N TYR A 536 -30.65 -60.31 11.72
CA TYR A 536 -30.04 -61.49 11.12
C TYR A 536 -29.72 -61.23 9.65
N ASN A 537 -28.52 -61.62 9.25
CA ASN A 537 -28.08 -61.43 7.88
C ASN A 537 -28.70 -62.49 6.97
N ALA A 538 -29.15 -62.07 5.80
CA ALA A 538 -29.71 -62.98 4.82
C ALA A 538 -28.61 -63.80 4.16
N VAL A 539 -29.01 -64.89 3.53
CA VAL A 539 -28.09 -65.78 2.83
C VAL A 539 -28.19 -65.50 1.33
N GLU A 540 -27.04 -65.27 0.70
CA GLU A 540 -26.99 -64.90 -0.70
C GLU A 540 -27.02 -66.15 -1.58
N ILE A 541 -27.92 -66.16 -2.55
CA ILE A 541 -28.04 -67.26 -3.51
C ILE A 541 -27.47 -66.81 -4.84
N ASP A 542 -26.53 -67.58 -5.37
CA ASP A 542 -25.90 -67.23 -6.63
C ASP A 542 -26.84 -67.54 -7.80
N MET A 543 -26.85 -66.63 -8.78
CA MET A 543 -27.68 -66.84 -9.96
C MET A 543 -27.11 -67.95 -10.82
N SER A 544 -28.02 -68.64 -11.52
CA SER A 544 -27.59 -69.75 -12.39
C SER A 544 -26.80 -69.26 -13.59
N VAL A 545 -27.09 -68.05 -14.08
CA VAL A 545 -26.46 -67.52 -15.27
C VAL A 545 -25.91 -66.13 -14.98
N GLU A 546 -24.99 -65.71 -15.84
CA GLU A 546 -24.39 -64.39 -15.71
C GLU A 546 -25.44 -63.31 -15.99
N PRO A 547 -25.47 -62.25 -15.20
CA PRO A 547 -26.49 -61.21 -15.39
C PRO A 547 -26.24 -60.41 -16.66
N LEU A 548 -27.31 -59.74 -17.11
CA LEU A 548 -27.24 -58.95 -18.33
C LEU A 548 -26.37 -57.70 -18.11
N ARG A 549 -25.61 -57.35 -19.15
CA ARG A 549 -24.69 -56.21 -19.12
C ARG A 549 -23.64 -56.36 -18.01
N SER A 550 -23.30 -57.60 -17.66
CA SER A 550 -22.28 -57.88 -16.65
C SER A 550 -21.37 -58.98 -17.18
N PRO A 551 -20.45 -58.65 -18.08
CA PRO A 551 -19.60 -59.69 -18.67
C PRO A 551 -18.59 -60.21 -17.66
N GLY A 552 -18.57 -61.54 -17.51
CA GLY A 552 -17.63 -62.17 -16.60
C GLY A 552 -17.87 -61.80 -15.14
N GLN A 553 -19.13 -61.72 -14.73
CA GLN A 553 -19.49 -61.35 -13.37
C GLN A 553 -20.54 -62.31 -12.84
N VAL A 554 -20.57 -62.47 -11.52
CA VAL A 554 -21.49 -63.38 -10.85
C VAL A 554 -22.54 -62.55 -10.11
N GLY A 555 -23.80 -62.90 -10.31
CA GLY A 555 -24.90 -62.21 -9.67
C GLY A 555 -25.45 -63.01 -8.50
N ARG A 556 -26.00 -62.30 -7.52
CA ARG A 556 -26.53 -62.93 -6.32
C ARG A 556 -27.71 -62.14 -5.80
N TYR A 557 -28.57 -62.82 -5.04
CA TYR A 557 -29.71 -62.18 -4.40
C TYR A 557 -29.93 -62.81 -3.03
N TYR A 558 -30.56 -62.05 -2.14
CA TYR A 558 -30.82 -62.53 -0.79
C TYR A 558 -32.03 -63.45 -0.78
N ASN A 559 -31.93 -64.53 -0.02
CA ASN A 559 -33.06 -65.44 0.12
C ASN A 559 -34.11 -64.84 1.05
N PRO A 560 -35.38 -64.85 0.67
CA PRO A 560 -36.39 -64.15 1.46
C PRO A 560 -36.62 -64.79 2.82
N PHE A 561 -37.06 -63.95 3.76
CA PHE A 561 -37.51 -64.36 5.10
C PHE A 561 -36.40 -64.97 5.94
N ASN A 562 -35.14 -64.70 5.59
CA ASN A 562 -33.99 -65.14 6.37
C ASN A 562 -34.01 -66.66 6.58
N ILE A 563 -34.14 -67.39 5.47
CA ILE A 563 -34.18 -68.85 5.49
C ILE A 563 -32.92 -69.37 4.80
N ASP A 564 -32.19 -70.23 5.49
CA ASP A 564 -30.99 -70.82 4.92
C ASP A 564 -31.36 -71.85 3.87
N PRO A 565 -30.89 -71.72 2.62
CA PRO A 565 -31.25 -72.71 1.59
C PRO A 565 -30.79 -74.12 1.92
N LEU A 566 -29.63 -74.26 2.57
CA LEU A 566 -29.11 -75.58 2.88
C LEU A 566 -29.89 -76.23 4.01
N THR A 567 -30.37 -75.45 4.96
CA THR A 567 -31.04 -75.97 6.15
C THR A 567 -32.56 -75.91 6.03
N LYS A 568 -33.07 -74.96 5.25
CA LYS A 568 -34.51 -74.77 5.00
C LYS A 568 -35.26 -74.31 6.24
N LYS A 569 -34.57 -73.81 7.25
CA LYS A 569 -35.21 -73.16 8.38
C LYS A 569 -34.53 -71.83 8.64
N HIS A 570 -35.01 -71.12 9.66
CA HIS A 570 -34.54 -69.78 9.95
C HIS A 570 -33.06 -69.81 10.33
N VAL A 571 -32.36 -68.72 9.99
CA VAL A 571 -30.92 -68.66 10.23
C VAL A 571 -30.60 -68.69 11.71
N GLU A 572 -31.55 -68.35 12.56
CA GLU A 572 -31.36 -68.43 14.00
C GLU A 572 -31.75 -69.81 14.50
N ASP A 573 -30.78 -70.53 15.08
CA ASP A 573 -31.00 -71.89 15.53
C ASP A 573 -31.69 -71.97 16.88
N ARG A 574 -31.89 -70.85 17.57
CA ARG A 574 -32.53 -70.82 18.87
C ARG A 574 -33.94 -70.24 18.79
N LEU A 575 -34.59 -70.36 17.63
CA LEU A 575 -35.92 -69.76 17.46
C LEU A 575 -36.95 -70.44 18.36
N GLU A 576 -36.92 -71.77 18.41
CA GLU A 576 -37.88 -72.50 19.25
C GLU A 576 -37.64 -72.25 20.73
N GLU A 577 -36.36 -72.20 21.13
CA GLU A 577 -36.04 -71.90 22.53
C GLU A 577 -36.46 -70.47 22.89
N PHE A 578 -36.26 -69.53 21.97
CA PHE A 578 -36.63 -68.14 22.24
C PHE A 578 -38.13 -67.99 22.40
N ILE A 579 -38.92 -68.67 21.56
CA ILE A 579 -40.37 -68.56 21.65
C ILE A 579 -40.85 -69.10 23.00
N ASN A 580 -40.19 -70.14 23.51
CA ASN A 580 -40.56 -70.69 24.81
C ASN A 580 -40.36 -69.68 25.93
N GLN A 581 -39.27 -68.91 25.89
CA GLN A 581 -39.02 -67.91 26.92
C GLN A 581 -40.10 -66.84 26.92
N VAL A 582 -40.51 -66.39 25.73
CA VAL A 582 -41.55 -65.36 25.64
C VAL A 582 -42.85 -65.87 26.22
N GLN A 583 -43.17 -67.15 25.99
CA GLN A 583 -44.41 -67.72 26.50
C GLN A 583 -44.43 -67.72 28.02
N VAL A 584 -43.30 -68.05 28.66
CA VAL A 584 -43.26 -68.15 30.12
C VAL A 584 -42.80 -66.86 30.80
N GLY A 585 -42.35 -65.87 30.04
CA GLY A 585 -41.85 -64.65 30.64
C GLY A 585 -42.97 -63.77 31.18
N ARG A 586 -42.58 -62.87 32.06
CA ARG A 586 -43.49 -61.89 32.67
C ARG A 586 -43.12 -60.50 32.16
N PHE A 587 -44.08 -59.81 31.54
CA PHE A 587 -43.83 -58.54 30.90
C PHE A 587 -44.80 -57.49 31.43
N ARG A 588 -44.45 -56.23 31.20
CA ARG A 588 -45.21 -55.07 31.67
C ARG A 588 -45.30 -55.00 33.19
N ASN A 589 -44.37 -55.67 33.89
CA ASN A 589 -44.30 -55.65 35.34
C ASN A 589 -45.62 -56.08 35.96
N ALA A 590 -46.23 -57.11 35.38
CA ALA A 590 -47.52 -57.61 35.83
C ALA A 590 -47.45 -59.10 36.09
N SER A 591 -48.25 -59.57 37.05
CA SER A 591 -48.29 -61.00 37.36
C SER A 591 -48.92 -61.79 36.22
N GLY A 592 -49.85 -61.20 35.49
CA GLY A 592 -50.49 -61.91 34.38
C GLY A 592 -49.53 -62.15 33.24
N ASN A 593 -49.80 -63.22 32.50
CA ASN A 593 -48.97 -63.62 31.36
C ASN A 593 -49.68 -63.44 30.03
N ALA A 594 -50.69 -62.57 29.97
CA ALA A 594 -51.45 -62.40 28.73
C ALA A 594 -50.57 -61.91 27.59
N VAL A 595 -49.68 -60.97 27.88
CA VAL A 595 -48.81 -60.42 26.85
C VAL A 595 -47.85 -61.49 26.34
N GLY A 596 -47.27 -62.25 27.25
CA GLY A 596 -46.26 -63.23 26.86
C GLY A 596 -46.82 -64.35 25.99
N THR A 597 -47.96 -64.90 26.38
CA THR A 597 -48.53 -66.01 25.64
C THR A 597 -49.05 -65.58 24.27
N THR A 598 -49.67 -64.41 24.19
CA THR A 598 -50.23 -63.97 22.91
C THR A 598 -49.12 -63.63 21.92
N LEU A 599 -48.00 -63.12 22.40
CA LEU A 599 -46.88 -62.83 21.50
C LEU A 599 -46.26 -64.10 20.95
N ALA A 600 -46.17 -65.15 21.78
CA ALA A 600 -45.63 -66.42 21.32
C ALA A 600 -46.54 -67.05 20.28
N ALA A 601 -47.85 -66.88 20.43
CA ALA A 601 -48.79 -67.45 19.47
C ALA A 601 -48.60 -66.83 18.09
N PHE A 602 -48.42 -65.50 18.04
CA PHE A 602 -48.25 -64.83 16.76
C PHE A 602 -46.89 -65.15 16.15
N LEU A 603 -45.85 -65.26 16.99
CA LEU A 603 -44.53 -65.62 16.48
C LEU A 603 -44.53 -67.01 15.87
N ARG A 604 -45.24 -67.96 16.49
CA ARG A 604 -45.34 -69.30 15.92
C ARG A 604 -46.08 -69.27 14.59
N ALA A 605 -47.15 -68.48 14.49
CA ALA A 605 -47.88 -68.37 13.24
C ALA A 605 -47.03 -67.74 12.14
N CYS A 606 -46.28 -66.69 12.49
CA CYS A 606 -45.42 -66.04 11.51
C CYS A 606 -44.30 -66.97 11.06
N ARG A 607 -43.72 -67.73 12.00
CA ARG A 607 -42.67 -68.68 11.66
C ARG A 607 -43.19 -69.77 10.74
N ASP A 608 -44.38 -70.29 11.03
CA ASP A 608 -44.96 -71.34 10.19
C ASP A 608 -45.30 -70.80 8.81
N LYS A 609 -45.85 -69.58 8.74
CA LYS A 609 -46.21 -69.00 7.46
C LYS A 609 -44.98 -68.77 6.59
N THR A 610 -43.89 -68.27 7.17
CA THR A 610 -42.69 -68.00 6.40
C THR A 610 -42.04 -69.28 5.91
N SER A 611 -42.04 -70.33 6.75
CA SER A 611 -41.36 -71.57 6.39
C SER A 611 -42.04 -72.28 5.24
N ALA A 612 -43.31 -71.96 4.97
CA ALA A 612 -44.05 -72.64 3.92
C ALA A 612 -44.12 -71.85 2.63
N ASN A 613 -44.00 -70.51 2.69
CA ASN A 613 -44.15 -69.66 1.52
C ASN A 613 -42.82 -69.09 1.04
N TRP A 614 -41.69 -69.59 1.56
CA TRP A 614 -40.41 -68.95 1.26
C TRP A 614 -39.94 -69.28 -0.16
N ARG A 615 -40.23 -70.49 -0.65
CA ARG A 615 -39.75 -70.87 -1.97
C ARG A 615 -40.44 -70.06 -3.07
N GLY A 616 -41.73 -69.77 -2.90
CA GLY A 616 -42.44 -69.00 -3.89
C GLY A 616 -41.88 -67.59 -4.06
N TYR A 617 -41.54 -66.95 -2.94
CA TYR A 617 -40.94 -65.62 -3.01
C TYR A 617 -39.52 -65.68 -3.53
N SER A 618 -38.80 -66.78 -3.27
CA SER A 618 -37.44 -66.92 -3.78
C SER A 618 -37.43 -66.97 -5.30
N VAL A 619 -38.40 -67.67 -5.90
CA VAL A 619 -38.49 -67.71 -7.36
C VAL A 619 -38.79 -66.33 -7.92
N LEU A 620 -39.69 -65.60 -7.27
CA LEU A 620 -40.03 -64.26 -7.74
C LEU A 620 -38.81 -63.33 -7.68
N VAL A 621 -38.05 -63.40 -6.59
CA VAL A 621 -36.86 -62.57 -6.48
C VAL A 621 -35.83 -62.96 -7.53
N SER A 622 -35.68 -64.27 -7.77
CA SER A 622 -34.71 -64.73 -8.76
C SER A 622 -35.03 -64.22 -10.16
N ARG A 623 -36.32 -64.21 -10.52
CA ARG A 623 -36.71 -63.75 -11.85
C ARG A 623 -36.52 -62.25 -11.99
N TYR A 624 -36.91 -61.47 -10.99
CA TYR A 624 -36.79 -60.02 -11.07
C TYR A 624 -35.35 -59.55 -10.91
N ARG A 625 -34.50 -60.32 -10.22
CA ARG A 625 -33.09 -59.97 -10.13
C ARG A 625 -32.41 -60.07 -11.48
N SER A 626 -32.86 -60.99 -12.33
CA SER A 626 -32.26 -61.15 -13.65
C SER A 626 -32.56 -59.97 -14.56
N LEU A 627 -33.53 -59.13 -14.19
CA LEU A 627 -33.90 -58.01 -15.04
C LEU A 627 -32.88 -56.88 -14.94
N ILE A 628 -32.30 -56.68 -13.77
CA ILE A 628 -31.40 -55.54 -13.53
C ILE A 628 -29.95 -55.99 -13.69
N PRO A 629 -29.07 -55.11 -14.16
CA PRO A 629 -27.65 -55.45 -14.27
C PRO A 629 -26.98 -55.42 -12.90
N ASN A 630 -25.67 -55.66 -12.90
CA ASN A 630 -24.92 -55.71 -11.65
C ASN A 630 -24.66 -54.31 -11.10
N GLU A 631 -24.41 -53.33 -11.98
CA GLU A 631 -24.14 -51.98 -11.50
C GLU A 631 -25.35 -51.38 -10.81
N LEU A 632 -26.55 -51.59 -11.37
CA LEU A 632 -27.76 -51.11 -10.70
C LEU A 632 -27.99 -51.83 -9.38
N PHE A 633 -27.56 -53.10 -9.29
CA PHE A 633 -27.74 -53.85 -8.05
C PHE A 633 -26.90 -53.26 -6.93
N GLU A 634 -25.74 -52.70 -7.26
CA GLU A 634 -24.85 -52.17 -6.22
C GLU A 634 -25.02 -50.68 -5.99
N SER A 635 -25.69 -49.97 -6.90
CA SER A 635 -25.73 -48.51 -6.87
C SER A 635 -27.06 -47.94 -6.38
N LEU A 636 -28.18 -48.55 -6.75
CA LEU A 636 -29.48 -47.97 -6.43
C LEU A 636 -29.72 -47.96 -4.93
N ARG A 637 -30.16 -46.80 -4.43
CA ARG A 637 -30.42 -46.62 -3.00
C ARG A 637 -31.78 -45.97 -2.82
N ASN A 638 -32.38 -46.21 -1.65
CA ASN A 638 -33.65 -45.61 -1.29
C ASN A 638 -33.40 -44.27 -0.59
N ILE A 639 -33.01 -43.28 -1.40
CA ILE A 639 -32.65 -41.98 -0.87
C ILE A 639 -33.84 -41.31 -0.22
N SER A 640 -34.98 -41.32 -0.91
CA SER A 640 -36.22 -40.72 -0.40
C SER A 640 -37.09 -41.82 0.17
N GLY A 641 -37.54 -41.64 1.40
CA GLY A 641 -38.38 -42.64 2.05
C GLY A 641 -39.80 -42.62 1.54
N GLU A 642 -39.99 -42.98 0.28
CA GLU A 642 -41.31 -42.99 -0.34
C GLU A 642 -42.01 -44.33 -0.22
N TYR A 643 -41.36 -45.34 0.37
CA TYR A 643 -41.94 -46.66 0.48
C TYR A 643 -41.90 -47.16 1.93
N ASN A 644 -42.26 -46.28 2.86
CA ASN A 644 -42.35 -46.66 4.25
C ASN A 644 -43.55 -47.58 4.48
N ILE A 645 -43.44 -48.42 5.50
CA ILE A 645 -44.44 -49.45 5.79
C ILE A 645 -45.09 -49.12 7.13
N ASN A 646 -46.41 -49.19 7.20
CA ASN A 646 -47.11 -48.98 8.45
C ASN A 646 -46.96 -50.21 9.36
N PRO A 647 -46.93 -49.99 10.68
CA PRO A 647 -46.79 -51.15 11.59
C PRO A 647 -47.91 -52.17 11.45
N GLN A 648 -49.14 -51.73 11.18
CA GLN A 648 -50.22 -52.68 10.95
C GLN A 648 -50.01 -53.47 9.68
N ASP A 649 -49.49 -52.83 8.64
CA ASP A 649 -49.24 -53.52 7.37
C ASP A 649 -48.14 -54.57 7.52
N GLU A 650 -47.09 -54.26 8.29
CA GLU A 650 -45.98 -55.20 8.43
C GLU A 650 -46.42 -56.49 9.11
N HIS A 651 -47.19 -56.37 10.20
CA HIS A 651 -47.64 -57.55 10.92
C HIS A 651 -48.68 -58.32 10.13
N SER A 652 -49.64 -57.62 9.54
CA SER A 652 -50.69 -58.30 8.79
C SER A 652 -50.12 -59.01 7.55
N PHE A 653 -49.06 -58.46 6.97
CA PHE A 653 -48.43 -59.11 5.82
C PHE A 653 -47.86 -60.47 6.20
N PHE A 654 -47.14 -60.55 7.32
CA PHE A 654 -46.52 -61.80 7.72
C PHE A 654 -47.52 -62.77 8.34
N PHE A 655 -48.50 -62.25 9.08
CA PHE A 655 -49.52 -63.11 9.67
C PHE A 655 -50.42 -63.73 8.62
N ALA A 656 -50.75 -62.98 7.57
CA ALA A 656 -51.62 -63.44 6.50
C ALA A 656 -50.87 -63.64 5.20
N LEU A 657 -49.66 -64.21 5.29
CA LEU A 657 -48.87 -64.49 4.10
C LEU A 657 -49.62 -65.46 3.20
N ALA A 658 -49.56 -65.22 1.90
CA ALA A 658 -50.29 -66.01 0.91
C ALA A 658 -49.32 -66.59 -0.10
N GLN A 659 -49.64 -67.79 -0.58
CA GLN A 659 -48.80 -68.49 -1.55
C GLN A 659 -48.75 -67.72 -2.85
N ILE A 660 -47.55 -67.60 -3.41
CA ILE A 660 -47.36 -66.94 -4.70
C ILE A 660 -47.59 -67.97 -5.81
N ASN A 661 -48.52 -67.69 -6.70
CA ASN A 661 -48.85 -68.57 -7.82
C ASN A 661 -48.17 -68.04 -9.07
N ALA A 662 -47.28 -68.84 -9.64
CA ALA A 662 -46.53 -68.47 -10.85
C ALA A 662 -47.13 -69.23 -12.02
N ASP A 663 -48.16 -68.64 -12.62
CA ASP A 663 -48.82 -69.26 -13.77
C ASP A 663 -48.10 -68.89 -15.06
N ASP A 664 -48.66 -69.36 -16.17
CA ASP A 664 -48.04 -69.10 -17.48
C ASP A 664 -48.17 -67.64 -17.87
N GLU A 665 -49.29 -67.00 -17.53
CA GLU A 665 -49.50 -65.62 -17.92
C GLU A 665 -48.48 -64.68 -17.28
N PHE A 666 -48.20 -64.87 -15.99
CA PHE A 666 -47.22 -64.02 -15.32
C PHE A 666 -45.82 -64.22 -15.89
N ILE A 667 -45.44 -65.47 -16.15
CA ILE A 667 -44.12 -65.73 -16.72
C ILE A 667 -44.05 -65.16 -18.14
N GLY A 668 -45.14 -65.28 -18.90
CA GLY A 668 -45.16 -64.69 -20.23
C GLY A 668 -45.08 -63.17 -20.19
N ALA A 669 -45.71 -62.56 -19.19
CA ALA A 669 -45.65 -61.11 -19.06
C ALA A 669 -44.23 -60.63 -18.76
N ILE A 670 -43.51 -61.37 -17.92
CA ILE A 670 -42.15 -60.97 -17.56
C ILE A 670 -41.22 -61.07 -18.77
N ASP A 671 -41.45 -62.06 -19.63
CA ASP A 671 -40.63 -62.20 -20.84
C ASP A 671 -40.75 -60.98 -21.73
N LYS A 672 -41.95 -60.40 -21.82
CA LYS A 672 -42.13 -59.16 -22.55
C LYS A 672 -41.36 -58.03 -21.88
N GLU A 673 -41.38 -57.98 -20.54
CA GLU A 673 -40.68 -56.92 -19.82
C GLU A 673 -39.17 -57.07 -19.97
N SER A 674 -38.66 -58.30 -20.08
CA SER A 674 -37.24 -58.51 -20.24
C SER A 674 -36.73 -57.89 -21.53
N ALA A 675 -37.49 -58.04 -22.62
CA ALA A 675 -37.11 -57.40 -23.87
C ALA A 675 -37.18 -55.88 -23.74
N GLU A 676 -38.20 -55.37 -23.06
CA GLU A 676 -38.31 -53.93 -22.86
C GLU A 676 -37.16 -53.39 -22.01
N TYR A 677 -36.80 -54.10 -20.95
CA TYR A 677 -35.69 -53.67 -20.11
C TYR A 677 -34.37 -53.67 -20.89
N LEU A 678 -34.15 -54.70 -21.71
CA LEU A 678 -32.92 -54.77 -22.49
C LEU A 678 -32.83 -53.62 -23.48
N ASP A 679 -33.95 -53.27 -24.10
CA ASP A 679 -33.97 -52.13 -25.02
C ASP A 679 -33.65 -50.83 -24.30
N GLU A 680 -34.21 -50.64 -23.10
CA GLU A 680 -34.00 -49.39 -22.37
C GLU A 680 -32.54 -49.19 -21.99
N TYR A 681 -31.88 -50.27 -21.55
CA TYR A 681 -30.48 -50.16 -21.17
C TYR A 681 -29.59 -49.80 -22.36
N ALA A 682 -29.88 -50.38 -23.53
CA ALA A 682 -29.08 -50.09 -24.71
C ALA A 682 -29.22 -48.63 -25.13
N THR A 683 -30.46 -48.10 -25.08
CA THR A 683 -30.67 -46.71 -25.46
C THR A 683 -29.96 -45.75 -24.50
N LEU A 684 -30.02 -46.03 -23.20
CA LEU A 684 -29.38 -45.15 -22.22
C LEU A 684 -27.86 -45.14 -22.40
N ALA A 685 -27.28 -46.30 -22.68
CA ALA A 685 -25.83 -46.37 -22.90
C ALA A 685 -25.42 -45.54 -24.11
N ARG A 686 -26.20 -45.60 -25.18
CA ARG A 686 -25.92 -44.77 -26.35
C ARG A 686 -26.09 -43.29 -26.02
N ASP A 687 -27.13 -42.95 -25.26
CA ASP A 687 -27.34 -41.55 -24.88
C ASP A 687 -26.22 -41.05 -23.97
N ILE A 688 -25.76 -41.89 -23.04
CA ILE A 688 -24.67 -41.50 -22.16
C ILE A 688 -23.39 -41.28 -22.97
N SER A 689 -23.12 -42.17 -23.92
CA SER A 689 -21.92 -42.03 -24.74
C SER A 689 -21.96 -40.78 -25.59
N ASN A 690 -23.13 -40.46 -26.17
CA ASN A 690 -23.25 -39.24 -26.96
C ASN A 690 -23.07 -38.00 -26.10
N SER A 691 -23.67 -37.97 -24.92
CA SER A 691 -23.56 -36.80 -24.05
C SER A 691 -22.16 -36.63 -23.51
N LEU A 692 -21.44 -37.73 -23.26
CA LEU A 692 -20.07 -37.62 -22.76
C LEU A 692 -19.13 -37.06 -23.82
N THR A 693 -19.37 -37.40 -25.09
CA THR A 693 -18.58 -36.84 -26.19
C THR A 693 -18.88 -35.37 -26.43
N LEU A 694 -20.16 -34.98 -26.27
CA LEU A 694 -20.52 -33.59 -26.49
C LEU A 694 -19.87 -32.67 -25.45
N VAL A 695 -19.82 -33.12 -24.20
CA VAL A 695 -19.26 -32.28 -23.12
C VAL A 695 -17.78 -32.03 -23.37
N LYS A 696 -17.04 -33.06 -23.75
CA LYS A 696 -15.60 -32.90 -23.95
C LYS A 696 -15.28 -31.93 -25.08
N ALA A 697 -16.04 -32.00 -26.17
CA ALA A 697 -15.75 -31.17 -27.33
C ALA A 697 -16.21 -29.73 -27.14
N ALA A 698 -17.33 -29.52 -26.44
CA ALA A 698 -17.96 -28.21 -26.39
C ALA A 698 -17.47 -27.36 -25.22
N PHE A 699 -17.63 -27.85 -24.00
CA PHE A 699 -17.40 -27.05 -22.81
C PHE A 699 -16.00 -27.25 -22.26
N GLY A 700 -15.63 -26.40 -21.30
CA GLY A 700 -14.34 -26.45 -20.66
C GLY A 700 -14.43 -26.11 -19.19
N PRO A 701 -13.31 -25.73 -18.59
CA PRO A 701 -13.31 -25.41 -17.16
C PRO A 701 -13.93 -24.05 -16.87
N LEU A 702 -14.26 -23.85 -15.60
CA LEU A 702 -14.92 -22.63 -15.13
C LEU A 702 -14.07 -21.99 -14.06
N GLU A 703 -13.87 -20.68 -14.17
CA GLU A 703 -13.11 -19.91 -13.20
C GLU A 703 -14.05 -19.05 -12.36
N ARG A 704 -13.47 -18.25 -11.46
CA ARG A 704 -14.22 -17.37 -10.60
C ARG A 704 -14.37 -15.97 -11.17
N THR A 705 -14.38 -15.83 -12.49
CA THR A 705 -14.51 -14.56 -13.16
C THR A 705 -15.89 -14.46 -13.82
N SER A 706 -16.46 -13.26 -13.79
CA SER A 706 -17.78 -13.05 -14.37
C SER A 706 -17.77 -13.36 -15.86
N GLY A 707 -16.65 -13.14 -16.53
CA GLY A 707 -16.58 -13.45 -17.95
C GLY A 707 -16.69 -14.94 -18.23
N SER A 708 -16.04 -15.76 -17.40
CA SER A 708 -16.11 -17.20 -17.59
C SER A 708 -17.52 -17.74 -17.35
N ILE A 709 -18.21 -17.21 -16.32
CA ILE A 709 -19.56 -17.67 -16.03
C ILE A 709 -20.52 -17.29 -17.14
N ILE A 710 -20.41 -16.06 -17.64
CA ILE A 710 -21.27 -15.61 -18.74
C ILE A 710 -21.01 -16.45 -19.99
N ASN A 711 -19.74 -16.70 -20.29
CA ASN A 711 -19.40 -17.51 -21.47
C ASN A 711 -19.95 -18.92 -21.34
N HIS A 712 -19.83 -19.52 -20.16
CA HIS A 712 -20.33 -20.87 -19.96
C HIS A 712 -21.85 -20.93 -20.09
N ALA A 713 -22.55 -19.94 -19.53
CA ALA A 713 -24.01 -19.95 -19.57
C ALA A 713 -24.52 -19.81 -20.99
N ASN A 714 -23.94 -18.88 -21.76
CA ASN A 714 -24.40 -18.66 -23.13
C ASN A 714 -24.10 -19.86 -24.03
N ASN A 715 -22.90 -20.44 -23.91
CA ASN A 715 -22.56 -21.60 -24.72
C ASN A 715 -23.45 -22.79 -24.39
N LEU A 716 -23.76 -22.96 -23.10
CA LEU A 716 -24.59 -24.09 -22.68
C LEU A 716 -25.99 -23.99 -23.26
N ASN A 717 -26.56 -22.78 -23.28
CA ASN A 717 -27.90 -22.60 -23.83
C ASN A 717 -27.91 -22.87 -25.33
N LYS A 718 -26.85 -22.45 -26.04
CA LYS A 718 -26.78 -22.71 -27.47
C LYS A 718 -26.73 -24.21 -27.77
N VAL A 719 -25.98 -24.96 -26.96
CA VAL A 719 -25.90 -26.41 -27.15
C VAL A 719 -27.26 -27.06 -26.91
N ILE A 720 -27.94 -26.66 -25.83
CA ILE A 720 -29.23 -27.26 -25.49
C ILE A 720 -30.27 -26.95 -26.56
N ASN A 721 -30.29 -25.71 -27.06
CA ASN A 721 -31.25 -25.35 -28.09
C ASN A 721 -31.00 -26.14 -29.37
N HIS A 722 -29.72 -26.30 -29.75
CA HIS A 722 -29.41 -27.04 -30.97
C HIS A 722 -29.68 -28.53 -30.80
N VAL A 723 -29.37 -29.07 -29.62
CA VAL A 723 -29.55 -30.50 -29.39
C VAL A 723 -31.02 -30.88 -29.45
N PHE A 724 -31.89 -30.06 -28.88
CA PHE A 724 -33.31 -30.37 -28.81
C PHE A 724 -34.09 -29.92 -30.04
N ALA A 725 -33.43 -29.28 -31.01
CA ALA A 725 -34.09 -28.87 -32.23
C ALA A 725 -34.22 -30.04 -33.20
N ASP A 726 -35.28 -30.00 -34.01
CA ASP A 726 -35.60 -31.05 -34.98
C ASP A 726 -35.73 -32.36 -34.20
N LYS A 727 -35.12 -33.45 -34.63
CA LYS A 727 -35.14 -34.69 -33.87
C LYS A 727 -34.20 -34.56 -32.68
N PRO A 728 -34.67 -34.76 -31.45
CA PRO A 728 -33.78 -34.59 -30.29
C PRO A 728 -32.66 -35.62 -30.29
N LEU A 729 -31.51 -35.22 -29.76
CA LEU A 729 -30.37 -36.13 -29.69
C LEU A 729 -30.58 -37.21 -28.64
N ILE A 730 -31.36 -36.91 -27.61
CA ILE A 730 -31.53 -37.80 -26.48
C ILE A 730 -32.88 -38.51 -26.59
N SER A 731 -32.87 -39.82 -26.35
CA SER A 731 -34.09 -40.61 -26.45
C SER A 731 -35.05 -40.25 -25.32
N GLU A 732 -36.30 -40.71 -25.47
CA GLU A 732 -37.33 -40.40 -24.51
C GLU A 732 -37.13 -41.14 -23.19
N THR A 733 -36.36 -42.23 -23.18
CA THR A 733 -36.12 -42.96 -21.94
C THR A 733 -35.30 -42.13 -20.96
N MET A 734 -34.26 -41.44 -21.46
CA MET A 734 -33.46 -40.59 -20.58
C MET A 734 -34.25 -39.38 -20.11
N LEU A 735 -35.14 -38.86 -20.96
CA LEU A 735 -35.96 -37.72 -20.56
C LEU A 735 -36.89 -38.09 -19.41
N LYS A 736 -37.45 -39.31 -19.45
CA LYS A 736 -38.31 -39.76 -18.37
C LYS A 736 -37.57 -39.80 -17.05
N ILE A 737 -36.32 -40.26 -17.07
CA ILE A 737 -35.52 -40.32 -15.85
C ILE A 737 -35.23 -38.92 -15.32
N LEU A 738 -34.88 -38.00 -16.21
CA LEU A 738 -34.46 -36.67 -15.78
C LEU A 738 -35.64 -35.77 -15.42
N THR A 739 -36.86 -36.15 -15.79
CA THR A 739 -38.06 -35.39 -15.47
C THR A 739 -38.88 -36.04 -14.35
N ILE A 740 -38.29 -36.97 -13.61
CA ILE A 740 -39.02 -37.61 -12.51
C ILE A 740 -39.35 -36.59 -11.42
N ASP A 741 -38.38 -35.71 -11.10
CA ASP A 741 -38.62 -34.72 -10.05
C ASP A 741 -39.74 -33.76 -10.43
N GLY A 742 -39.79 -33.34 -11.69
CA GLY A 742 -40.81 -32.43 -12.14
C GLY A 742 -40.31 -31.41 -13.14
N THR A 743 -38.99 -31.26 -13.23
CA THR A 743 -38.40 -30.33 -14.17
C THR A 743 -38.66 -30.79 -15.61
N THR A 744 -38.66 -29.83 -16.52
CA THR A 744 -38.90 -30.13 -17.92
C THR A 744 -37.72 -30.87 -18.53
N GLY A 745 -37.93 -31.43 -19.72
CA GLY A 745 -36.89 -32.21 -20.38
C GLY A 745 -35.67 -31.39 -20.72
N LYS A 746 -35.87 -30.16 -21.18
CA LYS A 746 -34.73 -29.29 -21.50
C LYS A 746 -33.93 -28.97 -20.24
N ASP A 747 -34.62 -28.66 -19.15
CA ASP A 747 -33.92 -28.30 -17.92
C ASP A 747 -33.19 -29.49 -17.31
N GLY A 748 -33.82 -30.66 -17.33
CA GLY A 748 -33.18 -31.84 -16.74
C GLY A 748 -31.90 -32.22 -17.45
N TYR A 749 -31.90 -32.14 -18.78
CA TYR A 749 -30.68 -32.43 -19.54
C TYR A 749 -29.61 -31.37 -19.29
N ARG A 750 -30.04 -30.12 -19.08
CA ARG A 750 -29.08 -29.03 -18.92
C ARG A 750 -28.25 -29.21 -17.65
N ASN A 751 -28.88 -29.61 -16.55
CA ASN A 751 -28.14 -29.77 -15.30
C ASN A 751 -27.19 -30.97 -15.38
N TRP A 752 -27.59 -32.03 -16.08
CA TRP A 752 -26.72 -33.20 -16.18
C TRP A 752 -25.46 -32.88 -16.97
N LEU A 753 -25.58 -32.07 -18.02
CA LEU A 753 -24.41 -31.70 -18.81
C LEU A 753 -23.43 -30.87 -17.99
N ASP A 754 -23.93 -29.98 -17.13
CA ASP A 754 -23.04 -29.21 -16.28
C ASP A 754 -22.22 -30.09 -15.36
N LYS A 755 -22.85 -31.14 -14.81
CA LYS A 755 -22.15 -32.05 -13.91
C LYS A 755 -21.05 -32.81 -14.64
N LEU A 756 -21.31 -33.20 -15.88
CA LEU A 756 -20.37 -34.06 -16.61
C LEU A 756 -19.12 -33.31 -17.01
N VAL A 757 -19.10 -31.99 -16.89
CA VAL A 757 -17.91 -31.23 -17.27
C VAL A 757 -16.75 -31.58 -16.35
N GLY A 758 -15.60 -31.89 -16.94
CA GLY A 758 -14.46 -32.33 -16.17
C GLY A 758 -14.43 -33.81 -15.84
N HIS A 759 -15.30 -34.60 -16.44
CA HIS A 759 -15.36 -36.02 -16.16
C HIS A 759 -14.12 -36.74 -16.67
N ASN A 760 -13.78 -37.85 -16.02
CA ASN A 760 -12.72 -38.74 -16.48
C ASN A 760 -13.28 -40.07 -16.98
N TYR A 761 -14.56 -40.10 -17.33
CA TYR A 761 -15.18 -41.35 -17.77
C TYR A 761 -14.58 -41.79 -19.09
N PRO A 762 -14.14 -43.04 -19.22
CA PRO A 762 -13.67 -43.53 -20.51
C PRO A 762 -14.82 -43.79 -21.46
N VAL A 763 -14.69 -43.31 -22.69
CA VAL A 763 -15.70 -43.47 -23.73
C VAL A 763 -15.09 -44.29 -24.85
N TYR A 764 -15.78 -45.36 -25.24
CA TYR A 764 -15.29 -46.24 -26.28
C TYR A 764 -15.40 -45.57 -27.64
N VAL A 765 -14.39 -45.82 -28.49
CA VAL A 765 -14.30 -45.17 -29.80
C VAL A 765 -15.00 -46.07 -30.81
N GLU A 766 -16.22 -45.71 -31.18
CA GLU A 766 -17.00 -46.49 -32.13
C GLU A 766 -16.48 -46.29 -33.55
N PRO A 767 -16.81 -47.21 -34.46
CA PRO A 767 -16.29 -47.10 -35.83
C PRO A 767 -16.66 -45.80 -36.54
N VAL A 768 -17.86 -45.26 -36.31
CA VAL A 768 -18.26 -44.05 -37.01
C VAL A 768 -17.49 -42.84 -36.47
N VAL A 769 -16.96 -42.93 -35.25
CA VAL A 769 -16.06 -41.88 -34.77
C VAL A 769 -14.81 -41.84 -35.64
N ASN A 770 -14.23 -43.02 -35.91
CA ASN A 770 -12.98 -43.08 -36.66
C ASN A 770 -13.19 -42.64 -38.11
N ILE A 771 -14.33 -42.99 -38.70
CA ILE A 771 -14.59 -42.61 -40.09
C ILE A 771 -14.66 -41.09 -40.23
N MET A 772 -15.38 -40.43 -39.33
CA MET A 772 -15.46 -38.97 -39.37
C MET A 772 -14.11 -38.34 -39.05
N ASN A 773 -13.37 -38.91 -38.11
CA ASN A 773 -12.05 -38.39 -37.79
C ASN A 773 -11.10 -38.51 -38.97
N PHE A 774 -11.16 -39.63 -39.69
CA PHE A 774 -10.31 -39.81 -40.86
C PHE A 774 -10.64 -38.79 -41.94
N ILE A 775 -11.92 -38.54 -42.18
CA ILE A 775 -12.32 -37.57 -43.20
C ILE A 775 -11.94 -36.16 -42.79
N SER A 776 -12.08 -35.83 -41.51
CA SER A 776 -11.72 -34.50 -41.04
C SER A 776 -10.24 -34.22 -41.21
N ALA A 777 -9.39 -35.22 -40.94
CA ALA A 777 -7.96 -35.05 -41.13
C ALA A 777 -7.63 -34.80 -42.60
N ARG A 778 -8.28 -35.53 -43.51
CA ARG A 778 -8.04 -35.33 -44.93
C ARG A 778 -8.58 -33.99 -45.41
N PHE A 779 -9.64 -33.48 -44.78
CA PHE A 779 -10.17 -32.18 -45.13
C PHE A 779 -9.15 -31.08 -44.87
N VAL A 780 -8.50 -31.13 -43.71
CA VAL A 780 -7.49 -30.12 -43.38
C VAL A 780 -6.23 -30.33 -44.20
N ALA A 781 -5.78 -31.59 -44.33
CA ALA A 781 -4.50 -31.86 -44.96
C ALA A 781 -4.54 -31.57 -46.45
N ASP A 782 -5.55 -32.08 -47.15
CA ASP A 782 -5.69 -31.91 -48.59
C ASP A 782 -6.85 -30.94 -48.83
N SER A 783 -6.54 -29.65 -48.81
CA SER A 783 -7.56 -28.63 -48.96
C SER A 783 -7.99 -28.44 -50.41
N SER A 784 -7.06 -28.59 -51.36
CA SER A 784 -7.37 -28.34 -52.76
C SER A 784 -8.37 -29.33 -53.32
N TYR A 785 -8.52 -30.50 -52.70
CA TYR A 785 -9.52 -31.47 -53.16
C TYR A 785 -10.94 -30.93 -52.96
N PHE A 786 -11.14 -30.04 -52.00
CA PHE A 786 -12.48 -29.63 -51.60
C PHE A 786 -12.79 -28.18 -51.94
N GLY A 787 -11.93 -27.52 -52.70
CA GLY A 787 -12.22 -26.21 -53.23
C GLY A 787 -11.75 -25.02 -52.43
N TYR A 788 -10.85 -25.22 -51.46
CA TYR A 788 -10.32 -24.10 -50.69
C TYR A 788 -8.82 -24.26 -50.52
N THR A 789 -8.14 -23.13 -50.32
CA THR A 789 -6.70 -23.10 -50.16
C THR A 789 -6.36 -22.13 -49.04
N ASN A 790 -5.08 -22.16 -48.62
CA ASN A 790 -4.65 -21.35 -47.49
C ASN A 790 -3.92 -20.08 -47.91
N GLU A 791 -3.52 -19.95 -49.16
CA GLU A 791 -2.81 -18.76 -49.61
C GLU A 791 -3.01 -18.57 -51.11
N ILE A 792 -2.95 -17.32 -51.54
CA ILE A 792 -3.06 -16.93 -52.94
C ILE A 792 -1.96 -15.92 -53.26
N MET A 793 -1.66 -15.78 -54.55
CA MET A 793 -0.65 -14.85 -55.02
C MET A 793 -1.24 -13.92 -56.07
N ILE A 794 -0.98 -12.63 -55.92
CA ILE A 794 -1.37 -11.61 -56.88
C ILE A 794 -0.10 -10.99 -57.45
N MET A 795 0.08 -11.11 -58.76
CA MET A 795 1.27 -10.60 -59.43
C MET A 795 0.87 -9.82 -60.67
N PRO A 796 1.65 -8.82 -61.05
CA PRO A 796 1.43 -8.15 -62.33
C PRO A 796 1.75 -9.07 -63.50
N ASN A 797 1.19 -8.73 -64.66
CA ASN A 797 1.36 -9.57 -65.84
C ASN A 797 2.81 -9.63 -66.30
N HIS A 798 3.53 -8.51 -66.25
CA HIS A 798 4.87 -8.47 -66.79
C HIS A 798 5.86 -9.30 -66.01
N ILE A 799 5.55 -9.66 -64.76
CA ILE A 799 6.43 -10.52 -63.97
C ILE A 799 6.17 -11.97 -64.39
N ASN A 800 7.24 -12.67 -64.75
CA ASN A 800 7.14 -14.06 -65.20
C ASN A 800 7.30 -14.99 -64.01
N VAL A 801 6.25 -15.75 -63.71
CA VAL A 801 6.28 -16.72 -62.63
C VAL A 801 6.31 -18.13 -63.19
N PRO A 802 7.01 -19.06 -62.56
CA PRO A 802 6.95 -20.46 -63.01
C PRO A 802 5.61 -21.08 -62.64
N VAL A 803 4.95 -21.66 -63.63
CA VAL A 803 3.61 -22.22 -63.46
C VAL A 803 3.60 -23.66 -63.95
N ASP A 804 2.57 -24.40 -63.53
CA ASP A 804 2.38 -25.75 -63.99
C ASP A 804 2.03 -25.76 -65.47
N ASP A 805 2.75 -26.58 -66.25
CA ASP A 805 2.56 -26.64 -67.69
C ASP A 805 2.20 -28.04 -68.16
N ARG A 806 1.76 -28.92 -67.27
CA ARG A 806 1.43 -30.29 -67.66
C ARG A 806 0.11 -30.38 -68.39
N PHE A 807 -0.85 -29.53 -68.05
CA PHE A 807 -2.21 -29.62 -68.59
C PHE A 807 -2.39 -28.82 -69.87
N GLY A 808 -1.38 -28.08 -70.31
CA GLY A 808 -1.49 -27.31 -71.53
C GLY A 808 -2.51 -26.19 -71.46
N PHE A 809 -2.52 -25.46 -70.35
CA PHE A 809 -3.43 -24.34 -70.16
C PHE A 809 -2.80 -23.05 -70.65
N ARG A 810 -3.62 -22.19 -71.24
CA ARG A 810 -3.17 -20.88 -71.66
C ARG A 810 -3.18 -19.94 -70.46
N ASP A 811 -2.02 -19.40 -70.11
CA ASP A 811 -1.84 -18.60 -68.89
C ASP A 811 -2.42 -19.34 -67.67
N SER A 812 -1.81 -20.48 -67.37
CA SER A 812 -2.29 -21.34 -66.31
C SER A 812 -2.24 -20.61 -64.96
N PRO A 813 -3.33 -20.60 -64.20
CA PRO A 813 -3.29 -19.97 -62.87
C PRO A 813 -2.75 -20.87 -61.78
N PHE A 814 -2.31 -22.07 -62.11
CA PHE A 814 -1.82 -23.03 -61.13
C PHE A 814 -0.30 -23.08 -61.13
N CYS A 815 0.27 -23.26 -59.94
CA CYS A 815 1.70 -23.48 -59.78
C CYS A 815 1.91 -24.73 -58.94
N THR A 816 3.03 -25.41 -59.18
CA THR A 816 3.35 -26.59 -58.38
C THR A 816 3.48 -26.23 -56.90
N SER A 817 4.14 -25.12 -56.63
CA SER A 817 4.16 -24.51 -55.30
C SER A 817 4.38 -23.02 -55.50
N LEU A 818 3.81 -22.22 -54.59
CA LEU A 818 3.94 -20.78 -54.72
C LEU A 818 5.40 -20.39 -54.60
N PRO A 819 5.91 -19.52 -55.48
CA PRO A 819 7.35 -19.27 -55.53
C PRO A 819 7.88 -18.73 -54.20
N ARG A 820 9.01 -19.29 -53.77
CA ARG A 820 9.70 -18.75 -52.60
C ARG A 820 10.41 -17.46 -52.94
N THR A 821 11.04 -17.40 -54.12
CA THR A 821 11.74 -16.21 -54.59
C THR A 821 11.33 -15.91 -56.02
N ILE A 822 11.21 -14.63 -56.35
CA ILE A 822 10.97 -14.17 -57.71
C ILE A 822 12.03 -13.13 -58.03
N MET A 823 12.76 -13.33 -59.13
CA MET A 823 13.83 -12.43 -59.55
C MET A 823 14.89 -12.26 -58.47
N GLY A 824 15.14 -13.33 -57.72
CA GLY A 824 16.19 -13.35 -56.73
C GLY A 824 15.82 -12.83 -55.36
N ASN A 825 14.55 -12.49 -55.13
CA ASN A 825 14.12 -11.97 -53.84
C ASN A 825 12.85 -12.67 -53.39
N ASP A 826 12.74 -12.88 -52.08
CA ASP A 826 11.60 -13.58 -51.51
C ASP A 826 10.33 -12.77 -51.72
N VAL A 827 9.25 -13.47 -52.06
CA VAL A 827 7.97 -12.80 -52.30
C VAL A 827 7.39 -12.34 -50.98
N ARG A 828 6.93 -11.10 -50.93
CA ARG A 828 6.32 -10.56 -49.73
C ARG A 828 5.05 -11.30 -49.39
N ARG A 829 4.85 -11.58 -48.10
CA ARG A 829 3.66 -12.26 -47.61
C ARG A 829 2.94 -11.35 -46.63
N ILE A 830 1.66 -11.13 -46.87
CA ILE A 830 0.83 -10.27 -46.04
C ILE A 830 -0.39 -11.06 -45.58
N SER A 831 -0.69 -10.99 -44.28
CA SER A 831 -1.90 -11.61 -43.78
C SER A 831 -3.13 -10.84 -44.26
N TYR A 832 -4.26 -11.53 -44.30
CA TYR A 832 -5.48 -10.93 -44.83
C TYR A 832 -5.94 -9.76 -43.97
N ASN A 833 -5.84 -9.88 -42.65
CA ASN A 833 -6.28 -8.81 -41.77
C ASN A 833 -5.46 -7.54 -41.97
N VAL A 834 -4.13 -7.69 -42.13
CA VAL A 834 -3.28 -6.54 -42.43
C VAL A 834 -3.62 -5.97 -43.80
N PHE A 835 -3.86 -6.84 -44.77
CA PHE A 835 -4.17 -6.38 -46.13
C PHE A 835 -5.50 -5.63 -46.16
N SER A 836 -6.44 -6.02 -45.30
CA SER A 836 -7.74 -5.37 -45.30
C SER A 836 -7.66 -3.93 -44.82
N MET A 837 -6.76 -3.65 -43.88
CA MET A 837 -6.62 -2.33 -43.30
C MET A 837 -5.64 -1.44 -44.04
N MET A 838 -5.01 -1.94 -45.10
CA MET A 838 -4.00 -1.19 -45.82
C MET A 838 -4.61 -0.04 -46.60
N GLU A 839 -4.05 1.15 -46.44
CA GLU A 839 -4.46 2.31 -47.22
C GLU A 839 -3.46 2.65 -48.32
N ASP A 840 -2.30 2.01 -48.33
CA ASP A 840 -1.30 2.18 -49.39
C ASP A 840 -1.27 0.94 -50.30
N ILE A 841 -2.44 0.37 -50.55
CA ILE A 841 -2.51 -0.88 -51.31
C ILE A 841 -2.07 -0.65 -52.75
N ASP A 842 -2.28 0.55 -53.29
CA ASP A 842 -1.90 0.81 -54.68
C ASP A 842 -0.40 0.67 -54.90
N ASP A 843 0.41 1.04 -53.90
CA ASP A 843 1.85 0.86 -54.02
C ASP A 843 2.24 -0.60 -53.84
N VAL A 844 1.54 -1.33 -52.97
CA VAL A 844 1.94 -2.69 -52.65
C VAL A 844 1.71 -3.63 -53.82
N ILE A 845 0.54 -3.52 -54.48
CA ILE A 845 0.21 -4.46 -55.56
C ILE A 845 1.09 -4.26 -56.79
N SER A 846 1.86 -3.18 -56.85
CA SER A 846 2.76 -3.00 -57.98
C SER A 846 3.86 -4.05 -57.99
N GLU A 847 4.36 -4.43 -56.81
CA GLU A 847 5.43 -5.42 -56.73
C GLU A 847 4.90 -6.85 -56.73
N GLY A 848 3.77 -7.10 -56.08
CA GLY A 848 3.26 -8.45 -55.95
C GLY A 848 3.52 -9.01 -54.57
N PHE A 849 2.56 -9.80 -54.09
CA PHE A 849 2.61 -10.32 -52.73
C PHE A 849 1.83 -11.63 -52.67
N ILE A 850 1.89 -12.27 -51.50
CA ILE A 850 1.15 -13.50 -51.23
C ILE A 850 0.24 -13.24 -50.05
N LEU A 851 -1.06 -13.47 -50.23
CA LEU A 851 -2.04 -13.32 -49.17
C LEU A 851 -2.20 -14.66 -48.45
N TYR A 852 -2.08 -14.64 -47.13
CA TYR A 852 -2.17 -15.85 -46.33
C TYR A 852 -2.94 -15.53 -45.04
N ASP A 853 -2.89 -16.46 -44.09
CA ASP A 853 -3.62 -16.36 -42.82
C ASP A 853 -5.13 -16.26 -43.04
N ALA A 854 -5.63 -16.95 -44.05
CA ALA A 854 -7.05 -16.98 -44.33
C ALA A 854 -7.34 -18.20 -45.21
N TYR A 855 -8.62 -18.55 -45.30
CA TYR A 855 -9.07 -19.66 -46.12
C TYR A 855 -9.82 -19.09 -47.33
N PHE A 856 -9.35 -19.44 -48.52
CA PHE A 856 -9.87 -18.87 -49.76
C PHE A 856 -10.66 -19.93 -50.51
N ASN A 857 -11.92 -19.64 -50.79
CA ASN A 857 -12.76 -20.54 -51.57
C ASN A 857 -12.68 -20.16 -53.05
N PHE A 858 -12.43 -21.15 -53.90
CA PHE A 858 -12.27 -20.91 -55.32
C PHE A 858 -12.96 -22.01 -56.11
N SER A 859 -13.39 -21.67 -57.31
CA SER A 859 -13.95 -22.61 -58.27
C SER A 859 -13.38 -22.32 -59.64
N TYR A 860 -13.32 -23.36 -60.48
CA TYR A 860 -12.79 -23.19 -61.83
C TYR A 860 -13.64 -23.97 -62.82
N ASP A 861 -13.75 -23.43 -64.03
CA ASP A 861 -14.46 -24.07 -65.13
C ASP A 861 -13.48 -24.25 -66.28
N ILE A 862 -13.14 -25.49 -66.59
CA ILE A 862 -12.23 -25.78 -67.68
C ILE A 862 -13.02 -25.78 -68.99
N MET A 863 -12.64 -24.91 -69.91
CA MET A 863 -13.33 -24.77 -71.18
C MET A 863 -12.54 -25.49 -72.27
N THR A 864 -13.25 -26.24 -73.12
CA THR A 864 -12.58 -27.06 -74.12
C THR A 864 -11.92 -26.20 -75.20
N THR A 865 -12.53 -25.06 -75.54
CA THR A 865 -12.01 -24.22 -76.60
C THR A 865 -10.80 -23.42 -76.10
N ASP A 866 -10.32 -22.52 -76.96
CA ASP A 866 -9.16 -21.69 -76.66
C ASP A 866 -9.61 -20.24 -76.50
N GLY A 867 -9.10 -19.58 -75.46
CA GLY A 867 -9.47 -18.20 -75.19
C GLY A 867 -8.60 -17.64 -74.09
N VAL A 868 -8.92 -16.41 -73.70
CA VAL A 868 -8.17 -15.72 -72.66
C VAL A 868 -8.58 -16.26 -71.30
N THR A 869 -7.61 -16.72 -70.52
CA THR A 869 -7.86 -17.21 -69.17
C THR A 869 -8.00 -16.02 -68.24
N ARG A 870 -9.20 -15.84 -67.69
CA ARG A 870 -9.48 -14.67 -66.89
C ARG A 870 -10.39 -15.06 -65.72
N LEU A 871 -10.48 -14.16 -64.75
CA LEU A 871 -11.35 -14.35 -63.60
C LEU A 871 -12.72 -13.74 -63.89
N LYS A 872 -13.74 -14.32 -63.25
CA LYS A 872 -15.11 -13.86 -63.49
C LYS A 872 -15.30 -12.42 -63.04
N GLU A 873 -14.76 -12.08 -61.87
CA GLU A 873 -14.89 -10.74 -61.31
C GLU A 873 -13.52 -10.12 -61.11
N ASP A 874 -13.51 -8.88 -60.65
CA ASP A 874 -12.27 -8.19 -60.34
C ASP A 874 -11.59 -8.84 -59.13
N ILE A 875 -10.28 -8.64 -59.05
CA ILE A 875 -9.49 -9.31 -58.01
C ILE A 875 -9.88 -8.79 -56.63
N LEU A 876 -9.94 -7.47 -56.46
CA LEU A 876 -10.17 -6.88 -55.16
C LEU A 876 -11.21 -5.77 -55.25
N ILE A 877 -11.82 -5.47 -54.10
CA ILE A 877 -12.77 -4.37 -53.96
C ILE A 877 -12.24 -3.45 -52.87
N VAL A 878 -12.13 -2.15 -53.18
CA VAL A 878 -11.57 -1.16 -52.27
C VAL A 878 -12.70 -0.27 -51.78
N THR A 879 -12.96 -0.31 -50.47
CA THR A 879 -13.98 0.50 -49.84
C THR A 879 -13.33 1.34 -48.75
N ASP A 880 -14.11 2.26 -48.18
CA ASP A 880 -13.60 3.08 -47.09
C ASP A 880 -13.37 2.24 -45.83
N THR A 881 -14.26 1.30 -45.56
CA THR A 881 -14.14 0.44 -44.39
C THR A 881 -13.45 -0.88 -44.74
N GLY A 882 -12.23 -0.77 -45.25
CA GLY A 882 -11.39 -1.92 -45.48
C GLY A 882 -11.43 -2.42 -46.92
N ASN A 883 -10.50 -3.32 -47.21
CA ASN A 883 -10.39 -3.96 -48.51
C ASN A 883 -10.82 -5.41 -48.40
N ASP A 884 -11.09 -6.04 -49.55
CA ASP A 884 -11.50 -7.43 -49.58
C ASP A 884 -11.18 -8.02 -50.94
N ILE A 885 -11.14 -9.35 -50.99
CA ILE A 885 -10.89 -10.11 -52.21
C ILE A 885 -12.22 -10.66 -52.68
N LYS A 886 -12.59 -10.36 -53.93
CA LYS A 886 -13.85 -10.83 -54.47
C LYS A 886 -13.79 -12.33 -54.73
N PRO A 887 -14.95 -12.99 -54.87
CA PRO A 887 -14.97 -14.44 -55.08
C PRO A 887 -14.17 -14.84 -56.32
N ILE A 888 -13.47 -15.96 -56.20
CA ILE A 888 -12.54 -16.42 -57.22
C ILE A 888 -13.22 -17.47 -58.09
N HIS A 889 -13.31 -17.19 -59.39
CA HIS A 889 -13.83 -18.14 -60.36
C HIS A 889 -12.97 -18.06 -61.61
N PHE A 890 -12.37 -19.18 -62.00
CA PHE A 890 -11.42 -19.22 -63.09
C PHE A 890 -12.10 -19.74 -64.36
N TYR A 891 -11.78 -19.12 -65.50
CA TYR A 891 -12.16 -19.62 -66.81
C TYR A 891 -10.87 -20.02 -67.52
N ILE A 892 -10.51 -21.30 -67.41
CA ILE A 892 -9.24 -21.81 -67.92
C ILE A 892 -9.47 -22.38 -69.32
N TYR A 893 -8.62 -21.99 -70.25
CA TYR A 893 -8.72 -22.42 -71.64
C TYR A 893 -7.45 -23.14 -72.06
N PHE A 894 -7.62 -24.13 -72.94
CA PHE A 894 -6.47 -24.81 -73.51
C PHE A 894 -5.80 -23.94 -74.56
N GLU A 895 -4.50 -24.15 -74.75
CA GLU A 895 -3.64 -23.19 -75.42
C GLU A 895 -3.25 -23.67 -76.82
N ASN A 896 -3.40 -22.79 -77.81
CA ASN A 896 -2.78 -22.93 -79.11
C ASN A 896 -1.69 -21.88 -79.22
N ARG A 897 -0.45 -22.33 -79.34
CA ARG A 897 0.70 -21.44 -79.20
C ARG A 897 0.83 -20.45 -80.35
N ASN A 898 0.19 -20.70 -81.49
CA ASN A 898 0.39 -19.90 -82.69
C ASN A 898 -0.77 -18.94 -82.96
N ASP A 899 -1.64 -18.71 -81.97
CA ASP A 899 -2.72 -17.73 -82.12
C ASP A 899 -2.18 -16.38 -81.66
N LYS A 900 -1.90 -15.50 -82.62
CA LYS A 900 -1.32 -14.20 -82.29
C LYS A 900 -2.34 -13.30 -81.62
N LYS A 901 -3.61 -13.42 -81.99
CA LYS A 901 -4.65 -12.57 -81.41
C LYS A 901 -4.81 -12.84 -79.91
N LEU A 902 -4.91 -14.12 -79.54
CA LEU A 902 -5.12 -14.45 -78.14
C LEU A 902 -3.85 -14.22 -77.32
N ARG A 903 -2.68 -14.25 -77.96
CA ARG A 903 -1.45 -13.98 -77.25
C ARG A 903 -1.35 -12.50 -76.87
N TYR A 904 -1.70 -11.62 -77.80
CA TYR A 904 -1.63 -10.19 -77.53
C TYR A 904 -2.66 -9.77 -76.48
N GLU A 905 -3.84 -10.39 -76.50
CA GLU A 905 -4.86 -10.08 -75.50
C GLU A 905 -4.39 -10.45 -74.10
N SER A 906 -3.73 -11.60 -73.96
CA SER A 906 -3.25 -12.01 -72.65
C SER A 906 -2.20 -11.05 -72.12
N LYS A 907 -1.34 -10.52 -72.99
CA LYS A 907 -0.30 -9.62 -72.54
C LYS A 907 -0.83 -8.23 -72.25
N MET A 908 -1.85 -7.78 -72.98
CA MET A 908 -2.30 -6.40 -72.93
C MET A 908 -3.62 -6.21 -72.18
N ASN A 909 -4.61 -7.07 -72.42
CA ASN A 909 -5.93 -6.82 -71.88
C ASN A 909 -5.98 -7.05 -70.37
N VAL A 910 -5.38 -8.13 -69.90
CA VAL A 910 -5.33 -8.40 -68.47
C VAL A 910 -4.02 -7.83 -67.91
N SER A 911 -4.13 -7.14 -66.78
CA SER A 911 -3.00 -6.46 -66.16
C SER A 911 -2.46 -7.15 -64.93
N TYR A 912 -3.32 -7.82 -64.17
CA TYR A 912 -2.92 -8.55 -62.98
C TYR A 912 -3.46 -9.97 -63.05
N ARG A 913 -2.71 -10.91 -62.47
CA ARG A 913 -3.08 -12.31 -62.51
C ARG A 913 -3.01 -12.90 -61.10
N LEU A 914 -3.90 -13.85 -60.84
CA LEU A 914 -4.00 -14.51 -59.54
C LEU A 914 -3.52 -15.95 -59.68
N TYR A 915 -2.67 -16.39 -58.75
CA TYR A 915 -2.09 -17.72 -58.78
C TYR A 915 -2.41 -18.45 -57.48
N ILE A 916 -2.74 -19.74 -57.61
CA ILE A 916 -2.98 -20.63 -56.49
C ILE A 916 -2.22 -21.92 -56.74
N LYS A 917 -2.01 -22.68 -55.66
CA LYS A 917 -1.38 -23.97 -55.79
C LYS A 917 -2.26 -24.92 -56.61
N THR A 918 -1.63 -25.75 -57.42
CA THR A 918 -2.38 -26.60 -58.33
C THR A 918 -3.23 -27.60 -57.55
N PRO A 919 -4.53 -27.69 -57.81
CA PRO A 919 -5.35 -28.68 -57.11
C PRO A 919 -4.85 -30.09 -57.38
N ALA A 920 -4.89 -30.92 -56.34
CA ALA A 920 -4.42 -32.29 -56.46
C ALA A 920 -5.46 -33.21 -57.09
N CYS A 921 -6.71 -32.75 -57.25
CA CYS A 921 -7.71 -33.55 -57.94
C CYS A 921 -7.41 -33.68 -59.42
N LEU A 922 -6.72 -32.69 -60.00
CA LEU A 922 -6.37 -32.74 -61.41
C LEU A 922 -5.27 -33.75 -61.66
N LEU A 923 -5.35 -34.43 -62.81
CA LEU A 923 -4.39 -35.46 -63.16
C LEU A 923 -4.28 -35.53 -64.67
N PRO A 924 -3.07 -35.42 -65.23
CA PRO A 924 -2.92 -35.50 -66.69
C PRO A 924 -3.27 -36.89 -67.20
N LEU A 925 -3.68 -36.94 -68.47
CA LEU A 925 -4.14 -38.19 -69.05
C LEU A 925 -3.00 -39.19 -69.19
N SER A 926 -1.78 -38.70 -69.42
CA SER A 926 -0.63 -39.59 -69.56
C SER A 926 -0.36 -40.39 -68.29
N ASP A 927 -0.85 -39.92 -67.13
CA ASP A 927 -0.66 -40.60 -65.86
C ASP A 927 -1.93 -41.31 -65.40
N TYR A 928 -2.69 -41.89 -66.32
CA TYR A 928 -3.95 -42.54 -65.96
C TYR A 928 -3.73 -43.80 -65.14
N MET A 929 -2.53 -44.38 -65.19
CA MET A 929 -2.24 -45.55 -64.37
C MET A 929 -2.12 -45.21 -62.90
N ARG A 930 -1.94 -43.93 -62.56
CA ARG A 930 -1.95 -43.53 -61.16
C ARG A 930 -3.35 -43.56 -60.55
N ALA A 931 -4.38 -43.72 -61.37
CA ALA A 931 -5.75 -43.79 -60.90
C ALA A 931 -6.24 -45.22 -60.68
N GLN A 932 -5.37 -46.21 -60.85
CA GLN A 932 -5.76 -47.60 -60.64
C GLN A 932 -5.77 -47.91 -59.14
N HIS A 933 -6.90 -48.42 -58.67
CA HIS A 933 -7.08 -48.67 -57.24
C HIS A 933 -7.83 -49.97 -57.04
N ASP A 934 -7.63 -50.57 -55.87
CA ASP A 934 -8.14 -51.90 -55.56
C ASP A 934 -9.24 -51.82 -54.52
N TYR A 935 -10.36 -52.48 -54.78
CA TYR A 935 -11.45 -52.62 -53.84
C TYR A 935 -11.73 -54.10 -53.63
N VAL A 936 -11.96 -54.49 -52.39
CA VAL A 936 -12.17 -55.88 -52.02
C VAL A 936 -13.60 -56.04 -51.52
N SER A 937 -14.35 -56.97 -52.12
CA SER A 937 -15.70 -57.28 -51.72
C SER A 937 -15.76 -58.68 -51.12
N PRO A 938 -16.49 -58.86 -50.03
CA PRO A 938 -16.55 -60.18 -49.37
C PRO A 938 -17.20 -61.23 -50.27
N SER A 939 -17.06 -62.48 -49.84
CA SER A 939 -17.52 -63.60 -50.64
C SER A 939 -19.04 -63.60 -50.76
N SER A 940 -19.53 -64.04 -51.92
CA SER A 940 -20.96 -64.11 -52.15
C SER A 940 -21.62 -65.24 -51.36
N SER A 941 -20.85 -66.18 -50.85
CA SER A 941 -21.38 -67.29 -50.06
C SER A 941 -21.40 -66.95 -48.57
N ARG A 942 -22.00 -65.81 -48.24
CA ARG A 942 -22.19 -65.38 -46.87
C ARG A 942 -23.65 -65.05 -46.65
N VAL A 943 -24.23 -65.57 -45.59
CA VAL A 943 -25.59 -65.25 -45.18
C VAL A 943 -25.53 -64.42 -43.91
N TYR A 944 -26.31 -63.34 -43.88
CA TYR A 944 -26.32 -62.41 -42.77
C TYR A 944 -27.60 -62.61 -41.97
N ILE A 945 -27.46 -62.84 -40.67
CA ILE A 945 -28.57 -63.20 -39.80
C ILE A 945 -29.05 -61.93 -39.09
N LYS A 946 -30.33 -61.60 -39.27
CA LYS A 946 -30.88 -60.39 -38.68
C LYS A 946 -31.22 -60.59 -37.21
N ASP A 947 -31.70 -61.79 -36.85
CA ASP A 947 -32.09 -62.09 -35.47
C ASP A 947 -31.17 -63.19 -34.95
N PRO A 948 -30.09 -62.84 -34.24
CA PRO A 948 -29.12 -63.86 -33.83
C PRO A 948 -29.45 -64.51 -32.49
N ALA A 949 -30.69 -64.35 -32.01
CA ALA A 949 -31.07 -64.96 -30.75
C ALA A 949 -30.93 -66.47 -30.82
N VAL A 950 -30.51 -67.07 -29.71
CA VAL A 950 -30.14 -68.48 -29.67
C VAL A 950 -31.17 -69.34 -28.96
N VAL A 951 -32.23 -68.75 -28.40
CA VAL A 951 -33.25 -69.51 -27.68
C VAL A 951 -34.64 -69.02 -28.07
N TYR A 952 -35.61 -69.88 -27.85
CA TYR A 952 -37.02 -69.58 -28.07
C TYR A 952 -37.73 -69.47 -26.73
N THR A 953 -38.84 -68.74 -26.73
CA THR A 953 -39.70 -68.72 -25.54
C THR A 953 -40.35 -70.08 -25.34
N ARG A 954 -40.53 -70.45 -24.07
CA ARG A 954 -41.08 -71.77 -23.75
C ARG A 954 -42.48 -71.92 -24.31
N SER A 955 -43.32 -70.90 -24.17
CA SER A 955 -44.68 -70.89 -24.71
C SER A 955 -45.52 -72.05 -24.19
N VAL B 20 -81.35 -157.77 -103.49
CA VAL B 20 -80.19 -157.96 -102.63
C VAL B 20 -80.35 -157.13 -101.36
N GLN B 21 -80.28 -157.80 -100.22
CA GLN B 21 -80.45 -157.12 -98.93
C GLN B 21 -79.17 -156.42 -98.52
N THR B 22 -79.34 -155.23 -97.96
CA THR B 22 -78.20 -154.48 -97.41
C THR B 22 -77.81 -155.05 -96.05
N GLN B 23 -76.51 -154.99 -95.75
CA GLN B 23 -76.01 -155.46 -94.47
C GLN B 23 -76.47 -154.53 -93.35
N ASP B 24 -76.48 -155.08 -92.13
CA ASP B 24 -76.94 -154.31 -90.98
C ASP B 24 -76.05 -153.10 -90.73
N PHE B 25 -74.74 -153.27 -90.82
CA PHE B 25 -73.80 -152.17 -90.64
C PHE B 25 -72.61 -152.38 -91.55
N LYS B 26 -71.91 -151.28 -91.82
CA LYS B 26 -70.75 -151.31 -92.70
C LYS B 26 -69.50 -151.71 -91.93
N THR B 27 -68.59 -152.40 -92.62
CA THR B 27 -67.34 -152.87 -92.05
C THR B 27 -66.21 -152.53 -93.00
N ALA B 28 -64.99 -152.46 -92.45
CA ALA B 28 -63.83 -152.13 -93.26
C ALA B 28 -63.61 -153.17 -94.36
N VAL B 29 -63.81 -154.45 -94.04
CA VAL B 29 -63.60 -155.50 -95.03
C VAL B 29 -64.78 -155.62 -95.98
N GLN B 30 -65.97 -155.25 -95.52
CA GLN B 30 -67.20 -155.41 -96.31
C GLN B 30 -67.99 -154.12 -96.33
N PRO B 31 -67.62 -153.15 -97.16
CA PRO B 31 -68.47 -151.98 -97.36
C PRO B 31 -69.65 -152.29 -98.27
N ASP B 32 -70.78 -151.64 -98.00
CA ASP B 32 -71.99 -151.85 -98.78
C ASP B 32 -71.98 -150.90 -99.99
N THR B 33 -71.06 -151.19 -100.91
CA THR B 33 -70.94 -150.39 -102.12
C THR B 33 -71.98 -150.82 -103.15
N ASN B 34 -72.36 -149.87 -104.01
CA ASN B 34 -73.34 -150.17 -105.05
C ASN B 34 -72.78 -151.17 -106.06
N THR B 35 -71.48 -151.07 -106.36
CA THR B 35 -70.87 -152.01 -107.29
C THR B 35 -70.92 -153.43 -106.74
N ALA B 36 -70.64 -153.60 -105.44
CA ALA B 36 -70.70 -154.92 -104.84
C ALA B 36 -72.10 -155.49 -104.88
N GLN B 37 -73.11 -154.66 -104.64
CA GLN B 37 -74.50 -155.13 -104.70
C GLN B 37 -74.88 -155.52 -106.12
N LEU B 38 -74.33 -154.83 -107.12
CA LEU B 38 -74.58 -155.20 -108.51
C LEU B 38 -73.95 -156.55 -108.84
N ILE B 39 -72.73 -156.80 -108.37
CA ILE B 39 -72.08 -158.08 -108.60
C ILE B 39 -72.83 -159.18 -107.84
N LYS B 40 -73.36 -158.85 -106.66
CA LYS B 40 -74.07 -159.84 -105.86
C LYS B 40 -75.35 -160.32 -106.52
N THR B 41 -75.81 -159.63 -107.56
CA THR B 41 -77.03 -160.05 -108.26
C THR B 41 -76.84 -161.43 -108.88
N TYR B 42 -75.68 -161.69 -109.46
CA TYR B 42 -75.38 -162.98 -110.08
C TYR B 42 -74.37 -163.82 -109.30
N SER B 43 -73.66 -163.22 -108.34
CA SER B 43 -72.68 -163.98 -107.56
C SER B 43 -73.33 -164.63 -106.35
N ASN B 44 -74.12 -163.88 -105.60
CA ASN B 44 -74.75 -164.40 -104.39
C ASN B 44 -76.02 -163.61 -104.08
N PRO B 45 -77.11 -163.83 -104.82
CA PRO B 45 -78.34 -163.04 -104.59
C PRO B 45 -79.12 -163.45 -103.36
N LYS B 46 -78.73 -164.53 -102.68
CA LYS B 46 -79.47 -165.03 -101.53
C LYS B 46 -78.81 -164.67 -100.20
N GLN B 47 -77.81 -163.80 -100.21
CA GLN B 47 -77.13 -163.44 -98.97
C GLN B 47 -78.07 -162.67 -98.06
N ARG B 48 -78.13 -163.07 -96.79
CA ARG B 48 -79.13 -162.52 -95.88
C ARG B 48 -78.79 -161.10 -95.45
N GLY B 49 -77.53 -160.84 -95.16
CA GLY B 49 -77.11 -159.53 -94.71
C GLY B 49 -77.30 -159.26 -93.24
N ASP B 50 -77.78 -160.22 -92.46
CA ASP B 50 -77.96 -160.05 -91.02
C ASP B 50 -76.68 -160.51 -90.33
N LYS B 51 -75.97 -159.56 -89.74
CA LYS B 51 -74.71 -159.90 -89.08
C LYS B 51 -74.95 -160.59 -87.75
N GLY B 52 -76.04 -160.25 -87.07
CA GLY B 52 -76.37 -160.88 -85.80
C GLY B 52 -76.66 -159.86 -84.71
N GLU B 53 -76.90 -160.35 -83.49
CA GLU B 53 -77.12 -159.46 -82.36
C GLU B 53 -75.82 -158.73 -82.01
N ILE B 54 -75.98 -157.49 -81.53
CA ILE B 54 -74.84 -156.64 -81.20
C ILE B 54 -74.62 -156.72 -79.70
N ILE B 55 -73.42 -157.13 -79.30
CA ILE B 55 -73.05 -157.19 -77.89
C ILE B 55 -72.21 -155.99 -77.49
N TYR B 56 -71.19 -155.66 -78.27
CA TYR B 56 -70.33 -154.51 -78.00
C TYR B 56 -70.21 -153.68 -79.26
N ASP B 57 -70.46 -152.37 -79.14
CA ASP B 57 -70.30 -151.45 -80.26
C ASP B 57 -69.63 -150.15 -79.84
N GLY B 58 -69.09 -150.07 -78.64
CA GLY B 58 -68.54 -148.83 -78.12
C GLY B 58 -69.30 -148.37 -76.88
N GLY B 59 -69.08 -147.11 -76.54
CA GLY B 59 -69.78 -146.53 -75.41
C GLY B 59 -69.07 -145.26 -74.95
N LEU B 60 -69.52 -144.77 -73.80
CA LEU B 60 -68.88 -143.61 -73.19
C LEU B 60 -67.47 -143.96 -72.75
N SER B 61 -66.49 -143.19 -73.21
CA SER B 61 -65.09 -143.46 -72.95
C SER B 61 -64.57 -142.48 -71.90
N SER B 62 -63.92 -143.01 -70.88
CA SER B 62 -63.38 -142.19 -69.81
C SER B 62 -62.02 -141.64 -70.21
N LYS B 63 -61.84 -140.34 -70.02
CA LYS B 63 -60.58 -139.65 -70.33
C LYS B 63 -59.84 -139.38 -69.02
N LEU B 64 -58.54 -139.68 -69.02
CA LEU B 64 -57.76 -139.55 -67.80
C LEU B 64 -57.51 -138.10 -67.43
N ALA B 65 -57.14 -137.27 -68.40
CA ALA B 65 -56.67 -135.92 -68.13
C ALA B 65 -57.58 -134.89 -68.79
N ASP B 66 -57.80 -133.78 -68.08
CA ASP B 66 -58.48 -132.61 -68.61
C ASP B 66 -57.45 -131.52 -68.80
N VAL B 67 -57.08 -131.29 -70.05
CA VAL B 67 -55.95 -130.33 -70.30
C VAL B 67 -56.56 -128.97 -70.59
N VAL B 68 -56.44 -128.05 -69.62
CA VAL B 68 -56.98 -126.67 -69.79
C VAL B 68 -56.19 -125.98 -70.88
N ASP B 69 -56.83 -125.71 -72.02
CA ASP B 69 -56.11 -125.11 -73.17
C ASP B 69 -56.16 -123.59 -73.05
N LYS B 70 -55.98 -123.06 -71.83
CA LYS B 70 -55.95 -121.61 -71.69
C LYS B 70 -55.02 -121.25 -70.54
N THR B 71 -54.47 -120.04 -70.59
CA THR B 71 -53.58 -119.59 -69.54
C THR B 71 -54.34 -119.41 -68.24
N THR B 72 -53.81 -119.99 -67.17
CA THR B 72 -54.44 -119.97 -65.86
C THR B 72 -53.55 -119.23 -64.87
N GLU B 73 -54.15 -118.32 -64.10
CA GLU B 73 -53.42 -117.67 -63.04
C GLU B 73 -53.07 -118.68 -61.94
N PRO B 74 -51.97 -118.47 -61.23
CA PRO B 74 -51.55 -119.44 -60.21
C PRO B 74 -52.63 -119.66 -59.16
N HIS B 75 -52.79 -120.93 -58.77
CA HIS B 75 -53.83 -121.32 -57.83
C HIS B 75 -53.32 -122.47 -56.97
N ASN B 76 -53.97 -122.66 -55.83
CA ASN B 76 -53.62 -123.74 -54.92
C ASN B 76 -54.52 -124.95 -55.19
N ALA B 77 -54.42 -125.96 -54.33
CA ALA B 77 -55.14 -127.20 -54.54
C ALA B 77 -56.63 -127.02 -54.24
N ASP B 78 -57.46 -127.50 -55.16
CA ASP B 78 -58.90 -127.54 -54.97
C ASP B 78 -59.43 -128.78 -55.68
N GLY B 79 -60.49 -129.35 -55.11
CA GLY B 79 -61.02 -130.60 -55.62
C GLY B 79 -60.94 -131.72 -54.61
N ALA B 80 -60.25 -132.81 -54.97
CA ALA B 80 -60.05 -133.89 -54.02
C ALA B 80 -59.22 -133.42 -52.83
N VAL B 81 -58.17 -132.64 -53.08
CA VAL B 81 -57.34 -132.06 -52.04
C VAL B 81 -57.63 -130.57 -51.99
N LYS B 82 -58.08 -130.09 -50.84
CA LYS B 82 -58.33 -128.68 -50.60
C LYS B 82 -57.22 -128.12 -49.71
N ASP B 83 -56.63 -127.00 -50.13
CA ASP B 83 -55.53 -126.40 -49.40
C ASP B 83 -56.07 -125.36 -48.43
N GLY B 84 -55.78 -125.55 -47.14
CA GLY B 84 -56.25 -124.62 -46.13
C GLY B 84 -55.42 -123.36 -46.00
N ARG B 85 -54.21 -123.36 -46.56
CA ARG B 85 -53.36 -122.18 -46.51
C ARG B 85 -53.93 -121.06 -47.38
N ILE B 86 -53.45 -119.85 -47.13
CA ILE B 86 -53.94 -118.69 -47.87
C ILE B 86 -53.55 -118.79 -49.33
N ALA B 87 -54.35 -118.19 -50.20
CA ALA B 87 -54.06 -118.19 -51.62
C ALA B 87 -52.78 -117.42 -51.91
N PRO B 88 -52.08 -117.73 -52.99
CA PRO B 88 -50.85 -116.99 -53.32
C PRO B 88 -51.12 -115.50 -53.45
N VAL B 89 -50.23 -114.70 -52.86
CA VAL B 89 -50.42 -113.26 -52.80
C VAL B 89 -49.94 -112.65 -54.12
N LYS B 90 -50.84 -111.94 -54.80
CA LYS B 90 -50.50 -111.26 -56.04
C LYS B 90 -49.81 -109.95 -55.69
N LEU B 91 -48.52 -109.85 -55.99
CA LEU B 91 -47.72 -108.68 -55.66
C LEU B 91 -47.40 -107.91 -56.94
N ASP B 92 -47.72 -106.61 -56.93
CA ASP B 92 -47.47 -105.75 -58.09
C ASP B 92 -46.04 -105.23 -57.98
N LEU B 93 -45.10 -106.07 -58.40
CA LEU B 93 -43.68 -105.78 -58.31
C LEU B 93 -43.11 -105.52 -59.70
N GLU B 94 -41.85 -105.10 -59.71
CA GLU B 94 -41.09 -104.86 -60.95
C GLU B 94 -41.79 -103.84 -61.85
N LYS B 95 -42.19 -102.73 -61.25
CA LYS B 95 -42.77 -101.64 -62.02
C LYS B 95 -41.69 -100.95 -62.86
N GLN B 96 -42.11 -100.36 -63.98
CA GLN B 96 -41.14 -99.71 -64.89
C GLN B 96 -41.14 -98.22 -64.59
N LYS B 97 -42.21 -97.52 -64.95
CA LYS B 97 -42.32 -96.08 -64.56
C LYS B 97 -42.52 -96.05 -63.05
N LEU B 98 -41.96 -95.07 -62.36
CA LEU B 98 -42.04 -95.05 -60.88
C LEU B 98 -43.34 -94.43 -60.41
N ASP B 99 -44.32 -95.25 -60.04
CA ASP B 99 -45.52 -94.68 -59.45
C ASP B 99 -45.54 -94.93 -57.94
N LYS B 100 -46.16 -94.00 -57.21
CA LYS B 100 -46.41 -94.04 -55.78
C LYS B 100 -45.16 -93.81 -54.93
N LEU B 101 -44.02 -93.52 -55.54
CA LEU B 101 -42.79 -93.26 -54.80
C LEU B 101 -42.42 -91.79 -54.92
N LYS B 102 -42.55 -91.05 -53.82
CA LYS B 102 -42.12 -89.66 -53.75
C LYS B 102 -41.24 -89.49 -52.53
N LEU B 103 -40.08 -88.85 -52.73
CA LEU B 103 -39.13 -88.72 -51.62
C LEU B 103 -39.63 -87.73 -50.57
N PHE B 104 -40.31 -86.67 -51.00
CA PHE B 104 -40.84 -85.67 -50.09
C PHE B 104 -42.30 -85.40 -50.42
N GLU B 105 -43.11 -85.12 -49.39
CA GLU B 105 -44.47 -84.68 -49.63
C GLU B 105 -44.47 -83.31 -50.29
N THR B 106 -43.72 -82.37 -49.73
CA THR B 106 -43.43 -81.08 -50.35
C THR B 106 -41.93 -80.91 -50.40
N SER B 107 -41.41 -80.48 -51.55
CA SER B 107 -39.98 -80.35 -51.71
C SER B 107 -39.45 -79.26 -50.78
N PRO B 108 -38.23 -79.42 -50.24
CA PRO B 108 -37.68 -78.37 -49.37
C PRO B 108 -37.56 -77.02 -50.06
N PHE B 109 -37.25 -77.02 -51.35
CA PHE B 109 -37.13 -75.80 -52.14
C PHE B 109 -36.96 -76.20 -53.59
N ASP B 110 -37.35 -75.29 -54.49
CA ASP B 110 -37.16 -75.50 -55.91
C ASP B 110 -35.76 -75.04 -56.30
N PRO B 111 -34.89 -75.93 -56.76
CA PRO B 111 -33.51 -75.50 -57.07
C PRO B 111 -33.43 -74.48 -58.19
N LEU B 112 -34.42 -74.42 -59.07
CA LEU B 112 -34.34 -73.51 -60.21
C LEU B 112 -34.69 -72.08 -59.83
N THR B 113 -35.23 -71.87 -58.63
CA THR B 113 -35.62 -70.53 -58.22
C THR B 113 -34.53 -69.82 -57.44
N ILE B 114 -33.63 -70.56 -56.79
CA ILE B 114 -32.62 -69.94 -55.95
C ILE B 114 -31.50 -69.34 -56.81
N LYS B 115 -30.85 -68.31 -56.28
CA LYS B 115 -29.74 -67.66 -56.95
C LYS B 115 -28.51 -67.50 -56.08
N ASN B 116 -28.62 -67.59 -54.75
CA ASN B 116 -27.48 -67.50 -53.86
C ASN B 116 -27.79 -68.29 -52.60
N ASN B 117 -26.85 -68.26 -51.65
CA ASN B 117 -27.02 -69.01 -50.41
C ASN B 117 -28.17 -68.45 -49.58
N GLN B 118 -28.41 -67.14 -49.66
CA GLN B 118 -29.46 -66.53 -48.87
C GLN B 118 -30.85 -67.01 -49.31
N ASP B 119 -31.04 -67.20 -50.62
CA ASP B 119 -32.35 -67.64 -51.11
C ASP B 119 -32.68 -69.03 -50.58
N VAL B 120 -31.68 -69.89 -50.44
CA VAL B 120 -31.92 -71.22 -49.88
C VAL B 120 -32.37 -71.14 -48.43
N VAL B 121 -31.76 -70.24 -47.66
CA VAL B 121 -32.10 -70.10 -46.25
C VAL B 121 -33.54 -69.61 -46.10
N ASP B 122 -33.93 -68.60 -46.87
CA ASP B 122 -35.29 -68.08 -46.79
C ASP B 122 -36.32 -69.13 -47.22
N LYS B 123 -36.01 -69.88 -48.28
CA LYS B 123 -36.93 -70.91 -48.72
C LYS B 123 -37.05 -72.02 -47.69
N LEU B 124 -35.95 -72.37 -47.03
CA LEU B 124 -35.99 -73.41 -46.01
C LEU B 124 -36.85 -73.00 -44.82
N TYR B 125 -36.82 -71.71 -44.46
CA TYR B 125 -37.67 -71.24 -43.38
C TYR B 125 -39.14 -71.25 -43.77
N ALA B 126 -39.45 -71.01 -45.05
CA ALA B 126 -40.84 -70.97 -45.48
C ALA B 126 -41.47 -72.36 -45.50
N THR B 127 -40.69 -73.37 -45.87
CA THR B 127 -41.18 -74.74 -46.00
C THR B 127 -40.95 -75.58 -44.75
N GLN B 128 -40.44 -74.98 -43.67
CA GLN B 128 -40.12 -75.74 -42.47
C GLN B 128 -41.37 -76.27 -41.77
N SER B 129 -42.55 -75.73 -42.08
CA SER B 129 -43.77 -76.23 -41.45
C SER B 129 -44.15 -77.60 -41.98
N SER B 130 -43.72 -77.94 -43.20
CA SER B 130 -44.06 -79.23 -43.78
C SER B 130 -43.25 -80.36 -43.16
N SER B 131 -42.04 -80.05 -42.69
CA SER B 131 -41.16 -81.09 -42.16
C SER B 131 -41.38 -81.28 -40.66
N ILE B 132 -40.96 -82.45 -40.17
CA ILE B 132 -40.96 -82.72 -38.74
C ILE B 132 -39.81 -81.95 -38.11
N GLN B 133 -40.15 -81.00 -37.23
CA GLN B 133 -39.17 -80.06 -36.70
C GLN B 133 -38.71 -80.52 -35.32
N GLU B 134 -37.39 -80.42 -35.09
CA GLU B 134 -36.86 -80.71 -33.76
C GLU B 134 -37.41 -79.75 -32.73
N VAL B 135 -37.44 -78.46 -33.05
CA VAL B 135 -38.02 -77.43 -32.20
C VAL B 135 -38.96 -76.59 -33.05
N VAL B 136 -40.24 -76.54 -32.68
CA VAL B 136 -41.21 -75.73 -33.39
C VAL B 136 -40.96 -74.26 -33.03
N PRO B 137 -40.74 -73.39 -34.01
CA PRO B 137 -40.35 -72.01 -33.69
C PRO B 137 -41.44 -71.25 -32.96
N THR B 138 -41.00 -70.33 -32.10
CA THR B 138 -41.87 -69.41 -31.38
C THR B 138 -41.16 -68.07 -31.34
N LYS B 139 -41.65 -67.15 -30.51
CA LYS B 139 -41.00 -65.86 -30.36
C LYS B 139 -39.61 -66.03 -29.78
N THR B 140 -38.63 -65.36 -30.38
CA THR B 140 -37.26 -65.47 -29.91
C THR B 140 -37.06 -64.66 -28.63
N PHE B 141 -36.08 -65.08 -27.83
CA PHE B 141 -35.74 -64.42 -26.59
C PHE B 141 -34.29 -63.97 -26.66
N ALA B 142 -34.06 -62.68 -26.46
CA ALA B 142 -32.73 -62.09 -26.59
C ALA B 142 -32.17 -61.72 -25.23
N THR B 143 -30.90 -62.07 -25.02
CA THR B 143 -30.21 -61.77 -23.76
C THR B 143 -29.03 -60.83 -23.95
N GLU B 144 -28.95 -60.15 -25.10
CA GLU B 144 -27.78 -59.33 -25.42
C GLU B 144 -28.19 -58.34 -26.50
N LEU B 145 -28.06 -57.05 -26.21
CA LEU B 145 -28.48 -56.01 -27.14
C LEU B 145 -27.67 -54.75 -26.88
N GLN B 146 -27.04 -54.22 -27.93
CA GLN B 146 -26.30 -52.96 -27.85
C GLN B 146 -26.65 -52.10 -29.06
N PHE B 147 -26.76 -50.80 -28.83
CA PHE B 147 -27.01 -49.83 -29.89
C PHE B 147 -25.78 -48.95 -30.03
N GLY B 148 -25.24 -48.89 -31.25
CA GLY B 148 -24.09 -48.06 -31.51
C GLY B 148 -24.47 -46.67 -31.97
N VAL B 149 -23.51 -45.74 -31.85
CA VAL B 149 -23.74 -44.39 -32.30
C VAL B 149 -23.79 -44.35 -33.82
N THR B 150 -24.59 -43.44 -34.36
CA THR B 150 -24.87 -43.36 -35.78
C THR B 150 -24.22 -42.10 -36.37
N SER B 151 -24.47 -41.88 -37.66
CA SER B 151 -24.02 -40.65 -38.29
C SER B 151 -24.97 -39.49 -38.00
N GLU B 152 -26.24 -39.80 -37.72
CA GLU B 152 -27.21 -38.73 -37.45
C GLU B 152 -26.93 -38.05 -36.12
N ASP B 153 -26.69 -38.82 -35.06
CA ASP B 153 -26.41 -38.22 -33.76
C ASP B 153 -25.03 -37.59 -33.74
N MET B 154 -24.15 -37.98 -34.66
CA MET B 154 -22.85 -37.33 -34.77
C MET B 154 -22.97 -35.96 -35.41
N ALA B 155 -23.88 -35.82 -36.38
CA ALA B 155 -24.11 -34.51 -36.99
C ALA B 155 -24.65 -33.53 -35.97
N LYS B 156 -25.50 -34.02 -35.05
CA LYS B 156 -26.03 -33.16 -34.00
C LYS B 156 -24.92 -32.70 -33.06
N ILE B 157 -24.04 -33.62 -32.67
CA ILE B 157 -22.94 -33.26 -31.78
C ILE B 157 -21.99 -32.31 -32.46
N TYR B 158 -21.66 -32.58 -33.73
CA TYR B 158 -20.76 -31.70 -34.47
C TYR B 158 -21.40 -30.34 -34.70
N GLY B 159 -22.71 -30.30 -34.92
CA GLY B 159 -23.39 -29.02 -35.11
C GLY B 159 -23.39 -28.17 -33.85
N ALA B 160 -23.53 -28.81 -32.69
CA ALA B 160 -23.53 -28.06 -31.43
C ALA B 160 -22.17 -27.43 -31.17
N VAL B 161 -21.09 -28.16 -31.45
CA VAL B 161 -19.75 -27.62 -31.24
C VAL B 161 -19.50 -26.44 -32.17
N ALA B 162 -19.93 -26.54 -33.43
CA ALA B 162 -19.73 -25.44 -34.37
C ALA B 162 -20.51 -24.20 -33.95
N ALA B 163 -21.67 -24.39 -33.31
CA ALA B 163 -22.43 -23.26 -32.80
C ALA B 163 -21.67 -22.52 -31.72
N VAL B 164 -20.99 -23.27 -30.83
CA VAL B 164 -20.22 -22.64 -29.77
C VAL B 164 -19.03 -21.89 -30.33
N SER B 165 -18.34 -22.47 -31.32
CA SER B 165 -17.17 -21.84 -31.90
C SER B 165 -17.54 -20.58 -32.68
N LYS B 166 -18.76 -20.54 -33.23
CA LYS B 166 -19.21 -19.38 -33.99
C LYS B 166 -19.67 -18.23 -33.10
N ASN B 167 -19.72 -18.44 -31.78
CA ASN B 167 -20.17 -17.39 -30.86
C ASN B 167 -19.07 -16.39 -30.53
N VAL B 168 -17.93 -16.43 -31.23
CA VAL B 168 -16.83 -15.52 -30.96
C VAL B 168 -17.16 -14.15 -31.54
N ASN B 169 -16.84 -13.10 -30.79
CA ASN B 169 -17.12 -11.72 -31.19
C ASN B 169 -15.93 -11.16 -31.96
N SER B 170 -16.25 -10.34 -32.97
CA SER B 170 -15.23 -9.77 -33.86
C SER B 170 -14.76 -8.40 -33.40
N SER B 171 -15.67 -7.43 -33.34
CA SER B 171 -15.30 -6.05 -33.02
C SER B 171 -16.57 -5.27 -32.70
N VAL B 172 -16.38 -3.98 -32.39
CA VAL B 172 -17.47 -3.06 -32.12
C VAL B 172 -17.32 -1.84 -33.03
N THR B 173 -18.43 -1.17 -33.28
CA THR B 173 -18.45 0.04 -34.08
C THR B 173 -19.35 1.07 -33.42
N TYR B 174 -18.86 2.30 -33.34
CA TYR B 174 -19.62 3.39 -32.72
C TYR B 174 -19.16 4.71 -33.30
N GLU B 175 -19.96 5.74 -33.09
CA GLU B 175 -19.67 7.09 -33.55
C GLU B 175 -19.20 7.95 -32.39
N VAL B 176 -18.20 8.79 -32.65
CA VAL B 176 -17.67 9.71 -31.66
C VAL B 176 -18.21 11.10 -32.00
N LYS B 177 -19.23 11.53 -31.26
CA LYS B 177 -19.87 12.81 -31.48
C LYS B 177 -19.96 13.67 -30.23
N ARG B 178 -19.62 13.15 -29.05
CA ARG B 178 -19.72 13.93 -27.83
C ARG B 178 -18.71 15.07 -27.84
N GLY B 179 -19.17 16.23 -27.37
CA GLY B 179 -18.35 17.43 -27.35
C GLY B 179 -18.43 18.29 -28.58
N THR B 180 -19.14 17.85 -29.62
CA THR B 180 -19.22 18.59 -30.87
C THR B 180 -20.55 19.33 -30.95
N HIS B 181 -20.49 20.61 -31.31
CA HIS B 181 -21.67 21.43 -31.45
C HIS B 181 -21.64 22.15 -32.80
N GLU B 182 -22.82 22.41 -33.34
CA GLU B 182 -22.91 23.11 -34.61
C GLU B 182 -22.57 24.59 -34.44
N LEU B 183 -22.13 25.21 -35.54
CA LEU B 183 -21.71 26.60 -35.54
C LEU B 183 -22.70 27.43 -36.36
N ILE B 184 -23.10 28.56 -35.81
CA ILE B 184 -23.95 29.50 -36.50
C ILE B 184 -23.09 30.63 -37.06
N LYS B 185 -23.65 31.39 -37.99
CA LYS B 185 -22.92 32.45 -38.67
C LYS B 185 -23.63 33.79 -38.42
N VAL B 186 -22.89 34.76 -37.90
CA VAL B 186 -23.41 36.09 -37.62
C VAL B 186 -23.10 36.99 -38.80
N PRO B 187 -24.10 37.54 -39.49
CA PRO B 187 -23.84 38.26 -40.73
C PRO B 187 -23.44 39.72 -40.55
N THR B 188 -23.74 40.32 -39.40
CA THR B 188 -23.54 41.75 -39.19
C THR B 188 -22.80 41.99 -37.89
N ILE B 189 -22.09 43.12 -37.86
CA ILE B 189 -21.31 43.52 -36.69
C ILE B 189 -22.11 44.58 -35.94
N PRO B 190 -22.44 44.37 -34.67
CA PRO B 190 -23.15 45.41 -33.90
C PRO B 190 -22.17 46.49 -33.47
N HIS B 191 -22.46 47.73 -33.88
CA HIS B 191 -21.64 48.88 -33.51
C HIS B 191 -22.24 49.69 -32.38
N ASN B 192 -23.56 49.85 -32.35
CA ASN B 192 -24.26 50.59 -31.29
C ASN B 192 -23.78 52.02 -31.19
N LEU B 193 -23.75 52.72 -32.33
CA LEU B 193 -23.32 54.11 -32.40
C LEU B 193 -24.39 54.97 -33.04
N VAL B 194 -24.59 56.15 -32.47
CA VAL B 194 -25.50 57.16 -33.02
C VAL B 194 -24.81 58.51 -32.98
N LEU B 195 -24.98 59.29 -34.03
CA LEU B 195 -24.38 60.61 -34.13
C LEU B 195 -25.44 61.66 -33.80
N ILE B 196 -25.18 62.46 -32.76
CA ILE B 196 -26.09 63.51 -32.32
C ILE B 196 -25.48 64.84 -32.71
N GLN B 197 -26.22 65.63 -33.49
CA GLN B 197 -25.76 66.90 -33.99
C GLN B 197 -26.83 67.96 -33.75
N SER B 198 -26.39 69.17 -33.41
CA SER B 198 -27.32 70.26 -33.17
C SER B 198 -27.94 70.74 -34.47
N ASP B 199 -29.02 71.51 -34.35
CA ASP B 199 -29.73 72.00 -35.53
C ASP B 199 -28.86 72.95 -36.34
N ASN B 200 -28.11 73.82 -35.66
CA ASN B 200 -27.24 74.75 -36.37
C ASN B 200 -25.92 74.11 -36.79
N GLY B 201 -25.65 72.89 -36.37
CA GLY B 201 -24.43 72.21 -36.75
C GLY B 201 -23.20 72.61 -35.97
N LYS B 202 -23.34 73.48 -34.97
CA LYS B 202 -22.17 73.97 -34.25
C LYS B 202 -21.51 72.86 -33.44
N HIS B 203 -22.30 71.97 -32.86
CA HIS B 203 -21.79 70.91 -32.00
C HIS B 203 -22.25 69.55 -32.49
N ALA B 204 -21.44 68.53 -32.21
CA ALA B 204 -21.77 67.16 -32.55
C ALA B 204 -21.00 66.22 -31.63
N LEU B 205 -21.54 65.01 -31.46
CA LEU B 205 -20.88 64.01 -30.62
C LEU B 205 -21.37 62.64 -31.04
N ILE B 206 -20.58 61.62 -30.69
CA ILE B 206 -20.90 60.23 -30.98
C ILE B 206 -21.17 59.53 -29.67
N LYS B 207 -22.28 58.78 -29.61
CA LYS B 207 -22.73 58.13 -28.40
C LYS B 207 -22.84 56.63 -28.63
N GLU B 208 -22.39 55.85 -27.65
CA GLU B 208 -22.55 54.41 -27.64
C GLU B 208 -23.75 54.06 -26.77
N ASP B 209 -24.73 53.38 -27.35
CA ASP B 209 -25.98 53.04 -26.67
C ASP B 209 -26.05 51.53 -26.48
N LEU B 210 -25.79 51.08 -25.25
CA LEU B 210 -25.93 49.69 -24.88
C LEU B 210 -27.16 49.42 -24.02
N GLY B 211 -28.04 50.40 -23.89
CA GLY B 211 -29.21 50.29 -23.04
C GLY B 211 -28.96 50.79 -21.64
N GLN B 212 -30.04 50.80 -20.85
CA GLN B 212 -29.99 51.24 -19.46
C GLN B 212 -30.24 50.03 -18.56
N TRP B 213 -29.35 49.81 -17.61
CA TRP B 213 -29.45 48.69 -16.67
C TRP B 213 -29.44 49.23 -15.24
N PRO B 214 -30.61 49.44 -14.64
CA PRO B 214 -30.64 49.95 -13.26
C PRO B 214 -30.03 48.97 -12.28
N VAL B 215 -29.42 49.52 -11.22
CA VAL B 215 -28.71 48.73 -10.22
C VAL B 215 -29.26 49.09 -8.85
N GLU B 216 -29.59 48.08 -8.05
CA GLU B 216 -30.03 48.28 -6.68
C GLU B 216 -28.82 48.26 -5.75
N THR B 217 -28.78 49.20 -4.81
CA THR B 217 -27.61 49.32 -3.94
C THR B 217 -27.55 48.19 -2.93
N GLY B 218 -28.69 47.78 -2.37
CA GLY B 218 -28.67 46.75 -1.34
C GLY B 218 -28.24 45.40 -1.85
N ILE B 219 -28.75 44.99 -3.02
CA ILE B 219 -28.39 43.69 -3.58
C ILE B 219 -26.95 43.71 -4.06
N SER B 220 -26.33 42.53 -4.07
CA SER B 220 -24.93 42.43 -4.47
C SER B 220 -24.76 42.77 -5.95
N LEU B 221 -23.68 43.48 -6.26
CA LEU B 221 -23.44 43.91 -7.63
C LEU B 221 -23.06 42.76 -8.54
N VAL B 222 -22.36 41.74 -8.02
CA VAL B 222 -21.93 40.63 -8.85
C VAL B 222 -23.12 39.82 -9.33
N ASN B 223 -24.14 39.65 -8.47
CA ASN B 223 -25.33 38.91 -8.87
C ASN B 223 -26.07 39.64 -9.99
N GLN B 224 -26.21 40.97 -9.86
CA GLN B 224 -26.87 41.73 -10.91
C GLN B 224 -26.05 41.75 -12.19
N ALA B 225 -24.73 41.84 -12.07
CA ALA B 225 -23.88 41.83 -13.25
C ALA B 225 -24.00 40.52 -14.01
N GLY B 226 -24.05 39.40 -13.29
CA GLY B 226 -24.18 38.12 -13.95
C GLY B 226 -25.52 37.95 -14.65
N VAL B 227 -26.60 38.41 -14.02
CA VAL B 227 -27.92 38.35 -14.65
C VAL B 227 -27.95 39.23 -15.89
N PHE B 228 -27.38 40.44 -15.79
CA PHE B 228 -27.32 41.33 -16.94
C PHE B 228 -26.37 40.81 -18.00
N ALA B 229 -25.36 40.03 -17.62
CA ALA B 229 -24.44 39.46 -18.58
C ALA B 229 -25.15 38.47 -19.51
N VAL B 230 -26.08 37.68 -18.97
CA VAL B 230 -26.82 36.73 -19.79
C VAL B 230 -27.68 37.47 -20.81
N GLN B 231 -28.35 38.54 -20.36
CA GLN B 231 -29.19 39.32 -21.27
C GLN B 231 -28.35 40.03 -22.33
N LEU B 232 -27.22 40.60 -21.93
CA LEU B 232 -26.38 41.31 -22.89
C LEU B 232 -25.80 40.37 -23.93
N ALA B 233 -25.38 39.16 -23.51
CA ALA B 233 -24.87 38.18 -24.46
C ALA B 233 -25.95 37.76 -25.45
N ASN B 234 -27.17 37.55 -24.96
CA ASN B 234 -28.26 37.15 -25.85
C ASN B 234 -28.58 38.25 -26.85
N LYS B 235 -28.62 39.52 -26.40
CA LYS B 235 -28.90 40.61 -27.31
C LYS B 235 -27.81 40.76 -28.37
N LEU B 236 -26.54 40.64 -27.95
CA LEU B 236 -25.43 40.74 -28.89
C LEU B 236 -25.27 39.50 -29.76
N GLY B 237 -25.92 38.40 -29.43
CA GLY B 237 -25.81 37.19 -30.23
C GLY B 237 -24.50 36.46 -30.12
N ILE B 238 -23.93 36.39 -28.91
CA ILE B 238 -22.65 35.74 -28.69
C ILE B 238 -22.74 34.59 -27.69
N ASP B 239 -23.94 34.20 -27.27
CA ASP B 239 -24.07 33.16 -26.27
C ASP B 239 -23.78 31.78 -26.85
N LYS B 240 -24.19 31.54 -28.08
CA LYS B 240 -23.98 30.27 -28.75
C LYS B 240 -22.74 30.34 -29.63
N PRO B 241 -22.09 29.20 -29.90
CA PRO B 241 -20.91 29.22 -30.76
C PRO B 241 -21.25 29.80 -32.13
N PHE B 242 -20.36 30.68 -32.61
CA PHE B 242 -20.65 31.42 -33.83
C PHE B 242 -19.34 31.81 -34.51
N VAL B 243 -19.48 32.16 -35.79
CA VAL B 243 -18.36 32.64 -36.61
C VAL B 243 -18.85 33.85 -37.38
N LEU B 244 -18.07 34.93 -37.37
CA LEU B 244 -18.45 36.15 -38.04
C LEU B 244 -18.34 35.99 -39.55
N ASP B 245 -19.38 36.43 -40.26
CA ASP B 245 -19.39 36.45 -41.72
C ASP B 245 -19.78 37.86 -42.16
N ALA B 246 -18.76 38.72 -42.29
CA ALA B 246 -18.98 40.10 -42.70
C ALA B 246 -18.11 40.49 -43.89
N GLY B 247 -17.47 39.52 -44.55
CA GLY B 247 -16.63 39.83 -45.68
C GLY B 247 -17.40 40.29 -46.91
N SER B 248 -18.68 39.92 -47.01
CA SER B 248 -19.51 40.32 -48.13
C SER B 248 -20.23 41.63 -47.90
N ASN B 249 -20.07 42.26 -46.73
CA ASN B 249 -20.76 43.51 -46.42
C ASN B 249 -19.90 44.69 -46.88
N TYR B 250 -19.97 44.97 -48.17
CA TYR B 250 -19.25 46.09 -48.75
C TYR B 250 -19.93 46.54 -50.03
N PHE B 251 -19.56 47.74 -50.47
CA PHE B 251 -19.98 48.26 -51.76
C PHE B 251 -18.76 48.79 -52.49
N THR B 252 -18.71 48.59 -53.80
CA THR B 252 -17.59 48.99 -54.63
C THR B 252 -17.91 50.27 -55.36
N ASP B 253 -16.87 51.08 -55.59
CA ASP B 253 -17.02 52.32 -56.34
C ASP B 253 -17.33 52.02 -57.80
N THR B 254 -18.00 52.99 -58.44
CA THR B 254 -18.38 52.83 -59.84
C THR B 254 -17.18 52.80 -60.77
N SER B 255 -16.02 53.28 -60.32
CA SER B 255 -14.83 53.29 -61.17
C SER B 255 -14.37 51.86 -61.45
N PHE B 256 -13.98 51.62 -62.70
CA PHE B 256 -13.49 50.32 -63.09
C PHE B 256 -12.17 49.99 -62.40
N ILE B 257 -11.27 50.97 -62.29
CA ILE B 257 -9.93 50.71 -61.75
C ILE B 257 -10.00 50.43 -60.26
N ASP B 258 -10.82 51.19 -59.53
CA ASP B 258 -10.86 51.08 -58.07
C ASP B 258 -11.48 49.76 -57.64
N THR B 259 -10.73 48.97 -56.89
CA THR B 259 -11.19 47.69 -56.36
C THR B 259 -11.24 47.68 -54.83
N ARG B 260 -11.22 48.84 -54.20
CA ARG B 260 -11.29 48.90 -52.75
C ARG B 260 -12.67 48.49 -52.26
N LYS B 261 -12.70 47.79 -51.13
CA LYS B 261 -13.94 47.35 -50.51
C LYS B 261 -14.27 48.29 -49.36
N TYR B 262 -15.39 48.99 -49.47
CA TYR B 262 -15.83 49.93 -48.44
C TYR B 262 -16.91 49.28 -47.61
N CYS B 263 -16.65 49.13 -46.31
CA CYS B 263 -17.54 48.37 -45.43
C CYS B 263 -18.83 49.13 -45.18
N THR B 264 -19.95 48.43 -45.31
CA THR B 264 -21.25 49.02 -44.99
C THR B 264 -21.55 49.00 -43.50
N ASP B 265 -20.87 48.13 -42.75
CA ASP B 265 -21.12 48.02 -41.32
C ASP B 265 -20.51 49.21 -40.58
N GLY B 266 -21.01 49.43 -39.36
CA GLY B 266 -20.52 50.51 -38.53
C GLY B 266 -21.11 51.85 -38.93
N LEU B 267 -20.65 52.88 -38.22
CA LEU B 267 -21.08 54.23 -38.54
C LEU B 267 -20.47 54.69 -39.86
N SER B 268 -21.29 55.21 -40.74
CA SER B 268 -20.85 55.55 -42.08
C SER B 268 -19.86 56.72 -42.03
N PRO B 269 -18.71 56.61 -42.70
CA PRO B 269 -17.79 57.76 -42.77
C PRO B 269 -18.39 58.97 -43.45
N ARG B 270 -19.41 58.78 -44.29
CA ARG B 270 -20.07 59.92 -44.92
C ARG B 270 -20.84 60.74 -43.90
N GLU B 271 -21.40 60.08 -42.89
CA GLU B 271 -22.11 60.80 -41.84
C GLU B 271 -21.16 61.67 -41.03
N ILE B 272 -19.96 61.16 -40.75
CA ILE B 272 -18.96 61.96 -40.04
C ILE B 272 -18.50 63.13 -40.89
N GLN B 273 -18.34 62.90 -42.20
CA GLN B 273 -17.88 63.96 -43.09
C GLN B 273 -18.88 65.11 -43.16
N LYS B 274 -20.17 64.79 -43.26
CA LYS B 274 -21.19 65.83 -43.32
C LYS B 274 -21.26 66.59 -42.01
N ALA B 275 -21.12 65.90 -40.89
CA ALA B 275 -21.17 66.56 -39.58
C ALA B 275 -20.01 67.53 -39.40
N LEU B 276 -18.82 67.12 -39.84
CA LEU B 276 -17.65 67.99 -39.70
C LEU B 276 -17.77 69.23 -40.58
N ASN B 277 -18.27 69.07 -41.80
CA ASN B 277 -18.39 70.21 -42.71
C ASN B 277 -19.42 71.21 -42.21
N ARG B 278 -20.51 70.73 -41.61
CA ARG B 278 -21.50 71.63 -41.03
C ARG B 278 -20.89 72.42 -39.88
N GLN B 279 -20.07 71.78 -39.06
CA GLN B 279 -19.41 72.47 -37.96
C GLN B 279 -18.45 73.54 -38.49
N ARG B 280 -17.75 73.25 -39.58
CA ARG B 280 -16.85 74.24 -40.17
C ARG B 280 -17.62 75.35 -40.88
N ALA B 281 -18.79 75.03 -41.44
CA ALA B 281 -19.57 76.05 -42.13
C ALA B 281 -20.15 77.07 -41.16
N TYR B 282 -20.46 76.65 -39.94
CA TYR B 282 -20.99 77.58 -38.94
C TYR B 282 -19.95 78.64 -38.58
N TYR B 283 -18.69 78.25 -38.43
CA TYR B 283 -17.64 79.13 -37.97
C TYR B 283 -16.94 79.89 -39.09
N ASP B 284 -17.46 79.79 -40.32
CA ASP B 284 -16.86 80.44 -41.47
C ASP B 284 -15.41 80.01 -41.67
N ARG B 285 -15.14 78.74 -41.48
CA ARG B 285 -13.84 78.14 -41.71
C ARG B 285 -13.89 77.26 -42.96
N PRO B 286 -12.76 77.07 -43.63
CA PRO B 286 -12.76 76.27 -44.86
C PRO B 286 -13.21 74.84 -44.60
N GLU B 287 -13.88 74.26 -45.59
CA GLU B 287 -14.32 72.88 -45.50
C GLU B 287 -13.12 71.94 -45.60
N LEU B 288 -13.40 70.64 -45.53
CA LEU B 288 -12.33 69.65 -45.59
C LEU B 288 -11.67 69.65 -46.96
N THR B 289 -10.37 69.46 -46.97
CA THR B 289 -9.61 69.42 -48.22
C THR B 289 -9.93 68.12 -48.97
N ILE B 290 -9.68 68.14 -50.28
CA ILE B 290 -9.93 66.98 -51.12
C ILE B 290 -9.13 65.78 -50.60
N SER B 291 -7.87 66.01 -50.25
CA SER B 291 -7.04 64.93 -49.69
C SER B 291 -7.61 64.43 -48.37
N GLU B 292 -8.05 65.34 -47.50
CA GLU B 292 -8.61 64.94 -46.22
C GLU B 292 -9.90 64.14 -46.40
N ASN B 293 -10.74 64.54 -47.37
CA ASN B 293 -11.96 63.80 -47.63
C ASN B 293 -11.66 62.38 -48.10
N LYS B 294 -10.63 62.21 -48.92
CA LYS B 294 -10.28 60.88 -49.40
C LYS B 294 -9.84 59.98 -48.25
N THR B 295 -9.04 60.51 -47.32
CA THR B 295 -8.58 59.71 -46.20
C THR B 295 -9.74 59.30 -45.30
N LEU B 296 -10.66 60.22 -45.01
CA LEU B 296 -11.76 59.92 -44.11
C LEU B 296 -12.73 58.92 -44.73
N LEU B 297 -13.07 59.10 -46.01
CA LEU B 297 -14.04 58.22 -46.65
C LEU B 297 -13.48 56.84 -46.93
N SER B 298 -12.15 56.69 -46.91
CA SER B 298 -11.50 55.41 -47.14
C SER B 298 -11.17 54.69 -45.83
N GLN B 299 -11.58 55.23 -44.69
CA GLN B 299 -11.21 54.65 -43.40
C GLN B 299 -11.88 53.30 -43.19
N SER B 300 -13.18 53.20 -43.47
CA SER B 300 -13.93 51.98 -43.24
C SER B 300 -13.79 51.08 -44.46
N ILE B 301 -12.98 50.03 -44.35
CA ILE B 301 -12.67 49.15 -45.46
C ILE B 301 -12.57 47.72 -44.96
N ILE B 302 -12.60 46.78 -45.90
CA ILE B 302 -12.33 45.37 -45.64
C ILE B 302 -11.08 44.98 -46.42
N TYR B 303 -10.10 44.43 -45.72
CA TYR B 303 -8.85 44.04 -46.36
C TYR B 303 -8.45 42.63 -45.95
N PRO B 304 -7.75 41.91 -46.82
CA PRO B 304 -7.39 40.52 -46.50
C PRO B 304 -6.23 40.43 -45.53
N ASP B 305 -6.30 39.42 -44.66
CA ASP B 305 -5.24 39.12 -43.72
C ASP B 305 -4.21 38.23 -44.43
N ALA B 306 -3.06 38.01 -43.78
CA ALA B 306 -2.01 37.19 -44.39
C ALA B 306 -2.47 35.77 -44.63
N ASP B 307 -3.29 35.23 -43.73
CA ASP B 307 -3.77 33.85 -43.83
C ASP B 307 -5.14 33.72 -44.48
N GLY B 308 -5.55 34.71 -45.29
CA GLY B 308 -6.77 34.62 -46.05
C GLY B 308 -8.02 35.12 -45.34
N ASN B 309 -7.94 35.47 -44.07
CA ASN B 309 -9.11 36.00 -43.38
C ASN B 309 -9.41 37.42 -43.86
N ASP B 310 -10.66 37.83 -43.66
CA ASP B 310 -11.13 39.17 -44.03
C ASP B 310 -11.26 40.00 -42.76
N VAL B 311 -10.62 41.16 -42.75
CA VAL B 311 -10.61 42.05 -41.60
C VAL B 311 -11.42 43.29 -41.96
N SER B 312 -12.43 43.59 -41.13
CA SER B 312 -13.31 44.73 -41.35
C SER B 312 -12.93 45.84 -40.37
N ILE B 313 -12.60 47.01 -40.90
CA ILE B 313 -12.35 48.21 -40.10
C ILE B 313 -13.59 49.08 -40.19
N ILE B 314 -14.21 49.34 -39.04
CA ILE B 314 -15.44 50.12 -38.96
C ILE B 314 -15.37 51.03 -37.75
N PHE B 315 -16.32 51.95 -37.65
CA PHE B 315 -16.48 52.80 -36.49
C PHE B 315 -17.48 52.15 -35.54
N SER B 316 -17.01 51.71 -34.37
CA SER B 316 -17.85 50.99 -33.42
C SER B 316 -17.44 51.38 -32.01
N GLY B 317 -18.26 50.95 -31.06
CA GLY B 317 -18.05 51.34 -29.68
C GLY B 317 -16.91 50.58 -29.03
N ALA B 318 -16.39 51.17 -27.94
CA ALA B 318 -15.29 50.54 -27.23
C ALA B 318 -15.74 49.28 -26.51
N MET B 319 -16.90 49.34 -25.83
CA MET B 319 -17.38 48.18 -25.10
C MET B 319 -17.97 47.12 -26.03
N SER B 320 -18.69 47.56 -27.06
CA SER B 320 -19.27 46.59 -28.00
C SER B 320 -18.18 45.85 -28.76
N HIS B 321 -17.09 46.55 -29.08
CA HIS B 321 -15.97 45.89 -29.75
C HIS B 321 -15.25 44.94 -28.80
N ALA B 322 -15.05 45.35 -27.55
CA ALA B 322 -14.34 44.52 -26.59
C ALA B 322 -15.09 43.22 -26.31
N ILE B 323 -16.40 43.31 -26.11
CA ILE B 323 -17.18 42.12 -25.78
C ILE B 323 -17.29 41.19 -26.98
N PHE B 324 -17.56 41.74 -28.17
CA PHE B 324 -17.76 40.91 -29.35
C PHE B 324 -16.48 40.17 -29.73
N THR B 325 -15.35 40.87 -29.72
CA THR B 325 -14.10 40.23 -30.15
C THR B 325 -13.60 39.25 -29.10
N TYR B 326 -13.84 39.50 -27.81
CA TYR B 326 -13.49 38.52 -26.80
C TYR B 326 -14.30 37.25 -26.96
N ALA B 327 -15.59 37.39 -27.29
CA ALA B 327 -16.41 36.20 -27.55
C ALA B 327 -15.88 35.41 -28.73
N GLN B 328 -15.43 36.11 -29.77
CA GLN B 328 -14.89 35.43 -30.94
C GLN B 328 -13.65 34.61 -30.57
N SER B 329 -12.77 35.19 -29.76
CA SER B 329 -11.53 34.50 -29.40
C SER B 329 -11.81 33.28 -28.54
N GLN B 330 -12.89 33.31 -27.75
CA GLN B 330 -13.22 32.17 -26.90
C GLN B 330 -13.75 31.00 -27.72
N TRP B 331 -14.60 31.28 -28.71
CA TRP B 331 -15.11 30.21 -29.55
C TRP B 331 -14.05 29.70 -30.51
N ASN B 332 -13.09 30.54 -30.89
CA ASN B 332 -12.12 30.16 -31.91
C ASN B 332 -11.14 29.10 -31.42
N LYS B 333 -10.75 29.16 -30.15
CA LYS B 333 -9.79 28.18 -29.64
C LYS B 333 -10.38 26.79 -29.57
N ASN B 334 -11.70 26.65 -29.70
CA ASN B 334 -12.35 25.35 -29.77
C ASN B 334 -12.70 24.94 -31.19
N ILE B 335 -12.30 25.73 -32.19
CA ILE B 335 -12.48 25.39 -33.59
C ILE B 335 -11.15 24.91 -34.14
N ILE B 336 -11.09 23.64 -34.53
CA ILE B 336 -9.86 23.01 -34.95
C ILE B 336 -10.08 22.28 -36.27
N LYS B 337 -8.98 21.97 -36.95
CA LYS B 337 -9.04 21.28 -38.22
C LYS B 337 -9.51 19.83 -38.03
N LEU B 338 -10.00 19.24 -39.12
CA LEU B 338 -10.46 17.86 -39.06
C LEU B 338 -9.32 16.90 -38.75
N ASP B 339 -8.15 17.14 -39.34
CA ASP B 339 -7.01 16.25 -39.12
C ASP B 339 -6.58 16.24 -37.66
N ASP B 340 -6.57 17.40 -37.02
CA ASP B 340 -6.27 17.46 -35.59
C ASP B 340 -7.33 16.75 -34.77
N TYR B 341 -8.60 16.87 -35.18
CA TYR B 341 -9.68 16.18 -34.49
C TYR B 341 -9.51 14.66 -34.59
N ILE B 342 -9.11 14.17 -35.76
CA ILE B 342 -8.91 12.73 -35.94
C ILE B 342 -7.77 12.24 -35.04
N ARG B 343 -6.71 13.05 -34.92
CA ARG B 343 -5.59 12.67 -34.06
C ARG B 343 -6.03 12.51 -32.61
N GLU B 344 -6.85 13.45 -32.12
CA GLU B 344 -7.35 13.36 -30.77
C GLU B 344 -8.25 12.14 -30.57
N ILE B 345 -9.10 11.85 -31.57
CA ILE B 345 -9.98 10.69 -31.49
C ILE B 345 -9.16 9.40 -31.48
N THR B 346 -8.12 9.34 -32.29
CA THR B 346 -7.32 8.11 -32.41
C THR B 346 -6.65 7.77 -31.08
N LEU B 347 -6.33 8.79 -30.28
CA LEU B 347 -5.68 8.53 -28.99
C LEU B 347 -6.67 7.90 -28.00
N THR B 348 -7.96 8.20 -28.14
CA THR B 348 -8.94 7.70 -27.19
C THR B 348 -9.31 6.25 -27.50
N VAL B 349 -9.47 5.91 -28.78
CA VAL B 349 -9.90 4.59 -29.20
C VAL B 349 -8.75 3.60 -29.00
N PRO B 350 -9.02 2.28 -28.97
CA PRO B 350 -7.93 1.32 -28.84
C PRO B 350 -6.92 1.38 -29.97
N LYS B 351 -5.84 0.62 -29.86
CA LYS B 351 -4.72 0.73 -30.78
C LYS B 351 -5.07 0.28 -32.20
N GLN B 352 -5.92 -0.73 -32.33
CA GLN B 352 -6.24 -1.26 -33.65
C GLN B 352 -7.38 -0.52 -34.34
N TYR B 353 -8.22 0.17 -33.57
CA TYR B 353 -9.35 0.89 -34.15
C TYR B 353 -8.89 2.18 -34.80
N ARG B 354 -9.58 2.57 -35.87
CA ARG B 354 -9.28 3.80 -36.59
C ARG B 354 -10.58 4.45 -37.05
N PRO B 355 -10.58 5.77 -37.21
CA PRO B 355 -11.78 6.45 -37.72
C PRO B 355 -11.87 6.37 -39.24
N ARG B 356 -13.11 6.36 -39.72
CA ARG B 356 -13.36 6.37 -41.16
C ARG B 356 -13.10 7.75 -41.75
N ARG B 357 -12.58 7.77 -42.98
CA ARG B 357 -12.25 9.02 -43.64
C ARG B 357 -13.50 9.73 -44.14
N PHE B 358 -13.44 11.06 -44.12
CA PHE B 358 -14.53 11.91 -44.59
C PHE B 358 -14.36 12.14 -46.09
N LYS B 359 -15.14 13.07 -46.64
CA LYS B 359 -14.96 13.46 -48.03
C LYS B 359 -13.66 14.24 -48.19
N GLU B 360 -13.19 14.32 -49.44
CA GLU B 360 -11.91 14.96 -49.70
C GLU B 360 -11.98 16.46 -49.43
N ILE B 361 -13.13 17.08 -49.67
CA ILE B 361 -13.29 18.50 -49.38
C ILE B 361 -13.19 18.76 -47.89
N GLU B 362 -13.79 17.88 -47.07
CA GLU B 362 -13.77 18.08 -45.63
C GLU B 362 -12.39 17.89 -45.04
N HIS B 363 -11.54 17.09 -45.68
CA HIS B 363 -10.19 16.91 -45.17
C HIS B 363 -9.30 18.12 -45.47
N THR B 364 -9.49 18.74 -46.63
CA THR B 364 -8.66 19.87 -47.02
C THR B 364 -9.04 21.16 -46.30
N HIS B 365 -10.34 21.40 -46.13
CA HIS B 365 -10.82 22.68 -45.61
C HIS B 365 -11.78 22.54 -44.43
N GLY B 366 -11.91 21.35 -43.85
CA GLY B 366 -12.91 21.13 -42.82
C GLY B 366 -12.45 21.58 -41.45
N TYR B 367 -13.42 22.09 -40.68
CA TYR B 367 -13.18 22.50 -39.30
C TYR B 367 -14.35 22.01 -38.44
N VAL B 368 -14.07 21.76 -37.17
CA VAL B 368 -15.07 21.22 -36.25
C VAL B 368 -14.92 21.91 -34.90
N TYR B 369 -16.04 22.17 -34.24
CA TYR B 369 -16.06 22.74 -32.90
C TYR B 369 -16.17 21.60 -31.89
N ARG B 370 -15.25 21.58 -30.93
CA ARG B 370 -15.21 20.55 -29.92
C ARG B 370 -14.95 21.15 -28.55
N GLU B 371 -15.47 20.48 -27.52
CA GLU B 371 -15.24 20.85 -26.13
C GLU B 371 -14.51 19.71 -25.44
N LEU B 372 -13.40 20.03 -24.76
CA LEU B 372 -12.54 19.03 -24.17
C LEU B 372 -12.88 18.73 -22.71
N ASN B 373 -13.87 19.40 -22.14
CA ASN B 373 -14.22 19.20 -20.73
C ASN B 373 -15.00 17.90 -20.59
N GLN B 374 -14.51 17.00 -19.74
CA GLN B 374 -15.17 15.71 -19.56
C GLN B 374 -16.16 15.74 -18.40
N GLY B 375 -15.93 16.61 -17.43
CA GLY B 375 -16.84 16.74 -16.31
C GLY B 375 -16.57 15.74 -15.20
N SER B 376 -17.45 15.78 -14.20
CA SER B 376 -17.33 14.90 -13.04
C SER B 376 -18.72 14.63 -12.48
N LEU B 377 -18.89 13.42 -11.94
CA LEU B 377 -20.12 13.02 -11.28
C LEU B 377 -20.08 13.23 -9.78
N LEU B 378 -18.99 13.76 -9.25
CA LEU B 378 -18.86 13.91 -7.80
C LEU B 378 -19.92 14.81 -7.17
N PRO B 379 -20.29 15.97 -7.74
CA PRO B 379 -21.34 16.77 -7.08
C PRO B 379 -22.65 16.02 -6.88
N LEU B 380 -23.06 15.21 -7.84
CA LEU B 380 -24.23 14.35 -7.61
C LEU B 380 -23.91 13.25 -6.61
N VAL B 381 -22.71 12.69 -6.69
CA VAL B 381 -22.34 11.55 -5.83
C VAL B 381 -22.16 12.00 -4.39
N ASP B 382 -21.47 13.12 -4.16
CA ASP B 382 -21.07 13.51 -2.82
C ASP B 382 -22.30 14.00 -2.07
N ALA B 383 -22.91 13.11 -1.29
CA ALA B 383 -24.08 13.45 -0.49
C ALA B 383 -24.31 12.31 0.51
N ASN B 384 -25.30 12.52 1.37
CA ASN B 384 -25.77 11.46 2.27
C ASN B 384 -26.81 10.64 1.51
N LEU B 385 -26.34 9.57 0.85
CA LEU B 385 -27.18 8.77 -0.03
C LEU B 385 -28.05 7.77 0.70
N LYS B 386 -28.18 7.90 2.02
CA LYS B 386 -28.89 6.89 2.80
C LYS B 386 -30.37 6.80 2.40
N GLU B 387 -31.05 7.93 2.27
CA GLU B 387 -32.47 7.92 1.98
C GLU B 387 -32.76 7.75 0.49
N SER B 388 -31.92 8.31 -0.37
CA SER B 388 -32.13 8.20 -1.81
C SER B 388 -31.66 6.87 -2.38
N SER B 389 -30.97 6.05 -1.59
CA SER B 389 -30.47 4.77 -2.11
C SER B 389 -31.61 3.82 -2.43
N SER B 390 -32.64 3.79 -1.58
CA SER B 390 -33.75 2.87 -1.80
C SER B 390 -34.49 3.19 -3.09
N TYR B 391 -34.71 4.47 -3.38
CA TYR B 391 -35.37 4.86 -4.61
C TYR B 391 -34.51 4.55 -5.82
N TYR B 392 -33.20 4.74 -5.71
CA TYR B 392 -32.29 4.46 -6.82
C TYR B 392 -32.22 2.97 -7.09
N PHE B 393 -32.25 2.15 -6.03
CA PHE B 393 -32.18 0.70 -6.21
C PHE B 393 -33.42 0.18 -6.95
N LYS B 394 -34.58 0.77 -6.69
CA LYS B 394 -35.79 0.35 -7.40
C LYS B 394 -35.68 0.62 -8.89
N LYS B 395 -35.15 1.80 -9.26
CA LYS B 395 -34.95 2.11 -10.66
C LYS B 395 -33.89 1.18 -11.27
N LEU B 396 -32.86 0.85 -10.51
CA LEU B 396 -31.82 -0.06 -11.01
C LEU B 396 -32.39 -1.42 -11.34
N MET B 397 -33.27 -1.95 -10.48
CA MET B 397 -33.84 -3.27 -10.71
C MET B 397 -34.74 -3.28 -11.94
N SER B 398 -35.36 -2.15 -12.25
CA SER B 398 -36.28 -2.09 -13.39
C SER B 398 -35.56 -1.88 -14.72
N SER B 399 -34.29 -1.49 -14.70
CA SER B 399 -33.57 -1.21 -15.94
C SER B 399 -33.43 -2.46 -16.79
N ILE B 400 -33.08 -3.58 -16.18
CA ILE B 400 -32.94 -4.86 -16.89
C ILE B 400 -34.30 -5.52 -16.98
N SER B 401 -34.64 -5.99 -18.18
CA SER B 401 -35.93 -6.65 -18.39
C SER B 401 -36.08 -7.84 -17.47
N ASN B 402 -37.27 -7.98 -16.89
CA ASN B 402 -37.55 -8.98 -15.87
C ASN B 402 -38.24 -10.19 -16.49
N VAL B 403 -37.80 -11.37 -16.07
CA VAL B 403 -38.47 -12.61 -16.48
C VAL B 403 -39.87 -12.64 -15.86
N HIS B 430 -45.73 -30.96 8.82
CA HIS B 430 -46.76 -31.38 7.89
C HIS B 430 -46.61 -30.66 6.55
N VAL B 431 -46.76 -31.41 5.46
CA VAL B 431 -46.59 -30.84 4.12
C VAL B 431 -47.68 -29.81 3.83
N SER B 432 -48.88 -30.03 4.34
CA SER B 432 -50.01 -29.16 4.00
C SER B 432 -49.77 -27.72 4.47
N MET B 433 -49.19 -27.56 5.67
CA MET B 433 -49.00 -26.22 6.21
C MET B 433 -48.08 -25.39 5.32
N LEU B 434 -46.96 -25.98 4.88
CA LEU B 434 -46.04 -25.25 4.02
C LEU B 434 -46.61 -25.04 2.63
N THR B 435 -47.37 -26.00 2.12
CA THR B 435 -47.91 -25.89 0.76
C THR B 435 -48.92 -24.76 0.66
N ASN B 436 -49.85 -24.68 1.62
CA ASN B 436 -50.86 -23.63 1.57
C ASN B 436 -50.28 -22.25 1.88
N ARG B 437 -49.26 -22.20 2.73
CA ARG B 437 -48.64 -20.93 3.09
C ARG B 437 -47.75 -20.36 1.99
N LEU B 438 -47.49 -21.13 0.94
CA LEU B 438 -46.64 -20.67 -0.16
C LEU B 438 -47.32 -19.51 -0.90
N THR B 439 -46.55 -18.47 -1.16
CA THR B 439 -47.05 -17.32 -1.91
C THR B 439 -45.91 -16.71 -2.72
N THR B 440 -46.19 -16.36 -3.97
CA THR B 440 -45.20 -15.79 -4.87
C THR B 440 -45.46 -14.32 -5.17
N ALA B 441 -46.13 -13.61 -4.25
CA ALA B 441 -46.45 -12.20 -4.49
C ALA B 441 -45.22 -11.32 -4.31
N ASN B 442 -44.36 -11.66 -3.35
CA ASN B 442 -43.20 -10.85 -3.01
C ASN B 442 -41.91 -11.37 -3.65
N ALA B 443 -42.02 -12.24 -4.65
CA ALA B 443 -40.84 -12.78 -5.32
C ALA B 443 -39.97 -11.70 -5.94
N PRO B 444 -40.50 -10.70 -6.66
CA PRO B 444 -39.59 -9.66 -7.20
C PRO B 444 -38.83 -8.91 -6.13
N THR B 445 -39.44 -8.69 -4.96
CA THR B 445 -38.75 -7.96 -3.90
C THR B 445 -37.62 -8.77 -3.30
N VAL B 446 -37.85 -10.06 -3.07
CA VAL B 446 -36.80 -10.91 -2.49
C VAL B 446 -35.64 -11.06 -3.46
N ARG B 447 -35.93 -11.17 -4.75
CA ARG B 447 -34.86 -11.27 -5.74
C ARG B 447 -34.01 -10.00 -5.76
N ALA B 448 -34.65 -8.84 -5.65
CA ALA B 448 -33.91 -7.58 -5.62
C ALA B 448 -33.01 -7.52 -4.39
N ILE B 449 -33.50 -7.99 -3.24
CA ILE B 449 -32.68 -8.03 -2.04
C ILE B 449 -31.54 -9.03 -2.22
N THR B 450 -31.79 -10.13 -2.92
CA THR B 450 -30.74 -11.11 -3.17
C THR B 450 -29.62 -10.50 -4.00
N VAL B 451 -29.96 -9.72 -5.03
CA VAL B 451 -28.94 -9.07 -5.85
C VAL B 451 -28.16 -8.05 -5.03
N LEU B 452 -28.87 -7.24 -4.24
CA LEU B 452 -28.21 -6.17 -3.50
C LEU B 452 -27.25 -6.72 -2.45
N THR B 453 -27.63 -7.78 -1.76
CA THR B 453 -26.77 -8.35 -0.73
C THR B 453 -25.49 -8.90 -1.33
N CYS B 454 -25.58 -9.52 -2.51
CA CYS B 454 -24.38 -10.03 -3.18
C CYS B 454 -23.51 -8.89 -3.68
N MET B 455 -24.13 -7.81 -4.17
CA MET B 455 -23.36 -6.69 -4.71
C MET B 455 -22.68 -5.88 -3.61
N PHE B 456 -23.38 -5.58 -2.53
CA PHE B 456 -22.85 -4.77 -1.44
C PHE B 456 -22.69 -5.63 -0.20
N LYS B 457 -21.47 -5.64 0.36
CA LYS B 457 -21.21 -6.43 1.55
C LYS B 457 -21.84 -5.82 2.80
N GLN B 458 -22.04 -4.50 2.80
CA GLN B 458 -22.50 -3.83 4.01
C GLN B 458 -23.96 -4.12 4.32
N PHE B 459 -24.73 -4.58 3.34
CA PHE B 459 -26.14 -4.87 3.57
C PHE B 459 -26.29 -6.20 4.31
N ARG B 460 -27.42 -6.36 4.98
CA ARG B 460 -27.65 -7.49 5.86
C ARG B 460 -29.05 -8.06 5.64
N ILE B 461 -29.24 -9.28 6.11
CA ILE B 461 -30.50 -10.00 6.01
C ILE B 461 -30.98 -10.34 7.40
N GLY B 462 -32.27 -10.08 7.67
CA GLY B 462 -32.85 -10.34 8.97
C GLY B 462 -34.19 -11.04 8.86
N MET B 463 -34.66 -11.54 10.00
CA MET B 463 -35.93 -12.24 10.09
C MET B 463 -36.56 -12.02 11.44
N THR B 464 -37.87 -12.27 11.50
CA THR B 464 -38.63 -12.27 12.74
C THR B 464 -39.59 -13.45 12.71
N TYR B 465 -39.44 -14.37 13.65
CA TYR B 465 -40.29 -15.54 13.75
C TYR B 465 -41.33 -15.35 14.85
N ALA B 466 -42.31 -16.25 14.86
CA ALA B 466 -43.38 -16.19 15.83
C ALA B 466 -42.89 -16.66 17.20
N LEU B 467 -43.71 -16.40 18.22
CA LEU B 467 -43.37 -16.84 19.57
C LEU B 467 -43.35 -18.36 19.66
N ASP B 468 -44.23 -19.02 18.92
CA ASP B 468 -44.22 -20.48 18.82
C ASP B 468 -43.91 -20.87 17.38
N PRO B 469 -42.65 -21.17 17.06
CA PRO B 469 -42.31 -21.48 15.67
C PRO B 469 -43.00 -22.74 15.18
N ASN B 470 -43.38 -22.72 13.91
CA ASN B 470 -43.94 -23.88 13.23
C ASN B 470 -42.86 -24.48 12.33
N ILE B 471 -43.25 -25.48 11.52
CA ILE B 471 -42.30 -26.12 10.64
C ILE B 471 -41.83 -25.17 9.55
N MET B 472 -42.64 -24.17 9.20
CA MET B 472 -42.23 -23.21 8.19
C MET B 472 -41.14 -22.29 8.71
N ASP B 473 -41.22 -21.91 9.99
CA ASP B 473 -40.21 -21.03 10.56
C ASP B 473 -38.84 -21.70 10.58
N VAL B 474 -38.79 -22.99 10.90
CA VAL B 474 -37.53 -23.73 10.84
C VAL B 474 -37.07 -23.87 9.39
N ALA B 475 -38.00 -24.14 8.48
CA ALA B 475 -37.65 -24.25 7.07
C ALA B 475 -37.09 -22.94 6.54
N ALA B 476 -37.69 -21.82 6.92
CA ALA B 476 -37.17 -20.52 6.51
C ALA B 476 -35.80 -20.25 7.14
N ALA B 477 -35.62 -20.64 8.40
CA ALA B 477 -34.35 -20.39 9.08
C ALA B 477 -33.22 -21.19 8.45
N THR B 478 -33.48 -22.46 8.10
CA THR B 478 -32.42 -23.28 7.54
C THR B 478 -32.14 -22.91 6.08
N CYS B 479 -33.11 -22.35 5.37
CA CYS B 479 -32.87 -21.91 4.01
C CYS B 479 -31.96 -20.68 3.97
N MET B 480 -32.06 -19.83 4.99
CA MET B 480 -31.20 -18.65 5.05
C MET B 480 -29.77 -19.03 5.38
N LEU B 481 -29.57 -19.90 6.37
CA LEU B 481 -28.22 -20.28 6.77
C LEU B 481 -27.50 -21.07 5.70
N LEU B 482 -28.24 -21.63 4.73
CA LEU B 482 -27.63 -22.45 3.68
C LEU B 482 -27.31 -21.65 2.43
N PHE B 483 -28.26 -20.82 1.96
CA PHE B 483 -28.15 -20.17 0.66
C PHE B 483 -28.08 -18.66 0.76
N ARG B 484 -27.58 -18.12 1.87
CA ARG B 484 -27.29 -16.71 2.00
C ARG B 484 -25.88 -16.53 2.53
N PRO B 485 -25.20 -15.47 2.14
CA PRO B 485 -23.81 -15.28 2.60
C PRO B 485 -23.73 -15.16 4.11
N ALA B 486 -22.69 -15.77 4.67
CA ALA B 486 -22.47 -15.66 6.12
C ALA B 486 -22.08 -14.24 6.51
N GLN B 487 -21.58 -13.45 5.56
CA GLN B 487 -21.24 -12.07 5.86
C GLN B 487 -22.48 -11.19 5.93
N SER B 488 -23.61 -11.69 5.43
CA SER B 488 -24.86 -10.93 5.51
C SER B 488 -25.64 -11.24 6.77
N ILE B 489 -25.48 -12.43 7.34
CA ILE B 489 -26.16 -12.81 8.57
C ILE B 489 -25.28 -12.41 9.74
N SER B 490 -25.81 -11.59 10.63
CA SER B 490 -25.05 -11.09 11.77
C SER B 490 -25.00 -12.13 12.88
N ASP B 491 -24.14 -11.88 13.86
CA ASP B 491 -24.02 -12.78 15.00
C ASP B 491 -25.32 -12.85 15.80
N GLU B 492 -25.99 -11.70 15.96
CA GLU B 492 -27.25 -11.68 16.71
C GLU B 492 -28.35 -12.41 15.93
N GLN B 493 -28.40 -12.22 14.62
CA GLN B 493 -29.36 -12.97 13.80
C GLN B 493 -29.03 -14.46 13.81
N TYR B 494 -27.74 -14.79 13.85
CA TYR B 494 -27.33 -16.19 13.89
C TYR B 494 -27.84 -16.88 15.16
N ARG B 495 -27.75 -16.21 16.30
CA ARG B 495 -28.25 -16.79 17.54
C ARG B 495 -29.76 -16.94 17.51
N TYR B 496 -30.47 -15.97 16.95
CA TYR B 496 -31.92 -16.04 16.84
C TYR B 496 -32.35 -17.19 15.94
N CYS B 497 -31.61 -17.42 14.85
CA CYS B 497 -31.92 -18.55 13.98
C CYS B 497 -31.64 -19.88 14.68
N LEU B 498 -30.61 -19.92 15.52
CA LEU B 498 -30.36 -21.12 16.31
C LEU B 498 -31.44 -21.33 17.36
N GLN B 499 -31.91 -20.24 17.97
CA GLN B 499 -32.92 -20.34 19.01
C GLN B 499 -34.24 -20.85 18.46
N THR B 500 -34.66 -20.38 17.29
CA THR B 500 -35.94 -20.79 16.74
C THR B 500 -35.91 -22.25 16.30
N MET B 501 -34.73 -22.74 15.92
CA MET B 501 -34.60 -24.15 15.59
C MET B 501 -34.62 -25.01 16.85
N ALA B 502 -33.99 -24.53 17.92
CA ALA B 502 -33.98 -25.27 19.18
C ALA B 502 -35.38 -25.34 19.79
N VAL B 503 -36.17 -24.28 19.65
CA VAL B 503 -37.50 -24.26 20.25
C VAL B 503 -38.39 -25.30 19.57
N PHE B 504 -38.23 -25.49 18.27
CA PHE B 504 -39.06 -26.45 17.54
C PHE B 504 -38.51 -27.87 17.66
N LEU B 505 -37.25 -28.07 17.28
CA LEU B 505 -36.69 -29.42 17.27
C LEU B 505 -36.56 -29.98 18.68
N THR B 506 -36.13 -29.17 19.63
CA THR B 506 -36.07 -29.57 21.03
C THR B 506 -37.26 -28.99 21.79
N ASN B 507 -37.74 -29.73 22.78
CA ASN B 507 -38.90 -29.28 23.54
C ASN B 507 -38.51 -28.18 24.52
N THR B 508 -38.51 -26.93 24.06
CA THR B 508 -38.14 -25.81 24.91
C THR B 508 -38.83 -24.56 24.38
N THR B 509 -38.88 -23.53 25.22
CA THR B 509 -39.45 -22.25 24.87
C THR B 509 -38.37 -21.19 24.77
N TYR B 510 -38.75 -20.01 24.25
CA TYR B 510 -37.78 -18.95 24.03
C TYR B 510 -37.18 -18.45 25.33
N ASP B 511 -37.98 -18.41 26.40
CA ASP B 511 -37.48 -17.90 27.67
C ASP B 511 -36.41 -18.81 28.26
N ILE B 512 -36.51 -20.11 28.02
CA ILE B 512 -35.52 -21.04 28.55
C ILE B 512 -34.21 -20.92 27.77
N VAL B 513 -34.29 -20.88 26.43
CA VAL B 513 -33.08 -20.79 25.61
C VAL B 513 -32.49 -19.39 25.59
N ASN B 514 -33.09 -18.43 26.29
CA ASN B 514 -32.49 -17.12 26.43
C ASN B 514 -31.26 -17.20 27.32
N ASN B 515 -30.34 -16.27 27.14
CA ASN B 515 -29.06 -16.26 27.84
C ASN B 515 -28.25 -17.51 27.55
N ASP B 516 -28.43 -18.11 26.38
CA ASP B 516 -27.69 -19.28 25.94
C ASP B 516 -26.75 -18.88 24.83
N THR B 517 -25.48 -19.28 24.95
CA THR B 517 -24.49 -18.93 23.95
C THR B 517 -24.69 -19.76 22.69
N ILE B 518 -23.98 -19.36 21.63
CA ILE B 518 -24.09 -20.07 20.35
C ILE B 518 -23.58 -21.50 20.49
N ASP B 519 -22.49 -21.68 21.23
CA ASP B 519 -21.90 -23.01 21.37
C ASP B 519 -22.87 -23.96 22.09
N VAL B 520 -23.55 -23.48 23.13
CA VAL B 520 -24.51 -24.31 23.85
C VAL B 520 -25.67 -24.71 22.94
N LEU B 521 -26.16 -23.75 22.14
CA LEU B 521 -27.26 -24.05 21.23
C LEU B 521 -26.84 -25.05 20.16
N LYS B 522 -25.60 -24.94 19.66
CA LYS B 522 -25.11 -25.91 18.69
C LYS B 522 -25.04 -27.30 19.28
N MET B 523 -24.60 -27.41 20.54
CA MET B 523 -24.53 -28.71 21.20
C MET B 523 -25.91 -29.31 21.38
N LYS B 524 -26.90 -28.48 21.73
CA LYS B 524 -28.26 -28.98 21.92
C LYS B 524 -28.83 -29.55 20.62
N LEU B 525 -28.60 -28.85 19.51
CA LEU B 525 -29.19 -29.28 18.24
C LEU B 525 -28.47 -30.50 17.69
N ARG B 526 -27.15 -30.57 17.86
CA ARG B 526 -26.39 -31.70 17.35
C ARG B 526 -26.76 -33.00 18.07
N ASN B 527 -26.96 -32.92 19.39
CA ASN B 527 -27.37 -34.11 20.14
C ASN B 527 -28.74 -34.59 19.68
N GLN B 528 -29.66 -33.67 19.42
CA GLN B 528 -30.97 -34.04 18.90
C GLN B 528 -30.89 -34.65 17.51
N GLY B 529 -29.82 -34.40 16.77
CA GLY B 529 -29.66 -34.92 15.43
C GLY B 529 -29.81 -33.90 14.32
N TRP B 530 -29.64 -32.61 14.61
CA TRP B 530 -29.79 -31.56 13.61
C TRP B 530 -28.42 -31.06 13.21
N PRO B 531 -27.99 -31.25 11.96
CA PRO B 531 -26.63 -30.85 11.57
C PRO B 531 -26.49 -29.44 11.03
N PHE B 532 -27.59 -28.76 10.69
CA PHE B 532 -27.54 -27.42 10.11
C PHE B 532 -27.48 -26.39 11.23
N VAL B 533 -26.26 -26.16 11.73
CA VAL B 533 -26.06 -25.28 12.87
C VAL B 533 -24.93 -24.29 12.60
N GLU B 534 -24.51 -24.17 11.35
CA GLU B 534 -23.38 -23.31 11.01
C GLU B 534 -23.71 -22.43 9.82
N ARG B 535 -23.02 -21.30 9.74
CA ARG B 535 -23.11 -20.40 8.61
C ARG B 535 -22.06 -20.77 7.56
N TYR B 536 -22.34 -20.44 6.32
CA TYR B 536 -21.46 -20.77 5.20
C TYR B 536 -21.07 -19.51 4.46
N ASN B 537 -19.76 -19.31 4.28
CA ASN B 537 -19.26 -18.14 3.58
C ASN B 537 -19.49 -18.27 2.09
N ALA B 538 -19.62 -17.13 1.42
CA ALA B 538 -19.84 -17.07 -0.01
C ALA B 538 -18.53 -16.74 -0.72
N VAL B 539 -18.34 -17.35 -1.89
CA VAL B 539 -17.14 -17.10 -2.68
C VAL B 539 -17.30 -15.80 -3.44
N GLU B 540 -16.18 -15.09 -3.61
CA GLU B 540 -16.15 -13.79 -4.27
C GLU B 540 -15.86 -13.99 -5.75
N ILE B 541 -16.73 -13.47 -6.60
CA ILE B 541 -16.57 -13.59 -8.04
C ILE B 541 -15.90 -12.33 -8.57
N ASP B 542 -14.78 -12.49 -9.27
CA ASP B 542 -13.98 -11.37 -9.71
C ASP B 542 -14.56 -10.81 -11.00
N MET B 543 -14.98 -9.55 -10.96
CA MET B 543 -15.70 -8.94 -12.06
C MET B 543 -14.93 -7.74 -12.62
N SER B 544 -14.97 -7.60 -13.94
CA SER B 544 -14.41 -6.44 -14.63
C SER B 544 -15.44 -5.89 -15.62
N VAL B 545 -15.42 -4.57 -15.78
CA VAL B 545 -16.25 -3.89 -16.78
C VAL B 545 -15.34 -3.34 -17.86
N GLU B 546 -15.64 -3.67 -19.12
CA GLU B 546 -14.78 -3.26 -20.21
C GLU B 546 -14.76 -1.73 -20.32
N PRO B 547 -13.62 -1.15 -20.72
CA PRO B 547 -13.50 0.31 -20.70
C PRO B 547 -14.46 1.03 -21.64
N LEU B 548 -14.43 0.71 -22.92
CA LEU B 548 -15.16 1.44 -23.96
C LEU B 548 -14.74 2.91 -23.84
N ARG B 549 -15.66 3.85 -23.70
CA ARG B 549 -15.27 5.26 -23.56
C ARG B 549 -14.75 5.54 -22.16
N SER B 550 -15.35 4.92 -21.15
CA SER B 550 -14.94 5.12 -19.77
C SER B 550 -13.62 4.40 -19.48
N PRO B 551 -12.92 4.79 -18.41
CA PRO B 551 -11.67 4.08 -18.07
C PRO B 551 -11.87 2.60 -17.79
N GLY B 552 -12.98 2.22 -17.17
CA GLY B 552 -13.22 0.84 -16.81
C GLY B 552 -13.10 0.62 -15.31
N GLN B 553 -13.81 -0.40 -14.83
CA GLN B 553 -13.89 -0.70 -13.41
C GLN B 553 -13.64 -2.17 -13.16
N VAL B 554 -13.22 -2.48 -11.93
CA VAL B 554 -13.11 -3.85 -11.45
C VAL B 554 -13.83 -3.93 -10.11
N GLY B 555 -14.27 -5.13 -9.76
CA GLY B 555 -15.00 -5.29 -8.52
C GLY B 555 -15.18 -6.76 -8.19
N ARG B 556 -15.83 -7.00 -7.05
CA ARG B 556 -16.09 -8.33 -6.56
C ARG B 556 -17.52 -8.41 -6.04
N TYR B 557 -18.17 -9.55 -6.27
CA TYR B 557 -19.50 -9.79 -5.74
C TYR B 557 -19.61 -11.25 -5.30
N TYR B 558 -20.39 -11.48 -4.26
CA TYR B 558 -20.61 -12.83 -3.76
C TYR B 558 -21.42 -13.65 -4.76
N ASN B 559 -21.02 -14.89 -4.96
CA ASN B 559 -21.77 -15.76 -5.84
C ASN B 559 -23.08 -16.16 -5.17
N PRO B 560 -24.22 -16.06 -5.86
CA PRO B 560 -25.50 -16.34 -5.22
C PRO B 560 -25.60 -17.78 -4.73
N PHE B 561 -26.35 -17.96 -3.65
CA PHE B 561 -26.76 -19.26 -3.13
C PHE B 561 -25.60 -20.10 -2.62
N ASN B 562 -24.46 -19.47 -2.32
CA ASN B 562 -23.31 -20.16 -1.71
C ASN B 562 -22.86 -21.35 -2.55
N ILE B 563 -22.67 -21.12 -3.85
CA ILE B 563 -22.22 -22.15 -4.78
C ILE B 563 -20.84 -21.76 -5.30
N ASP B 564 -19.90 -22.68 -5.18
CA ASP B 564 -18.56 -22.45 -5.68
C ASP B 564 -18.49 -22.80 -7.16
N PRO B 565 -18.21 -21.86 -8.05
CA PRO B 565 -18.21 -22.17 -9.49
C PRO B 565 -17.15 -23.18 -9.88
N LEU B 566 -16.04 -23.29 -9.14
CA LEU B 566 -15.01 -24.25 -9.48
C LEU B 566 -15.51 -25.68 -9.28
N THR B 567 -16.27 -25.92 -8.21
CA THR B 567 -16.82 -27.24 -7.94
C THR B 567 -18.28 -27.37 -8.38
N LYS B 568 -18.94 -26.26 -8.72
CA LYS B 568 -20.32 -26.27 -9.19
C LYS B 568 -21.26 -26.90 -8.17
N LYS B 569 -20.91 -26.81 -6.89
CA LYS B 569 -21.70 -27.38 -5.81
C LYS B 569 -21.72 -26.42 -4.64
N HIS B 570 -22.55 -26.75 -3.64
CA HIS B 570 -22.60 -25.95 -2.43
C HIS B 570 -21.26 -26.01 -1.70
N VAL B 571 -20.97 -24.97 -0.93
CA VAL B 571 -19.68 -24.86 -0.27
C VAL B 571 -19.50 -25.98 0.74
N GLU B 572 -20.58 -26.38 1.42
CA GLU B 572 -20.53 -27.51 2.33
C GLU B 572 -20.53 -28.80 1.53
N ASP B 573 -19.49 -29.61 1.71
CA ASP B 573 -19.35 -30.87 0.99
C ASP B 573 -20.11 -32.02 1.63
N ARG B 574 -20.66 -31.83 2.83
CA ARG B 574 -21.41 -32.86 3.52
C ARG B 574 -22.91 -32.60 3.45
N LEU B 575 -23.35 -31.82 2.48
CA LEU B 575 -24.76 -31.41 2.41
C LEU B 575 -25.66 -32.61 2.17
N GLU B 576 -25.30 -33.48 1.22
CA GLU B 576 -26.12 -34.64 0.92
C GLU B 576 -26.22 -35.56 2.14
N GLU B 577 -25.10 -35.76 2.83
CA GLU B 577 -25.10 -36.58 4.04
C GLU B 577 -26.00 -35.97 5.12
N PHE B 578 -25.99 -34.63 5.23
CA PHE B 578 -26.83 -33.97 6.23
C PHE B 578 -28.31 -34.19 5.94
N ILE B 579 -28.72 -34.10 4.68
CA ILE B 579 -30.13 -34.26 4.33
C ILE B 579 -30.59 -35.67 4.66
N ASN B 580 -29.77 -36.67 4.37
CA ASN B 580 -30.11 -38.05 4.72
C ASN B 580 -30.21 -38.22 6.22
N GLN B 581 -29.33 -37.57 6.98
CA GLN B 581 -29.36 -37.67 8.43
C GLN B 581 -30.66 -37.10 9.00
N VAL B 582 -31.13 -35.99 8.43
CA VAL B 582 -32.39 -35.39 8.87
C VAL B 582 -33.55 -36.33 8.58
N GLN B 583 -33.54 -36.97 7.41
CA GLN B 583 -34.69 -37.83 7.00
C GLN B 583 -34.90 -38.95 8.02
N VAL B 584 -33.84 -39.62 8.44
CA VAL B 584 -33.97 -40.76 9.39
C VAL B 584 -34.15 -40.26 10.83
N GLY B 585 -33.84 -38.98 11.10
CA GLY B 585 -33.88 -38.43 12.48
C GLY B 585 -35.30 -38.28 13.05
N ARG B 586 -35.47 -38.52 14.35
CA ARG B 586 -36.81 -38.29 14.99
C ARG B 586 -36.76 -36.93 15.69
N PHE B 587 -37.74 -36.04 15.44
CA PHE B 587 -37.62 -34.67 16.01
C PHE B 587 -38.91 -34.18 16.67
N ARG B 588 -38.78 -33.35 17.73
CA ARG B 588 -39.97 -32.78 18.44
C ARG B 588 -40.59 -33.82 19.36
N ASN B 589 -40.24 -35.10 19.20
CA ASN B 589 -40.79 -36.21 20.00
C ASN B 589 -39.78 -37.35 19.83
N ALA B 590 -39.75 -38.32 20.74
CA ALA B 590 -38.85 -39.47 20.54
C ALA B 590 -39.46 -40.36 19.47
N SER B 591 -40.80 -40.41 19.38
CA SER B 591 -41.44 -41.16 18.28
C SER B 591 -41.56 -40.20 17.09
N GLY B 592 -41.52 -40.70 15.85
CA GLY B 592 -41.50 -39.79 14.69
C GLY B 592 -42.73 -38.92 14.57
N ASN B 593 -42.54 -37.63 14.26
CA ASN B 593 -43.70 -36.71 14.03
C ASN B 593 -43.79 -36.38 12.54
N ALA B 594 -42.95 -37.00 11.69
CA ALA B 594 -42.90 -36.74 10.23
C ALA B 594 -42.16 -35.43 9.94
N VAL B 595 -41.59 -34.81 10.98
CA VAL B 595 -40.84 -33.54 10.82
C VAL B 595 -39.63 -33.82 9.92
N GLY B 596 -38.92 -34.91 10.18
CA GLY B 596 -37.69 -35.21 9.41
C GLY B 596 -37.98 -35.44 7.94
N THR B 597 -39.02 -36.22 7.64
CA THR B 597 -39.38 -36.52 6.24
C THR B 597 -39.81 -35.24 5.53
N THR B 598 -40.60 -34.39 6.19
CA THR B 598 -41.12 -33.17 5.52
C THR B 598 -39.97 -32.19 5.29
N LEU B 599 -39.11 -32.01 6.28
CA LEU B 599 -38.01 -31.06 6.16
C LEU B 599 -36.98 -31.53 5.14
N ALA B 600 -36.66 -32.82 5.14
CA ALA B 600 -35.68 -33.35 4.19
C ALA B 600 -36.19 -33.25 2.76
N ALA B 601 -37.49 -33.46 2.55
CA ALA B 601 -38.05 -33.37 1.21
C ALA B 601 -37.97 -31.94 0.68
N PHE B 602 -38.25 -30.96 1.53
CA PHE B 602 -38.22 -29.57 1.07
C PHE B 602 -36.79 -29.06 0.96
N LEU B 603 -35.89 -29.56 1.80
CA LEU B 603 -34.49 -29.13 1.72
C LEU B 603 -33.83 -29.65 0.45
N ARG B 604 -34.17 -30.88 0.04
CA ARG B 604 -33.64 -31.42 -1.21
C ARG B 604 -34.13 -30.62 -2.40
N ALA B 605 -35.41 -30.22 -2.39
CA ALA B 605 -35.93 -29.42 -3.48
C ALA B 605 -35.26 -28.05 -3.55
N CYS B 606 -34.99 -27.44 -2.40
CA CYS B 606 -34.30 -26.16 -2.39
C CYS B 606 -32.89 -26.29 -2.96
N ARG B 607 -32.18 -27.36 -2.63
CA ARG B 607 -30.83 -27.54 -3.14
C ARG B 607 -30.83 -27.80 -4.65
N ASP B 608 -31.77 -28.61 -5.12
CA ASP B 608 -31.85 -28.90 -6.55
C ASP B 608 -32.17 -27.65 -7.35
N LYS B 609 -33.12 -26.84 -6.88
CA LYS B 609 -33.44 -25.59 -7.55
C LYS B 609 -32.27 -24.61 -7.48
N THR B 610 -31.56 -24.61 -6.36
CA THR B 610 -30.39 -23.73 -6.22
C THR B 610 -29.30 -24.08 -7.22
N SER B 611 -28.96 -25.38 -7.31
CA SER B 611 -27.88 -25.79 -8.18
C SER B 611 -28.22 -25.60 -9.66
N ALA B 612 -29.49 -25.76 -10.02
CA ALA B 612 -29.89 -25.64 -11.42
C ALA B 612 -29.93 -24.19 -11.86
N ASN B 613 -30.28 -23.27 -10.95
CA ASN B 613 -30.56 -21.89 -11.31
C ASN B 613 -29.58 -20.89 -10.72
N TRP B 614 -28.34 -21.29 -10.44
CA TRP B 614 -27.39 -20.35 -9.87
C TRP B 614 -26.66 -19.56 -10.95
N ARG B 615 -26.54 -20.13 -12.16
CA ARG B 615 -25.84 -19.43 -13.23
C ARG B 615 -26.56 -18.17 -13.64
N GLY B 616 -27.89 -18.22 -13.74
CA GLY B 616 -28.64 -17.06 -14.17
C GLY B 616 -28.57 -15.91 -13.17
N TYR B 617 -28.57 -16.24 -11.88
CA TYR B 617 -28.49 -15.19 -10.86
C TYR B 617 -27.10 -14.61 -10.76
N SER B 618 -26.07 -15.45 -10.97
CA SER B 618 -24.70 -14.93 -11.00
C SER B 618 -24.51 -13.96 -12.16
N VAL B 619 -25.07 -14.28 -13.32
CA VAL B 619 -25.00 -13.37 -14.46
C VAL B 619 -25.83 -12.12 -14.19
N LEU B 620 -26.99 -12.28 -13.55
CA LEU B 620 -27.85 -11.13 -13.28
C LEU B 620 -27.17 -10.12 -12.37
N VAL B 621 -26.47 -10.60 -11.33
CA VAL B 621 -25.78 -9.68 -10.42
C VAL B 621 -24.68 -8.93 -11.17
N SER B 622 -24.00 -9.59 -12.09
CA SER B 622 -22.97 -8.93 -12.88
C SER B 622 -23.57 -7.82 -13.75
N ARG B 623 -24.71 -8.11 -14.40
CA ARG B 623 -25.32 -7.12 -15.28
C ARG B 623 -25.77 -5.90 -14.49
N TYR B 624 -26.32 -6.10 -13.29
CA TYR B 624 -26.71 -4.97 -12.45
C TYR B 624 -25.50 -4.16 -12.02
N ARG B 625 -24.40 -4.83 -11.66
CA ARG B 625 -23.19 -4.12 -11.24
C ARG B 625 -22.60 -3.29 -12.38
N SER B 626 -22.74 -3.78 -13.62
CA SER B 626 -22.19 -3.06 -14.76
C SER B 626 -22.95 -1.78 -15.07
N LEU B 627 -24.10 -1.57 -14.44
CA LEU B 627 -24.88 -0.36 -14.69
C LEU B 627 -24.48 0.79 -13.78
N ILE B 628 -23.56 0.58 -12.85
CA ILE B 628 -23.21 1.58 -11.85
C ILE B 628 -21.85 2.19 -12.15
N PRO B 629 -21.74 3.51 -12.23
CA PRO B 629 -20.43 4.14 -12.39
C PRO B 629 -19.60 4.01 -11.12
N ASN B 630 -18.29 4.20 -11.28
CA ASN B 630 -17.36 3.99 -10.16
C ASN B 630 -17.59 5.01 -9.05
N GLU B 631 -17.86 6.26 -9.42
CA GLU B 631 -18.08 7.29 -8.42
C GLU B 631 -19.32 6.99 -7.57
N LEU B 632 -20.39 6.55 -8.21
CA LEU B 632 -21.62 6.26 -7.47
C LEU B 632 -21.44 5.03 -6.58
N PHE B 633 -20.70 4.03 -7.06
CA PHE B 633 -20.46 2.83 -6.27
C PHE B 633 -19.67 3.14 -5.01
N GLU B 634 -18.67 4.02 -5.11
CA GLU B 634 -17.85 4.35 -3.95
C GLU B 634 -18.68 5.04 -2.87
N SER B 635 -19.65 5.88 -3.27
CA SER B 635 -20.51 6.54 -2.30
C SER B 635 -21.39 5.54 -1.57
N LEU B 636 -21.93 4.56 -2.30
CA LEU B 636 -22.81 3.58 -1.69
C LEU B 636 -22.08 2.68 -0.69
N ARG B 637 -20.75 2.68 -0.73
CA ARG B 637 -19.99 1.90 0.25
C ARG B 637 -20.11 2.50 1.65
N ASN B 638 -20.40 3.80 1.74
CA ASN B 638 -20.54 4.44 3.04
C ASN B 638 -21.84 4.04 3.73
N ILE B 639 -22.93 3.93 2.96
CA ILE B 639 -24.22 3.61 3.55
C ILE B 639 -24.25 2.15 4.00
N SER B 640 -25.22 1.84 4.86
CA SER B 640 -25.41 0.49 5.37
C SER B 640 -26.88 0.30 5.71
N GLY B 641 -27.29 -0.96 5.80
CA GLY B 641 -28.68 -1.26 6.10
C GLY B 641 -28.90 -2.74 6.27
N GLU B 642 -30.11 -3.06 6.72
CA GLU B 642 -30.54 -4.44 6.93
C GLU B 642 -31.94 -4.62 6.39
N TYR B 643 -32.14 -5.70 5.65
CA TYR B 643 -33.43 -6.00 5.04
C TYR B 643 -34.13 -7.10 5.82
N ASN B 644 -35.40 -6.87 6.13
CA ASN B 644 -36.22 -7.82 6.87
C ASN B 644 -37.15 -8.53 5.90
N ILE B 645 -37.11 -9.86 5.90
CA ILE B 645 -37.89 -10.69 5.00
C ILE B 645 -38.79 -11.58 5.83
N ASN B 646 -40.06 -11.66 5.44
CA ASN B 646 -40.98 -12.57 6.09
C ASN B 646 -40.55 -14.02 5.83
N PRO B 647 -40.72 -14.91 6.81
CA PRO B 647 -40.30 -16.30 6.60
C PRO B 647 -41.02 -16.97 5.44
N GLN B 648 -42.28 -16.63 5.19
CA GLN B 648 -43.02 -17.24 4.10
C GLN B 648 -42.45 -16.81 2.75
N ASP B 649 -41.98 -15.56 2.65
CA ASP B 649 -41.43 -15.07 1.38
C ASP B 649 -40.11 -15.76 1.04
N GLU B 650 -39.27 -16.00 2.05
CA GLU B 650 -37.97 -16.60 1.79
C GLU B 650 -38.10 -18.04 1.31
N HIS B 651 -38.90 -18.83 2.01
CA HIS B 651 -39.07 -20.24 1.61
C HIS B 651 -39.71 -20.34 0.24
N SER B 652 -40.70 -19.49 -0.03
CA SER B 652 -41.34 -19.49 -1.34
C SER B 652 -40.37 -19.04 -2.43
N PHE B 653 -39.39 -18.22 -2.07
CA PHE B 653 -38.43 -17.75 -3.07
C PHE B 653 -37.53 -18.88 -3.56
N PHE B 654 -37.00 -19.69 -2.64
CA PHE B 654 -36.12 -20.77 -3.03
C PHE B 654 -36.91 -21.94 -3.61
N PHE B 655 -38.09 -22.22 -3.06
CA PHE B 655 -38.90 -23.31 -3.58
C PHE B 655 -39.34 -23.05 -5.02
N ALA B 656 -39.95 -21.88 -5.26
CA ALA B 656 -40.35 -21.49 -6.61
C ALA B 656 -39.30 -20.52 -7.15
N LEU B 657 -38.16 -21.08 -7.53
CA LEU B 657 -37.03 -20.30 -8.04
C LEU B 657 -37.11 -20.27 -9.56
N ALA B 658 -37.46 -19.11 -10.10
CA ALA B 658 -37.54 -18.97 -11.55
C ALA B 658 -36.15 -18.99 -12.17
N GLN B 659 -36.10 -19.38 -13.44
CA GLN B 659 -34.85 -19.42 -14.19
C GLN B 659 -34.74 -18.16 -15.05
N ILE B 660 -33.58 -17.51 -14.98
CA ILE B 660 -33.30 -16.33 -15.77
C ILE B 660 -32.41 -16.75 -16.92
N ASN B 661 -32.90 -16.59 -18.15
CA ASN B 661 -32.15 -17.03 -19.32
C ASN B 661 -31.04 -16.04 -19.68
N ALA B 662 -31.43 -14.81 -20.01
CA ALA B 662 -30.49 -13.74 -20.34
C ALA B 662 -29.55 -14.12 -21.49
N ASP B 663 -30.05 -14.90 -22.44
CA ASP B 663 -29.22 -15.35 -23.55
C ASP B 663 -29.25 -14.36 -24.70
N ASP B 664 -30.44 -13.86 -25.06
CA ASP B 664 -30.56 -12.93 -26.17
C ASP B 664 -30.01 -11.55 -25.83
N GLU B 665 -29.77 -11.26 -24.55
CA GLU B 665 -29.23 -9.96 -24.17
C GLU B 665 -27.80 -9.81 -24.66
N PHE B 666 -27.00 -10.88 -24.61
CA PHE B 666 -25.60 -10.82 -24.99
C PHE B 666 -25.44 -11.10 -26.48
N ILE B 667 -24.73 -10.21 -27.17
CA ILE B 667 -24.28 -10.45 -28.54
C ILE B 667 -22.81 -10.84 -28.44
N GLY B 668 -22.53 -12.14 -28.49
CA GLY B 668 -21.20 -12.61 -28.21
C GLY B 668 -20.88 -12.49 -26.73
N ALA B 669 -20.00 -11.55 -26.38
CA ALA B 669 -19.68 -11.25 -24.99
C ALA B 669 -19.99 -9.80 -24.64
N ILE B 670 -20.81 -9.13 -25.44
CA ILE B 670 -21.12 -7.71 -25.26
C ILE B 670 -22.61 -7.57 -25.00
N ASP B 671 -22.95 -6.85 -23.93
CA ASP B 671 -24.34 -6.54 -23.59
C ASP B 671 -24.59 -5.10 -24.02
N LYS B 672 -25.36 -4.94 -25.10
CA LYS B 672 -25.57 -3.61 -25.67
C LYS B 672 -26.28 -2.68 -24.71
N GLU B 673 -27.33 -3.18 -24.05
CA GLU B 673 -28.14 -2.31 -23.19
C GLU B 673 -27.34 -1.81 -21.99
N SER B 674 -26.54 -2.69 -21.38
CA SER B 674 -25.72 -2.27 -20.25
C SER B 674 -24.62 -1.31 -20.68
N ALA B 675 -24.00 -1.58 -21.84
CA ALA B 675 -22.94 -0.70 -22.33
C ALA B 675 -23.47 0.69 -22.65
N GLU B 676 -24.68 0.77 -23.22
CA GLU B 676 -25.25 2.05 -23.58
C GLU B 676 -25.75 2.80 -22.35
N TYR B 677 -26.23 2.07 -21.34
CA TYR B 677 -26.71 2.72 -20.12
C TYR B 677 -25.57 3.34 -19.33
N LEU B 678 -24.41 2.67 -19.30
CA LEU B 678 -23.26 3.23 -18.60
C LEU B 678 -22.76 4.50 -19.29
N ASP B 679 -22.95 4.60 -20.60
CA ASP B 679 -22.38 5.70 -21.35
C ASP B 679 -23.11 7.02 -21.09
N GLU B 680 -24.42 6.96 -20.82
CA GLU B 680 -25.17 8.19 -20.63
C GLU B 680 -24.80 8.90 -19.35
N TYR B 681 -24.08 8.23 -18.44
CA TYR B 681 -23.58 8.91 -17.24
C TYR B 681 -22.49 9.91 -17.58
N ALA B 682 -21.72 9.63 -18.64
CA ALA B 682 -20.71 10.59 -19.07
C ALA B 682 -21.36 11.88 -19.56
N THR B 683 -22.49 11.77 -20.27
CA THR B 683 -23.24 12.97 -20.64
C THR B 683 -23.77 13.69 -19.40
N LEU B 684 -24.22 12.94 -18.41
CA LEU B 684 -24.69 13.55 -17.17
C LEU B 684 -23.57 14.27 -16.45
N ALA B 685 -22.37 13.68 -16.45
CA ALA B 685 -21.22 14.33 -15.81
C ALA B 685 -20.88 15.65 -16.48
N ARG B 686 -20.94 15.69 -17.82
CA ARG B 686 -20.69 16.93 -18.53
C ARG B 686 -21.71 18.00 -18.17
N ASP B 687 -22.98 17.61 -18.05
CA ASP B 687 -24.02 18.57 -17.73
C ASP B 687 -23.87 19.11 -16.32
N ILE B 688 -23.45 18.28 -15.38
CA ILE B 688 -23.33 18.71 -13.99
C ILE B 688 -22.27 19.81 -13.87
N SER B 689 -21.12 19.60 -14.49
CA SER B 689 -20.06 20.62 -14.45
C SER B 689 -20.47 21.87 -15.21
N ASN B 690 -21.14 21.70 -16.35
CA ASN B 690 -21.56 22.85 -17.14
C ASN B 690 -22.57 23.70 -16.38
N SER B 691 -23.54 23.05 -15.73
CA SER B 691 -24.56 23.79 -15.00
C SER B 691 -23.98 24.47 -13.78
N LEU B 692 -23.09 23.78 -13.05
CA LEU B 692 -22.55 24.33 -11.82
C LEU B 692 -21.73 25.59 -12.07
N THR B 693 -20.90 25.56 -13.12
CA THR B 693 -20.05 26.71 -13.42
C THR B 693 -20.87 27.89 -13.91
N LEU B 694 -21.92 27.62 -14.70
CA LEU B 694 -22.73 28.71 -15.23
C LEU B 694 -23.52 29.41 -14.13
N VAL B 695 -23.99 28.66 -13.14
CA VAL B 695 -24.71 29.28 -12.03
C VAL B 695 -23.75 30.08 -11.15
N LYS B 696 -22.54 29.56 -10.94
CA LYS B 696 -21.55 30.28 -10.13
C LYS B 696 -21.17 31.60 -10.78
N ALA B 697 -21.00 31.60 -12.10
CA ALA B 697 -20.63 32.83 -12.79
C ALA B 697 -21.80 33.81 -12.85
N ALA B 698 -23.02 33.30 -13.00
CA ALA B 698 -24.18 34.18 -13.15
C ALA B 698 -24.60 34.80 -11.83
N PHE B 699 -24.41 34.07 -10.72
CA PHE B 699 -24.93 34.52 -9.43
C PHE B 699 -23.85 34.89 -8.42
N GLY B 700 -22.65 34.33 -8.54
CA GLY B 700 -21.57 34.68 -7.64
C GLY B 700 -21.84 34.22 -6.23
N PRO B 701 -21.16 34.83 -5.26
CA PRO B 701 -21.43 34.51 -3.85
C PRO B 701 -22.87 34.84 -3.48
N LEU B 702 -23.46 33.98 -2.65
CA LEU B 702 -24.86 34.11 -2.26
C LEU B 702 -24.92 34.50 -0.78
N GLU B 703 -25.72 35.52 -0.49
CA GLU B 703 -25.93 35.98 0.87
C GLU B 703 -27.42 35.96 1.19
N ARG B 704 -27.76 35.51 2.39
CA ARG B 704 -29.14 35.40 2.84
C ARG B 704 -29.37 36.41 3.96
N THR B 705 -29.98 37.55 3.61
CA THR B 705 -30.31 38.55 4.61
C THR B 705 -31.53 38.13 5.43
N SER B 706 -32.50 37.50 4.79
CA SER B 706 -33.72 37.08 5.47
C SER B 706 -34.22 35.79 4.83
N GLY B 707 -35.07 35.08 5.57
CA GLY B 707 -35.64 33.83 5.12
C GLY B 707 -34.83 32.64 5.58
N SER B 708 -35.39 31.46 5.32
CA SER B 708 -34.78 30.20 5.74
C SER B 708 -33.92 29.62 4.62
N ILE B 709 -33.13 28.61 4.97
CA ILE B 709 -32.26 27.97 4.00
C ILE B 709 -33.08 27.25 2.93
N ILE B 710 -34.14 26.54 3.35
CA ILE B 710 -34.99 25.86 2.38
C ILE B 710 -35.63 26.87 1.43
N ASN B 711 -36.10 27.98 1.98
CA ASN B 711 -36.66 29.04 1.14
C ASN B 711 -35.59 29.69 0.28
N HIS B 712 -34.37 29.80 0.80
CA HIS B 712 -33.27 30.40 0.04
C HIS B 712 -32.94 29.58 -1.19
N ALA B 713 -32.85 28.26 -1.04
CA ALA B 713 -32.45 27.42 -2.17
C ALA B 713 -33.59 27.26 -3.18
N ASN B 714 -34.82 27.10 -2.70
CA ASN B 714 -35.94 26.86 -3.60
C ASN B 714 -36.20 28.04 -4.51
N ASN B 715 -36.16 29.26 -3.96
CA ASN B 715 -36.39 30.44 -4.80
C ASN B 715 -35.22 30.70 -5.74
N LEU B 716 -34.01 30.31 -5.33
CA LEU B 716 -32.86 30.45 -6.22
C LEU B 716 -33.00 29.54 -7.44
N ASN B 717 -33.57 28.35 -7.25
CA ASN B 717 -33.77 27.45 -8.38
C ASN B 717 -34.80 27.99 -9.34
N LYS B 718 -35.81 28.70 -8.84
CA LYS B 718 -36.80 29.31 -9.72
C LYS B 718 -36.19 30.44 -10.53
N VAL B 719 -35.28 31.20 -9.92
CA VAL B 719 -34.61 32.28 -10.66
C VAL B 719 -33.69 31.71 -11.72
N ILE B 720 -33.02 30.60 -11.42
CA ILE B 720 -32.15 29.96 -12.40
C ILE B 720 -32.95 29.55 -13.64
N ASN B 721 -34.16 29.01 -13.42
CA ASN B 721 -35.01 28.65 -14.55
C ASN B 721 -35.40 29.88 -15.36
N HIS B 722 -35.64 31.02 -14.70
CA HIS B 722 -36.01 32.23 -15.41
C HIS B 722 -34.83 32.82 -16.16
N VAL B 723 -33.65 32.87 -15.54
CA VAL B 723 -32.49 33.46 -16.18
C VAL B 723 -32.03 32.63 -17.36
N PHE B 724 -31.99 31.31 -17.19
CA PHE B 724 -31.52 30.39 -18.22
C PHE B 724 -32.68 29.67 -18.91
N ALA B 725 -33.77 30.38 -19.18
CA ALA B 725 -34.93 29.75 -19.80
C ALA B 725 -34.61 29.23 -21.21
N ASP B 726 -33.67 29.86 -21.90
CA ASP B 726 -33.27 29.37 -23.21
C ASP B 726 -32.48 28.07 -23.11
N LYS B 727 -32.00 27.74 -21.91
CA LYS B 727 -31.21 26.53 -21.67
C LYS B 727 -31.87 25.75 -20.54
N PRO B 728 -32.91 24.95 -20.83
CA PRO B 728 -33.62 24.23 -19.77
C PRO B 728 -32.77 23.20 -19.04
N LEU B 729 -31.63 22.80 -19.61
CA LEU B 729 -30.82 21.76 -18.99
C LEU B 729 -30.24 22.21 -17.66
N ILE B 730 -30.03 23.51 -17.47
CA ILE B 730 -29.41 24.00 -16.23
C ILE B 730 -30.36 23.79 -15.05
N SER B 731 -31.64 24.13 -15.23
CA SER B 731 -32.60 23.96 -14.15
C SER B 731 -32.79 22.49 -13.81
N GLU B 732 -32.87 21.63 -14.84
CA GLU B 732 -33.07 20.20 -14.60
C GLU B 732 -31.90 19.59 -13.84
N THR B 733 -30.67 19.93 -14.23
CA THR B 733 -29.50 19.34 -13.59
C THR B 733 -29.38 19.78 -12.14
N MET B 734 -29.64 21.06 -11.86
CA MET B 734 -29.55 21.53 -10.49
C MET B 734 -30.62 20.91 -9.61
N LEU B 735 -31.82 20.67 -10.16
CA LEU B 735 -32.87 20.01 -9.41
C LEU B 735 -32.52 18.56 -9.11
N LYS B 736 -31.77 17.92 -10.01
CA LYS B 736 -31.34 16.54 -9.77
C LYS B 736 -30.43 16.47 -8.55
N ILE B 737 -29.49 17.41 -8.43
CA ILE B 737 -28.57 17.42 -7.29
C ILE B 737 -29.33 17.70 -6.00
N LEU B 738 -30.25 18.67 -6.03
CA LEU B 738 -30.99 19.03 -4.83
C LEU B 738 -31.92 17.91 -4.38
N THR B 739 -32.49 17.15 -5.33
CA THR B 739 -33.36 16.04 -4.95
C THR B 739 -32.59 15.00 -4.14
N ILE B 740 -31.37 14.67 -4.56
CA ILE B 740 -30.54 13.77 -3.77
C ILE B 740 -30.11 14.44 -2.47
N ASP B 741 -29.75 15.72 -2.54
CA ASP B 741 -29.24 16.41 -1.35
C ASP B 741 -30.35 16.72 -0.36
N GLY B 742 -31.55 17.05 -0.86
CA GLY B 742 -32.61 17.54 0.00
C GLY B 742 -33.31 16.52 0.84
N THR B 743 -32.99 15.24 0.70
CA THR B 743 -33.63 14.21 1.53
C THR B 743 -33.24 14.37 2.99
N THR B 744 -31.99 14.75 3.27
CA THR B 744 -31.56 14.91 4.65
C THR B 744 -32.28 16.06 5.34
N GLY B 745 -32.71 17.05 4.57
CA GLY B 745 -33.44 18.17 5.12
C GLY B 745 -32.70 19.49 5.01
N LYS B 746 -32.70 20.27 6.08
CA LYS B 746 -32.01 21.56 6.05
C LYS B 746 -30.50 21.38 5.92
N ASP B 747 -29.95 20.32 6.50
CA ASP B 747 -28.53 20.04 6.36
C ASP B 747 -28.17 19.76 4.90
N GLY B 748 -29.03 19.01 4.20
CA GLY B 748 -28.76 18.74 2.79
C GLY B 748 -28.85 19.99 1.93
N TYR B 749 -29.79 20.88 2.25
CA TYR B 749 -29.87 22.14 1.53
C TYR B 749 -28.62 22.98 1.74
N ARG B 750 -28.07 22.96 2.95
CA ARG B 750 -26.81 23.63 3.20
C ARG B 750 -25.67 22.99 2.40
N ASN B 751 -25.69 21.66 2.28
CA ASN B 751 -24.69 20.99 1.47
C ASN B 751 -24.83 21.38 0.00
N TRP B 752 -26.05 21.55 -0.48
CA TRP B 752 -26.27 21.96 -1.85
C TRP B 752 -25.70 23.35 -2.11
N LEU B 753 -25.90 24.29 -1.18
CA LEU B 753 -25.38 25.63 -1.35
C LEU B 753 -23.86 25.66 -1.24
N ASP B 754 -23.28 24.73 -0.47
CA ASP B 754 -21.84 24.66 -0.33
C ASP B 754 -21.19 24.29 -1.66
N LYS B 755 -21.86 23.44 -2.45
CA LYS B 755 -21.29 22.99 -3.72
C LYS B 755 -21.11 24.16 -4.68
N LEU B 756 -22.08 25.07 -4.73
CA LEU B 756 -21.92 26.26 -5.57
C LEU B 756 -20.77 27.13 -5.08
N VAL B 757 -20.67 27.30 -3.76
CA VAL B 757 -19.63 28.17 -3.20
C VAL B 757 -18.25 27.56 -3.40
N GLY B 758 -18.10 26.28 -3.10
CA GLY B 758 -16.83 25.60 -3.15
C GLY B 758 -16.44 25.00 -4.49
N HIS B 759 -17.23 25.24 -5.54
CA HIS B 759 -16.89 24.72 -6.85
C HIS B 759 -15.64 25.38 -7.40
N ASN B 760 -14.74 24.57 -7.97
CA ASN B 760 -13.52 25.06 -8.58
C ASN B 760 -13.63 24.96 -10.10
N TYR B 761 -13.29 26.04 -10.78
CA TYR B 761 -13.43 26.08 -12.23
C TYR B 761 -12.46 25.10 -12.89
N PRO B 762 -12.93 24.25 -13.79
CA PRO B 762 -12.01 23.34 -14.48
C PRO B 762 -11.09 24.08 -15.43
N VAL B 763 -9.99 23.41 -15.79
CA VAL B 763 -9.02 24.01 -16.71
C VAL B 763 -9.67 24.25 -18.07
N TYR B 764 -10.45 23.29 -18.56
CA TYR B 764 -11.14 23.42 -19.84
C TYR B 764 -12.55 23.97 -19.61
N VAL B 765 -12.60 25.16 -19.02
CA VAL B 765 -13.88 25.82 -18.76
C VAL B 765 -14.52 26.22 -20.08
N GLU B 766 -15.85 26.16 -20.12
CA GLU B 766 -16.57 26.43 -21.34
C GLU B 766 -16.47 27.90 -21.73
N PRO B 767 -16.44 28.20 -23.03
CA PRO B 767 -16.31 29.60 -23.46
C PRO B 767 -17.45 30.48 -22.99
N VAL B 768 -18.64 29.92 -22.76
CA VAL B 768 -19.76 30.74 -22.32
C VAL B 768 -19.51 31.29 -20.92
N VAL B 769 -18.82 30.54 -20.07
CA VAL B 769 -18.49 31.03 -18.73
C VAL B 769 -17.45 32.14 -18.82
N ASN B 770 -16.46 31.97 -19.69
CA ASN B 770 -15.44 33.01 -19.85
C ASN B 770 -16.06 34.30 -20.41
N ILE B 771 -17.00 34.18 -21.34
CA ILE B 771 -17.65 35.35 -21.91
C ILE B 771 -18.44 36.08 -20.85
N MET B 772 -19.20 35.35 -20.04
CA MET B 772 -20.04 35.98 -19.02
C MET B 772 -19.20 36.66 -17.95
N ASN B 773 -18.07 36.06 -17.58
CA ASN B 773 -17.19 36.70 -16.62
C ASN B 773 -16.59 37.98 -17.18
N PHE B 774 -16.30 38.00 -18.48
CA PHE B 774 -15.81 39.21 -19.12
C PHE B 774 -16.84 40.32 -19.08
N ILE B 775 -18.11 39.98 -19.38
CA ILE B 775 -19.16 40.98 -19.40
C ILE B 775 -19.44 41.50 -18.00
N SER B 776 -19.48 40.61 -17.01
CA SER B 776 -19.75 41.03 -15.64
C SER B 776 -18.63 41.89 -15.10
N ALA B 777 -17.38 41.57 -15.44
CA ALA B 777 -16.25 42.39 -15.01
C ALA B 777 -16.33 43.79 -15.60
N ARG B 778 -16.68 43.90 -16.89
CA ARG B 778 -16.79 45.21 -17.52
C ARG B 778 -17.98 45.99 -16.97
N PHE B 779 -19.02 45.30 -16.50
CA PHE B 779 -20.15 45.99 -15.90
C PHE B 779 -19.75 46.68 -14.60
N VAL B 780 -18.86 46.05 -13.83
CA VAL B 780 -18.43 46.63 -12.57
C VAL B 780 -17.29 47.63 -12.78
N ALA B 781 -16.33 47.28 -13.63
CA ALA B 781 -15.16 48.14 -13.83
C ALA B 781 -15.53 49.43 -14.55
N ASP B 782 -16.29 49.34 -15.63
CA ASP B 782 -16.69 50.50 -16.42
C ASP B 782 -18.20 50.67 -16.27
N SER B 783 -18.61 51.43 -15.25
CA SER B 783 -20.02 51.61 -14.93
C SER B 783 -20.69 52.70 -15.75
N SER B 784 -19.92 53.68 -16.24
CA SER B 784 -20.52 54.79 -16.98
C SER B 784 -21.14 54.31 -18.30
N TYR B 785 -20.66 53.19 -18.84
CA TYR B 785 -21.22 52.68 -20.09
C TYR B 785 -22.65 52.21 -19.93
N PHE B 786 -23.01 51.68 -18.74
CA PHE B 786 -24.30 51.05 -18.54
C PHE B 786 -25.28 51.91 -17.74
N GLY B 787 -24.88 53.11 -17.34
CA GLY B 787 -25.79 54.06 -16.75
C GLY B 787 -25.83 54.12 -15.25
N TYR B 788 -24.70 53.97 -14.57
CA TYR B 788 -24.66 54.20 -13.12
C TYR B 788 -23.25 54.60 -12.73
N THR B 789 -23.15 55.23 -11.56
CA THR B 789 -21.88 55.76 -11.06
C THR B 789 -21.86 55.65 -9.54
N ASN B 790 -20.67 55.81 -8.98
CA ASN B 790 -20.49 55.66 -7.55
C ASN B 790 -20.59 56.99 -6.79
N GLU B 791 -20.34 58.12 -7.46
CA GLU B 791 -20.36 59.41 -6.81
C GLU B 791 -21.20 60.39 -7.61
N ILE B 792 -21.91 61.26 -6.88
CA ILE B 792 -22.64 62.38 -7.46
C ILE B 792 -22.36 63.62 -6.63
N MET B 793 -22.66 64.79 -7.20
CA MET B 793 -22.40 66.05 -6.53
C MET B 793 -23.60 66.97 -6.67
N ILE B 794 -24.03 67.55 -5.56
CA ILE B 794 -25.15 68.48 -5.51
C ILE B 794 -24.61 69.83 -5.07
N MET B 795 -24.84 70.86 -5.88
CA MET B 795 -24.31 72.19 -5.64
C MET B 795 -25.33 73.25 -6.01
N PRO B 796 -25.33 74.38 -5.31
CA PRO B 796 -26.21 75.48 -5.69
C PRO B 796 -25.80 76.11 -7.02
N ASN B 797 -26.74 76.85 -7.60
CA ASN B 797 -26.52 77.40 -8.94
C ASN B 797 -25.49 78.51 -8.95
N HIS B 798 -25.37 79.27 -7.85
CA HIS B 798 -24.48 80.42 -7.85
C HIS B 798 -23.01 80.02 -7.72
N ILE B 799 -22.72 78.75 -7.48
CA ILE B 799 -21.34 78.28 -7.43
C ILE B 799 -20.94 77.78 -8.81
N ASN B 800 -19.85 78.32 -9.35
CA ASN B 800 -19.35 77.93 -10.66
C ASN B 800 -18.40 76.74 -10.51
N VAL B 801 -18.72 75.64 -11.18
CA VAL B 801 -17.95 74.40 -11.11
C VAL B 801 -17.29 74.17 -12.45
N PRO B 802 -15.98 73.88 -12.50
CA PRO B 802 -15.37 73.51 -13.78
C PRO B 802 -15.95 72.21 -14.30
N VAL B 803 -16.43 72.25 -15.54
CA VAL B 803 -17.15 71.14 -16.15
C VAL B 803 -16.47 70.76 -17.45
N ASP B 804 -16.91 69.64 -18.02
CA ASP B 804 -16.43 69.18 -19.32
C ASP B 804 -17.15 69.97 -20.41
N ASP B 805 -16.43 70.87 -21.07
CA ASP B 805 -17.02 71.76 -22.06
C ASP B 805 -16.72 71.34 -23.49
N ARG B 806 -16.24 70.11 -23.70
CA ARG B 806 -15.94 69.66 -25.06
C ARG B 806 -17.21 69.51 -25.88
N PHE B 807 -18.29 69.03 -25.27
CA PHE B 807 -19.50 68.70 -26.03
C PHE B 807 -20.29 69.94 -26.41
N GLY B 808 -20.19 71.02 -25.62
CA GLY B 808 -20.92 72.23 -25.91
C GLY B 808 -22.27 72.34 -25.25
N PHE B 809 -22.55 71.52 -24.25
CA PHE B 809 -23.83 71.57 -23.56
C PHE B 809 -23.97 72.87 -22.78
N ARG B 810 -25.20 73.40 -22.70
CA ARG B 810 -25.49 74.51 -21.82
C ARG B 810 -25.65 73.98 -20.39
N ASP B 811 -24.89 74.56 -19.47
CA ASP B 811 -24.87 74.12 -18.07
C ASP B 811 -24.63 72.61 -18.00
N SER B 812 -23.48 72.20 -18.49
CA SER B 812 -23.15 70.79 -18.61
C SER B 812 -23.07 70.14 -17.24
N PRO B 813 -23.80 69.05 -16.99
CA PRO B 813 -23.70 68.34 -15.71
C PRO B 813 -22.59 67.30 -15.65
N PHE B 814 -21.65 67.34 -16.59
CA PHE B 814 -20.59 66.33 -16.69
C PHE B 814 -19.25 66.97 -16.37
N CYS B 815 -18.51 66.37 -15.46
CA CYS B 815 -17.16 66.77 -15.12
C CYS B 815 -16.20 65.65 -15.48
N THR B 816 -14.98 66.02 -15.85
CA THR B 816 -13.95 65.02 -16.10
C THR B 816 -13.67 64.20 -14.84
N SER B 817 -13.60 64.87 -13.70
CA SER B 817 -13.56 64.22 -12.40
C SER B 817 -14.25 65.14 -11.41
N LEU B 818 -14.88 64.54 -10.41
CA LEU B 818 -15.55 65.35 -9.39
C LEU B 818 -14.51 66.11 -8.59
N PRO B 819 -14.57 67.44 -8.55
CA PRO B 819 -13.45 68.21 -7.97
C PRO B 819 -13.37 68.00 -6.46
N ARG B 820 -12.18 67.63 -6.00
CA ARG B 820 -11.92 67.58 -4.56
C ARG B 820 -11.99 68.97 -3.95
N THR B 821 -11.46 69.97 -4.64
CA THR B 821 -11.48 71.35 -4.18
C THR B 821 -12.10 72.23 -5.26
N ILE B 822 -12.83 73.27 -4.81
CA ILE B 822 -13.43 74.25 -5.70
C ILE B 822 -13.18 75.64 -5.13
N MET B 823 -12.63 76.52 -5.96
CA MET B 823 -12.21 77.86 -5.54
C MET B 823 -11.24 77.82 -4.37
N GLY B 824 -10.37 76.81 -4.35
CA GLY B 824 -9.41 76.66 -3.28
C GLY B 824 -9.97 76.11 -1.99
N ASN B 825 -11.23 75.68 -1.97
CA ASN B 825 -11.88 75.18 -0.78
C ASN B 825 -12.26 73.72 -0.97
N ASP B 826 -11.99 72.91 0.06
CA ASP B 826 -12.32 71.50 0.00
C ASP B 826 -13.83 71.29 -0.01
N VAL B 827 -14.26 70.29 -0.75
CA VAL B 827 -15.68 69.97 -0.91
C VAL B 827 -16.04 68.85 0.03
N ARG B 828 -17.16 69.01 0.75
CA ARG B 828 -17.59 68.00 1.70
C ARG B 828 -17.93 66.70 0.99
N ARG B 829 -17.50 65.59 1.59
CA ARG B 829 -17.80 64.25 1.09
C ARG B 829 -18.55 63.50 2.18
N ILE B 830 -19.77 63.06 1.87
CA ILE B 830 -20.63 62.37 2.83
C ILE B 830 -21.06 61.03 2.23
N SER B 831 -21.01 59.99 3.05
CA SER B 831 -21.55 58.71 2.64
C SER B 831 -23.07 58.76 2.60
N TYR B 832 -23.65 57.88 1.79
CA TYR B 832 -25.11 57.85 1.68
C TYR B 832 -25.77 57.43 2.99
N ASN B 833 -25.15 56.50 3.72
CA ASN B 833 -25.69 56.09 5.02
C ASN B 833 -25.70 57.26 6.01
N VAL B 834 -24.62 58.04 6.03
CA VAL B 834 -24.56 59.20 6.92
C VAL B 834 -25.54 60.28 6.45
N PHE B 835 -25.66 60.45 5.13
CA PHE B 835 -26.54 61.48 4.60
C PHE B 835 -28.01 61.16 4.89
N SER B 836 -28.35 59.86 4.97
CA SER B 836 -29.73 59.48 5.24
C SER B 836 -30.16 59.90 6.64
N MET B 837 -29.24 59.84 7.60
CA MET B 837 -29.56 60.13 9.00
C MET B 837 -29.28 61.56 9.40
N MET B 838 -28.78 62.40 8.49
CA MET B 838 -28.50 63.78 8.82
C MET B 838 -29.78 64.60 8.90
N GLU B 839 -29.73 65.66 9.69
CA GLU B 839 -30.91 66.46 10.01
C GLU B 839 -30.95 67.79 9.26
N ASP B 840 -29.86 68.55 9.29
CA ASP B 840 -29.84 69.90 8.71
C ASP B 840 -29.36 69.83 7.25
N ILE B 841 -30.13 69.12 6.44
CA ILE B 841 -29.79 68.99 5.03
C ILE B 841 -29.90 70.34 4.33
N ASP B 842 -30.84 71.18 4.76
CA ASP B 842 -30.99 72.50 4.16
C ASP B 842 -29.74 73.35 4.37
N ASP B 843 -29.09 73.21 5.52
CA ASP B 843 -27.87 73.96 5.76
C ASP B 843 -26.69 73.40 4.97
N VAL B 844 -26.61 72.08 4.85
CA VAL B 844 -25.50 71.48 4.10
C VAL B 844 -25.70 71.57 2.60
N ILE B 845 -26.88 72.00 2.14
CA ILE B 845 -27.09 72.18 0.71
C ILE B 845 -26.72 73.59 0.26
N SER B 846 -26.54 74.53 1.18
CA SER B 846 -26.08 75.87 0.82
C SER B 846 -24.64 75.82 0.32
N GLU B 847 -23.80 75.01 0.94
CA GLU B 847 -22.45 74.72 0.47
C GLU B 847 -22.43 73.25 0.08
N GLY B 848 -22.39 72.98 -1.21
CA GLY B 848 -22.69 71.64 -1.70
C GLY B 848 -21.71 70.60 -1.22
N PHE B 849 -22.11 69.34 -1.41
CA PHE B 849 -21.39 68.17 -0.90
C PHE B 849 -21.25 67.15 -2.01
N ILE B 850 -20.51 66.08 -1.71
CA ILE B 850 -20.32 64.95 -2.62
C ILE B 850 -20.85 63.71 -1.93
N LEU B 851 -21.72 62.98 -2.63
CA LEU B 851 -22.32 61.76 -2.11
C LEU B 851 -21.67 60.56 -2.76
N TYR B 852 -21.25 59.60 -1.94
CA TYR B 852 -20.60 58.39 -2.43
C TYR B 852 -21.08 57.20 -1.61
N ASP B 853 -20.38 56.08 -1.75
CA ASP B 853 -20.73 54.83 -1.06
C ASP B 853 -22.13 54.36 -1.42
N ALA B 854 -22.48 54.51 -2.70
CA ALA B 854 -23.77 54.06 -3.21
C ALA B 854 -23.70 53.99 -4.73
N TYR B 855 -24.69 53.34 -5.32
CA TYR B 855 -24.81 53.24 -6.77
C TYR B 855 -25.94 54.14 -7.23
N PHE B 856 -25.60 55.14 -8.05
CA PHE B 856 -26.55 56.14 -8.51
C PHE B 856 -26.86 55.89 -9.97
N ASN B 857 -28.14 55.66 -10.28
CA ASN B 857 -28.57 55.43 -11.64
C ASN B 857 -29.01 56.74 -12.27
N PHE B 858 -28.55 57.00 -13.49
CA PHE B 858 -28.86 58.23 -14.20
C PHE B 858 -29.23 57.93 -15.64
N SER B 859 -30.07 58.79 -16.20
CA SER B 859 -30.44 58.76 -17.61
C SER B 859 -30.44 60.18 -18.14
N TYR B 860 -30.25 60.32 -19.45
CA TYR B 860 -30.18 61.65 -20.03
C TYR B 860 -30.71 61.62 -21.46
N ASP B 861 -31.36 62.71 -21.85
CA ASP B 861 -31.80 62.93 -23.22
C ASP B 861 -31.07 64.15 -23.77
N ILE B 862 -30.46 64.00 -24.94
CA ILE B 862 -29.74 65.08 -25.60
C ILE B 862 -30.63 65.63 -26.70
N MET B 863 -31.00 66.90 -26.57
CA MET B 863 -31.90 67.56 -27.50
C MET B 863 -31.10 68.46 -28.44
N THR B 864 -31.43 68.38 -29.73
CA THR B 864 -30.70 69.13 -30.74
C THR B 864 -30.87 70.63 -30.57
N THR B 865 -32.07 71.06 -30.16
CA THR B 865 -32.36 72.48 -30.00
C THR B 865 -31.65 73.04 -28.77
N ASP B 866 -31.84 74.33 -28.55
CA ASP B 866 -31.28 75.01 -27.40
C ASP B 866 -32.36 75.29 -26.37
N GLY B 867 -32.02 75.07 -25.11
CA GLY B 867 -32.97 75.27 -24.04
C GLY B 867 -32.26 75.39 -22.71
N VAL B 868 -33.00 75.09 -21.65
CA VAL B 868 -32.47 75.13 -20.29
C VAL B 868 -32.23 73.71 -19.84
N THR B 869 -30.96 73.37 -19.57
CA THR B 869 -30.64 72.07 -19.02
C THR B 869 -31.15 71.97 -17.59
N ARG B 870 -31.88 70.90 -17.31
CA ARG B 870 -32.60 70.79 -16.05
C ARG B 870 -32.70 69.31 -15.66
N LEU B 871 -33.50 69.05 -14.64
CA LEU B 871 -33.76 67.70 -14.14
C LEU B 871 -35.25 67.44 -14.13
N LYS B 872 -35.62 66.18 -14.34
CA LYS B 872 -37.04 65.83 -14.39
C LYS B 872 -37.71 66.03 -13.04
N GLU B 873 -37.03 65.64 -11.96
CA GLU B 873 -37.58 65.70 -10.62
C GLU B 873 -36.68 66.53 -9.72
N ASP B 874 -37.19 66.84 -8.52
CA ASP B 874 -36.39 67.53 -7.52
C ASP B 874 -35.33 66.60 -6.96
N ILE B 875 -34.28 67.20 -6.39
CA ILE B 875 -33.14 66.42 -5.93
C ILE B 875 -33.51 65.62 -4.68
N LEU B 876 -34.21 66.23 -3.73
CA LEU B 876 -34.32 65.69 -2.39
C LEU B 876 -35.73 65.21 -2.08
N ILE B 877 -35.80 64.14 -1.31
CA ILE B 877 -37.02 63.70 -0.64
C ILE B 877 -36.65 63.33 0.79
N VAL B 878 -37.50 63.73 1.74
CA VAL B 878 -37.22 63.56 3.17
C VAL B 878 -38.41 62.89 3.82
N THR B 879 -38.17 61.76 4.49
CA THR B 879 -39.14 61.08 5.31
C THR B 879 -38.64 60.99 6.73
N ASP B 880 -39.50 60.50 7.63
CA ASP B 880 -39.11 60.33 9.02
C ASP B 880 -38.05 59.25 9.17
N THR B 881 -38.01 58.29 8.24
CA THR B 881 -36.99 57.24 8.31
C THR B 881 -35.62 57.75 7.87
N GLY B 882 -35.60 58.61 6.85
CA GLY B 882 -34.33 59.15 6.39
C GLY B 882 -34.52 59.96 5.12
N ASN B 883 -33.41 60.50 4.64
CA ASN B 883 -33.38 61.30 3.43
C ASN B 883 -32.91 60.45 2.25
N ASP B 884 -33.48 60.72 1.07
CA ASP B 884 -33.17 59.98 -0.13
C ASP B 884 -33.04 60.95 -1.30
N ILE B 885 -32.42 60.45 -2.39
CA ILE B 885 -32.25 61.22 -3.61
C ILE B 885 -33.19 60.66 -4.66
N LYS B 886 -33.98 61.55 -5.28
CA LYS B 886 -34.97 61.14 -6.24
C LYS B 886 -34.30 60.72 -7.54
N PRO B 887 -35.01 59.98 -8.41
CA PRO B 887 -34.39 59.50 -9.66
C PRO B 887 -33.85 60.64 -10.50
N ILE B 888 -32.72 60.39 -11.15
CA ILE B 888 -31.97 61.40 -11.89
C ILE B 888 -32.24 61.22 -13.38
N HIS B 889 -32.69 62.29 -14.03
CA HIS B 889 -32.89 62.30 -15.48
C HIS B 889 -32.55 63.68 -16.00
N PHE B 890 -31.57 63.75 -16.90
CA PHE B 890 -31.07 65.02 -17.42
C PHE B 890 -31.74 65.33 -18.76
N TYR B 891 -32.17 66.57 -18.91
CA TYR B 891 -32.57 67.12 -20.20
C TYR B 891 -31.48 68.08 -20.65
N ILE B 892 -30.62 67.62 -21.56
CA ILE B 892 -29.41 68.34 -21.94
C ILE B 892 -29.65 69.02 -23.28
N TYR B 893 -29.31 70.30 -23.35
CA TYR B 893 -29.47 71.11 -24.56
C TYR B 893 -28.12 71.68 -24.98
N PHE B 894 -27.94 71.81 -26.28
CA PHE B 894 -26.75 72.48 -26.79
C PHE B 894 -26.86 73.98 -26.59
N GLU B 895 -25.72 74.65 -26.55
CA GLU B 895 -25.62 76.04 -26.13
C GLU B 895 -25.25 76.94 -27.29
N ASN B 896 -25.85 78.13 -27.33
CA ASN B 896 -25.55 79.12 -28.34
C ASN B 896 -24.67 80.27 -27.83
N ARG B 897 -24.68 80.52 -26.52
CA ARG B 897 -23.82 81.46 -25.81
C ARG B 897 -24.15 82.92 -26.08
N ASN B 898 -25.11 83.22 -26.95
CA ASN B 898 -25.51 84.59 -27.21
C ASN B 898 -27.01 84.81 -27.01
N ASP B 899 -27.75 83.77 -26.67
CA ASP B 899 -29.18 83.90 -26.40
C ASP B 899 -29.34 84.52 -25.03
N LYS B 900 -29.69 85.81 -25.00
CA LYS B 900 -29.79 86.52 -23.73
C LYS B 900 -30.90 85.94 -22.86
N LYS B 901 -31.98 85.49 -23.49
CA LYS B 901 -33.13 84.99 -22.74
C LYS B 901 -32.78 83.73 -21.95
N LEU B 902 -32.06 82.80 -22.57
CA LEU B 902 -31.78 81.54 -21.91
C LEU B 902 -30.68 81.69 -20.86
N ARG B 903 -29.80 82.67 -21.01
CA ARG B 903 -28.80 82.93 -19.97
C ARG B 903 -29.48 83.39 -18.69
N TYR B 904 -30.47 84.27 -18.81
CA TYR B 904 -31.21 84.72 -17.65
C TYR B 904 -31.97 83.57 -16.99
N GLU B 905 -32.58 82.71 -17.80
CA GLU B 905 -33.38 81.61 -17.28
C GLU B 905 -32.52 80.63 -16.51
N SER B 906 -31.33 80.33 -17.02
CA SER B 906 -30.47 79.36 -16.36
C SER B 906 -29.82 79.95 -15.11
N LYS B 907 -29.40 81.21 -15.17
CA LYS B 907 -28.69 81.82 -14.05
C LYS B 907 -29.62 82.20 -12.90
N MET B 908 -30.88 82.49 -13.19
CA MET B 908 -31.81 82.98 -12.18
C MET B 908 -32.78 81.91 -11.69
N ASN B 909 -33.45 81.21 -12.60
CA ASN B 909 -34.57 80.37 -12.20
C ASN B 909 -34.12 79.02 -11.64
N VAL B 910 -32.98 78.50 -12.10
CA VAL B 910 -32.50 77.23 -11.59
C VAL B 910 -31.84 77.45 -10.23
N SER B 911 -32.19 76.60 -9.26
CA SER B 911 -31.70 76.74 -7.90
C SER B 911 -30.54 75.80 -7.58
N TYR B 912 -30.73 74.49 -7.80
CA TYR B 912 -29.71 73.50 -7.47
C TYR B 912 -29.36 72.69 -8.71
N ARG B 913 -28.10 72.29 -8.79
CA ARG B 913 -27.58 71.55 -9.94
C ARG B 913 -26.91 70.27 -9.46
N LEU B 914 -26.96 69.25 -10.31
CA LEU B 914 -26.38 67.94 -10.01
C LEU B 914 -25.33 67.61 -11.04
N TYR B 915 -24.17 67.13 -10.57
CA TYR B 915 -23.03 66.83 -11.43
C TYR B 915 -22.61 65.38 -11.26
N ILE B 916 -22.28 64.74 -12.37
CA ILE B 916 -21.71 63.40 -12.38
C ILE B 916 -20.50 63.41 -13.31
N LYS B 917 -19.64 62.40 -13.14
CA LYS B 917 -18.50 62.25 -14.03
C LYS B 917 -18.98 61.96 -15.45
N THR B 918 -18.26 62.49 -16.42
CA THR B 918 -18.66 62.37 -17.82
C THR B 918 -18.75 60.90 -18.21
N PRO B 919 -19.89 60.43 -18.72
CA PRO B 919 -19.99 59.04 -19.15
C PRO B 919 -19.00 58.74 -20.28
N ALA B 920 -18.43 57.53 -20.23
CA ALA B 920 -17.49 57.11 -21.26
C ALA B 920 -18.17 56.81 -22.59
N CYS B 921 -19.51 56.71 -22.62
CA CYS B 921 -20.21 56.51 -23.88
C CYS B 921 -20.01 57.69 -24.81
N LEU B 922 -20.05 58.91 -24.28
CA LEU B 922 -19.96 60.11 -25.11
C LEU B 922 -18.54 60.28 -25.65
N LEU B 923 -18.46 60.75 -26.90
CA LEU B 923 -17.20 60.99 -27.57
C LEU B 923 -17.36 62.22 -28.46
N PRO B 924 -16.44 63.17 -28.38
CA PRO B 924 -16.50 64.34 -29.26
C PRO B 924 -16.28 63.95 -30.72
N LEU B 925 -16.82 64.78 -31.61
CA LEU B 925 -16.70 64.49 -33.04
C LEU B 925 -15.26 64.58 -33.50
N SER B 926 -14.47 65.48 -32.89
CA SER B 926 -13.06 65.61 -33.25
C SER B 926 -12.27 64.36 -32.89
N ASP B 927 -12.76 63.55 -31.95
CA ASP B 927 -12.10 62.31 -31.54
C ASP B 927 -12.71 61.09 -32.18
N TYR B 928 -13.18 61.20 -33.43
CA TYR B 928 -13.86 60.07 -34.07
C TYR B 928 -12.92 58.91 -34.34
N MET B 929 -11.62 59.19 -34.51
CA MET B 929 -10.68 58.12 -34.84
C MET B 929 -10.48 57.16 -33.67
N ARG B 930 -10.90 57.53 -32.46
CA ARG B 930 -10.84 56.61 -31.33
C ARG B 930 -11.91 55.53 -31.44
N ALA B 931 -12.87 55.68 -32.33
CA ALA B 931 -13.93 54.70 -32.53
C ALA B 931 -13.62 53.69 -33.64
N GLN B 932 -12.45 53.80 -34.27
CA GLN B 932 -12.09 52.86 -35.32
C GLN B 932 -11.60 51.55 -34.72
N HIS B 933 -12.23 50.45 -35.13
CA HIS B 933 -11.94 49.15 -34.55
C HIS B 933 -11.90 48.10 -35.66
N ASP B 934 -11.26 46.98 -35.36
CA ASP B 934 -11.05 45.91 -36.31
C ASP B 934 -11.79 44.64 -35.90
N TYR B 935 -12.43 44.00 -36.86
CA TYR B 935 -13.09 42.72 -36.67
C TYR B 935 -12.60 41.75 -37.73
N VAL B 936 -12.38 40.50 -37.32
CA VAL B 936 -11.83 39.47 -38.20
C VAL B 936 -12.92 38.43 -38.46
N SER B 937 -13.19 38.19 -39.75
CA SER B 937 -14.12 37.17 -40.17
C SER B 937 -13.35 36.05 -40.86
N PRO B 938 -13.51 34.80 -40.43
CA PRO B 938 -12.72 33.71 -41.00
C PRO B 938 -12.99 33.52 -42.49
N SER B 939 -12.06 32.84 -43.14
CA SER B 939 -12.10 32.66 -44.59
C SER B 939 -13.34 31.89 -45.00
N SER B 940 -13.88 32.25 -46.16
CA SER B 940 -15.07 31.60 -46.69
C SER B 940 -14.78 30.24 -47.32
N SER B 941 -13.50 29.90 -47.51
CA SER B 941 -13.15 28.59 -48.03
C SER B 941 -13.35 27.48 -47.00
N ARG B 942 -13.43 27.84 -45.72
CA ARG B 942 -13.60 26.84 -44.68
C ARG B 942 -14.97 26.21 -44.75
N VAL B 943 -15.02 24.90 -44.57
CA VAL B 943 -16.26 24.13 -44.54
C VAL B 943 -16.41 23.51 -43.15
N TYR B 944 -17.59 23.63 -42.58
CA TYR B 944 -17.86 23.16 -41.23
C TYR B 944 -18.60 21.82 -41.29
N ILE B 945 -18.15 20.88 -40.47
CA ILE B 945 -18.52 19.48 -40.59
C ILE B 945 -19.71 19.19 -39.70
N LYS B 946 -20.74 18.56 -40.27
CA LYS B 946 -21.95 18.18 -39.54
C LYS B 946 -22.07 16.68 -39.34
N ASP B 947 -21.05 15.90 -39.71
CA ASP B 947 -21.15 14.46 -39.66
C ASP B 947 -20.25 13.87 -38.60
N PRO B 948 -20.69 12.84 -37.89
CA PRO B 948 -19.85 12.23 -36.85
C PRO B 948 -18.76 11.36 -37.45
N ALA B 949 -17.84 10.95 -36.58
CA ALA B 949 -16.72 10.08 -36.97
C ALA B 949 -17.01 8.67 -36.47
N VAL B 950 -16.93 7.70 -37.39
CA VAL B 950 -17.22 6.31 -37.08
C VAL B 950 -15.91 5.56 -36.85
N VAL B 951 -15.87 4.78 -35.77
CA VAL B 951 -14.69 4.00 -35.40
C VAL B 951 -14.94 2.55 -35.77
N TYR B 952 -13.97 1.93 -36.42
CA TYR B 952 -14.10 0.56 -36.90
C TYR B 952 -12.73 -0.10 -36.92
N THR B 953 -12.74 -1.43 -37.00
CA THR B 953 -11.51 -2.18 -37.21
C THR B 953 -11.84 -3.47 -37.95
N ARG B 954 -10.87 -3.97 -38.70
CA ARG B 954 -10.99 -5.22 -39.43
C ARG B 954 -10.17 -6.34 -38.79
N SER B 955 -9.75 -6.15 -37.54
CA SER B 955 -8.95 -7.13 -36.80
C SER B 955 -7.64 -7.47 -37.51
N ALA C 2 25.86 46.23 45.97
CA ALA C 2 26.07 45.78 47.35
C ALA C 2 24.73 45.46 48.01
N ASN C 3 23.84 46.45 48.05
CA ASN C 3 22.51 46.28 48.62
C ASN C 3 21.47 46.25 47.51
N ARG C 4 20.52 45.35 47.63
CA ARG C 4 19.47 45.16 46.62
C ARG C 4 18.12 45.18 47.31
N ALA C 5 17.23 46.05 46.84
CA ALA C 5 15.89 46.19 47.39
C ALA C 5 14.86 45.99 46.27
N THR C 6 13.76 45.33 46.60
CA THR C 6 12.71 45.06 45.64
C THR C 6 11.35 45.37 46.28
N SER C 7 10.35 45.54 45.42
CA SER C 7 8.98 45.71 45.89
C SER C 7 8.47 44.42 46.52
N ALA C 8 7.69 44.57 47.58
CA ALA C 8 7.20 43.41 48.32
C ALA C 8 6.25 42.57 47.48
N PHE C 9 5.35 43.22 46.73
CA PHE C 9 4.32 42.48 46.01
C PHE C 9 4.85 41.76 44.79
N LEU C 10 6.09 42.04 44.37
CA LEU C 10 6.65 41.40 43.20
C LEU C 10 7.45 40.14 43.51
N ASP C 11 7.44 39.69 44.76
CA ASP C 11 8.27 38.56 45.16
C ASP C 11 7.46 37.27 45.11
N ASN C 12 8.02 36.27 44.43
CA ASN C 12 7.47 34.91 44.35
C ASN C 12 6.01 34.89 43.92
N PRO C 13 5.71 35.17 42.65
CA PRO C 13 4.34 35.00 42.16
C PRO C 13 3.98 33.53 42.07
N HIS C 14 2.93 33.13 42.80
CA HIS C 14 2.51 31.75 42.79
C HIS C 14 1.83 31.39 41.47
N PRO C 15 1.92 30.13 41.05
CA PRO C 15 1.31 29.74 39.77
C PRO C 15 -0.21 29.87 39.83
N VAL C 16 -0.79 30.12 38.66
CA VAL C 16 -2.22 30.30 38.54
C VAL C 16 -2.85 29.04 37.96
N GLY C 17 -4.18 28.98 38.00
CA GLY C 17 -4.88 27.82 37.48
C GLY C 17 -4.80 27.71 35.97
N VAL C 18 -4.99 26.49 35.48
CA VAL C 18 -4.92 26.19 34.06
C VAL C 18 -6.21 25.58 33.53
N ASN C 19 -7.25 25.52 34.36
CA ASN C 19 -8.53 24.98 33.96
C ASN C 19 -9.53 26.10 33.71
N TYR C 20 -10.60 25.76 32.99
CA TYR C 20 -11.66 26.71 32.67
C TYR C 20 -11.13 27.93 31.92
N VAL C 21 -10.26 27.68 30.94
CA VAL C 21 -9.69 28.73 30.12
C VAL C 21 -10.05 28.57 28.65
N ASP C 22 -10.95 27.66 28.32
CA ASP C 22 -11.36 27.44 26.95
C ASP C 22 -12.51 28.37 26.57
N GLU C 23 -12.95 28.28 25.32
CA GLU C 23 -13.99 29.17 24.83
C GLU C 23 -15.30 28.95 25.56
N GLY C 24 -15.63 27.69 25.88
CA GLY C 24 -16.86 27.42 26.60
C GLY C 24 -16.88 28.02 27.99
N SER C 25 -15.73 28.01 28.67
CA SER C 25 -15.68 28.56 30.02
C SER C 25 -15.72 30.08 30.00
N ARG C 26 -15.07 30.71 29.02
CA ARG C 26 -15.11 32.16 28.92
C ARG C 26 -16.53 32.66 28.67
N GLN C 27 -17.33 31.89 27.92
CA GLN C 27 -18.73 32.24 27.73
C GLN C 27 -19.49 32.20 29.05
N PHE C 28 -19.21 31.19 29.88
CA PHE C 28 -19.88 31.09 31.17
C PHE C 28 -19.58 32.28 32.06
N VAL C 29 -18.31 32.72 32.08
CA VAL C 29 -17.95 33.88 32.89
C VAL C 29 -18.66 35.13 32.39
N ALA C 30 -18.70 35.32 31.07
CA ALA C 30 -19.39 36.48 30.50
C ALA C 30 -20.89 36.41 30.77
N VAL C 31 -21.47 35.21 30.69
CA VAL C 31 -22.89 35.04 30.99
C VAL C 31 -23.18 35.39 32.45
N ALA C 32 -22.29 34.97 33.35
CA ALA C 32 -22.47 35.26 34.77
C ALA C 32 -22.43 36.76 35.03
N GLU C 33 -21.53 37.48 34.36
CA GLU C 33 -21.45 38.92 34.54
C GLU C 33 -22.70 39.61 34.04
N LEU C 34 -23.22 39.16 32.88
CA LEU C 34 -24.41 39.77 32.31
C LEU C 34 -25.64 39.47 33.17
N LEU C 35 -25.78 38.23 33.62
CA LEU C 35 -26.97 37.85 34.40
C LEU C 35 -26.92 38.42 35.81
N ALA C 36 -25.72 38.62 36.36
CA ALA C 36 -25.61 39.22 37.69
C ALA C 36 -26.01 40.69 37.67
N SER C 37 -25.63 41.41 36.60
CA SER C 37 -26.00 42.81 36.50
C SER C 37 -27.51 42.99 36.38
N LYS C 38 -28.16 42.10 35.63
CA LYS C 38 -29.61 42.16 35.53
C LYS C 38 -30.28 41.87 36.86
N LEU C 39 -29.69 40.98 37.65
CA LEU C 39 -30.23 40.69 38.98
C LEU C 39 -30.20 41.93 39.87
N ILE C 40 -29.12 42.69 39.82
CA ILE C 40 -29.03 43.93 40.58
C ILE C 40 -30.09 44.91 40.10
N ASP C 41 -30.20 45.09 38.79
CA ASP C 41 -31.17 46.04 38.24
C ASP C 41 -32.60 45.61 38.55
N SER C 42 -32.88 44.31 38.46
CA SER C 42 -34.24 43.83 38.75
C SER C 42 -34.57 43.96 40.22
N SER C 43 -33.59 43.77 41.09
CA SER C 43 -33.83 43.92 42.53
C SER C 43 -34.21 45.34 42.88
N ARG C 44 -33.54 46.32 42.27
CA ARG C 44 -33.92 47.71 42.49
C ARG C 44 -35.31 47.99 41.95
N GLU C 45 -35.60 47.52 40.73
CA GLU C 45 -36.87 47.83 40.08
C GLU C 45 -38.04 47.28 40.89
N SER C 46 -37.90 46.08 41.43
CA SER C 46 -38.92 45.57 42.34
C SER C 46 -38.99 46.39 43.62
N ASP C 47 -37.84 46.91 44.07
CA ASP C 47 -37.83 47.73 45.28
C ASP C 47 -38.58 49.05 45.07
N GLU C 48 -38.47 49.65 43.90
CA GLU C 48 -39.19 50.89 43.61
C GLU C 48 -40.60 50.64 43.07
N SER C 49 -41.18 49.47 43.35
CA SER C 49 -42.51 49.16 42.84
C SER C 49 -43.23 48.28 43.85
N ASN C 50 -44.52 48.05 43.58
CA ASN C 50 -45.36 47.21 44.42
C ASN C 50 -45.41 45.76 43.95
N SER C 51 -44.67 45.41 42.90
CA SER C 51 -44.67 44.08 42.34
C SER C 51 -43.26 43.51 42.35
N ASP C 52 -43.16 42.23 42.73
CA ASP C 52 -41.89 41.52 42.75
C ASP C 52 -41.71 40.61 41.54
N VAL C 53 -42.54 40.77 40.52
CA VAL C 53 -42.41 39.93 39.33
C VAL C 53 -41.07 40.11 38.63
N PRO C 54 -40.56 41.33 38.42
CA PRO C 54 -39.23 41.45 37.78
C PRO C 54 -38.12 40.74 38.54
N PHE C 55 -38.17 40.77 39.87
CA PHE C 55 -37.16 40.06 40.65
C PHE C 55 -37.33 38.55 40.55
N VAL C 56 -38.57 38.08 40.54
CA VAL C 56 -38.83 36.64 40.44
C VAL C 56 -38.31 36.10 39.12
N GLN C 57 -38.57 36.81 38.03
CA GLN C 57 -38.12 36.37 36.71
C GLN C 57 -36.60 36.38 36.61
N ALA C 58 -35.95 37.42 37.18
CA ALA C 58 -34.50 37.50 37.13
C ALA C 58 -33.86 36.40 37.95
N TYR C 59 -34.39 36.14 39.15
CA TYR C 59 -33.82 35.09 39.99
C TYR C 59 -34.04 33.71 39.38
N SER C 60 -35.18 33.49 38.72
CA SER C 60 -35.44 32.21 38.10
C SER C 60 -34.43 31.90 36.99
N LYS C 61 -34.09 32.91 36.18
CA LYS C 61 -33.12 32.69 35.12
C LYS C 61 -31.72 32.46 35.69
N PHE C 62 -31.39 33.14 36.78
CA PHE C 62 -30.05 32.99 37.36
C PHE C 62 -29.89 31.68 38.12
N ALA C 63 -30.95 31.23 38.80
CA ALA C 63 -30.84 30.12 39.73
C ALA C 63 -31.61 28.87 39.29
N ASP C 64 -32.38 28.94 38.21
CA ASP C 64 -33.18 27.82 37.71
C ASP C 64 -34.20 27.33 38.73
N ASP C 65 -34.60 28.18 39.67
CA ASP C 65 -35.53 27.79 40.71
C ASP C 65 -36.26 29.05 41.15
N ASN C 66 -37.57 28.91 41.41
CA ASN C 66 -38.38 30.07 41.74
C ASN C 66 -38.05 30.56 43.16
N PRO C 67 -38.03 31.88 43.37
CA PRO C 67 -37.80 32.38 44.72
C PRO C 67 -38.92 31.96 45.67
N ARG C 68 -38.53 31.67 46.91
CA ARG C 68 -39.48 31.21 47.91
C ARG C 68 -39.23 31.94 49.23
N HIS C 69 -40.31 32.28 49.93
CA HIS C 69 -40.18 32.73 51.30
C HIS C 69 -39.70 31.57 52.18
N LEU C 70 -39.19 31.92 53.36
CA LEU C 70 -38.63 30.97 54.30
C LEU C 70 -37.42 30.23 53.74
N ARG C 71 -36.79 30.78 52.72
CA ARG C 71 -35.60 30.21 52.11
C ARG C 71 -34.54 31.29 52.00
N VAL C 72 -33.28 30.85 51.85
CA VAL C 72 -32.15 31.77 51.97
C VAL C 72 -31.84 32.50 50.67
N LYS C 73 -32.33 32.02 49.53
CA LYS C 73 -32.06 32.61 48.22
C LYS C 73 -30.55 32.68 47.96
N THR C 74 -29.94 31.49 47.89
CA THR C 74 -28.49 31.41 47.78
C THR C 74 -28.00 31.88 46.41
N GLY C 75 -28.66 31.44 45.35
CA GLY C 75 -28.21 31.77 44.01
C GLY C 75 -28.32 30.60 43.06
N GLY C 76 -28.62 29.42 43.59
CA GLY C 76 -28.83 28.26 42.75
C GLY C 76 -27.53 27.58 42.33
N LYS C 77 -27.63 26.79 41.27
CA LYS C 77 -26.46 26.06 40.78
C LYS C 77 -25.43 27.01 40.19
N MET C 78 -25.89 28.14 39.66
CA MET C 78 -24.97 29.08 39.03
C MET C 78 -24.03 29.72 40.03
N ALA C 79 -24.51 29.94 41.26
CA ALA C 79 -23.66 30.50 42.30
C ALA C 79 -22.55 29.54 42.69
N ASN C 80 -22.86 28.25 42.79
CA ASN C 80 -21.85 27.26 43.17
C ASN C 80 -20.76 27.17 42.11
N ALA C 81 -21.15 27.18 40.84
CA ALA C 81 -20.17 27.08 39.76
C ALA C 81 -19.25 28.30 39.73
N LEU C 82 -19.81 29.49 39.87
CA LEU C 82 -18.99 30.70 39.86
C LEU C 82 -18.03 30.73 41.04
N THR C 83 -18.50 30.30 42.22
CA THR C 83 -17.63 30.27 43.39
C THR C 83 -16.48 29.29 43.20
N ASN C 84 -16.76 28.14 42.58
CA ASN C 84 -15.74 27.10 42.45
C ASN C 84 -14.70 27.45 41.39
N VAL C 85 -15.13 28.08 40.28
CA VAL C 85 -14.18 28.44 39.25
C VAL C 85 -13.26 29.56 39.72
N ILE C 86 -13.75 30.43 40.60
CA ILE C 86 -12.88 31.45 41.18
C ILE C 86 -11.76 30.81 42.00
N ARG C 87 -12.10 29.76 42.75
CA ARG C 87 -11.11 29.05 43.53
C ARG C 87 -10.03 28.45 42.64
N SER C 88 -10.42 27.85 41.52
CA SER C 88 -9.46 27.20 40.65
C SER C 88 -8.60 28.19 39.89
N TYR C 89 -9.11 29.42 39.68
CA TYR C 89 -8.35 30.41 38.93
C TYR C 89 -7.19 30.97 39.74
N TYR C 90 -7.29 30.97 41.08
CA TYR C 90 -6.29 31.65 41.89
C TYR C 90 -4.94 30.94 41.83
N SER C 91 -4.94 29.62 42.01
CA SER C 91 -3.70 28.86 41.95
C SER C 91 -4.00 27.46 41.45
N ILE C 92 -2.96 26.75 41.04
CA ILE C 92 -3.13 25.43 40.43
C ILE C 92 -3.38 24.35 41.48
N ASN C 93 -3.10 24.64 42.75
CA ASN C 93 -3.32 23.64 43.80
C ASN C 93 -4.79 23.45 44.12
N ALA C 94 -5.65 24.37 43.71
CA ALA C 94 -7.07 24.23 43.98
C ALA C 94 -7.69 23.20 43.05
N PRO C 95 -8.59 22.35 43.53
CA PRO C 95 -9.21 21.36 42.65
C PRO C 95 -10.15 22.01 41.64
N ALA C 96 -10.28 21.35 40.49
CA ALA C 96 -11.25 21.71 39.46
C ALA C 96 -12.34 20.65 39.49
N ILE C 97 -13.45 20.95 40.17
CA ILE C 97 -14.48 19.96 40.46
C ILE C 97 -15.83 20.32 39.83
N VAL C 98 -15.85 21.23 38.87
CA VAL C 98 -17.07 21.61 38.16
C VAL C 98 -17.10 20.87 36.84
N PRO C 99 -18.09 20.02 36.59
CA PRO C 99 -18.18 19.34 35.29
C PRO C 99 -18.34 20.34 34.16
N GLN C 100 -17.76 20.00 33.00
CA GLN C 100 -17.86 20.89 31.85
C GLN C 100 -19.27 20.89 31.27
N VAL C 101 -20.04 19.84 31.52
CA VAL C 101 -21.44 19.83 31.08
C VAL C 101 -22.24 20.89 31.82
N GLU C 102 -21.96 21.07 33.11
CA GLU C 102 -22.63 22.12 33.87
C GLU C 102 -22.23 23.52 33.38
N ILE C 103 -20.95 23.70 33.07
CA ILE C 103 -20.48 25.00 32.58
C ILE C 103 -21.14 25.34 31.25
N ASP C 104 -21.20 24.36 30.35
CA ASP C 104 -21.83 24.59 29.04
C ASP C 104 -23.31 24.87 29.18
N ARG C 105 -24.00 24.16 30.08
CA ARG C 105 -25.43 24.37 30.26
C ARG C 105 -25.72 25.77 30.77
N LEU C 106 -24.90 26.27 31.70
CA LEU C 106 -25.12 27.61 32.23
C LEU C 106 -24.74 28.69 31.22
N ALA C 107 -23.82 28.38 30.30
CA ALA C 107 -23.38 29.37 29.32
C ALA C 107 -24.45 29.58 28.25
N SER C 108 -25.45 28.71 28.17
CA SER C 108 -26.51 28.86 27.19
C SER C 108 -27.65 29.75 27.67
N LYS C 109 -27.57 30.26 28.90
CA LYS C 109 -28.66 31.07 29.44
C LYS C 109 -28.72 32.43 28.76
N ALA C 110 -27.57 32.99 28.39
CA ALA C 110 -27.51 34.27 27.73
C ALA C 110 -26.56 34.18 26.54
N THR C 111 -26.75 35.09 25.58
CA THR C 111 -25.95 35.11 24.36
C THR C 111 -24.94 36.25 24.43
N VAL C 112 -23.67 35.90 24.65
CA VAL C 112 -22.57 36.85 24.66
C VAL C 112 -21.37 36.20 23.98
N SER C 113 -20.46 37.05 23.49
CA SER C 113 -19.32 36.55 22.72
C SER C 113 -18.33 35.80 23.61
N GLY C 114 -18.00 36.38 24.76
CA GLY C 114 -16.96 35.82 25.60
C GLY C 114 -15.55 36.24 25.25
N ASP C 115 -15.40 37.24 24.38
CA ASP C 115 -14.08 37.73 24.02
C ASP C 115 -13.43 38.44 25.21
N MET C 116 -12.12 38.25 25.36
CA MET C 116 -11.38 38.83 26.48
C MET C 116 -10.19 39.67 25.99
N TYR C 117 -10.22 40.14 24.74
CA TYR C 117 -9.10 40.90 24.21
C TYR C 117 -9.53 42.10 23.37
N ASN C 118 -10.78 42.55 23.50
CA ASN C 118 -11.29 43.61 22.65
C ASN C 118 -11.12 45.00 23.24
N SER C 119 -10.62 45.12 24.46
CA SER C 119 -10.40 46.40 25.11
C SER C 119 -9.14 46.32 25.96
N TYR C 120 -8.92 47.35 26.78
CA TYR C 120 -7.75 47.42 27.63
C TYR C 120 -8.08 48.17 28.91
N ALA C 121 -7.21 48.01 29.91
CA ALA C 121 -7.33 48.71 31.17
C ALA C 121 -5.94 49.14 31.63
N ILE C 122 -5.90 50.14 32.49
CA ILE C 122 -4.66 50.72 32.98
C ILE C 122 -4.54 50.42 34.47
N PHE C 123 -3.43 49.79 34.87
CA PHE C 123 -3.19 49.41 36.25
C PHE C 123 -2.02 50.23 36.80
N ASN C 124 -2.19 50.75 38.00
CA ASN C 124 -1.28 51.75 38.55
C ASN C 124 -0.22 51.18 39.49
N SER C 125 -0.14 49.86 39.63
CA SER C 125 0.90 49.28 40.46
C SER C 125 2.27 49.59 39.88
N VAL C 126 3.21 49.98 40.75
CA VAL C 126 4.53 50.42 40.33
C VAL C 126 5.49 49.24 40.45
N PRO C 127 6.00 48.70 39.35
CA PRO C 127 6.98 47.62 39.42
C PRO C 127 8.39 48.19 39.62
N ILE C 128 8.95 48.01 40.82
CA ILE C 128 10.39 48.39 41.03
C ILE C 128 11.13 47.07 41.20
N VAL C 129 11.60 46.49 40.10
CA VAL C 129 12.23 45.14 40.14
C VAL C 129 13.47 45.15 41.01
N GLU C 130 14.36 46.14 40.86
CA GLU C 130 15.52 46.22 41.78
C GLU C 130 16.01 47.66 41.92
N VAL C 131 16.55 48.01 43.07
CA VAL C 131 17.19 49.35 43.25
C VAL C 131 18.54 49.06 43.91
N LEU C 132 19.62 49.29 43.17
CA LEU C 132 20.94 48.93 43.67
C LEU C 132 21.63 50.16 44.25
N SER C 133 22.20 49.99 45.44
CA SER C 133 22.87 51.07 46.15
C SER C 133 24.22 50.61 46.66
N PRO C 134 25.17 51.53 46.81
CA PRO C 134 26.48 51.15 47.37
C PRO C 134 26.41 50.80 48.85
N ALA C 135 27.56 50.50 49.44
CA ALA C 135 27.59 50.04 50.84
C ALA C 135 27.14 51.13 51.80
N ARG C 136 27.55 52.38 51.56
CA ARG C 136 27.28 53.45 52.51
C ARG C 136 25.80 53.77 52.60
N THR C 137 25.08 53.69 51.47
CA THR C 137 23.70 54.15 51.42
C THR C 137 22.73 53.09 51.92
N THR C 138 21.55 53.54 52.33
CA THR C 138 20.44 52.69 52.73
C THR C 138 19.20 53.09 51.95
N VAL C 139 18.46 52.10 51.46
CA VAL C 139 17.31 52.33 50.59
C VAL C 139 16.13 51.52 51.11
N SER C 140 14.96 52.15 51.18
CA SER C 140 13.73 51.51 51.59
C SER C 140 12.63 51.81 50.58
N ILE C 141 11.80 50.81 50.30
CA ILE C 141 10.70 50.92 49.34
C ILE C 141 9.38 50.70 50.08
N VAL C 142 8.46 51.65 49.94
CA VAL C 142 7.17 51.60 50.61
C VAL C 142 6.08 51.83 49.57
N GLY C 143 5.09 50.95 49.55
CA GLY C 143 3.90 51.17 48.76
C GLY C 143 3.91 50.47 47.41
N SER C 144 2.71 50.31 46.85
CA SER C 144 2.53 49.72 45.54
C SER C 144 1.92 50.70 44.55
N ASP C 145 0.82 51.35 44.90
CA ASP C 145 0.22 52.34 44.00
C ASP C 145 1.10 53.58 43.87
N ARG C 146 1.72 54.01 44.95
CA ARG C 146 2.66 55.14 44.94
C ARG C 146 3.88 54.73 45.74
N ALA C 147 4.94 54.31 45.04
CA ALA C 147 6.14 53.78 45.68
C ALA C 147 7.01 54.94 46.16
N ASP C 148 7.21 55.03 47.47
CA ASP C 148 8.09 56.02 48.07
C ASP C 148 9.42 55.35 48.37
N VAL C 149 10.49 55.83 47.76
CA VAL C 149 11.83 55.29 47.95
C VAL C 149 12.65 56.32 48.69
N THR C 150 12.94 56.05 49.96
CA THR C 150 13.72 56.94 50.81
C THR C 150 15.14 56.39 50.90
N MET C 151 16.12 57.18 50.48
CA MET C 151 17.51 56.79 50.49
C MET C 151 18.35 57.81 51.23
N LEU C 152 19.28 57.33 52.05
CA LEU C 152 20.17 58.16 52.85
C LEU C 152 21.62 57.80 52.53
N ASN C 153 22.46 58.82 52.44
CA ASN C 153 23.88 58.66 52.10
C ASN C 153 24.72 59.04 53.32
N THR C 154 25.19 58.02 54.04
CA THR C 154 26.03 58.27 55.21
C THR C 154 27.50 58.44 54.82
N GLY C 155 27.86 58.13 53.58
CA GLY C 155 29.24 58.23 53.17
C GLY C 155 29.67 59.67 52.92
N ALA C 156 30.97 59.84 52.71
CA ALA C 156 31.54 61.17 52.50
C ALA C 156 31.28 61.69 51.09
N GLY C 157 31.27 60.83 50.09
CA GLY C 157 31.10 61.24 48.72
C GLY C 157 29.71 60.92 48.17
N ALA C 158 29.36 61.58 47.08
CA ALA C 158 28.08 61.33 46.43
C ALA C 158 28.04 59.91 45.87
N ALA C 159 26.87 59.28 45.94
CA ALA C 159 26.69 57.91 45.51
C ALA C 159 25.70 57.82 44.36
N ASN C 160 25.97 56.90 43.45
CA ASN C 160 25.08 56.63 42.32
C ASN C 160 24.24 55.39 42.62
N ILE C 161 22.92 55.53 42.50
CA ILE C 161 21.99 54.45 42.79
C ILE C 161 21.25 54.10 41.50
N THR C 162 21.22 52.82 41.17
CA THR C 162 20.62 52.33 39.93
C THR C 162 19.16 51.95 40.18
N PHE C 163 18.28 52.44 39.32
CA PHE C 163 16.86 52.12 39.37
C PHE C 163 16.48 51.27 38.16
N ASN C 164 15.83 50.15 38.41
CA ASN C 164 15.34 49.27 37.35
C ASN C 164 13.83 49.09 37.52
N PHE C 165 13.07 49.36 36.47
CA PHE C 165 11.61 49.31 36.53
C PHE C 165 11.03 48.21 35.66
N GLY C 166 11.85 47.26 35.22
CA GLY C 166 11.37 46.21 34.35
C GLY C 166 11.15 46.71 32.92
N GLN C 167 10.45 45.88 32.15
CA GLN C 167 10.14 46.19 30.76
C GLN C 167 8.66 46.22 30.46
N ILE C 168 7.80 45.68 31.33
CA ILE C 168 6.38 45.62 31.05
C ILE C 168 5.74 47.00 31.12
N ALA C 169 6.10 47.78 32.14
CA ALA C 169 5.47 49.09 32.33
C ALA C 169 5.77 50.01 31.15
N GLU C 170 4.80 50.87 30.83
CA GLU C 170 4.93 51.75 29.67
C GLU C 170 5.48 53.11 30.05
N THR C 171 4.96 53.72 31.11
CA THR C 171 5.44 55.01 31.58
C THR C 171 5.62 54.98 33.09
N VAL C 172 6.65 55.68 33.56
CA VAL C 172 6.91 55.83 34.99
C VAL C 172 7.26 57.29 35.24
N ILE C 173 6.61 57.89 36.23
CA ILE C 173 6.81 59.28 36.60
C ILE C 173 7.40 59.34 38.00
N LEU C 174 8.54 60.01 38.13
CA LEU C 174 9.25 60.12 39.39
C LEU C 174 9.18 61.55 39.90
N LYS C 175 8.77 61.72 41.15
CA LYS C 175 8.73 63.01 41.82
C LYS C 175 9.51 62.92 43.11
N GLY C 176 10.38 63.90 43.34
CA GLY C 176 11.28 63.90 44.49
C GLY C 176 10.91 64.98 45.48
N SER C 177 11.30 64.76 46.74
CA SER C 177 11.06 65.76 47.78
C SER C 177 11.81 67.05 47.48
N VAL C 178 13.07 66.94 47.08
CA VAL C 178 13.85 68.07 46.59
C VAL C 178 14.41 67.71 45.23
N PRO C 179 14.74 68.70 44.40
CA PRO C 179 15.22 68.39 43.05
C PRO C 179 16.45 67.49 43.08
N PHE C 180 16.46 66.53 42.16
CA PHE C 180 17.53 65.54 42.07
C PHE C 180 17.84 65.32 40.60
N GLN C 181 18.93 64.58 40.35
CA GLN C 181 19.43 64.35 39.00
C GLN C 181 19.23 62.89 38.62
N LEU C 182 18.68 62.66 37.43
CA LEU C 182 18.46 61.32 36.92
C LEU C 182 18.97 61.24 35.50
N ALA C 183 19.66 60.16 35.16
CA ALA C 183 20.14 59.95 33.80
C ALA C 183 20.23 58.46 33.52
N ARG C 184 20.21 58.12 32.24
CA ARG C 184 20.33 56.74 31.81
C ARG C 184 21.79 56.30 31.83
N LEU C 185 22.01 55.04 31.46
CA LEU C 185 23.37 54.52 31.36
C LEU C 185 24.15 55.28 30.30
N ASN C 186 25.38 55.69 30.66
CA ASN C 186 26.30 56.35 29.74
C ASN C 186 25.68 57.60 29.11
N GLN C 187 25.09 58.45 29.94
CA GLN C 187 24.53 59.71 29.49
C GLN C 187 24.85 60.80 30.51
N PRO C 188 25.02 62.04 30.07
CA PRO C 188 25.32 63.12 31.01
C PRO C 188 24.15 63.41 31.94
N MET C 189 24.48 63.87 33.14
CA MET C 189 23.47 64.20 34.14
C MET C 189 22.91 65.58 33.87
N PRO C 190 21.59 65.74 33.84
CA PRO C 190 20.99 67.07 33.62
C PRO C 190 20.95 67.87 34.91
N ALA C 191 20.46 69.09 34.81
CA ALA C 191 20.25 69.93 35.98
C ALA C 191 19.18 69.32 36.88
N ALA C 192 19.29 69.59 38.17
CA ALA C 192 18.36 69.02 39.14
C ALA C 192 16.93 69.47 38.84
N ARG C 193 16.02 68.51 38.80
CA ARG C 193 14.61 68.78 38.51
C ARG C 193 13.74 68.05 39.53
N PHE C 194 12.51 68.54 39.68
CA PHE C 194 11.58 67.93 40.61
C PHE C 194 11.01 66.63 40.06
N THR C 195 10.78 66.55 38.76
CA THR C 195 10.05 65.44 38.16
C THR C 195 10.77 64.91 36.93
N TYR C 196 10.54 63.64 36.64
CA TYR C 196 11.06 62.97 35.45
C TYR C 196 10.00 62.03 34.90
N LYS C 197 9.89 62.01 33.57
CA LYS C 197 9.03 61.06 32.86
C LYS C 197 9.90 60.07 32.11
N LEU C 198 9.73 58.79 32.40
CA LEU C 198 10.64 57.77 31.90
C LEU C 198 9.88 56.63 31.25
N ARG C 199 10.47 56.07 30.20
CA ARG C 199 10.01 54.81 29.62
C ARG C 199 10.86 53.68 30.17
N PRO C 200 10.27 52.68 30.82
CA PRO C 200 11.10 51.63 31.45
C PRO C 200 12.00 50.88 30.47
N LEU C 201 11.60 50.76 29.21
CA LEU C 201 12.44 50.08 28.22
C LEU C 201 13.69 50.87 27.85
N ASP C 202 13.79 52.14 28.26
CA ASP C 202 14.98 52.92 27.96
C ASP C 202 16.23 52.30 28.60
N GLY C 203 16.10 51.83 29.83
CA GLY C 203 17.19 51.16 30.50
C GLY C 203 17.27 51.52 31.97
N PRO C 204 18.25 50.94 32.67
CA PRO C 204 18.46 51.31 34.07
C PRO C 204 18.79 52.78 34.22
N PHE C 205 18.28 53.38 35.29
CA PHE C 205 18.43 54.81 35.54
C PHE C 205 19.29 55.01 36.77
N ILE C 206 20.12 56.05 36.75
CA ILE C 206 21.06 56.34 37.82
C ILE C 206 20.64 57.63 38.50
N VAL C 207 20.61 57.62 39.83
CA VAL C 207 20.27 58.79 40.63
C VAL C 207 21.46 59.11 41.51
N VAL C 208 21.92 60.36 41.46
CA VAL C 208 22.98 60.81 42.35
C VAL C 208 22.39 61.18 43.70
N LEU C 209 23.13 60.89 44.76
CA LEU C 209 22.70 61.23 46.12
C LEU C 209 23.71 62.16 46.76
N PRO C 210 23.33 63.39 47.09
CA PRO C 210 24.21 64.24 47.89
C PRO C 210 24.34 63.71 49.30
N VAL C 211 25.14 64.38 50.14
CA VAL C 211 25.41 63.91 51.49
C VAL C 211 24.53 64.59 52.54
N GLY C 212 23.80 65.65 52.17
CA GLY C 212 23.10 66.46 53.16
C GLY C 212 21.91 65.83 53.84
N ASN C 213 20.85 65.59 53.09
CA ASN C 213 19.56 65.20 53.65
C ASN C 213 18.97 64.03 52.87
N PRO C 214 18.06 63.27 53.48
CA PRO C 214 17.42 62.17 52.77
C PRO C 214 16.63 62.66 51.56
N LEU C 215 16.62 61.84 50.51
CA LEU C 215 15.87 62.11 49.30
C LEU C 215 14.81 61.02 49.13
N VAL C 216 13.56 61.44 48.93
CA VAL C 216 12.45 60.52 48.75
C VAL C 216 11.89 60.69 47.36
N ILE C 217 11.77 59.59 46.62
CA ILE C 217 11.25 59.59 45.25
C ILE C 217 9.90 58.89 45.26
N SER C 218 8.89 59.55 44.71
CA SER C 218 7.57 58.98 44.57
C SER C 218 7.37 58.51 43.13
N ALA C 219 6.98 57.25 42.97
CA ALA C 219 6.90 56.62 41.66
C ALA C 219 5.46 56.33 41.31
N THR C 220 5.07 56.64 40.07
CA THR C 220 3.75 56.33 39.54
C THR C 220 3.93 55.69 38.18
N ALA C 221 3.31 54.53 37.97
CA ALA C 221 3.47 53.77 36.74
C ALA C 221 2.12 53.42 36.15
N ALA C 222 2.09 53.26 34.82
CA ALA C 222 0.90 52.86 34.09
C ALA C 222 1.23 51.66 33.22
N THR C 223 0.34 50.67 33.21
CA THR C 223 0.51 49.45 32.44
C THR C 223 -0.79 49.12 31.74
N ARG C 224 -0.70 48.71 30.48
CA ARG C 224 -1.86 48.41 29.66
C ARG C 224 -2.00 46.91 29.50
N ILE C 225 -3.18 46.39 29.83
CA ILE C 225 -3.48 44.96 29.76
C ILE C 225 -4.81 44.78 29.06
N GLN C 226 -4.85 43.84 28.11
CA GLN C 226 -6.07 43.61 27.34
C GLN C 226 -7.15 42.98 28.21
N VAL C 227 -8.33 43.57 28.20
CA VAL C 227 -9.46 43.10 29.00
C VAL C 227 -10.73 43.21 28.17
N PRO C 228 -11.77 42.47 28.54
CA PRO C 228 -13.07 42.63 27.85
C PRO C 228 -13.66 44.00 28.13
N LEU C 229 -14.54 44.42 27.21
CA LEU C 229 -15.17 45.73 27.35
C LEU C 229 -16.02 45.83 28.61
N ALA C 230 -16.56 44.71 29.08
CA ALA C 230 -17.37 44.71 30.29
C ALA C 230 -16.55 44.89 31.55
N PHE C 231 -15.22 44.87 31.46
CA PHE C 231 -14.37 45.01 32.62
C PHE C 231 -14.61 46.35 33.32
N ASN C 232 -14.79 46.29 34.64
CA ASN C 232 -15.00 47.49 35.46
C ASN C 232 -14.13 47.37 36.69
N LYS C 233 -13.11 48.22 36.79
CA LYS C 233 -12.12 48.09 37.84
C LYS C 233 -12.72 48.28 39.23
N ALA C 234 -13.71 49.17 39.35
CA ALA C 234 -14.34 49.41 40.65
C ALA C 234 -15.02 48.15 41.17
N LEU C 235 -15.74 47.44 40.29
CA LEU C 235 -16.43 46.23 40.72
C LEU C 235 -15.47 45.07 40.91
N VAL C 236 -14.39 45.03 40.12
CA VAL C 236 -13.42 43.95 40.25
C VAL C 236 -12.68 44.04 41.57
N GLU C 237 -12.27 45.24 41.96
CA GLU C 237 -11.55 45.41 43.22
C GLU C 237 -12.44 45.03 44.40
N SER C 238 -13.71 45.42 44.37
CA SER C 238 -14.63 45.02 45.42
C SER C 238 -14.82 43.52 45.47
N GLY C 239 -14.91 42.88 44.29
CA GLY C 239 -15.03 41.44 44.25
C GLY C 239 -13.79 40.74 44.76
N PHE C 240 -12.62 41.34 44.56
CA PHE C 240 -11.38 40.76 45.05
C PHE C 240 -11.38 40.69 46.58
N GLN C 241 -11.83 41.75 47.24
CA GLN C 241 -11.87 41.76 48.69
C GLN C 241 -12.92 40.79 49.23
N THR C 242 -14.07 40.71 48.56
CA THR C 242 -15.12 39.81 49.01
C THR C 242 -14.68 38.35 48.91
N ALA C 243 -14.03 37.98 47.80
CA ALA C 243 -13.54 36.61 47.66
C ALA C 243 -12.46 36.30 48.68
N MET C 244 -11.58 37.26 48.94
CA MET C 244 -10.56 37.08 49.96
C MET C 244 -11.18 36.89 51.34
N ASN C 245 -12.19 37.69 51.66
CA ASN C 245 -12.84 37.57 52.97
C ASN C 245 -13.66 36.31 53.07
N ASP C 246 -14.34 35.91 51.99
CA ASP C 246 -15.21 34.75 52.01
C ASP C 246 -14.46 33.43 52.09
N GLY C 247 -13.14 33.44 51.94
CA GLY C 247 -12.37 32.23 52.02
C GLY C 247 -12.09 31.55 50.70
N LEU C 248 -12.32 32.22 49.58
CA LEU C 248 -12.12 31.60 48.28
C LEU C 248 -10.64 31.45 47.93
N PHE C 249 -9.74 32.13 48.64
CA PHE C 249 -8.32 32.10 48.32
C PHE C 249 -7.48 31.38 49.37
N ASP C 250 -8.09 30.91 50.45
CA ASP C 250 -7.33 30.24 51.52
C ASP C 250 -7.06 28.79 51.12
N ILE C 251 -5.97 28.61 50.37
CA ILE C 251 -5.41 27.29 50.09
C ILE C 251 -3.90 27.37 50.26
N GLN C 252 -3.24 26.24 50.05
CA GLN C 252 -1.84 26.11 50.44
C GLN C 252 -0.90 26.68 49.38
N ASN C 253 0.25 27.18 49.86
CA ASN C 253 1.36 27.61 49.00
C ASN C 253 0.93 28.69 48.01
N VAL C 254 0.29 29.74 48.52
CA VAL C 254 -0.15 30.86 47.72
C VAL C 254 0.31 32.16 48.37
N ASN C 255 0.38 33.20 47.53
CA ASN C 255 0.71 34.54 47.97
C ASN C 255 -0.54 35.41 47.94
N TYR C 256 -0.63 36.33 48.89
CA TYR C 256 -1.80 37.18 49.05
C TYR C 256 -1.44 38.63 48.76
N TYR C 257 -2.35 39.33 48.09
CA TYR C 257 -2.14 40.70 47.66
C TYR C 257 -3.27 41.59 48.15
N SER C 258 -2.96 42.87 48.36
CA SER C 258 -3.94 43.81 48.87
C SER C 258 -4.94 44.25 47.81
N SER C 259 -4.54 44.25 46.55
CA SER C 259 -5.41 44.72 45.47
C SER C 259 -5.25 43.82 44.25
N PHE C 260 -6.24 43.91 43.36
CA PHE C 260 -6.20 43.10 42.14
C PHE C 260 -5.14 43.58 41.18
N ASP C 261 -4.84 44.87 41.15
CA ASP C 261 -3.80 45.38 40.27
C ASP C 261 -2.43 44.86 40.68
N GLU C 262 -2.21 44.71 41.99
CA GLU C 262 -0.98 44.10 42.46
C GLU C 262 -0.91 42.63 42.04
N PHE C 263 -2.05 41.94 42.05
CA PHE C 263 -2.10 40.56 41.63
C PHE C 263 -1.75 40.41 40.15
N ILE C 264 -2.23 41.34 39.31
CA ILE C 264 -2.07 41.18 37.87
C ILE C 264 -0.69 41.64 37.43
N ILE C 265 -0.13 42.66 38.08
CA ILE C 265 1.20 43.13 37.71
C ILE C 265 2.26 42.13 38.15
N SER C 266 2.11 41.55 39.34
CA SER C 266 3.07 40.58 39.83
C SER C 266 3.11 39.34 38.94
N GLN C 267 1.95 38.86 38.50
CA GLN C 267 1.92 37.72 37.59
C GLN C 267 2.46 38.09 36.22
N TYR C 268 2.26 39.34 35.79
CA TYR C 268 2.75 39.78 34.49
C TYR C 268 4.28 39.78 34.44
N HIS C 269 4.91 40.09 35.56
CA HIS C 269 6.37 40.18 35.62
C HIS C 269 7.04 38.82 35.80
N ALA C 270 6.28 37.74 35.94
CA ALA C 270 6.86 36.42 35.97
C ALA C 270 7.41 36.05 34.60
N GLN C 271 8.16 34.95 34.55
CA GLN C 271 8.80 34.54 33.30
C GLN C 271 7.77 34.19 32.23
N ASP C 272 6.71 33.48 32.60
CA ASP C 272 5.61 33.21 31.67
C ASP C 272 4.48 34.22 31.91
N GLY C 273 4.84 35.50 31.76
CA GLY C 273 3.91 36.56 32.13
C GLY C 273 2.68 36.61 31.26
N ILE C 274 2.84 36.41 29.95
CA ILE C 274 1.72 36.57 29.03
C ILE C 274 0.63 35.55 29.31
N ASN C 275 1.02 34.29 29.55
CA ASN C 275 0.04 33.24 29.77
C ASN C 275 -0.71 33.46 31.09
N ARG C 276 0.00 33.91 32.13
CA ARG C 276 -0.64 34.12 33.42
C ARG C 276 -1.67 35.24 33.37
N VAL C 277 -1.38 36.30 32.62
CA VAL C 277 -2.26 37.46 32.58
C VAL C 277 -3.61 37.09 31.95
N SER C 278 -3.59 36.19 30.95
CA SER C 278 -4.84 35.78 30.31
C SER C 278 -5.77 35.12 31.30
N THR C 279 -5.22 34.25 32.17
CA THR C 279 -6.05 33.63 33.20
C THR C 279 -6.50 34.64 34.24
N CYS C 280 -5.62 35.61 34.57
CA CYS C 280 -5.98 36.61 35.56
C CYS C 280 -7.13 37.49 35.09
N VAL C 281 -7.15 37.81 33.80
CA VAL C 281 -8.24 38.63 33.25
C VAL C 281 -9.57 37.90 33.38
N ILE C 282 -9.59 36.60 33.09
CA ILE C 282 -10.81 35.82 33.26
C ILE C 282 -11.23 35.80 34.73
N LEU C 283 -10.26 35.73 35.63
CA LEU C 283 -10.56 35.80 37.06
C LEU C 283 -11.13 37.16 37.43
N GLY C 284 -10.64 38.22 36.79
CA GLY C 284 -11.16 39.55 37.09
C GLY C 284 -12.62 39.70 36.74
N LEU C 285 -13.03 39.19 35.58
CA LEU C 285 -14.44 39.27 35.20
C LEU C 285 -15.31 38.37 36.08
N ALA C 286 -14.76 37.23 36.50
CA ALA C 286 -15.50 36.36 37.41
C ALA C 286 -15.71 37.04 38.76
N LEU C 287 -14.70 37.77 39.24
CA LEU C 287 -14.85 38.50 40.50
C LEU C 287 -15.88 39.62 40.37
N GLN C 288 -15.95 40.24 39.20
CA GLN C 288 -16.96 41.28 38.97
C GLN C 288 -18.37 40.71 39.07
N ALA C 289 -18.57 39.52 38.49
CA ALA C 289 -19.87 38.86 38.62
C ALA C 289 -20.13 38.43 40.06
N TYR C 290 -19.07 38.01 40.77
CA TYR C 290 -19.23 37.58 42.16
C TYR C 290 -19.69 38.74 43.03
N ASP C 291 -19.12 39.93 42.82
CA ASP C 291 -19.49 41.08 43.63
C ASP C 291 -20.94 41.48 43.38
N GLN C 292 -21.35 41.51 42.10
CA GLN C 292 -22.72 41.91 41.77
C GLN C 292 -23.73 40.90 42.30
N MET C 293 -23.42 39.61 42.18
CA MET C 293 -24.37 38.58 42.59
C MET C 293 -24.47 38.50 44.12
N ARG C 294 -23.34 38.54 44.81
CA ARG C 294 -23.35 38.38 46.26
C ARG C 294 -23.94 39.61 46.95
N ARG C 295 -23.86 40.78 46.33
CA ARG C 295 -24.50 41.96 46.91
C ARG C 295 -26.02 41.86 46.81
N ALA C 296 -26.52 41.28 45.72
CA ALA C 296 -27.96 41.10 45.58
C ALA C 296 -28.46 39.92 46.42
N LEU C 297 -27.63 38.91 46.60
CA LEU C 297 -27.99 37.70 47.35
C LEU C 297 -26.93 37.42 48.40
N PRO C 298 -26.92 38.18 49.49
CA PRO C 298 -25.92 37.94 50.54
C PRO C 298 -26.22 36.66 51.31
N VAL C 299 -25.16 35.96 51.69
CA VAL C 299 -25.26 34.74 52.47
C VAL C 299 -24.28 34.78 53.63
N ALA D 2 7.01 50.73 78.41
CA ALA D 2 6.59 50.50 77.03
C ALA D 2 5.86 51.72 76.49
N ASN D 3 5.89 51.89 75.17
CA ASN D 3 5.23 52.99 74.49
C ASN D 3 4.05 52.46 73.68
N ARG D 4 2.98 53.25 73.63
CA ARG D 4 1.77 52.89 72.92
C ARG D 4 1.56 53.82 71.74
N ALA D 5 1.25 53.26 70.58
CA ALA D 5 0.94 54.02 69.38
C ALA D 5 -0.40 53.57 68.82
N THR D 6 -1.20 54.53 68.38
CA THR D 6 -2.54 54.23 67.87
C THR D 6 -2.80 55.06 66.62
N SER D 7 -3.80 54.63 65.85
CA SER D 7 -4.19 55.36 64.66
C SER D 7 -4.84 56.69 65.04
N ALA D 8 -4.57 57.72 64.23
CA ALA D 8 -5.07 59.05 64.54
C ALA D 8 -6.59 59.12 64.45
N PHE D 9 -7.18 58.48 63.43
CA PHE D 9 -8.61 58.62 63.20
C PHE D 9 -9.46 57.81 64.16
N LEU D 10 -8.84 56.88 64.90
CA LEU D 10 -9.60 56.04 65.82
C LEU D 10 -9.80 56.69 67.18
N ASP D 11 -9.17 57.83 67.44
CA ASP D 11 -9.18 58.43 68.76
C ASP D 11 -10.39 59.34 68.94
N ASN D 12 -11.14 59.11 70.02
CA ASN D 12 -12.26 59.94 70.45
C ASN D 12 -13.30 60.15 69.35
N PRO D 13 -14.09 59.13 69.01
CA PRO D 13 -15.20 59.33 68.07
C PRO D 13 -16.38 59.99 68.77
N HIS D 14 -16.86 61.09 68.22
CA HIS D 14 -17.93 61.84 68.84
C HIS D 14 -19.27 61.12 68.69
N PRO D 15 -20.21 61.37 69.59
CA PRO D 15 -21.54 60.72 69.48
C PRO D 15 -22.27 61.18 68.23
N VAL D 16 -23.08 60.28 67.69
CA VAL D 16 -23.89 60.55 66.51
C VAL D 16 -25.30 60.88 66.94
N GLY D 17 -26.08 61.40 66.00
CA GLY D 17 -27.45 61.78 66.30
C GLY D 17 -28.35 60.57 66.56
N VAL D 18 -29.48 60.84 67.22
CA VAL D 18 -30.44 59.81 67.57
C VAL D 18 -31.80 60.07 66.94
N ASN D 19 -31.91 61.09 66.10
CA ASN D 19 -33.17 61.45 65.47
C ASN D 19 -33.19 60.97 64.02
N TYR D 20 -34.41 60.86 63.49
CA TYR D 20 -34.63 60.48 62.09
C TYR D 20 -34.05 59.11 61.77
N VAL D 21 -34.28 58.15 62.66
CA VAL D 21 -33.82 56.78 62.47
C VAL D 21 -34.96 55.78 62.42
N ASP D 22 -36.22 56.24 62.48
CA ASP D 22 -37.36 55.35 62.47
C ASP D 22 -37.68 54.93 61.04
N GLU D 23 -38.79 54.20 60.86
CA GLU D 23 -39.15 53.69 59.54
C GLU D 23 -39.51 54.82 58.58
N GLY D 24 -40.27 55.81 59.06
CA GLY D 24 -40.68 56.90 58.20
C GLY D 24 -39.50 57.71 57.69
N SER D 25 -38.52 57.97 58.56
CA SER D 25 -37.36 58.76 58.13
C SER D 25 -36.47 57.97 57.20
N ARG D 26 -36.34 56.66 57.42
CA ARG D 26 -35.52 55.84 56.53
C ARG D 26 -36.08 55.82 55.12
N GLN D 27 -37.42 55.78 54.99
CA GLN D 27 -38.03 55.84 53.66
C GLN D 27 -37.79 57.19 53.01
N PHE D 28 -37.71 58.26 53.81
CA PHE D 28 -37.48 59.59 53.25
C PHE D 28 -36.10 59.67 52.59
N VAL D 29 -35.08 59.08 53.22
CA VAL D 29 -33.75 59.11 52.63
C VAL D 29 -33.71 58.29 51.35
N ALA D 30 -34.36 57.12 51.34
CA ALA D 30 -34.40 56.30 50.14
C ALA D 30 -35.15 57.02 49.01
N VAL D 31 -36.25 57.70 49.34
CA VAL D 31 -36.97 58.46 48.33
C VAL D 31 -36.10 59.59 47.78
N ALA D 32 -35.38 60.28 48.66
CA ALA D 32 -34.51 61.37 48.23
C ALA D 32 -33.40 60.85 47.32
N GLU D 33 -32.81 59.71 47.66
CA GLU D 33 -31.77 59.13 46.81
C GLU D 33 -32.34 58.74 45.45
N LEU D 34 -33.56 58.23 45.43
CA LEU D 34 -34.20 57.86 44.16
C LEU D 34 -34.45 59.09 43.30
N LEU D 35 -35.10 60.10 43.85
CA LEU D 35 -35.47 61.27 43.06
C LEU D 35 -34.25 62.09 42.65
N ALA D 36 -33.22 62.13 43.49
CA ALA D 36 -31.99 62.83 43.11
C ALA D 36 -31.30 62.14 41.95
N SER D 37 -31.30 60.80 41.94
CA SER D 37 -30.71 60.08 40.83
C SER D 37 -31.45 60.35 39.52
N LYS D 38 -32.79 60.42 39.59
CA LYS D 38 -33.57 60.74 38.40
C LYS D 38 -33.30 62.17 37.94
N LEU D 39 -32.97 63.06 38.88
CA LEU D 39 -32.65 64.44 38.51
C LEU D 39 -31.40 64.52 37.66
N ILE D 40 -30.36 63.76 38.02
CA ILE D 40 -29.12 63.77 37.26
C ILE D 40 -29.35 63.21 35.86
N ASP D 41 -30.07 62.09 35.76
CA ASP D 41 -30.31 61.47 34.45
C ASP D 41 -31.13 62.38 33.55
N SER D 42 -32.15 63.05 34.11
CA SER D 42 -32.97 63.96 33.32
C SER D 42 -32.15 65.14 32.83
N SER D 43 -31.25 65.66 33.67
CA SER D 43 -30.41 66.78 33.25
C SER D 43 -29.50 66.40 32.10
N ARG D 44 -28.93 65.19 32.14
CA ARG D 44 -28.09 64.74 31.04
C ARG D 44 -28.89 64.61 29.75
N GLU D 45 -30.10 64.05 29.83
CA GLU D 45 -30.94 63.95 28.64
C GLU D 45 -31.42 65.33 28.20
N SER D 46 -31.60 66.25 29.15
CA SER D 46 -31.94 67.62 28.82
C SER D 46 -30.79 68.35 28.14
N ASP D 47 -29.56 67.85 28.29
CA ASP D 47 -28.43 68.42 27.56
C ASP D 47 -28.28 67.79 26.18
N GLU D 48 -28.66 66.53 26.04
CA GLU D 48 -28.57 65.86 24.75
C GLU D 48 -29.53 66.49 23.73
N SER D 49 -30.79 66.66 24.14
CA SER D 49 -31.79 67.34 23.33
C SER D 49 -32.01 68.73 23.90
N ASN D 50 -32.10 69.74 23.03
CA ASN D 50 -32.07 71.13 23.48
C ASN D 50 -33.25 71.46 24.39
N SER D 51 -34.31 70.67 24.36
CA SER D 51 -35.47 70.95 25.21
C SER D 51 -35.12 70.74 26.67
N ASP D 52 -35.67 71.61 27.52
CA ASP D 52 -35.52 71.52 28.97
C ASP D 52 -36.72 70.85 29.63
N VAL D 53 -37.61 70.25 28.85
CA VAL D 53 -38.81 69.65 29.42
C VAL D 53 -38.48 68.49 30.37
N PRO D 54 -37.62 67.53 30.03
CA PRO D 54 -37.35 66.43 30.98
C PRO D 54 -36.83 66.89 32.33
N PHE D 55 -35.99 67.93 32.35
CA PHE D 55 -35.51 68.44 33.63
C PHE D 55 -36.63 69.12 34.41
N VAL D 56 -37.54 69.80 33.71
CA VAL D 56 -38.65 70.46 34.37
C VAL D 56 -39.54 69.45 35.08
N GLN D 57 -39.82 68.34 34.40
CA GLN D 57 -40.64 67.29 35.01
C GLN D 57 -39.95 66.68 36.22
N ALA D 58 -38.64 66.44 36.12
CA ALA D 58 -37.90 65.85 37.24
C ALA D 58 -37.82 66.80 38.41
N TYR D 59 -37.58 68.08 38.15
CA TYR D 59 -37.51 69.06 39.23
C TYR D 59 -38.86 69.25 39.90
N SER D 60 -39.95 69.21 39.15
CA SER D 60 -41.27 69.38 39.74
C SER D 60 -41.58 68.26 40.72
N LYS D 61 -41.24 67.02 40.38
CA LYS D 61 -41.46 65.91 41.29
C LYS D 61 -40.54 66.01 42.51
N PHE D 62 -39.33 66.55 42.31
CA PHE D 62 -38.38 66.64 43.41
C PHE D 62 -38.72 67.78 44.37
N ALA D 63 -39.23 68.89 43.85
CA ALA D 63 -39.34 70.12 44.62
C ALA D 63 -40.76 70.62 44.82
N ASP D 64 -41.76 69.88 44.33
CA ASP D 64 -43.17 70.24 44.46
C ASP D 64 -43.52 71.56 43.80
N ASP D 65 -42.65 72.11 42.96
CA ASP D 65 -42.92 73.35 42.27
C ASP D 65 -42.23 73.35 40.90
N ASN D 66 -42.74 74.16 40.00
CA ASN D 66 -42.16 74.26 38.68
C ASN D 66 -40.91 75.12 38.71
N PRO D 67 -39.91 74.79 37.90
CA PRO D 67 -38.71 75.63 37.82
C PRO D 67 -39.05 77.01 37.25
N ARG D 68 -38.49 78.04 37.87
CA ARG D 68 -38.71 79.42 37.43
C ARG D 68 -37.36 80.06 37.15
N HIS D 69 -37.29 80.79 36.03
CA HIS D 69 -36.01 81.35 35.59
C HIS D 69 -35.52 82.42 36.56
N LEU D 70 -36.44 83.19 37.15
CA LEU D 70 -36.04 84.25 38.07
C LEU D 70 -35.55 83.69 39.39
N ARG D 71 -36.05 82.54 39.81
CA ARG D 71 -35.64 81.96 41.09
C ARG D 71 -34.27 81.30 40.96
N VAL D 72 -33.78 80.77 42.08
CA VAL D 72 -32.41 80.25 42.15
C VAL D 72 -32.33 78.73 42.01
N LYS D 73 -33.47 78.02 42.02
CA LYS D 73 -33.50 76.56 41.90
C LYS D 73 -32.68 75.90 43.00
N THR D 74 -33.12 76.12 44.24
CA THR D 74 -32.38 75.61 45.39
C THR D 74 -32.69 74.13 45.66
N GLY D 75 -33.72 73.59 45.03
CA GLY D 75 -34.14 72.22 45.23
C GLY D 75 -35.48 72.06 45.91
N GLY D 76 -36.09 73.15 46.36
CA GLY D 76 -37.40 73.08 46.97
C GLY D 76 -37.37 72.70 48.43
N LYS D 77 -38.51 72.19 48.91
CA LYS D 77 -38.62 71.81 50.30
C LYS D 77 -37.86 70.52 50.60
N MET D 78 -37.71 69.66 49.59
CA MET D 78 -36.96 68.42 49.79
C MET D 78 -35.49 68.70 50.09
N ALA D 79 -34.89 69.64 49.36
CA ALA D 79 -33.48 69.95 49.58
C ALA D 79 -33.24 70.49 50.99
N ASN D 80 -34.12 71.37 51.45
CA ASN D 80 -33.99 71.91 52.80
C ASN D 80 -34.12 70.81 53.85
N ALA D 81 -35.08 69.90 53.68
CA ALA D 81 -35.24 68.80 54.62
C ALA D 81 -34.03 67.89 54.61
N LEU D 82 -33.49 67.59 53.43
CA LEU D 82 -32.32 66.71 53.34
C LEU D 82 -31.11 67.34 54.01
N THR D 83 -30.91 68.64 53.83
CA THR D 83 -29.75 69.31 54.42
C THR D 83 -29.83 69.30 55.94
N ASN D 84 -31.00 69.58 56.50
CA ASN D 84 -31.14 69.60 57.94
C ASN D 84 -31.07 68.20 58.54
N VAL D 85 -31.49 67.19 57.79
CA VAL D 85 -31.41 65.82 58.26
C VAL D 85 -29.95 65.36 58.34
N ILE D 86 -29.14 65.75 57.36
CA ILE D 86 -27.72 65.39 57.38
C ILE D 86 -27.04 66.01 58.59
N ARG D 87 -27.39 67.25 58.92
CA ARG D 87 -26.81 67.91 60.09
C ARG D 87 -27.15 67.14 61.37
N SER D 88 -28.37 66.64 61.47
CA SER D 88 -28.79 65.96 62.70
C SER D 88 -28.04 64.65 62.91
N TYR D 89 -27.76 63.91 61.83
CA TYR D 89 -27.10 62.62 61.97
C TYR D 89 -25.70 62.75 62.53
N TYR D 90 -24.97 63.79 62.11
CA TYR D 90 -23.55 63.85 62.41
C TYR D 90 -23.27 63.93 63.91
N SER D 91 -23.98 64.82 64.61
CA SER D 91 -23.72 65.04 66.03
C SER D 91 -25.01 65.05 66.82
N ILE D 92 -24.91 64.60 68.08
CA ILE D 92 -26.04 64.67 68.99
C ILE D 92 -26.36 66.12 69.34
N ASN D 93 -25.36 67.01 69.29
CA ASN D 93 -25.57 68.41 69.64
C ASN D 93 -26.39 69.15 68.60
N ALA D 94 -26.37 68.70 67.34
CA ALA D 94 -27.13 69.38 66.30
C ALA D 94 -28.63 69.20 66.54
N PRO D 95 -29.42 70.25 66.36
CA PRO D 95 -30.87 70.15 66.59
C PRO D 95 -31.58 69.47 65.43
N ALA D 96 -32.85 69.15 65.67
CA ALA D 96 -33.72 68.51 64.68
C ALA D 96 -34.80 69.50 64.28
N ILE D 97 -34.52 70.28 63.23
CA ILE D 97 -35.46 71.31 62.79
C ILE D 97 -36.66 70.67 62.09
N VAL D 98 -36.42 69.67 61.26
CA VAL D 98 -37.47 69.18 60.34
C VAL D 98 -38.57 68.49 61.15
N PRO D 99 -39.83 68.92 61.01
CA PRO D 99 -40.92 68.21 61.68
C PRO D 99 -41.17 66.86 61.04
N GLN D 100 -41.75 65.95 61.84
CA GLN D 100 -42.06 64.62 61.34
C GLN D 100 -43.15 64.64 60.28
N VAL D 101 -44.06 65.62 60.35
CA VAL D 101 -45.14 65.71 59.37
C VAL D 101 -44.57 65.97 57.97
N GLU D 102 -43.56 66.84 57.88
CA GLU D 102 -42.95 67.13 56.59
C GLU D 102 -42.25 65.91 56.02
N ILE D 103 -41.57 65.14 56.87
CA ILE D 103 -40.85 63.95 56.40
C ILE D 103 -41.83 62.92 55.86
N ASP D 104 -42.95 62.71 56.56
CA ASP D 104 -43.93 61.72 56.10
C ASP D 104 -44.51 62.11 54.76
N ARG D 105 -44.79 63.41 54.55
CA ARG D 105 -45.30 63.88 53.27
C ARG D 105 -44.28 63.65 52.16
N LEU D 106 -43.01 63.93 52.42
CA LEU D 106 -41.98 63.76 51.40
C LEU D 106 -41.74 62.29 51.09
N ALA D 107 -41.83 61.42 52.11
CA ALA D 107 -41.55 60.01 51.90
C ALA D 107 -42.60 59.34 51.03
N SER D 108 -43.78 59.94 50.89
CA SER D 108 -44.85 59.36 50.09
C SER D 108 -44.72 59.65 48.60
N LYS D 109 -43.61 60.24 48.17
CA LYS D 109 -43.46 60.61 46.76
C LYS D 109 -43.28 59.38 45.89
N ALA D 110 -42.44 58.44 46.33
CA ALA D 110 -42.18 57.22 45.59
C ALA D 110 -42.24 56.04 46.55
N THR D 111 -42.59 54.87 46.01
CA THR D 111 -42.69 53.66 46.80
C THR D 111 -41.31 53.00 46.89
N VAL D 112 -40.74 52.98 48.09
CA VAL D 112 -39.44 52.37 48.34
C VAL D 112 -39.52 51.59 49.65
N SER D 113 -38.53 50.71 49.84
CA SER D 113 -38.36 49.99 51.09
C SER D 113 -37.25 50.66 51.89
N GLY D 114 -37.56 51.03 53.12
CA GLY D 114 -36.59 51.71 53.96
C GLY D 114 -35.56 50.82 54.61
N ASP D 115 -35.54 49.53 54.27
CA ASP D 115 -34.55 48.64 54.85
C ASP D 115 -33.14 49.04 54.41
N MET D 116 -32.23 49.03 55.38
CA MET D 116 -30.85 49.43 55.14
C MET D 116 -29.88 48.28 55.40
N TYR D 117 -30.37 47.04 55.37
CA TYR D 117 -29.55 45.87 55.66
C TYR D 117 -29.59 44.84 54.54
N ASN D 118 -30.01 45.21 53.34
CA ASN D 118 -30.13 44.25 52.25
C ASN D 118 -28.75 43.73 51.81
N SER D 119 -27.79 44.63 51.63
CA SER D 119 -26.50 44.30 51.05
C SER D 119 -25.38 44.77 51.97
N TYR D 120 -24.15 44.74 51.46
CA TYR D 120 -22.99 45.12 52.23
C TYR D 120 -22.04 45.95 51.38
N ALA D 121 -21.10 46.61 52.05
CA ALA D 121 -20.04 47.34 51.38
C ALA D 121 -18.74 47.09 52.12
N ILE D 122 -17.63 47.14 51.39
CA ILE D 122 -16.31 46.84 51.96
C ILE D 122 -15.55 48.15 52.13
N PHE D 123 -15.05 48.37 53.33
CA PHE D 123 -14.34 49.59 53.68
C PHE D 123 -12.87 49.29 53.95
N ASN D 124 -12.01 50.21 53.57
CA ASN D 124 -10.57 49.95 53.47
C ASN D 124 -9.74 50.60 54.57
N SER D 125 -10.35 51.16 55.60
CA SER D 125 -9.59 51.78 56.67
C SER D 125 -8.94 50.72 57.55
N VAL D 126 -7.71 50.99 57.97
CA VAL D 126 -6.92 50.05 58.77
C VAL D 126 -7.08 50.42 60.25
N PRO D 127 -7.73 49.61 61.06
CA PRO D 127 -7.92 49.90 62.50
C PRO D 127 -6.80 49.40 63.41
N ILE D 128 -5.69 50.14 63.43
CA ILE D 128 -4.62 49.82 64.36
C ILE D 128 -5.00 50.38 65.73
N VAL D 129 -5.58 49.53 66.58
CA VAL D 129 -6.06 50.00 67.87
C VAL D 129 -4.91 50.38 68.78
N GLU D 130 -3.90 49.51 68.86
CA GLU D 130 -2.74 49.80 69.69
C GLU D 130 -1.55 49.00 69.19
N VAL D 131 -0.37 49.61 69.28
CA VAL D 131 0.90 48.94 68.98
C VAL D 131 1.82 49.19 70.17
N LEU D 132 2.23 48.12 70.84
CA LEU D 132 3.01 48.20 72.06
C LEU D 132 4.46 47.87 71.73
N SER D 133 5.37 48.79 72.06
CA SER D 133 6.78 48.63 71.76
C SER D 133 7.61 48.74 73.03
N PRO D 134 8.67 47.95 73.16
CA PRO D 134 9.52 48.05 74.35
C PRO D 134 10.42 49.29 74.32
N ALA D 135 11.31 49.40 75.29
CA ALA D 135 12.21 50.54 75.36
C ALA D 135 13.23 50.50 74.23
N ARG D 136 13.80 51.68 73.93
CA ARG D 136 14.81 51.84 72.88
C ARG D 136 14.25 51.45 71.51
N THR D 137 12.96 51.66 71.30
CA THR D 137 12.30 51.39 70.03
C THR D 137 11.36 52.53 69.69
N THR D 138 11.42 53.00 68.46
CA THR D 138 10.57 54.09 67.98
C THR D 138 9.61 53.56 66.94
N VAL D 139 8.32 53.78 67.15
CA VAL D 139 7.26 53.31 66.25
C VAL D 139 6.38 54.50 65.88
N SER D 140 6.13 54.66 64.58
CA SER D 140 5.29 55.74 64.08
C SER D 140 4.29 55.17 63.07
N ILE D 141 3.06 55.67 63.13
CA ILE D 141 1.97 55.20 62.26
C ILE D 141 1.50 56.37 61.41
N VAL D 142 1.47 56.15 60.09
CA VAL D 142 1.04 57.17 59.13
C VAL D 142 0.03 56.55 58.18
N GLY D 143 -1.11 57.22 58.02
CA GLY D 143 -2.08 56.84 57.01
C GLY D 143 -3.29 56.15 57.60
N SER D 144 -4.37 56.16 56.83
CA SER D 144 -5.61 55.49 57.18
C SER D 144 -6.06 54.47 56.15
N ASP D 145 -5.94 54.79 54.85
CA ASP D 145 -6.26 53.81 53.83
C ASP D 145 -5.16 52.77 53.68
N ARG D 146 -3.90 53.20 53.81
CA ARG D 146 -2.76 52.29 53.83
C ARG D 146 -1.82 52.74 54.94
N ALA D 147 -1.77 51.98 56.02
CA ALA D 147 -1.01 52.36 57.21
C ALA D 147 0.44 51.91 57.04
N ASP D 148 1.36 52.85 57.13
CA ASP D 148 2.79 52.57 57.08
C ASP D 148 3.34 52.72 58.49
N VAL D 149 3.65 51.58 59.12
CA VAL D 149 4.16 51.56 60.49
C VAL D 149 5.68 51.42 60.40
N THR D 150 6.39 52.52 60.65
CA THR D 150 7.84 52.53 60.62
C THR D 150 8.38 52.33 62.03
N MET D 151 9.30 51.38 62.17
CA MET D 151 9.84 51.02 63.46
C MET D 151 11.36 50.88 63.37
N LEU D 152 12.04 51.28 64.43
CA LEU D 152 13.49 51.20 64.52
C LEU D 152 13.88 51.00 65.98
N ASN D 153 14.75 50.03 66.25
CA ASN D 153 15.21 49.75 67.60
C ASN D 153 16.71 50.04 67.68
N THR D 154 17.11 50.70 68.77
CA THR D 154 18.51 51.06 68.98
C THR D 154 19.21 50.13 69.96
N GLY D 155 18.46 49.33 70.72
CA GLY D 155 19.10 48.42 71.64
C GLY D 155 19.80 47.27 70.95
N ALA D 156 20.68 46.61 71.69
CA ALA D 156 21.46 45.52 71.11
C ALA D 156 20.58 44.30 70.82
N GLY D 157 19.68 43.95 71.73
CA GLY D 157 18.87 42.76 71.54
C GLY D 157 17.69 43.02 70.64
N ALA D 158 17.20 41.95 70.02
CA ALA D 158 16.01 42.02 69.18
C ALA D 158 14.78 42.29 70.05
N ALA D 159 13.87 43.09 69.51
CA ALA D 159 12.68 43.51 70.24
C ALA D 159 11.43 42.85 69.66
N ASN D 160 10.45 42.63 70.54
CA ASN D 160 9.15 42.09 70.16
C ASN D 160 8.11 43.20 70.27
N ILE D 161 7.34 43.40 69.20
CA ILE D 161 6.30 44.41 69.15
C ILE D 161 4.96 43.72 68.93
N THR D 162 3.98 44.06 69.75
CA THR D 162 2.66 43.44 69.68
C THR D 162 1.71 44.35 68.90
N PHE D 163 1.09 43.79 67.86
CA PHE D 163 0.11 44.49 67.06
C PHE D 163 -1.29 44.06 67.48
N ASN D 164 -2.14 45.03 67.77
CA ASN D 164 -3.52 44.79 68.17
C ASN D 164 -4.44 45.51 67.21
N PHE D 165 -4.77 44.86 66.09
CA PHE D 165 -5.81 45.36 65.22
C PHE D 165 -7.17 45.12 65.87
N GLY D 166 -8.15 45.92 65.47
CA GLY D 166 -9.46 45.83 66.08
C GLY D 166 -10.09 44.47 65.82
N GLN D 167 -10.96 44.06 66.73
CA GLN D 167 -11.66 42.78 66.62
C GLN D 167 -12.81 42.87 65.63
N ILE D 168 -12.81 43.92 64.82
CA ILE D 168 -13.90 44.17 63.88
C ILE D 168 -13.51 43.86 62.45
N ALA D 169 -12.29 44.24 62.05
CA ALA D 169 -11.85 44.02 60.68
C ALA D 169 -11.83 42.54 60.36
N GLU D 170 -12.17 42.21 59.11
CA GLU D 170 -12.29 40.82 58.71
C GLU D 170 -10.93 40.23 58.34
N THR D 171 -10.26 40.84 57.35
CA THR D 171 -8.92 40.42 56.95
C THR D 171 -8.00 41.63 56.87
N VAL D 172 -6.74 41.39 57.21
CA VAL D 172 -5.70 42.42 57.13
C VAL D 172 -4.46 41.80 56.50
N ILE D 173 -3.82 42.56 55.62
CA ILE D 173 -2.64 42.11 54.88
C ILE D 173 -1.47 43.02 55.25
N LEU D 174 -0.35 42.41 55.58
CA LEU D 174 0.85 43.13 56.03
C LEU D 174 1.99 42.85 55.07
N LYS D 175 2.61 43.92 54.56
CA LYS D 175 3.76 43.83 53.67
C LYS D 175 4.90 44.65 54.26
N GLY D 176 6.12 44.14 54.15
CA GLY D 176 7.29 44.80 54.67
C GLY D 176 8.30 45.12 53.58
N SER D 177 9.14 46.12 53.85
CA SER D 177 10.21 46.45 52.91
C SER D 177 11.19 45.30 52.76
N VAL D 178 11.52 44.64 53.86
CA VAL D 178 12.37 43.46 53.84
C VAL D 178 11.60 42.35 54.55
N PRO D 179 11.84 41.08 54.25
CA PRO D 179 11.09 40.01 54.91
C PRO D 179 11.27 40.04 56.41
N PHE D 180 10.19 39.76 57.14
CA PHE D 180 10.19 39.80 58.59
C PHE D 180 9.40 38.61 59.12
N GLN D 181 9.44 38.45 60.44
CA GLN D 181 8.79 37.35 61.12
C GLN D 181 7.60 37.86 61.92
N LEU D 182 6.49 37.15 61.85
CA LEU D 182 5.27 37.52 62.57
C LEU D 182 4.55 36.26 63.01
N ALA D 183 3.98 36.30 64.22
CA ALA D 183 3.24 35.18 64.75
C ALA D 183 2.36 35.66 65.89
N ARG D 184 1.46 34.78 66.32
CA ARG D 184 0.52 35.08 67.39
C ARG D 184 1.19 34.86 68.75
N LEU D 185 0.40 34.98 69.81
CA LEU D 185 0.89 34.68 71.15
C LEU D 185 1.24 33.19 71.25
N ASN D 186 2.29 32.91 72.03
CA ASN D 186 2.74 31.56 72.39
C ASN D 186 2.56 30.57 71.23
N GLN D 187 3.09 30.96 70.08
CA GLN D 187 3.07 30.14 68.88
C GLN D 187 4.46 30.20 68.26
N PRO D 188 4.90 29.14 67.59
CA PRO D 188 6.25 29.15 67.01
C PRO D 188 6.37 30.18 65.90
N MET D 189 7.58 30.72 65.77
CA MET D 189 7.82 31.85 64.87
C MET D 189 8.30 31.33 63.53
N PRO D 190 7.65 31.68 62.43
CA PRO D 190 8.00 31.10 61.12
C PRO D 190 9.16 31.87 60.48
N ALA D 191 9.56 31.39 59.31
CA ALA D 191 10.63 32.02 58.56
C ALA D 191 10.19 33.38 58.02
N ALA D 192 11.18 34.21 57.69
CA ALA D 192 10.90 35.55 57.20
C ALA D 192 10.14 35.50 55.88
N ARG D 193 9.09 36.30 55.78
CA ARG D 193 8.27 36.38 54.58
C ARG D 193 7.94 37.84 54.32
N PHE D 194 7.65 38.14 53.04
CA PHE D 194 7.32 39.51 52.67
C PHE D 194 5.91 39.88 53.11
N THR D 195 4.95 38.97 52.93
CA THR D 195 3.54 39.27 53.16
C THR D 195 2.92 38.29 54.13
N TYR D 196 2.03 38.79 54.98
CA TYR D 196 1.24 37.99 55.90
C TYR D 196 -0.22 38.37 55.76
N LYS D 197 -1.10 37.37 55.75
CA LYS D 197 -2.54 37.60 55.77
C LYS D 197 -3.07 37.10 57.11
N LEU D 198 -3.77 37.99 57.83
CA LEU D 198 -4.17 37.72 59.19
C LEU D 198 -5.66 37.95 59.39
N ARG D 199 -6.23 37.21 60.33
CA ARG D 199 -7.56 37.49 60.84
C ARG D 199 -7.43 38.23 62.17
N PRO D 200 -7.91 39.46 62.28
CA PRO D 200 -7.72 40.22 63.52
C PRO D 200 -8.33 39.55 64.74
N LEU D 201 -9.38 38.73 64.56
CA LEU D 201 -9.98 38.03 65.68
C LEU D 201 -9.07 36.98 66.28
N ASP D 202 -8.00 36.60 65.58
CA ASP D 202 -7.09 35.57 66.11
C ASP D 202 -6.42 36.05 67.40
N GLY D 203 -5.99 37.31 67.43
CA GLY D 203 -5.37 37.85 68.62
C GLY D 203 -4.24 38.79 68.28
N PRO D 204 -3.58 39.33 69.30
CA PRO D 204 -2.41 40.19 69.05
C PRO D 204 -1.30 39.42 68.36
N PHE D 205 -0.53 40.15 67.54
CA PHE D 205 0.51 39.56 66.70
C PHE D 205 1.86 40.14 67.09
N ILE D 206 2.88 39.30 67.13
CA ILE D 206 4.21 39.69 67.57
C ILE D 206 5.14 39.71 66.36
N VAL D 207 5.90 40.79 66.22
CA VAL D 207 6.88 40.96 65.14
C VAL D 207 8.23 41.29 65.75
N VAL D 208 9.27 40.60 65.28
CA VAL D 208 10.63 40.83 65.75
C VAL D 208 11.26 41.95 64.95
N LEU D 209 12.05 42.77 65.62
CA LEU D 209 12.82 43.82 64.95
C LEU D 209 14.31 43.52 65.06
N PRO D 210 14.95 43.06 63.99
CA PRO D 210 16.42 42.98 64.00
C PRO D 210 17.04 44.36 64.14
N VAL D 211 18.15 44.40 64.85
CA VAL D 211 18.84 45.66 65.14
C VAL D 211 19.71 46.04 63.96
N GLY D 212 19.62 47.31 63.56
CA GLY D 212 20.51 47.83 62.53
C GLY D 212 19.85 48.60 61.41
N ASN D 213 18.66 48.18 60.98
CA ASN D 213 17.98 48.83 59.88
C ASN D 213 16.51 49.02 60.19
N PRO D 214 15.91 50.14 59.77
CA PRO D 214 14.48 50.34 60.01
C PRO D 214 13.63 49.36 59.22
N LEU D 215 12.48 49.02 59.78
CA LEU D 215 11.51 48.15 59.14
C LEU D 215 10.18 48.89 59.03
N VAL D 216 9.58 48.87 57.85
CA VAL D 216 8.30 49.50 57.59
C VAL D 216 7.32 48.43 57.15
N ILE D 217 6.14 48.41 57.77
CA ILE D 217 5.10 47.45 57.46
C ILE D 217 3.90 48.21 56.90
N SER D 218 3.49 47.87 55.68
CA SER D 218 2.32 48.46 55.05
C SER D 218 1.14 47.53 55.29
N ALA D 219 0.04 48.08 55.80
CA ALA D 219 -1.12 47.30 56.18
C ALA D 219 -2.34 47.76 55.39
N THR D 220 -3.09 46.80 54.86
CA THR D 220 -4.35 47.06 54.18
C THR D 220 -5.40 46.13 54.74
N ALA D 221 -6.56 46.68 55.09
CA ALA D 221 -7.63 45.92 55.73
C ALA D 221 -8.92 46.05 54.95
N ALA D 222 -9.86 45.16 55.23
CA ALA D 222 -11.18 45.15 54.61
C ALA D 222 -12.22 44.78 55.65
N THR D 223 -13.28 45.59 55.74
CA THR D 223 -14.35 45.39 56.70
C THR D 223 -15.69 45.42 55.98
N ARG D 224 -16.61 44.57 56.44
CA ARG D 224 -17.92 44.44 55.83
C ARG D 224 -18.97 45.12 56.71
N ILE D 225 -19.69 46.08 56.13
CA ILE D 225 -20.74 46.81 56.82
C ILE D 225 -22.00 46.72 55.97
N GLN D 226 -23.12 46.36 56.59
CA GLN D 226 -24.36 46.15 55.85
C GLN D 226 -24.95 47.49 55.40
N VAL D 227 -25.24 47.59 54.10
CA VAL D 227 -25.73 48.83 53.50
C VAL D 227 -26.85 48.49 52.53
N PRO D 228 -27.69 49.46 52.18
CA PRO D 228 -28.74 49.22 51.19
C PRO D 228 -28.14 48.96 49.81
N LEU D 229 -28.98 48.40 48.93
CA LEU D 229 -28.54 48.06 47.58
C LEU D 229 -28.14 49.31 46.80
N ALA D 230 -28.83 50.43 47.04
CA ALA D 230 -28.54 51.66 46.31
C ALA D 230 -27.21 52.28 46.69
N PHE D 231 -26.54 51.78 47.72
CA PHE D 231 -25.27 52.35 48.16
C PHE D 231 -24.25 52.33 47.05
N ASN D 232 -23.51 53.44 46.93
CA ASN D 232 -22.42 53.57 45.97
C ASN D 232 -21.30 54.35 46.64
N LYS D 233 -20.16 53.69 46.85
CA LYS D 233 -19.07 54.31 47.61
C LYS D 233 -18.53 55.54 46.91
N ALA D 234 -18.52 55.54 45.57
CA ALA D 234 -18.03 56.70 44.84
C ALA D 234 -18.89 57.92 45.09
N LEU D 235 -20.21 57.74 45.13
CA LEU D 235 -21.10 58.88 45.34
C LEU D 235 -21.09 59.33 46.80
N VAL D 236 -20.99 58.37 47.74
CA VAL D 236 -20.99 58.72 49.16
C VAL D 236 -19.75 59.53 49.50
N GLU D 237 -18.57 59.11 49.00
CA GLU D 237 -17.34 59.83 49.30
C GLU D 237 -17.39 61.25 48.74
N SER D 238 -17.92 61.43 47.53
CA SER D 238 -18.05 62.77 46.97
C SER D 238 -19.02 63.61 47.77
N GLY D 239 -20.11 63.00 48.26
CA GLY D 239 -21.07 63.74 49.07
C GLY D 239 -20.49 64.16 50.40
N PHE D 240 -19.61 63.33 50.98
CA PHE D 240 -18.99 63.67 52.26
C PHE D 240 -18.14 64.93 52.13
N GLN D 241 -17.38 65.05 51.05
CA GLN D 241 -16.55 66.23 50.86
C GLN D 241 -17.39 67.47 50.63
N THR D 242 -18.48 67.35 49.86
CA THR D 242 -19.36 68.48 49.62
C THR D 242 -20.00 68.95 50.92
N ALA D 243 -20.49 68.02 51.74
CA ALA D 243 -21.10 68.40 53.01
C ALA D 243 -20.08 69.07 53.92
N MET D 244 -18.86 68.55 53.96
CA MET D 244 -17.81 69.20 54.74
C MET D 244 -17.47 70.57 54.18
N ASN D 245 -17.41 70.69 52.85
CA ASN D 245 -17.09 71.96 52.23
C ASN D 245 -18.20 73.00 52.45
N ASP D 246 -19.45 72.56 52.34
CA ASP D 246 -20.58 73.48 52.46
C ASP D 246 -20.82 73.95 53.89
N GLY D 247 -20.16 73.35 54.87
CA GLY D 247 -20.39 73.71 56.24
C GLY D 247 -21.59 73.05 56.89
N LEU D 248 -21.80 71.75 56.63
CA LEU D 248 -22.87 71.01 57.27
C LEU D 248 -22.41 70.25 58.50
N PHE D 249 -21.10 70.18 58.74
CA PHE D 249 -20.56 69.41 59.85
C PHE D 249 -19.86 70.28 60.89
N ASP D 250 -20.05 71.61 60.83
CA ASP D 250 -19.35 72.53 61.73
C ASP D 250 -20.20 72.70 62.98
N ILE D 251 -19.96 71.85 63.98
CA ILE D 251 -20.64 71.90 65.26
C ILE D 251 -19.59 71.80 66.35
N GLN D 252 -19.77 72.54 67.44
CA GLN D 252 -18.80 72.53 68.52
C GLN D 252 -18.68 71.14 69.13
N ASN D 253 -17.45 70.76 69.49
CA ASN D 253 -17.16 69.49 70.16
C ASN D 253 -17.49 68.29 69.27
N VAL D 254 -16.96 68.32 68.04
CA VAL D 254 -17.04 67.18 67.14
C VAL D 254 -15.66 66.92 66.57
N ASN D 255 -15.49 65.73 65.99
CA ASN D 255 -14.25 65.35 65.34
C ASN D 255 -14.46 65.21 63.85
N TYR D 256 -13.47 65.66 63.08
CA TYR D 256 -13.53 65.68 61.64
C TYR D 256 -12.65 64.57 61.06
N TYR D 257 -13.05 64.06 59.90
CA TYR D 257 -12.37 62.92 59.28
C TYR D 257 -12.07 63.21 57.83
N SER D 258 -11.00 62.58 57.33
CA SER D 258 -10.56 62.82 55.96
C SER D 258 -11.53 62.22 54.96
N SER D 259 -12.11 61.06 55.27
CA SER D 259 -12.99 60.37 54.33
C SER D 259 -14.11 59.69 55.10
N PHE D 260 -15.14 59.28 54.36
CA PHE D 260 -16.29 58.65 54.99
C PHE D 260 -15.93 57.29 55.58
N ASP D 261 -15.01 56.56 54.94
CA ASP D 261 -14.64 55.25 55.44
C ASP D 261 -13.98 55.35 56.81
N GLU D 262 -13.18 56.39 57.04
CA GLU D 262 -12.62 56.63 58.37
C GLU D 262 -13.73 56.91 59.38
N PHE D 263 -14.74 57.67 58.96
CA PHE D 263 -15.84 58.02 59.86
C PHE D 263 -16.60 56.77 60.32
N ILE D 264 -16.92 55.87 59.38
CA ILE D 264 -17.74 54.72 59.73
C ILE D 264 -16.93 53.70 60.53
N ILE D 265 -15.63 53.59 60.28
CA ILE D 265 -14.81 52.65 61.02
C ILE D 265 -14.57 53.14 62.45
N SER D 266 -14.33 54.44 62.61
CA SER D 266 -14.07 54.98 63.95
C SER D 266 -15.29 54.82 64.86
N GLN D 267 -16.48 55.08 64.32
CA GLN D 267 -17.69 54.89 65.11
C GLN D 267 -17.93 53.41 65.43
N TYR D 268 -17.47 52.52 64.54
CA TYR D 268 -17.63 51.10 64.78
C TYR D 268 -16.71 50.60 65.89
N HIS D 269 -15.50 51.15 65.98
CA HIS D 269 -14.56 50.81 67.05
C HIS D 269 -14.79 51.71 68.27
N ALA D 270 -16.01 51.64 68.79
CA ALA D 270 -16.39 52.45 69.93
C ALA D 270 -17.54 51.77 70.66
N GLN D 271 -17.85 52.30 71.85
CA GLN D 271 -18.98 51.79 72.61
C GLN D 271 -20.27 51.94 71.81
N ASP D 272 -21.11 50.90 71.86
CA ASP D 272 -22.36 50.85 71.10
C ASP D 272 -22.08 51.01 69.61
N GLY D 273 -21.00 50.38 69.15
CA GLY D 273 -20.58 50.53 67.76
C GLY D 273 -21.58 50.01 66.77
N ILE D 274 -22.32 48.95 67.12
CA ILE D 274 -23.35 48.41 66.24
C ILE D 274 -24.43 49.46 66.00
N ASN D 275 -24.88 50.12 67.07
CA ASN D 275 -25.93 51.12 66.93
C ASN D 275 -25.44 52.36 66.19
N ARG D 276 -24.20 52.79 66.45
CA ARG D 276 -23.67 53.97 65.78
C ARG D 276 -23.56 53.75 64.27
N VAL D 277 -23.12 52.56 63.86
CA VAL D 277 -22.94 52.28 62.44
C VAL D 277 -24.28 52.31 61.70
N SER D 278 -25.35 51.85 62.35
CA SER D 278 -26.66 51.85 61.71
C SER D 278 -27.08 53.28 61.35
N THR D 279 -26.84 54.23 62.27
CA THR D 279 -27.13 55.62 61.96
C THR D 279 -26.19 56.15 60.89
N CYS D 280 -24.92 55.72 60.90
CA CYS D 280 -23.96 56.20 59.92
C CYS D 280 -24.31 55.71 58.52
N VAL D 281 -24.90 54.52 58.39
CA VAL D 281 -25.31 54.02 57.09
C VAL D 281 -26.40 54.90 56.50
N ILE D 282 -27.36 55.33 57.33
CA ILE D 282 -28.39 56.23 56.86
C ILE D 282 -27.79 57.57 56.45
N LEU D 283 -26.77 58.03 57.17
CA LEU D 283 -26.08 59.24 56.80
C LEU D 283 -25.39 59.09 55.45
N GLY D 284 -24.81 57.92 55.20
CA GLY D 284 -24.13 57.70 53.93
C GLY D 284 -25.06 57.77 52.74
N LEU D 285 -26.24 57.13 52.85
CA LEU D 285 -27.21 57.20 51.77
C LEU D 285 -27.73 58.63 51.60
N ALA D 286 -27.92 59.34 52.70
CA ALA D 286 -28.34 60.74 52.62
C ALA D 286 -27.29 61.59 51.93
N LEU D 287 -26.01 61.35 52.22
CA LEU D 287 -24.95 62.08 51.55
C LEU D 287 -24.89 61.73 50.07
N GLN D 288 -25.22 60.49 49.72
CA GLN D 288 -25.28 60.11 48.31
C GLN D 288 -26.35 60.90 47.57
N ALA D 289 -27.51 61.10 48.20
CA ALA D 289 -28.54 61.93 47.61
C ALA D 289 -28.11 63.39 47.56
N TYR D 290 -27.36 63.84 48.57
CA TYR D 290 -26.87 65.21 48.58
C TYR D 290 -25.91 65.46 47.42
N ASP D 291 -25.05 64.48 47.13
CA ASP D 291 -24.06 64.65 46.06
C ASP D 291 -24.75 64.77 44.71
N GLN D 292 -25.74 63.92 44.45
CA GLN D 292 -26.37 63.90 43.13
C GLN D 292 -27.22 65.14 42.91
N MET D 293 -27.93 65.59 43.94
CA MET D 293 -28.83 66.73 43.77
C MET D 293 -28.04 68.03 43.63
N ARG D 294 -26.95 68.19 44.38
CA ARG D 294 -26.17 69.41 44.30
C ARG D 294 -25.44 69.52 42.98
N ARG D 295 -25.00 68.39 42.40
CA ARG D 295 -24.38 68.44 41.08
C ARG D 295 -25.37 68.90 40.03
N ALA D 296 -26.65 68.52 40.18
CA ALA D 296 -27.68 68.98 39.26
C ALA D 296 -28.07 70.42 39.55
N LEU D 297 -28.10 70.82 40.82
CA LEU D 297 -28.55 72.14 41.25
C LEU D 297 -27.51 72.78 42.16
N PRO D 298 -26.41 73.28 41.59
CA PRO D 298 -25.42 73.97 42.44
C PRO D 298 -25.97 75.29 42.97
N VAL D 299 -25.50 75.66 44.15
CA VAL D 299 -25.93 76.91 44.79
C VAL D 299 -24.72 77.77 45.12
N ALA E 2 17.03 79.68 57.40
CA ALA E 2 15.69 79.11 57.24
C ALA E 2 15.67 78.12 56.09
N ASN E 3 14.74 77.16 56.16
CA ASN E 3 14.57 76.14 55.14
C ASN E 3 13.18 76.24 54.53
N ARG E 4 13.09 75.99 53.23
CA ARG E 4 11.84 76.07 52.50
C ARG E 4 11.55 74.73 51.84
N ALA E 5 10.34 74.22 52.04
CA ALA E 5 9.90 72.96 51.43
C ALA E 5 8.62 73.22 50.64
N THR E 6 8.56 72.72 49.41
CA THR E 6 7.46 72.97 48.51
C THR E 6 7.02 71.65 47.88
N SER E 7 5.71 71.50 47.71
CA SER E 7 5.18 70.30 47.05
C SER E 7 5.75 70.18 45.64
N ALA E 8 6.09 68.95 45.26
CA ALA E 8 6.79 68.73 44.00
C ALA E 8 5.94 69.12 42.80
N PHE E 9 4.65 68.76 42.80
CA PHE E 9 3.81 68.98 41.63
C PHE E 9 3.42 70.43 41.44
N LEU E 10 3.62 71.28 42.45
CA LEU E 10 3.22 72.69 42.35
C LEU E 10 4.28 73.56 41.67
N ASP E 11 5.44 73.01 41.35
CA ASP E 11 6.55 73.82 40.88
C ASP E 11 6.49 74.01 39.36
N ASN E 12 6.53 75.27 38.93
CA ASN E 12 6.65 75.67 37.53
C ASN E 12 5.59 75.02 36.65
N PRO E 13 4.33 75.44 36.73
CA PRO E 13 3.31 74.91 35.82
C PRO E 13 3.44 75.55 34.45
N HIS E 14 3.59 74.72 33.42
CA HIS E 14 3.80 75.22 32.07
C HIS E 14 2.52 75.86 31.54
N PRO E 15 2.64 76.84 30.64
CA PRO E 15 1.44 77.47 30.08
C PRO E 15 0.60 76.49 29.27
N VAL E 16 -0.71 76.73 29.27
CA VAL E 16 -1.65 75.90 28.55
C VAL E 16 -1.95 76.55 27.20
N GLY E 17 -2.56 75.77 26.32
CA GLY E 17 -2.89 76.28 25.00
C GLY E 17 -3.95 77.35 25.03
N VAL E 18 -3.94 78.21 24.02
CA VAL E 18 -4.89 79.31 23.91
C VAL E 18 -5.85 79.12 22.74
N ASN E 19 -5.80 77.96 22.07
CA ASN E 19 -6.66 77.67 20.94
C ASN E 19 -7.77 76.72 21.34
N TYR E 20 -8.77 76.63 20.47
CA TYR E 20 -9.90 75.71 20.63
C TYR E 20 -10.63 75.96 21.95
N VAL E 21 -10.84 77.24 22.27
CA VAL E 21 -11.55 77.64 23.48
C VAL E 21 -12.80 78.44 23.20
N ASP E 22 -13.15 78.63 21.93
CA ASP E 22 -14.37 79.34 21.58
C ASP E 22 -15.58 78.43 21.77
N GLU E 23 -16.78 78.99 21.56
CA GLU E 23 -18.00 78.23 21.78
C GLU E 23 -18.10 77.05 20.83
N GLY E 24 -17.68 77.24 19.58
CA GLY E 24 -17.75 76.15 18.61
C GLY E 24 -16.86 74.98 18.99
N SER E 25 -15.66 75.26 19.49
CA SER E 25 -14.74 74.18 19.86
C SER E 25 -15.23 73.43 21.08
N ARG E 26 -15.85 74.13 22.03
CA ARG E 26 -16.41 73.46 23.20
C ARG E 26 -17.52 72.49 22.82
N GLN E 27 -18.33 72.87 21.83
CA GLN E 27 -19.37 71.96 21.35
C GLN E 27 -18.76 70.72 20.72
N PHE E 28 -17.65 70.88 20.00
CA PHE E 28 -16.99 69.73 19.38
C PHE E 28 -16.50 68.75 20.44
N VAL E 29 -15.95 69.25 21.54
CA VAL E 29 -15.52 68.37 22.62
C VAL E 29 -16.71 67.67 23.24
N ALA E 30 -17.80 68.41 23.47
CA ALA E 30 -19.00 67.80 24.04
C ALA E 30 -19.62 66.80 23.07
N VAL E 31 -19.63 67.12 21.78
CA VAL E 31 -20.17 66.19 20.79
C VAL E 31 -19.34 64.92 20.74
N ALA E 32 -18.01 65.05 20.81
CA ALA E 32 -17.15 63.88 20.82
C ALA E 32 -17.41 63.00 22.02
N GLU E 33 -17.62 63.61 23.19
CA GLU E 33 -17.87 62.84 24.40
C GLU E 33 -19.16 62.04 24.29
N LEU E 34 -20.21 62.66 23.73
CA LEU E 34 -21.48 61.96 23.59
C LEU E 34 -21.37 60.80 22.62
N LEU E 35 -20.71 61.02 21.48
CA LEU E 35 -20.61 59.96 20.48
C LEU E 35 -19.66 58.86 20.92
N ALA E 36 -18.62 59.20 21.68
CA ALA E 36 -17.71 58.18 22.20
C ALA E 36 -18.42 57.26 23.19
N SER E 37 -19.28 57.83 24.04
CA SER E 37 -20.02 57.01 24.99
C SER E 37 -21.00 56.09 24.28
N LYS E 38 -21.51 56.52 23.12
CA LYS E 38 -22.42 55.68 22.35
C LYS E 38 -21.67 54.52 21.71
N LEU E 39 -20.38 54.70 21.43
CA LEU E 39 -19.57 53.61 20.88
C LEU E 39 -19.48 52.45 21.87
N ILE E 40 -19.28 52.77 23.16
CA ILE E 40 -19.16 51.72 24.16
C ILE E 40 -20.50 51.01 24.36
N ASP E 41 -21.58 51.78 24.45
CA ASP E 41 -22.89 51.17 24.64
C ASP E 41 -23.31 50.33 23.44
N SER E 42 -23.03 50.83 22.23
CA SER E 42 -23.37 50.08 21.03
C SER E 42 -22.57 48.78 20.94
N SER E 43 -21.32 48.82 21.36
CA SER E 43 -20.50 47.61 21.38
C SER E 43 -21.08 46.57 22.32
N ARG E 44 -21.55 47.00 23.49
CA ARG E 44 -22.19 46.08 24.43
C ARG E 44 -23.52 45.58 23.87
N GLU E 45 -24.30 46.47 23.25
CA GLU E 45 -25.59 46.07 22.69
C GLU E 45 -25.41 45.06 21.57
N SER E 46 -24.40 45.26 20.73
CA SER E 46 -24.12 44.28 19.68
C SER E 46 -23.68 42.94 20.25
N ASP E 47 -23.04 42.97 21.43
CA ASP E 47 -22.64 41.72 22.07
C ASP E 47 -23.83 40.98 22.65
N GLU E 48 -24.75 41.71 23.31
CA GLU E 48 -25.94 41.07 23.87
C GLU E 48 -26.83 40.50 22.78
N SER E 49 -26.96 41.22 21.67
CA SER E 49 -27.62 40.66 20.49
C SER E 49 -26.61 39.82 19.72
N ASN E 50 -26.96 39.39 18.51
CA ASN E 50 -26.07 38.61 17.67
C ASN E 50 -25.84 39.28 16.32
N SER E 51 -25.83 40.61 16.31
CA SER E 51 -25.59 41.38 15.09
C SER E 51 -24.63 42.52 15.39
N ASP E 52 -23.93 42.96 14.34
CA ASP E 52 -23.02 44.10 14.43
C ASP E 52 -23.66 45.39 13.94
N VAL E 53 -24.97 45.38 13.66
CA VAL E 53 -25.63 46.58 13.17
C VAL E 53 -25.56 47.73 14.16
N PRO E 54 -25.82 47.55 15.47
CA PRO E 54 -25.69 48.68 16.38
C PRO E 54 -24.30 49.30 16.41
N PHE E 55 -23.25 48.48 16.29
CA PHE E 55 -21.90 49.02 16.29
C PHE E 55 -21.57 49.72 14.97
N VAL E 56 -22.10 49.20 13.87
CA VAL E 56 -21.84 49.79 12.56
C VAL E 56 -22.42 51.20 12.49
N GLN E 57 -23.65 51.37 12.97
CA GLN E 57 -24.27 52.69 12.96
C GLN E 57 -23.52 53.67 13.84
N ALA E 58 -23.08 53.23 15.02
CA ALA E 58 -22.36 54.11 15.92
C ALA E 58 -21.02 54.53 15.32
N TYR E 59 -20.31 53.60 14.69
CA TYR E 59 -19.04 53.94 14.05
C TYR E 59 -19.27 54.84 12.83
N SER E 60 -20.33 54.59 12.06
CA SER E 60 -20.61 55.41 10.89
C SER E 60 -20.89 56.85 11.28
N LYS E 61 -21.65 57.04 12.36
CA LYS E 61 -21.89 58.40 12.84
C LYS E 61 -20.62 59.03 13.37
N PHE E 62 -19.80 58.25 14.08
CA PHE E 62 -18.60 58.81 14.72
C PHE E 62 -17.52 59.11 13.69
N ALA E 63 -17.31 58.21 12.73
CA ALA E 63 -16.18 58.29 11.81
C ALA E 63 -16.56 58.76 10.42
N ASP E 64 -17.85 58.96 10.15
CA ASP E 64 -18.35 59.35 8.83
C ASP E 64 -17.98 58.35 7.73
N ASP E 65 -17.70 57.11 8.11
CA ASP E 65 -17.33 56.06 7.17
C ASP E 65 -17.97 54.75 7.59
N ASN E 66 -18.20 53.90 6.61
CA ASN E 66 -18.78 52.59 6.85
C ASN E 66 -17.69 51.59 7.20
N PRO E 67 -17.83 50.85 8.31
CA PRO E 67 -16.79 49.88 8.67
C PRO E 67 -16.63 48.81 7.60
N ARG E 68 -15.39 48.38 7.40
CA ARG E 68 -15.07 47.32 6.45
C ARG E 68 -14.15 46.31 7.11
N HIS E 69 -14.19 45.07 6.60
CA HIS E 69 -13.48 43.98 7.26
C HIS E 69 -11.98 44.04 7.01
N LEU E 70 -11.55 44.73 5.95
CA LEU E 70 -10.14 44.76 5.57
C LEU E 70 -9.50 46.13 5.79
N ARG E 71 -10.07 46.96 6.66
CA ARG E 71 -9.54 48.29 6.92
C ARG E 71 -9.19 48.44 8.39
N VAL E 72 -8.48 49.53 8.69
CA VAL E 72 -7.88 49.69 10.02
C VAL E 72 -8.94 49.92 11.08
N LYS E 73 -10.00 50.66 10.75
CA LYS E 73 -11.04 51.04 11.70
C LYS E 73 -10.45 51.81 12.89
N THR E 74 -9.90 52.99 12.58
CA THR E 74 -9.16 53.79 13.55
C THR E 74 -10.00 54.90 14.18
N GLY E 75 -11.14 55.25 13.60
CA GLY E 75 -12.02 56.27 14.14
C GLY E 75 -12.31 57.42 13.21
N GLY E 76 -11.66 57.48 12.05
CA GLY E 76 -11.97 58.51 11.08
C GLY E 76 -11.40 59.88 11.45
N LYS E 77 -12.00 60.91 10.87
CA LYS E 77 -11.49 62.27 11.06
C LYS E 77 -11.75 62.78 12.47
N MET E 78 -12.82 62.27 13.12
CA MET E 78 -13.11 62.68 14.49
C MET E 78 -12.01 62.23 15.43
N ALA E 79 -11.49 61.02 15.23
CA ALA E 79 -10.38 60.54 16.05
C ALA E 79 -9.14 61.40 15.84
N ASN E 80 -8.86 61.79 14.60
CA ASN E 80 -7.70 62.64 14.33
C ASN E 80 -7.86 64.02 14.97
N ALA E 81 -9.06 64.60 14.87
CA ALA E 81 -9.29 65.91 15.46
C ALA E 81 -9.18 65.87 16.98
N LEU E 82 -9.72 64.82 17.60
CA LEU E 82 -9.64 64.71 19.05
C LEU E 82 -8.19 64.57 19.52
N THR E 83 -7.38 63.84 18.75
CA THR E 83 -5.97 63.69 19.11
C THR E 83 -5.24 65.02 19.03
N ASN E 84 -5.56 65.84 18.03
CA ASN E 84 -4.83 67.08 17.82
C ASN E 84 -5.25 68.15 18.83
N VAL E 85 -6.53 68.21 19.18
CA VAL E 85 -6.97 69.21 20.15
C VAL E 85 -6.40 68.91 21.52
N ILE E 86 -6.24 67.63 21.88
CA ILE E 86 -5.61 67.27 23.15
C ILE E 86 -4.17 67.77 23.19
N ARG E 87 -3.47 67.65 22.05
CA ARG E 87 -2.10 68.13 21.97
C ARG E 87 -2.02 69.64 22.19
N SER E 88 -2.96 70.38 21.59
CA SER E 88 -2.91 71.84 21.68
C SER E 88 -3.26 72.32 23.08
N TYR E 89 -4.14 71.60 23.78
CA TYR E 89 -4.58 72.05 25.10
C TYR E 89 -3.46 71.97 26.12
N TYR E 90 -2.58 70.97 26.00
CA TYR E 90 -1.60 70.71 27.04
C TYR E 90 -0.52 71.79 27.10
N SER E 91 -0.05 72.24 25.94
CA SER E 91 1.05 73.20 25.90
C SER E 91 0.76 74.29 24.88
N ILE E 92 1.39 75.44 25.09
CA ILE E 92 1.27 76.55 24.16
C ILE E 92 2.18 76.37 22.94
N ASN E 93 3.10 75.40 22.99
CA ASN E 93 4.02 75.16 21.89
C ASN E 93 3.47 74.15 20.88
N ALA E 94 2.25 73.68 21.05
CA ALA E 94 1.70 72.69 20.14
C ALA E 94 1.30 73.35 18.82
N PRO E 95 1.41 72.63 17.70
CA PRO E 95 1.10 73.24 16.40
C PRO E 95 -0.31 73.78 16.27
N ALA E 96 -1.31 73.11 16.85
CA ALA E 96 -2.73 73.46 16.69
C ALA E 96 -3.13 73.47 15.22
N ILE E 97 -3.07 72.28 14.63
CA ILE E 97 -3.16 72.13 13.18
C ILE E 97 -4.59 72.14 12.67
N VAL E 98 -5.52 71.52 13.38
CA VAL E 98 -6.86 71.28 12.83
C VAL E 98 -7.57 72.61 12.61
N PRO E 99 -8.14 72.85 11.43
CA PRO E 99 -8.76 74.15 11.14
C PRO E 99 -10.15 74.25 11.76
N GLN E 100 -10.72 75.45 11.65
CA GLN E 100 -12.02 75.73 12.26
C GLN E 100 -13.17 75.13 11.46
N VAL E 101 -13.06 75.04 10.14
CA VAL E 101 -14.14 74.49 9.34
C VAL E 101 -14.35 73.01 9.66
N GLU E 102 -13.27 72.29 9.96
CA GLU E 102 -13.41 70.89 10.36
C GLU E 102 -14.08 70.78 11.71
N ILE E 103 -13.75 71.67 12.65
CA ILE E 103 -14.34 71.64 13.98
C ILE E 103 -15.84 71.92 13.90
N ASP E 104 -16.23 72.92 13.10
CA ASP E 104 -17.64 73.24 12.95
C ASP E 104 -18.40 72.08 12.30
N ARG E 105 -17.77 71.40 11.35
CA ARG E 105 -18.39 70.24 10.72
C ARG E 105 -18.64 69.13 11.74
N LEU E 106 -17.67 68.88 12.62
CA LEU E 106 -17.79 67.80 13.58
C LEU E 106 -18.76 68.14 14.70
N ALA E 107 -18.92 69.43 15.01
CA ALA E 107 -19.85 69.83 16.07
C ALA E 107 -21.30 69.78 15.62
N SER E 108 -21.56 69.60 14.33
CA SER E 108 -22.93 69.56 13.83
C SER E 108 -23.55 68.17 13.90
N LYS E 109 -22.81 67.17 14.36
CA LYS E 109 -23.33 65.81 14.38
C LYS E 109 -24.24 65.54 15.56
N ALA E 110 -24.30 66.45 16.53
CA ALA E 110 -25.20 66.34 17.67
C ALA E 110 -25.56 67.74 18.15
N THR E 111 -26.69 67.82 18.85
CA THR E 111 -27.23 69.10 19.29
C THR E 111 -26.96 69.39 20.76
N VAL E 112 -25.88 68.83 21.32
CA VAL E 112 -25.53 69.11 22.71
C VAL E 112 -24.97 70.53 22.82
N SER E 113 -25.04 71.09 24.02
CA SER E 113 -24.50 72.42 24.29
C SER E 113 -23.05 72.32 24.75
N GLY E 114 -22.32 73.41 24.54
CA GLY E 114 -20.91 73.44 24.87
C GLY E 114 -20.64 74.01 26.25
N ASP E 115 -21.67 74.02 27.10
CA ASP E 115 -21.54 74.54 28.45
C ASP E 115 -20.52 73.74 29.25
N MET E 116 -19.76 74.45 30.09
CA MET E 116 -18.73 73.83 30.91
C MET E 116 -18.80 74.26 32.38
N TYR E 117 -19.90 74.88 32.80
CA TYR E 117 -19.99 75.43 34.15
C TYR E 117 -21.29 75.03 34.86
N ASN E 118 -21.96 73.97 34.41
CA ASN E 118 -23.18 73.54 35.07
C ASN E 118 -22.89 72.96 36.46
N SER E 119 -21.93 72.07 36.54
CA SER E 119 -21.72 71.28 37.76
C SER E 119 -20.34 71.56 38.34
N TYR E 120 -20.00 70.79 39.38
CA TYR E 120 -18.74 70.93 40.09
C TYR E 120 -18.15 69.54 40.35
N ALA E 121 -16.84 69.52 40.54
CA ALA E 121 -16.13 68.29 40.89
C ALA E 121 -15.18 68.57 42.04
N ILE E 122 -15.01 67.59 42.92
CA ILE E 122 -14.13 67.71 44.06
C ILE E 122 -12.79 67.08 43.71
N PHE E 123 -11.73 67.88 43.82
CA PHE E 123 -10.37 67.45 43.50
C PHE E 123 -9.57 67.42 44.79
N ASN E 124 -8.93 66.27 45.05
CA ASN E 124 -8.23 66.04 46.31
C ASN E 124 -6.73 65.98 46.04
N SER E 125 -6.10 67.16 46.07
CA SER E 125 -4.65 67.30 46.04
C SER E 125 -4.27 68.37 47.05
N VAL E 126 -3.16 68.14 47.75
CA VAL E 126 -2.75 69.01 48.86
C VAL E 126 -1.79 70.06 48.31
N PRO E 127 -2.18 71.33 48.25
CA PRO E 127 -1.28 72.40 47.77
C PRO E 127 -0.42 73.02 48.88
N ILE E 128 0.63 72.31 49.27
CA ILE E 128 1.56 72.83 50.26
C ILE E 128 2.58 73.73 49.57
N VAL E 129 2.26 75.02 49.48
CA VAL E 129 3.12 75.95 48.74
C VAL E 129 4.44 76.17 49.48
N GLU E 130 4.38 76.39 50.80
CA GLU E 130 5.58 76.71 51.56
C GLU E 130 5.52 76.03 52.93
N VAL E 131 6.68 75.57 53.39
CA VAL E 131 6.87 75.12 54.77
C VAL E 131 8.19 75.72 55.23
N LEU E 132 8.12 76.82 55.96
CA LEU E 132 9.31 77.49 56.49
C LEU E 132 9.61 76.92 57.88
N SER E 133 10.87 76.56 58.10
CA SER E 133 11.28 75.91 59.33
C SER E 133 12.56 76.52 59.86
N PRO E 134 12.73 76.58 61.18
CA PRO E 134 14.01 77.01 61.76
C PRO E 134 15.22 76.25 61.24
N ALA E 135 16.41 76.76 61.56
CA ALA E 135 17.64 76.20 61.02
C ALA E 135 17.88 74.77 61.50
N ARG E 136 17.63 74.51 62.78
CA ARG E 136 18.02 73.22 63.36
C ARG E 136 17.09 72.08 62.95
N THR E 137 15.97 72.38 62.29
CA THR E 137 14.98 71.35 61.97
C THR E 137 15.07 70.94 60.51
N THR E 138 14.58 69.73 60.22
CA THR E 138 14.51 69.19 58.88
C THR E 138 13.06 68.83 58.56
N VAL E 139 12.59 69.24 57.38
CA VAL E 139 11.22 68.99 56.95
C VAL E 139 11.25 68.38 55.56
N SER E 140 10.51 67.29 55.38
CA SER E 140 10.42 66.61 54.09
C SER E 140 8.95 66.38 53.75
N ILE E 141 8.57 66.73 52.52
CA ILE E 141 7.19 66.60 52.05
C ILE E 141 7.17 65.51 50.97
N VAL E 142 6.26 64.56 51.13
CA VAL E 142 6.05 63.49 50.16
C VAL E 142 4.57 63.37 49.86
N GLY E 143 4.27 62.85 48.67
CA GLY E 143 2.90 62.56 48.29
C GLY E 143 2.16 63.78 47.75
N SER E 144 1.13 63.50 46.96
CA SER E 144 0.27 64.54 46.40
C SER E 144 -1.17 64.42 46.86
N ASP E 145 -1.78 63.24 46.70
CA ASP E 145 -3.16 63.06 47.17
C ASP E 145 -3.22 63.12 48.69
N ARG E 146 -2.36 62.37 49.37
CA ARG E 146 -2.18 62.47 50.81
C ARG E 146 -0.74 62.86 51.08
N ALA E 147 -0.55 64.03 51.68
CA ALA E 147 0.78 64.59 51.88
C ALA E 147 1.27 64.26 53.27
N ASP E 148 2.40 63.56 53.34
CA ASP E 148 3.03 63.22 54.62
C ASP E 148 4.23 64.13 54.82
N VAL E 149 4.13 65.02 55.79
CA VAL E 149 5.19 65.96 56.12
C VAL E 149 5.88 65.45 57.39
N THR E 150 7.13 65.04 57.25
CA THR E 150 7.92 64.53 58.35
C THR E 150 8.87 65.63 58.84
N MET E 151 8.72 66.01 60.10
CA MET E 151 9.54 67.05 60.71
C MET E 151 10.26 66.49 61.93
N LEU E 152 11.54 66.81 62.05
CA LEU E 152 12.36 66.36 63.16
C LEU E 152 13.35 67.46 63.50
N ASN E 153 13.39 67.85 64.77
CA ASN E 153 14.26 68.93 65.23
C ASN E 153 15.34 68.37 66.14
N THR E 154 16.54 68.98 66.08
CA THR E 154 17.67 68.56 66.89
C THR E 154 18.12 69.60 67.89
N GLY E 155 17.57 70.82 67.85
CA GLY E 155 17.95 71.83 68.79
C GLY E 155 17.37 71.60 70.17
N ALA E 156 17.82 72.42 71.12
CA ALA E 156 17.37 72.27 72.50
C ALA E 156 15.94 72.76 72.67
N GLY E 157 15.59 73.90 72.06
CA GLY E 157 14.27 74.46 72.25
C GLY E 157 13.28 74.00 71.21
N ALA E 158 12.00 74.14 71.55
CA ALA E 158 10.93 73.79 70.62
C ALA E 158 10.89 74.77 69.46
N ALA E 159 10.58 74.26 68.28
CA ALA E 159 10.57 75.05 67.05
C ALA E 159 9.15 75.39 66.63
N ASN E 160 9.03 76.42 65.81
CA ASN E 160 7.77 76.86 65.24
C ASN E 160 7.86 76.73 63.72
N ILE E 161 7.08 75.80 63.16
CA ILE E 161 7.10 75.53 61.72
C ILE E 161 5.87 76.18 61.10
N THR E 162 6.08 77.00 60.07
CA THR E 162 5.01 77.74 59.41
C THR E 162 4.51 76.94 58.21
N PHE E 163 3.20 76.72 58.15
CA PHE E 163 2.57 75.99 57.06
C PHE E 163 1.75 76.96 56.22
N ASN E 164 1.95 76.90 54.90
CA ASN E 164 1.18 77.69 53.94
C ASN E 164 0.49 76.74 52.98
N PHE E 165 -0.82 76.89 52.84
CA PHE E 165 -1.63 75.98 52.03
C PHE E 165 -2.28 76.67 50.84
N GLY E 166 -1.95 77.94 50.58
CA GLY E 166 -2.55 78.67 49.50
C GLY E 166 -3.91 79.22 49.85
N GLN E 167 -4.50 79.91 48.88
CA GLN E 167 -5.83 80.50 49.03
C GLN E 167 -6.89 79.83 48.16
N ILE E 168 -6.55 78.71 47.52
CA ILE E 168 -7.46 78.09 46.57
C ILE E 168 -8.26 76.96 47.22
N ALA E 169 -7.59 76.08 47.97
CA ALA E 169 -8.28 74.96 48.59
C ALA E 169 -9.30 75.44 49.61
N GLU E 170 -10.39 74.69 49.74
CA GLU E 170 -11.49 75.08 50.61
C GLU E 170 -11.26 74.61 52.04
N THR E 171 -11.09 73.30 52.24
CA THR E 171 -10.84 72.74 53.56
C THR E 171 -9.62 71.84 53.51
N VAL E 172 -8.82 71.88 54.57
CA VAL E 172 -7.66 71.02 54.72
C VAL E 172 -7.74 70.35 56.08
N ILE E 173 -7.63 69.03 56.10
CA ILE E 173 -7.73 68.23 57.33
C ILE E 173 -6.37 67.62 57.61
N LEU E 174 -5.84 67.90 58.80
CA LEU E 174 -4.52 67.43 59.21
C LEU E 174 -4.66 66.37 60.29
N LYS E 175 -3.90 65.29 60.15
CA LYS E 175 -3.81 64.25 61.15
C LYS E 175 -2.35 63.97 61.45
N GLY E 176 -2.05 63.66 62.70
CA GLY E 176 -0.68 63.45 63.12
C GLY E 176 -0.50 62.10 63.79
N SER E 177 0.74 61.60 63.74
CA SER E 177 1.07 60.35 64.41
C SER E 177 0.89 60.49 65.92
N VAL E 178 1.25 61.64 66.47
CA VAL E 178 1.05 61.94 67.89
C VAL E 178 0.34 63.28 67.97
N PRO E 179 -0.41 63.55 69.04
CA PRO E 179 -1.09 64.85 69.15
C PRO E 179 -0.10 66.00 69.12
N PHE E 180 -0.50 67.10 68.47
CA PHE E 180 0.37 68.24 68.29
C PHE E 180 -0.46 69.51 68.41
N GLN E 181 0.24 70.64 68.55
CA GLN E 181 -0.38 71.95 68.72
C GLN E 181 -0.25 72.74 67.43
N LEU E 182 -1.36 73.32 66.98
CA LEU E 182 -1.38 74.15 65.78
C LEU E 182 -2.32 75.33 66.02
N ALA E 183 -1.89 76.51 65.60
CA ALA E 183 -2.70 77.71 65.77
C ALA E 183 -2.35 78.70 64.68
N ARG E 184 -3.26 79.66 64.46
CA ARG E 184 -3.04 80.70 63.48
C ARG E 184 -1.98 81.69 63.95
N LEU E 185 -1.62 82.61 63.06
CA LEU E 185 -0.70 83.67 63.41
C LEU E 185 -1.29 84.56 64.50
N ASN E 186 -0.49 84.85 65.53
CA ASN E 186 -0.89 85.72 66.63
C ASN E 186 -2.16 85.23 67.30
N GLN E 187 -2.17 83.95 67.67
CA GLN E 187 -3.28 83.34 68.39
C GLN E 187 -2.73 82.33 69.39
N PRO E 188 -3.43 82.10 70.50
CA PRO E 188 -2.90 81.19 71.52
C PRO E 188 -2.88 79.75 71.03
N MET E 189 -1.92 78.99 71.55
CA MET E 189 -1.76 77.59 71.17
C MET E 189 -2.76 76.73 71.93
N PRO E 190 -3.60 75.96 71.23
CA PRO E 190 -4.55 75.08 71.94
C PRO E 190 -3.88 73.82 72.45
N ALA E 191 -4.64 72.96 73.11
CA ALA E 191 -4.10 71.69 73.60
C ALA E 191 -3.80 70.76 72.43
N ALA E 192 -2.93 69.80 72.68
CA ALA E 192 -2.52 68.86 71.64
C ALA E 192 -3.70 68.01 71.20
N ARG E 193 -3.91 67.93 69.89
CA ARG E 193 -5.00 67.16 69.31
C ARG E 193 -4.48 66.33 68.15
N PHE E 194 -5.21 65.26 67.85
CA PHE E 194 -4.84 64.40 66.73
C PHE E 194 -5.21 65.01 65.38
N THR E 195 -6.36 65.68 65.30
CA THR E 195 -6.92 66.11 64.03
C THR E 195 -7.29 67.59 64.08
N TYR E 196 -6.95 68.31 63.01
CA TYR E 196 -7.32 69.70 62.84
C TYR E 196 -8.03 69.88 61.51
N LYS E 197 -9.04 70.74 61.49
CA LYS E 197 -9.72 71.13 60.26
C LYS E 197 -9.50 72.62 60.06
N LEU E 198 -8.88 72.99 58.94
CA LEU E 198 -8.47 74.35 58.70
C LEU E 198 -9.00 74.86 57.37
N ARG E 199 -9.27 76.17 57.33
CA ARG E 199 -9.53 76.86 56.08
C ARG E 199 -8.23 77.51 55.62
N PRO E 200 -7.71 77.17 54.44
CA PRO E 200 -6.42 77.75 54.02
C PRO E 200 -6.45 79.25 53.85
N LEU E 201 -7.63 79.87 53.71
CA LEU E 201 -7.73 81.30 53.47
C LEU E 201 -7.51 82.14 54.71
N ASP E 202 -7.65 81.56 55.91
CA ASP E 202 -7.56 82.37 57.12
C ASP E 202 -6.16 82.96 57.30
N GLY E 203 -5.13 82.16 57.07
CA GLY E 203 -3.77 82.62 57.20
C GLY E 203 -2.78 81.50 57.43
N PRO E 204 -1.50 81.84 57.52
CA PRO E 204 -0.49 80.82 57.79
C PRO E 204 -0.67 80.22 59.18
N PHE E 205 -0.27 78.96 59.32
CA PHE E 205 -0.41 78.21 60.56
C PHE E 205 0.96 77.88 61.12
N ILE E 206 1.03 77.75 62.44
CA ILE E 206 2.27 77.45 63.15
C ILE E 206 2.09 76.14 63.90
N VAL E 207 3.04 75.23 63.73
CA VAL E 207 3.06 73.96 64.43
C VAL E 207 4.25 73.93 65.35
N VAL E 208 4.00 73.68 66.64
CA VAL E 208 5.11 73.60 67.63
C VAL E 208 5.72 72.20 67.52
N LEU E 209 7.00 72.12 67.20
CA LEU E 209 7.68 70.80 67.09
C LEU E 209 8.40 70.53 68.40
N PRO E 210 7.97 69.53 69.19
CA PRO E 210 8.66 69.18 70.43
C PRO E 210 9.99 68.47 70.15
N VAL E 211 10.98 68.66 71.02
CA VAL E 211 12.26 67.91 70.85
C VAL E 211 11.99 66.44 71.16
N GLY E 212 12.48 65.54 70.31
CA GLY E 212 12.17 64.12 70.54
C GLY E 212 11.88 63.35 69.26
N ASN E 213 11.02 62.32 69.36
CA ASN E 213 10.69 61.47 68.19
C ASN E 213 9.99 62.31 67.13
N PRO E 214 10.23 62.06 65.82
CA PRO E 214 9.65 62.88 64.76
C PRO E 214 8.12 62.86 64.66
N LEU E 215 7.53 64.01 64.28
CA LEU E 215 6.06 64.06 64.09
C LEU E 215 5.78 64.04 62.58
N VAL E 216 4.88 63.17 62.14
CA VAL E 216 4.49 63.16 60.71
C VAL E 216 3.05 63.68 60.62
N ILE E 217 2.83 64.73 59.82
CA ILE E 217 1.46 65.28 59.65
C ILE E 217 0.91 64.80 58.30
N SER E 218 -0.22 64.09 58.32
CA SER E 218 -0.89 63.66 57.08
C SER E 218 -1.88 64.75 56.68
N ALA E 219 -1.82 65.23 55.45
CA ALA E 219 -2.64 66.32 54.97
C ALA E 219 -3.56 65.84 53.86
N THR E 220 -4.83 66.23 53.94
CA THR E 220 -5.82 65.94 52.91
C THR E 220 -6.62 67.20 52.64
N ALA E 221 -6.79 67.54 51.37
CA ALA E 221 -7.47 68.76 50.96
C ALA E 221 -8.55 68.45 49.94
N ALA E 222 -9.54 69.34 49.85
CA ALA E 222 -10.62 69.22 48.90
C ALA E 222 -10.84 70.57 48.22
N THR E 223 -10.86 70.57 46.90
CA THR E 223 -11.07 71.78 46.11
C THR E 223 -12.20 71.54 45.13
N ARG E 224 -13.09 72.53 45.00
CA ARG E 224 -14.23 72.43 44.09
C ARG E 224 -13.98 73.28 42.86
N ILE E 225 -14.11 72.66 41.69
CA ILE E 225 -13.87 73.31 40.41
C ILE E 225 -15.08 73.10 39.52
N GLN E 226 -15.45 74.14 38.77
CA GLN E 226 -16.63 74.09 37.92
C GLN E 226 -16.35 73.24 36.69
N VAL E 227 -17.17 72.22 36.47
CA VAL E 227 -16.99 71.27 35.38
C VAL E 227 -18.32 71.00 34.71
N PRO E 228 -18.31 70.53 33.47
CA PRO E 228 -19.57 70.14 32.82
C PRO E 228 -20.23 68.98 33.53
N LEU E 229 -21.54 68.85 33.29
CA LEU E 229 -22.33 67.85 33.99
C LEU E 229 -21.88 66.43 33.64
N ALA E 230 -21.47 66.21 32.39
CA ALA E 230 -21.04 64.90 31.93
C ALA E 230 -19.64 64.52 32.42
N PHE E 231 -19.08 65.30 33.35
CA PHE E 231 -17.74 65.01 33.85
C PHE E 231 -17.73 63.75 34.71
N ASN E 232 -16.79 62.86 34.44
CA ASN E 232 -16.58 61.66 35.23
C ASN E 232 -15.11 61.58 35.59
N LYS E 233 -14.79 61.67 36.88
CA LYS E 233 -13.40 61.68 37.32
C LYS E 233 -12.72 60.34 37.06
N ALA E 234 -13.48 59.25 37.11
CA ALA E 234 -12.91 57.94 36.84
C ALA E 234 -12.44 57.82 35.39
N LEU E 235 -13.23 58.35 34.45
CA LEU E 235 -12.86 58.25 33.05
C LEU E 235 -11.75 59.23 32.68
N VAL E 236 -11.73 60.39 33.34
CA VAL E 236 -10.71 61.40 33.03
C VAL E 236 -9.33 60.90 33.44
N GLU E 237 -9.23 60.27 34.61
CA GLU E 237 -7.94 59.78 35.08
C GLU E 237 -7.37 58.71 34.14
N SER E 238 -8.22 57.77 33.71
CA SER E 238 -7.76 56.74 32.79
C SER E 238 -7.40 57.33 31.44
N GLY E 239 -8.17 58.32 30.97
CA GLY E 239 -7.83 58.99 29.73
C GLY E 239 -6.53 59.76 29.82
N PHE E 240 -6.27 60.37 30.99
CA PHE E 240 -5.00 61.07 31.19
C PHE E 240 -3.83 60.11 31.08
N GLN E 241 -3.95 58.93 31.69
CA GLN E 241 -2.88 57.94 31.60
C GLN E 241 -2.72 57.44 30.17
N THR E 242 -3.83 57.24 29.46
CA THR E 242 -3.76 56.76 28.08
C THR E 242 -3.09 57.78 27.17
N ALA E 243 -3.46 59.06 27.30
CA ALA E 243 -2.88 60.08 26.45
C ALA E 243 -1.38 60.23 26.71
N MET E 244 -0.98 60.17 27.98
CA MET E 244 0.45 60.20 28.31
C MET E 244 1.16 58.97 27.78
N ASN E 245 0.50 57.81 27.84
CA ASN E 245 1.06 56.59 27.30
C ASN E 245 1.23 56.69 25.78
N ASP E 246 0.25 57.27 25.10
CA ASP E 246 0.27 57.37 23.65
C ASP E 246 1.20 58.45 23.13
N GLY E 247 1.76 59.27 24.00
CA GLY E 247 2.68 60.30 23.58
C GLY E 247 2.05 61.61 23.15
N LEU E 248 0.79 61.85 23.54
CA LEU E 248 0.14 63.10 23.16
C LEU E 248 0.71 64.28 23.91
N PHE E 249 1.39 64.04 25.04
CA PHE E 249 1.96 65.10 25.84
C PHE E 249 3.46 65.26 25.63
N ASP E 250 4.02 64.56 24.64
CA ASP E 250 5.46 64.62 24.37
C ASP E 250 5.75 65.88 23.55
N ILE E 251 6.05 66.96 24.24
CA ILE E 251 6.41 68.22 23.60
C ILE E 251 7.40 68.94 24.51
N GLN E 252 8.37 69.63 23.91
CA GLN E 252 9.49 70.16 24.65
C GLN E 252 9.07 71.27 25.62
N ASN E 253 9.84 71.41 26.70
CA ASN E 253 9.68 72.49 27.68
C ASN E 253 8.32 72.46 28.35
N VAL E 254 7.89 71.27 28.78
CA VAL E 254 6.65 71.09 29.50
C VAL E 254 6.90 70.22 30.72
N ASN E 255 5.93 70.24 31.64
CA ASN E 255 6.00 69.50 32.88
C ASN E 255 4.98 68.36 32.88
N TYR E 256 5.36 67.24 33.50
CA TYR E 256 4.55 66.04 33.53
C TYR E 256 4.05 65.78 34.94
N TYR E 257 2.81 65.28 35.04
CA TYR E 257 2.17 65.02 36.32
C TYR E 257 1.64 63.60 36.34
N SER E 258 1.50 63.06 37.55
CA SER E 258 1.09 61.66 37.69
C SER E 258 -0.40 61.48 37.43
N SER E 259 -1.22 62.49 37.68
CA SER E 259 -2.65 62.37 37.49
C SER E 259 -3.23 63.72 37.10
N PHE E 260 -4.44 63.67 36.54
CA PHE E 260 -5.14 64.91 36.17
C PHE E 260 -5.48 65.75 37.39
N ASP E 261 -5.57 65.11 38.56
CA ASP E 261 -5.84 65.85 39.80
C ASP E 261 -4.74 66.87 40.07
N GLU E 262 -3.48 66.46 39.94
CA GLU E 262 -2.37 67.36 40.20
C GLU E 262 -2.25 68.41 39.10
N PHE E 263 -2.57 68.04 37.86
CA PHE E 263 -2.43 68.96 36.74
C PHE E 263 -3.35 70.16 36.90
N ILE E 264 -4.61 69.90 37.27
CA ILE E 264 -5.57 71.00 37.38
C ILE E 264 -5.29 71.86 38.59
N ILE E 265 -4.82 71.25 39.69
CA ILE E 265 -4.54 72.01 40.90
C ILE E 265 -3.30 72.90 40.69
N SER E 266 -2.26 72.36 40.07
CA SER E 266 -1.05 73.13 39.85
C SER E 266 -1.30 74.33 38.96
N GLN E 267 -2.08 74.15 37.89
CA GLN E 267 -2.42 75.28 37.02
C GLN E 267 -3.31 76.29 37.73
N TYR E 268 -4.12 75.83 38.68
CA TYR E 268 -4.96 76.74 39.46
C TYR E 268 -4.11 77.65 40.34
N HIS E 269 -2.96 77.18 40.79
CA HIS E 269 -2.12 77.94 41.71
C HIS E 269 -1.10 78.83 41.01
N ALA E 270 -1.14 78.89 39.68
CA ALA E 270 -0.31 79.84 38.96
C ALA E 270 -0.93 81.23 39.07
N GLN E 271 -0.21 82.22 38.53
CA GLN E 271 -0.70 83.60 38.60
C GLN E 271 -2.00 83.77 37.82
N ASP E 272 -2.08 83.18 36.63
CA ASP E 272 -3.27 83.30 35.79
C ASP E 272 -4.13 82.05 35.97
N GLY E 273 -4.50 81.80 37.22
CA GLY E 273 -5.15 80.55 37.57
C GLY E 273 -6.53 80.39 36.96
N ILE E 274 -7.33 81.46 37.01
CA ILE E 274 -8.74 81.36 36.60
C ILE E 274 -8.85 81.01 35.12
N ASN E 275 -8.09 81.70 34.27
CA ASN E 275 -8.17 81.42 32.85
C ASN E 275 -7.52 80.09 32.48
N ARG E 276 -6.51 79.66 33.23
CA ARG E 276 -5.89 78.37 32.96
C ARG E 276 -6.84 77.22 33.28
N VAL E 277 -7.58 77.32 34.38
CA VAL E 277 -8.43 76.20 34.79
C VAL E 277 -9.63 76.08 33.88
N SER E 278 -10.02 77.16 33.18
CA SER E 278 -11.08 77.05 32.20
C SER E 278 -10.69 76.15 31.05
N THR E 279 -9.44 76.28 30.59
CA THR E 279 -8.95 75.42 29.51
C THR E 279 -8.72 73.99 30.00
N CYS E 280 -8.35 73.83 31.27
CA CYS E 280 -8.05 72.49 31.79
C CYS E 280 -9.27 71.61 31.80
N VAL E 281 -10.44 72.16 32.18
CA VAL E 281 -11.64 71.34 32.23
C VAL E 281 -12.09 70.93 30.84
N ILE E 282 -11.80 71.74 29.83
CA ILE E 282 -12.10 71.34 28.45
C ILE E 282 -11.21 70.18 28.04
N LEU E 283 -9.95 70.20 28.47
CA LEU E 283 -9.07 69.06 28.23
C LEU E 283 -9.55 67.82 28.96
N GLY E 284 -10.09 68.00 30.17
CA GLY E 284 -10.60 66.86 30.92
C GLY E 284 -11.75 66.18 30.21
N LEU E 285 -12.68 66.95 29.65
CA LEU E 285 -13.76 66.37 28.88
C LEU E 285 -13.23 65.73 27.60
N ALA E 286 -12.25 66.36 26.96
CA ALA E 286 -11.65 65.78 25.76
C ALA E 286 -10.91 64.49 26.10
N LEU E 287 -10.23 64.45 27.25
CA LEU E 287 -9.57 63.23 27.69
C LEU E 287 -10.59 62.15 28.02
N GLN E 288 -11.75 62.55 28.54
CA GLN E 288 -12.82 61.60 28.80
C GLN E 288 -13.30 60.97 27.49
N ALA E 289 -13.43 61.77 26.43
CA ALA E 289 -13.82 61.24 25.14
C ALA E 289 -12.71 60.37 24.56
N TYR E 290 -11.46 60.73 24.79
CA TYR E 290 -10.33 59.93 24.31
C TYR E 290 -10.34 58.54 24.93
N ASP E 291 -10.74 58.46 26.21
CA ASP E 291 -10.74 57.17 26.90
C ASP E 291 -11.72 56.20 26.25
N GLN E 292 -12.97 56.64 26.07
CA GLN E 292 -14.01 55.73 25.61
C GLN E 292 -13.78 55.28 24.17
N MET E 293 -13.39 56.21 23.30
CA MET E 293 -13.19 55.85 21.89
C MET E 293 -12.03 54.88 21.72
N ARG E 294 -10.93 55.13 22.42
CA ARG E 294 -9.77 54.25 22.30
C ARG E 294 -10.03 52.88 22.93
N ARG E 295 -10.81 52.83 24.01
CA ARG E 295 -11.19 51.54 24.57
C ARG E 295 -12.10 50.77 23.62
N ALA E 296 -13.01 51.46 22.95
CA ALA E 296 -13.88 50.80 21.99
C ALA E 296 -13.15 50.49 20.69
N LEU E 297 -12.15 51.30 20.34
CA LEU E 297 -11.40 51.15 19.10
C LEU E 297 -9.91 51.13 19.43
N PRO E 298 -9.40 50.01 19.93
CA PRO E 298 -7.96 49.92 20.23
C PRO E 298 -7.12 50.01 18.96
N VAL E 299 -5.93 50.58 19.12
CA VAL E 299 -5.01 50.73 18.00
C VAL E 299 -3.59 50.37 18.41
N ALA F 2 46.27 18.88 15.14
CA ALA F 2 45.15 18.76 14.21
C ALA F 2 43.97 19.60 14.70
N ASN F 3 43.55 20.56 13.88
CA ASN F 3 42.43 21.44 14.20
C ASN F 3 41.23 21.03 13.37
N ARG F 4 40.08 20.88 14.03
CA ARG F 4 38.85 20.43 13.40
C ARG F 4 37.83 21.56 13.43
N ALA F 5 37.38 21.99 12.26
CA ALA F 5 36.43 23.08 12.12
C ALA F 5 35.15 22.55 11.47
N THR F 6 34.00 22.94 12.02
CA THR F 6 32.71 22.47 11.55
C THR F 6 31.79 23.65 11.30
N SER F 7 30.75 23.41 10.51
CA SER F 7 29.71 24.40 10.32
C SER F 7 28.92 24.60 11.61
N ALA F 8 28.57 25.86 11.88
CA ALA F 8 27.90 26.19 13.13
C ALA F 8 26.51 25.58 13.21
N PHE F 9 25.77 25.58 12.09
CA PHE F 9 24.38 25.16 12.11
C PHE F 9 24.21 23.66 12.17
N LEU F 10 25.26 22.88 11.90
CA LEU F 10 25.13 21.43 11.89
C LEU F 10 25.20 20.81 13.27
N ASP F 11 25.65 21.54 14.28
CA ASP F 11 25.84 20.95 15.60
C ASP F 11 24.52 20.76 16.34
N ASN F 12 24.50 19.73 17.20
CA ASN F 12 23.44 19.38 18.14
C ASN F 12 22.03 19.59 17.58
N PRO F 13 21.60 18.81 16.59
CA PRO F 13 20.20 18.89 16.16
C PRO F 13 19.28 18.35 17.23
N HIS F 14 18.26 19.12 17.59
CA HIS F 14 17.35 18.68 18.64
C HIS F 14 16.31 17.73 18.07
N PRO F 15 15.79 16.81 18.90
CA PRO F 15 14.75 15.89 18.41
C PRO F 15 13.51 16.64 17.97
N VAL F 16 12.86 16.11 16.93
CA VAL F 16 11.64 16.68 16.41
C VAL F 16 10.45 15.91 16.96
N GLY F 17 9.26 16.47 16.80
CA GLY F 17 8.07 15.82 17.31
C GLY F 17 7.70 14.59 16.51
N VAL F 18 7.09 13.63 17.20
CA VAL F 18 6.65 12.38 16.60
C VAL F 18 5.12 12.32 16.52
N ASN F 19 4.47 13.48 16.46
CA ASN F 19 3.02 13.57 16.47
C ASN F 19 2.53 14.29 15.23
N TYR F 20 1.26 14.05 14.90
CA TYR F 20 0.60 14.66 13.75
C TYR F 20 1.33 14.35 12.44
N VAL F 21 1.75 13.10 12.30
CA VAL F 21 2.39 12.62 11.08
C VAL F 21 1.61 11.51 10.40
N ASP F 22 0.41 11.18 10.89
CA ASP F 22 -0.42 10.16 10.29
C ASP F 22 -1.15 10.73 9.08
N GLU F 23 -1.93 9.87 8.41
CA GLU F 23 -2.62 10.29 7.19
C GLU F 23 -3.66 11.36 7.48
N GLY F 24 -4.41 11.22 8.58
CA GLY F 24 -5.43 12.20 8.90
C GLY F 24 -4.83 13.56 9.22
N SER F 25 -3.71 13.58 9.96
CA SER F 25 -3.09 14.84 10.31
C SER F 25 -2.45 15.51 9.10
N ARG F 26 -1.87 14.70 8.19
CA ARG F 26 -1.29 15.27 6.99
C ARG F 26 -2.35 15.91 6.11
N GLN F 27 -3.55 15.32 6.08
CA GLN F 27 -4.65 15.91 5.32
C GLN F 27 -5.10 17.22 5.95
N PHE F 28 -4.99 17.33 7.28
CA PHE F 28 -5.35 18.57 7.95
C PHE F 28 -4.43 19.72 7.55
N VAL F 29 -3.13 19.46 7.48
CA VAL F 29 -2.18 20.51 7.11
C VAL F 29 -2.39 20.92 5.66
N ALA F 30 -2.64 19.95 4.78
CA ALA F 30 -2.89 20.27 3.38
C ALA F 30 -4.18 21.06 3.22
N VAL F 31 -5.21 20.71 4.00
CA VAL F 31 -6.46 21.48 3.98
C VAL F 31 -6.21 22.90 4.44
N ALA F 32 -5.40 23.07 5.49
CA ALA F 32 -5.10 24.40 6.00
C ALA F 32 -4.38 25.24 4.94
N GLU F 33 -3.44 24.63 4.22
CA GLU F 33 -2.74 25.35 3.16
C GLU F 33 -3.69 25.76 2.04
N LEU F 34 -4.60 24.86 1.65
CA LEU F 34 -5.54 25.18 0.60
C LEU F 34 -6.50 26.28 1.02
N LEU F 35 -7.03 26.20 2.25
CA LEU F 35 -8.01 27.19 2.69
C LEU F 35 -7.36 28.53 3.00
N ALA F 36 -6.09 28.52 3.44
CA ALA F 36 -5.39 29.79 3.65
C ALA F 36 -5.06 30.46 2.33
N SER F 37 -4.81 29.67 1.29
CA SER F 37 -4.55 30.24 -0.03
C SER F 37 -5.79 30.96 -0.56
N LYS F 38 -6.97 30.37 -0.39
CA LYS F 38 -8.19 31.01 -0.84
C LYS F 38 -8.49 32.26 -0.03
N LEU F 39 -8.08 32.27 1.25
CA LEU F 39 -8.30 33.44 2.09
C LEU F 39 -7.53 34.65 1.57
N ILE F 40 -6.27 34.43 1.14
CA ILE F 40 -5.50 35.53 0.56
C ILE F 40 -6.12 35.98 -0.76
N ASP F 41 -6.51 35.02 -1.61
CA ASP F 41 -7.10 35.38 -2.90
C ASP F 41 -8.42 36.11 -2.74
N SER F 42 -9.14 35.86 -1.64
CA SER F 42 -10.42 36.53 -1.41
C SER F 42 -10.25 38.04 -1.28
N SER F 43 -9.08 38.49 -0.81
CA SER F 43 -8.84 39.92 -0.71
C SER F 43 -8.82 40.57 -2.10
N ARG F 44 -8.16 39.93 -3.06
CA ARG F 44 -8.15 40.46 -4.42
C ARG F 44 -9.54 40.41 -5.05
N GLU F 45 -10.27 39.30 -4.84
CA GLU F 45 -11.65 39.23 -5.32
C GLU F 45 -12.56 40.20 -4.59
N SER F 46 -12.15 40.68 -3.41
CA SER F 46 -12.90 41.73 -2.74
C SER F 46 -12.65 43.09 -3.38
N ASP F 47 -11.51 43.26 -4.05
CA ASP F 47 -11.19 44.54 -4.65
C ASP F 47 -11.84 44.73 -6.01
N GLU F 48 -12.04 43.64 -6.77
CA GLU F 48 -12.67 43.76 -8.08
C GLU F 48 -14.09 44.27 -7.96
N SER F 49 -14.82 43.80 -6.96
CA SER F 49 -16.08 44.40 -6.56
C SER F 49 -15.83 45.37 -5.41
N ASN F 50 -16.90 45.87 -4.81
CA ASN F 50 -16.79 46.74 -3.65
C ASN F 50 -17.29 46.08 -2.37
N SER F 51 -17.67 44.81 -2.42
CA SER F 51 -18.22 44.11 -1.28
C SER F 51 -17.17 43.24 -0.61
N ASP F 52 -17.48 42.82 0.62
CA ASP F 52 -16.64 41.92 1.39
C ASP F 52 -17.17 40.50 1.40
N VAL F 53 -18.17 40.20 0.56
CA VAL F 53 -18.75 38.85 0.54
C VAL F 53 -17.71 37.79 0.21
N PRO F 54 -16.80 37.97 -0.77
CA PRO F 54 -15.77 36.94 -0.99
C PRO F 54 -14.92 36.66 0.24
N PHE F 55 -14.59 37.69 1.02
CA PHE F 55 -13.78 37.47 2.21
C PHE F 55 -14.59 36.82 3.33
N VAL F 56 -15.84 37.27 3.50
CA VAL F 56 -16.70 36.67 4.52
C VAL F 56 -16.98 35.21 4.20
N GLN F 57 -17.17 34.91 2.91
CA GLN F 57 -17.42 33.53 2.50
C GLN F 57 -16.22 32.64 2.79
N ALA F 58 -15.01 33.14 2.53
CA ALA F 58 -13.82 32.33 2.74
C ALA F 58 -13.48 32.19 4.23
N TYR F 59 -13.70 33.25 5.01
CA TYR F 59 -13.45 33.18 6.44
C TYR F 59 -14.35 32.15 7.11
N SER F 60 -15.63 32.10 6.72
CA SER F 60 -16.55 31.15 7.31
C SER F 60 -16.12 29.72 7.04
N LYS F 61 -15.64 29.44 5.83
CA LYS F 61 -15.11 28.12 5.52
C LYS F 61 -13.89 27.81 6.38
N PHE F 62 -13.02 28.79 6.57
CA PHE F 62 -11.78 28.57 7.32
C PHE F 62 -12.06 28.44 8.82
N ALA F 63 -12.91 29.31 9.37
CA ALA F 63 -13.04 29.45 10.81
C ALA F 63 -14.32 28.88 11.38
N ASP F 64 -15.22 28.37 10.54
CA ASP F 64 -16.51 27.83 10.97
C ASP F 64 -17.37 28.86 11.70
N ASP F 65 -17.09 30.15 11.50
CA ASP F 65 -17.86 31.20 12.13
C ASP F 65 -17.82 32.44 11.25
N ASN F 66 -18.88 33.23 11.31
CA ASN F 66 -18.96 34.44 10.49
C ASN F 66 -18.09 35.54 11.09
N PRO F 67 -17.42 36.33 10.26
CA PRO F 67 -16.64 37.45 10.79
C PRO F 67 -17.54 38.51 11.39
N ARG F 68 -17.02 39.17 12.42
CA ARG F 68 -17.77 40.22 13.12
C ARG F 68 -16.88 41.45 13.26
N HIS F 69 -17.47 42.62 13.05
CA HIS F 69 -16.73 43.88 13.17
C HIS F 69 -16.32 44.17 14.60
N LEU F 70 -16.94 43.52 15.59
CA LEU F 70 -16.66 43.82 16.99
C LEU F 70 -15.26 43.36 17.38
N ARG F 71 -14.90 42.13 17.04
CA ARG F 71 -13.66 41.53 17.50
C ARG F 71 -12.67 41.39 16.36
N VAL F 72 -11.40 41.19 16.75
CA VAL F 72 -10.33 40.98 15.78
C VAL F 72 -10.47 39.58 15.19
N LYS F 73 -10.41 39.50 13.86
CA LYS F 73 -10.52 38.22 13.16
C LYS F 73 -9.28 37.39 13.47
N THR F 74 -9.46 36.28 14.17
CA THR F 74 -8.34 35.44 14.59
C THR F 74 -8.15 34.23 13.68
N GLY F 75 -9.23 33.52 13.36
CA GLY F 75 -9.12 32.34 12.53
C GLY F 75 -9.93 31.17 13.04
N GLY F 76 -10.50 31.32 14.24
CA GLY F 76 -11.39 30.30 14.76
C GLY F 76 -10.63 29.09 15.28
N LYS F 77 -11.29 27.93 15.18
CA LYS F 77 -10.69 26.69 15.66
C LYS F 77 -9.51 26.27 14.79
N MET F 78 -9.52 26.60 13.50
CA MET F 78 -8.43 26.21 12.62
C MET F 78 -7.14 26.93 12.98
N ALA F 79 -7.24 28.18 13.42
CA ALA F 79 -6.05 28.93 13.80
C ALA F 79 -5.37 28.31 15.02
N ASN F 80 -6.16 27.94 16.03
CA ASN F 80 -5.60 27.34 17.23
C ASN F 80 -4.95 25.99 16.92
N ALA F 81 -5.61 25.18 16.10
CA ALA F 81 -5.07 23.87 15.73
C ALA F 81 -3.76 24.02 14.97
N LEU F 82 -3.73 24.92 13.99
CA LEU F 82 -2.52 25.12 13.19
C LEU F 82 -1.37 25.61 14.05
N THR F 83 -1.64 26.54 14.96
CA THR F 83 -0.59 27.08 15.82
C THR F 83 0.00 26.01 16.72
N ASN F 84 -0.87 25.21 17.36
CA ASN F 84 -0.40 24.21 18.31
C ASN F 84 0.32 23.06 17.61
N VAL F 85 -0.14 22.69 16.42
CA VAL F 85 0.50 21.60 15.69
C VAL F 85 1.91 21.98 15.27
N ILE F 86 2.14 23.26 14.95
CA ILE F 86 3.47 23.72 14.59
C ILE F 86 4.43 23.53 15.77
N ARG F 87 3.97 23.87 16.98
CA ARG F 87 4.83 23.74 18.16
C ARG F 87 5.22 22.28 18.40
N SER F 88 4.28 21.35 18.22
CA SER F 88 4.59 19.95 18.44
C SER F 88 5.60 19.42 17.43
N TYR F 89 5.66 20.02 16.24
CA TYR F 89 6.60 19.55 15.22
C TYR F 89 8.04 19.88 15.62
N TYR F 90 8.26 21.04 16.23
CA TYR F 90 9.62 21.52 16.44
C TYR F 90 10.37 20.66 17.45
N SER F 91 9.76 20.38 18.59
CA SER F 91 10.42 19.67 19.67
C SER F 91 9.52 18.56 20.19
N ILE F 92 10.16 17.49 20.68
CA ILE F 92 9.41 16.38 21.28
C ILE F 92 8.90 16.74 22.67
N ASN F 93 9.45 17.78 23.30
CA ASN F 93 8.97 18.22 24.61
C ASN F 93 7.67 18.99 24.53
N ALA F 94 7.33 19.53 23.36
CA ALA F 94 6.10 20.28 23.21
C ALA F 94 4.90 19.35 23.29
N PRO F 95 3.86 19.73 24.04
CA PRO F 95 2.70 18.85 24.18
C PRO F 95 1.92 18.72 22.89
N ALA F 96 1.21 17.60 22.76
CA ALA F 96 0.29 17.37 21.65
C ALA F 96 -1.11 17.72 22.13
N ILE F 97 -1.40 19.03 22.16
CA ILE F 97 -2.63 19.52 22.76
C ILE F 97 -3.83 19.17 21.90
N VAL F 98 -3.72 19.29 20.58
CA VAL F 98 -4.88 19.16 19.71
C VAL F 98 -5.38 17.73 19.72
N PRO F 99 -6.67 17.49 19.98
CA PRO F 99 -7.21 16.14 19.87
C PRO F 99 -7.29 15.69 18.42
N GLN F 100 -7.29 14.36 18.24
CA GLN F 100 -7.39 13.82 16.89
C GLN F 100 -8.80 13.97 16.32
N VAL F 101 -9.81 14.05 17.19
CA VAL F 101 -11.18 14.25 16.71
C VAL F 101 -11.31 15.61 16.03
N GLU F 102 -10.71 16.64 16.62
CA GLU F 102 -10.74 17.97 16.01
C GLU F 102 -10.01 17.98 14.68
N ILE F 103 -8.87 17.30 14.60
CA ILE F 103 -8.11 17.26 13.35
C ILE F 103 -8.90 16.55 12.27
N ASP F 104 -9.56 15.44 12.61
CA ASP F 104 -10.37 14.72 11.63
C ASP F 104 -11.52 15.58 11.13
N ARG F 105 -12.14 16.35 12.02
CA ARG F 105 -13.22 17.25 11.60
C ARG F 105 -12.70 18.33 10.67
N LEU F 106 -11.53 18.91 10.98
CA LEU F 106 -10.98 19.97 10.15
C LEU F 106 -10.49 19.44 8.81
N ALA F 107 -10.11 18.16 8.76
CA ALA F 107 -9.61 17.57 7.52
C ALA F 107 -10.72 17.31 6.52
N SER F 108 -11.98 17.28 6.96
CA SER F 108 -13.09 17.00 6.06
C SER F 108 -13.61 18.24 5.36
N LYS F 109 -13.06 19.42 5.66
CA LYS F 109 -13.50 20.64 4.99
C LYS F 109 -13.20 20.59 3.50
N ALA F 110 -12.02 20.11 3.13
CA ALA F 110 -11.61 20.01 1.75
C ALA F 110 -11.30 18.55 1.42
N THR F 111 -11.25 18.26 0.11
CA THR F 111 -11.05 16.91 -0.39
C THR F 111 -9.64 16.69 -0.91
N VAL F 112 -8.65 17.28 -0.25
CA VAL F 112 -7.26 17.13 -0.66
C VAL F 112 -6.70 15.82 -0.09
N SER F 113 -5.68 15.30 -0.75
CA SER F 113 -4.98 14.11 -0.30
C SER F 113 -3.60 14.50 0.22
N GLY F 114 -3.27 14.03 1.41
CA GLY F 114 -2.02 14.40 2.05
C GLY F 114 -0.83 13.54 1.64
N ASP F 115 -0.46 13.60 0.37
CA ASP F 115 0.70 12.88 -0.16
C ASP F 115 1.88 13.84 -0.18
N MET F 116 2.87 13.57 0.67
CA MET F 116 4.00 14.48 0.85
C MET F 116 5.25 14.02 0.11
N TYR F 117 5.12 13.03 -0.77
CA TYR F 117 6.26 12.49 -1.51
C TYR F 117 5.98 12.44 -3.01
N ASN F 118 5.33 13.48 -3.55
CA ASN F 118 5.01 13.52 -4.97
C ASN F 118 5.77 14.61 -5.72
N SER F 119 6.79 15.20 -5.10
CA SER F 119 7.60 16.23 -5.73
C SER F 119 8.93 16.31 -5.00
N TYR F 120 9.75 17.28 -5.40
CA TYR F 120 11.05 17.49 -4.79
C TYR F 120 11.35 18.98 -4.74
N ALA F 121 12.30 19.34 -3.88
CA ALA F 121 12.75 20.72 -3.74
C ALA F 121 14.26 20.74 -3.62
N ILE F 122 14.86 21.86 -4.00
CA ILE F 122 16.31 22.04 -3.97
C ILE F 122 16.66 22.92 -2.77
N PHE F 123 17.55 22.42 -1.93
CA PHE F 123 17.97 23.11 -0.71
C PHE F 123 19.44 23.47 -0.81
N ASN F 124 19.76 24.73 -0.54
CA ASN F 124 21.06 25.29 -0.87
C ASN F 124 22.01 25.40 0.31
N SER F 125 21.68 24.83 1.47
CA SER F 125 22.59 24.87 2.59
C SER F 125 23.79 23.99 2.33
N VAL F 126 24.98 24.48 2.73
CA VAL F 126 26.23 23.80 2.45
C VAL F 126 26.64 23.02 3.69
N PRO F 127 26.60 21.69 3.66
CA PRO F 127 27.03 20.89 4.82
C PRO F 127 28.53 20.66 4.81
N ILE F 128 29.22 21.21 5.80
CA ILE F 128 30.64 20.95 6.01
C ILE F 128 30.76 20.26 7.36
N VAL F 129 30.91 18.93 7.34
CA VAL F 129 30.92 18.16 8.58
C VAL F 129 32.19 18.44 9.37
N GLU F 130 33.34 18.43 8.70
CA GLU F 130 34.61 18.69 9.38
C GLU F 130 35.65 19.12 8.36
N VAL F 131 36.49 20.08 8.74
CA VAL F 131 37.67 20.47 7.99
C VAL F 131 38.87 20.27 8.88
N LEU F 132 39.74 19.33 8.50
CA LEU F 132 40.90 18.96 9.31
C LEU F 132 42.15 19.62 8.76
N SER F 133 42.89 20.31 9.62
CA SER F 133 44.05 21.09 9.21
C SER F 133 45.24 20.77 10.09
N PRO F 134 46.46 20.93 9.56
CA PRO F 134 47.66 20.72 10.39
C PRO F 134 47.81 21.79 11.47
N ALA F 135 48.91 21.72 12.23
CA ALA F 135 49.08 22.60 13.38
C ALA F 135 49.27 24.05 12.97
N ARG F 136 50.10 24.29 11.95
CA ARG F 136 50.48 25.68 11.64
C ARG F 136 49.35 26.45 10.96
N THR F 137 48.40 25.75 10.35
CA THR F 137 47.37 26.41 9.57
C THR F 137 46.17 26.80 10.44
N THR F 138 45.51 27.89 10.03
CA THR F 138 44.29 28.35 10.66
C THR F 138 43.16 28.30 9.64
N VAL F 139 42.04 27.70 10.02
CA VAL F 139 40.90 27.51 9.13
C VAL F 139 39.66 28.08 9.80
N SER F 140 38.90 28.89 9.07
CA SER F 140 37.66 29.48 9.57
C SER F 140 36.56 29.25 8.55
N ILE F 141 35.45 28.68 9.00
CA ILE F 141 34.28 28.42 8.17
C ILE F 141 33.18 29.37 8.59
N VAL F 142 32.61 30.09 7.62
CA VAL F 142 31.61 31.11 7.87
C VAL F 142 30.47 30.96 6.88
N GLY F 143 29.24 30.97 7.37
CA GLY F 143 28.07 30.99 6.52
C GLY F 143 27.48 29.61 6.30
N SER F 144 26.22 29.61 5.87
CA SER F 144 25.49 28.38 5.56
C SER F 144 25.07 28.29 4.11
N ASP F 145 24.40 29.31 3.59
CA ASP F 145 24.02 29.30 2.17
C ASP F 145 25.25 29.35 1.27
N ARG F 146 26.22 30.19 1.61
CA ARG F 146 27.50 30.24 0.91
C ARG F 146 28.60 30.11 1.95
N ALA F 147 29.32 29.00 1.93
CA ALA F 147 30.35 28.71 2.92
C ALA F 147 31.67 29.32 2.48
N ASP F 148 32.15 30.32 3.21
CA ASP F 148 33.42 30.96 2.94
C ASP F 148 34.45 30.40 3.91
N VAL F 149 35.31 29.51 3.43
CA VAL F 149 36.33 28.87 4.24
C VAL F 149 37.63 29.59 3.98
N THR F 150 38.16 30.26 5.01
CA THR F 150 39.40 31.01 4.92
C THR F 150 40.51 30.23 5.61
N MET F 151 41.58 29.94 4.87
CA MET F 151 42.70 29.17 5.38
C MET F 151 44.00 29.92 5.14
N LEU F 152 44.83 29.98 6.17
CA LEU F 152 46.14 30.63 6.12
C LEU F 152 47.20 29.65 6.57
N ASN F 153 48.27 29.55 5.81
CA ASN F 153 49.39 28.66 6.10
C ASN F 153 50.58 29.50 6.54
N THR F 154 51.08 29.24 7.74
CA THR F 154 52.23 29.97 8.28
C THR F 154 53.48 29.11 8.40
N GLY F 155 53.41 27.82 8.08
CA GLY F 155 54.57 26.97 8.17
C GLY F 155 55.49 27.11 6.98
N ALA F 156 56.62 26.39 7.07
CA ALA F 156 57.62 26.47 6.00
C ALA F 156 57.11 25.82 4.72
N GLY F 157 56.48 24.65 4.82
CA GLY F 157 56.04 23.91 3.66
C GLY F 157 54.54 23.98 3.44
N ALA F 158 54.11 23.44 2.30
CA ALA F 158 52.70 23.39 1.96
C ALA F 158 51.97 22.40 2.86
N ALA F 159 50.67 22.64 3.05
CA ALA F 159 49.84 21.82 3.91
C ALA F 159 48.72 21.16 3.12
N ASN F 160 48.25 20.03 3.63
CA ASN F 160 47.13 19.30 3.05
C ASN F 160 45.95 19.39 4.02
N ILE F 161 44.81 19.85 3.52
CA ILE F 161 43.62 20.08 4.33
C ILE F 161 42.53 19.15 3.82
N THR F 162 41.91 18.41 4.74
CA THR F 162 40.89 17.43 4.42
C THR F 162 39.50 18.06 4.54
N PHE F 163 38.70 17.91 3.49
CA PHE F 163 37.33 18.42 3.47
C PHE F 163 36.35 17.24 3.48
N ASN F 164 35.38 17.30 4.38
CA ASN F 164 34.33 16.29 4.47
C ASN F 164 32.99 17.02 4.35
N PHE F 165 32.29 16.79 3.23
CA PHE F 165 31.04 17.46 2.94
C PHE F 165 29.83 16.59 3.27
N GLY F 166 30.04 15.48 3.96
CA GLY F 166 28.94 14.60 4.31
C GLY F 166 28.63 13.61 3.21
N GLN F 167 27.53 12.88 3.40
CA GLN F 167 27.08 11.85 2.47
C GLN F 167 25.63 12.05 2.06
N ILE F 168 25.13 13.29 2.12
CA ILE F 168 23.74 13.59 1.81
C ILE F 168 23.62 14.54 0.63
N ALA F 169 24.45 15.58 0.58
CA ALA F 169 24.38 16.56 -0.50
C ALA F 169 24.66 15.90 -1.84
N GLU F 170 23.93 16.33 -2.86
CA GLU F 170 24.07 15.73 -4.18
C GLU F 170 25.28 16.29 -4.92
N THR F 171 25.40 17.62 -4.97
CA THR F 171 26.53 18.26 -5.63
C THR F 171 27.03 19.41 -4.77
N VAL F 172 28.33 19.66 -4.86
CA VAL F 172 28.97 20.78 -4.19
C VAL F 172 29.91 21.45 -5.18
N ILE F 173 29.79 22.78 -5.32
CA ILE F 173 30.60 23.55 -6.25
C ILE F 173 31.56 24.41 -5.43
N LEU F 174 32.85 24.29 -5.72
CA LEU F 174 33.89 25.02 -5.01
C LEU F 174 34.49 26.07 -5.93
N LYS F 175 34.53 27.31 -5.45
CA LYS F 175 35.16 28.42 -6.17
C LYS F 175 36.14 29.10 -5.23
N GLY F 176 37.36 29.29 -5.70
CA GLY F 176 38.41 29.88 -4.90
C GLY F 176 38.81 31.27 -5.38
N SER F 177 39.33 32.07 -4.45
CA SER F 177 39.80 33.41 -4.81
C SER F 177 40.96 33.32 -5.79
N VAL F 178 41.88 32.40 -5.58
CA VAL F 178 42.97 32.14 -6.51
C VAL F 178 42.95 30.65 -6.85
N PRO F 179 43.50 30.27 -8.00
CA PRO F 179 43.47 28.85 -8.39
C PRO F 179 44.15 27.96 -7.36
N PHE F 180 43.57 26.78 -7.15
CA PHE F 180 44.04 25.84 -6.14
C PHE F 180 43.86 24.42 -6.66
N GLN F 181 44.50 23.48 -5.96
CA GLN F 181 44.46 22.05 -6.37
C GLN F 181 43.70 21.21 -5.36
N LEU F 182 42.63 20.54 -5.81
CA LEU F 182 41.86 19.63 -4.92
C LEU F 182 41.79 18.26 -5.60
N ALA F 183 42.17 17.19 -4.89
CA ALA F 183 42.01 15.84 -5.45
C ALA F 183 41.40 14.95 -4.38
N ARG F 184 40.74 13.87 -4.78
CA ARG F 184 40.20 12.91 -3.80
C ARG F 184 41.34 12.10 -3.21
N LEU F 185 41.12 11.43 -2.09
CA LEU F 185 42.22 10.69 -1.42
C LEU F 185 42.75 9.60 -2.35
N ASN F 186 44.07 9.38 -2.37
CA ASN F 186 44.72 8.36 -3.25
C ASN F 186 44.50 8.66 -4.72
N GLN F 187 44.41 9.94 -5.10
CA GLN F 187 44.29 10.31 -6.53
C GLN F 187 45.30 11.42 -6.81
N PRO F 188 45.95 11.46 -8.00
CA PRO F 188 46.95 12.49 -8.29
C PRO F 188 46.38 13.91 -8.30
N MET F 189 47.15 14.88 -7.80
CA MET F 189 46.67 16.28 -7.73
C MET F 189 46.48 16.84 -9.14
N PRO F 190 45.35 17.53 -9.43
CA PRO F 190 45.15 18.16 -10.72
C PRO F 190 45.83 19.54 -10.77
N ALA F 191 45.90 20.14 -11.95
CA ALA F 191 46.46 21.49 -12.07
C ALA F 191 45.57 22.49 -11.33
N ALA F 192 46.07 23.70 -11.10
CA ALA F 192 45.31 24.70 -10.35
C ALA F 192 44.16 25.23 -11.19
N ARG F 193 42.94 25.16 -10.65
CA ARG F 193 41.76 25.66 -11.32
C ARG F 193 40.93 26.50 -10.35
N PHE F 194 40.10 27.37 -10.92
CA PHE F 194 39.23 28.21 -10.10
C PHE F 194 38.07 27.42 -9.53
N THR F 195 37.47 26.54 -10.34
CA THR F 195 36.20 25.91 -10.00
C THR F 195 36.35 24.40 -9.99
N TYR F 196 35.82 23.76 -8.94
CA TYR F 196 35.74 22.31 -8.83
C TYR F 196 34.30 21.89 -8.60
N LYS F 197 33.86 20.84 -9.29
CA LYS F 197 32.55 20.25 -9.07
C LYS F 197 32.73 18.87 -8.47
N LEU F 198 32.10 18.64 -7.33
CA LEU F 198 32.33 17.42 -6.55
C LEU F 198 31.03 16.72 -6.23
N ARG F 199 31.09 15.39 -6.18
CA ARG F 199 30.02 14.58 -5.63
C ARG F 199 30.43 14.13 -4.24
N PRO F 200 29.74 14.55 -3.17
CA PRO F 200 30.24 14.27 -1.81
C PRO F 200 30.40 12.79 -1.50
N LEU F 201 29.62 11.91 -2.13
CA LEU F 201 29.68 10.50 -1.81
C LEU F 201 31.02 9.86 -2.19
N ASP F 202 31.77 10.48 -3.11
CA ASP F 202 32.97 9.84 -3.62
C ASP F 202 34.04 9.66 -2.55
N GLY F 203 34.24 10.68 -1.70
CA GLY F 203 35.20 10.59 -0.63
C GLY F 203 35.72 11.93 -0.16
N PRO F 204 36.47 11.92 0.93
CA PRO F 204 37.08 13.17 1.42
C PRO F 204 38.06 13.74 0.41
N PHE F 205 38.19 15.07 0.42
CA PHE F 205 38.99 15.79 -0.55
C PHE F 205 40.17 16.43 0.14
N ILE F 206 41.33 16.39 -0.52
CA ILE F 206 42.56 16.99 -0.01
C ILE F 206 42.81 18.29 -0.77
N VAL F 207 43.05 19.37 -0.05
CA VAL F 207 43.38 20.66 -0.65
C VAL F 207 44.78 21.05 -0.24
N VAL F 208 45.58 21.45 -1.23
CA VAL F 208 46.96 21.87 -1.01
C VAL F 208 46.97 23.35 -0.71
N LEU F 209 47.55 23.72 0.43
CA LEU F 209 47.63 25.12 0.83
C LEU F 209 49.05 25.62 0.66
N PRO F 210 49.33 26.45 -0.34
CA PRO F 210 50.67 27.02 -0.49
C PRO F 210 50.95 28.03 0.61
N VAL F 211 52.24 28.22 0.88
CA VAL F 211 52.68 29.18 1.88
C VAL F 211 52.65 30.58 1.27
N GLY F 212 51.95 31.50 1.92
CA GLY F 212 51.85 32.85 1.42
C GLY F 212 50.54 33.53 1.73
N ASN F 213 49.90 34.10 0.71
CA ASN F 213 48.65 34.82 0.91
C ASN F 213 47.53 33.85 1.27
N PRO F 214 46.51 34.31 2.00
CA PRO F 214 45.41 33.43 2.37
C PRO F 214 44.61 32.99 1.16
N LEU F 215 44.02 31.79 1.29
CA LEU F 215 43.16 31.23 0.26
C LEU F 215 41.76 31.07 0.83
N VAL F 216 40.77 31.57 0.11
CA VAL F 216 39.37 31.52 0.52
C VAL F 216 38.59 30.71 -0.51
N ILE F 217 37.83 29.74 -0.04
CA ILE F 217 37.03 28.87 -0.88
C ILE F 217 35.55 29.12 -0.59
N SER F 218 34.77 29.37 -1.63
CA SER F 218 33.33 29.54 -1.53
C SER F 218 32.66 28.27 -2.02
N ALA F 219 31.76 27.72 -1.20
CA ALA F 219 31.10 26.45 -1.50
C ALA F 219 29.59 26.67 -1.59
N THR F 220 28.97 26.06 -2.60
CA THR F 220 27.54 26.05 -2.76
C THR F 220 27.08 24.62 -2.98
N ALA F 221 26.04 24.21 -2.27
CA ALA F 221 25.55 22.84 -2.33
C ALA F 221 24.09 22.82 -2.74
N ALA F 222 23.68 21.70 -3.35
CA ALA F 222 22.30 21.48 -3.74
C ALA F 222 21.87 20.10 -3.27
N THR F 223 20.75 20.03 -2.56
CA THR F 223 20.20 18.79 -2.05
C THR F 223 18.74 18.68 -2.44
N ARG F 224 18.34 17.50 -2.89
CA ARG F 224 16.96 17.24 -3.31
C ARG F 224 16.24 16.47 -2.22
N ILE F 225 15.12 17.02 -1.76
CA ILE F 225 14.32 16.44 -0.70
C ILE F 225 12.88 16.34 -1.18
N GLN F 226 12.26 15.18 -0.98
CA GLN F 226 10.89 14.97 -1.43
C GLN F 226 9.92 15.83 -0.64
N VAL F 227 9.07 16.56 -1.36
CA VAL F 227 8.14 17.51 -0.76
C VAL F 227 6.80 17.38 -1.46
N PRO F 228 5.73 17.87 -0.83
CA PRO F 228 4.43 17.90 -1.51
C PRO F 228 4.46 18.85 -2.69
N LEU F 229 3.52 18.64 -3.61
CA LEU F 229 3.47 19.46 -4.81
C LEU F 229 3.08 20.90 -4.49
N ALA F 230 2.29 21.10 -3.44
CA ALA F 230 1.89 22.43 -3.01
C ALA F 230 2.98 23.17 -2.25
N PHE F 231 4.21 22.64 -2.23
CA PHE F 231 5.30 23.30 -1.52
C PHE F 231 5.71 24.56 -2.24
N ASN F 232 5.87 25.65 -1.48
CA ASN F 232 6.35 26.92 -1.99
C ASN F 232 7.48 27.38 -1.07
N LYS F 233 8.72 27.33 -1.56
CA LYS F 233 9.87 27.62 -0.71
C LYS F 233 9.84 29.07 -0.22
N ALA F 234 9.41 30.00 -1.06
CA ALA F 234 9.31 31.39 -0.65
C ALA F 234 8.31 31.57 0.49
N LEU F 235 7.16 30.89 0.40
CA LEU F 235 6.15 31.01 1.43
C LEU F 235 6.58 30.30 2.71
N VAL F 236 7.29 29.18 2.59
CA VAL F 236 7.74 28.44 3.76
C VAL F 236 8.74 29.27 4.56
N GLU F 237 9.67 29.92 3.87
CA GLU F 237 10.70 30.71 4.56
C GLU F 237 10.08 31.88 5.32
N SER F 238 9.08 32.53 4.71
CA SER F 238 8.41 33.64 5.39
C SER F 238 7.69 33.16 6.64
N GLY F 239 7.03 32.00 6.56
CA GLY F 239 6.34 31.48 7.73
C GLY F 239 7.29 31.12 8.86
N PHE F 240 8.49 30.64 8.52
CA PHE F 240 9.47 30.29 9.54
C PHE F 240 9.88 31.52 10.34
N GLN F 241 10.10 32.65 9.67
CA GLN F 241 10.46 33.87 10.37
C GLN F 241 9.30 34.36 11.26
N THR F 242 8.07 34.22 10.77
CA THR F 242 6.91 34.63 11.56
C THR F 242 6.75 33.74 12.80
N ALA F 243 6.89 32.43 12.63
CA ALA F 243 6.76 31.53 13.77
C ALA F 243 7.84 31.78 14.80
N MET F 244 9.07 32.05 14.35
CA MET F 244 10.14 32.38 15.27
C MET F 244 9.85 33.67 16.02
N ASN F 245 9.34 34.68 15.32
CA ASN F 245 9.03 35.95 15.96
C ASN F 245 7.83 35.81 16.90
N ASP F 246 6.81 35.05 16.50
CA ASP F 246 5.62 34.88 17.32
C ASP F 246 5.88 34.04 18.57
N GLY F 247 7.03 33.38 18.67
CA GLY F 247 7.34 32.57 19.83
C GLY F 247 6.83 31.15 19.77
N LEU F 248 6.48 30.65 18.58
CA LEU F 248 6.01 29.27 18.47
C LEU F 248 7.12 28.28 18.77
N PHE F 249 8.37 28.67 18.57
CA PHE F 249 9.51 27.79 18.79
C PHE F 249 10.16 27.98 20.15
N ASP F 250 9.61 28.83 21.00
CA ASP F 250 10.20 29.12 22.31
C ASP F 250 9.91 27.96 23.25
N ILE F 251 10.87 27.06 23.39
CA ILE F 251 10.75 25.90 24.28
C ILE F 251 12.15 25.46 24.67
N GLN F 252 12.28 24.99 25.91
CA GLN F 252 13.58 24.68 26.47
C GLN F 252 14.26 23.54 25.72
N ASN F 253 15.60 23.61 25.66
CA ASN F 253 16.43 22.55 25.11
C ASN F 253 16.17 22.31 23.63
N VAL F 254 16.22 23.39 22.85
CA VAL F 254 16.10 23.34 21.40
C VAL F 254 17.19 24.20 20.78
N ASN F 255 17.39 24.02 19.48
CA ASN F 255 18.34 24.79 18.70
C ASN F 255 17.60 25.69 17.72
N TYR F 256 18.12 26.89 17.52
CA TYR F 256 17.49 27.89 16.67
C TYR F 256 18.31 28.08 15.40
N TYR F 257 17.62 28.25 14.27
CA TYR F 257 18.26 28.33 12.97
C TYR F 257 17.80 29.57 12.24
N SER F 258 18.64 30.04 11.31
CA SER F 258 18.36 31.29 10.61
C SER F 258 17.27 31.10 9.56
N SER F 259 17.20 29.93 8.94
CA SER F 259 16.26 29.69 7.86
C SER F 259 15.86 28.23 7.84
N PHE F 260 14.74 27.96 7.16
CA PHE F 260 14.27 26.58 7.03
C PHE F 260 15.23 25.75 6.21
N ASP F 261 16.06 26.39 5.37
CA ASP F 261 17.11 25.68 4.67
C ASP F 261 18.10 25.06 5.64
N GLU F 262 18.52 25.82 6.65
CA GLU F 262 19.46 25.31 7.64
C GLU F 262 18.82 24.27 8.53
N PHE F 263 17.53 24.44 8.84
CA PHE F 263 16.85 23.52 9.76
C PHE F 263 16.75 22.12 9.16
N ILE F 264 16.29 22.02 7.91
CA ILE F 264 16.06 20.71 7.32
C ILE F 264 17.38 19.99 7.04
N ILE F 265 18.40 20.74 6.64
CA ILE F 265 19.70 20.11 6.36
C ILE F 265 20.35 19.64 7.66
N SER F 266 20.21 20.43 8.74
CA SER F 266 20.78 20.03 10.02
C SER F 266 20.13 18.74 10.53
N GLN F 267 18.81 18.63 10.41
CA GLN F 267 18.14 17.40 10.83
C GLN F 267 18.53 16.23 9.96
N TYR F 268 18.69 16.46 8.65
CA TYR F 268 19.05 15.38 7.74
C TYR F 268 20.42 14.81 8.06
N HIS F 269 21.31 15.63 8.62
CA HIS F 269 22.67 15.21 8.94
C HIS F 269 22.80 14.71 10.37
N ALA F 270 21.72 14.23 10.97
CA ALA F 270 21.79 13.63 12.29
C ALA F 270 22.16 12.14 12.17
N GLN F 271 22.17 11.45 13.30
CA GLN F 271 22.49 10.03 13.29
C GLN F 271 21.44 9.23 12.52
N ASP F 272 20.17 9.59 12.70
CA ASP F 272 19.06 8.93 12.04
C ASP F 272 18.19 9.96 11.32
N GLY F 273 18.84 10.85 10.58
CA GLY F 273 18.19 12.03 10.03
C GLY F 273 17.10 11.76 9.02
N ILE F 274 17.01 10.55 8.48
CA ILE F 274 16.00 10.25 7.47
C ILE F 274 14.60 10.43 8.05
N ASN F 275 14.37 9.90 9.25
CA ASN F 275 13.05 9.99 9.86
C ASN F 275 12.70 11.42 10.29
N ARG F 276 13.71 12.27 10.49
CA ARG F 276 13.44 13.66 10.86
C ARG F 276 12.97 14.48 9.67
N VAL F 277 13.45 14.16 8.47
CA VAL F 277 13.14 14.96 7.29
C VAL F 277 11.65 14.92 6.98
N SER F 278 11.02 13.76 7.16
CA SER F 278 9.60 13.63 6.89
C SER F 278 8.78 14.57 7.76
N THR F 279 9.12 14.63 9.06
CA THR F 279 8.41 15.55 9.95
C THR F 279 8.72 17.00 9.61
N CYS F 280 9.97 17.29 9.24
CA CYS F 280 10.34 18.66 8.91
C CYS F 280 9.58 19.17 7.69
N VAL F 281 9.37 18.31 6.69
CA VAL F 281 8.65 18.70 5.49
C VAL F 281 7.21 19.05 5.84
N ILE F 282 6.57 18.27 6.71
CA ILE F 282 5.20 18.58 7.12
C ILE F 282 5.16 19.90 7.88
N LEU F 283 6.21 20.18 8.67
CA LEU F 283 6.29 21.47 9.35
C LEU F 283 6.38 22.60 8.35
N GLY F 284 7.14 22.41 7.27
CA GLY F 284 7.24 23.45 6.26
C GLY F 284 5.91 23.76 5.59
N LEU F 285 5.14 22.71 5.27
CA LEU F 285 3.82 22.92 4.68
C LEU F 285 2.90 23.66 5.66
N ALA F 286 2.96 23.29 6.94
CA ALA F 286 2.18 24.00 7.95
C ALA F 286 2.65 25.44 8.09
N LEU F 287 3.97 25.66 8.05
CA LEU F 287 4.50 27.02 8.11
C LEU F 287 4.06 27.83 6.90
N GLN F 288 3.92 27.17 5.74
CA GLN F 288 3.42 27.86 4.56
C GLN F 288 1.98 28.32 4.74
N ALA F 289 1.16 27.47 5.37
CA ALA F 289 -0.21 27.86 5.68
C ALA F 289 -0.25 28.93 6.76
N TYR F 290 0.66 28.85 7.73
CA TYR F 290 0.70 29.83 8.80
C TYR F 290 1.02 31.22 8.26
N ASP F 291 1.93 31.30 7.28
CA ASP F 291 2.29 32.57 6.69
C ASP F 291 1.11 33.20 5.96
N GLN F 292 0.40 32.40 5.14
CA GLN F 292 -0.73 32.92 4.39
C GLN F 292 -1.86 33.37 5.31
N MET F 293 -2.14 32.57 6.35
CA MET F 293 -3.25 32.88 7.23
C MET F 293 -2.95 34.09 8.11
N ARG F 294 -1.75 34.16 8.67
CA ARG F 294 -1.43 35.27 9.57
C ARG F 294 -1.30 36.60 8.83
N ARG F 295 -0.96 36.57 7.55
CA ARG F 295 -0.90 37.81 6.79
C ARG F 295 -2.29 38.34 6.51
N ALA F 296 -3.25 37.45 6.21
CA ALA F 296 -4.63 37.88 6.04
C ALA F 296 -5.25 38.32 7.35
N LEU F 297 -4.89 37.66 8.44
CA LEU F 297 -5.45 37.94 9.77
C LEU F 297 -4.33 38.18 10.76
N PRO F 298 -3.79 39.39 10.85
CA PRO F 298 -2.70 39.65 11.81
C PRO F 298 -3.23 39.99 13.19
N VAL F 299 -2.53 39.49 14.20
CA VAL F 299 -2.88 39.76 15.59
C VAL F 299 -1.71 40.40 16.31
N ASN G 3 36.88 52.22 20.23
CA ASN G 3 36.59 51.98 18.82
C ASN G 3 35.10 51.70 18.61
N ARG G 4 34.57 52.20 17.50
CA ARG G 4 33.15 52.04 17.17
C ARG G 4 33.02 51.58 15.74
N ALA G 5 32.21 50.55 15.52
CA ALA G 5 31.94 50.03 14.19
C ALA G 5 30.43 49.96 13.98
N THR G 6 29.97 50.45 12.83
CA THR G 6 28.55 50.50 12.53
C THR G 6 28.31 49.98 11.11
N SER G 7 27.07 49.56 10.88
CA SER G 7 26.70 49.06 9.56
C SER G 7 26.73 50.18 8.52
N ALA G 8 27.17 49.85 7.31
CA ALA G 8 27.30 50.86 6.26
C ALA G 8 25.94 51.40 5.83
N PHE G 9 24.94 50.53 5.72
CA PHE G 9 23.64 50.96 5.19
C PHE G 9 22.84 51.76 6.20
N LEU G 10 23.25 51.78 7.47
CA LEU G 10 22.52 52.53 8.49
C LEU G 10 23.00 53.96 8.65
N ASP G 11 23.95 54.40 7.82
CA ASP G 11 24.58 55.70 8.02
C ASP G 11 23.86 56.78 7.22
N ASN G 12 23.40 57.81 7.93
CA ASN G 12 22.81 59.02 7.36
C ASN G 12 21.69 58.72 6.38
N PRO G 13 20.52 58.27 6.85
CA PRO G 13 19.38 58.09 5.95
C PRO G 13 18.86 59.44 5.48
N HIS G 14 18.77 59.60 4.16
CA HIS G 14 18.28 60.85 3.61
C HIS G 14 16.77 60.97 3.80
N PRO G 15 16.25 62.19 3.95
CA PRO G 15 14.81 62.36 4.11
C PRO G 15 14.04 61.91 2.89
N VAL G 16 12.82 61.44 3.12
CA VAL G 16 11.95 60.98 2.06
C VAL G 16 10.95 62.09 1.74
N GLY G 17 10.26 61.94 0.60
CA GLY G 17 9.32 62.95 0.18
C GLY G 17 8.13 63.06 1.13
N VAL G 18 7.54 64.25 1.15
CA VAL G 18 6.41 64.55 2.02
C VAL G 18 5.13 64.80 1.22
N ASN G 19 5.16 64.56 -0.08
CA ASN G 19 4.01 64.77 -0.94
C ASN G 19 3.41 63.43 -1.37
N TYR G 20 2.17 63.49 -1.82
CA TYR G 20 1.46 62.32 -2.35
C TYR G 20 1.35 61.21 -1.31
N VAL G 21 0.98 61.58 -0.09
CA VAL G 21 0.83 60.65 1.01
C VAL G 21 -0.58 60.64 1.59
N ASP G 22 -1.50 61.41 1.02
CA ASP G 22 -2.85 61.49 1.54
C ASP G 22 -3.66 60.27 1.12
N GLU G 23 -4.93 60.25 1.50
CA GLU G 23 -5.79 59.11 1.19
C GLU G 23 -5.99 58.96 -0.31
N GLY G 24 -6.17 60.08 -1.02
CA GLY G 24 -6.36 60.01 -2.46
C GLY G 24 -5.13 59.48 -3.18
N SER G 25 -3.95 59.92 -2.76
CA SER G 25 -2.72 59.46 -3.40
C SER G 25 -2.48 57.98 -3.13
N ARG G 26 -2.78 57.52 -1.92
CA ARG G 26 -2.61 56.10 -1.61
C ARG G 26 -3.55 55.25 -2.45
N GLN G 27 -4.76 55.75 -2.71
CA GLN G 27 -5.70 55.03 -3.58
C GLN G 27 -5.17 54.95 -5.00
N PHE G 28 -4.45 55.98 -5.45
CA PHE G 28 -3.87 55.97 -6.79
C PHE G 28 -2.82 54.87 -6.92
N VAL G 29 -1.99 54.69 -5.90
CA VAL G 29 -0.95 53.67 -5.96
C VAL G 29 -1.58 52.28 -5.95
N ALA G 30 -2.58 52.08 -5.10
CA ALA G 30 -3.25 50.78 -5.04
C ALA G 30 -3.97 50.47 -6.34
N VAL G 31 -4.58 51.48 -6.96
CA VAL G 31 -5.23 51.28 -8.25
C VAL G 31 -4.21 50.95 -9.33
N ALA G 32 -3.07 51.64 -9.31
CA ALA G 32 -2.03 51.38 -10.30
C ALA G 32 -1.49 49.96 -10.20
N GLU G 33 -1.30 49.47 -8.97
CA GLU G 33 -0.82 48.10 -8.79
C GLU G 33 -1.84 47.09 -9.29
N LEU G 34 -3.12 47.34 -9.04
CA LEU G 34 -4.17 46.41 -9.46
C LEU G 34 -4.23 46.34 -10.99
N LEU G 35 -4.13 47.48 -11.66
CA LEU G 35 -4.24 47.48 -13.12
C LEU G 35 -2.97 46.96 -13.77
N ALA G 36 -1.81 47.24 -13.18
CA ALA G 36 -0.56 46.73 -13.73
C ALA G 36 -0.50 45.21 -13.65
N SER G 37 -1.00 44.63 -12.56
CA SER G 37 -1.03 43.18 -12.43
C SER G 37 -1.93 42.56 -13.48
N LYS G 38 -3.08 43.19 -13.74
CA LYS G 38 -3.96 42.70 -14.80
C LYS G 38 -3.32 42.86 -16.17
N LEU G 39 -2.50 43.90 -16.35
CA LEU G 39 -1.86 44.13 -17.63
C LEU G 39 -0.83 43.05 -17.93
N ILE G 40 -0.09 42.61 -16.91
CA ILE G 40 0.93 41.58 -17.13
C ILE G 40 0.29 40.20 -17.24
N ASP G 41 -0.85 39.99 -16.58
CA ASP G 41 -1.54 38.71 -16.69
C ASP G 41 -2.18 38.55 -18.06
N SER G 42 -2.72 39.64 -18.61
CA SER G 42 -3.31 39.59 -19.95
C SER G 42 -2.24 39.35 -21.01
N SER G 43 -1.06 39.95 -20.82
CA SER G 43 0.03 39.78 -21.78
C SER G 43 0.45 38.32 -21.89
N ARG G 44 0.57 37.64 -20.75
CA ARG G 44 0.91 36.22 -20.76
C ARG G 44 -0.21 35.41 -21.42
N GLU G 45 -1.47 35.73 -21.10
CA GLU G 45 -2.58 35.07 -21.76
C GLU G 45 -2.61 35.40 -23.25
N SER G 46 -2.27 36.63 -23.60
CA SER G 46 -2.22 37.02 -25.01
C SER G 46 -1.17 36.24 -25.77
N ASP G 47 0.01 36.06 -25.18
CA ASP G 47 1.10 35.37 -25.86
C ASP G 47 0.76 33.91 -26.11
N GLU G 48 0.12 33.26 -25.15
CA GLU G 48 -0.23 31.84 -25.31
C GLU G 48 -1.25 31.63 -26.43
N SER G 49 -2.24 32.51 -26.53
CA SER G 49 -3.31 32.34 -27.50
C SER G 49 -3.01 33.09 -28.78
N ASN G 50 -3.85 32.87 -29.79
CA ASN G 50 -3.68 33.52 -31.08
C ASN G 50 -4.12 34.98 -31.05
N SER G 51 -5.21 35.26 -30.34
CA SER G 51 -5.78 36.60 -30.30
C SER G 51 -5.10 37.46 -29.24
N ASP G 52 -5.06 38.76 -29.50
CA ASP G 52 -4.51 39.74 -28.58
C ASP G 52 -5.59 40.59 -27.93
N VAL G 53 -6.82 40.06 -27.86
CA VAL G 53 -7.92 40.81 -27.25
C VAL G 53 -7.67 41.09 -25.76
N PRO G 54 -7.23 40.14 -24.94
CA PRO G 54 -7.03 40.46 -23.51
C PRO G 54 -6.04 41.58 -23.27
N PHE G 55 -4.98 41.68 -24.09
CA PHE G 55 -3.99 42.72 -23.88
C PHE G 55 -4.53 44.08 -24.28
N VAL G 56 -5.34 44.14 -25.35
CA VAL G 56 -5.86 45.41 -25.82
C VAL G 56 -6.78 46.03 -24.77
N GLN G 57 -7.64 45.21 -24.16
CA GLN G 57 -8.55 45.71 -23.14
C GLN G 57 -7.78 46.16 -21.90
N ALA G 58 -6.75 45.41 -21.51
CA ALA G 58 -5.97 45.79 -20.34
C ALA G 58 -5.19 47.07 -20.57
N TYR G 59 -4.57 47.20 -21.74
CA TYR G 59 -3.84 48.42 -22.06
C TYR G 59 -4.77 49.63 -22.15
N SER G 60 -5.97 49.45 -22.72
CA SER G 60 -6.90 50.55 -22.84
C SER G 60 -7.33 51.07 -21.47
N LYS G 61 -7.59 50.16 -20.53
CA LYS G 61 -7.95 50.59 -19.18
C LYS G 61 -6.78 51.28 -18.50
N PHE G 62 -5.57 50.78 -18.72
CA PHE G 62 -4.39 51.35 -18.06
C PHE G 62 -3.99 52.68 -18.68
N ALA G 63 -4.03 52.79 -20.01
CA ALA G 63 -3.43 53.92 -20.71
C ALA G 63 -4.44 54.87 -21.35
N ASP G 64 -5.73 54.53 -21.33
CA ASP G 64 -6.80 55.37 -21.87
C ASP G 64 -6.68 55.57 -23.38
N ASP G 65 -5.98 54.69 -24.08
CA ASP G 65 -5.95 54.74 -25.54
C ASP G 65 -5.65 53.33 -26.05
N ASN G 66 -6.20 53.02 -27.22
CA ASN G 66 -6.00 51.70 -27.80
C ASN G 66 -4.56 51.56 -28.28
N PRO G 67 -3.96 50.38 -28.13
CA PRO G 67 -2.60 50.17 -28.64
C PRO G 67 -2.58 50.24 -30.15
N ARG G 68 -1.46 50.74 -30.67
CA ARG G 68 -1.25 50.87 -32.11
C ARG G 68 0.09 50.24 -32.48
N HIS G 69 0.12 49.63 -33.66
CA HIS G 69 1.33 48.94 -34.10
C HIS G 69 2.44 49.92 -34.45
N LEU G 70 2.09 51.06 -35.04
CA LEU G 70 3.10 52.02 -35.45
C LEU G 70 3.73 52.73 -34.25
N ARG G 71 2.90 53.13 -33.29
CA ARG G 71 3.40 53.85 -32.12
C ARG G 71 3.84 52.86 -31.05
N VAL G 72 4.80 53.29 -30.24
CA VAL G 72 5.30 52.48 -29.15
C VAL G 72 4.31 52.54 -27.99
N LYS G 73 4.32 51.50 -27.15
CA LYS G 73 3.39 51.38 -26.04
C LYS G 73 4.02 52.01 -24.80
N THR G 74 3.76 53.30 -24.60
CA THR G 74 4.38 54.02 -23.50
C THR G 74 3.74 53.69 -22.16
N GLY G 75 2.47 53.31 -22.15
CA GLY G 75 1.71 53.11 -20.95
C GLY G 75 0.72 54.21 -20.64
N GLY G 76 0.77 55.31 -21.36
CA GLY G 76 -0.22 56.36 -21.22
C GLY G 76 0.07 57.32 -20.08
N LYS G 77 -0.99 58.00 -19.65
CA LYS G 77 -0.85 59.00 -18.61
C LYS G 77 -0.61 58.35 -17.25
N MET G 78 -1.09 57.11 -17.07
CA MET G 78 -0.86 56.41 -15.81
C MET G 78 0.61 56.11 -15.61
N ALA G 79 1.31 55.72 -16.68
CA ALA G 79 2.74 55.44 -16.58
C ALA G 79 3.52 56.71 -16.22
N ASN G 80 3.18 57.84 -16.84
CA ASN G 80 3.89 59.08 -16.54
C ASN G 80 3.66 59.53 -15.12
N ALA G 81 2.41 59.42 -14.64
CA ALA G 81 2.12 59.80 -13.26
C ALA G 81 2.83 58.89 -12.27
N LEU G 82 2.84 57.59 -12.54
CA LEU G 82 3.50 56.64 -11.63
C LEU G 82 5.00 56.89 -11.57
N THR G 83 5.62 57.19 -12.71
CA THR G 83 7.07 57.38 -12.74
C THR G 83 7.47 58.60 -11.93
N ASN G 84 6.74 59.70 -12.07
CA ASN G 84 7.10 60.92 -11.36
C ASN G 84 6.78 60.82 -9.87
N VAL G 85 5.72 60.09 -9.51
CA VAL G 85 5.38 59.92 -8.11
C VAL G 85 6.46 59.11 -7.39
N ILE G 86 7.01 58.09 -8.06
CA ILE G 86 8.10 57.32 -7.49
C ILE G 86 9.31 58.22 -7.22
N ARG G 87 9.59 59.15 -8.14
CA ARG G 87 10.70 60.07 -7.96
C ARG G 87 10.52 60.92 -6.72
N SER G 88 9.29 61.36 -6.44
CA SER G 88 9.06 62.27 -5.32
C SER G 88 9.24 61.59 -3.98
N TYR G 89 8.89 60.30 -3.90
CA TYR G 89 8.96 59.59 -2.62
C TYR G 89 10.38 59.45 -2.12
N TYR G 90 11.33 59.22 -3.04
CA TYR G 90 12.69 58.86 -2.63
C TYR G 90 13.35 59.99 -1.85
N SER G 91 13.32 61.21 -2.38
CA SER G 91 14.02 62.33 -1.79
C SER G 91 13.09 63.52 -1.67
N ILE G 92 13.32 64.34 -0.64
CA ILE G 92 12.56 65.57 -0.46
C ILE G 92 12.97 66.62 -1.49
N ASN G 93 14.16 66.48 -2.08
CA ASN G 93 14.62 67.44 -3.07
C ASN G 93 14.01 67.20 -4.45
N ALA G 94 13.47 66.01 -4.69
CA ALA G 94 12.82 65.73 -5.96
C ALA G 94 11.52 66.55 -6.07
N PRO G 95 11.26 67.15 -7.23
CA PRO G 95 10.08 68.00 -7.36
C PRO G 95 8.78 67.20 -7.28
N ALA G 96 7.75 67.85 -6.75
CA ALA G 96 6.39 67.33 -6.73
C ALA G 96 5.58 68.14 -7.73
N ILE G 97 5.63 67.72 -8.99
CA ILE G 97 5.07 68.50 -10.08
C ILE G 97 3.73 67.94 -10.56
N VAL G 98 3.50 66.64 -10.44
CA VAL G 98 2.27 66.03 -10.96
C VAL G 98 1.06 66.65 -10.26
N PRO G 99 0.09 67.18 -10.99
CA PRO G 99 -1.08 67.80 -10.35
C PRO G 99 -1.91 66.77 -9.60
N GLN G 100 -2.56 67.25 -8.54
CA GLN G 100 -3.41 66.37 -7.73
C GLN G 100 -4.71 66.03 -8.43
N VAL G 101 -5.23 66.92 -9.27
CA VAL G 101 -6.46 66.64 -9.99
C VAL G 101 -6.26 65.48 -10.97
N GLU G 102 -5.06 65.40 -11.57
CA GLU G 102 -4.78 64.29 -12.47
C GLU G 102 -4.66 62.98 -11.72
N ILE G 103 -4.07 63.01 -10.52
CA ILE G 103 -3.95 61.79 -9.72
C ILE G 103 -5.33 61.32 -9.26
N ASP G 104 -6.18 62.26 -8.84
CA ASP G 104 -7.52 61.89 -8.40
C ASP G 104 -8.32 61.24 -9.52
N ARG G 105 -8.17 61.74 -10.75
CA ARG G 105 -8.88 61.17 -11.88
C ARG G 105 -8.42 59.74 -12.15
N LEU G 106 -7.12 59.49 -12.07
CA LEU G 106 -6.60 58.14 -12.30
C LEU G 106 -7.02 57.18 -11.19
N ALA G 107 -7.12 57.69 -9.95
CA ALA G 107 -7.49 56.82 -8.83
C ALA G 107 -8.94 56.36 -8.93
N SER G 108 -9.75 57.02 -9.75
CA SER G 108 -11.15 56.65 -9.89
C SER G 108 -11.37 55.55 -10.93
N LYS G 109 -10.30 55.05 -11.55
CA LYS G 109 -10.46 53.98 -12.54
C LYS G 109 -10.99 52.71 -11.91
N ALA G 110 -10.52 52.37 -10.71
CA ALA G 110 -10.95 51.17 -10.01
C ALA G 110 -11.13 51.49 -8.54
N THR G 111 -11.82 50.59 -7.84
CA THR G 111 -12.06 50.71 -6.41
C THR G 111 -11.25 49.64 -5.68
N VAL G 112 -10.53 50.05 -4.65
CA VAL G 112 -9.68 49.15 -3.86
C VAL G 112 -10.25 49.08 -2.45
N SER G 113 -10.53 47.87 -1.99
CA SER G 113 -11.06 47.64 -0.65
C SER G 113 -9.95 47.18 0.28
N GLY G 114 -9.22 48.17 0.79
CA GLY G 114 -8.11 47.88 1.69
C GLY G 114 -7.40 49.16 2.07
N ASP G 115 -6.35 48.99 2.86
CA ASP G 115 -5.52 50.09 3.34
C ASP G 115 -4.07 49.67 3.28
N MET G 116 -3.20 50.52 3.84
CA MET G 116 -1.77 50.25 3.88
C MET G 116 -1.31 49.68 5.21
N TYR G 117 -2.24 49.28 6.09
CA TYR G 117 -1.90 48.81 7.42
C TYR G 117 -2.62 47.51 7.77
N ASN G 118 -3.07 46.75 6.77
CA ASN G 118 -3.85 45.55 7.01
C ASN G 118 -3.05 44.26 6.89
N SER G 119 -1.73 44.35 6.77
CA SER G 119 -0.89 43.16 6.67
C SER G 119 0.50 43.51 7.18
N TYR G 120 1.46 42.62 6.92
CA TYR G 120 2.82 42.79 7.39
C TYR G 120 3.78 42.05 6.47
N ALA G 121 5.06 42.39 6.57
CA ALA G 121 6.11 41.73 5.82
C ALA G 121 7.36 41.66 6.68
N ILE G 122 8.10 40.56 6.53
CA ILE G 122 9.32 40.33 7.30
C ILE G 122 10.50 40.79 6.48
N PHE G 123 11.31 41.68 7.06
CA PHE G 123 12.47 42.27 6.38
C PHE G 123 13.74 41.78 7.06
N ASN G 124 14.54 41.01 6.32
CA ASN G 124 15.73 40.36 6.87
C ASN G 124 17.00 41.17 6.60
N SER G 125 17.02 42.38 7.16
CA SER G 125 18.21 43.23 7.17
C SER G 125 18.63 43.44 8.61
N VAL G 126 19.86 43.06 8.93
CA VAL G 126 20.33 43.04 10.31
C VAL G 126 20.89 44.42 10.67
N PRO G 127 20.30 45.12 11.64
CA PRO G 127 20.86 46.41 12.06
C PRO G 127 21.90 46.26 13.15
N ILE G 128 23.13 46.69 12.87
CA ILE G 128 24.16 46.77 13.90
C ILE G 128 24.46 48.24 14.15
N VAL G 129 23.81 48.82 15.15
CA VAL G 129 23.93 50.25 15.40
C VAL G 129 25.36 50.61 15.78
N GLU G 130 25.96 49.83 16.68
CA GLU G 130 27.34 50.09 17.08
C GLU G 130 27.92 48.83 17.70
N VAL G 131 29.24 48.62 17.48
CA VAL G 131 29.95 47.50 18.17
C VAL G 131 31.13 48.18 18.86
N LEU G 132 31.03 48.38 20.18
CA LEU G 132 32.09 49.11 20.90
C LEU G 132 33.20 48.13 21.26
N SER G 133 34.43 48.43 20.88
CA SER G 133 35.55 47.48 21.07
C SER G 133 36.64 48.09 21.93
N PRO G 134 37.36 47.38 22.85
CA PRO G 134 38.42 48.05 23.61
C PRO G 134 39.79 48.12 22.90
N ALA G 135 40.86 48.32 23.67
CA ALA G 135 42.22 48.48 23.08
C ALA G 135 42.69 47.18 22.44
N ARG G 136 43.45 47.26 21.34
CA ARG G 136 44.03 46.07 20.66
C ARG G 136 42.92 45.07 20.30
N THR G 137 41.77 45.55 19.81
CA THR G 137 40.68 44.64 19.37
C THR G 137 40.16 45.12 18.00
N THR G 138 40.49 44.42 16.92
CA THR G 138 40.10 44.90 15.57
C THR G 138 38.72 44.33 15.23
N VAL G 139 37.77 45.20 14.88
CA VAL G 139 36.38 44.76 14.55
C VAL G 139 36.03 45.21 13.13
N SER G 140 35.55 44.31 12.28
CA SER G 140 35.11 44.66 10.91
C SER G 140 33.68 44.15 10.70
N ILE G 141 32.78 44.98 10.15
CA ILE G 141 31.38 44.56 9.89
C ILE G 141 31.14 44.52 8.37
N VAL G 142 30.90 43.34 7.80
CA VAL G 142 30.67 43.17 6.37
C VAL G 142 29.30 42.54 6.16
N GLY G 143 28.53 43.11 5.25
CA GLY G 143 27.27 42.52 4.83
C GLY G 143 26.06 43.23 5.40
N SER G 144 24.93 43.06 4.72
CA SER G 144 23.66 43.61 5.15
C SER G 144 22.61 42.54 5.41
N ASP G 145 22.44 41.59 4.49
CA ASP G 145 21.51 40.49 4.75
C ASP G 145 22.06 39.51 5.77
N ARG G 146 23.36 39.26 5.73
CA ARG G 146 24.06 38.46 6.73
C ARG G 146 25.28 39.25 7.19
N ALA G 147 25.32 39.56 8.48
CA ALA G 147 26.39 40.38 9.04
C ALA G 147 27.57 39.49 9.41
N ASP G 148 28.75 39.86 8.92
CA ASP G 148 29.98 39.13 9.22
C ASP G 148 30.86 40.03 10.08
N VAL G 149 30.80 39.82 11.40
CA VAL G 149 31.58 40.61 12.35
C VAL G 149 32.82 39.81 12.68
N THR G 150 33.94 40.16 12.05
CA THR G 150 35.22 39.51 12.27
C THR G 150 36.00 40.30 13.32
N MET G 151 36.34 39.64 14.42
CA MET G 151 37.00 40.29 15.54
C MET G 151 38.26 39.52 15.92
N LEU G 152 39.32 40.25 16.27
CA LEU G 152 40.59 39.66 16.65
C LEU G 152 41.28 40.60 17.63
N ASN G 153 41.75 40.06 18.74
CA ASN G 153 42.42 40.83 19.77
C ASN G 153 43.86 40.36 19.93
N THR G 154 44.77 41.31 20.20
CA THR G 154 46.17 41.02 20.37
C THR G 154 46.66 41.17 21.80
N GLY G 155 45.87 41.79 22.67
CA GLY G 155 46.27 41.96 24.05
C GLY G 155 46.31 40.64 24.80
N ALA G 156 47.02 40.65 25.94
CA ALA G 156 47.21 39.41 26.70
C ALA G 156 45.92 38.92 27.32
N GLY G 157 45.04 39.83 27.74
CA GLY G 157 43.81 39.44 28.41
C GLY G 157 42.61 39.40 27.48
N ALA G 158 41.60 38.64 27.89
CA ALA G 158 40.36 38.55 27.13
C ALA G 158 39.63 39.89 27.17
N ALA G 159 38.96 40.22 26.06
CA ALA G 159 38.29 41.50 25.91
C ALA G 159 36.79 41.30 25.81
N ASN G 160 36.05 42.31 26.25
CA ASN G 160 34.60 42.32 26.17
C ASN G 160 34.15 43.30 25.09
N ILE G 161 33.28 42.84 24.19
CA ILE G 161 32.81 43.61 23.06
C ILE G 161 31.31 43.80 23.19
N THR G 162 30.86 45.05 23.05
CA THR G 162 29.46 45.41 23.22
C THR G 162 28.74 45.37 21.88
N PHE G 163 27.61 44.66 21.83
CA PHE G 163 26.78 44.60 20.65
C PHE G 163 25.47 45.33 20.90
N ASN G 164 25.14 46.28 20.02
CA ASN G 164 23.90 47.03 20.07
C ASN G 164 23.16 46.83 18.76
N PHE G 165 22.02 46.14 18.82
CA PHE G 165 21.24 45.82 17.63
C PHE G 165 20.04 46.74 17.45
N GLY G 166 19.98 47.83 18.20
CA GLY G 166 18.84 48.72 18.12
C GLY G 166 17.65 48.19 18.90
N GLN G 167 16.50 48.80 18.64
CA GLN G 167 15.27 48.45 19.33
C GLN G 167 14.10 48.17 18.39
N ILE G 168 14.33 48.10 17.09
CA ILE G 168 13.25 47.86 16.14
C ILE G 168 13.15 46.39 15.74
N ALA G 169 14.30 45.72 15.61
CA ALA G 169 14.29 44.32 15.18
C ALA G 169 13.61 43.44 16.22
N GLU G 170 12.90 42.43 15.74
CA GLU G 170 12.16 41.54 16.64
C GLU G 170 13.08 40.47 17.22
N THR G 171 13.72 39.68 16.37
CA THR G 171 14.65 38.64 16.81
C THR G 171 15.94 38.73 15.99
N VAL G 172 17.04 38.40 16.65
CA VAL G 172 18.36 38.35 16.03
C VAL G 172 18.99 37.00 16.36
N ILE G 173 19.50 36.32 15.33
CA ILE G 173 20.13 35.01 15.48
C ILE G 173 21.61 35.17 15.23
N LEU G 174 22.43 34.70 16.17
CA LEU G 174 23.87 34.80 16.09
C LEU G 174 24.49 33.41 15.95
N LYS G 175 25.46 33.29 15.06
CA LYS G 175 26.25 32.08 14.88
C LYS G 175 27.72 32.44 14.74
N GLY G 176 28.58 31.58 15.25
CA GLY G 176 30.00 31.85 15.26
C GLY G 176 30.80 30.73 14.62
N SER G 177 32.00 31.08 14.18
CA SER G 177 32.91 30.07 13.62
C SER G 177 33.30 29.04 14.67
N VAL G 178 33.55 29.49 15.90
CA VAL G 178 33.82 28.60 17.03
C VAL G 178 32.91 29.03 18.16
N PRO G 179 32.57 28.14 19.10
CA PRO G 179 31.66 28.52 20.19
C PRO G 179 32.21 29.68 21.00
N PHE G 180 31.30 30.58 21.39
CA PHE G 180 31.66 31.78 22.14
C PHE G 180 30.64 32.01 23.23
N GLN G 181 31.02 32.85 24.20
CA GLN G 181 30.16 33.20 25.33
C GLN G 181 29.61 34.60 25.13
N LEU G 182 28.30 34.74 25.31
CA LEU G 182 27.62 36.03 25.19
C LEU G 182 26.49 36.09 26.20
N ALA G 183 26.35 37.23 26.85
CA ALA G 183 25.28 37.43 27.82
C ALA G 183 24.97 38.91 27.92
N ARG G 184 23.81 39.21 28.51
CA ARG G 184 23.40 40.58 28.70
C ARG G 184 24.29 41.28 29.73
N LEU G 185 24.12 42.59 29.85
CA LEU G 185 24.92 43.37 30.78
C LEU G 185 24.61 42.97 32.22
N ASN G 186 25.66 42.88 33.04
CA ASN G 186 25.55 42.53 34.45
C ASN G 186 24.84 41.19 34.65
N GLN G 187 25.20 40.21 33.81
CA GLN G 187 24.67 38.86 33.92
C GLN G 187 25.80 37.86 33.77
N PRO G 188 25.70 36.71 34.45
CA PRO G 188 26.78 35.72 34.37
C PRO G 188 26.94 35.16 32.97
N MET G 189 28.18 34.89 32.60
CA MET G 189 28.47 34.37 31.28
C MET G 189 28.05 32.90 31.19
N PRO G 190 27.36 32.51 30.13
CA PRO G 190 26.98 31.09 29.97
C PRO G 190 28.15 30.26 29.45
N ALA G 191 27.91 28.96 29.29
CA ALA G 191 28.89 28.12 28.60
C ALA G 191 28.90 28.43 27.11
N ALA G 192 30.01 28.10 26.46
CA ALA G 192 30.17 28.43 25.06
C ALA G 192 29.19 27.64 24.20
N ARG G 193 28.49 28.34 23.32
CA ARG G 193 27.57 27.72 22.37
C ARG G 193 27.85 28.27 20.98
N PHE G 194 27.44 27.50 19.97
CA PHE G 194 27.63 27.93 18.59
C PHE G 194 26.62 28.98 18.19
N THR G 195 25.39 28.90 18.70
CA THR G 195 24.30 29.76 18.26
C THR G 195 23.58 30.38 19.44
N TYR G 196 23.11 31.62 19.24
CA TYR G 196 22.32 32.34 20.23
C TYR G 196 21.10 32.96 19.54
N LYS G 197 20.00 33.02 20.28
CA LYS G 197 18.81 33.74 19.86
C LYS G 197 18.56 34.88 20.83
N LEU G 198 18.47 36.10 20.30
CA LEU G 198 18.38 37.28 21.13
C LEU G 198 17.19 38.14 20.73
N ARG G 199 16.64 38.84 21.73
CA ARG G 199 15.69 39.90 21.49
C ARG G 199 16.41 41.23 21.63
N PRO G 200 16.45 42.07 20.60
CA PRO G 200 17.24 43.31 20.69
C PRO G 200 16.82 44.23 21.82
N LEU G 201 15.57 44.12 22.29
CA LEU G 201 15.12 44.94 23.42
C LEU G 201 15.81 44.55 24.73
N ASP G 202 16.42 43.36 24.79
CA ASP G 202 16.99 42.89 26.05
C ASP G 202 18.14 43.77 26.51
N GLY G 203 18.82 44.43 25.58
CA GLY G 203 19.87 45.36 25.92
C GLY G 203 21.17 45.04 25.22
N PRO G 204 22.19 45.88 25.46
CA PRO G 204 23.50 45.59 24.88
C PRO G 204 24.04 44.25 25.37
N PHE G 205 24.71 43.54 24.48
CA PHE G 205 25.21 42.20 24.75
C PHE G 205 26.73 42.22 24.81
N ILE G 206 27.28 41.44 25.73
CA ILE G 206 28.74 41.37 25.92
C ILE G 206 29.22 40.02 25.40
N VAL G 207 30.19 40.05 24.49
CA VAL G 207 30.80 38.85 23.95
C VAL G 207 32.29 38.89 24.26
N VAL G 208 32.79 37.79 24.80
CA VAL G 208 34.20 37.69 25.19
C VAL G 208 35.01 37.22 24.00
N LEU G 209 36.29 37.61 23.98
CA LEU G 209 37.21 37.22 22.92
C LEU G 209 38.46 36.59 23.52
N PRO G 210 38.72 35.32 23.30
CA PRO G 210 40.02 34.74 23.68
C PRO G 210 41.12 35.26 22.76
N VAL G 211 42.34 35.15 23.25
CA VAL G 211 43.50 35.69 22.53
C VAL G 211 43.89 34.86 21.32
N GLY G 212 43.51 33.58 21.28
CA GLY G 212 44.08 32.65 20.32
C GLY G 212 43.83 32.94 18.86
N ASN G 213 42.59 32.82 18.41
CA ASN G 213 42.27 32.85 16.99
C ASN G 213 41.12 33.81 16.73
N PRO G 214 41.02 34.34 15.51
CA PRO G 214 39.91 35.24 15.19
C PRO G 214 38.56 34.56 15.30
N LEU G 215 37.56 35.32 15.73
CA LEU G 215 36.19 34.86 15.83
C LEU G 215 35.32 35.66 14.87
N VAL G 216 34.49 34.96 14.11
CA VAL G 216 33.56 35.58 13.17
C VAL G 216 32.14 35.24 13.60
N ILE G 217 31.31 36.27 13.75
CA ILE G 217 29.93 36.11 14.18
C ILE G 217 29.03 36.42 12.99
N SER G 218 28.17 35.47 12.63
CA SER G 218 27.22 35.64 11.55
C SER G 218 25.86 35.97 12.14
N ALA G 219 25.27 37.07 11.69
CA ALA G 219 24.04 37.61 12.28
C ALA G 219 22.94 37.65 11.25
N THR G 220 21.74 37.25 11.65
CA THR G 220 20.53 37.40 10.87
C THR G 220 19.46 38.04 11.74
N ALA G 221 18.53 38.73 11.09
CA ALA G 221 17.50 39.45 11.83
C ALA G 221 16.19 39.40 11.06
N ALA G 222 15.10 39.65 11.79
CA ALA G 222 13.76 39.72 11.21
C ALA G 222 13.04 40.92 11.78
N THR G 223 12.46 41.73 10.91
CA THR G 223 11.72 42.92 11.31
C THR G 223 10.38 42.92 10.59
N ARG G 224 9.31 43.23 11.33
CA ARG G 224 7.96 43.22 10.79
C ARG G 224 7.48 44.65 10.58
N ILE G 225 7.04 44.96 9.36
CA ILE G 225 6.56 46.29 9.00
C ILE G 225 5.18 46.14 8.37
N GLN G 226 4.26 47.02 8.78
CA GLN G 226 2.90 46.95 8.27
C GLN G 226 2.86 47.36 6.80
N VAL G 227 2.29 46.49 5.97
CA VAL G 227 2.23 46.70 4.52
C VAL G 227 0.84 46.31 4.03
N PRO G 228 0.46 46.76 2.83
CA PRO G 228 -0.80 46.32 2.25
C PRO G 228 -0.77 44.82 1.95
N LEU G 229 -1.96 44.25 1.89
CA LEU G 229 -2.08 42.81 1.67
C LEU G 229 -1.62 42.40 0.28
N ALA G 230 -1.59 43.34 -0.67
CA ALA G 230 -1.10 43.06 -2.01
C ALA G 230 0.42 43.15 -2.12
N PHE G 231 1.11 43.44 -1.03
CA PHE G 231 2.56 43.56 -1.05
C PHE G 231 3.21 42.24 -1.46
N ASN G 232 4.27 42.34 -2.24
CA ASN G 232 5.04 41.19 -2.68
C ASN G 232 6.51 41.56 -2.70
N LYS G 233 7.30 40.91 -1.84
CA LYS G 233 8.70 41.28 -1.67
C LYS G 233 9.52 40.98 -2.92
N ALA G 234 9.17 39.91 -3.64
CA ALA G 234 9.91 39.57 -4.85
C ALA G 234 9.74 40.66 -5.91
N LEU G 235 8.54 41.20 -6.05
CA LEU G 235 8.28 42.20 -7.07
C LEU G 235 8.88 43.55 -6.69
N VAL G 236 8.83 43.92 -5.41
CA VAL G 236 9.38 45.20 -5.00
C VAL G 236 10.89 45.21 -5.13
N GLU G 237 11.54 44.05 -5.00
CA GLU G 237 12.98 43.98 -5.20
C GLU G 237 13.34 44.19 -6.67
N SER G 238 12.58 43.58 -7.58
CA SER G 238 12.81 43.79 -9.01
C SER G 238 12.49 45.22 -9.41
N GLY G 239 11.44 45.80 -8.84
CA GLY G 239 11.11 47.18 -9.15
C GLY G 239 12.15 48.16 -8.66
N PHE G 240 12.74 47.89 -7.49
CA PHE G 240 13.77 48.76 -6.96
C PHE G 240 14.99 48.78 -7.86
N GLN G 241 15.41 47.61 -8.34
CA GLN G 241 16.58 47.54 -9.20
C GLN G 241 16.31 48.21 -10.55
N THR G 242 15.11 48.01 -11.10
CA THR G 242 14.78 48.61 -12.38
C THR G 242 14.71 50.14 -12.28
N ALA G 243 14.06 50.64 -11.22
CA ALA G 243 13.95 52.09 -11.06
C ALA G 243 15.31 52.73 -10.86
N MET G 244 16.21 52.07 -10.14
CA MET G 244 17.57 52.59 -9.98
C MET G 244 18.30 52.64 -11.31
N ASN G 245 18.16 51.61 -12.14
CA ASN G 245 18.81 51.60 -13.44
C ASN G 245 18.22 52.67 -14.36
N ASP G 246 16.91 52.91 -14.25
CA ASP G 246 16.26 53.92 -15.07
C ASP G 246 16.63 55.34 -14.66
N GLY G 247 17.30 55.52 -13.53
CA GLY G 247 17.72 56.84 -13.11
C GLY G 247 16.68 57.64 -12.36
N LEU G 248 15.61 56.98 -11.89
CA LEU G 248 14.59 57.70 -11.13
C LEU G 248 15.10 58.15 -9.77
N PHE G 249 16.22 57.61 -9.31
CA PHE G 249 16.78 57.98 -8.01
C PHE G 249 18.03 58.84 -8.12
N ASP G 250 18.32 59.35 -9.31
CA ASP G 250 19.50 60.19 -9.52
C ASP G 250 19.14 61.63 -9.18
N ILE G 251 19.21 61.96 -7.90
CA ILE G 251 18.94 63.31 -7.41
C ILE G 251 20.00 63.63 -6.36
N GLN G 252 20.43 64.89 -6.33
CA GLN G 252 21.59 65.28 -5.55
C GLN G 252 21.36 65.11 -4.05
N ASN G 253 22.44 64.84 -3.32
CA ASN G 253 22.46 64.78 -1.86
C ASN G 253 21.50 63.71 -1.32
N VAL G 254 21.58 62.52 -1.89
CA VAL G 254 20.80 61.37 -1.43
C VAL G 254 21.72 60.17 -1.28
N ASN G 255 21.21 59.17 -0.56
CA ASN G 255 21.95 57.96 -0.25
C ASN G 255 21.37 56.78 -1.03
N TYR G 256 22.25 55.93 -1.55
CA TYR G 256 21.86 54.80 -2.38
C TYR G 256 22.06 53.49 -1.62
N TYR G 257 21.09 52.60 -1.76
CA TYR G 257 21.08 51.34 -1.03
C TYR G 257 21.07 50.17 -2.00
N SER G 258 21.53 49.02 -1.51
CA SER G 258 21.67 47.84 -2.37
C SER G 258 20.31 47.20 -2.66
N SER G 259 19.36 47.32 -1.75
CA SER G 259 18.05 46.70 -1.90
C SER G 259 17.02 47.48 -1.12
N PHE G 260 15.74 47.23 -1.44
CA PHE G 260 14.65 47.84 -0.71
C PHE G 260 14.62 47.38 0.74
N ASP G 261 15.19 46.21 1.03
CA ASP G 261 15.32 45.75 2.40
C ASP G 261 16.17 46.71 3.22
N GLU G 262 17.31 47.14 2.67
CA GLU G 262 18.18 48.06 3.38
C GLU G 262 17.58 49.45 3.45
N PHE G 263 16.82 49.83 2.42
CA PHE G 263 16.23 51.17 2.39
C PHE G 263 15.22 51.36 3.52
N ILE G 264 14.31 50.40 3.68
CA ILE G 264 13.25 50.57 4.67
C ILE G 264 13.80 50.42 6.09
N ILE G 265 14.80 49.56 6.28
CA ILE G 265 15.35 49.35 7.62
C ILE G 265 16.14 50.57 8.07
N SER G 266 16.93 51.15 7.16
CA SER G 266 17.73 52.31 7.53
C SER G 266 16.85 53.50 7.90
N GLN G 267 15.75 53.69 7.17
CA GLN G 267 14.83 54.77 7.50
C GLN G 267 14.13 54.51 8.83
N TYR G 268 13.85 53.24 9.13
CA TYR G 268 13.26 52.90 10.43
C TYR G 268 14.21 53.24 11.57
N HIS G 269 15.50 52.95 11.41
CA HIS G 269 16.48 53.20 12.46
C HIS G 269 17.01 54.64 12.39
N ALA G 270 16.08 55.57 12.46
CA ALA G 270 16.41 56.98 12.45
C ALA G 270 15.35 57.74 13.24
N GLN G 271 15.71 58.94 13.67
CA GLN G 271 14.74 59.82 14.31
C GLN G 271 13.60 60.12 13.34
N ASP G 272 12.39 60.20 13.86
CA ASP G 272 11.17 60.30 13.05
C ASP G 272 11.05 59.11 12.10
N GLY G 273 11.47 57.93 12.55
CA GLY G 273 11.48 56.77 11.69
C GLY G 273 10.12 56.14 11.47
N ILE G 274 9.21 56.31 12.42
CA ILE G 274 7.87 55.75 12.27
C ILE G 274 7.14 56.42 11.10
N ASN G 275 7.26 57.74 10.98
CA ASN G 275 6.59 58.46 9.90
C ASN G 275 7.30 58.27 8.56
N ARG G 276 8.61 58.09 8.55
CA ARG G 276 9.31 57.81 7.30
C ARG G 276 8.89 56.46 6.72
N VAL G 277 8.69 55.47 7.59
CA VAL G 277 8.40 54.11 7.12
C VAL G 277 7.09 54.06 6.36
N SER G 278 6.10 54.86 6.77
CA SER G 278 4.81 54.86 6.07
C SER G 278 4.98 55.28 4.62
N THR G 279 5.80 56.31 4.37
CA THR G 279 6.08 56.73 3.00
C THR G 279 6.85 55.64 2.24
N CYS G 280 7.78 54.96 2.92
CA CYS G 280 8.55 53.92 2.27
C CYS G 280 7.66 52.76 1.84
N VAL G 281 6.65 52.44 2.63
CA VAL G 281 5.74 51.36 2.28
C VAL G 281 4.92 51.73 1.04
N ILE G 282 4.50 52.99 0.95
CA ILE G 282 3.80 53.45 -0.26
C ILE G 282 4.72 53.37 -1.46
N LEU G 283 6.00 53.71 -1.28
CA LEU G 283 6.96 53.57 -2.36
C LEU G 283 7.11 52.11 -2.78
N GLY G 284 7.03 51.20 -1.82
CA GLY G 284 7.17 49.78 -2.14
C GLY G 284 6.07 49.28 -3.06
N LEU G 285 4.82 49.65 -2.79
CA LEU G 285 3.72 49.24 -3.66
C LEU G 285 3.82 49.92 -5.02
N ALA G 286 4.27 51.18 -5.04
CA ALA G 286 4.46 51.86 -6.31
C ALA G 286 5.54 51.19 -7.14
N LEU G 287 6.62 50.75 -6.50
CA LEU G 287 7.66 50.00 -7.21
C LEU G 287 7.14 48.65 -7.69
N GLN G 288 6.22 48.05 -6.94
CA GLN G 288 5.61 46.80 -7.38
C GLN G 288 4.82 47.00 -8.67
N ALA G 289 4.08 48.10 -8.76
CA ALA G 289 3.36 48.41 -9.98
C ALA G 289 4.32 48.76 -11.12
N TYR G 290 5.40 49.46 -10.80
CA TYR G 290 6.36 49.87 -11.82
C TYR G 290 7.01 48.66 -12.48
N ASP G 291 7.36 47.64 -11.68
CA ASP G 291 8.02 46.45 -12.23
C ASP G 291 7.08 45.71 -13.17
N GLN G 292 5.83 45.52 -12.77
CA GLN G 292 4.89 44.77 -13.61
C GLN G 292 4.62 45.50 -14.92
N MET G 293 4.46 46.82 -14.87
CA MET G 293 4.16 47.57 -16.07
C MET G 293 5.34 47.59 -17.03
N ARG G 294 6.55 47.79 -16.51
CA ARG G 294 7.73 47.90 -17.37
C ARG G 294 8.05 46.56 -18.03
N ARG G 295 7.76 45.45 -17.35
CA ARG G 295 8.00 44.14 -17.96
C ARG G 295 7.05 43.90 -19.13
N ALA G 296 5.80 44.34 -19.00
CA ALA G 296 4.86 44.18 -20.10
C ALA G 296 5.11 45.21 -21.20
N LEU G 297 5.59 46.39 -20.83
CA LEU G 297 5.84 47.48 -21.78
C LEU G 297 7.26 47.99 -21.60
N PRO G 298 8.25 47.28 -22.15
CA PRO G 298 9.64 47.78 -22.07
C PRO G 298 9.83 48.93 -23.04
N VAL G 299 10.46 50.00 -22.56
CA VAL G 299 10.68 51.18 -23.37
C VAL G 299 12.14 51.61 -23.32
N ALA H 2 50.88 45.78 -9.69
CA ALA H 2 51.56 44.55 -10.08
C ALA H 2 50.63 43.35 -9.96
N ASN H 3 50.16 43.09 -8.74
CA ASN H 3 49.28 41.96 -8.50
C ASN H 3 47.93 42.18 -9.18
N ARG H 4 47.33 41.09 -9.65
CA ARG H 4 46.06 41.13 -10.36
C ARG H 4 45.11 40.12 -9.75
N ALA H 5 43.84 40.52 -9.61
CA ALA H 5 42.80 39.67 -9.07
C ALA H 5 41.55 39.75 -9.94
N THR H 6 40.80 38.65 -9.98
CA THR H 6 39.60 38.59 -10.80
C THR H 6 38.60 37.65 -10.14
N SER H 7 37.34 37.81 -10.53
CA SER H 7 36.28 36.94 -10.02
C SER H 7 36.44 35.53 -10.55
N ALA H 8 36.14 34.55 -9.69
CA ALA H 8 36.32 33.14 -10.07
C ALA H 8 35.37 32.75 -11.20
N PHE H 9 34.13 33.22 -11.15
CA PHE H 9 33.13 32.77 -12.12
C PHE H 9 33.33 33.40 -13.49
N LEU H 10 34.18 34.41 -13.61
CA LEU H 10 34.38 35.08 -14.89
C LEU H 10 35.54 34.49 -15.69
N ASP H 11 36.22 33.47 -15.16
CA ASP H 11 37.42 32.96 -15.81
C ASP H 11 37.08 31.86 -16.81
N ASN H 12 37.55 32.03 -18.04
CA ASN H 12 37.44 31.04 -19.12
C ASN H 12 36.00 30.57 -19.33
N PRO H 13 35.12 31.41 -19.88
CA PRO H 13 33.76 30.96 -20.19
C PRO H 13 33.77 30.02 -21.38
N HIS H 14 33.26 28.81 -21.19
CA HIS H 14 33.26 27.82 -22.26
C HIS H 14 32.22 28.18 -23.31
N PRO H 15 32.46 27.80 -24.57
CA PRO H 15 31.49 28.13 -25.64
C PRO H 15 30.17 27.41 -25.44
N VAL H 16 29.11 28.06 -25.90
CA VAL H 16 27.77 27.50 -25.84
C VAL H 16 27.46 26.81 -27.17
N GLY H 17 26.42 25.98 -27.15
CA GLY H 17 26.02 25.29 -28.36
C GLY H 17 25.48 26.24 -29.41
N VAL H 18 25.71 25.88 -30.67
CA VAL H 18 25.28 26.68 -31.80
C VAL H 18 24.14 26.00 -32.55
N ASN H 19 23.46 25.05 -31.91
CA ASN H 19 22.37 24.32 -32.51
C ASN H 19 21.05 24.67 -31.84
N TYR H 20 19.96 24.37 -32.54
CA TYR H 20 18.60 24.52 -32.01
C TYR H 20 18.33 25.97 -31.60
N VAL H 21 18.77 26.92 -32.43
CA VAL H 21 18.60 28.34 -32.17
C VAL H 21 17.74 29.03 -33.20
N ASP H 22 17.18 28.29 -34.16
CA ASP H 22 16.34 28.88 -35.18
C ASP H 22 14.94 29.15 -34.64
N GLU H 23 14.07 29.67 -35.50
CA GLU H 23 12.72 30.02 -35.07
C GLU H 23 11.91 28.78 -34.70
N GLY H 24 12.07 27.69 -35.46
CA GLY H 24 11.34 26.48 -35.17
C GLY H 24 11.74 25.86 -33.85
N SER H 25 13.04 25.87 -33.55
CA SER H 25 13.50 25.32 -32.27
C SER H 25 13.06 26.20 -31.10
N ARG H 26 13.05 27.51 -31.29
CA ARG H 26 12.57 28.41 -30.25
C ARG H 26 11.09 28.16 -29.95
N GLN H 27 10.30 27.89 -31.00
CA GLN H 27 8.89 27.58 -30.79
C GLN H 27 8.74 26.27 -30.03
N PHE H 28 9.64 25.31 -30.27
CA PHE H 28 9.58 24.04 -29.54
C PHE H 28 9.81 24.26 -28.05
N VAL H 29 10.78 25.10 -27.69
CA VAL H 29 11.06 25.35 -26.29
C VAL H 29 9.88 26.05 -25.63
N ALA H 30 9.29 27.03 -26.32
CA ALA H 30 8.15 27.76 -25.76
C ALA H 30 6.95 26.84 -25.59
N VAL H 31 6.73 25.92 -26.53
CA VAL H 31 5.66 24.94 -26.39
C VAL H 31 5.89 24.07 -25.17
N ALA H 32 7.13 23.63 -24.98
CA ALA H 32 7.45 22.76 -23.83
C ALA H 32 7.15 23.45 -22.51
N GLU H 33 7.50 24.74 -22.40
CA GLU H 33 7.23 25.48 -21.18
C GLU H 33 5.74 25.59 -20.91
N LEU H 34 4.96 25.87 -21.96
CA LEU H 34 3.51 26.02 -21.79
C LEU H 34 2.87 24.70 -21.36
N LEU H 35 3.25 23.60 -22.01
CA LEU H 35 2.63 22.33 -21.70
C LEU H 35 3.11 21.76 -20.37
N ALA H 36 4.35 22.06 -19.98
CA ALA H 36 4.85 21.63 -18.68
C ALA H 36 4.11 22.35 -17.56
N SER H 37 3.75 23.61 -17.77
CA SER H 37 2.96 24.34 -16.78
C SER H 37 1.59 23.70 -16.60
N LYS H 38 0.97 23.27 -17.71
CA LYS H 38 -0.33 22.61 -17.62
C LYS H 38 -0.24 21.31 -16.84
N LEU H 39 0.90 20.62 -16.94
CA LEU H 39 1.10 19.39 -16.19
C LEU H 39 1.08 19.64 -14.69
N ILE H 40 1.70 20.73 -14.24
CA ILE H 40 1.75 21.04 -12.81
C ILE H 40 0.36 21.36 -12.28
N ASP H 41 -0.38 22.21 -13.01
CA ASP H 41 -1.72 22.58 -12.56
C ASP H 41 -2.66 21.39 -12.58
N SER H 42 -2.54 20.52 -13.58
CA SER H 42 -3.41 19.35 -13.65
C SER H 42 -3.14 18.39 -12.49
N SER H 43 -1.87 18.28 -12.08
CA SER H 43 -1.54 17.45 -10.93
C SER H 43 -2.17 18.00 -9.65
N ARG H 44 -2.18 19.33 -9.50
CA ARG H 44 -2.85 19.94 -8.36
C ARG H 44 -4.35 19.69 -8.41
N GLU H 45 -4.95 19.81 -9.60
CA GLU H 45 -6.38 19.56 -9.74
C GLU H 45 -6.71 18.09 -9.49
N SER H 46 -5.87 17.18 -9.97
CA SER H 46 -6.10 15.76 -9.75
C SER H 46 -6.05 15.41 -8.26
N ASP H 47 -5.11 16.02 -7.54
CA ASP H 47 -5.01 15.78 -6.10
C ASP H 47 -6.26 16.25 -5.36
N GLU H 48 -6.77 17.43 -5.73
CA GLU H 48 -7.94 17.97 -5.05
C GLU H 48 -9.21 17.21 -5.42
N SER H 49 -9.35 16.82 -6.69
CA SER H 49 -10.56 16.18 -7.17
C SER H 49 -10.61 14.69 -6.90
N ASN H 50 -9.53 14.11 -6.36
CA ASN H 50 -9.44 12.68 -6.09
C ASN H 50 -9.76 11.86 -7.34
N SER H 51 -9.24 12.31 -8.48
CA SER H 51 -9.44 11.61 -9.74
C SER H 51 -8.23 11.84 -10.62
N ASP H 52 -8.03 10.92 -11.56
CA ASP H 52 -6.92 11.00 -12.50
C ASP H 52 -7.30 11.63 -13.83
N VAL H 53 -8.53 12.13 -13.95
CA VAL H 53 -8.96 12.71 -15.23
C VAL H 53 -8.15 13.94 -15.62
N PRO H 54 -7.94 14.94 -14.76
CA PRO H 54 -7.15 16.11 -15.20
C PRO H 54 -5.72 15.77 -15.57
N PHE H 55 -5.09 14.81 -14.88
CA PHE H 55 -3.72 14.46 -15.18
C PHE H 55 -3.61 13.71 -16.50
N VAL H 56 -4.56 12.81 -16.77
CA VAL H 56 -4.51 12.03 -18.01
C VAL H 56 -4.62 12.93 -19.22
N GLN H 57 -5.52 13.91 -19.17
CA GLN H 57 -5.69 14.83 -20.30
C GLN H 57 -4.41 15.64 -20.54
N ALA H 58 -3.80 16.15 -19.48
CA ALA H 58 -2.60 16.96 -19.63
C ALA H 58 -1.42 16.11 -20.09
N TYR H 59 -1.27 14.91 -19.52
CA TYR H 59 -0.18 14.03 -19.94
C TYR H 59 -0.36 13.56 -21.38
N SER H 60 -1.59 13.28 -21.79
CA SER H 60 -1.84 12.85 -23.16
C SER H 60 -1.46 13.95 -24.15
N LYS H 61 -1.79 15.20 -23.85
CA LYS H 61 -1.38 16.30 -24.70
C LYS H 61 0.14 16.45 -24.70
N PHE H 62 0.76 16.29 -23.53
CA PHE H 62 2.21 16.48 -23.41
C PHE H 62 2.98 15.36 -24.10
N ALA H 63 2.59 14.10 -23.86
CA ALA H 63 3.37 12.95 -24.27
C ALA H 63 2.79 12.19 -25.45
N ASP H 64 1.65 12.65 -25.97
CA ASP H 64 0.97 11.97 -27.11
C ASP H 64 0.61 10.54 -26.71
N ASP H 65 0.82 10.19 -25.44
CA ASP H 65 0.42 8.85 -24.94
C ASP H 65 -0.25 9.02 -23.57
N ASN H 66 -1.21 8.16 -23.24
CA ASN H 66 -1.88 8.20 -21.91
C ASN H 66 -0.93 7.64 -20.86
N PRO H 67 -1.08 8.00 -19.55
CA PRO H 67 -0.24 7.41 -18.50
C PRO H 67 -0.42 5.88 -18.47
N ARG H 68 0.67 5.12 -18.27
CA ARG H 68 0.58 3.64 -18.34
C ARG H 68 0.83 2.99 -16.99
N HIS H 69 0.01 2.01 -16.61
CA HIS H 69 0.23 1.26 -15.34
C HIS H 69 1.44 0.33 -15.50
N LEU H 70 2.14 0.04 -14.40
CA LEU H 70 3.35 -0.84 -14.40
C LEU H 70 4.39 -0.26 -15.37
N ARG H 71 4.50 1.07 -15.44
CA ARG H 71 5.45 1.74 -16.36
C ARG H 71 5.64 3.18 -15.88
N VAL H 72 6.85 3.55 -15.47
CA VAL H 72 7.10 4.92 -14.95
C VAL H 72 6.71 5.91 -16.05
N LYS H 73 6.09 7.02 -15.67
CA LYS H 73 5.71 8.05 -16.65
C LYS H 73 6.82 9.10 -16.64
N THR H 74 7.53 9.25 -17.75
CA THR H 74 8.70 10.17 -17.77
C THR H 74 8.44 11.37 -18.69
N GLY H 75 7.45 11.27 -19.57
CA GLY H 75 7.11 12.39 -20.47
C GLY H 75 7.18 11.99 -21.92
N GLY H 76 7.66 10.79 -22.24
CA GLY H 76 7.67 10.32 -23.61
C GLY H 76 8.72 11.01 -24.46
N LYS H 77 8.38 11.19 -25.74
CA LYS H 77 9.34 11.74 -26.69
C LYS H 77 9.59 13.23 -26.43
N MET H 78 8.58 13.93 -25.90
CA MET H 78 8.77 15.34 -25.59
C MET H 78 9.82 15.53 -24.51
N ALA H 79 9.80 14.68 -23.48
CA ALA H 79 10.82 14.75 -22.44
C ALA H 79 12.20 14.42 -22.98
N ASN H 80 12.29 13.43 -23.87
CA ASN H 80 13.57 13.05 -24.43
C ASN H 80 14.16 14.17 -25.28
N ALA H 81 13.33 14.81 -26.10
CA ALA H 81 13.81 15.91 -26.94
C ALA H 81 14.24 17.10 -26.08
N LEU H 82 13.46 17.43 -25.06
CA LEU H 82 13.78 18.58 -24.21
C LEU H 82 15.08 18.36 -23.44
N THR H 83 15.29 17.13 -22.96
CA THR H 83 16.49 16.87 -22.16
C THR H 83 17.75 16.94 -23.01
N ASN H 84 17.68 16.50 -24.27
CA ASN H 84 18.87 16.47 -25.11
C ASN H 84 19.23 17.85 -25.62
N VAL H 85 18.23 18.69 -25.91
CA VAL H 85 18.54 20.04 -26.39
C VAL H 85 19.11 20.90 -25.27
N ILE H 86 18.71 20.64 -24.02
CA ILE H 86 19.29 21.35 -22.89
C ILE H 86 20.79 21.06 -22.80
N ARG H 87 21.15 19.79 -22.98
CA ARG H 87 22.56 19.42 -22.98
C ARG H 87 23.31 20.09 -24.14
N SER H 88 22.68 20.16 -25.31
CA SER H 88 23.33 20.77 -26.46
C SER H 88 23.53 22.27 -26.27
N TYR H 89 22.62 22.92 -25.54
CA TYR H 89 22.74 24.36 -25.33
C TYR H 89 23.95 24.69 -24.47
N TYR H 90 24.33 23.80 -23.56
CA TYR H 90 25.38 24.12 -22.59
C TYR H 90 26.74 24.24 -23.26
N SER H 91 27.10 23.27 -24.11
CA SER H 91 28.43 23.25 -24.69
C SER H 91 28.37 22.77 -26.13
N ILE H 92 29.37 23.17 -26.91
CA ILE H 92 29.52 22.67 -28.26
C ILE H 92 29.90 21.20 -28.24
N ASN H 93 30.63 20.77 -27.22
CA ASN H 93 31.06 19.38 -27.13
C ASN H 93 29.87 18.44 -27.00
N ALA H 94 28.77 18.90 -26.43
CA ALA H 94 27.58 18.07 -26.36
C ALA H 94 27.04 17.84 -27.77
N PRO H 95 26.58 16.64 -28.06
CA PRO H 95 26.17 16.31 -29.44
C PRO H 95 24.79 16.86 -29.78
N ALA H 96 24.49 16.83 -31.07
CA ALA H 96 23.17 17.18 -31.58
C ALA H 96 22.49 15.88 -32.00
N ILE H 97 21.47 15.49 -31.23
CA ILE H 97 20.85 14.18 -31.39
C ILE H 97 19.42 14.27 -31.93
N VAL H 98 18.65 15.26 -31.52
CA VAL H 98 17.24 15.32 -31.91
C VAL H 98 17.14 15.75 -33.37
N PRO H 99 16.41 15.03 -34.21
CA PRO H 99 16.25 15.44 -35.61
C PRO H 99 15.28 16.60 -35.73
N GLN H 100 15.28 17.21 -36.93
CA GLN H 100 14.43 18.37 -37.17
C GLN H 100 12.97 18.00 -37.30
N VAL H 101 12.68 16.77 -37.75
CA VAL H 101 11.29 16.36 -37.93
C VAL H 101 10.57 16.28 -36.59
N GLU H 102 11.26 15.79 -35.56
CA GLU H 102 10.64 15.67 -34.24
C GLU H 102 10.30 17.04 -33.66
N ILE H 103 11.18 18.03 -33.84
CA ILE H 103 10.95 19.35 -33.29
C ILE H 103 9.75 20.02 -33.95
N ASP H 104 9.65 19.91 -35.28
CA ASP H 104 8.52 20.53 -35.98
C ASP H 104 7.21 19.87 -35.57
N ARG H 105 7.22 18.56 -35.34
CA ARG H 105 6.02 17.89 -34.85
C ARG H 105 5.64 18.37 -33.46
N LEU H 106 6.64 18.55 -32.59
CA LEU H 106 6.36 18.96 -31.22
C LEU H 106 6.00 20.44 -31.13
N ALA H 107 6.54 21.26 -32.03
CA ALA H 107 6.24 22.69 -32.01
C ALA H 107 4.82 23.00 -32.46
N SER H 108 4.14 22.06 -33.10
CA SER H 108 2.79 22.29 -33.59
C SER H 108 1.73 21.98 -32.56
N LYS H 109 2.11 21.52 -31.36
CA LYS H 109 1.11 21.15 -30.36
C LYS H 109 0.37 22.38 -29.83
N ALA H 110 1.07 23.48 -29.64
CA ALA H 110 0.50 24.71 -29.10
C ALA H 110 0.61 25.84 -30.11
N THR H 111 0.14 27.02 -29.70
CA THR H 111 0.13 28.21 -30.55
C THR H 111 0.93 29.35 -29.93
N VAL H 112 2.13 29.03 -29.43
CA VAL H 112 2.96 30.05 -28.80
C VAL H 112 3.63 30.91 -29.86
N SER H 113 3.99 32.13 -29.46
CA SER H 113 4.64 33.06 -30.39
C SER H 113 6.10 32.67 -30.63
N GLY H 114 6.82 32.29 -29.58
CA GLY H 114 8.22 31.98 -29.71
C GLY H 114 9.16 33.16 -29.63
N ASP H 115 8.64 34.35 -29.35
CA ASP H 115 9.49 35.53 -29.25
C ASP H 115 10.35 35.47 -28.00
N MET H 116 11.63 35.83 -28.13
CA MET H 116 12.59 35.78 -27.04
C MET H 116 12.99 37.16 -26.54
N TYR H 117 12.33 38.23 -27.02
CA TYR H 117 12.72 39.59 -26.68
C TYR H 117 11.50 40.42 -26.28
N ASN H 118 10.49 39.80 -25.68
CA ASN H 118 9.30 40.54 -25.28
C ASN H 118 9.55 41.39 -24.05
N SER H 119 10.36 40.90 -23.11
CA SER H 119 10.51 41.55 -21.82
C SER H 119 11.97 41.49 -21.41
N TYR H 120 12.22 41.77 -20.12
CA TYR H 120 13.56 41.91 -19.57
C TYR H 120 13.62 41.23 -18.21
N ALA H 121 14.85 41.01 -17.73
CA ALA H 121 15.08 40.46 -16.41
C ALA H 121 16.36 41.08 -15.83
N ILE H 122 16.41 41.15 -14.51
CA ILE H 122 17.52 41.76 -13.80
C ILE H 122 18.34 40.65 -13.15
N PHE H 123 19.64 40.65 -13.40
CA PHE H 123 20.55 39.65 -12.88
C PHE H 123 21.54 40.31 -11.92
N ASN H 124 21.84 39.63 -10.81
CA ASN H 124 22.53 40.23 -9.68
C ASN H 124 24.00 39.86 -9.58
N SER H 125 24.54 39.07 -10.50
CA SER H 125 25.94 38.71 -10.44
C SER H 125 26.81 39.94 -10.67
N VAL H 126 27.76 40.16 -9.78
CA VAL H 126 28.62 41.34 -9.82
C VAL H 126 29.91 40.97 -10.56
N PRO H 127 30.19 41.57 -11.71
CA PRO H 127 31.44 41.27 -12.41
C PRO H 127 32.59 42.15 -11.97
N ILE H 128 33.65 41.56 -11.42
CA ILE H 128 34.89 42.28 -11.14
C ILE H 128 35.93 41.69 -12.10
N VAL H 129 36.10 42.34 -13.24
CA VAL H 129 36.99 41.83 -14.27
C VAL H 129 38.43 41.86 -13.80
N GLU H 130 38.85 42.94 -13.16
CA GLU H 130 40.26 43.13 -12.85
C GLU H 130 40.42 44.10 -11.70
N VAL H 131 41.22 43.71 -10.69
CA VAL H 131 41.56 44.63 -9.57
C VAL H 131 43.09 44.68 -9.52
N LEU H 132 43.67 45.85 -9.82
CA LEU H 132 45.15 45.97 -9.88
C LEU H 132 45.66 46.56 -8.57
N SER H 133 46.68 45.94 -7.97
CA SER H 133 47.15 46.37 -6.63
C SER H 133 48.65 46.64 -6.65
N PRO H 134 49.19 47.56 -5.81
CA PRO H 134 50.61 47.80 -5.70
C PRO H 134 51.36 46.65 -5.01
N ALA H 135 52.69 46.69 -5.00
CA ALA H 135 53.51 45.55 -4.50
C ALA H 135 53.22 45.17 -3.04
N ARG H 136 53.00 46.11 -2.13
CA ARG H 136 52.86 45.73 -0.69
C ARG H 136 51.41 45.56 -0.25
N THR H 137 50.47 45.48 -1.21
CA THR H 137 49.03 45.37 -0.87
C THR H 137 48.49 43.97 -1.21
N THR H 138 47.72 43.36 -0.30
CA THR H 138 47.10 42.03 -0.57
C THR H 138 45.60 42.21 -0.83
N VAL H 139 45.07 41.69 -1.94
CA VAL H 139 43.63 41.87 -2.29
C VAL H 139 42.96 40.49 -2.48
N SER H 140 41.78 40.27 -1.90
CA SER H 140 41.02 39.01 -2.08
C SER H 140 39.60 39.29 -2.56
N ILE H 141 39.11 38.57 -3.57
CA ILE H 141 37.72 38.76 -4.08
C ILE H 141 36.90 37.50 -3.77
N VAL H 142 35.86 37.60 -2.93
CA VAL H 142 35.03 36.47 -2.54
C VAL H 142 33.59 36.80 -2.83
N GLY H 143 32.89 35.89 -3.50
CA GLY H 143 31.46 36.00 -3.69
C GLY H 143 31.09 36.29 -5.13
N SER H 144 29.84 35.96 -5.46
CA SER H 144 29.26 36.23 -6.77
C SER H 144 28.02 37.11 -6.68
N ASP H 145 27.12 36.83 -5.75
CA ASP H 145 25.96 37.69 -5.56
C ASP H 145 26.32 38.98 -4.81
N ARG H 146 27.25 38.88 -3.86
CA ARG H 146 27.79 40.05 -3.18
C ARG H 146 29.29 39.83 -3.02
N ALA H 147 30.08 40.64 -3.71
CA ALA H 147 31.53 40.47 -3.73
C ALA H 147 32.16 41.24 -2.59
N ASP H 148 32.90 40.54 -1.74
CA ASP H 148 33.63 41.14 -0.64
C ASP H 148 35.11 41.23 -1.01
N VAL H 149 35.61 42.45 -1.15
CA VAL H 149 37.00 42.69 -1.51
C VAL H 149 37.72 43.17 -0.27
N THR H 150 38.63 42.35 0.25
CA THR H 150 39.40 42.68 1.44
C THR H 150 40.83 43.03 1.05
N MET H 151 41.25 44.25 1.42
CA MET H 151 42.55 44.78 1.02
C MET H 151 43.31 45.28 2.24
N LEU H 152 44.57 44.84 2.34
CA LEU H 152 45.48 45.24 3.41
C LEU H 152 46.69 45.95 2.83
N ASN H 153 47.03 47.09 3.40
CA ASN H 153 48.22 47.84 3.01
C ASN H 153 49.23 47.81 4.15
N THR H 154 50.45 47.37 3.84
CA THR H 154 51.53 47.29 4.81
C THR H 154 52.65 48.23 4.37
N GLY H 155 53.00 49.18 5.24
CA GLY H 155 54.11 50.07 4.98
C GLY H 155 53.75 51.19 4.03
N ALA H 156 54.62 52.19 3.99
CA ALA H 156 54.50 53.37 3.12
C ALA H 156 53.15 54.04 3.43
N GLY H 157 52.37 54.42 2.42
CA GLY H 157 51.08 55.02 2.65
C GLY H 157 50.31 55.35 1.39
N ALA H 158 48.98 55.31 1.48
CA ALA H 158 48.08 55.71 0.41
C ALA H 158 48.34 54.91 -0.87
N ALA H 159 48.14 53.60 -0.77
CA ALA H 159 48.18 52.74 -1.94
C ALA H 159 46.95 52.96 -2.80
N ASN H 160 47.13 52.92 -4.11
CA ASN H 160 46.06 53.19 -5.07
C ASN H 160 45.67 51.86 -5.74
N ILE H 161 44.41 51.48 -5.57
CA ILE H 161 43.89 50.23 -6.13
C ILE H 161 42.91 50.58 -7.23
N THR H 162 43.06 49.94 -8.39
CA THR H 162 42.22 50.21 -9.55
C THR H 162 41.17 49.13 -9.70
N PHE H 163 39.91 49.55 -9.86
CA PHE H 163 38.79 48.64 -10.03
C PHE H 163 38.29 48.72 -11.47
N ASN H 164 38.12 47.55 -12.10
CA ASN H 164 37.57 47.47 -13.45
C ASN H 164 36.37 46.54 -13.40
N PHE H 165 35.17 47.13 -13.46
CA PHE H 165 33.93 46.37 -13.37
C PHE H 165 33.40 45.96 -14.73
N GLY H 166 34.11 46.25 -15.81
CA GLY H 166 33.67 45.90 -17.13
C GLY H 166 32.80 46.98 -17.76
N GLN H 167 32.07 46.59 -18.80
CA GLN H 167 31.19 47.49 -19.52
C GLN H 167 29.76 47.00 -19.65
N ILE H 168 29.48 45.74 -19.31
CA ILE H 168 28.15 45.18 -19.52
C ILE H 168 27.20 45.59 -18.39
N ALA H 169 27.69 45.56 -17.16
CA ALA H 169 26.83 45.85 -16.01
C ALA H 169 26.29 47.28 -16.08
N GLU H 170 25.05 47.45 -15.62
CA GLU H 170 24.39 48.74 -15.71
C GLU H 170 24.75 49.65 -14.54
N THR H 171 24.47 49.20 -13.32
CA THR H 171 24.80 49.95 -12.11
C THR H 171 25.51 49.05 -11.12
N VAL H 172 26.46 49.62 -10.39
CA VAL H 172 27.19 48.93 -9.34
C VAL H 172 27.18 49.79 -8.09
N ILE H 173 26.85 49.17 -6.95
CA ILE H 173 26.77 49.85 -5.67
C ILE H 173 27.89 49.32 -4.80
N LEU H 174 28.68 50.24 -4.23
CA LEU H 174 29.82 49.90 -3.40
C LEU H 174 29.55 50.32 -1.96
N LYS H 175 29.73 49.39 -1.03
CA LYS H 175 29.61 49.68 0.40
C LYS H 175 30.88 49.24 1.09
N GLY H 176 31.37 50.06 2.01
CA GLY H 176 32.60 49.82 2.73
C GLY H 176 32.37 49.67 4.22
N SER H 177 33.23 48.87 4.87
CA SER H 177 33.17 48.73 6.31
C SER H 177 33.45 50.06 7.00
N VAL H 178 34.41 50.81 6.49
CA VAL H 178 34.70 52.16 6.96
C VAL H 178 34.66 53.09 5.76
N PRO H 179 34.37 54.38 5.94
CA PRO H 179 34.33 55.29 4.79
C PRO H 179 35.66 55.32 4.05
N PHE H 180 35.59 55.36 2.72
CA PHE H 180 36.77 55.30 1.87
C PHE H 180 36.62 56.31 0.74
N GLN H 181 37.75 56.57 0.07
CA GLN H 181 37.81 57.53 -1.02
C GLN H 181 37.87 56.79 -2.35
N LEU H 182 37.02 57.20 -3.29
CA LEU H 182 36.99 56.58 -4.61
C LEU H 182 36.63 57.63 -5.64
N ALA H 183 37.34 57.61 -6.77
CA ALA H 183 37.08 58.53 -7.86
C ALA H 183 37.59 57.91 -9.15
N ARG H 184 37.14 58.46 -10.27
CA ARG H 184 37.56 57.97 -11.57
C ARG H 184 38.96 58.47 -11.89
N LEU H 185 39.47 58.03 -13.04
CA LEU H 185 40.82 58.41 -13.47
C LEU H 185 40.91 59.91 -13.72
N ASN H 186 41.99 60.52 -13.25
CA ASN H 186 42.26 61.94 -13.44
C ASN H 186 41.12 62.81 -12.95
N GLN H 187 40.61 62.49 -11.76
CA GLN H 187 39.56 63.25 -11.10
C GLN H 187 39.92 63.43 -9.64
N PRO H 188 39.52 64.54 -9.02
CA PRO H 188 39.86 64.76 -7.62
C PRO H 188 39.14 63.77 -6.71
N MET H 189 39.82 63.41 -5.63
CA MET H 189 39.27 62.45 -4.67
C MET H 189 38.28 63.15 -3.75
N PRO H 190 37.06 62.64 -3.62
CA PRO H 190 36.07 63.29 -2.75
C PRO H 190 36.29 62.89 -1.29
N ALA H 191 35.53 63.55 -0.41
CA ALA H 191 35.59 63.23 1.00
C ALA H 191 35.14 61.79 1.23
N ALA H 192 35.79 61.13 2.19
CA ALA H 192 35.49 59.72 2.45
C ALA H 192 34.03 59.54 2.85
N ARG H 193 33.38 58.56 2.23
CA ARG H 193 32.00 58.26 2.54
C ARG H 193 31.77 56.76 2.39
N PHE H 194 30.69 56.28 3.02
CA PHE H 194 30.46 54.84 3.15
C PHE H 194 30.17 54.19 1.80
N THR H 195 29.27 54.78 1.02
CA THR H 195 28.73 54.11 -0.16
C THR H 195 28.93 54.97 -1.40
N TYR H 196 29.01 54.29 -2.55
CA TYR H 196 29.16 54.93 -3.84
C TYR H 196 28.21 54.27 -4.83
N LYS H 197 27.67 55.06 -5.74
CA LYS H 197 26.90 54.54 -6.88
C LYS H 197 27.67 54.84 -8.14
N LEU H 198 27.97 53.80 -8.91
CA LEU H 198 28.85 53.93 -10.06
C LEU H 198 28.21 53.33 -11.31
N ARG H 199 28.54 53.95 -12.44
CA ARG H 199 28.23 53.38 -13.75
C ARG H 199 29.50 52.72 -14.27
N PRO H 200 29.49 51.40 -14.51
CA PRO H 200 30.73 50.71 -14.88
C PRO H 200 31.36 51.25 -16.15
N LEU H 201 30.60 51.92 -17.00
CA LEU H 201 31.14 52.47 -18.23
C LEU H 201 31.88 53.78 -18.02
N ASP H 202 31.80 54.37 -16.82
CA ASP H 202 32.50 55.62 -16.57
C ASP H 202 34.01 55.47 -16.69
N GLY H 203 34.53 54.30 -16.32
CA GLY H 203 35.93 54.03 -16.46
C GLY H 203 36.48 53.29 -15.26
N PRO H 204 37.79 53.01 -15.28
CA PRO H 204 38.42 52.41 -14.10
C PRO H 204 38.30 53.32 -12.89
N PHE H 205 38.09 52.72 -11.73
CA PHE H 205 37.88 53.45 -10.48
C PHE H 205 39.08 53.21 -9.56
N ILE H 206 39.60 54.30 -8.99
CA ILE H 206 40.75 54.25 -8.10
C ILE H 206 40.26 54.48 -6.68
N VAL H 207 40.66 53.60 -5.77
CA VAL H 207 40.30 53.69 -4.36
C VAL H 207 41.57 53.84 -3.53
N VAL H 208 41.57 54.82 -2.63
CA VAL H 208 42.71 55.08 -1.77
C VAL H 208 42.62 54.20 -0.53
N LEU H 209 43.68 53.46 -0.26
CA LEU H 209 43.73 52.53 0.87
C LEU H 209 44.86 52.89 1.81
N PRO H 210 44.57 53.37 3.03
CA PRO H 210 45.62 53.78 3.96
C PRO H 210 46.28 52.56 4.61
N VAL H 211 47.16 52.84 5.56
CA VAL H 211 47.91 51.79 6.24
C VAL H 211 47.09 51.26 7.41
N GLY H 212 47.23 49.96 7.68
CA GLY H 212 46.50 49.32 8.75
C GLY H 212 45.01 49.33 8.55
N ASN H 213 44.25 48.78 9.51
CA ASN H 213 42.80 48.83 9.51
C ASN H 213 42.21 48.33 8.20
N PRO H 214 42.18 47.01 7.97
CA PRO H 214 41.70 46.49 6.69
C PRO H 214 40.33 47.02 6.33
N LEU H 215 40.17 47.41 5.07
CA LEU H 215 38.93 47.95 4.54
C LEU H 215 38.32 46.95 3.57
N VAL H 216 37.06 46.60 3.80
CA VAL H 216 36.34 45.63 2.99
C VAL H 216 35.25 46.35 2.23
N ILE H 217 35.20 46.12 0.91
CA ILE H 217 34.21 46.74 0.04
C ILE H 217 33.26 45.66 -0.45
N SER H 218 31.96 45.87 -0.22
CA SER H 218 30.92 44.95 -0.68
C SER H 218 30.24 45.57 -1.89
N ALA H 219 30.21 44.83 -3.00
CA ALA H 219 29.71 45.33 -4.26
C ALA H 219 28.52 44.51 -4.73
N THR H 220 27.45 45.18 -5.12
CA THR H 220 26.29 44.54 -5.73
C THR H 220 26.01 45.22 -7.06
N ALA H 221 25.68 44.43 -8.07
CA ALA H 221 25.48 44.93 -9.42
C ALA H 221 24.11 44.52 -9.96
N ALA H 222 23.68 45.23 -11.00
CA ALA H 222 22.41 44.94 -11.67
C ALA H 222 22.63 44.98 -13.18
N THR H 223 22.18 43.95 -13.87
CA THR H 223 22.30 43.84 -15.31
C THR H 223 20.97 43.41 -15.90
N ARG H 224 20.61 44.02 -17.03
CA ARG H 224 19.33 43.78 -17.69
C ARG H 224 19.55 43.00 -18.97
N ILE H 225 18.80 41.91 -19.13
CA ILE H 225 18.89 41.02 -20.27
C ILE H 225 17.51 40.77 -20.82
N GLN H 226 17.37 40.82 -22.14
CA GLN H 226 16.07 40.59 -22.77
C GLN H 226 15.65 39.13 -22.63
N VAL H 227 14.45 38.91 -22.08
CA VAL H 227 13.93 37.58 -21.85
C VAL H 227 12.46 37.55 -22.25
N PRO H 228 11.93 36.35 -22.51
CA PRO H 228 10.49 36.25 -22.83
C PRO H 228 9.62 36.65 -21.64
N LEU H 229 8.32 36.75 -21.93
CA LEU H 229 7.37 37.11 -20.87
C LEU H 229 7.14 35.97 -19.90
N ALA H 230 7.26 34.72 -20.36
CA ALA H 230 7.06 33.57 -19.50
C ALA H 230 8.26 33.29 -18.60
N PHE H 231 9.35 34.05 -18.74
CA PHE H 231 10.54 33.84 -17.93
C PHE H 231 10.22 34.05 -16.45
N ASN H 232 10.63 33.09 -15.63
CA ASN H 232 10.49 33.16 -14.19
C ASN H 232 11.80 32.70 -13.57
N LYS H 233 12.48 33.60 -12.86
CA LYS H 233 13.84 33.32 -12.40
C LYS H 233 13.85 32.21 -11.34
N ALA H 234 12.79 32.13 -10.53
CA ALA H 234 12.72 31.09 -9.51
C ALA H 234 12.70 29.70 -10.14
N LEU H 235 11.93 29.53 -11.21
CA LEU H 235 11.85 28.23 -11.87
C LEU H 235 13.13 27.92 -12.62
N VAL H 236 13.76 28.93 -13.23
CA VAL H 236 14.98 28.71 -13.98
C VAL H 236 16.11 28.26 -13.06
N GLU H 237 16.26 28.92 -11.91
CA GLU H 237 17.31 28.54 -10.97
C GLU H 237 17.09 27.14 -10.41
N SER H 238 15.83 26.81 -10.08
CA SER H 238 15.54 25.47 -9.59
C SER H 238 15.80 24.42 -10.68
N GLY H 239 15.45 24.74 -11.93
CA GLY H 239 15.75 23.83 -13.02
C GLY H 239 17.25 23.67 -13.25
N PHE H 240 18.01 24.74 -13.00
CA PHE H 240 19.46 24.67 -13.17
C PHE H 240 20.08 23.67 -12.20
N GLN H 241 19.64 23.69 -10.94
CA GLN H 241 20.19 22.77 -9.95
C GLN H 241 19.79 21.33 -10.27
N THR H 242 18.55 21.12 -10.72
CA THR H 242 18.12 19.78 -11.09
C THR H 242 18.93 19.23 -12.25
N ALA H 243 19.21 20.06 -13.25
CA ALA H 243 20.00 19.62 -14.39
C ALA H 243 21.42 19.25 -13.96
N MET H 244 22.01 20.03 -13.06
CA MET H 244 23.35 19.72 -12.57
C MET H 244 23.35 18.42 -11.76
N ASN H 245 22.33 18.21 -10.93
CA ASN H 245 22.27 16.99 -10.12
C ASN H 245 22.05 15.76 -10.99
N ASP H 246 21.23 15.86 -12.02
CA ASP H 246 20.96 14.70 -12.87
C ASP H 246 22.16 14.33 -13.73
N GLY H 247 23.10 15.25 -13.91
CA GLY H 247 24.27 15.00 -14.72
C GLY H 247 24.17 15.44 -16.17
N LEU H 248 23.19 16.27 -16.50
CA LEU H 248 23.04 16.72 -17.89
C LEU H 248 24.22 17.60 -18.32
N PHE H 249 24.92 18.20 -17.38
CA PHE H 249 26.02 19.11 -17.69
C PHE H 249 27.39 18.46 -17.53
N ASP H 250 27.45 17.15 -17.35
CA ASP H 250 28.71 16.44 -17.14
C ASP H 250 29.36 16.17 -18.50
N ILE H 251 29.85 17.24 -19.10
CA ILE H 251 30.51 17.18 -20.40
C ILE H 251 31.96 17.56 -20.22
N GLN H 252 32.81 17.07 -21.11
CA GLN H 252 34.24 17.32 -21.02
C GLN H 252 34.57 18.76 -21.39
N ASN H 253 35.56 19.32 -20.69
CA ASN H 253 36.10 20.65 -20.99
C ASN H 253 35.04 21.73 -20.88
N VAL H 254 34.28 21.70 -19.80
CA VAL H 254 33.26 22.70 -19.52
C VAL H 254 33.49 23.28 -18.14
N ASN H 255 32.91 24.45 -17.90
CA ASN H 255 32.98 25.12 -16.62
C ASN H 255 31.62 25.03 -15.91
N TYR H 256 31.67 24.86 -14.60
CA TYR H 256 30.48 24.69 -13.78
C TYR H 256 30.27 25.93 -12.93
N TYR H 257 29.02 26.32 -12.77
CA TYR H 257 28.67 27.56 -12.08
C TYR H 257 27.66 27.26 -10.97
N SER H 258 27.62 28.16 -9.99
CA SER H 258 26.74 27.96 -8.83
C SER H 258 25.29 28.26 -9.16
N SER H 259 25.03 29.14 -10.13
CA SER H 259 23.67 29.54 -10.45
C SER H 259 23.60 30.00 -11.89
N PHE H 260 22.37 30.09 -12.39
CA PHE H 260 22.14 30.58 -13.75
C PHE H 260 22.55 32.04 -13.88
N ASP H 261 22.53 32.79 -12.76
CA ASP H 261 22.96 34.18 -12.79
C ASP H 261 24.42 34.30 -13.20
N GLU H 262 25.28 33.47 -12.61
CA GLU H 262 26.70 33.51 -12.95
C GLU H 262 26.94 33.00 -14.36
N PHE H 263 26.13 32.02 -14.79
CA PHE H 263 26.29 31.48 -16.14
C PHE H 263 26.03 32.54 -17.20
N ILE H 264 24.91 33.25 -17.09
CA ILE H 264 24.54 34.21 -18.13
C ILE H 264 25.46 35.43 -18.11
N ILE H 265 25.95 35.80 -16.92
CA ILE H 265 26.84 36.96 -16.83
C ILE H 265 28.22 36.62 -17.37
N SER H 266 28.72 35.43 -17.05
CA SER H 266 30.04 35.03 -17.54
C SER H 266 30.06 34.94 -19.06
N GLN H 267 29.00 34.40 -19.65
CA GLN H 267 28.92 34.32 -21.11
C GLN H 267 28.78 35.71 -21.73
N TYR H 268 28.11 36.62 -21.03
CA TYR H 268 27.93 37.97 -21.56
C TYR H 268 29.26 38.73 -21.59
N HIS H 269 30.14 38.49 -20.62
CA HIS H 269 31.38 39.24 -20.52
C HIS H 269 32.49 38.67 -21.38
N ALA H 270 32.26 37.55 -22.06
CA ALA H 270 33.27 37.01 -22.97
C ALA H 270 33.19 37.72 -24.32
N GLN H 271 34.15 37.42 -25.18
CA GLN H 271 34.09 37.93 -26.55
C GLN H 271 32.89 37.32 -27.25
N ASP H 272 32.35 38.08 -28.22
CA ASP H 272 31.09 37.78 -28.89
C ASP H 272 30.03 37.33 -27.89
N GLY H 273 29.96 38.01 -26.75
CA GLY H 273 29.02 37.64 -25.71
C GLY H 273 27.58 38.02 -25.98
N ILE H 274 27.34 38.94 -26.90
CA ILE H 274 25.97 39.32 -27.22
C ILE H 274 25.24 38.15 -27.87
N ASN H 275 25.90 37.43 -28.78
CA ASN H 275 25.29 36.28 -29.40
C ASN H 275 25.29 35.04 -28.50
N ARG H 276 26.14 35.02 -27.47
CA ARG H 276 26.07 33.94 -26.49
C ARG H 276 24.85 34.08 -25.60
N VAL H 277 24.47 35.30 -25.24
CA VAL H 277 23.34 35.51 -24.36
C VAL H 277 22.04 35.01 -24.98
N SER H 278 21.89 35.16 -26.30
CA SER H 278 20.69 34.69 -26.96
C SER H 278 20.49 33.19 -26.76
N THR H 279 21.57 32.42 -26.86
CA THR H 279 21.47 30.99 -26.62
C THR H 279 21.19 30.69 -25.15
N CYS H 280 21.78 31.49 -24.25
CA CYS H 280 21.58 31.26 -22.82
C CYS H 280 20.14 31.46 -22.40
N VAL H 281 19.47 32.47 -22.97
CA VAL H 281 18.08 32.74 -22.64
C VAL H 281 17.20 31.57 -23.06
N ILE H 282 17.46 30.98 -24.22
CA ILE H 282 16.70 29.82 -24.66
C ILE H 282 16.95 28.64 -23.73
N LEU H 283 18.17 28.53 -23.21
CA LEU H 283 18.47 27.51 -22.21
C LEU H 283 17.68 27.76 -20.94
N GLY H 284 17.51 29.02 -20.57
CA GLY H 284 16.74 29.33 -19.37
C GLY H 284 15.29 28.92 -19.48
N LEU H 285 14.66 29.19 -20.62
CA LEU H 285 13.28 28.78 -20.82
C LEU H 285 13.16 27.26 -20.85
N ALA H 286 14.13 26.58 -21.46
CA ALA H 286 14.11 25.12 -21.47
C ALA H 286 14.26 24.56 -20.06
N LEU H 287 15.13 25.15 -19.25
CA LEU H 287 15.27 24.71 -17.87
C LEU H 287 14.03 25.01 -17.05
N GLN H 288 13.29 26.06 -17.40
CA GLN H 288 12.01 26.32 -16.76
C GLN H 288 11.02 25.20 -17.03
N ALA H 289 10.97 24.72 -18.28
CA ALA H 289 10.11 23.59 -18.61
C ALA H 289 10.60 22.32 -17.96
N TYR H 290 11.92 22.13 -17.90
CA TYR H 290 12.47 20.93 -17.29
C TYR H 290 12.11 20.83 -15.82
N ASP H 291 12.05 21.98 -15.13
CA ASP H 291 11.72 21.98 -13.70
C ASP H 291 10.27 21.59 -13.46
N GLN H 292 9.34 22.22 -14.20
CA GLN H 292 7.93 21.94 -13.99
C GLN H 292 7.57 20.52 -14.43
N MET H 293 8.18 20.05 -15.52
CA MET H 293 7.93 18.68 -15.96
C MET H 293 8.46 17.67 -14.95
N ARG H 294 9.64 17.92 -14.38
CA ARG H 294 10.25 16.94 -13.48
C ARG H 294 9.57 16.93 -12.12
N ARG H 295 8.99 18.05 -11.69
CA ARG H 295 8.25 18.03 -10.44
C ARG H 295 6.91 17.33 -10.58
N ALA H 296 6.29 17.43 -11.76
CA ALA H 296 5.02 16.74 -11.99
C ALA H 296 5.23 15.23 -12.06
N LEU H 297 6.32 14.79 -12.70
CA LEU H 297 6.67 13.38 -12.78
C LEU H 297 7.95 13.16 -12.00
N PRO H 298 7.96 12.62 -10.74
CA PRO H 298 9.23 12.39 -10.04
C PRO H 298 9.82 10.97 -10.16
N VAL H 299 10.82 10.79 -11.02
CA VAL H 299 11.43 9.44 -11.25
C VAL H 299 12.36 9.09 -10.09
N ARG H 300 13.23 10.02 -9.69
CA ARG H 300 14.28 9.73 -8.67
C ARG H 300 13.70 9.45 -7.29
N ARG H 301 14.08 8.32 -6.69
CA ARG H 301 13.66 8.02 -5.29
C ARG H 301 14.92 7.68 -4.49
N VAL H 302 15.16 8.40 -3.39
CA VAL H 302 16.32 8.09 -2.51
C VAL H 302 16.14 6.68 -1.92
N ALA I 2 56.09 -41.13 -19.40
CA ALA I 2 54.77 -40.61 -19.70
C ALA I 2 53.76 -41.05 -18.64
N ASN I 3 53.02 -40.09 -18.11
CA ASN I 3 52.00 -40.35 -17.09
C ASN I 3 50.61 -40.12 -17.69
N ARG I 4 49.64 -40.89 -17.19
CA ARG I 4 48.27 -40.83 -17.69
C ARG I 4 47.34 -40.39 -16.56
N ALA I 5 46.53 -39.37 -16.83
CA ALA I 5 45.52 -38.89 -15.91
C ALA I 5 44.16 -38.93 -16.60
N THR I 6 43.16 -39.43 -15.88
CA THR I 6 41.83 -39.61 -16.43
C THR I 6 40.77 -39.11 -15.45
N SER I 7 39.59 -38.86 -15.98
CA SER I 7 38.47 -38.41 -15.15
C SER I 7 38.01 -39.53 -14.22
N ALA I 8 37.69 -39.16 -12.99
CA ALA I 8 37.34 -40.17 -11.99
C ALA I 8 36.01 -40.84 -12.30
N PHE I 9 35.10 -40.14 -12.97
CA PHE I 9 33.77 -40.68 -13.21
C PHE I 9 33.68 -41.52 -14.47
N LEU I 10 34.75 -41.65 -15.24
CA LEU I 10 34.71 -42.39 -16.49
C LEU I 10 35.15 -43.83 -16.35
N ASP I 11 35.82 -44.20 -15.26
CA ASP I 11 36.36 -45.55 -15.14
C ASP I 11 35.28 -46.54 -14.73
N ASN I 12 35.38 -47.76 -15.29
CA ASN I 12 34.58 -48.92 -14.95
C ASN I 12 33.09 -48.62 -14.86
N PRO I 13 32.41 -48.32 -15.98
CA PRO I 13 30.95 -48.20 -15.95
C PRO I 13 30.32 -49.57 -15.85
N HIS I 14 29.59 -49.81 -14.75
CA HIS I 14 28.98 -51.10 -14.53
C HIS I 14 27.87 -51.35 -15.55
N PRO I 15 27.62 -52.61 -15.90
CA PRO I 15 26.56 -52.91 -16.87
C PRO I 15 25.19 -52.51 -16.34
N VAL I 16 24.32 -52.12 -17.26
CA VAL I 16 22.98 -51.70 -16.93
C VAL I 16 22.03 -52.87 -17.15
N GLY I 17 20.80 -52.73 -16.66
CA GLY I 17 19.84 -53.80 -16.77
C GLY I 17 19.40 -54.05 -18.19
N VAL I 18 18.92 -55.26 -18.45
CA VAL I 18 18.47 -55.67 -19.77
C VAL I 18 16.97 -55.93 -19.81
N ASN I 19 16.27 -55.74 -18.71
CA ASN I 19 14.83 -55.98 -18.63
C ASN I 19 14.06 -54.67 -18.77
N TYR I 20 12.77 -54.81 -19.06
CA TYR I 20 11.83 -53.70 -19.10
C TYR I 20 12.24 -52.64 -20.14
N VAL I 21 12.71 -53.11 -21.29
CA VAL I 21 13.10 -52.23 -22.39
C VAL I 21 12.24 -52.45 -23.62
N ASP I 22 11.21 -53.29 -23.52
CA ASP I 22 10.30 -53.50 -24.65
C ASP I 22 9.28 -52.38 -24.72
N GLU I 23 8.43 -52.42 -25.74
CA GLU I 23 7.48 -51.33 -25.98
C GLU I 23 6.49 -51.21 -24.84
N GLY I 24 6.01 -52.34 -24.31
CA GLY I 24 5.05 -52.28 -23.22
C GLY I 24 5.62 -51.64 -21.97
N SER I 25 6.89 -51.92 -21.67
CA SER I 25 7.50 -51.35 -20.47
C SER I 25 7.78 -49.86 -20.65
N ARG I 26 8.16 -49.44 -21.85
CA ARG I 26 8.37 -48.01 -22.10
C ARG I 26 7.07 -47.24 -21.96
N GLN I 27 5.94 -47.84 -22.36
CA GLN I 27 4.66 -47.20 -22.16
C GLN I 27 4.35 -47.05 -20.67
N PHE I 28 4.68 -48.06 -19.87
CA PHE I 28 4.41 -48.00 -18.44
C PHE I 28 5.19 -46.87 -17.78
N VAL I 29 6.45 -46.68 -18.17
CA VAL I 29 7.25 -45.60 -17.59
C VAL I 29 6.66 -44.25 -17.97
N ALA I 30 6.27 -44.08 -19.23
CA ALA I 30 5.68 -42.82 -19.66
C ALA I 30 4.34 -42.59 -18.98
N VAL I 31 3.54 -43.64 -18.83
CA VAL I 31 2.26 -43.53 -18.13
C VAL I 31 2.50 -43.15 -16.68
N ALA I 32 3.54 -43.72 -16.06
CA ALA I 32 3.86 -43.37 -14.69
C ALA I 32 4.22 -41.89 -14.56
N GLU I 33 4.98 -41.36 -15.53
CA GLU I 33 5.32 -39.94 -15.52
C GLU I 33 4.08 -39.08 -15.65
N LEU I 34 3.16 -39.45 -16.54
CA LEU I 34 1.97 -38.66 -16.77
C LEU I 34 1.09 -38.61 -15.51
N LEU I 35 0.86 -39.77 -14.89
CA LEU I 35 -0.02 -39.81 -13.73
C LEU I 35 0.65 -39.22 -12.49
N ALA I 36 1.97 -39.27 -12.42
CA ALA I 36 2.68 -38.63 -11.31
C ALA I 36 2.59 -37.11 -11.42
N SER I 37 2.64 -36.58 -12.65
CA SER I 37 2.49 -35.15 -12.84
C SER I 37 1.11 -34.67 -12.39
N LYS I 38 0.07 -35.44 -12.70
CA LYS I 38 -1.27 -35.09 -12.25
C LYS I 38 -1.36 -35.09 -10.73
N LEU I 39 -0.65 -36.02 -10.09
CA LEU I 39 -0.71 -36.12 -8.62
C LEU I 39 -0.17 -34.85 -7.96
N ILE I 40 0.94 -34.31 -8.48
CA ILE I 40 1.52 -33.11 -7.89
C ILE I 40 0.60 -31.91 -8.14
N ASP I 41 0.11 -31.76 -9.37
CA ASP I 41 -0.76 -30.62 -9.69
C ASP I 41 -2.06 -30.69 -8.93
N SER I 42 -2.67 -31.88 -8.85
CA SER I 42 -3.90 -32.03 -8.08
C SER I 42 -3.65 -31.80 -6.60
N SER I 43 -2.45 -32.12 -6.12
CA SER I 43 -2.09 -31.85 -4.73
C SER I 43 -2.11 -30.36 -4.43
N ARG I 44 -1.55 -29.56 -5.34
CA ARG I 44 -1.53 -28.11 -5.13
C ARG I 44 -2.92 -27.52 -5.30
N GLU I 45 -3.71 -28.05 -6.23
CA GLU I 45 -5.07 -27.57 -6.43
C GLU I 45 -5.92 -27.85 -5.19
N SER I 46 -5.79 -29.05 -4.61
CA SER I 46 -6.56 -29.38 -3.42
C SER I 46 -6.15 -28.52 -2.23
N ASP I 47 -4.84 -28.28 -2.07
CA ASP I 47 -4.37 -27.45 -0.97
C ASP I 47 -4.85 -26.01 -1.11
N GLU I 48 -4.85 -25.49 -2.34
CA GLU I 48 -5.27 -24.11 -2.56
C GLU I 48 -6.75 -23.91 -2.21
N SER I 49 -7.60 -24.85 -2.59
CA SER I 49 -9.03 -24.74 -2.36
C SER I 49 -9.42 -25.46 -1.07
N ASN I 50 -10.71 -25.51 -0.79
CA ASN I 50 -11.25 -26.12 0.42
C ASN I 50 -11.70 -27.55 0.21
N SER I 51 -11.52 -28.12 -0.98
CA SER I 51 -11.96 -29.47 -1.28
C SER I 51 -10.78 -30.33 -1.71
N ASP I 52 -10.75 -31.57 -1.20
CA ASP I 52 -9.73 -32.54 -1.57
C ASP I 52 -10.19 -33.46 -2.69
N VAL I 53 -11.28 -33.10 -3.39
CA VAL I 53 -11.77 -33.91 -4.49
C VAL I 53 -10.74 -34.08 -5.59
N PRO I 54 -10.03 -33.03 -6.05
CA PRO I 54 -9.01 -33.26 -7.09
C PRO I 54 -7.93 -34.25 -6.70
N PHE I 55 -7.52 -34.26 -5.43
CA PHE I 55 -6.49 -35.21 -5.01
C PHE I 55 -7.02 -36.64 -5.00
N VAL I 56 -8.27 -36.82 -4.55
CA VAL I 56 -8.85 -38.16 -4.52
C VAL I 56 -8.96 -38.73 -5.93
N GLN I 57 -9.36 -37.89 -6.88
CA GLN I 57 -9.45 -38.34 -8.27
C GLN I 57 -8.09 -38.75 -8.82
N ALA I 58 -7.06 -37.96 -8.53
CA ALA I 58 -5.73 -38.27 -9.03
C ALA I 58 -5.14 -39.50 -8.36
N TYR I 59 -5.33 -39.63 -7.05
CA TYR I 59 -4.78 -40.78 -6.32
C TYR I 59 -5.51 -42.07 -6.71
N SER I 60 -6.81 -41.98 -7.01
CA SER I 60 -7.55 -43.17 -7.42
C SER I 60 -7.01 -43.73 -8.73
N LYS I 61 -6.68 -42.87 -9.68
CA LYS I 61 -6.10 -43.35 -10.95
C LYS I 61 -4.72 -43.95 -10.72
N PHE I 62 -3.92 -43.34 -9.83
CA PHE I 62 -2.56 -43.80 -9.62
C PHE I 62 -2.52 -45.12 -8.86
N ALA I 63 -3.31 -45.24 -7.79
CA ALA I 63 -3.22 -46.36 -6.86
C ALA I 63 -4.34 -47.36 -7.00
N ASP I 64 -5.29 -47.14 -7.90
CA ASP I 64 -6.44 -48.02 -8.13
C ASP I 64 -7.33 -48.17 -6.91
N ASP I 65 -7.15 -47.35 -5.89
CA ASP I 65 -7.97 -47.40 -4.69
C ASP I 65 -8.24 -46.00 -4.17
N ASN I 66 -9.31 -45.87 -3.40
CA ASN I 66 -9.65 -44.58 -2.81
C ASN I 66 -8.81 -44.34 -1.56
N PRO I 67 -8.28 -43.13 -1.37
CA PRO I 67 -7.47 -42.87 -0.17
C PRO I 67 -8.29 -42.98 1.10
N ARG I 68 -7.63 -43.43 2.17
CA ARG I 68 -8.27 -43.56 3.48
C ARG I 68 -7.43 -42.84 4.52
N HIS I 69 -8.11 -42.29 5.53
CA HIS I 69 -7.42 -41.47 6.51
C HIS I 69 -6.46 -42.29 7.36
N LEU I 70 -6.87 -43.48 7.78
CA LEU I 70 -6.03 -44.30 8.66
C LEU I 70 -4.83 -44.85 7.90
N ARG I 71 -5.02 -45.27 6.65
CA ARG I 71 -3.93 -45.87 5.90
C ARG I 71 -2.96 -44.82 5.39
N VAL I 72 -1.69 -45.20 5.30
CA VAL I 72 -0.65 -44.35 4.75
C VAL I 72 -0.74 -44.37 3.23
N LYS I 73 -0.69 -43.19 2.62
CA LYS I 73 -0.80 -43.06 1.17
C LYS I 73 0.52 -43.46 0.54
N THR I 74 0.70 -44.76 0.36
CA THR I 74 1.94 -45.29 -0.21
C THR I 74 2.04 -45.06 -1.70
N GLY I 75 0.93 -45.22 -2.43
CA GLY I 75 0.92 -45.09 -3.87
C GLY I 75 0.30 -46.26 -4.60
N GLY I 76 0.02 -47.35 -3.91
CA GLY I 76 -0.65 -48.48 -4.53
C GLY I 76 0.30 -49.40 -5.27
N LYS I 77 -0.27 -50.18 -6.19
CA LYS I 77 0.53 -51.14 -6.97
C LYS I 77 1.48 -50.42 -7.92
N MET I 78 1.10 -49.25 -8.41
CA MET I 78 1.96 -48.51 -9.33
C MET I 78 3.25 -48.09 -8.64
N ALA I 79 3.15 -47.64 -7.38
CA ALA I 79 4.35 -47.23 -6.65
C ALA I 79 5.30 -48.39 -6.46
N ASN I 80 4.77 -49.56 -6.10
CA ASN I 80 5.62 -50.74 -5.93
C ASN I 80 6.27 -51.15 -7.24
N ALA I 81 5.50 -51.11 -8.34
CA ALA I 81 6.05 -51.49 -9.63
C ALA I 81 7.13 -50.53 -10.08
N LEU I 82 6.91 -49.23 -9.92
CA LEU I 82 7.88 -48.25 -10.39
C LEU I 82 9.21 -48.37 -9.66
N THR I 83 9.15 -48.60 -8.35
CA THR I 83 10.39 -48.73 -7.58
C THR I 83 11.20 -49.94 -8.03
N ASN I 84 10.55 -51.07 -8.25
CA ASN I 84 11.27 -52.29 -8.60
C ASN I 84 11.87 -52.18 -10.00
N VAL I 85 11.17 -51.52 -10.92
CA VAL I 85 11.71 -51.36 -12.27
C VAL I 85 12.95 -50.48 -12.25
N ILE I 86 12.99 -49.49 -11.36
CA ILE I 86 14.15 -48.61 -11.26
C ILE I 86 15.38 -49.40 -10.85
N ARG I 87 15.22 -50.30 -9.88
CA ARG I 87 16.36 -51.12 -9.44
C ARG I 87 16.87 -52.01 -10.56
N SER I 88 15.96 -52.55 -11.38
CA SER I 88 16.36 -53.42 -12.46
C SER I 88 17.21 -52.69 -13.49
N TYR I 89 16.87 -51.43 -13.79
CA TYR I 89 17.60 -50.68 -14.80
C TYR I 89 19.05 -50.47 -14.39
N TYR I 90 19.29 -50.15 -13.12
CA TYR I 90 20.61 -49.68 -12.70
C TYR I 90 21.68 -50.74 -12.90
N SER I 91 21.39 -51.98 -12.51
CA SER I 91 22.37 -53.05 -12.58
C SER I 91 21.73 -54.31 -13.17
N ILE I 92 22.53 -55.05 -13.94
CA ILE I 92 22.08 -56.32 -14.48
C ILE I 92 21.95 -57.38 -13.40
N ASN I 93 22.60 -57.18 -12.25
CA ASN I 93 22.48 -58.13 -11.15
C ASN I 93 21.17 -58.01 -10.40
N ALA I 94 20.44 -56.92 -10.58
CA ALA I 94 19.19 -56.73 -9.86
C ALA I 94 18.12 -57.66 -10.42
N PRO I 95 17.26 -58.22 -9.57
CA PRO I 95 16.20 -59.10 -10.06
C PRO I 95 15.12 -58.33 -10.80
N ALA I 96 14.40 -59.05 -11.66
CA ALA I 96 13.24 -58.51 -12.36
C ALA I 96 11.98 -59.06 -11.68
N ILE I 97 11.59 -58.39 -10.59
CA ILE I 97 10.49 -58.87 -9.77
C ILE I 97 9.15 -58.73 -10.49
N VAL I 98 8.92 -57.59 -11.12
CA VAL I 98 7.57 -57.27 -11.64
C VAL I 98 7.25 -58.16 -12.83
N PRO I 99 6.13 -58.87 -12.82
CA PRO I 99 5.72 -59.62 -14.00
C PRO I 99 5.25 -58.70 -15.10
N GLN I 100 5.26 -59.23 -16.33
CA GLN I 100 4.87 -58.43 -17.49
C GLN I 100 3.37 -58.15 -17.50
N VAL I 101 2.56 -59.04 -16.92
CA VAL I 101 1.12 -58.85 -16.95
C VAL I 101 0.71 -57.63 -16.12
N GLU I 102 1.40 -57.39 -15.01
CA GLU I 102 1.12 -56.20 -14.21
C GLU I 102 1.54 -54.94 -14.94
N ILE I 103 2.68 -54.98 -15.63
CA ILE I 103 3.16 -53.81 -16.36
C ILE I 103 2.20 -53.45 -17.47
N ASP I 104 1.71 -54.45 -18.21
CA ASP I 104 0.74 -54.17 -19.27
C ASP I 104 -0.55 -53.61 -18.71
N ARG I 105 -1.00 -54.13 -17.57
CA ARG I 105 -2.22 -53.60 -16.94
C ARG I 105 -2.02 -52.15 -16.51
N LEU I 106 -0.87 -51.84 -15.92
CA LEU I 106 -0.60 -50.47 -15.49
C LEU I 106 -0.43 -49.54 -16.68
N ALA I 107 0.11 -50.04 -17.79
CA ALA I 107 0.32 -49.22 -18.97
C ALA I 107 -0.97 -48.88 -19.69
N SER I 108 -2.07 -49.56 -19.38
CA SER I 108 -3.33 -49.31 -20.06
C SER I 108 -4.13 -48.17 -19.43
N LYS I 109 -3.62 -47.55 -18.36
CA LYS I 109 -4.37 -46.49 -17.70
C LYS I 109 -4.44 -45.23 -18.56
N ALA I 110 -3.39 -44.96 -19.33
CA ALA I 110 -3.33 -43.76 -20.16
C ALA I 110 -2.88 -44.14 -21.56
N THR I 111 -3.18 -43.25 -22.50
CA THR I 111 -2.81 -43.44 -23.91
C THR I 111 -1.61 -42.56 -24.21
N VAL I 112 -0.41 -43.16 -24.17
CA VAL I 112 0.83 -42.46 -24.47
C VAL I 112 1.59 -43.27 -25.51
N SER I 113 2.47 -42.58 -26.24
CA SER I 113 3.22 -43.25 -27.31
C SER I 113 4.29 -44.18 -26.75
N GLY I 114 5.04 -43.73 -25.74
CA GLY I 114 6.14 -44.51 -25.23
C GLY I 114 7.43 -44.37 -26.00
N ASP I 115 7.50 -43.45 -26.97
CA ASP I 115 8.72 -43.24 -27.72
C ASP I 115 9.67 -42.36 -26.90
N MET I 116 10.91 -42.82 -26.74
CA MET I 116 11.87 -42.17 -25.86
C MET I 116 12.97 -41.44 -26.63
N TYR I 117 12.83 -41.29 -27.94
CA TYR I 117 13.89 -40.69 -28.75
C TYR I 117 13.35 -39.66 -29.74
N ASN I 118 12.35 -38.88 -29.33
CA ASN I 118 11.81 -37.86 -30.22
C ASN I 118 12.41 -36.49 -29.96
N SER I 119 12.97 -36.25 -28.78
CA SER I 119 13.58 -34.99 -28.41
C SER I 119 15.04 -35.22 -28.04
N TYR I 120 15.70 -34.17 -27.54
CA TYR I 120 17.07 -34.25 -27.09
C TYR I 120 17.25 -33.45 -25.82
N ALA I 121 18.41 -33.62 -25.20
CA ALA I 121 18.80 -32.85 -24.03
C ALA I 121 20.31 -32.67 -24.03
N ILE I 122 20.76 -31.57 -23.43
CA ILE I 122 22.17 -31.23 -23.40
C ILE I 122 22.73 -31.58 -22.02
N PHE I 123 23.81 -32.35 -22.01
CA PHE I 123 24.44 -32.82 -20.78
C PHE I 123 25.82 -32.20 -20.64
N ASN I 124 26.16 -31.81 -19.42
CA ASN I 124 27.29 -30.92 -19.16
C ASN I 124 28.53 -31.61 -18.60
N SER I 125 28.49 -32.93 -18.39
CA SER I 125 29.67 -33.62 -17.86
C SER I 125 30.81 -33.54 -18.87
N VAL I 126 32.01 -33.29 -18.35
CA VAL I 126 33.19 -33.07 -19.19
C VAL I 126 33.98 -34.38 -19.25
N PRO I 127 34.00 -35.08 -20.39
CA PRO I 127 34.78 -36.31 -20.49
C PRO I 127 36.23 -36.06 -20.84
N ILE I 128 37.14 -36.37 -19.92
CA ILE I 128 38.57 -36.31 -20.17
C ILE I 128 39.07 -37.75 -20.14
N VAL I 129 39.19 -38.36 -21.31
CA VAL I 129 39.53 -39.78 -21.39
C VAL I 129 40.94 -40.02 -20.88
N GLU I 130 41.90 -39.20 -21.33
CA GLU I 130 43.28 -39.37 -20.92
C GLU I 130 44.06 -38.09 -21.18
N VAL I 131 44.90 -37.69 -20.21
CA VAL I 131 45.81 -36.53 -20.42
C VAL I 131 47.22 -37.10 -20.29
N LEU I 132 48.00 -37.10 -21.37
CA LEU I 132 49.34 -37.72 -21.35
C LEU I 132 50.38 -36.64 -21.11
N SER I 133 51.26 -36.84 -20.13
CA SER I 133 52.20 -35.76 -19.73
C SER I 133 53.64 -36.25 -19.78
N PRO I 134 54.64 -35.36 -19.99
CA PRO I 134 56.06 -35.72 -19.96
C PRO I 134 56.58 -36.07 -18.56
N ALA I 135 57.81 -36.59 -18.45
CA ALA I 135 58.34 -37.09 -17.17
C ALA I 135 58.41 -36.05 -16.05
N ARG I 136 58.80 -34.81 -16.34
CA ARG I 136 58.99 -33.81 -15.25
C ARG I 136 57.68 -33.06 -14.98
N THR I 137 56.58 -33.47 -15.61
CA THR I 137 55.32 -32.72 -15.50
C THR I 137 54.30 -33.41 -14.58
N THR I 138 53.66 -32.67 -13.67
CA THR I 138 52.60 -33.22 -12.80
C THR I 138 51.24 -32.67 -13.25
N VAL I 139 50.27 -33.54 -13.50
CA VAL I 139 48.92 -33.10 -14.00
C VAL I 139 47.83 -33.67 -13.08
N SER I 140 46.87 -32.84 -12.67
CA SER I 140 45.75 -33.29 -11.80
C SER I 140 44.40 -32.87 -12.41
N ILE I 141 43.42 -33.79 -12.45
CA ILE I 141 42.07 -33.46 -13.01
C ILE I 141 41.05 -33.50 -11.87
N VAL I 142 40.37 -32.38 -11.61
CA VAL I 142 39.38 -32.28 -10.54
C VAL I 142 38.05 -31.83 -11.15
N GLY I 143 36.98 -32.53 -10.81
CA GLY I 143 35.64 -32.11 -11.18
C GLY I 143 35.12 -32.82 -12.41
N SER I 144 33.79 -32.82 -12.53
CA SER I 144 33.10 -33.40 -13.68
C SER I 144 32.29 -32.37 -14.45
N ASP I 145 31.45 -31.60 -13.77
CA ASP I 145 30.71 -30.54 -14.46
C ASP I 145 31.64 -29.43 -14.93
N ARG I 146 32.67 -29.13 -14.14
CA ARG I 146 33.73 -28.21 -14.55
C ARG I 146 35.06 -28.86 -14.20
N ALA I 147 35.84 -29.20 -15.21
CA ALA I 147 37.08 -29.94 -15.03
C ALA I 147 38.24 -28.95 -14.94
N ASP I 148 38.93 -28.96 -13.81
CA ASP I 148 40.10 -28.11 -13.61
C ASP I 148 41.34 -28.98 -13.73
N VAL I 149 42.14 -28.75 -14.77
CA VAL I 149 43.37 -29.50 -15.01
C VAL I 149 44.54 -28.62 -14.63
N THR I 150 45.16 -28.91 -13.50
CA THR I 150 46.30 -28.16 -13.01
C THR I 150 47.59 -28.85 -13.47
N MET I 151 48.42 -28.12 -14.19
CA MET I 151 49.62 -28.67 -14.82
C MET I 151 50.84 -27.88 -14.36
N LEU I 152 51.87 -28.59 -13.95
CA LEU I 152 53.15 -27.99 -13.55
C LEU I 152 54.28 -28.81 -14.15
N ASN I 153 55.21 -28.12 -14.80
CA ASN I 153 56.42 -28.77 -15.32
C ASN I 153 57.64 -28.17 -14.63
N THR I 154 58.52 -29.05 -14.16
CA THR I 154 59.74 -28.65 -13.49
C THR I 154 60.97 -28.78 -14.38
N GLY I 155 60.78 -29.06 -15.67
CA GLY I 155 61.90 -29.22 -16.57
C GLY I 155 62.52 -27.91 -16.99
N ALA I 156 63.59 -28.04 -17.78
CA ALA I 156 64.30 -26.86 -18.26
C ALA I 156 63.53 -26.17 -19.39
N GLY I 157 62.90 -26.95 -20.26
CA GLY I 157 62.20 -26.41 -21.41
C GLY I 157 60.69 -26.66 -21.35
N ALA I 158 60.01 -26.17 -22.37
CA ALA I 158 58.57 -26.34 -22.47
C ALA I 158 58.21 -27.79 -22.73
N ALA I 159 57.02 -28.17 -22.27
CA ALA I 159 56.53 -29.54 -22.40
C ALA I 159 55.22 -29.55 -23.18
N ASN I 160 55.02 -30.62 -23.94
CA ASN I 160 53.81 -30.81 -24.73
C ASN I 160 52.92 -31.84 -24.04
N ILE I 161 51.71 -31.43 -23.69
CA ILE I 161 50.76 -32.29 -22.98
C ILE I 161 49.57 -32.54 -23.90
N THR I 162 49.21 -33.81 -24.06
CA THR I 162 48.17 -34.22 -25.00
C THR I 162 46.85 -34.41 -24.29
N PHE I 163 45.80 -33.80 -24.82
CA PHE I 163 44.44 -33.89 -24.28
C PHE I 163 43.59 -34.75 -25.20
N ASN I 164 42.76 -35.60 -24.61
CA ASN I 164 41.84 -36.46 -25.36
C ASN I 164 40.48 -36.40 -24.67
N PHE I 165 39.51 -35.77 -25.34
CA PHE I 165 38.19 -35.54 -24.77
C PHE I 165 37.16 -36.55 -25.27
N GLY I 166 37.58 -37.59 -25.97
CA GLY I 166 36.65 -38.58 -26.49
C GLY I 166 36.03 -38.15 -27.80
N GLN I 167 35.21 -39.05 -28.34
CA GLN I 167 34.53 -38.81 -29.61
C GLN I 167 33.04 -38.56 -29.47
N ILE I 168 32.54 -38.39 -28.25
CA ILE I 168 31.10 -38.28 -28.04
C ILE I 168 30.66 -36.84 -27.80
N ALA I 169 31.46 -36.06 -27.08
CA ALA I 169 31.09 -34.69 -26.77
C ALA I 169 31.00 -33.86 -28.05
N GLU I 170 30.08 -32.90 -28.05
CA GLU I 170 29.88 -32.07 -29.23
C GLU I 170 30.89 -30.93 -29.29
N THR I 171 30.90 -30.08 -28.26
CA THR I 171 31.86 -28.99 -28.18
C THR I 171 32.48 -28.96 -26.78
N VAL I 172 33.74 -28.55 -26.73
CA VAL I 172 34.48 -28.40 -25.47
C VAL I 172 35.13 -27.03 -25.46
N ILE I 173 34.90 -26.28 -24.39
CA ILE I 173 35.47 -24.94 -24.22
C ILE I 173 36.55 -25.02 -23.15
N LEU I 174 37.74 -24.54 -23.48
CA LEU I 174 38.87 -24.53 -22.58
C LEU I 174 39.21 -23.10 -22.18
N LYS I 175 39.25 -22.83 -20.89
CA LYS I 175 39.67 -21.55 -20.35
C LYS I 175 40.83 -21.74 -19.40
N GLY I 176 41.77 -20.82 -19.44
CA GLY I 176 42.97 -20.91 -18.63
C GLY I 176 43.15 -19.70 -17.75
N SER I 177 43.89 -19.90 -16.67
CA SER I 177 44.21 -18.78 -15.77
C SER I 177 45.04 -17.72 -16.50
N VAL I 178 45.99 -18.15 -17.31
CA VAL I 178 46.79 -17.25 -18.13
C VAL I 178 46.68 -17.72 -19.58
N PRO I 179 46.88 -16.85 -20.56
CA PRO I 179 46.80 -17.30 -21.96
C PRO I 179 47.82 -18.38 -22.25
N PHE I 180 47.42 -19.35 -23.08
CA PHE I 180 48.25 -20.52 -23.36
C PHE I 180 48.08 -20.92 -24.82
N GLN I 181 48.94 -21.85 -25.25
CA GLN I 181 49.02 -22.29 -26.63
C GLN I 181 48.43 -23.69 -26.75
N LEU I 182 47.53 -23.87 -27.71
CA LEU I 182 46.90 -25.16 -27.93
C LEU I 182 46.59 -25.32 -29.41
N ALA I 183 46.93 -26.49 -29.96
CA ALA I 183 46.69 -26.78 -31.36
C ALA I 183 46.53 -28.28 -31.55
N ARG I 184 45.93 -28.65 -32.67
CA ARG I 184 45.76 -30.06 -32.99
C ARG I 184 47.10 -30.67 -33.41
N LEU I 185 47.09 -31.98 -33.61
CA LEU I 185 48.29 -32.69 -34.03
C LEU I 185 48.74 -32.22 -35.41
N ASN I 186 50.05 -32.01 -35.55
CA ASN I 186 50.67 -31.61 -36.81
C ASN I 186 50.09 -30.29 -37.34
N GLN I 187 49.87 -29.35 -36.42
CA GLN I 187 49.43 -28.00 -36.78
C GLN I 187 50.26 -26.98 -36.05
N PRO I 188 50.48 -25.81 -36.65
CA PRO I 188 51.25 -24.76 -35.98
C PRO I 188 50.55 -24.23 -34.74
N MET I 189 51.34 -23.80 -33.78
CA MET I 189 50.81 -23.31 -32.51
C MET I 189 50.30 -21.88 -32.68
N PRO I 190 49.05 -21.60 -32.36
CA PRO I 190 48.56 -20.22 -32.41
C PRO I 190 49.07 -19.42 -31.23
N ALA I 191 48.89 -18.10 -31.32
CA ALA I 191 49.30 -17.22 -30.24
C ALA I 191 48.49 -17.49 -28.98
N ALA I 192 49.08 -17.16 -27.83
CA ALA I 192 48.46 -17.45 -26.55
C ALA I 192 47.10 -16.76 -26.43
N ARG I 193 46.08 -17.54 -26.07
CA ARG I 193 44.73 -17.04 -25.92
C ARG I 193 44.10 -17.63 -24.67
N PHE I 194 43.13 -16.92 -24.11
CA PHE I 194 42.45 -17.40 -22.91
C PHE I 194 41.49 -18.55 -23.21
N THR I 195 40.73 -18.44 -24.30
CA THR I 195 39.61 -19.33 -24.55
C THR I 195 39.84 -20.10 -25.84
N TYR I 196 39.58 -21.41 -25.79
CA TYR I 196 39.66 -22.30 -26.94
C TYR I 196 38.35 -23.07 -27.08
N LYS I 197 37.79 -23.08 -28.29
CA LYS I 197 36.62 -23.89 -28.60
C LYS I 197 37.04 -24.99 -29.56
N LEU I 198 36.77 -26.24 -29.17
CA LEU I 198 37.25 -27.40 -29.90
C LEU I 198 36.13 -28.39 -30.15
N ARG I 199 36.21 -29.08 -31.28
CA ARG I 199 35.39 -30.25 -31.54
C ARG I 199 36.18 -31.49 -31.14
N PRO I 200 35.69 -32.29 -30.19
CA PRO I 200 36.47 -33.44 -29.71
C PRO I 200 36.83 -34.43 -30.81
N LEU I 201 36.01 -34.56 -31.84
CA LEU I 201 36.29 -35.46 -32.95
C LEU I 201 37.46 -35.00 -33.81
N ASP I 202 37.92 -33.76 -33.64
CA ASP I 202 39.01 -33.26 -34.48
C ASP I 202 40.29 -34.05 -34.27
N GLY I 203 40.60 -34.38 -33.01
CA GLY I 203 41.77 -35.17 -32.71
C GLY I 203 42.39 -34.78 -31.38
N PRO I 204 43.45 -35.48 -30.99
CA PRO I 204 44.16 -35.11 -29.76
C PRO I 204 44.73 -33.71 -29.86
N PHE I 205 44.66 -32.99 -28.74
CA PHE I 205 45.07 -31.58 -28.69
C PHE I 205 46.33 -31.46 -27.84
N ILE I 206 47.31 -30.74 -28.37
CA ILE I 206 48.58 -30.55 -27.70
C ILE I 206 48.62 -29.14 -27.11
N VAL I 207 48.99 -29.05 -25.83
CA VAL I 207 49.09 -27.78 -25.12
C VAL I 207 50.53 -27.58 -24.68
N VAL I 208 51.05 -26.38 -24.92
CA VAL I 208 52.41 -26.04 -24.53
C VAL I 208 52.42 -25.53 -23.09
N LEU I 209 53.37 -26.02 -22.31
CA LEU I 209 53.47 -25.67 -20.89
C LEU I 209 54.84 -25.06 -20.61
N PRO I 210 54.94 -23.74 -20.46
CA PRO I 210 56.22 -23.13 -20.12
C PRO I 210 56.59 -23.39 -18.67
N VAL I 211 57.87 -23.18 -18.36
CA VAL I 211 58.38 -23.46 -17.02
C VAL I 211 57.82 -22.46 -16.02
N GLY I 212 57.58 -22.93 -14.80
CA GLY I 212 57.04 -22.08 -13.75
C GLY I 212 55.60 -21.68 -14.03
N ASN I 213 55.06 -20.85 -13.13
CA ASN I 213 53.75 -20.24 -13.29
C ASN I 213 52.68 -21.28 -13.57
N PRO I 214 52.22 -22.01 -12.55
CA PRO I 214 51.29 -23.13 -12.79
C PRO I 214 50.10 -22.70 -13.63
N LEU I 215 49.77 -23.52 -14.63
CA LEU I 215 48.67 -23.27 -15.54
C LEU I 215 47.54 -24.23 -15.23
N VAL I 216 46.35 -23.69 -15.00
CA VAL I 216 45.15 -24.48 -14.72
C VAL I 216 44.13 -24.19 -15.82
N ILE I 217 43.57 -25.26 -16.38
CA ILE I 217 42.66 -25.17 -17.51
C ILE I 217 41.28 -25.62 -17.04
N SER I 218 40.28 -24.79 -17.30
CA SER I 218 38.90 -25.10 -16.96
C SER I 218 38.16 -25.58 -18.21
N ALA I 219 37.52 -26.74 -18.11
CA ALA I 219 36.89 -27.38 -19.26
C ALA I 219 35.39 -27.50 -19.02
N THR I 220 34.61 -27.12 -20.03
CA THR I 220 33.16 -27.28 -20.01
C THR I 220 32.75 -27.90 -21.33
N ALA I 221 31.93 -28.94 -21.26
CA ALA I 221 31.54 -29.71 -22.44
C ALA I 221 30.03 -29.77 -22.55
N ALA I 222 29.56 -30.10 -23.76
CA ALA I 222 28.14 -30.26 -24.04
C ALA I 222 27.94 -31.48 -24.92
N THR I 223 26.99 -32.34 -24.55
CA THR I 223 26.67 -33.53 -25.30
C THR I 223 25.16 -33.61 -25.50
N ARG I 224 24.75 -34.13 -26.65
CA ARG I 224 23.33 -34.22 -27.01
C ARG I 224 22.92 -35.68 -27.00
N ILE I 225 21.88 -35.98 -26.21
CA ILE I 225 21.36 -37.34 -26.06
C ILE I 225 19.87 -37.32 -26.33
N GLN I 226 19.39 -38.27 -27.12
CA GLN I 226 17.98 -38.32 -27.46
C GLN I 226 17.14 -38.78 -26.27
N VAL I 227 16.12 -37.99 -25.94
CA VAL I 227 15.28 -38.24 -24.77
C VAL I 227 13.84 -37.91 -25.14
N PRO I 228 12.88 -38.43 -24.37
CA PRO I 228 11.47 -38.09 -24.63
C PRO I 228 11.21 -36.61 -24.37
N LEU I 229 10.13 -36.12 -24.99
CA LEU I 229 9.77 -34.70 -24.86
C LEU I 229 9.43 -34.33 -23.43
N ALA I 230 8.96 -35.29 -22.63
CA ALA I 230 8.60 -35.00 -21.24
C ALA I 230 9.82 -34.89 -20.34
N PHE I 231 11.02 -35.13 -20.86
CA PHE I 231 12.23 -35.10 -20.04
C PHE I 231 12.43 -33.71 -19.43
N ASN I 232 12.72 -33.70 -18.13
CA ASN I 232 13.06 -32.47 -17.41
C ASN I 232 14.29 -32.74 -16.56
N LYS I 233 15.39 -32.07 -16.88
CA LYS I 233 16.66 -32.38 -16.22
C LYS I 233 16.60 -32.07 -14.73
N ALA I 234 15.90 -31.00 -14.34
CA ALA I 234 15.79 -30.66 -12.93
C ALA I 234 15.08 -31.74 -12.14
N LEU I 235 14.02 -32.32 -12.70
CA LEU I 235 13.27 -33.35 -11.98
C LEU I 235 14.01 -34.68 -12.00
N VAL I 236 14.80 -34.94 -13.04
CA VAL I 236 15.56 -36.19 -13.10
C VAL I 236 16.67 -36.19 -12.05
N GLU I 237 17.36 -35.06 -11.91
CA GLU I 237 18.43 -34.98 -10.92
C GLU I 237 17.90 -35.17 -9.50
N SER I 238 16.73 -34.59 -9.20
CA SER I 238 16.13 -34.77 -7.89
C SER I 238 15.77 -36.23 -7.64
N GLY I 239 15.25 -36.91 -8.66
CA GLY I 239 14.91 -38.32 -8.51
C GLY I 239 16.14 -39.19 -8.29
N PHE I 240 17.25 -38.85 -8.95
CA PHE I 240 18.47 -39.62 -8.80
C PHE I 240 18.96 -39.58 -7.36
N GLN I 241 18.99 -38.39 -6.76
CA GLN I 241 19.44 -38.27 -5.38
C GLN I 241 18.47 -38.95 -4.42
N THR I 242 17.16 -38.80 -4.65
CA THR I 242 16.17 -39.43 -3.79
C THR I 242 16.25 -40.94 -3.87
N ALA I 243 16.38 -41.49 -5.09
CA ALA I 243 16.48 -42.94 -5.24
C ALA I 243 17.76 -43.47 -4.60
N MET I 244 18.86 -42.74 -4.75
CA MET I 244 20.12 -43.15 -4.12
C MET I 244 19.99 -43.13 -2.61
N ASN I 245 19.32 -42.13 -2.05
CA ASN I 245 19.15 -42.06 -0.60
C ASN I 245 18.22 -43.14 -0.08
N ASP I 246 17.26 -43.58 -0.90
CA ASP I 246 16.34 -44.63 -0.49
C ASP I 246 16.91 -46.03 -0.68
N GLY I 247 18.14 -46.15 -1.20
CA GLY I 247 18.75 -47.45 -1.37
C GLY I 247 18.30 -48.22 -2.59
N LEU I 248 17.68 -47.56 -3.56
CA LEU I 248 17.28 -48.23 -4.77
C LEU I 248 18.46 -48.70 -5.60
N PHE I 249 19.64 -48.13 -5.39
CA PHE I 249 20.83 -48.47 -6.14
C PHE I 249 21.84 -49.29 -5.32
N ASP I 250 21.46 -49.74 -4.13
CA ASP I 250 22.37 -50.52 -3.29
C ASP I 250 22.37 -51.97 -3.77
N ILE I 251 23.48 -52.39 -4.36
CA ILE I 251 23.62 -53.74 -4.88
C ILE I 251 25.10 -53.99 -5.11
N GLN I 252 25.51 -55.25 -5.01
CA GLN I 252 26.93 -55.58 -5.07
C GLN I 252 27.52 -55.27 -6.44
N ASN I 253 28.76 -54.77 -6.42
CA ASN I 253 29.57 -54.57 -7.62
C ASN I 253 28.90 -53.61 -8.61
N VAL I 254 28.67 -52.37 -8.13
CA VAL I 254 28.19 -51.29 -8.98
C VAL I 254 28.98 -50.04 -8.67
N ASN I 255 28.98 -49.10 -9.62
CA ASN I 255 29.61 -47.81 -9.45
C ASN I 255 28.57 -46.75 -9.13
N TYR I 256 28.94 -45.80 -8.28
CA TYR I 256 28.04 -44.76 -7.82
C TYR I 256 28.50 -43.41 -8.35
N TYR I 257 27.53 -42.59 -8.77
CA TYR I 257 27.82 -41.33 -9.42
C TYR I 257 27.09 -40.19 -8.71
N SER I 258 27.68 -39.00 -8.78
CA SER I 258 27.12 -37.84 -8.08
C SER I 258 25.81 -37.39 -8.73
N SER I 259 25.71 -37.49 -10.04
CA SER I 259 24.55 -36.99 -10.76
C SER I 259 24.19 -37.92 -11.91
N PHE I 260 22.94 -37.83 -12.34
CA PHE I 260 22.52 -38.53 -13.56
C PHE I 260 23.29 -38.03 -14.77
N ASP I 261 23.69 -36.76 -14.75
CA ASP I 261 24.62 -36.24 -15.75
C ASP I 261 25.90 -37.06 -15.77
N GLU I 262 26.46 -37.35 -14.59
CA GLU I 262 27.68 -38.12 -14.50
C GLU I 262 27.44 -39.57 -14.90
N PHE I 263 26.23 -40.08 -14.63
CA PHE I 263 25.95 -41.49 -14.88
C PHE I 263 25.82 -41.78 -16.37
N ILE I 264 25.10 -40.92 -17.11
CA ILE I 264 24.77 -41.24 -18.49
C ILE I 264 25.98 -41.03 -19.40
N ILE I 265 26.87 -40.10 -19.03
CA ILE I 265 28.06 -39.87 -19.84
C ILE I 265 29.03 -41.04 -19.72
N SER I 266 29.17 -41.59 -18.51
CA SER I 266 30.09 -42.71 -18.31
C SER I 266 29.65 -43.93 -19.11
N GLN I 267 28.34 -44.21 -19.14
CA GLN I 267 27.85 -45.35 -19.91
C GLN I 267 27.99 -45.11 -21.41
N TYR I 268 27.86 -43.86 -21.85
CA TYR I 268 28.02 -43.56 -23.27
C TYR I 268 29.43 -43.86 -23.76
N HIS I 269 30.44 -43.51 -22.96
CA HIS I 269 31.83 -43.65 -23.37
C HIS I 269 32.35 -45.08 -23.26
N ALA I 270 31.63 -45.96 -22.57
CA ALA I 270 32.06 -47.34 -22.46
C ALA I 270 31.70 -48.12 -23.72
N GLN I 271 32.27 -49.32 -23.83
CA GLN I 271 31.96 -50.20 -24.95
C GLN I 271 30.49 -50.57 -24.93
N ASP I 272 29.88 -50.65 -26.11
CA ASP I 272 28.44 -50.88 -26.26
C ASP I 272 27.66 -49.75 -25.59
N GLY I 273 28.02 -48.52 -25.96
CA GLY I 273 27.46 -47.36 -25.28
C GLY I 273 26.14 -46.87 -25.82
N ILE I 274 25.93 -46.96 -27.14
CA ILE I 274 24.69 -46.47 -27.73
C ILE I 274 23.50 -47.27 -27.22
N ASN I 275 23.67 -48.58 -27.07
CA ASN I 275 22.61 -49.38 -26.47
C ASN I 275 22.56 -49.24 -24.96
N ARG I 276 23.62 -48.76 -24.33
CA ARG I 276 23.57 -48.49 -22.89
C ARG I 276 22.76 -47.24 -22.60
N VAL I 277 22.97 -46.17 -23.37
CA VAL I 277 22.26 -44.92 -23.12
C VAL I 277 20.77 -45.04 -23.46
N SER I 278 20.40 -46.01 -24.29
CA SER I 278 18.98 -46.23 -24.56
C SER I 278 18.25 -46.64 -23.29
N THR I 279 18.86 -47.52 -22.49
CA THR I 279 18.26 -47.93 -21.22
C THR I 279 18.36 -46.82 -20.17
N CYS I 280 19.46 -46.08 -20.15
CA CYS I 280 19.62 -45.02 -19.15
C CYS I 280 18.59 -43.92 -19.32
N VAL I 281 18.19 -43.64 -20.57
CA VAL I 281 17.17 -42.62 -20.81
C VAL I 281 15.84 -43.05 -20.21
N ILE I 282 15.47 -44.32 -20.37
CA ILE I 282 14.24 -44.81 -19.76
C ILE I 282 14.34 -44.74 -18.24
N LEU I 283 15.52 -45.01 -17.69
CA LEU I 283 15.72 -44.85 -16.26
C LEU I 283 15.53 -43.41 -15.83
N GLY I 284 15.98 -42.46 -16.65
CA GLY I 284 15.81 -41.06 -16.32
C GLY I 284 14.35 -40.65 -16.23
N LEU I 285 13.52 -41.13 -17.17
CA LEU I 285 12.10 -40.81 -17.13
C LEU I 285 11.43 -41.49 -15.95
N ALA I 286 11.87 -42.70 -15.61
CA ALA I 286 11.34 -43.38 -14.43
C ALA I 286 11.69 -42.62 -13.15
N LEU I 287 12.91 -42.10 -13.06
CA LEU I 287 13.30 -41.33 -11.89
C LEU I 287 12.54 -40.01 -11.82
N GLN I 288 12.24 -39.41 -12.98
CA GLN I 288 11.45 -38.19 -13.01
C GLN I 288 10.06 -38.44 -12.46
N ALA I 289 9.48 -39.60 -12.78
CA ALA I 289 8.20 -39.97 -12.19
C ALA I 289 8.36 -40.31 -10.71
N TYR I 290 9.47 -40.96 -10.34
CA TYR I 290 9.69 -41.32 -8.95
C TYR I 290 9.81 -40.08 -8.07
N ASP I 291 10.48 -39.03 -8.56
CA ASP I 291 10.62 -37.81 -7.77
C ASP I 291 9.27 -37.15 -7.52
N GLN I 292 8.40 -37.16 -8.52
CA GLN I 292 7.12 -36.46 -8.39
C GLN I 292 6.17 -37.24 -7.49
N MET I 293 6.14 -38.56 -7.62
CA MET I 293 5.24 -39.36 -6.82
C MET I 293 5.63 -39.33 -5.35
N ARG I 294 6.93 -39.38 -5.06
CA ARG I 294 7.37 -39.45 -3.66
C ARG I 294 7.24 -38.11 -2.96
N ARG I 295 7.35 -37.01 -3.71
CA ARG I 295 7.12 -35.70 -3.10
C ARG I 295 5.67 -35.52 -2.71
N ALA I 296 4.74 -36.02 -3.53
CA ALA I 296 3.33 -35.95 -3.18
C ALA I 296 3.00 -36.95 -2.08
N LEU I 297 3.65 -38.12 -2.09
CA LEU I 297 3.40 -39.19 -1.12
C LEU I 297 4.70 -39.58 -0.46
N PRO I 298 5.12 -38.86 0.58
CA PRO I 298 6.39 -39.18 1.24
C PRO I 298 6.22 -40.28 2.28
N VAL I 299 7.17 -41.21 2.30
CA VAL I 299 7.18 -42.29 3.29
C VAL I 299 8.53 -42.33 3.99
N ALA J 2 46.80 -33.41 14.43
CA ALA J 2 47.27 -32.09 14.88
C ALA J 2 46.47 -30.98 14.22
N ASN J 3 46.75 -30.73 12.94
CA ASN J 3 46.05 -29.68 12.21
C ASN J 3 44.59 -30.05 12.00
N ARG J 4 43.72 -29.05 12.10
CA ARG J 4 42.28 -29.23 11.92
C ARG J 4 41.78 -28.26 10.87
N ALA J 5 41.03 -28.78 9.90
CA ALA J 5 40.46 -27.98 8.83
C ALA J 5 38.95 -28.20 8.77
N THR J 6 38.21 -27.13 8.54
CA THR J 6 36.76 -27.17 8.53
C THR J 6 36.22 -26.33 7.39
N SER J 7 34.97 -26.59 7.03
CA SER J 7 34.33 -25.83 5.96
C SER J 7 34.00 -24.41 6.44
N ALA J 8 34.15 -23.44 5.55
CA ALA J 8 33.95 -22.05 5.91
C ALA J 8 32.51 -21.75 6.25
N PHE J 9 31.56 -22.32 5.52
CA PHE J 9 30.16 -21.98 5.70
C PHE J 9 29.54 -22.62 6.93
N LEU J 10 30.23 -23.58 7.55
CA LEU J 10 29.70 -24.25 8.73
C LEU J 10 30.09 -23.57 10.03
N ASP J 11 30.89 -22.51 9.99
CA ASP J 11 31.43 -21.91 11.20
C ASP J 11 30.48 -20.86 11.76
N ASN J 12 30.15 -21.00 13.05
CA ASN J 12 29.40 -20.02 13.83
C ASN J 12 28.06 -19.66 13.19
N PRO J 13 27.09 -20.57 13.18
CA PRO J 13 25.75 -20.22 12.67
C PRO J 13 25.06 -19.27 13.64
N HIS J 14 24.66 -18.10 13.13
CA HIS J 14 24.00 -17.12 13.97
C HIS J 14 22.59 -17.58 14.32
N PRO J 15 22.07 -17.17 15.48
CA PRO J 15 20.72 -17.59 15.88
C PRO J 15 19.67 -17.03 14.93
N VAL J 16 18.58 -17.77 14.80
CA VAL J 16 17.48 -17.37 13.94
C VAL J 16 16.35 -16.81 14.79
N GLY J 17 15.37 -16.19 14.15
CA GLY J 17 14.28 -15.58 14.87
C GLY J 17 13.37 -16.60 15.51
N VAL J 18 12.71 -16.17 16.59
CA VAL J 18 11.78 -17.00 17.34
C VAL J 18 10.36 -16.47 17.27
N ASN J 19 10.08 -15.56 16.33
CA ASN J 19 8.77 -14.96 16.17
C ASN J 19 8.14 -15.40 14.86
N TYR J 20 6.83 -15.21 14.77
CA TYR J 20 6.04 -15.54 13.58
C TYR J 20 6.24 -17.00 13.17
N VAL J 21 6.26 -17.89 14.16
CA VAL J 21 6.41 -19.32 13.93
C VAL J 21 5.16 -20.10 14.32
N ASP J 22 4.06 -19.41 14.59
CA ASP J 22 2.84 -20.08 15.02
C ASP J 22 2.00 -20.48 13.81
N GLU J 23 0.84 -21.08 14.08
CA GLU J 23 -0.02 -21.56 13.00
C GLU J 23 -0.56 -20.41 12.17
N GLY J 24 -0.97 -19.32 12.82
CA GLY J 24 -1.50 -18.19 12.08
C GLY J 24 -0.46 -17.52 11.21
N SER J 25 0.77 -17.42 11.71
CA SER J 25 1.84 -16.81 10.93
C SER J 25 2.20 -17.65 9.71
N ARG J 26 2.21 -18.98 9.86
CA ARG J 26 2.51 -19.85 8.72
C ARG J 26 1.43 -19.72 7.65
N GLN J 27 0.18 -19.50 8.05
CA GLN J 27 -0.88 -19.27 7.07
C GLN J 27 -0.64 -17.98 6.30
N PHE J 28 -0.14 -16.95 6.99
CA PHE J 28 0.15 -15.68 6.33
C PHE J 28 1.24 -15.85 5.27
N VAL J 29 2.26 -16.65 5.57
CA VAL J 29 3.33 -16.89 4.60
C VAL J 29 2.80 -17.69 3.42
N ALA J 30 1.99 -18.72 3.70
CA ALA J 30 1.43 -19.55 2.63
C ALA J 30 0.50 -18.75 1.74
N VAL J 31 -0.31 -17.87 2.33
CA VAL J 31 -1.21 -17.03 1.53
C VAL J 31 -0.41 -16.09 0.64
N ALA J 32 0.67 -15.52 1.18
CA ALA J 32 1.49 -14.59 0.40
C ALA J 32 2.10 -15.28 -0.82
N GLU J 33 2.59 -16.51 -0.64
CA GLU J 33 3.16 -17.24 -1.77
C GLU J 33 2.11 -17.53 -2.83
N LEU J 34 0.91 -17.95 -2.40
CA LEU J 34 -0.13 -18.27 -3.36
C LEU J 34 -0.58 -17.04 -4.13
N LEU J 35 -0.74 -15.91 -3.45
CA LEU J 35 -1.20 -14.70 -4.12
C LEU J 35 -0.09 -14.09 -4.97
N ALA J 36 1.17 -14.25 -4.57
CA ALA J 36 2.27 -13.78 -5.39
C ALA J 36 2.38 -14.58 -6.68
N SER J 37 2.09 -15.87 -6.62
CA SER J 37 2.10 -16.69 -7.83
C SER J 37 1.04 -16.22 -8.83
N LYS J 38 -0.14 -15.87 -8.33
CA LYS J 38 -1.18 -15.32 -9.21
C LYS J 38 -0.74 -14.00 -9.81
N LEU J 39 0.04 -13.21 -9.07
CA LEU J 39 0.50 -11.92 -9.57
C LEU J 39 1.39 -12.09 -10.79
N ILE J 40 2.30 -13.07 -10.76
CA ILE J 40 3.17 -13.31 -11.90
C ILE J 40 2.37 -13.85 -13.08
N ASP J 41 1.48 -14.81 -12.82
CA ASP J 41 0.69 -15.40 -13.90
C ASP J 41 -0.23 -14.38 -14.55
N SER J 42 -0.84 -13.51 -13.75
CA SER J 42 -1.74 -12.50 -14.30
C SER J 42 -0.99 -11.51 -15.17
N SER J 43 0.22 -11.13 -14.77
CA SER J 43 1.01 -10.20 -15.57
C SER J 43 1.35 -10.79 -16.92
N ARG J 44 1.69 -12.08 -16.97
CA ARG J 44 1.93 -12.74 -18.24
C ARG J 44 0.68 -12.77 -19.10
N GLU J 45 -0.47 -13.06 -18.48
CA GLU J 45 -1.73 -13.09 -19.23
C GLU J 45 -2.11 -11.70 -19.73
N SER J 46 -1.82 -10.67 -18.94
CA SER J 46 -2.13 -9.31 -19.36
C SER J 46 -1.34 -8.93 -20.60
N ASP J 47 -0.07 -9.34 -20.67
CA ASP J 47 0.74 -9.04 -21.85
C ASP J 47 0.19 -9.73 -23.10
N GLU J 48 -0.26 -10.98 -22.95
CA GLU J 48 -0.77 -11.72 -24.10
C GLU J 48 -2.08 -11.14 -24.60
N SER J 49 -2.97 -10.74 -23.70
CA SER J 49 -4.30 -10.28 -24.06
C SER J 49 -4.38 -8.78 -24.29
N ASN J 50 -3.28 -8.06 -24.11
CA ASN J 50 -3.23 -6.61 -24.35
C ASN J 50 -4.27 -5.88 -23.51
N SER J 51 -4.39 -6.27 -22.24
CA SER J 51 -5.32 -5.60 -21.33
C SER J 51 -4.78 -5.75 -19.91
N ASP J 52 -4.83 -4.67 -19.15
CA ASP J 52 -4.32 -4.67 -17.78
C ASP J 52 -5.34 -5.19 -16.78
N VAL J 53 -6.51 -5.61 -17.22
CA VAL J 53 -7.55 -6.06 -16.30
C VAL J 53 -7.10 -7.24 -15.44
N PRO J 54 -6.52 -8.32 -16.00
CA PRO J 54 -6.10 -9.43 -15.12
C PRO J 54 -5.07 -9.02 -14.08
N PHE J 55 -4.17 -8.10 -14.41
CA PHE J 55 -3.18 -7.66 -13.43
C PHE J 55 -3.79 -6.75 -12.38
N VAL J 56 -4.67 -5.84 -12.81
CA VAL J 56 -5.36 -4.96 -11.85
C VAL J 56 -6.21 -5.78 -10.91
N GLN J 57 -6.84 -6.84 -11.42
CA GLN J 57 -7.68 -7.68 -10.57
C GLN J 57 -6.83 -8.48 -9.59
N ALA J 58 -5.67 -8.97 -10.03
CA ALA J 58 -4.81 -9.73 -9.13
C ALA J 58 -4.12 -8.84 -8.11
N TYR J 59 -3.69 -7.64 -8.55
CA TYR J 59 -3.08 -6.70 -7.61
C TYR J 59 -4.07 -6.23 -6.55
N SER J 60 -5.35 -6.15 -6.89
CA SER J 60 -6.36 -5.74 -5.92
C SER J 60 -6.49 -6.77 -4.81
N LYS J 61 -6.37 -8.05 -5.14
CA LYS J 61 -6.43 -9.09 -4.11
C LYS J 61 -5.17 -9.08 -3.25
N PHE J 62 -4.01 -8.79 -3.86
CA PHE J 62 -2.75 -8.83 -3.13
C PHE J 62 -2.61 -7.61 -2.21
N ALA J 63 -2.99 -6.44 -2.70
CA ALA J 63 -2.70 -5.18 -2.01
C ALA J 63 -3.93 -4.47 -1.47
N ASP J 64 -5.13 -4.98 -1.74
CA ASP J 64 -6.37 -4.42 -1.22
C ASP J 64 -6.58 -2.97 -1.65
N ASP J 65 -6.08 -2.63 -2.83
CA ASP J 65 -6.27 -1.28 -3.35
C ASP J 65 -6.13 -1.30 -4.87
N ASN J 66 -6.84 -0.38 -5.52
CA ASN J 66 -6.71 -0.17 -6.95
C ASN J 66 -5.66 0.89 -7.19
N PRO J 67 -4.58 0.59 -7.90
CA PRO J 67 -3.48 1.55 -8.02
C PRO J 67 -3.87 2.78 -8.81
N ARG J 68 -3.24 3.91 -8.46
CA ARG J 68 -3.30 5.13 -9.23
C ARG J 68 -2.12 5.17 -10.20
N HIS J 69 -2.24 6.03 -11.22
CA HIS J 69 -1.23 6.05 -12.27
C HIS J 69 0.12 6.55 -11.75
N LEU J 70 0.12 7.66 -11.01
CA LEU J 70 1.38 8.25 -10.58
C LEU J 70 2.02 7.46 -9.45
N ARG J 71 1.23 6.99 -8.49
CA ARG J 71 1.78 6.29 -7.34
C ARG J 71 2.41 4.97 -7.77
N VAL J 72 3.63 4.72 -7.28
CA VAL J 72 4.34 3.50 -7.62
C VAL J 72 3.70 2.32 -6.93
N LYS J 73 3.55 1.21 -7.66
CA LYS J 73 2.95 -0.01 -7.14
C LYS J 73 4.04 -0.87 -6.50
N THR J 74 3.86 -1.20 -5.22
CA THR J 74 4.84 -1.97 -4.49
C THR J 74 4.26 -3.17 -3.74
N GLY J 75 2.94 -3.27 -3.62
CA GLY J 75 2.31 -4.37 -2.93
C GLY J 75 1.51 -3.97 -1.70
N GLY J 76 1.71 -2.75 -1.20
CA GLY J 76 0.87 -2.28 -0.10
C GLY J 76 1.27 -2.92 1.22
N LYS J 77 0.26 -3.22 2.04
CA LYS J 77 0.51 -3.75 3.37
C LYS J 77 1.08 -5.16 3.31
N MET J 78 0.64 -5.97 2.35
CA MET J 78 1.14 -7.34 2.24
C MET J 78 2.63 -7.35 1.94
N ALA J 79 3.09 -6.47 1.05
CA ALA J 79 4.52 -6.37 0.78
C ALA J 79 5.28 -5.88 2.01
N ASN J 80 4.71 -4.90 2.73
CA ASN J 80 5.37 -4.37 3.91
C ASN J 80 5.50 -5.43 5.00
N ALA J 81 4.43 -6.18 5.24
CA ALA J 81 4.47 -7.23 6.26
C ALA J 81 5.43 -8.35 5.86
N LEU J 82 5.38 -8.77 4.59
CA LEU J 82 6.24 -9.88 4.15
C LEU J 82 7.71 -9.51 4.25
N THR J 83 8.06 -8.28 3.89
CA THR J 83 9.46 -7.87 3.91
C THR J 83 10.02 -7.83 5.32
N ASN J 84 9.22 -7.33 6.27
CA ASN J 84 9.71 -7.21 7.65
C ASN J 84 9.73 -8.56 8.35
N VAL J 85 8.78 -9.44 8.05
CA VAL J 85 8.77 -10.77 8.64
C VAL J 85 9.98 -11.57 8.16
N ILE J 86 10.39 -11.36 6.91
CA ILE J 86 11.58 -12.04 6.39
C ILE J 86 12.80 -11.67 7.20
N ARG J 87 12.92 -10.38 7.55
CA ARG J 87 14.04 -9.93 8.38
C ARG J 87 14.01 -10.58 9.75
N SER J 88 12.81 -10.73 10.33
CA SER J 88 12.71 -11.27 11.69
C SER J 88 13.15 -12.73 11.73
N TYR J 89 12.94 -13.47 10.65
CA TYR J 89 13.33 -14.88 10.63
C TYR J 89 14.84 -15.04 10.64
N TYR J 90 15.56 -14.12 9.99
CA TYR J 90 16.99 -14.32 9.75
C TYR J 90 17.79 -14.29 11.05
N SER J 91 17.50 -13.34 11.94
CA SER J 91 18.32 -13.17 13.14
C SER J 91 17.44 -12.79 14.32
N ILE J 92 17.97 -13.04 15.52
CA ILE J 92 17.28 -12.65 16.75
C ILE J 92 17.23 -11.14 16.88
N ASN J 93 18.28 -10.45 16.43
CA ASN J 93 18.40 -9.01 16.61
C ASN J 93 17.38 -8.21 15.78
N ALA J 94 16.65 -8.87 14.89
CA ALA J 94 15.70 -8.17 14.05
C ALA J 94 14.55 -7.60 14.88
N PRO J 95 14.01 -6.44 14.49
CA PRO J 95 13.02 -5.77 15.35
C PRO J 95 11.73 -6.54 15.58
N ALA J 96 11.22 -7.26 14.58
CA ALA J 96 9.98 -8.03 14.71
C ALA J 96 8.81 -7.11 15.12
N ILE J 97 8.47 -6.20 14.22
CA ILE J 97 7.56 -5.10 14.53
C ILE J 97 6.25 -5.19 13.76
N VAL J 98 5.80 -6.41 13.46
CA VAL J 98 4.57 -6.62 12.70
C VAL J 98 3.45 -6.99 13.69
N PRO J 99 2.35 -6.25 13.73
CA PRO J 99 1.28 -6.56 14.66
C PRO J 99 0.54 -7.84 14.28
N GLN J 100 -0.11 -8.44 15.28
CA GLN J 100 -0.84 -9.67 15.06
C GLN J 100 -2.14 -9.44 14.31
N VAL J 101 -2.74 -8.26 14.43
CA VAL J 101 -3.96 -7.95 13.70
C VAL J 101 -3.71 -7.99 12.20
N GLU J 102 -2.59 -7.41 11.76
CA GLU J 102 -2.25 -7.44 10.34
C GLU J 102 -2.02 -8.87 9.85
N ILE J 103 -1.35 -9.69 10.65
CA ILE J 103 -1.07 -11.06 10.25
C ILE J 103 -2.37 -11.85 10.09
N ASP J 104 -3.29 -11.67 11.03
CA ASP J 104 -4.57 -12.39 10.97
C ASP J 104 -5.39 -11.96 9.76
N ARG J 105 -5.42 -10.66 9.47
CA ARG J 105 -6.20 -10.18 8.34
C ARG J 105 -5.63 -10.68 7.01
N LEU J 106 -4.31 -10.67 6.88
CA LEU J 106 -3.68 -11.11 5.63
C LEU J 106 -3.83 -12.61 5.44
N ALA J 107 -3.83 -13.37 6.53
CA ALA J 107 -3.97 -14.82 6.42
C ALA J 107 -5.37 -15.23 6.01
N SER J 108 -6.33 -14.32 6.12
CA SER J 108 -7.72 -14.65 5.79
C SER J 108 -8.06 -14.42 4.32
N LYS J 109 -7.09 -13.97 3.50
CA LYS J 109 -7.38 -13.68 2.10
C LYS J 109 -7.63 -14.95 1.31
N ALA J 110 -6.88 -16.01 1.60
CA ALA J 110 -6.99 -17.27 0.88
C ALA J 110 -7.18 -18.42 1.85
N THR J 111 -7.85 -19.47 1.38
CA THR J 111 -8.10 -20.65 2.20
C THR J 111 -7.03 -21.70 1.94
N VAL J 112 -5.88 -21.48 2.56
CA VAL J 112 -4.73 -22.36 2.43
C VAL J 112 -4.22 -22.71 3.82
N SER J 113 -3.49 -23.81 3.92
CA SER J 113 -2.98 -24.31 5.19
C SER J 113 -1.49 -24.08 5.28
N GLY J 114 -1.04 -23.64 6.44
CA GLY J 114 0.37 -23.43 6.68
C GLY J 114 1.08 -24.69 7.12
N ASP J 115 1.14 -25.68 6.23
CA ASP J 115 1.78 -26.96 6.51
C ASP J 115 3.18 -26.93 5.92
N MET J 116 4.20 -27.01 6.78
CA MET J 116 5.58 -26.98 6.36
C MET J 116 6.24 -28.35 6.38
N TYR J 117 5.46 -29.42 6.53
CA TYR J 117 6.00 -30.77 6.60
C TYR J 117 5.25 -31.72 5.66
N ASN J 118 4.69 -31.18 4.58
CA ASN J 118 3.96 -32.03 3.63
C ASN J 118 4.91 -32.85 2.77
N SER J 119 6.04 -32.27 2.38
CA SER J 119 6.97 -32.97 1.49
C SER J 119 8.42 -32.74 1.91
N TYR J 120 9.35 -33.11 1.03
CA TYR J 120 10.78 -33.00 1.31
C TYR J 120 11.48 -32.33 0.15
N ALA J 121 12.74 -31.99 0.37
CA ALA J 121 13.62 -31.45 -0.66
C ALA J 121 15.04 -31.91 -0.40
N ILE J 122 15.84 -31.96 -1.46
CA ILE J 122 17.22 -32.44 -1.38
C ILE J 122 18.15 -31.23 -1.45
N PHE J 123 19.00 -31.08 -0.45
CA PHE J 123 19.91 -29.95 -0.34
C PHE J 123 21.34 -30.46 -0.50
N ASN J 124 21.99 -30.06 -1.59
CA ASN J 124 23.32 -30.57 -1.95
C ASN J 124 24.40 -29.58 -1.53
N SER J 125 24.66 -29.55 -0.22
CA SER J 125 25.79 -28.84 0.36
C SER J 125 26.58 -29.83 1.19
N VAL J 126 27.90 -29.86 1.00
CA VAL J 126 28.76 -30.87 1.59
C VAL J 126 29.19 -30.38 2.98
N PRO J 127 28.77 -31.02 4.05
CA PRO J 127 29.24 -30.67 5.40
C PRO J 127 30.51 -31.42 5.74
N ILE J 128 31.60 -30.69 5.95
CA ILE J 128 32.84 -31.25 6.46
C ILE J 128 33.06 -30.61 7.81
N VAL J 129 32.66 -31.30 8.87
CA VAL J 129 32.76 -30.75 10.22
C VAL J 129 34.22 -30.51 10.59
N GLU J 130 35.07 -31.50 10.32
CA GLU J 130 36.49 -31.34 10.58
C GLU J 130 37.26 -32.37 9.76
N VAL J 131 38.49 -32.02 9.39
CA VAL J 131 39.41 -32.98 8.71
C VAL J 131 40.70 -32.91 9.52
N LEU J 132 40.98 -33.96 10.31
CA LEU J 132 42.16 -33.94 11.20
C LEU J 132 43.34 -34.57 10.46
N SER J 133 44.49 -33.91 10.47
CA SER J 133 45.65 -34.38 9.67
C SER J 133 46.92 -34.45 10.52
N PRO J 134 47.91 -35.30 10.15
CA PRO J 134 49.21 -35.35 10.85
C PRO J 134 50.08 -34.11 10.62
N ALA J 135 51.16 -33.97 11.39
CA ALA J 135 51.97 -32.72 11.36
C ALA J 135 52.60 -32.37 10.00
N ARG J 136 53.11 -33.33 9.25
CA ARG J 136 53.85 -32.97 8.00
C ARG J 136 52.93 -32.94 6.76
N THR J 137 51.61 -33.06 6.97
CA THR J 137 50.65 -33.03 5.83
C THR J 137 49.89 -31.71 5.80
N THR J 138 49.58 -31.21 4.60
CA THR J 138 48.81 -29.94 4.44
C THR J 138 47.45 -30.26 3.82
N VAL J 139 46.36 -29.79 4.44
CA VAL J 139 44.99 -30.03 3.91
C VAL J 139 44.28 -28.69 3.67
N SER J 140 43.71 -28.47 2.47
CA SER J 140 42.93 -27.24 2.19
C SER J 140 41.52 -27.63 1.71
N ILE J 141 40.48 -27.04 2.29
CA ILE J 141 39.08 -27.34 1.88
C ILE J 141 38.47 -26.14 1.15
N VAL J 142 38.04 -26.32 -0.11
CA VAL J 142 37.45 -25.25 -0.90
C VAL J 142 36.11 -25.72 -1.46
N GLY J 143 35.15 -24.81 -1.50
CA GLY J 143 33.85 -25.08 -2.08
C GLY J 143 32.84 -25.58 -1.07
N SER J 144 31.57 -25.35 -1.41
CA SER J 144 30.44 -25.80 -0.59
C SER J 144 29.54 -26.76 -1.32
N ASP J 145 29.13 -26.43 -2.55
CA ASP J 145 28.31 -27.35 -3.33
C ASP J 145 29.10 -28.59 -3.72
N ARG J 146 30.36 -28.41 -4.10
CA ARG J 146 31.27 -29.51 -4.37
C ARG J 146 32.59 -29.18 -3.69
N ALA J 147 32.89 -29.86 -2.59
CA ALA J 147 34.05 -29.56 -1.78
C ALA J 147 35.26 -30.30 -2.34
N ASP J 148 36.32 -29.56 -2.66
CA ASP J 148 37.55 -30.14 -3.16
C ASP J 148 38.60 -30.05 -2.06
N VAL J 149 38.96 -31.21 -1.50
CA VAL J 149 39.94 -31.29 -0.42
C VAL J 149 41.27 -31.70 -1.04
N THR J 150 42.21 -30.75 -1.09
CA THR J 150 43.54 -31.01 -1.62
C THR J 150 44.50 -31.24 -0.45
N MET J 151 45.09 -32.43 -0.42
CA MET J 151 45.98 -32.82 0.67
C MET J 151 47.32 -33.26 0.09
N LEU J 152 48.40 -32.74 0.65
CA LEU J 152 49.75 -33.06 0.21
C LEU J 152 50.54 -33.63 1.38
N ASN J 153 51.17 -34.78 1.15
CA ASN J 153 51.97 -35.45 2.18
C ASN J 153 53.44 -35.17 1.89
N THR J 154 54.03 -34.30 2.70
CA THR J 154 55.47 -34.04 2.63
C THR J 154 56.25 -34.98 3.55
N GLY J 155 55.58 -35.57 4.54
CA GLY J 155 56.22 -36.48 5.47
C GLY J 155 56.89 -37.67 4.79
N ALA J 156 57.67 -38.38 5.60
CA ALA J 156 58.48 -39.49 5.07
C ALA J 156 57.63 -40.70 4.71
N GLY J 157 56.61 -41.02 5.51
CA GLY J 157 55.78 -42.19 5.30
C GLY J 157 54.33 -41.81 5.03
N ALA J 158 53.55 -42.83 4.70
CA ALA J 158 52.13 -42.62 4.44
C ALA J 158 51.42 -42.17 5.71
N ALA J 159 50.50 -41.22 5.55
CA ALA J 159 49.78 -40.62 6.66
C ALA J 159 48.30 -40.98 6.60
N ASN J 160 47.66 -40.90 7.76
CA ASN J 160 46.24 -41.18 7.91
C ASN J 160 45.52 -39.88 8.25
N ILE J 161 44.52 -39.53 7.46
CA ILE J 161 43.75 -38.30 7.64
C ILE J 161 42.31 -38.68 7.92
N THR J 162 41.74 -38.12 8.98
CA THR J 162 40.40 -38.47 9.45
C THR J 162 39.40 -37.46 8.92
N PHE J 163 38.31 -37.96 8.34
CA PHE J 163 37.24 -37.14 7.80
C PHE J 163 36.00 -37.28 8.68
N ASN J 164 35.42 -36.13 9.06
CA ASN J 164 34.19 -36.09 9.84
C ASN J 164 33.17 -35.29 9.06
N PHE J 165 32.19 -35.97 8.48
CA PHE J 165 31.18 -35.35 7.66
C PHE J 165 29.92 -34.99 8.44
N GLY J 166 29.91 -35.19 9.74
CA GLY J 166 28.72 -34.94 10.53
C GLY J 166 27.78 -36.13 10.54
N GLN J 167 26.58 -35.87 11.04
CA GLN J 167 25.56 -36.91 11.16
C GLN J 167 24.24 -36.53 10.51
N ILE J 168 24.11 -35.33 9.93
CA ILE J 168 22.84 -34.91 9.35
C ILE J 168 22.71 -35.43 7.92
N ALA J 169 23.79 -35.39 7.16
CA ALA J 169 23.74 -35.78 5.75
C ALA J 169 23.41 -37.26 5.61
N GLU J 170 22.77 -37.62 4.50
CA GLU J 170 22.34 -38.99 4.26
C GLU J 170 23.33 -39.76 3.39
N THR J 171 23.80 -39.16 2.31
CA THR J 171 24.71 -39.82 1.39
C THR J 171 25.82 -38.87 0.99
N VAL J 172 27.06 -39.34 1.08
CA VAL J 172 28.24 -38.58 0.65
C VAL J 172 29.02 -39.44 -0.34
N ILE J 173 29.26 -38.87 -1.52
CA ILE J 173 30.01 -39.56 -2.58
C ILE J 173 31.36 -38.89 -2.72
N LEU J 174 32.42 -39.70 -2.71
CA LEU J 174 33.78 -39.20 -2.74
C LEU J 174 34.47 -39.64 -4.04
N LYS J 175 35.13 -38.71 -4.71
CA LYS J 175 35.91 -38.99 -5.90
C LYS J 175 37.28 -38.34 -5.75
N GLY J 176 38.29 -39.00 -6.32
CA GLY J 176 39.65 -38.54 -6.21
C GLY J 176 40.32 -38.42 -7.56
N SER J 177 41.37 -37.58 -7.59
CA SER J 177 42.14 -37.43 -8.81
C SER J 177 42.83 -38.73 -9.19
N VAL J 178 43.33 -39.46 -8.21
CA VAL J 178 43.92 -40.78 -8.42
C VAL J 178 43.25 -41.75 -7.45
N PRO J 179 43.22 -43.04 -7.75
CA PRO J 179 42.61 -43.99 -6.81
C PRO J 179 43.29 -43.94 -5.45
N PHE J 180 42.49 -44.05 -4.40
CA PHE J 180 42.97 -43.89 -3.04
C PHE J 180 42.30 -44.89 -2.13
N GLN J 181 42.83 -45.01 -0.92
CA GLN J 181 42.37 -45.99 0.07
C GLN J 181 41.59 -45.28 1.16
N LEU J 182 40.42 -45.81 1.49
CA LEU J 182 39.57 -45.22 2.52
C LEU J 182 38.74 -46.33 3.17
N ALA J 183 38.62 -46.27 4.49
CA ALA J 183 37.84 -47.23 5.23
C ALA J 183 37.42 -46.61 6.55
N ARG J 184 36.47 -47.26 7.21
CA ARG J 184 35.97 -46.80 8.50
C ARG J 184 37.04 -47.00 9.58
N LEU J 185 36.78 -46.41 10.74
CA LEU J 185 37.72 -46.52 11.86
C LEU J 185 37.87 -47.96 12.30
N ASN J 186 39.12 -48.41 12.45
CA ASN J 186 39.43 -49.78 12.89
C ASN J 186 38.78 -50.81 11.97
N GLN J 187 39.10 -50.72 10.68
CA GLN J 187 38.63 -51.67 9.69
C GLN J 187 39.68 -51.82 8.60
N PRO J 188 39.70 -52.96 7.92
CA PRO J 188 40.73 -53.19 6.89
C PRO J 188 40.61 -52.20 5.74
N MET J 189 41.76 -51.83 5.19
CA MET J 189 41.82 -50.93 4.05
C MET J 189 41.55 -51.70 2.76
N PRO J 190 40.59 -51.27 1.95
CA PRO J 190 40.32 -51.99 0.70
C PRO J 190 41.30 -51.62 -0.40
N ALA J 191 41.07 -52.13 -1.61
CA ALA J 191 41.90 -51.76 -2.74
C ALA J 191 41.60 -50.32 -3.16
N ALA J 192 42.56 -49.72 -3.86
CA ALA J 192 42.42 -48.33 -4.30
C ALA J 192 41.30 -48.22 -5.33
N ARG J 193 40.36 -47.33 -5.07
CA ARG J 193 39.25 -47.08 -5.97
C ARG J 193 39.07 -45.58 -6.17
N PHE J 194 38.44 -45.23 -7.30
CA PHE J 194 38.20 -43.84 -7.61
C PHE J 194 37.03 -43.26 -6.82
N THR J 195 36.00 -44.06 -6.55
CA THR J 195 34.74 -43.57 -6.01
C THR J 195 34.34 -44.38 -4.78
N TYR J 196 33.88 -43.68 -3.75
CA TYR J 196 33.32 -44.27 -2.55
C TYR J 196 31.95 -43.66 -2.28
N LYS J 197 31.00 -44.50 -1.87
CA LYS J 197 29.70 -44.06 -1.40
C LYS J 197 29.61 -44.34 0.09
N LEU J 198 29.38 -43.30 0.88
CA LEU J 198 29.47 -43.40 2.33
C LEU J 198 28.18 -42.93 3.00
N ARG J 199 27.87 -43.58 4.12
CA ARG J 199 26.86 -43.06 5.04
C ARG J 199 27.55 -42.25 6.11
N PRO J 200 27.24 -40.96 6.25
CA PRO J 200 27.97 -40.13 7.23
C PRO J 200 27.82 -40.61 8.66
N LEU J 201 26.78 -41.38 8.98
CA LEU J 201 26.59 -41.90 10.32
C LEU J 201 27.49 -43.08 10.64
N ASP J 202 28.18 -43.65 9.65
CA ASP J 202 28.99 -44.85 9.90
C ASP J 202 30.12 -44.55 10.87
N GLY J 203 30.75 -43.39 10.74
CA GLY J 203 31.81 -43.01 11.64
C GLY J 203 32.90 -42.24 10.93
N PRO J 204 33.87 -41.73 11.69
CA PRO J 204 35.00 -41.05 11.05
C PRO J 204 35.73 -41.98 10.10
N PHE J 205 36.12 -41.43 8.96
CA PHE J 205 36.72 -42.20 7.87
C PHE J 205 38.20 -41.86 7.76
N ILE J 206 39.02 -42.87 7.51
CA ILE J 206 40.46 -42.72 7.40
C ILE J 206 40.88 -42.88 5.95
N VAL J 207 41.66 -41.92 5.46
CA VAL J 207 42.21 -41.97 4.10
C VAL J 207 43.73 -42.02 4.20
N VAL J 208 44.34 -42.84 3.35
CA VAL J 208 45.78 -43.03 3.33
C VAL J 208 46.38 -42.11 2.28
N LEU J 209 47.32 -41.27 2.70
CA LEU J 209 47.96 -40.33 1.78
C LEU J 209 49.38 -40.82 1.48
N PRO J 210 49.65 -41.33 0.28
CA PRO J 210 51.01 -41.72 -0.06
C PRO J 210 51.90 -40.51 -0.26
N VAL J 211 53.21 -40.74 -0.15
CA VAL J 211 54.19 -39.70 -0.36
C VAL J 211 54.35 -39.44 -1.84
N GLY J 212 54.27 -38.17 -2.24
CA GLY J 212 54.42 -37.82 -3.64
C GLY J 212 53.47 -36.74 -4.11
N ASN J 213 52.80 -37.00 -5.24
CA ASN J 213 51.90 -36.00 -5.82
C ASN J 213 50.69 -35.79 -4.92
N PRO J 214 50.14 -34.58 -4.90
CA PRO J 214 48.97 -34.30 -4.06
C PRO J 214 47.75 -35.07 -4.53
N LEU J 215 46.89 -35.40 -3.56
CA LEU J 215 45.64 -36.08 -3.82
C LEU J 215 44.49 -35.13 -3.53
N VAL J 216 43.61 -34.94 -4.51
CA VAL J 216 42.45 -34.06 -4.38
C VAL J 216 41.19 -34.92 -4.36
N ILE J 217 40.42 -34.81 -3.30
CA ILE J 217 39.19 -35.57 -3.14
C ILE J 217 38.02 -34.59 -3.31
N SER J 218 37.14 -34.89 -4.26
CA SER J 218 35.94 -34.10 -4.50
C SER J 218 34.78 -34.75 -3.76
N ALA J 219 33.99 -33.93 -3.08
CA ALA J 219 32.94 -34.41 -2.20
C ALA J 219 31.59 -33.87 -2.65
N THR J 220 30.56 -34.71 -2.54
CA THR J 220 29.19 -34.33 -2.86
C THR J 220 28.26 -34.99 -1.86
N ALA J 221 27.32 -34.21 -1.33
CA ALA J 221 26.42 -34.67 -0.28
C ALA J 221 24.97 -34.43 -0.69
N ALA J 222 24.07 -35.19 -0.07
CA ALA J 222 22.63 -35.07 -0.30
C ALA J 222 21.92 -35.16 1.03
N THR J 223 21.21 -34.08 1.40
CA THR J 223 20.45 -34.02 2.63
C THR J 223 18.99 -33.75 2.31
N ARG J 224 18.10 -34.46 3.00
CA ARG J 224 16.67 -34.36 2.78
C ARG J 224 16.03 -33.64 3.96
N ILE J 225 15.34 -32.54 3.68
CA ILE J 225 14.73 -31.69 4.69
C ILE J 225 13.26 -31.51 4.35
N GLN J 226 12.40 -31.57 5.35
CA GLN J 226 10.97 -31.47 5.12
C GLN J 226 10.57 -30.05 4.75
N VAL J 227 9.82 -29.91 3.67
CA VAL J 227 9.42 -28.61 3.14
C VAL J 227 7.97 -28.70 2.66
N PRO J 228 7.29 -27.56 2.56
CA PRO J 228 5.93 -27.56 2.04
C PRO J 228 5.88 -28.02 0.59
N LEU J 229 4.67 -28.44 0.18
CA LEU J 229 4.49 -28.94 -1.18
C LEU J 229 4.63 -27.83 -2.21
N ALA J 230 4.52 -26.57 -1.80
CA ALA J 230 4.71 -25.45 -2.71
C ALA J 230 6.16 -25.01 -2.81
N PHE J 231 7.08 -25.70 -2.14
CA PHE J 231 8.47 -25.31 -2.14
C PHE J 231 9.08 -25.50 -3.53
N ASN J 232 9.83 -24.50 -3.97
CA ASN J 232 10.54 -24.55 -5.24
C ASN J 232 11.94 -24.00 -5.00
N LYS J 233 12.95 -24.86 -5.16
CA LYS J 233 14.31 -24.47 -4.81
C LYS J 233 14.83 -23.37 -5.72
N ALA J 234 14.44 -23.39 -7.00
CA ALA J 234 14.90 -22.36 -7.92
C ALA J 234 14.39 -20.99 -7.52
N LEU J 235 13.12 -20.89 -7.11
CA LEU J 235 12.56 -19.61 -6.71
C LEU J 235 13.12 -19.15 -5.38
N VAL J 236 13.39 -20.08 -4.47
CA VAL J 236 13.92 -19.71 -3.15
C VAL J 236 15.31 -19.11 -3.29
N GLU J 237 16.16 -19.70 -4.13
CA GLU J 237 17.51 -19.18 -4.31
C GLU J 237 17.48 -17.77 -4.89
N SER J 238 16.62 -17.53 -5.87
CA SER J 238 16.50 -16.20 -6.46
C SER J 238 16.02 -15.19 -5.42
N GLY J 239 15.05 -15.58 -4.60
CA GLY J 239 14.59 -14.68 -3.55
C GLY J 239 15.66 -14.40 -2.51
N PHE J 240 16.48 -15.41 -2.22
CA PHE J 240 17.58 -15.21 -1.27
C PHE J 240 18.57 -14.18 -1.79
N GLN J 241 18.88 -14.23 -3.08
CA GLN J 241 19.80 -13.25 -3.67
C GLN J 241 19.17 -11.87 -3.71
N THR J 242 17.88 -11.80 -4.04
CA THR J 242 17.21 -10.51 -4.09
C THR J 242 17.16 -9.86 -2.71
N ALA J 243 16.85 -10.64 -1.68
CA ALA J 243 16.81 -10.10 -0.32
C ALA J 243 18.19 -9.62 0.12
N MET J 244 19.23 -10.38 -0.23
CA MET J 244 20.58 -9.98 0.12
C MET J 244 20.98 -8.68 -0.58
N ASN J 245 20.63 -8.55 -1.86
CA ASN J 245 21.00 -7.35 -2.61
C ASN J 245 20.23 -6.13 -2.13
N ASP J 246 18.94 -6.30 -1.82
CA ASP J 246 18.13 -5.17 -1.38
C ASP J 246 18.51 -4.69 0.02
N GLY J 247 19.33 -5.46 0.74
CA GLY J 247 19.75 -5.05 2.06
C GLY J 247 18.80 -5.41 3.18
N LEU J 248 18.09 -6.52 3.06
CA LEU J 248 17.22 -6.97 4.15
C LEU J 248 17.96 -7.77 5.21
N PHE J 249 19.16 -8.26 4.90
CA PHE J 249 19.91 -9.13 5.79
C PHE J 249 21.07 -8.44 6.47
N ASP J 250 21.18 -7.11 6.38
CA ASP J 250 22.31 -6.39 6.95
C ASP J 250 21.99 -6.07 8.41
N ILE J 251 22.07 -7.11 9.24
CA ILE J 251 21.89 -6.96 10.68
C ILE J 251 23.23 -7.20 11.35
N GLN J 252 23.40 -6.60 12.53
CA GLN J 252 24.66 -6.71 13.24
C GLN J 252 24.84 -8.10 13.83
N ASN J 253 26.07 -8.60 13.78
CA ASN J 253 26.43 -9.90 14.34
C ASN J 253 25.63 -11.04 13.69
N VAL J 254 25.66 -11.09 12.36
CA VAL J 254 25.06 -12.17 11.59
C VAL J 254 26.08 -12.68 10.59
N ASN J 255 25.87 -13.91 10.14
CA ASN J 255 26.72 -14.54 9.14
C ASN J 255 26.03 -14.52 7.79
N TYR J 256 26.82 -14.25 6.75
CA TYR J 256 26.30 -14.15 5.39
C TYR J 256 26.71 -15.38 4.60
N TYR J 257 25.75 -15.99 3.92
CA TYR J 257 25.94 -17.25 3.22
C TYR J 257 25.74 -17.06 1.73
N SER J 258 26.46 -17.87 0.95
CA SER J 258 26.42 -17.72 -0.50
C SER J 258 25.12 -18.22 -1.10
N SER J 259 24.38 -19.05 -0.38
CA SER J 259 23.15 -19.62 -0.91
C SER J 259 22.25 -20.05 0.24
N PHE J 260 20.96 -20.20 -0.07
CA PHE J 260 20.03 -20.77 0.90
C PHE J 260 20.36 -22.22 1.19
N ASP J 261 21.02 -22.90 0.25
CA ASP J 261 21.52 -24.25 0.52
C ASP J 261 22.51 -24.25 1.67
N GLU J 262 23.43 -23.29 1.68
CA GLU J 262 24.43 -23.24 2.75
C GLU J 262 23.81 -22.75 4.04
N PHE J 263 22.81 -21.87 3.96
CA PHE J 263 22.17 -21.35 5.17
C PHE J 263 21.44 -22.46 5.92
N ILE J 264 20.62 -23.24 5.22
CA ILE J 264 19.79 -24.23 5.91
C ILE J 264 20.63 -25.38 6.45
N ILE J 265 21.70 -25.75 5.73
CA ILE J 265 22.55 -26.83 6.20
C ILE J 265 23.36 -26.38 7.41
N SER J 266 23.85 -25.14 7.41
CA SER J 266 24.64 -24.65 8.52
C SER J 266 23.83 -24.61 9.81
N GLN J 267 22.59 -24.14 9.75
CA GLN J 267 21.74 -24.14 10.94
C GLN J 267 21.39 -25.55 11.38
N TYR J 268 21.29 -26.48 10.43
CA TYR J 268 21.07 -27.88 10.77
C TYR J 268 22.26 -28.44 11.56
N HIS J 269 23.48 -28.05 11.21
CA HIS J 269 24.68 -28.58 11.86
C HIS J 269 25.06 -27.69 13.04
N ALA J 270 24.10 -27.52 13.95
CA ALA J 270 24.31 -26.73 15.15
C ALA J 270 23.41 -27.29 16.25
N GLN J 271 23.70 -26.88 17.48
CA GLN J 271 22.84 -27.25 18.60
C GLN J 271 21.43 -26.71 18.38
N ASP J 272 20.44 -27.42 18.91
CA ASP J 272 19.02 -27.17 18.66
C ASP J 272 18.75 -26.91 17.18
N GLY J 273 19.46 -27.64 16.31
CA GLY J 273 19.30 -27.47 14.88
C GLY J 273 17.98 -27.98 14.34
N ILE J 274 17.33 -28.89 15.06
CA ILE J 274 16.01 -29.35 14.65
C ILE J 274 15.02 -28.20 14.68
N ASN J 275 15.06 -27.39 15.74
CA ASN J 275 14.15 -26.26 15.84
C ASN J 275 14.54 -25.14 14.88
N ARG J 276 15.84 -24.95 14.64
CA ARG J 276 16.28 -23.92 13.71
C ARG J 276 15.81 -24.19 12.29
N VAL J 277 15.83 -25.45 11.86
CA VAL J 277 15.46 -25.79 10.49
C VAL J 277 13.99 -25.46 10.24
N SER J 278 13.13 -25.65 11.24
CA SER J 278 11.72 -25.35 11.06
C SER J 278 11.50 -23.88 10.75
N THR J 279 12.21 -23.00 11.45
CA THR J 279 12.13 -21.57 11.15
C THR J 279 12.72 -21.25 9.79
N CYS J 280 13.82 -21.91 9.43
CA CYS J 280 14.47 -21.63 8.15
C CYS J 280 13.59 -22.06 6.98
N VAL J 281 12.78 -23.11 7.17
CA VAL J 281 11.88 -23.54 6.11
C VAL J 281 10.82 -22.48 5.84
N ILE J 282 10.26 -21.89 6.90
CA ILE J 282 9.28 -20.82 6.73
C ILE J 282 9.92 -19.62 6.04
N LEU J 283 11.18 -19.33 6.37
CA LEU J 283 11.89 -18.25 5.69
C LEU J 283 12.06 -18.58 4.22
N GLY J 284 12.25 -19.85 3.88
CA GLY J 284 12.41 -20.22 2.48
C GLY J 284 11.17 -19.94 1.65
N LEU J 285 9.99 -20.32 2.16
CA LEU J 285 8.77 -20.04 1.43
C LEU J 285 8.49 -18.55 1.35
N ALA J 286 8.80 -17.81 2.42
CA ALA J 286 8.65 -16.36 2.40
C ALA J 286 9.56 -15.73 1.36
N LEU J 287 10.80 -16.24 1.24
CA LEU J 287 11.69 -15.74 0.20
C LEU J 287 11.17 -16.09 -1.18
N GLN J 288 10.52 -17.23 -1.33
CA GLN J 288 9.90 -17.60 -2.60
C GLN J 288 8.78 -16.62 -2.96
N ALA J 289 8.00 -16.21 -1.96
CA ALA J 289 6.98 -15.19 -2.19
C ALA J 289 7.62 -13.85 -2.55
N TYR J 290 8.74 -13.52 -1.90
CA TYR J 290 9.41 -12.25 -2.17
C TYR J 290 9.88 -12.16 -3.61
N ASP J 291 10.45 -13.24 -4.14
CA ASP J 291 10.98 -13.22 -5.49
C ASP J 291 9.87 -13.03 -6.52
N GLN J 292 8.76 -13.77 -6.37
CA GLN J 292 7.66 -13.65 -7.32
C GLN J 292 7.04 -12.27 -7.27
N MET J 293 6.90 -11.70 -6.06
CA MET J 293 6.24 -10.41 -5.94
C MET J 293 7.10 -9.28 -6.47
N ARG J 294 8.41 -9.33 -6.23
CA ARG J 294 9.30 -8.26 -6.70
C ARG J 294 9.53 -8.33 -8.20
N ARG J 295 9.51 -9.54 -8.78
CA ARG J 295 9.66 -9.63 -10.23
C ARG J 295 8.45 -9.07 -10.96
N ALA J 296 7.24 -9.27 -10.40
CA ALA J 296 6.05 -8.72 -11.01
C ALA J 296 5.93 -7.22 -10.76
N LEU J 297 6.55 -6.73 -9.69
CA LEU J 297 6.46 -5.29 -9.34
C LEU J 297 7.87 -4.70 -9.23
N PRO J 298 8.59 -4.44 -10.35
CA PRO J 298 9.96 -3.96 -10.26
C PRO J 298 10.03 -2.50 -9.78
N VAL J 299 10.93 -2.21 -8.84
CA VAL J 299 11.08 -0.83 -8.31
C VAL J 299 12.45 -0.27 -8.70
N ARG J 300 13.50 -1.05 -8.49
CA ARG J 300 14.88 -0.54 -8.72
C ARG J 300 15.15 -0.35 -10.20
N ARG J 301 15.81 0.75 -10.56
CA ARG J 301 16.23 0.93 -11.97
C ARG J 301 17.75 1.18 -11.94
N VAL J 302 18.44 0.91 -13.03
CA VAL J 302 19.92 1.08 -13.09
C VAL J 302 20.24 2.38 -13.85
N ALA K 2 55.11 -5.89 -9.84
CA ALA K 2 53.77 -6.34 -9.50
C ALA K 2 53.17 -7.19 -10.61
N ASN K 3 52.38 -8.19 -10.22
CA ASN K 3 51.74 -9.10 -11.16
C ASN K 3 50.24 -8.86 -11.16
N ARG K 4 49.63 -8.97 -12.34
CA ARG K 4 48.20 -8.74 -12.53
C ARG K 4 47.54 -10.05 -12.96
N ALA K 5 46.44 -10.39 -12.29
CA ALA K 5 45.64 -11.57 -12.63
C ALA K 5 44.21 -11.14 -12.87
N THR K 6 43.60 -11.67 -13.93
CA THR K 6 42.25 -11.31 -14.32
C THR K 6 41.46 -12.56 -14.68
N SER K 7 40.13 -12.42 -14.61
CA SER K 7 39.26 -13.52 -14.97
C SER K 7 39.33 -13.80 -16.47
N ALA K 8 39.30 -15.08 -16.84
CA ALA K 8 39.41 -15.46 -18.24
C ALA K 8 38.22 -14.97 -19.05
N PHE K 9 37.01 -15.09 -18.49
CA PHE K 9 35.81 -14.77 -19.25
C PHE K 9 35.59 -13.28 -19.43
N LEU K 10 36.38 -12.44 -18.76
CA LEU K 10 36.24 -10.99 -18.88
C LEU K 10 37.19 -10.37 -19.90
N ASP K 11 37.96 -11.17 -20.61
CA ASP K 11 39.01 -10.66 -21.49
C ASP K 11 38.47 -10.54 -22.91
N ASN K 12 38.62 -9.34 -23.49
CA ASN K 12 38.28 -9.02 -24.87
C ASN K 12 36.85 -9.42 -25.23
N PRO K 13 35.85 -8.70 -24.73
CA PRO K 13 34.46 -8.96 -25.18
C PRO K 13 34.26 -8.45 -26.59
N HIS K 14 33.86 -9.35 -27.48
CA HIS K 14 33.66 -8.97 -28.87
C HIS K 14 32.38 -8.14 -29.03
N PRO K 15 32.37 -7.19 -29.98
CA PRO K 15 31.17 -6.37 -30.18
C PRO K 15 29.98 -7.21 -30.60
N VAL K 16 28.81 -6.85 -30.07
CA VAL K 16 27.56 -7.53 -30.39
C VAL K 16 26.91 -6.85 -31.57
N GLY K 17 25.96 -7.53 -32.21
CA GLY K 17 25.26 -6.95 -33.33
C GLY K 17 24.40 -5.76 -32.94
N VAL K 18 24.11 -4.93 -33.94
CA VAL K 18 23.35 -3.70 -33.72
C VAL K 18 22.05 -3.71 -34.52
N ASN K 19 21.57 -4.88 -34.92
CA ASN K 19 20.37 -5.00 -35.72
C ASN K 19 19.29 -5.75 -34.96
N TYR K 20 18.06 -5.57 -35.41
CA TYR K 20 16.89 -6.27 -34.86
C TYR K 20 16.72 -5.99 -33.37
N VAL K 21 16.90 -4.73 -32.99
CA VAL K 21 16.71 -4.28 -31.62
C VAL K 21 15.59 -3.26 -31.49
N ASP K 22 14.89 -2.95 -32.59
CA ASP K 22 13.81 -1.99 -32.55
C ASP K 22 12.55 -2.64 -31.98
N GLU K 23 11.48 -1.83 -31.86
CA GLU K 23 10.25 -2.33 -31.27
C GLU K 23 9.62 -3.43 -32.11
N GLY K 24 9.63 -3.27 -33.42
CA GLY K 24 9.06 -4.29 -34.29
C GLY K 24 9.78 -5.62 -34.19
N SER K 25 11.12 -5.58 -34.11
CA SER K 25 11.88 -6.81 -34.01
C SER K 25 11.72 -7.45 -32.64
N ARG K 26 11.61 -6.64 -31.58
CA ARG K 26 11.42 -7.19 -30.25
C ARG K 26 10.07 -7.88 -30.13
N GLN K 27 9.05 -7.35 -30.80
CA GLN K 27 7.75 -8.02 -30.81
C GLN K 27 7.83 -9.35 -31.53
N PHE K 28 8.69 -9.44 -32.56
CA PHE K 28 8.85 -10.70 -33.27
C PHE K 28 9.44 -11.78 -32.38
N VAL K 29 10.43 -11.42 -31.56
CA VAL K 29 11.05 -12.39 -30.66
C VAL K 29 10.04 -12.86 -29.62
N ALA K 30 9.26 -11.93 -29.06
CA ALA K 30 8.24 -12.31 -28.09
C ALA K 30 7.19 -13.22 -28.71
N VAL K 31 6.81 -12.95 -29.96
CA VAL K 31 5.86 -13.81 -30.66
C VAL K 31 6.46 -15.18 -30.88
N ALA K 32 7.74 -15.23 -31.24
CA ALA K 32 8.40 -16.52 -31.48
C ALA K 32 8.43 -17.37 -30.23
N GLU K 33 8.72 -16.75 -29.07
CA GLU K 33 8.72 -17.49 -27.81
C GLU K 33 7.33 -18.00 -27.47
N LEU K 34 6.30 -17.17 -27.68
CA LEU K 34 4.95 -17.59 -27.37
C LEU K 34 4.50 -18.75 -28.25
N LEU K 35 4.80 -18.68 -29.55
CA LEU K 35 4.38 -19.74 -30.45
C LEU K 35 5.19 -21.01 -30.23
N ALA K 36 6.47 -20.86 -29.86
CA ALA K 36 7.29 -22.03 -29.56
C ALA K 36 6.77 -22.77 -28.33
N SER K 37 6.33 -22.02 -27.31
CA SER K 37 5.76 -22.65 -26.12
C SER K 37 4.50 -23.42 -26.45
N LYS K 38 3.65 -22.87 -27.31
CA LYS K 38 2.45 -23.57 -27.73
C LYS K 38 2.79 -24.82 -28.52
N LEU K 39 3.89 -24.80 -29.27
CA LEU K 39 4.31 -25.96 -30.03
C LEU K 39 4.68 -27.12 -29.10
N ILE K 40 5.41 -26.83 -28.03
CA ILE K 40 5.78 -27.87 -27.06
C ILE K 40 4.54 -28.39 -26.36
N ASP K 41 3.65 -27.49 -25.95
CA ASP K 41 2.44 -27.89 -25.24
C ASP K 41 1.53 -28.75 -26.13
N SER K 42 1.41 -28.37 -27.40
CA SER K 42 0.53 -29.12 -28.31
C SER K 42 1.04 -30.53 -28.54
N SER K 43 2.35 -30.70 -28.65
CA SER K 43 2.90 -32.04 -28.84
C SER K 43 2.62 -32.93 -27.63
N ARG K 44 2.72 -32.37 -26.41
CA ARG K 44 2.36 -33.13 -25.23
C ARG K 44 0.88 -33.50 -25.23
N GLU K 45 0.02 -32.56 -25.62
CA GLU K 45 -1.41 -32.86 -25.70
C GLU K 45 -1.71 -33.88 -26.79
N SER K 46 -0.96 -33.83 -27.89
CA SER K 46 -1.14 -34.82 -28.95
C SER K 46 -0.79 -36.22 -28.48
N ASP K 47 0.28 -36.34 -27.69
CA ASP K 47 0.65 -37.65 -27.15
C ASP K 47 -0.41 -38.16 -26.18
N GLU K 48 -0.99 -37.28 -25.37
CA GLU K 48 -1.92 -37.70 -24.34
C GLU K 48 -3.24 -38.16 -24.94
N SER K 49 -3.76 -37.43 -25.93
CA SER K 49 -5.12 -37.66 -26.42
C SER K 49 -5.17 -38.60 -27.62
N ASN K 50 -4.03 -39.14 -28.05
CA ASN K 50 -3.97 -40.06 -29.19
C ASN K 50 -4.57 -39.44 -30.45
N SER K 51 -4.33 -38.15 -30.66
CA SER K 51 -4.77 -37.45 -31.86
C SER K 51 -3.74 -36.41 -32.25
N ASP K 52 -3.56 -36.24 -33.55
CA ASP K 52 -2.62 -35.26 -34.09
C ASP K 52 -3.27 -33.91 -34.37
N VAL K 53 -4.55 -33.76 -34.02
CA VAL K 53 -5.23 -32.49 -34.28
C VAL K 53 -4.59 -31.32 -33.55
N PRO K 54 -4.29 -31.40 -32.24
CA PRO K 54 -3.65 -30.24 -31.59
C PRO K 54 -2.30 -29.86 -32.19
N PHE K 55 -1.51 -30.84 -32.62
CA PHE K 55 -0.20 -30.53 -33.18
C PHE K 55 -0.32 -29.90 -34.56
N VAL K 56 -1.32 -30.32 -35.35
CA VAL K 56 -1.49 -29.78 -36.69
C VAL K 56 -1.83 -28.29 -36.62
N GLN K 57 -2.71 -27.92 -35.69
CA GLN K 57 -3.07 -26.51 -35.52
C GLN K 57 -1.85 -25.69 -35.10
N ALA K 58 -1.07 -26.20 -34.15
CA ALA K 58 0.09 -25.46 -33.65
C ALA K 58 1.16 -25.33 -34.73
N TYR K 59 1.41 -26.39 -35.49
CA TYR K 59 2.43 -26.31 -36.54
C TYR K 59 1.96 -25.43 -37.69
N SER K 60 0.65 -25.41 -37.97
CA SER K 60 0.13 -24.57 -39.04
C SER K 60 0.33 -23.09 -38.74
N LYS K 61 0.15 -22.70 -37.48
CA LYS K 61 0.35 -21.29 -37.11
C LYS K 61 1.82 -20.92 -37.10
N PHE K 62 2.68 -21.83 -36.64
CA PHE K 62 4.10 -21.53 -36.53
C PHE K 62 4.76 -21.46 -37.91
N ALA K 63 4.43 -22.40 -38.79
CA ALA K 63 5.13 -22.57 -40.05
C ALA K 63 4.32 -22.16 -41.27
N ASP K 64 3.06 -21.77 -41.09
CA ASP K 64 2.18 -21.35 -42.20
C ASP K 64 2.03 -22.46 -43.24
N ASP K 65 2.05 -23.71 -42.81
CA ASP K 65 1.84 -24.84 -43.71
C ASP K 65 1.49 -26.07 -42.89
N ASN K 66 0.75 -26.98 -43.51
CA ASN K 66 0.34 -28.21 -42.84
C ASN K 66 1.50 -29.19 -42.76
N PRO K 67 1.58 -29.96 -41.68
CA PRO K 67 2.59 -31.02 -41.62
C PRO K 67 2.31 -32.11 -42.63
N ARG K 68 3.38 -32.70 -43.16
CA ARG K 68 3.28 -33.78 -44.12
C ARG K 68 4.18 -34.92 -43.69
N HIS K 69 3.73 -36.15 -43.95
CA HIS K 69 4.48 -37.33 -43.52
C HIS K 69 5.79 -37.46 -44.30
N LEU K 70 5.76 -37.16 -45.60
CA LEU K 70 6.97 -37.33 -46.41
C LEU K 70 7.93 -36.17 -46.23
N ARG K 71 7.42 -34.96 -46.02
CA ARG K 71 8.28 -33.80 -45.85
C ARG K 71 8.77 -33.72 -44.40
N VAL K 72 9.81 -32.91 -44.20
CA VAL K 72 10.43 -32.76 -42.90
C VAL K 72 9.89 -31.51 -42.22
N LYS K 73 9.90 -31.52 -40.88
CA LYS K 73 9.33 -30.44 -40.09
C LYS K 73 10.46 -29.49 -39.67
N THR K 74 10.79 -28.57 -40.57
CA THR K 74 11.81 -27.57 -40.28
C THR K 74 11.28 -26.48 -39.35
N GLY K 75 10.02 -26.11 -39.50
CA GLY K 75 9.43 -25.01 -38.76
C GLY K 75 9.03 -23.83 -39.63
N GLY K 76 9.32 -23.89 -40.93
CA GLY K 76 8.89 -22.85 -41.85
C GLY K 76 9.80 -21.66 -41.89
N LYS K 77 9.25 -20.54 -42.36
CA LYS K 77 10.01 -19.30 -42.47
C LYS K 77 10.35 -18.73 -41.10
N MET K 78 9.52 -19.00 -40.09
CA MET K 78 9.80 -18.52 -38.75
C MET K 78 11.07 -19.16 -38.20
N ALA K 79 11.29 -20.45 -38.50
CA ALA K 79 12.51 -21.11 -38.06
C ALA K 79 13.74 -20.48 -38.71
N ASN K 80 13.66 -20.18 -40.00
CA ASN K 80 14.79 -19.57 -40.69
C ASN K 80 15.08 -18.17 -40.15
N ALA K 81 14.03 -17.38 -39.92
CA ALA K 81 14.22 -16.04 -39.39
C ALA K 81 14.79 -16.07 -37.97
N LEU K 82 14.32 -17.00 -37.14
CA LEU K 82 14.80 -17.09 -35.77
C LEU K 82 16.28 -17.46 -35.73
N THR K 83 16.70 -18.36 -36.62
CA THR K 83 18.11 -18.72 -36.68
C THR K 83 18.96 -17.54 -37.16
N ASN K 84 18.45 -16.79 -38.13
CA ASN K 84 19.23 -15.70 -38.71
C ASN K 84 19.41 -14.55 -37.72
N VAL K 85 18.36 -14.21 -36.97
CA VAL K 85 18.48 -13.13 -36.00
C VAL K 85 19.43 -13.51 -34.87
N ILE K 86 19.47 -14.79 -34.49
CA ILE K 86 20.41 -15.24 -33.46
C ILE K 86 21.84 -15.02 -33.92
N ARG K 87 22.12 -15.33 -35.18
CA ARG K 87 23.46 -15.12 -35.73
C ARG K 87 23.84 -13.64 -35.69
N SER K 88 22.89 -12.76 -36.02
CA SER K 88 23.19 -11.34 -36.07
C SER K 88 23.39 -10.77 -34.67
N TYR K 89 22.72 -11.33 -33.66
CA TYR K 89 22.84 -10.79 -32.31
C TYR K 89 24.23 -11.04 -31.74
N TYR K 90 24.84 -12.17 -32.08
CA TYR K 90 26.10 -12.56 -31.44
C TYR K 90 27.23 -11.61 -31.80
N SER K 91 27.41 -11.35 -33.09
CA SER K 91 28.55 -10.55 -33.56
C SER K 91 28.07 -9.52 -34.57
N ILE K 92 28.83 -8.42 -34.65
CA ILE K 92 28.52 -7.36 -35.61
C ILE K 92 28.95 -7.72 -37.02
N ASN K 93 29.73 -8.80 -37.18
CA ASN K 93 30.17 -9.24 -38.50
C ASN K 93 29.18 -10.19 -39.16
N ALA K 94 28.07 -10.49 -38.50
CA ALA K 94 27.08 -11.40 -39.08
C ALA K 94 26.33 -10.72 -40.23
N PRO K 95 25.82 -11.51 -41.18
CA PRO K 95 25.20 -10.91 -42.37
C PRO K 95 23.98 -10.05 -42.09
N ALA K 96 23.08 -10.47 -41.20
CA ALA K 96 21.85 -9.74 -40.90
C ALA K 96 21.02 -9.54 -42.17
N ILE K 97 20.56 -10.66 -42.72
CA ILE K 97 19.99 -10.71 -44.06
C ILE K 97 18.46 -10.63 -44.05
N VAL K 98 17.83 -11.06 -42.97
CA VAL K 98 16.36 -11.16 -42.98
C VAL K 98 15.75 -9.77 -43.10
N PRO K 99 14.84 -9.54 -44.04
CA PRO K 99 14.31 -8.20 -44.27
C PRO K 99 13.26 -7.81 -43.23
N GLN K 100 12.90 -6.52 -43.26
CA GLN K 100 11.93 -6.01 -42.30
C GLN K 100 10.52 -6.51 -42.58
N VAL K 101 10.15 -6.65 -43.86
CA VAL K 101 8.80 -7.08 -44.20
C VAL K 101 8.53 -8.47 -43.65
N GLU K 102 9.57 -9.29 -43.53
CA GLU K 102 9.41 -10.61 -42.91
C GLU K 102 9.26 -10.47 -41.40
N ILE K 103 9.98 -9.54 -40.79
CA ILE K 103 9.92 -9.35 -39.34
C ILE K 103 8.53 -8.86 -38.94
N ASP K 104 8.00 -7.88 -39.66
CA ASP K 104 6.69 -7.34 -39.32
C ASP K 104 5.60 -8.38 -39.53
N ARG K 105 5.69 -9.16 -40.60
CA ARG K 105 4.65 -10.15 -40.88
C ARG K 105 4.61 -11.26 -39.84
N LEU K 106 5.74 -11.51 -39.17
CA LEU K 106 5.78 -12.57 -38.16
C LEU K 106 5.43 -12.04 -36.78
N ALA K 107 5.60 -10.73 -36.54
CA ALA K 107 5.20 -10.15 -35.28
C ALA K 107 3.69 -9.98 -35.19
N SER K 108 3.00 -10.01 -36.33
CA SER K 108 1.55 -9.83 -36.34
C SER K 108 0.78 -11.11 -36.06
N LYS K 109 1.47 -12.23 -35.89
CA LYS K 109 0.77 -13.49 -35.64
C LYS K 109 0.13 -13.51 -34.25
N ALA K 110 0.80 -12.93 -33.26
CA ALA K 110 0.27 -12.82 -31.91
C ALA K 110 0.42 -11.38 -31.45
N THR K 111 -0.33 -11.04 -30.40
CA THR K 111 -0.34 -9.68 -29.85
C THR K 111 0.34 -9.71 -28.49
N VAL K 112 1.66 -9.51 -28.49
CA VAL K 112 2.45 -9.44 -27.27
C VAL K 112 3.38 -8.24 -27.37
N SER K 113 3.45 -7.47 -26.28
CA SER K 113 4.33 -6.31 -26.24
C SER K 113 5.79 -6.76 -26.23
N GLY K 114 6.66 -5.91 -26.78
CA GLY K 114 8.07 -6.22 -26.86
C GLY K 114 8.86 -5.63 -25.72
N ASP K 115 8.19 -5.37 -24.60
CA ASP K 115 8.85 -4.79 -23.44
C ASP K 115 9.92 -5.73 -22.90
N MET K 116 11.12 -5.20 -22.68
CA MET K 116 12.25 -5.97 -22.20
C MET K 116 12.78 -5.45 -20.88
N TYR K 117 11.97 -4.69 -20.13
CA TYR K 117 12.43 -4.06 -18.90
C TYR K 117 11.40 -4.18 -17.77
N ASN K 118 10.45 -5.10 -17.89
CA ASN K 118 9.39 -5.21 -16.89
C ASN K 118 9.73 -6.17 -15.75
N SER K 119 10.88 -6.83 -15.80
CA SER K 119 11.29 -7.73 -14.74
C SER K 119 12.81 -7.69 -14.63
N TYR K 120 13.36 -8.63 -13.86
CA TYR K 120 14.81 -8.72 -13.67
C TYR K 120 15.20 -10.17 -13.45
N ALA K 121 16.49 -10.44 -13.61
CA ALA K 121 17.04 -11.76 -13.34
C ALA K 121 18.41 -11.60 -12.69
N ILE K 122 18.78 -12.59 -11.88
CA ILE K 122 20.05 -12.59 -11.17
C ILE K 122 21.02 -13.51 -11.89
N PHE K 123 22.20 -13.00 -12.21
CA PHE K 123 23.23 -13.75 -12.91
C PHE K 123 24.42 -13.93 -11.96
N ASN K 124 24.72 -15.18 -11.64
CA ASN K 124 25.73 -15.50 -10.63
C ASN K 124 27.07 -15.79 -11.30
N SER K 125 27.65 -14.73 -11.86
CA SER K 125 29.00 -14.76 -12.39
C SER K 125 29.85 -13.77 -11.61
N VAL K 126 31.09 -14.15 -11.33
CA VAL K 126 31.97 -13.38 -10.44
C VAL K 126 32.92 -12.56 -11.31
N PRO K 127 32.76 -11.25 -11.39
CA PRO K 127 33.71 -10.41 -12.14
C PRO K 127 34.91 -10.03 -11.28
N ILE K 128 36.08 -10.52 -11.65
CA ILE K 128 37.33 -10.17 -11.00
C ILE K 128 38.16 -9.42 -12.04
N VAL K 129 38.08 -8.09 -12.02
CA VAL K 129 38.73 -7.28 -13.04
C VAL K 129 40.25 -7.43 -12.96
N GLU K 130 40.81 -7.32 -11.76
CA GLU K 130 42.25 -7.42 -11.60
C GLU K 130 42.58 -7.78 -10.16
N VAL K 131 43.61 -8.62 -9.96
CA VAL K 131 44.10 -8.94 -8.59
C VAL K 131 45.59 -8.59 -8.56
N LEU K 132 45.93 -7.38 -8.14
CA LEU K 132 47.34 -6.94 -8.12
C LEU K 132 48.08 -7.68 -7.01
N SER K 133 49.27 -8.22 -7.33
CA SER K 133 50.02 -9.05 -6.34
C SER K 133 51.48 -8.59 -6.29
N PRO K 134 52.18 -8.52 -5.12
CA PRO K 134 53.61 -8.16 -5.13
C PRO K 134 54.50 -9.30 -5.63
N ALA K 135 55.82 -9.08 -5.64
CA ALA K 135 56.77 -10.11 -6.10
C ALA K 135 56.80 -11.26 -5.09
N ARG K 136 57.12 -12.47 -5.56
CA ARG K 136 57.24 -13.63 -4.65
C ARG K 136 55.85 -14.17 -4.25
N THR K 137 54.78 -13.46 -4.62
CA THR K 137 53.43 -13.96 -4.29
C THR K 137 52.76 -14.43 -5.59
N THR K 138 52.21 -15.65 -5.61
CA THR K 138 51.63 -16.21 -6.85
C THR K 138 50.10 -16.29 -6.71
N VAL K 139 49.36 -15.64 -7.61
CA VAL K 139 47.87 -15.62 -7.52
C VAL K 139 47.28 -16.33 -8.75
N SER K 140 46.34 -17.26 -8.55
CA SER K 140 45.66 -17.95 -9.68
C SER K 140 44.14 -17.82 -9.53
N ILE K 141 43.45 -17.38 -10.59
CA ILE K 141 41.95 -17.28 -10.54
C ILE K 141 41.36 -18.41 -11.39
N VAL K 142 40.56 -19.29 -10.78
CA VAL K 142 39.92 -20.39 -11.50
C VAL K 142 38.42 -20.29 -11.32
N GLY K 143 37.68 -20.40 -12.41
CA GLY K 143 36.24 -20.50 -12.35
C GLY K 143 35.54 -19.17 -12.59
N SER K 144 34.28 -19.26 -13.01
CA SER K 144 33.43 -18.10 -13.23
C SER K 144 32.23 -18.07 -12.29
N ASP K 145 31.46 -19.16 -12.23
CA ASP K 145 30.34 -19.23 -11.30
C ASP K 145 30.82 -19.17 -9.85
N ARG K 146 31.89 -19.90 -9.54
CA ARG K 146 32.55 -19.81 -8.25
C ARG K 146 34.04 -19.63 -8.50
N ALA K 147 34.55 -18.45 -8.20
CA ALA K 147 35.94 -18.08 -8.47
C ALA K 147 36.78 -18.42 -7.25
N ASP K 148 37.70 -19.37 -7.41
CA ASP K 148 38.63 -19.72 -6.35
C ASP K 148 39.97 -19.06 -6.63
N VAL K 149 40.42 -18.23 -5.70
CA VAL K 149 41.68 -17.50 -5.82
C VAL K 149 42.67 -18.14 -4.87
N THR K 150 43.76 -18.67 -5.42
CA THR K 150 44.79 -19.33 -4.64
C THR K 150 46.04 -18.45 -4.61
N MET K 151 46.45 -18.05 -3.41
CA MET K 151 47.59 -17.18 -3.22
C MET K 151 48.52 -17.75 -2.16
N LEU K 152 49.83 -17.65 -2.42
CA LEU K 152 50.83 -18.00 -1.42
C LEU K 152 52.05 -17.11 -1.63
N ASN K 153 52.71 -16.78 -0.52
CA ASN K 153 53.87 -15.90 -0.54
C ASN K 153 55.10 -16.64 -0.05
N THR K 154 56.19 -16.52 -0.81
CA THR K 154 57.47 -17.09 -0.42
C THR K 154 58.39 -16.07 0.23
N GLY K 155 57.93 -14.84 0.44
CA GLY K 155 58.76 -13.82 1.03
C GLY K 155 58.82 -13.90 2.55
N ALA K 156 59.64 -13.02 3.12
CA ALA K 156 59.83 -13.03 4.57
C ALA K 156 58.61 -12.46 5.29
N GLY K 157 58.07 -11.33 4.81
CA GLY K 157 56.99 -10.67 5.49
C GLY K 157 55.63 -10.87 4.81
N ALA K 158 54.59 -10.43 5.50
CA ALA K 158 53.24 -10.49 4.96
C ALA K 158 53.08 -9.49 3.82
N ALA K 159 52.25 -9.86 2.85
CA ALA K 159 52.03 -9.05 1.66
C ALA K 159 50.58 -8.56 1.62
N ASN K 160 50.36 -7.53 0.80
CA ASN K 160 49.05 -6.95 0.59
C ASN K 160 48.61 -7.25 -0.84
N ILE K 161 47.43 -7.83 -0.99
CA ILE K 161 46.88 -8.21 -2.28
C ILE K 161 45.64 -7.37 -2.54
N THR K 162 45.61 -6.67 -3.67
CA THR K 162 44.53 -5.76 -4.01
C THR K 162 43.51 -6.46 -4.89
N PHE K 163 42.24 -6.37 -4.52
CA PHE K 163 41.14 -7.00 -5.25
C PHE K 163 40.26 -5.92 -5.84
N ASN K 164 39.90 -6.10 -7.12
CA ASN K 164 38.98 -5.21 -7.82
C ASN K 164 37.87 -6.06 -8.42
N PHE K 165 36.63 -5.80 -8.02
CA PHE K 165 35.48 -6.57 -8.48
C PHE K 165 34.60 -5.79 -9.45
N GLY K 166 35.07 -4.63 -9.93
CA GLY K 166 34.29 -3.83 -10.84
C GLY K 166 33.28 -2.95 -10.13
N GLN K 167 32.46 -2.28 -10.94
CA GLN K 167 31.44 -1.37 -10.43
C GLN K 167 30.03 -1.78 -10.85
N ILE K 168 29.86 -3.00 -11.35
CA ILE K 168 28.58 -3.47 -11.85
C ILE K 168 27.90 -4.44 -10.89
N ALA K 169 28.66 -5.38 -10.33
CA ALA K 169 28.09 -6.36 -9.42
C ALA K 169 27.53 -5.68 -8.18
N GLU K 170 26.44 -6.22 -7.66
CA GLU K 170 25.76 -5.62 -6.51
C GLU K 170 26.41 -6.06 -5.20
N THR K 171 26.46 -7.37 -4.96
CA THR K 171 27.07 -7.92 -3.76
C THR K 171 28.03 -9.04 -4.14
N VAL K 172 29.12 -9.13 -3.38
CA VAL K 172 30.09 -10.21 -3.52
C VAL K 172 30.32 -10.80 -2.14
N ILE K 173 30.06 -12.10 -1.99
CA ILE K 173 30.29 -12.82 -0.75
C ILE K 173 31.60 -13.58 -0.89
N LEU K 174 32.50 -13.36 0.05
CA LEU K 174 33.90 -13.75 -0.11
C LEU K 174 34.26 -14.71 1.02
N LYS K 175 34.46 -15.98 0.69
CA LYS K 175 34.74 -17.02 1.67
C LYS K 175 36.15 -17.56 1.48
N GLY K 176 36.88 -17.72 2.58
CA GLY K 176 38.23 -18.25 2.55
C GLY K 176 38.35 -19.60 3.21
N SER K 177 39.39 -20.34 2.82
CA SER K 177 39.64 -21.65 3.42
C SER K 177 39.98 -21.52 4.90
N VAL K 178 40.78 -20.53 5.26
CA VAL K 178 41.12 -20.25 6.64
C VAL K 178 40.76 -18.80 6.92
N PRO K 179 40.53 -18.43 8.19
CA PRO K 179 40.20 -17.03 8.49
C PRO K 179 41.28 -16.08 8.01
N PHE K 180 40.84 -14.96 7.44
CA PHE K 180 41.74 -13.97 6.86
C PHE K 180 41.19 -12.58 7.09
N GLN K 181 42.07 -11.59 7.02
CA GLN K 181 41.71 -10.20 7.26
C GLN K 181 41.59 -9.47 5.93
N LEU K 182 40.50 -8.74 5.76
CA LEU K 182 40.26 -7.96 4.55
C LEU K 182 39.61 -6.65 4.93
N ALA K 183 40.08 -5.56 4.33
CA ALA K 183 39.55 -4.24 4.61
C ALA K 183 39.68 -3.37 3.37
N ARG K 184 38.87 -2.32 3.33
CA ARG K 184 38.90 -1.38 2.22
C ARG K 184 40.13 -0.48 2.31
N LEU K 185 40.36 0.29 1.26
CA LEU K 185 41.47 1.23 1.23
C LEU K 185 41.31 2.27 2.33
N ASN K 186 42.41 2.57 3.01
CA ASN K 186 42.45 3.56 4.09
C ASN K 186 41.44 3.22 5.19
N GLN K 187 41.45 1.97 5.63
CA GLN K 187 40.61 1.52 6.72
C GLN K 187 41.39 0.53 7.59
N PRO K 188 41.11 0.49 8.89
CA PRO K 188 41.80 -0.47 9.75
C PRO K 188 41.46 -1.91 9.39
N MET K 189 42.44 -2.79 9.56
CA MET K 189 42.23 -4.21 9.28
C MET K 189 41.51 -4.86 10.46
N PRO K 190 40.48 -5.66 10.21
CA PRO K 190 39.72 -6.27 11.29
C PRO K 190 40.34 -7.62 11.69
N ALA K 191 39.72 -8.25 12.67
CA ALA K 191 40.13 -9.58 13.09
C ALA K 191 39.82 -10.59 12.00
N ALA K 192 40.65 -11.63 11.91
CA ALA K 192 40.48 -12.63 10.88
C ALA K 192 39.15 -13.35 11.03
N ARG K 193 38.44 -13.51 9.91
CA ARG K 193 37.14 -14.16 9.92
C ARG K 193 36.94 -14.89 8.60
N PHE K 194 36.01 -15.85 8.61
CA PHE K 194 35.88 -16.75 7.48
C PHE K 194 35.26 -16.07 6.26
N THR K 195 34.18 -15.31 6.46
CA THR K 195 33.37 -14.82 5.36
C THR K 195 33.29 -13.30 5.39
N TYR K 196 33.13 -12.71 4.20
CA TYR K 196 32.98 -11.27 4.04
C TYR K 196 31.90 -10.99 3.02
N LYS K 197 31.08 -9.98 3.30
CA LYS K 197 30.09 -9.49 2.36
C LYS K 197 30.49 -8.09 1.91
N LEU K 198 30.57 -7.88 0.60
CA LEU K 198 31.14 -6.66 0.06
C LEU K 198 30.29 -6.12 -1.05
N ARG K 199 30.19 -4.79 -1.12
CA ARG K 199 29.67 -4.10 -2.29
C ARG K 199 30.83 -3.74 -3.19
N PRO K 200 30.87 -4.20 -4.44
CA PRO K 200 32.02 -3.89 -5.30
C PRO K 200 32.21 -2.40 -5.56
N LEU K 201 31.21 -1.57 -5.28
CA LEU K 201 31.30 -0.16 -5.62
C LEU K 201 32.24 0.61 -4.71
N ASP K 202 32.38 0.20 -3.45
CA ASP K 202 33.09 1.03 -2.47
C ASP K 202 34.60 0.78 -2.49
N GLY K 203 35.20 0.89 -3.67
CA GLY K 203 36.64 0.91 -3.79
C GLY K 203 37.29 -0.46 -3.75
N PRO K 204 38.58 -0.50 -4.08
CA PRO K 204 39.31 -1.76 -4.03
C PRO K 204 39.52 -2.24 -2.60
N PHE K 205 39.74 -3.55 -2.48
CA PHE K 205 39.90 -4.19 -1.18
C PHE K 205 41.28 -4.82 -1.08
N ILE K 206 41.81 -4.86 0.14
CA ILE K 206 43.14 -5.40 0.42
C ILE K 206 42.99 -6.57 1.38
N VAL K 207 43.64 -7.68 1.07
CA VAL K 207 43.66 -8.87 1.90
C VAL K 207 45.09 -9.13 2.34
N VAL K 208 45.28 -9.32 3.64
CA VAL K 208 46.61 -9.59 4.20
C VAL K 208 46.91 -11.06 4.03
N LEU K 209 48.04 -11.37 3.39
CA LEU K 209 48.43 -12.74 3.11
C LEU K 209 49.60 -13.13 4.00
N PRO K 210 49.40 -13.95 5.03
CA PRO K 210 50.53 -14.34 5.89
C PRO K 210 51.41 -15.38 5.22
N VAL K 211 52.65 -15.47 5.71
CA VAL K 211 53.59 -16.45 5.17
C VAL K 211 53.25 -17.83 5.70
N GLY K 212 53.30 -18.83 4.83
CA GLY K 212 53.02 -20.19 5.22
C GLY K 212 52.21 -20.97 4.21
N ASN K 213 51.16 -21.65 4.68
CA ASN K 213 50.33 -22.43 3.79
C ASN K 213 49.53 -21.50 2.86
N PRO K 214 49.21 -21.96 1.66
CA PRO K 214 48.44 -21.10 0.74
C PRO K 214 47.04 -20.85 1.26
N LEU K 215 46.51 -19.68 0.90
CA LEU K 215 45.16 -19.28 1.27
C LEU K 215 44.29 -19.29 0.02
N VAL K 216 43.23 -20.10 0.03
CA VAL K 216 42.32 -20.23 -1.10
C VAL K 216 41.02 -19.53 -0.71
N ILE K 217 40.60 -18.58 -1.55
CA ILE K 217 39.44 -17.75 -1.27
C ILE K 217 38.42 -17.93 -2.38
N SER K 218 37.19 -18.26 -2.00
CA SER K 218 36.11 -18.50 -2.95
C SER K 218 35.20 -17.27 -3.02
N ALA K 219 34.84 -16.86 -4.23
CA ALA K 219 34.03 -15.68 -4.45
C ALA K 219 32.71 -16.04 -5.12
N THR K 220 31.63 -15.40 -4.69
CA THR K 220 30.31 -15.56 -5.29
C THR K 220 29.68 -14.18 -5.41
N ALA K 221 29.15 -13.87 -6.59
CA ALA K 221 28.58 -12.56 -6.87
C ALA K 221 27.19 -12.72 -7.50
N ALA K 222 26.37 -11.69 -7.32
CA ALA K 222 25.03 -11.64 -7.90
C ALA K 222 24.80 -10.27 -8.51
N THR K 223 24.27 -10.25 -9.74
CA THR K 223 24.01 -9.02 -10.45
C THR K 223 22.60 -9.06 -11.02
N ARG K 224 21.86 -7.97 -10.88
CA ARG K 224 20.49 -7.88 -11.36
C ARG K 224 20.46 -7.13 -12.69
N ILE K 225 19.88 -7.77 -13.70
CA ILE K 225 19.75 -7.20 -15.03
C ILE K 225 18.30 -7.25 -15.45
N GLN K 226 17.80 -6.14 -15.99
CA GLN K 226 16.40 -6.07 -16.39
C GLN K 226 16.14 -6.99 -17.58
N VAL K 227 15.14 -7.85 -17.45
CA VAL K 227 14.79 -8.84 -18.47
C VAL K 227 13.28 -8.90 -18.61
N PRO K 228 12.80 -9.44 -19.73
CA PRO K 228 11.35 -9.57 -19.91
C PRO K 228 10.74 -10.53 -18.90
N LEU K 229 9.41 -10.46 -18.81
CA LEU K 229 8.68 -11.32 -17.88
C LEU K 229 8.84 -12.79 -18.24
N ALA K 230 8.81 -13.11 -19.53
CA ALA K 230 8.86 -14.49 -19.99
C ALA K 230 10.27 -15.09 -19.94
N PHE K 231 11.24 -14.36 -19.41
CA PHE K 231 12.60 -14.88 -19.30
C PHE K 231 12.64 -16.11 -18.40
N ASN K 232 13.41 -17.12 -18.82
CA ASN K 232 13.59 -18.35 -18.06
C ASN K 232 15.03 -18.79 -18.21
N LYS K 233 15.79 -18.73 -17.12
CA LYS K 233 17.22 -19.02 -17.19
C LYS K 233 17.47 -20.48 -17.55
N ALA K 234 16.57 -21.38 -17.13
CA ALA K 234 16.73 -22.79 -17.49
C ALA K 234 16.63 -22.99 -18.99
N LEU K 235 15.68 -22.32 -19.64
CA LEU K 235 15.51 -22.47 -21.08
C LEU K 235 16.59 -21.73 -21.85
N VAL K 236 16.98 -20.53 -21.36
CA VAL K 236 17.97 -19.73 -22.07
C VAL K 236 19.31 -20.44 -22.11
N GLU K 237 19.73 -21.02 -20.99
CA GLU K 237 21.01 -21.72 -20.94
C GLU K 237 21.01 -22.93 -21.87
N SER K 238 19.89 -23.65 -21.93
CA SER K 238 19.80 -24.79 -22.85
C SER K 238 19.88 -24.32 -24.30
N GLY K 239 19.23 -23.21 -24.63
CA GLY K 239 19.30 -22.69 -25.99
C GLY K 239 20.70 -22.22 -26.35
N PHE K 240 21.42 -21.66 -25.38
CA PHE K 240 22.79 -21.19 -25.65
C PHE K 240 23.68 -22.35 -26.06
N GLN K 241 23.57 -23.49 -25.38
CA GLN K 241 24.38 -24.65 -25.73
C GLN K 241 23.99 -25.20 -27.10
N THR K 242 22.70 -25.26 -27.39
CA THR K 242 22.25 -25.79 -28.67
C THR K 242 22.72 -24.93 -29.83
N ALA K 243 22.62 -23.61 -29.71
CA ALA K 243 23.07 -22.72 -30.78
C ALA K 243 24.57 -22.84 -31.00
N MET K 244 25.35 -22.96 -29.92
CA MET K 244 26.78 -23.18 -30.04
C MET K 244 27.07 -24.52 -30.69
N ASN K 245 26.30 -25.55 -30.34
CA ASN K 245 26.49 -26.87 -30.94
C ASN K 245 26.11 -26.86 -32.42
N ASP K 246 25.15 -26.04 -32.80
CA ASP K 246 24.63 -26.00 -34.15
C ASP K 246 25.42 -25.08 -35.08
N GLY K 247 26.47 -24.43 -34.57
CA GLY K 247 27.28 -23.56 -35.39
C GLY K 247 26.71 -22.19 -35.66
N LEU K 248 25.68 -21.78 -34.93
CA LEU K 248 25.12 -20.44 -35.14
C LEU K 248 26.10 -19.36 -34.69
N PHE K 249 27.04 -19.69 -33.82
CA PHE K 249 28.00 -18.73 -33.29
C PHE K 249 29.37 -18.82 -33.95
N ASP K 250 29.50 -19.57 -35.05
CA ASP K 250 30.79 -19.75 -35.72
C ASP K 250 31.01 -18.57 -36.67
N ILE K 251 31.48 -17.47 -36.09
CA ILE K 251 31.81 -16.27 -36.84
C ILE K 251 33.22 -15.85 -36.45
N GLN K 252 33.99 -15.39 -37.44
CA GLN K 252 35.39 -15.07 -37.22
C GLN K 252 35.55 -13.88 -36.27
N ASN K 253 36.63 -13.90 -35.50
CA ASN K 253 37.00 -12.82 -34.59
C ASN K 253 35.94 -12.60 -33.51
N VAL K 254 35.55 -13.69 -32.85
CA VAL K 254 34.63 -13.63 -31.72
C VAL K 254 35.18 -14.50 -30.60
N ASN K 255 34.68 -14.25 -29.39
CA ASN K 255 34.99 -15.03 -28.21
C ASN K 255 33.84 -16.00 -27.90
N TYR K 256 34.17 -17.04 -27.15
CA TYR K 256 33.21 -18.08 -26.79
C TYR K 256 33.14 -18.22 -25.28
N TYR K 257 31.97 -18.56 -24.77
CA TYR K 257 31.73 -18.60 -23.34
C TYR K 257 31.06 -19.93 -22.97
N SER K 258 31.33 -20.38 -21.75
CA SER K 258 30.77 -21.64 -21.28
C SER K 258 29.26 -21.58 -21.15
N SER K 259 28.73 -20.46 -20.64
CA SER K 259 27.30 -20.33 -20.38
C SER K 259 26.86 -18.90 -20.71
N PHE K 260 25.56 -18.69 -20.67
CA PHE K 260 24.99 -17.41 -21.07
C PHE K 260 25.31 -16.31 -20.05
N ASP K 261 25.36 -16.67 -18.76
CA ASP K 261 25.62 -15.66 -17.75
C ASP K 261 27.03 -15.10 -17.88
N GLU K 262 27.99 -15.94 -18.27
CA GLU K 262 29.33 -15.44 -18.53
C GLU K 262 29.32 -14.47 -19.72
N PHE K 263 28.51 -14.76 -20.73
CA PHE K 263 28.43 -13.89 -21.89
C PHE K 263 27.86 -12.52 -21.53
N ILE K 264 26.81 -12.50 -20.71
CA ILE K 264 26.13 -11.23 -20.42
C ILE K 264 26.95 -10.38 -19.45
N ILE K 265 27.75 -11.01 -18.58
CA ILE K 265 28.56 -10.24 -17.65
C ILE K 265 29.81 -9.72 -18.34
N SER K 266 30.38 -10.50 -19.26
CA SER K 266 31.54 -10.05 -20.02
C SER K 266 31.22 -8.83 -20.86
N GLN K 267 30.05 -8.84 -21.53
CA GLN K 267 29.66 -7.70 -22.34
C GLN K 267 29.27 -6.51 -21.46
N TYR K 268 28.77 -6.78 -20.25
CA TYR K 268 28.45 -5.70 -19.31
C TYR K 268 29.71 -4.96 -18.87
N HIS K 269 30.85 -5.65 -18.83
CA HIS K 269 32.08 -5.08 -18.30
C HIS K 269 33.00 -4.52 -19.38
N ALA K 270 32.45 -4.17 -20.54
CA ALA K 270 33.23 -3.56 -21.61
C ALA K 270 33.45 -2.08 -21.27
N GLN K 271 34.00 -1.33 -22.23
CA GLN K 271 34.21 0.10 -22.00
C GLN K 271 32.89 0.82 -21.79
N ASP K 272 31.88 0.51 -22.60
CA ASP K 272 30.51 0.99 -22.43
C ASP K 272 29.62 -0.23 -22.51
N GLY K 273 29.41 -0.89 -21.36
CA GLY K 273 28.73 -2.17 -21.33
C GLY K 273 27.22 -2.08 -21.33
N ILE K 274 26.68 -0.94 -20.89
CA ILE K 274 25.22 -0.79 -20.84
C ILE K 274 24.62 -0.79 -22.24
N ASN K 275 25.42 -0.51 -23.28
CA ASN K 275 24.92 -0.61 -24.64
C ASN K 275 24.56 -2.04 -25.00
N ARG K 276 25.39 -3.00 -24.60
CA ARG K 276 25.26 -4.37 -25.05
C ARG K 276 24.28 -5.20 -24.21
N VAL K 277 23.92 -4.72 -23.03
CA VAL K 277 23.06 -5.51 -22.14
C VAL K 277 21.70 -5.73 -22.79
N SER K 278 21.11 -4.68 -23.37
CA SER K 278 19.81 -4.82 -24.00
C SER K 278 19.86 -5.77 -25.18
N THR K 279 20.90 -5.67 -26.01
CA THR K 279 21.04 -6.60 -27.13
C THR K 279 21.24 -8.03 -26.63
N CYS K 280 22.02 -8.20 -25.58
CA CYS K 280 22.24 -9.53 -25.02
C CYS K 280 20.95 -10.11 -24.44
N VAL K 281 20.14 -9.27 -23.82
CA VAL K 281 18.88 -9.73 -23.23
C VAL K 281 17.94 -10.23 -24.33
N ILE K 282 17.86 -9.49 -25.43
CA ILE K 282 17.02 -9.92 -26.55
C ILE K 282 17.53 -11.24 -27.13
N LEU K 283 18.86 -11.41 -27.16
CA LEU K 283 19.43 -12.67 -27.62
C LEU K 283 19.03 -13.81 -26.70
N GLY K 284 18.94 -13.56 -25.39
CA GLY K 284 18.54 -14.60 -24.46
C GLY K 284 17.12 -15.08 -24.70
N LEU K 285 16.20 -14.16 -24.95
CA LEU K 285 14.82 -14.55 -25.23
C LEU K 285 14.71 -15.30 -26.54
N ALA K 286 15.53 -14.93 -27.53
CA ALA K 286 15.55 -15.66 -28.80
C ALA K 286 16.07 -17.08 -28.60
N LEU K 287 17.08 -17.26 -27.76
CA LEU K 287 17.60 -18.59 -27.49
C LEU K 287 16.58 -19.44 -26.75
N GLN K 288 15.78 -18.82 -25.87
CA GLN K 288 14.72 -19.55 -25.19
C GLN K 288 13.67 -20.03 -26.20
N ALA K 289 13.33 -19.19 -27.17
CA ALA K 289 12.42 -19.61 -28.23
C ALA K 289 13.06 -20.67 -29.12
N TYR K 290 14.36 -20.52 -29.40
CA TYR K 290 15.06 -21.49 -30.23
C TYR K 290 15.11 -22.86 -29.57
N ASP K 291 15.35 -22.90 -28.26
CA ASP K 291 15.42 -24.17 -27.55
C ASP K 291 14.08 -24.90 -27.59
N GLN K 292 12.98 -24.17 -27.36
CA GLN K 292 11.67 -24.80 -27.33
C GLN K 292 11.27 -25.29 -28.72
N MET K 293 11.60 -24.52 -29.76
CA MET K 293 11.23 -24.92 -31.11
C MET K 293 12.03 -26.13 -31.57
N ARG K 294 13.33 -26.15 -31.29
CA ARG K 294 14.17 -27.24 -31.76
C ARG K 294 13.88 -28.54 -31.04
N ARG K 295 13.51 -28.48 -29.75
CA ARG K 295 13.13 -29.69 -29.04
C ARG K 295 11.83 -30.28 -29.58
N ALA K 296 10.91 -29.43 -30.03
CA ALA K 296 9.69 -29.93 -30.64
C ALA K 296 9.92 -30.40 -32.07
N LEU K 297 10.87 -29.76 -32.77
CA LEU K 297 11.16 -30.08 -34.17
C LEU K 297 12.65 -30.32 -34.33
N PRO K 298 13.14 -31.49 -33.92
CA PRO K 298 14.57 -31.78 -34.08
C PRO K 298 14.96 -31.94 -35.54
N VAL K 299 16.22 -31.65 -35.83
CA VAL K 299 16.75 -31.77 -37.19
C VAL K 299 18.06 -32.54 -37.16
N ALA L 2 33.63 -78.72 47.99
CA ALA L 2 32.82 -77.92 47.09
C ALA L 2 31.88 -77.01 47.88
N ASN L 3 31.41 -75.95 47.21
CA ASN L 3 30.51 -74.99 47.81
C ASN L 3 29.19 -74.97 47.04
N ARG L 4 28.09 -74.83 47.75
CA ARG L 4 26.76 -74.82 47.16
C ARG L 4 26.08 -73.48 47.42
N ALA L 5 25.54 -72.89 46.36
CA ALA L 5 24.78 -71.65 46.45
C ALA L 5 23.44 -71.84 45.76
N THR L 6 22.41 -71.21 46.31
CA THR L 6 21.04 -71.38 45.82
C THR L 6 20.33 -70.04 45.79
N SER L 7 19.28 -69.98 44.98
CA SER L 7 18.47 -68.77 44.88
C SER L 7 17.73 -68.51 46.19
N ALA L 8 17.61 -67.23 46.53
CA ALA L 8 17.04 -66.85 47.82
C ALA L 8 15.56 -67.21 47.90
N PHE L 9 14.79 -66.96 46.85
CA PHE L 9 13.35 -67.14 46.93
C PHE L 9 12.94 -68.60 46.88
N LEU L 10 13.84 -69.50 46.54
CA LEU L 10 13.53 -70.93 46.49
C LEU L 10 13.67 -71.62 47.82
N ASP L 11 14.06 -70.91 48.87
CA ASP L 11 14.36 -71.54 50.16
C ASP L 11 13.10 -71.53 51.01
N ASN L 12 12.75 -72.71 51.54
CA ASN L 12 11.68 -72.94 52.51
C ASN L 12 10.31 -72.40 52.06
N PRO L 13 9.68 -73.02 51.07
CA PRO L 13 8.25 -72.74 50.85
C PRO L 13 7.43 -73.13 52.07
N HIS L 14 6.38 -72.36 52.33
CA HIS L 14 5.52 -72.64 53.46
C HIS L 14 4.17 -73.18 52.99
N PRO L 15 3.50 -73.99 53.81
CA PRO L 15 2.21 -74.55 53.38
C PRO L 15 1.18 -73.46 53.09
N VAL L 16 0.33 -73.74 52.11
CA VAL L 16 -0.59 -72.75 51.58
C VAL L 16 -1.95 -72.79 52.26
N GLY L 17 -2.60 -73.94 52.31
CA GLY L 17 -3.94 -74.02 52.85
C GLY L 17 -4.85 -74.93 52.06
N VAL L 18 -5.69 -75.68 52.75
CA VAL L 18 -6.52 -76.70 52.13
C VAL L 18 -8.00 -76.34 52.16
N ASN L 19 -8.35 -75.17 52.68
CA ASN L 19 -9.73 -74.74 52.72
C ASN L 19 -10.10 -73.92 51.48
N TYR L 20 -11.40 -73.87 51.19
CA TYR L 20 -11.92 -73.11 50.07
C TYR L 20 -11.32 -73.55 48.75
N VAL L 21 -11.19 -74.87 48.56
CA VAL L 21 -10.60 -75.45 47.38
C VAL L 21 -11.65 -76.11 46.49
N ASP L 22 -12.84 -76.39 47.03
CA ASP L 22 -13.85 -77.15 46.32
C ASP L 22 -14.44 -76.35 45.16
N GLU L 23 -15.39 -76.97 44.46
CA GLU L 23 -15.96 -76.35 43.26
C GLU L 23 -16.75 -75.08 43.60
N GLY L 24 -17.54 -75.12 44.67
CA GLY L 24 -18.31 -73.94 45.04
C GLY L 24 -17.43 -72.77 45.44
N SER L 25 -16.33 -73.06 46.13
CA SER L 25 -15.39 -72.00 46.48
C SER L 25 -14.73 -71.41 45.23
N ARG L 26 -14.39 -72.26 44.27
CA ARG L 26 -13.81 -71.78 43.02
C ARG L 26 -14.80 -70.89 42.27
N GLN L 27 -16.09 -71.23 42.32
CA GLN L 27 -17.09 -70.39 41.68
C GLN L 27 -17.20 -69.04 42.39
N PHE L 28 -16.98 -69.02 43.70
CA PHE L 28 -17.06 -67.76 44.43
C PHE L 28 -15.96 -66.80 44.01
N VAL L 29 -14.74 -67.30 43.82
CA VAL L 29 -13.64 -66.43 43.39
C VAL L 29 -13.91 -65.90 41.99
N ALA L 30 -14.43 -66.75 41.11
CA ALA L 30 -14.72 -66.31 39.75
C ALA L 30 -15.83 -65.25 39.73
N VAL L 31 -16.88 -65.45 40.54
CA VAL L 31 -17.96 -64.48 40.55
C VAL L 31 -17.52 -63.18 41.22
N ALA L 32 -16.55 -63.25 42.11
CA ALA L 32 -16.00 -62.03 42.71
C ALA L 32 -15.27 -61.20 41.66
N GLU L 33 -14.52 -61.85 40.78
CA GLU L 33 -13.78 -61.13 39.75
C GLU L 33 -14.71 -60.52 38.72
N LEU L 34 -15.75 -61.26 38.34
CA LEU L 34 -16.69 -60.76 37.33
C LEU L 34 -17.43 -59.51 37.83
N LEU L 35 -17.84 -59.52 39.10
CA LEU L 35 -18.54 -58.38 39.64
C LEU L 35 -17.61 -57.22 39.94
N ALA L 36 -16.37 -57.51 40.33
CA ALA L 36 -15.40 -56.45 40.56
C ALA L 36 -15.05 -55.73 39.27
N SER L 37 -14.96 -56.47 38.16
CA SER L 37 -14.67 -55.85 36.86
C SER L 37 -15.77 -54.88 36.46
N LYS L 38 -17.02 -55.27 36.66
CA LYS L 38 -18.14 -54.38 36.31
C LYS L 38 -18.24 -53.22 37.28
N LEU L 39 -17.72 -53.39 38.50
CA LEU L 39 -17.79 -52.33 39.49
C LEU L 39 -16.83 -51.20 39.16
N ILE L 40 -15.60 -51.54 38.80
CA ILE L 40 -14.61 -50.51 38.48
C ILE L 40 -14.95 -49.84 37.16
N ASP L 41 -15.53 -50.58 36.21
CA ASP L 41 -15.97 -49.98 34.97
C ASP L 41 -17.10 -49.00 35.19
N SER L 42 -18.03 -49.35 36.09
CA SER L 42 -19.15 -48.44 36.38
C SER L 42 -18.66 -47.19 37.10
N SER L 43 -17.71 -47.33 38.02
CA SER L 43 -17.20 -46.17 38.74
C SER L 43 -16.52 -45.20 37.78
N ARG L 44 -15.75 -45.72 36.83
CA ARG L 44 -15.15 -44.87 35.80
C ARG L 44 -16.23 -44.19 34.96
N GLU L 45 -17.27 -44.93 34.59
CA GLU L 45 -18.34 -44.36 33.78
C GLU L 45 -19.10 -43.28 34.55
N SER L 46 -19.35 -43.51 35.83
CA SER L 46 -20.09 -42.52 36.63
C SER L 46 -19.28 -41.25 36.81
N ASP L 47 -17.95 -41.35 36.89
CA ASP L 47 -17.11 -40.16 36.96
C ASP L 47 -17.25 -39.32 35.69
N GLU L 48 -17.52 -39.97 34.56
CA GLU L 48 -17.52 -39.32 33.26
C GLU L 48 -18.91 -39.14 32.68
N SER L 49 -19.96 -39.21 33.49
CA SER L 49 -21.32 -39.13 32.99
C SER L 49 -22.23 -38.23 33.81
N ASN L 50 -21.72 -37.57 34.86
CA ASN L 50 -22.46 -36.58 35.64
C ASN L 50 -23.56 -37.24 36.47
N SER L 51 -23.77 -38.55 36.28
CA SER L 51 -24.79 -39.29 37.01
C SER L 51 -24.15 -40.50 37.67
N ASP L 52 -24.71 -40.88 38.83
CA ASP L 52 -24.19 -42.00 39.61
C ASP L 52 -25.04 -43.25 39.46
N VAL L 53 -25.89 -43.31 38.44
CA VAL L 53 -26.72 -44.49 38.23
C VAL L 53 -25.89 -45.74 37.96
N PRO L 54 -24.88 -45.72 37.08
CA PRO L 54 -24.09 -46.96 36.88
C PRO L 54 -23.42 -47.48 38.14
N PHE L 55 -22.94 -46.58 39.00
CA PHE L 55 -22.30 -47.02 40.24
C PHE L 55 -23.32 -47.61 41.21
N VAL L 56 -24.54 -47.09 41.20
CA VAL L 56 -25.57 -47.60 42.11
C VAL L 56 -25.92 -49.04 41.75
N GLN L 57 -26.11 -49.32 40.46
CA GLN L 57 -26.45 -50.67 40.03
C GLN L 57 -25.32 -51.65 40.31
N ALA L 58 -24.09 -51.25 40.00
CA ALA L 58 -22.95 -52.16 40.19
C ALA L 58 -22.71 -52.46 41.65
N TYR L 59 -22.78 -51.44 42.52
CA TYR L 59 -22.57 -51.66 43.94
C TYR L 59 -23.71 -52.45 44.56
N SER L 60 -24.93 -52.32 44.03
CA SER L 60 -26.04 -53.12 44.52
C SER L 60 -25.80 -54.60 44.26
N LYS L 61 -25.27 -54.94 43.08
CA LYS L 61 -25.00 -56.34 42.77
C LYS L 61 -23.83 -56.87 43.60
N PHE L 62 -22.92 -55.99 44.02
CA PHE L 62 -21.73 -56.45 44.74
C PHE L 62 -22.01 -56.58 46.23
N ALA L 63 -22.48 -55.51 46.86
CA ALA L 63 -22.64 -55.46 48.31
C ALA L 63 -24.03 -55.88 48.77
N ASP L 64 -24.92 -56.23 47.85
CA ASP L 64 -26.31 -56.65 48.09
C ASP L 64 -27.17 -55.56 48.69
N ASP L 65 -26.66 -54.35 48.90
CA ASP L 65 -27.46 -53.23 49.37
C ASP L 65 -27.13 -51.99 48.56
N ASN L 66 -28.11 -51.10 48.45
CA ASN L 66 -27.91 -49.86 47.72
C ASN L 66 -26.91 -48.97 48.46
N PRO L 67 -26.04 -48.26 47.75
CA PRO L 67 -25.11 -47.34 48.42
C PRO L 67 -25.85 -46.12 48.95
N ARG L 68 -25.48 -45.73 50.17
CA ARG L 68 -26.09 -44.58 50.83
C ARG L 68 -25.01 -43.60 51.23
N HIS L 69 -25.27 -42.32 51.03
CA HIS L 69 -24.32 -41.29 51.41
C HIS L 69 -24.14 -41.24 52.91
N LEU L 70 -22.96 -40.80 53.34
CA LEU L 70 -22.57 -40.65 54.74
C LEU L 70 -22.35 -42.00 55.40
N ARG L 71 -22.66 -43.08 54.70
CA ARG L 71 -22.37 -44.44 55.15
C ARG L 71 -21.16 -44.95 54.39
N VAL L 72 -20.19 -45.50 55.12
CA VAL L 72 -18.96 -45.96 54.48
C VAL L 72 -19.28 -47.10 53.51
N LYS L 73 -18.64 -47.06 52.34
CA LYS L 73 -18.84 -48.05 51.30
C LYS L 73 -17.62 -48.96 51.26
N THR L 74 -17.78 -50.20 51.72
CA THR L 74 -16.68 -51.15 51.81
C THR L 74 -16.85 -52.38 50.93
N GLY L 75 -18.07 -52.67 50.46
CA GLY L 75 -18.34 -53.85 49.70
C GLY L 75 -19.21 -54.87 50.40
N GLY L 76 -19.41 -54.72 51.71
CA GLY L 76 -20.32 -55.57 52.45
C GLY L 76 -19.95 -57.03 52.54
N LYS L 77 -20.90 -57.90 52.19
CA LYS L 77 -20.70 -59.34 52.37
C LYS L 77 -19.59 -59.87 51.48
N MET L 78 -19.50 -59.37 50.25
CA MET L 78 -18.46 -59.85 49.34
C MET L 78 -17.08 -59.38 49.78
N ALA L 79 -16.99 -58.18 50.34
CA ALA L 79 -15.69 -57.61 50.69
C ALA L 79 -14.99 -58.41 51.78
N ASN L 80 -15.67 -58.64 52.89
CA ASN L 80 -15.02 -59.33 54.01
C ASN L 80 -14.88 -60.81 53.75
N ALA L 81 -15.83 -61.41 53.02
CA ALA L 81 -15.69 -62.81 52.64
C ALA L 81 -14.45 -63.02 51.79
N LEU L 82 -14.25 -62.17 50.78
CA LEU L 82 -13.05 -62.28 49.94
C LEU L 82 -11.79 -61.97 50.74
N THR L 83 -11.86 -61.01 51.66
CA THR L 83 -10.70 -60.65 52.46
C THR L 83 -10.24 -61.81 53.32
N ASN L 84 -11.19 -62.48 54.00
CA ASN L 84 -10.82 -63.64 54.81
C ASN L 84 -10.46 -64.84 53.96
N VAL L 85 -11.09 -64.99 52.78
CA VAL L 85 -10.76 -66.10 51.90
C VAL L 85 -9.30 -65.99 51.43
N ILE L 86 -8.86 -64.77 51.10
CA ILE L 86 -7.48 -64.59 50.66
C ILE L 86 -6.52 -64.94 51.80
N ARG L 87 -6.89 -64.61 53.03
CA ARG L 87 -6.03 -64.90 54.18
C ARG L 87 -5.78 -66.39 54.33
N SER L 88 -6.80 -67.21 54.09
CA SER L 88 -6.67 -68.65 54.28
C SER L 88 -5.71 -69.27 53.27
N TYR L 89 -5.76 -68.82 52.02
CA TYR L 89 -4.95 -69.45 50.97
C TYR L 89 -3.45 -69.26 51.19
N TYR L 90 -3.05 -68.20 51.90
CA TYR L 90 -1.63 -67.91 52.02
C TYR L 90 -0.93 -68.91 52.92
N SER L 91 -1.51 -69.20 54.09
CA SER L 91 -0.89 -70.09 55.06
C SER L 91 -1.95 -71.01 55.65
N ILE L 92 -1.54 -72.24 55.98
CA ILE L 92 -2.44 -73.17 56.62
C ILE L 92 -2.69 -72.77 58.07
N ASN L 93 -1.77 -72.01 58.67
CA ASN L 93 -1.96 -71.55 60.04
C ASN L 93 -3.10 -70.54 60.13
N ALA L 94 -3.37 -69.81 59.05
CA ALA L 94 -4.41 -68.79 59.08
C ALA L 94 -5.77 -69.44 59.25
N PRO L 95 -6.63 -68.92 60.12
CA PRO L 95 -7.96 -69.53 60.31
C PRO L 95 -8.86 -69.29 59.11
N ALA L 96 -9.81 -70.20 58.93
CA ALA L 96 -10.87 -70.07 57.94
C ALA L 96 -12.15 -69.73 58.70
N ILE L 97 -12.58 -68.48 58.61
CA ILE L 97 -13.66 -67.96 59.42
C ILE L 97 -14.92 -67.67 58.60
N VAL L 98 -14.94 -68.06 57.34
CA VAL L 98 -16.08 -67.83 56.46
C VAL L 98 -16.93 -69.09 56.44
N PRO L 99 -18.18 -69.05 56.89
CA PRO L 99 -19.05 -70.22 56.77
C PRO L 99 -19.32 -70.52 55.31
N GLN L 100 -19.37 -71.82 54.97
CA GLN L 100 -19.51 -72.22 53.54
C GLN L 100 -20.92 -71.90 53.00
N VAL L 101 -21.93 -71.80 53.88
CA VAL L 101 -23.25 -71.44 53.37
C VAL L 101 -23.24 -70.02 52.79
N GLU L 102 -22.45 -69.13 53.39
CA GLU L 102 -22.31 -67.78 52.84
C GLU L 102 -21.71 -67.82 51.44
N ILE L 103 -20.77 -68.75 51.21
CA ILE L 103 -20.08 -68.82 49.93
C ILE L 103 -21.05 -69.23 48.81
N ASP L 104 -21.93 -70.20 49.09
CA ASP L 104 -22.90 -70.60 48.07
C ASP L 104 -23.83 -69.45 47.72
N ARG L 105 -24.28 -68.68 48.72
CA ARG L 105 -25.17 -67.56 48.45
C ARG L 105 -24.47 -66.50 47.61
N LEU L 106 -23.21 -66.21 47.92
CA LEU L 106 -22.45 -65.23 47.14
C LEU L 106 -22.15 -65.74 45.73
N ALA L 107 -21.94 -67.05 45.57
CA ALA L 107 -21.61 -67.60 44.28
C ALA L 107 -22.81 -67.70 43.34
N SER L 108 -24.02 -67.47 43.86
CA SER L 108 -25.22 -67.59 43.03
C SER L 108 -25.65 -66.25 42.44
N LYS L 109 -24.92 -65.17 42.69
CA LYS L 109 -25.34 -63.86 42.20
C LYS L 109 -25.26 -63.77 40.68
N ALA L 110 -24.13 -64.19 40.12
CA ALA L 110 -23.93 -64.14 38.68
C ALA L 110 -23.44 -65.50 38.19
N THR L 111 -23.95 -65.93 37.04
CA THR L 111 -23.54 -67.20 36.47
C THR L 111 -22.09 -67.14 36.01
N VAL L 112 -21.35 -68.22 36.26
CA VAL L 112 -19.94 -68.31 35.86
C VAL L 112 -19.54 -69.78 35.94
N SER L 113 -18.48 -70.13 35.20
CA SER L 113 -17.91 -71.46 35.23
C SER L 113 -16.62 -71.41 36.05
N GLY L 114 -16.60 -72.13 37.17
CA GLY L 114 -15.45 -72.10 38.05
C GLY L 114 -14.34 -73.04 37.66
N ASP L 115 -13.87 -72.93 36.42
CA ASP L 115 -12.77 -73.76 35.93
C ASP L 115 -11.46 -72.96 35.97
N MET L 116 -10.39 -73.63 36.40
CA MET L 116 -9.10 -72.99 36.60
C MET L 116 -8.00 -73.57 35.71
N TYR L 117 -8.36 -74.35 34.70
CA TYR L 117 -7.37 -75.00 33.85
C TYR L 117 -7.74 -74.93 32.38
N ASN L 118 -8.45 -73.88 31.97
CA ASN L 118 -8.84 -73.71 30.58
C ASN L 118 -7.87 -72.84 29.78
N SER L 119 -6.79 -72.36 30.42
CA SER L 119 -5.82 -71.53 29.74
C SER L 119 -4.48 -71.66 30.47
N TYR L 120 -3.51 -70.84 30.07
CA TYR L 120 -2.17 -70.89 30.62
C TYR L 120 -1.59 -69.48 30.72
N ALA L 121 -0.60 -69.35 31.59
CA ALA L 121 0.16 -68.11 31.72
C ALA L 121 1.63 -68.44 31.84
N ILE L 122 2.47 -67.49 31.43
CA ILE L 122 3.91 -67.67 31.39
C ILE L 122 4.52 -66.87 32.53
N PHE L 123 5.33 -67.53 33.36
CA PHE L 123 5.96 -66.92 34.50
C PHE L 123 7.47 -66.88 34.30
N ASN L 124 8.05 -65.71 34.51
CA ASN L 124 9.41 -65.42 34.06
C ASN L 124 10.46 -65.50 35.16
N SER L 125 10.09 -65.84 36.39
CA SER L 125 11.09 -66.01 37.44
C SER L 125 11.95 -67.21 37.14
N VAL L 126 13.26 -67.01 37.09
CA VAL L 126 14.21 -68.06 36.71
C VAL L 126 14.54 -68.87 37.96
N PRO L 127 14.09 -70.12 38.06
CA PRO L 127 14.41 -70.92 39.24
C PRO L 127 15.71 -71.69 39.07
N ILE L 128 16.68 -71.43 39.94
CA ILE L 128 17.90 -72.22 39.98
C ILE L 128 17.98 -72.89 41.36
N VAL L 129 18.26 -74.18 41.37
CA VAL L 129 18.19 -74.96 42.59
C VAL L 129 19.55 -75.07 43.27
N GLU L 130 20.60 -75.31 42.51
CA GLU L 130 21.91 -75.56 43.10
C GLU L 130 23.00 -75.26 42.07
N VAL L 131 23.94 -74.41 42.45
CA VAL L 131 25.12 -74.14 41.56
C VAL L 131 26.35 -74.69 42.29
N LEU L 132 26.66 -75.97 42.06
CA LEU L 132 27.81 -76.61 42.75
C LEU L 132 29.11 -76.07 42.14
N SER L 133 30.06 -75.68 42.99
CA SER L 133 31.34 -75.10 42.51
C SER L 133 32.52 -75.67 43.29
N PRO L 134 33.70 -75.90 42.68
CA PRO L 134 34.89 -76.37 43.38
C PRO L 134 35.54 -75.29 44.26
N ALA L 135 36.49 -75.68 45.10
CA ALA L 135 37.18 -74.73 46.02
C ALA L 135 38.01 -73.73 45.24
N ARG L 136 38.25 -72.55 45.80
CA ARG L 136 39.01 -71.45 45.13
C ARG L 136 38.13 -70.80 44.06
N THR L 137 36.82 -71.06 44.09
CA THR L 137 35.87 -70.41 43.15
C THR L 137 34.73 -69.82 43.98
N THR L 138 34.36 -68.56 43.70
CA THR L 138 33.22 -67.92 44.40
C THR L 138 32.06 -67.71 43.44
N VAL L 139 30.88 -68.26 43.73
CA VAL L 139 29.68 -68.04 42.87
C VAL L 139 28.62 -67.30 43.70
N SER L 140 28.11 -66.18 43.19
CA SER L 140 27.10 -65.37 43.93
C SER L 140 25.82 -65.26 43.09
N ILE L 141 24.66 -65.52 43.69
CA ILE L 141 23.40 -65.50 42.91
C ILE L 141 22.56 -64.29 43.29
N VAL L 142 22.25 -63.42 42.32
CA VAL L 142 21.47 -62.21 42.55
C VAL L 142 20.29 -62.20 41.59
N GLY L 143 19.11 -61.91 42.10
CA GLY L 143 17.96 -61.64 41.27
C GLY L 143 16.99 -62.81 41.17
N SER L 144 15.77 -62.48 40.78
CA SER L 144 14.71 -63.46 40.58
C SER L 144 14.20 -63.50 39.15
N ASP L 145 13.84 -62.35 38.58
CA ASP L 145 13.38 -62.34 37.19
C ASP L 145 14.53 -62.47 36.21
N ARG L 146 15.69 -61.92 36.55
CA ARG L 146 16.90 -62.07 35.76
C ARG L 146 18.04 -62.32 36.73
N ALA L 147 18.54 -63.55 36.77
CA ALA L 147 19.56 -63.95 37.74
C ALA L 147 20.93 -63.66 37.17
N ASP L 148 21.75 -62.93 37.94
CA ASP L 148 23.13 -62.67 37.58
C ASP L 148 24.02 -63.52 38.49
N VAL L 149 24.59 -64.58 37.93
CA VAL L 149 25.48 -65.48 38.65
C VAL L 149 26.91 -65.07 38.30
N THR L 150 27.64 -64.57 39.30
CA THR L 150 29.00 -64.11 39.11
C THR L 150 29.96 -65.15 39.68
N MET L 151 30.86 -65.65 38.84
CA MET L 151 31.82 -66.67 39.25
C MET L 151 33.24 -66.13 39.02
N LEU L 152 34.10 -66.31 40.02
CA LEU L 152 35.49 -65.89 39.96
C LEU L 152 36.37 -67.09 40.28
N ASN L 153 37.37 -67.33 39.43
CA ASN L 153 38.28 -68.46 39.56
C ASN L 153 39.64 -67.92 40.02
N THR L 154 39.83 -67.82 41.33
CA THR L 154 41.10 -67.36 41.88
C THR L 154 42.18 -68.43 41.82
N GLY L 155 41.81 -69.68 41.56
CA GLY L 155 42.79 -70.74 41.49
C GLY L 155 43.63 -70.70 40.22
N ALA L 156 44.67 -71.52 40.21
CA ALA L 156 45.57 -71.55 39.06
C ALA L 156 44.95 -72.28 37.87
N GLY L 157 44.19 -73.34 38.13
CA GLY L 157 43.65 -74.16 37.08
C GLY L 157 42.21 -73.83 36.74
N ALA L 158 41.80 -74.22 35.53
CA ALA L 158 40.42 -74.03 35.11
C ALA L 158 39.48 -74.94 35.90
N ALA L 159 38.28 -74.44 36.16
CA ALA L 159 37.30 -75.13 36.97
C ALA L 159 36.04 -75.42 36.17
N ASN L 160 35.25 -76.36 36.67
CA ASN L 160 33.97 -76.74 36.08
C ASN L 160 32.87 -76.48 37.09
N ILE L 161 31.86 -75.70 36.69
CA ILE L 161 30.76 -75.32 37.55
C ILE L 161 29.49 -75.99 37.04
N THR L 162 28.71 -76.56 37.96
CA THR L 162 27.51 -77.31 37.63
C THR L 162 26.29 -76.46 37.93
N PHE L 163 25.38 -76.37 36.96
CA PHE L 163 24.15 -75.59 37.09
C PHE L 163 22.95 -76.53 37.08
N ASN L 164 22.05 -76.34 38.04
CA ASN L 164 20.80 -77.09 38.11
C ASN L 164 19.65 -76.10 38.07
N PHE L 165 18.71 -76.33 37.14
CA PHE L 165 17.59 -75.43 36.95
C PHE L 165 16.25 -76.08 37.26
N GLY L 166 16.25 -77.25 37.88
CA GLY L 166 15.02 -77.94 38.20
C GLY L 166 14.43 -78.65 36.99
N GLN L 167 13.32 -79.34 37.24
CA GLN L 167 12.63 -80.10 36.22
C GLN L 167 11.28 -79.50 35.83
N ILE L 168 11.01 -78.25 36.22
CA ILE L 168 9.72 -77.64 35.96
C ILE L 168 9.80 -76.62 34.82
N ALA L 169 10.86 -75.82 34.80
CA ALA L 169 11.01 -74.79 33.78
C ALA L 169 11.02 -75.40 32.40
N GLU L 170 10.42 -74.69 31.44
CA GLU L 170 10.34 -75.21 30.08
C GLU L 170 11.59 -74.90 29.28
N THR L 171 11.92 -73.61 29.16
CA THR L 171 13.13 -73.18 28.47
C THR L 171 13.88 -72.18 29.33
N VAL L 172 15.21 -72.22 29.23
CA VAL L 172 16.09 -71.29 29.92
C VAL L 172 17.10 -70.75 28.93
N ILE L 173 17.24 -69.43 28.88
CA ILE L 173 18.19 -68.76 27.98
C ILE L 173 19.27 -68.13 28.82
N LEU L 174 20.53 -68.47 28.52
CA LEU L 174 21.67 -67.96 29.26
C LEU L 174 22.52 -67.07 28.36
N LYS L 175 22.85 -65.88 28.85
CA LYS L 175 23.74 -64.96 28.16
C LYS L 175 24.85 -64.55 29.12
N GLY L 176 26.06 -64.41 28.59
CA GLY L 176 27.22 -64.11 29.41
C GLY L 176 27.94 -62.87 28.94
N SER L 177 28.73 -62.29 29.85
CA SER L 177 29.54 -61.12 29.50
C SER L 177 30.58 -61.47 28.45
N VAL L 178 31.20 -62.64 28.57
CA VAL L 178 32.22 -63.11 27.63
C VAL L 178 31.75 -64.47 27.14
N PRO L 179 31.96 -64.82 25.87
CA PRO L 179 31.52 -66.14 25.40
C PRO L 179 32.15 -67.27 26.20
N PHE L 180 31.34 -68.28 26.48
CA PHE L 180 31.74 -69.39 27.33
C PHE L 180 31.23 -70.69 26.72
N GLN L 181 31.61 -71.81 27.34
CA GLN L 181 31.29 -73.14 26.85
C GLN L 181 30.39 -73.85 27.82
N LEU L 182 29.28 -74.40 27.31
CA LEU L 182 28.28 -75.10 28.12
C LEU L 182 27.91 -76.40 27.42
N ALA L 183 27.79 -77.46 28.21
CA ALA L 183 27.36 -78.75 27.67
C ALA L 183 26.75 -79.57 28.79
N ARG L 184 25.96 -80.56 28.40
CA ARG L 184 25.37 -81.49 29.35
C ARG L 184 26.44 -82.43 29.91
N LEU L 185 26.05 -83.23 30.89
CA LEU L 185 27.00 -84.13 31.54
C LEU L 185 27.51 -85.18 30.56
N ASN L 186 28.82 -85.42 30.61
CA ASN L 186 29.50 -86.42 29.78
C ASN L 186 29.41 -86.06 28.29
N GLN L 187 29.20 -84.79 27.97
CA GLN L 187 29.17 -84.31 26.61
C GLN L 187 30.43 -83.52 26.29
N PRO L 188 30.84 -83.47 25.02
CA PRO L 188 32.02 -82.68 24.65
C PRO L 188 31.75 -81.18 24.77
N MET L 189 32.83 -80.44 24.98
CA MET L 189 32.75 -78.99 25.10
C MET L 189 32.52 -78.36 23.74
N PRO L 190 31.44 -77.61 23.53
CA PRO L 190 31.26 -76.88 22.27
C PRO L 190 32.15 -75.66 22.22
N ALA L 191 32.11 -74.98 21.08
CA ALA L 191 32.82 -73.72 20.93
C ALA L 191 32.20 -72.65 21.83
N ALA L 192 33.02 -71.64 22.17
CA ALA L 192 32.54 -70.57 23.03
C ALA L 192 31.51 -69.72 22.30
N ARG L 193 30.34 -69.56 22.90
CA ARG L 193 29.26 -68.76 22.33
C ARG L 193 28.71 -67.84 23.41
N PHE L 194 28.08 -66.75 22.96
CA PHE L 194 27.51 -65.78 23.89
C PHE L 194 26.23 -66.32 24.54
N THR L 195 25.37 -66.97 23.76
CA THR L 195 24.05 -67.37 24.23
C THR L 195 23.90 -68.89 24.15
N TYR L 196 23.04 -69.42 25.02
CA TYR L 196 22.75 -70.83 25.06
C TYR L 196 21.28 -71.03 25.42
N LYS L 197 20.58 -71.82 24.62
CA LYS L 197 19.19 -72.18 24.89
C LYS L 197 19.14 -73.60 25.42
N LEU L 198 18.52 -73.79 26.58
CA LEU L 198 18.54 -75.07 27.27
C LEU L 198 17.14 -75.50 27.65
N ARG L 199 16.93 -76.82 27.64
CA ARG L 199 15.77 -77.43 28.26
C ARG L 199 16.20 -78.06 29.57
N PRO L 200 15.74 -77.59 30.73
CA PRO L 200 16.34 -78.03 31.99
C PRO L 200 16.01 -79.46 32.37
N LEU L 201 15.06 -80.11 31.69
CA LEU L 201 14.82 -81.52 31.91
C LEU L 201 15.95 -82.39 31.36
N ASP L 202 16.84 -81.82 30.53
CA ASP L 202 17.92 -82.61 29.94
C ASP L 202 18.87 -83.13 31.02
N GLY L 203 19.22 -82.29 31.98
CA GLY L 203 20.13 -82.67 33.03
C GLY L 203 21.02 -81.53 33.47
N PRO L 204 21.81 -81.75 34.52
CA PRO L 204 22.73 -80.71 34.99
C PRO L 204 23.72 -80.32 33.91
N PHE L 205 24.05 -79.03 33.88
CA PHE L 205 24.90 -78.45 32.85
C PHE L 205 26.21 -78.00 33.50
N ILE L 206 27.32 -78.26 32.81
CA ILE L 206 28.65 -77.91 33.31
C ILE L 206 29.24 -76.83 32.44
N VAL L 207 29.78 -75.79 33.08
CA VAL L 207 30.46 -74.71 32.39
C VAL L 207 31.93 -74.75 32.78
N VAL L 208 32.78 -74.25 31.88
CA VAL L 208 34.21 -74.14 32.14
C VAL L 208 34.52 -72.67 32.39
N LEU L 209 35.12 -72.38 33.54
CA LEU L 209 35.40 -71.00 33.93
C LEU L 209 36.90 -70.76 33.92
N PRO L 210 37.43 -70.00 32.95
CA PRO L 210 38.86 -69.71 32.93
C PRO L 210 39.32 -68.93 34.16
N VAL L 211 40.62 -68.65 34.21
CA VAL L 211 41.20 -67.97 35.37
C VAL L 211 41.24 -66.45 35.20
N GLY L 212 41.29 -65.96 33.96
CA GLY L 212 41.55 -64.56 33.70
C GLY L 212 40.63 -63.55 34.35
N ASN L 213 39.36 -63.53 33.95
CA ASN L 213 38.44 -62.49 34.39
C ASN L 213 37.13 -63.11 34.86
N PRO L 214 36.41 -62.45 35.78
CA PRO L 214 35.12 -62.97 36.22
C PRO L 214 34.13 -63.04 35.07
N LEU L 215 33.27 -64.06 35.13
CA LEU L 215 32.22 -64.27 34.13
C LEU L 215 30.86 -64.17 34.81
N VAL L 216 29.99 -63.34 34.25
CA VAL L 216 28.64 -63.15 34.76
C VAL L 216 27.67 -63.70 33.73
N ILE L 217 26.78 -64.58 34.16
CA ILE L 217 25.81 -65.24 33.29
C ILE L 217 24.42 -64.74 33.68
N SER L 218 23.68 -64.24 32.70
CA SER L 218 22.33 -63.74 32.91
C SER L 218 21.35 -64.85 32.56
N ALA L 219 20.45 -65.16 33.49
CA ALA L 219 19.52 -66.29 33.35
C ALA L 219 18.10 -65.78 33.24
N THR L 220 17.42 -66.16 32.17
CA THR L 220 16.00 -65.92 31.99
C THR L 220 15.30 -67.25 31.69
N ALA L 221 14.16 -67.46 32.32
CA ALA L 221 13.43 -68.71 32.19
C ALA L 221 11.96 -68.45 31.94
N ALA L 222 11.30 -69.43 31.32
CA ALA L 222 9.88 -69.36 31.03
C ALA L 222 9.21 -70.62 31.56
N THR L 223 8.15 -70.44 32.35
CA THR L 223 7.41 -71.54 32.93
C THR L 223 5.92 -71.34 32.64
N ARG L 224 5.25 -72.44 32.28
CA ARG L 224 3.85 -72.41 31.90
C ARG L 224 3.02 -73.08 32.98
N ILE L 225 2.03 -72.35 33.50
CA ILE L 225 1.15 -72.84 34.55
C ILE L 225 -0.29 -72.58 34.12
N GLN L 226 -1.16 -73.56 34.34
CA GLN L 226 -2.53 -73.45 33.91
C GLN L 226 -3.29 -72.49 34.82
N VAL L 227 -4.01 -71.55 34.22
CA VAL L 227 -4.73 -70.51 34.95
C VAL L 227 -6.10 -70.31 34.30
N PRO L 228 -7.05 -69.74 35.03
CA PRO L 228 -8.35 -69.46 34.42
C PRO L 228 -8.24 -68.44 33.29
N LEU L 229 -9.24 -68.48 32.41
CA LEU L 229 -9.22 -67.63 31.23
C LEU L 229 -9.34 -66.15 31.58
N ALA L 230 -9.85 -65.84 32.76
CA ALA L 230 -9.98 -64.46 33.20
C ALA L 230 -8.71 -63.93 33.85
N PHE L 231 -7.61 -64.67 33.79
CA PHE L 231 -6.37 -64.26 34.42
C PHE L 231 -5.79 -63.04 33.73
N ASN L 232 -5.10 -62.21 34.51
CA ASN L 232 -4.40 -61.03 34.00
C ASN L 232 -3.20 -60.77 34.90
N LYS L 233 -2.00 -60.99 34.38
CA LYS L 233 -0.79 -60.90 35.20
C LYS L 233 -0.59 -59.50 35.76
N ALA L 234 -0.94 -58.47 34.98
CA ALA L 234 -0.77 -57.10 35.45
C ALA L 234 -1.62 -56.83 36.69
N LEU L 235 -2.85 -57.34 36.71
CA LEU L 235 -3.74 -57.09 37.84
C LEU L 235 -3.30 -57.86 39.07
N VAL L 236 -2.87 -59.11 38.91
CA VAL L 236 -2.54 -59.93 40.07
C VAL L 236 -1.25 -59.45 40.74
N GLU L 237 -0.31 -58.91 39.97
CA GLU L 237 0.92 -58.39 40.59
C GLU L 237 0.62 -57.21 41.49
N SER L 238 -0.25 -56.30 41.05
CA SER L 238 -0.65 -55.18 41.90
C SER L 238 -1.52 -55.66 43.06
N GLY L 239 -2.38 -56.65 42.81
CA GLY L 239 -3.18 -57.21 43.89
C GLY L 239 -2.33 -57.87 44.95
N PHE L 240 -1.23 -58.51 44.55
CA PHE L 240 -0.32 -59.09 45.51
C PHE L 240 0.35 -58.02 46.35
N GLN L 241 0.71 -56.88 45.74
CA GLN L 241 1.40 -55.84 46.47
C GLN L 241 0.45 -55.11 47.43
N THR L 242 -0.80 -54.92 47.02
CA THR L 242 -1.75 -54.24 47.90
C THR L 242 -2.22 -55.15 49.03
N ALA L 243 -2.18 -56.47 48.83
CA ALA L 243 -2.50 -57.39 49.91
C ALA L 243 -1.40 -57.40 50.96
N MET L 244 -0.14 -57.46 50.53
CA MET L 244 0.97 -57.35 51.47
C MET L 244 1.01 -55.96 52.10
N ASN L 245 0.54 -54.95 51.39
CA ASN L 245 0.51 -53.60 51.94
C ASN L 245 -0.41 -53.52 53.14
N ASP L 246 -1.57 -54.17 53.07
CA ASP L 246 -2.46 -54.27 54.20
C ASP L 246 -2.00 -55.41 55.12
N GLY L 247 -2.82 -55.76 56.10
CA GLY L 247 -2.47 -56.82 57.01
C GLY L 247 -3.05 -58.17 56.62
N LEU L 248 -3.09 -58.44 55.32
CA LEU L 248 -3.68 -59.70 54.85
C LEU L 248 -2.73 -60.88 54.94
N PHE L 249 -1.42 -60.64 54.99
CA PHE L 249 -0.43 -61.72 54.95
C PHE L 249 0.48 -61.77 56.17
N ASP L 250 0.17 -61.01 57.23
CA ASP L 250 1.04 -61.00 58.41
C ASP L 250 0.61 -62.10 59.38
N ILE L 251 0.94 -63.32 59.00
CA ILE L 251 0.70 -64.52 59.81
C ILE L 251 2.05 -65.10 60.22
N GLN L 252 2.12 -65.63 61.43
CA GLN L 252 3.38 -66.15 61.95
C GLN L 252 3.81 -67.40 61.17
N ASN L 253 5.13 -67.55 61.05
CA ASN L 253 5.75 -68.72 60.44
C ASN L 253 5.37 -68.84 58.96
N VAL L 254 5.51 -67.74 58.23
CA VAL L 254 5.27 -67.71 56.79
C VAL L 254 6.47 -67.06 56.10
N ASN L 255 6.56 -67.27 54.79
CA ASN L 255 7.63 -66.72 53.98
C ASN L 255 7.06 -65.65 53.05
N TYR L 256 7.77 -64.54 52.92
CA TYR L 256 7.32 -63.39 52.14
C TYR L 256 8.13 -63.30 50.86
N TYR L 257 7.44 -63.04 49.75
CA TYR L 257 8.06 -62.96 48.43
C TYR L 257 7.71 -61.63 47.78
N SER L 258 8.63 -61.16 46.94
CA SER L 258 8.47 -59.84 46.33
C SER L 258 7.29 -59.80 45.37
N SER L 259 7.12 -60.84 44.55
CA SER L 259 6.09 -60.83 43.51
C SER L 259 5.34 -62.15 43.52
N PHE L 260 4.17 -62.13 42.85
CA PHE L 260 3.36 -63.34 42.73
C PHE L 260 4.06 -64.39 41.87
N ASP L 261 4.88 -63.95 40.91
CA ASP L 261 5.67 -64.90 40.14
C ASP L 261 6.65 -65.65 41.04
N GLU L 262 7.25 -64.95 42.00
CA GLU L 262 8.12 -65.60 42.96
C GLU L 262 7.34 -66.59 43.82
N PHE L 263 6.11 -66.23 44.20
CA PHE L 263 5.29 -67.10 45.03
C PHE L 263 4.97 -68.41 44.35
N ILE L 264 4.55 -68.35 43.09
CA ILE L 264 4.03 -69.54 42.41
C ILE L 264 5.16 -70.43 41.95
N ILE L 265 6.39 -69.91 41.89
CA ILE L 265 7.51 -70.74 41.45
C ILE L 265 8.09 -71.51 42.61
N SER L 266 8.20 -70.87 43.78
CA SER L 266 8.69 -71.57 44.96
C SER L 266 7.74 -72.71 45.35
N GLN L 267 6.43 -72.47 45.27
CA GLN L 267 5.46 -73.52 45.57
C GLN L 267 5.53 -74.65 44.56
N TYR L 268 5.81 -74.34 43.30
CA TYR L 268 5.83 -75.36 42.26
C TYR L 268 7.11 -76.19 42.28
N HIS L 269 8.15 -75.72 42.96
CA HIS L 269 9.36 -76.51 43.12
C HIS L 269 9.40 -77.30 44.43
N ALA L 270 8.34 -77.23 45.22
CA ALA L 270 8.30 -77.97 46.48
C ALA L 270 8.02 -79.45 46.22
N GLN L 271 8.02 -80.22 47.30
CA GLN L 271 7.81 -81.66 47.18
C GLN L 271 6.45 -81.98 46.59
N ASP L 272 5.39 -81.41 47.15
CA ASP L 272 4.04 -81.57 46.64
C ASP L 272 3.67 -80.42 45.71
N GLY L 273 4.50 -80.19 44.68
CA GLY L 273 4.35 -78.98 43.89
C GLY L 273 3.06 -78.89 43.12
N ILE L 274 2.61 -80.02 42.55
CA ILE L 274 1.45 -79.99 41.66
C ILE L 274 0.19 -79.62 42.43
N ASN L 275 0.05 -80.11 43.66
CA ASN L 275 -1.17 -79.85 44.42
C ASN L 275 -1.23 -78.42 44.94
N ARG L 276 -0.10 -77.84 45.33
CA ARG L 276 -0.09 -76.50 45.90
C ARG L 276 -0.38 -75.42 44.86
N VAL L 277 0.08 -75.59 43.63
CA VAL L 277 -0.16 -74.56 42.62
C VAL L 277 -1.63 -74.48 42.23
N SER L 278 -2.41 -75.54 42.46
CA SER L 278 -3.84 -75.46 42.22
C SER L 278 -4.48 -74.42 43.13
N THR L 279 -4.05 -74.38 44.40
CA THR L 279 -4.53 -73.35 45.31
C THR L 279 -3.86 -72.00 45.02
N CYS L 280 -2.63 -72.01 44.52
CA CYS L 280 -1.92 -70.77 44.26
C CYS L 280 -2.58 -69.97 43.14
N VAL L 281 -2.96 -70.64 42.05
CA VAL L 281 -3.62 -69.94 40.96
C VAL L 281 -4.99 -69.43 41.39
N ILE L 282 -5.62 -70.11 42.35
CA ILE L 282 -6.91 -69.64 42.86
C ILE L 282 -6.70 -68.37 43.68
N LEU L 283 -5.63 -68.33 44.47
CA LEU L 283 -5.30 -67.13 45.22
C LEU L 283 -5.00 -65.96 44.29
N GLY L 284 -4.35 -66.24 43.17
CA GLY L 284 -4.03 -65.17 42.23
C GLY L 284 -5.28 -64.51 41.66
N LEU L 285 -6.28 -65.30 41.30
CA LEU L 285 -7.52 -64.73 40.78
C LEU L 285 -8.26 -63.97 41.87
N ALA L 286 -8.20 -64.45 43.11
CA ALA L 286 -8.78 -63.69 44.22
C ALA L 286 -8.04 -62.37 44.41
N LEU L 287 -6.72 -62.38 44.28
CA LEU L 287 -5.97 -61.14 44.38
C LEU L 287 -6.30 -60.19 43.24
N GLN L 288 -6.64 -60.75 42.07
CA GLN L 288 -7.05 -59.92 40.94
C GLN L 288 -8.33 -59.16 41.25
N ALA L 289 -9.29 -59.83 41.91
CA ALA L 289 -10.53 -59.17 42.28
C ALA L 289 -10.32 -58.21 43.44
N TYR L 290 -9.38 -58.52 44.33
CA TYR L 290 -9.13 -57.66 45.48
C TYR L 290 -8.57 -56.31 45.03
N ASP L 291 -7.67 -56.32 44.05
CA ASP L 291 -7.11 -55.06 43.55
C ASP L 291 -8.19 -54.22 42.88
N GLN L 292 -9.01 -54.84 42.04
CA GLN L 292 -10.06 -54.10 41.36
C GLN L 292 -11.08 -53.55 42.35
N MET L 293 -11.44 -54.36 43.36
CA MET L 293 -12.39 -53.90 44.36
C MET L 293 -11.84 -52.74 45.18
N ARG L 294 -10.58 -52.86 45.62
CA ARG L 294 -10.01 -51.84 46.50
C ARG L 294 -9.85 -50.50 45.78
N ARG L 295 -9.47 -50.54 44.50
CA ARG L 295 -9.32 -49.30 43.75
C ARG L 295 -10.67 -48.64 43.49
N ALA L 296 -11.71 -49.45 43.24
CA ALA L 296 -13.03 -48.89 42.96
C ALA L 296 -13.64 -48.24 44.19
N LEU L 297 -13.64 -48.94 45.33
CA LEU L 297 -14.21 -48.38 46.54
C LEU L 297 -13.29 -47.30 47.13
N PRO L 298 -13.86 -46.17 47.57
CA PRO L 298 -13.06 -45.07 48.12
C PRO L 298 -12.52 -45.38 49.50
N VAL L 299 -11.63 -46.36 49.58
CA VAL L 299 -10.99 -46.72 50.83
C VAL L 299 -9.48 -46.78 50.66
N ALA M 2 33.03 -42.38 58.48
CA ALA M 2 32.09 -43.32 57.90
C ALA M 2 31.92 -43.07 56.41
N ASN M 3 31.23 -43.99 55.73
CA ASN M 3 30.96 -43.89 54.31
C ASN M 3 29.46 -43.83 54.07
N ARG M 4 29.04 -42.96 53.17
CA ARG M 4 27.64 -42.77 52.85
C ARG M 4 27.37 -43.24 51.43
N ALA M 5 26.36 -44.09 51.28
CA ALA M 5 25.89 -44.55 49.97
C ALA M 5 24.41 -44.27 49.85
N THR M 6 24.02 -43.54 48.81
CA THR M 6 22.64 -43.16 48.58
C THR M 6 22.24 -43.50 47.16
N SER M 7 20.94 -43.70 46.96
CA SER M 7 20.41 -44.04 45.66
C SER M 7 20.55 -42.86 44.70
N ALA M 8 20.80 -43.17 43.43
CA ALA M 8 21.10 -42.14 42.45
C ALA M 8 19.88 -41.28 42.12
N PHE M 9 18.72 -41.92 41.94
CA PHE M 9 17.55 -41.18 41.47
C PHE M 9 16.90 -40.35 42.58
N LEU M 10 17.34 -40.50 43.82
CA LEU M 10 16.77 -39.72 44.91
C LEU M 10 17.48 -38.37 45.11
N ASP M 11 18.58 -38.14 44.39
CA ASP M 11 19.39 -36.95 44.62
C ASP M 11 18.84 -35.76 43.85
N ASN M 12 18.67 -34.64 44.54
CA ASN M 12 18.32 -33.33 43.98
C ASN M 12 17.09 -33.38 43.08
N PRO M 13 15.89 -33.56 43.64
CA PRO M 13 14.68 -33.44 42.83
C PRO M 13 14.43 -31.98 42.48
N HIS M 14 14.39 -31.68 41.18
CA HIS M 14 14.21 -30.31 40.74
C HIS M 14 12.80 -29.82 41.07
N PRO M 15 12.62 -28.52 41.27
CA PRO M 15 11.28 -28.00 41.55
C PRO M 15 10.32 -28.28 40.41
N VAL M 16 9.08 -28.58 40.77
CA VAL M 16 8.07 -28.98 39.81
C VAL M 16 7.24 -27.76 39.45
N GLY M 17 6.50 -27.87 38.34
CA GLY M 17 5.71 -26.75 37.88
C GLY M 17 4.59 -26.40 38.85
N VAL M 18 4.22 -25.13 38.86
CA VAL M 18 3.19 -24.60 39.74
C VAL M 18 1.99 -24.05 38.98
N ASN M 19 1.86 -24.40 37.71
CA ASN M 19 0.79 -23.90 36.86
C ASN M 19 -0.08 -25.05 36.37
N TYR M 20 -1.29 -24.69 35.96
CA TYR M 20 -2.28 -25.66 35.46
C TYR M 20 -2.56 -26.76 36.48
N VAL M 21 -2.79 -26.36 37.72
CA VAL M 21 -3.11 -27.28 38.80
C VAL M 21 -4.45 -26.96 39.45
N ASP M 22 -5.17 -25.95 38.94
CA ASP M 22 -6.46 -25.58 39.48
C ASP M 22 -7.53 -26.54 38.99
N GLU M 23 -8.76 -26.36 39.49
CA GLU M 23 -9.86 -27.26 39.15
C GLU M 23 -10.16 -27.23 37.65
N GLY M 24 -10.13 -26.04 37.05
CA GLY M 24 -10.41 -25.94 35.63
C GLY M 24 -9.37 -26.62 34.77
N SER M 25 -8.10 -26.47 35.13
CA SER M 25 -7.03 -27.10 34.35
C SER M 25 -7.04 -28.62 34.52
N ARG M 26 -7.33 -29.09 35.74
CA ARG M 26 -7.42 -30.53 35.96
C ARG M 26 -8.55 -31.14 35.14
N GLN M 27 -9.64 -30.40 34.96
CA GLN M 27 -10.74 -30.89 34.14
C GLN M 27 -10.32 -31.07 32.70
N PHE M 28 -9.51 -30.13 32.17
CA PHE M 28 -9.07 -30.22 30.79
C PHE M 28 -8.19 -31.44 30.56
N VAL M 29 -7.30 -31.74 31.51
CA VAL M 29 -6.44 -32.91 31.38
C VAL M 29 -7.27 -34.18 31.36
N ALA M 30 -8.26 -34.26 32.24
CA ALA M 30 -9.14 -35.43 32.25
C ALA M 30 -9.92 -35.54 30.94
N VAL M 31 -10.37 -34.41 30.40
CA VAL M 31 -11.05 -34.42 29.11
C VAL M 31 -10.11 -34.88 28.01
N ALA M 32 -8.86 -34.43 28.06
CA ALA M 32 -7.88 -34.85 27.05
C ALA M 32 -7.65 -36.35 27.10
N GLU M 33 -7.57 -36.92 28.30
CA GLU M 33 -7.39 -38.36 28.43
C GLU M 33 -8.58 -39.13 27.88
N LEU M 34 -9.80 -38.65 28.18
CA LEU M 34 -10.99 -39.31 27.69
C LEU M 34 -11.09 -39.24 26.16
N LEU M 35 -10.89 -38.05 25.60
CA LEU M 35 -11.04 -37.88 24.17
C LEU M 35 -9.92 -38.57 23.39
N ALA M 36 -8.72 -38.66 23.97
CA ALA M 36 -7.65 -39.40 23.32
C ALA M 36 -7.94 -40.89 23.33
N SER M 37 -8.55 -41.39 24.40
CA SER M 37 -8.91 -42.81 24.45
C SER M 37 -9.91 -43.16 23.37
N LYS M 38 -10.91 -42.30 23.15
CA LYS M 38 -11.88 -42.53 22.07
C LYS M 38 -11.20 -42.52 20.71
N LEU M 39 -10.16 -41.69 20.54
CA LEU M 39 -9.45 -41.64 19.28
C LEU M 39 -8.78 -42.96 18.97
N ILE M 40 -8.14 -43.57 19.97
CA ILE M 40 -7.47 -44.86 19.75
C ILE M 40 -8.50 -45.97 19.59
N ASP M 41 -9.66 -45.84 20.24
CA ASP M 41 -10.71 -46.85 20.08
C ASP M 41 -11.41 -46.72 18.74
N SER M 42 -11.76 -45.50 18.35
CA SER M 42 -12.38 -45.30 17.04
C SER M 42 -11.42 -45.67 15.91
N SER M 43 -10.12 -45.52 16.15
CA SER M 43 -9.13 -45.91 15.16
C SER M 43 -9.19 -47.39 14.87
N ARG M 44 -9.31 -48.22 15.91
CA ARG M 44 -9.36 -49.67 15.68
C ARG M 44 -10.66 -50.05 15.00
N GLU M 45 -11.79 -49.48 15.46
CA GLU M 45 -13.09 -49.84 14.89
C GLU M 45 -13.17 -49.48 13.42
N SER M 46 -12.66 -48.31 13.05
CA SER M 46 -12.69 -47.90 11.65
C SER M 46 -11.84 -48.81 10.78
N ASP M 47 -10.72 -49.30 11.32
CA ASP M 47 -9.88 -50.22 10.57
C ASP M 47 -10.61 -51.53 10.26
N GLU M 48 -11.35 -52.06 11.22
CA GLU M 48 -12.05 -53.32 11.01
C GLU M 48 -13.30 -53.14 10.16
N SER M 49 -13.99 -52.01 10.30
CA SER M 49 -15.30 -51.81 9.70
C SER M 49 -15.26 -51.30 8.27
N ASN M 50 -14.06 -51.10 7.71
CA ASN M 50 -13.87 -50.77 6.29
C ASN M 50 -14.33 -49.35 6.00
N SER M 51 -14.94 -48.68 6.97
CA SER M 51 -15.39 -47.31 6.82
C SER M 51 -14.65 -46.41 7.81
N ASP M 52 -14.41 -45.17 7.40
CA ASP M 52 -13.69 -44.19 8.20
C ASP M 52 -14.62 -43.28 9.00
N VAL M 53 -15.91 -43.60 9.06
CA VAL M 53 -16.86 -42.75 9.80
C VAL M 53 -16.51 -42.65 11.28
N PRO M 54 -16.23 -43.76 12.01
CA PRO M 54 -15.90 -43.60 13.44
C PRO M 54 -14.69 -42.73 13.71
N PHE M 55 -13.67 -42.79 12.85
CA PHE M 55 -12.48 -41.99 13.08
C PHE M 55 -12.72 -40.51 12.85
N VAL M 56 -13.53 -40.17 11.83
CA VAL M 56 -13.78 -38.77 11.52
C VAL M 56 -14.47 -38.08 12.69
N GLN M 57 -15.47 -38.74 13.27
CA GLN M 57 -16.18 -38.16 14.41
C GLN M 57 -15.25 -37.97 15.60
N ALA M 58 -14.39 -38.95 15.89
CA ALA M 58 -13.47 -38.83 17.01
C ALA M 58 -12.47 -37.71 16.78
N TYR M 59 -11.93 -37.60 15.57
CA TYR M 59 -10.97 -36.55 15.28
C TYR M 59 -11.61 -35.17 15.31
N SER M 60 -12.86 -35.06 14.85
CA SER M 60 -13.55 -33.78 14.85
C SER M 60 -13.74 -33.26 16.27
N LYS M 61 -14.09 -34.15 17.20
CA LYS M 61 -14.22 -33.74 18.60
C LYS M 61 -12.87 -33.32 19.18
N PHE M 62 -11.81 -34.04 18.83
CA PHE M 62 -10.51 -33.78 19.42
C PHE M 62 -9.86 -32.53 18.84
N ALA M 63 -10.03 -32.29 17.54
CA ALA M 63 -9.30 -31.24 16.84
C ALA M 63 -10.18 -30.09 16.37
N ASP M 64 -11.50 -30.18 16.53
CA ASP M 64 -12.43 -29.11 16.11
C ASP M 64 -12.35 -28.84 14.61
N ASP M 65 -11.95 -29.83 13.83
CA ASP M 65 -11.94 -29.70 12.38
C ASP M 65 -11.97 -31.09 11.75
N ASN M 66 -12.45 -31.15 10.51
CA ASN M 66 -12.56 -32.43 9.83
C ASN M 66 -11.17 -32.96 9.45
N PRO M 67 -11.01 -34.27 9.42
CA PRO M 67 -9.77 -34.84 8.87
C PRO M 67 -9.70 -34.64 7.37
N ARG M 68 -8.57 -34.11 6.90
CA ARG M 68 -8.38 -33.81 5.50
C ARG M 68 -7.10 -34.46 5.01
N HIS M 69 -7.14 -35.04 3.82
CA HIS M 69 -5.94 -35.57 3.20
C HIS M 69 -4.97 -34.44 2.90
N LEU M 70 -3.71 -34.82 2.68
CA LEU M 70 -2.62 -33.87 2.44
C LEU M 70 -2.38 -32.95 3.62
N ARG M 71 -2.73 -33.41 4.82
CA ARG M 71 -2.54 -32.66 6.05
C ARG M 71 -1.76 -33.53 7.03
N VAL M 72 -0.99 -32.88 7.91
CA VAL M 72 -0.17 -33.65 8.85
C VAL M 72 -1.03 -34.39 9.87
N LYS M 73 -2.27 -33.94 10.09
CA LYS M 73 -3.18 -34.53 11.07
C LYS M 73 -2.54 -34.52 12.47
N THR M 74 -2.20 -33.31 12.92
CA THR M 74 -1.51 -33.16 14.19
C THR M 74 -2.44 -33.42 15.37
N GLY M 75 -3.65 -32.86 15.33
CA GLY M 75 -4.58 -33.02 16.43
C GLY M 75 -5.27 -31.73 16.83
N GLY M 76 -5.02 -30.66 16.08
CA GLY M 76 -5.69 -29.40 16.34
C GLY M 76 -5.11 -28.65 17.53
N LYS M 77 -5.94 -27.79 18.11
CA LYS M 77 -5.48 -26.96 19.23
C LYS M 77 -5.35 -27.78 20.51
N MET M 78 -6.11 -28.86 20.62
CA MET M 78 -6.01 -29.70 21.81
C MET M 78 -4.64 -30.35 21.93
N ALA M 79 -4.09 -30.81 20.81
CA ALA M 79 -2.75 -31.39 20.84
C ALA M 79 -1.70 -30.36 21.23
N ASN M 80 -1.83 -29.14 20.71
CA ASN M 80 -0.90 -28.08 21.08
C ASN M 80 -1.04 -27.72 22.55
N ALA M 81 -2.27 -27.64 23.06
CA ALA M 81 -2.47 -27.31 24.46
C ALA M 81 -1.92 -28.38 25.38
N LEU M 82 -2.13 -29.66 25.03
CA LEU M 82 -1.63 -30.75 25.86
C LEU M 82 -0.10 -30.75 25.90
N THR M 83 0.55 -30.50 24.76
CA THR M 83 2.00 -30.52 24.72
C THR M 83 2.59 -29.39 25.57
N ASN M 84 2.04 -28.19 25.46
CA ASN M 84 2.56 -27.06 26.21
C ASN M 84 2.24 -27.18 27.69
N VAL M 85 1.12 -27.81 28.02
CA VAL M 85 0.77 -28.02 29.42
C VAL M 85 1.75 -28.99 30.07
N ILE M 86 2.13 -30.05 29.35
CA ILE M 86 3.09 -31.01 29.88
C ILE M 86 4.43 -30.34 30.16
N ARG M 87 4.86 -29.47 29.26
CA ARG M 87 6.16 -28.81 29.41
C ARG M 87 6.19 -27.96 30.67
N SER M 88 5.08 -27.32 31.02
CA SER M 88 5.05 -26.46 32.19
C SER M 88 5.10 -27.28 33.48
N TYR M 89 4.57 -28.51 33.45
CA TYR M 89 4.52 -29.32 34.66
C TYR M 89 5.92 -29.70 35.13
N TYR M 90 6.81 -30.02 34.19
CA TYR M 90 8.10 -30.63 34.55
C TYR M 90 8.95 -29.69 35.37
N SER M 91 9.02 -28.42 34.98
CA SER M 91 9.91 -27.46 35.61
C SER M 91 9.17 -26.17 35.92
N ILE M 92 9.64 -25.49 36.98
CA ILE M 92 9.06 -24.19 37.32
C ILE M 92 9.61 -23.10 36.40
N ASN M 93 10.75 -23.35 35.74
CA ASN M 93 11.31 -22.38 34.82
C ASN M 93 10.70 -22.46 33.43
N ALA M 94 9.93 -23.50 33.14
CA ALA M 94 9.31 -23.64 31.83
C ALA M 94 8.16 -22.64 31.70
N PRO M 95 8.11 -21.86 30.61
CA PRO M 95 7.04 -20.88 30.46
C PRO M 95 5.67 -21.54 30.29
N ALA M 96 4.64 -20.86 30.77
CA ALA M 96 3.26 -21.27 30.59
C ALA M 96 2.63 -20.44 29.49
N ILE M 97 2.26 -21.09 28.39
CA ILE M 97 1.84 -20.37 27.19
C ILE M 97 0.49 -20.89 26.69
N VAL M 98 -0.30 -21.45 27.58
CA VAL M 98 -1.64 -21.95 27.24
C VAL M 98 -2.65 -20.96 27.79
N PRO M 99 -3.42 -20.27 26.94
CA PRO M 99 -4.41 -19.30 27.46
C PRO M 99 -5.48 -19.98 28.29
N GLN M 100 -5.97 -19.24 29.29
CA GLN M 100 -7.00 -19.78 30.17
C GLN M 100 -8.32 -19.96 29.44
N VAL M 101 -8.65 -19.07 28.50
CA VAL M 101 -9.87 -19.21 27.72
C VAL M 101 -9.80 -20.47 26.86
N GLU M 102 -8.62 -20.78 26.34
CA GLU M 102 -8.45 -22.00 25.56
C GLU M 102 -8.67 -23.24 26.41
N ILE M 103 -8.19 -23.21 27.66
CA ILE M 103 -8.39 -24.35 28.55
C ILE M 103 -9.87 -24.56 28.83
N ASP M 104 -10.60 -23.48 29.13
CA ASP M 104 -12.02 -23.59 29.42
C ASP M 104 -12.79 -24.09 28.20
N ARG M 105 -12.45 -23.61 27.01
CA ARG M 105 -13.12 -24.06 25.80
C ARG M 105 -12.87 -25.55 25.56
N LEU M 106 -11.63 -26.00 25.73
CA LEU M 106 -11.31 -27.40 25.51
C LEU M 106 -11.92 -28.30 26.58
N ALA M 107 -12.02 -27.82 27.82
CA ALA M 107 -12.58 -28.61 28.90
C ALA M 107 -14.10 -28.74 28.80
N SER M 108 -14.74 -27.94 27.93
CA SER M 108 -16.20 -28.01 27.78
C SER M 108 -16.63 -29.08 26.80
N LYS M 109 -15.71 -29.81 26.19
CA LYS M 109 -16.08 -30.82 25.21
C LYS M 109 -16.79 -32.00 25.85
N ALA M 110 -16.33 -32.41 27.05
CA ALA M 110 -16.91 -33.54 27.75
C ALA M 110 -17.10 -33.17 29.22
N THR M 111 -18.07 -33.83 29.86
CA THR M 111 -18.40 -33.59 31.26
C THR M 111 -17.71 -34.64 32.12
N VAL M 112 -16.61 -34.26 32.76
CA VAL M 112 -15.86 -35.14 33.64
C VAL M 112 -15.49 -34.38 34.90
N SER M 113 -15.23 -35.12 35.97
CA SER M 113 -14.75 -34.53 37.21
C SER M 113 -13.22 -34.55 37.24
N GLY M 114 -12.65 -33.54 37.88
CA GLY M 114 -11.22 -33.39 37.93
C GLY M 114 -10.59 -33.97 39.19
N ASP M 115 -11.33 -34.87 39.85
CA ASP M 115 -10.83 -35.46 41.08
C ASP M 115 -9.58 -36.30 40.83
N MET M 116 -8.55 -36.05 41.63
CA MET M 116 -7.30 -36.79 41.53
C MET M 116 -6.98 -37.58 42.80
N TYR M 117 -7.98 -37.85 43.63
CA TYR M 117 -7.77 -38.57 44.88
C TYR M 117 -8.80 -39.67 45.09
N ASN M 118 -9.48 -40.12 44.04
CA ASN M 118 -10.54 -41.11 44.18
C ASN M 118 -10.06 -42.55 43.98
N SER M 119 -8.77 -42.76 43.77
CA SER M 119 -8.22 -44.09 43.62
C SER M 119 -6.78 -44.09 44.11
N TYR M 120 -6.04 -45.15 43.77
CA TYR M 120 -4.65 -45.28 44.18
C TYR M 120 -3.91 -46.18 43.20
N ALA M 121 -2.59 -46.11 43.26
CA ALA M 121 -1.72 -46.96 42.46
C ALA M 121 -0.49 -47.31 43.28
N ILE M 122 0.14 -48.42 42.94
CA ILE M 122 1.30 -48.93 43.65
C ILE M 122 2.55 -48.70 42.81
N PHE M 123 3.54 -48.03 43.39
CA PHE M 123 4.79 -47.73 42.72
C PHE M 123 5.91 -48.55 43.34
N ASN M 124 6.73 -49.17 42.50
CA ASN M 124 7.69 -50.18 42.94
C ASN M 124 9.11 -49.65 43.05
N SER M 125 9.32 -48.34 42.94
CA SER M 125 10.65 -47.79 43.16
C SER M 125 10.98 -47.82 44.65
N VAL M 126 12.22 -48.20 44.96
CA VAL M 126 12.64 -48.46 46.32
C VAL M 126 13.52 -47.29 46.79
N PRO M 127 13.10 -46.53 47.79
CA PRO M 127 13.87 -45.37 48.28
C PRO M 127 14.93 -45.72 49.33
N ILE M 128 16.11 -46.10 48.86
CA ILE M 128 17.24 -46.29 49.76
C ILE M 128 17.84 -44.92 50.05
N VAL M 129 17.38 -44.29 51.13
CA VAL M 129 17.76 -42.91 51.40
C VAL M 129 19.25 -42.80 51.71
N GLU M 130 19.75 -43.66 52.59
CA GLU M 130 21.15 -43.63 52.96
C GLU M 130 21.55 -44.97 53.56
N VAL M 131 22.80 -45.35 53.33
CA VAL M 131 23.40 -46.54 53.91
C VAL M 131 24.72 -46.15 54.53
N LEU M 132 24.78 -46.19 55.86
CA LEU M 132 25.98 -45.79 56.60
C LEU M 132 26.85 -47.01 56.82
N SER M 133 28.15 -46.87 56.53
CA SER M 133 29.09 -47.97 56.65
C SER M 133 30.32 -47.52 57.42
N PRO M 134 30.94 -48.44 58.18
CA PRO M 134 32.18 -48.09 58.87
C PRO M 134 33.39 -48.13 57.94
N ALA M 135 34.58 -47.98 58.49
CA ALA M 135 35.79 -48.00 57.69
C ALA M 135 36.08 -49.42 57.18
N ARG M 136 37.01 -49.49 56.22
CA ARG M 136 37.60 -50.73 55.72
C ARG M 136 36.61 -51.58 54.93
N THR M 137 35.35 -51.18 54.87
CA THR M 137 34.33 -51.89 54.10
C THR M 137 33.67 -50.95 53.10
N THR M 138 33.33 -51.50 51.93
CA THR M 138 32.79 -50.74 50.82
C THR M 138 31.38 -51.22 50.48
N VAL M 139 30.49 -50.27 50.21
CA VAL M 139 29.10 -50.57 49.89
C VAL M 139 28.72 -49.81 48.62
N SER M 140 28.02 -50.49 47.71
CA SER M 140 27.57 -49.88 46.46
C SER M 140 26.12 -50.22 46.23
N ILE M 141 25.34 -49.22 45.81
CA ILE M 141 23.91 -49.38 45.54
C ILE M 141 23.69 -49.25 44.04
N VAL M 142 22.99 -50.22 43.46
CA VAL M 142 22.75 -50.27 42.02
C VAL M 142 21.27 -50.53 41.79
N GLY M 143 20.67 -49.76 40.89
CA GLY M 143 19.33 -50.03 40.42
C GLY M 143 18.26 -49.18 41.11
N SER M 144 17.08 -49.18 40.48
CA SER M 144 15.92 -48.46 40.99
C SER M 144 14.76 -49.40 41.30
N ASP M 145 14.56 -50.43 40.47
CA ASP M 145 13.55 -51.44 40.78
C ASP M 145 14.17 -52.62 41.54
N ARG M 146 15.42 -52.95 41.20
CA ARG M 146 16.07 -54.11 41.83
C ARG M 146 16.72 -53.73 43.15
N ALA M 147 17.54 -52.68 43.14
CA ALA M 147 18.28 -52.21 44.32
C ALA M 147 19.18 -53.30 44.88
N ASP M 148 20.02 -53.87 44.02
CA ASP M 148 21.04 -54.77 44.50
C ASP M 148 22.16 -53.97 45.16
N VAL M 149 22.51 -54.36 46.38
CA VAL M 149 23.50 -53.63 47.17
C VAL M 149 24.64 -54.59 47.49
N THR M 150 25.83 -54.28 46.99
CA THR M 150 26.99 -55.14 47.15
C THR M 150 27.88 -54.60 48.25
N MET M 151 28.17 -55.44 49.24
CA MET M 151 28.98 -55.06 50.38
C MET M 151 30.05 -56.11 50.64
N LEU M 152 31.26 -55.64 50.90
CA LEU M 152 32.40 -56.50 51.23
C LEU M 152 33.08 -55.96 52.48
N ASN M 153 33.55 -56.86 53.33
CA ASN M 153 34.04 -56.45 54.65
C ASN M 153 35.54 -56.20 54.65
N THR M 154 36.33 -57.24 54.37
CA THR M 154 37.80 -57.17 54.46
C THR M 154 38.24 -56.53 55.78
N GLY M 155 37.67 -57.01 56.88
CA GLY M 155 38.04 -56.52 58.20
C GLY M 155 37.73 -57.57 59.24
N ALA M 156 38.51 -57.54 60.33
CA ALA M 156 38.39 -58.57 61.34
C ALA M 156 37.03 -58.55 62.02
N GLY M 157 36.58 -57.38 62.45
CA GLY M 157 35.31 -57.28 63.15
C GLY M 157 34.12 -57.26 62.21
N ALA M 158 32.95 -57.47 62.80
CA ALA M 158 31.70 -57.37 62.05
C ALA M 158 31.46 -55.94 61.59
N ALA M 159 30.94 -55.78 60.38
CA ALA M 159 30.74 -54.45 59.82
C ALA M 159 29.72 -53.65 60.61
N ASN M 160 28.55 -54.24 60.86
CA ASN M 160 27.50 -53.62 61.68
C ASN M 160 27.07 -52.29 61.07
N ILE M 161 26.51 -52.35 59.86
CA ILE M 161 26.12 -51.17 59.11
C ILE M 161 24.63 -50.92 59.27
N THR M 162 24.17 -49.73 58.88
CA THR M 162 22.79 -49.31 59.08
C THR M 162 22.13 -48.97 57.75
N PHE M 163 20.82 -49.19 57.68
CA PHE M 163 20.01 -48.89 56.49
C PHE M 163 18.94 -47.87 56.85
N ASN M 164 18.56 -47.06 55.86
CA ASN M 164 17.48 -46.10 56.01
C ASN M 164 16.66 -46.08 54.73
N PHE M 165 15.39 -46.44 54.81
CA PHE M 165 14.50 -46.48 53.66
C PHE M 165 13.46 -45.36 53.66
N GLY M 166 13.62 -44.37 54.54
CA GLY M 166 12.70 -43.27 54.60
C GLY M 166 11.42 -43.62 55.34
N GLN M 167 10.54 -42.63 55.46
CA GLN M 167 9.25 -42.80 56.13
C GLN M 167 8.08 -42.83 55.17
N ILE M 168 8.33 -43.00 53.87
CA ILE M 168 7.28 -42.89 52.86
C ILE M 168 6.85 -44.27 52.35
N ALA M 169 7.80 -45.14 52.02
CA ALA M 169 7.47 -46.45 51.50
C ALA M 169 6.71 -47.27 52.54
N GLU M 170 5.79 -48.10 52.06
CA GLU M 170 4.95 -48.89 52.96
C GLU M 170 5.64 -50.17 53.40
N THR M 171 6.09 -50.98 52.44
CA THR M 171 6.78 -52.24 52.72
C THR M 171 8.05 -52.32 51.90
N VAL M 172 9.08 -52.94 52.49
CA VAL M 172 10.35 -53.19 51.81
C VAL M 172 10.75 -54.62 52.09
N ILE M 173 11.01 -55.39 51.04
CA ILE M 173 11.37 -56.80 51.14
C ILE M 173 12.84 -56.96 50.80
N LEU M 174 13.58 -57.63 51.68
CA LEU M 174 15.01 -57.83 51.52
C LEU M 174 15.30 -59.30 51.25
N LYS M 175 16.15 -59.57 50.26
CA LYS M 175 16.65 -60.91 49.98
C LYS M 175 18.15 -60.83 49.78
N GLY M 176 18.83 -61.94 50.07
CA GLY M 176 20.28 -61.97 49.98
C GLY M 176 20.78 -63.25 49.33
N SER M 177 22.00 -63.17 48.81
CA SER M 177 22.63 -64.35 48.23
C SER M 177 22.89 -65.41 49.29
N VAL M 178 23.32 -65.00 50.47
CA VAL M 178 23.52 -65.89 51.60
C VAL M 178 22.68 -65.38 52.76
N PRO M 179 22.28 -66.24 53.70
CA PRO M 179 21.45 -65.76 54.81
C PRO M 179 22.17 -64.73 55.66
N PHE M 180 21.40 -63.80 56.22
CA PHE M 180 21.95 -62.73 57.03
C PHE M 180 20.94 -62.34 58.09
N GLN M 181 21.41 -61.59 59.09
CA GLN M 181 20.60 -61.19 60.23
C GLN M 181 20.53 -59.67 60.31
N LEU M 182 19.32 -59.14 60.45
CA LEU M 182 19.09 -57.70 60.51
C LEU M 182 18.16 -57.39 61.66
N ALA M 183 18.47 -56.32 62.40
CA ALA M 183 17.71 -55.95 63.59
C ALA M 183 17.34 -54.48 63.54
N ARG M 184 16.46 -54.08 64.46
CA ARG M 184 15.97 -52.70 64.55
C ARG M 184 16.73 -51.95 65.62
N LEU M 185 17.93 -51.50 65.27
CA LEU M 185 18.79 -50.70 66.13
C LEU M 185 19.05 -51.48 67.42
N ASN M 186 18.58 -51.02 68.58
CA ASN M 186 18.79 -51.74 69.84
C ASN M 186 17.78 -52.86 69.96
N GLN M 187 17.98 -53.90 69.15
CA GLN M 187 17.15 -55.09 69.12
C GLN M 187 18.03 -56.33 69.09
N PRO M 188 17.54 -57.45 69.59
CA PRO M 188 18.35 -58.68 69.55
C PRO M 188 18.42 -59.24 68.15
N MET M 189 19.64 -59.58 67.73
CA MET M 189 19.86 -60.08 66.38
C MET M 189 19.15 -61.42 66.21
N PRO M 190 18.33 -61.59 65.17
CA PRO M 190 17.59 -62.84 65.00
C PRO M 190 18.38 -63.88 64.23
N ALA M 191 17.78 -65.04 63.99
CA ALA M 191 18.42 -66.10 63.24
C ALA M 191 18.64 -65.65 61.79
N ALA M 192 19.79 -66.03 61.24
CA ALA M 192 20.12 -65.66 59.86
C ALA M 192 19.17 -66.33 58.90
N ARG M 193 18.49 -65.53 58.08
CA ARG M 193 17.54 -66.04 57.10
C ARG M 193 17.75 -65.32 55.78
N PHE M 194 17.16 -65.87 54.72
CA PHE M 194 17.31 -65.29 53.40
C PHE M 194 16.49 -64.01 53.24
N THR M 195 15.26 -64.01 53.74
CA THR M 195 14.31 -62.95 53.45
C THR M 195 14.00 -62.13 54.70
N TYR M 196 13.33 -61.00 54.48
CA TYR M 196 12.89 -60.10 55.52
C TYR M 196 11.75 -59.24 54.99
N LYS M 197 10.79 -58.94 55.84
CA LYS M 197 9.72 -58.00 55.52
C LYS M 197 9.75 -56.88 56.55
N LEU M 198 9.71 -55.64 56.07
CA LEU M 198 9.99 -54.50 56.92
C LEU M 198 8.99 -53.38 56.66
N ARG M 199 8.66 -52.65 57.72
CA ARG M 199 7.94 -51.39 57.61
C ARG M 199 8.94 -50.26 57.82
N PRO M 200 9.17 -49.40 56.82
CA PRO M 200 10.23 -48.38 56.96
C PRO M 200 10.00 -47.42 58.11
N LEU M 201 8.75 -47.23 58.55
CA LEU M 201 8.49 -46.40 59.72
C LEU M 201 9.04 -46.99 61.01
N ASP M 202 9.43 -48.26 61.01
CA ASP M 202 9.92 -48.90 62.23
C ASP M 202 11.18 -48.23 62.74
N GLY M 203 12.11 -47.90 61.84
CA GLY M 203 13.32 -47.22 62.22
C GLY M 203 14.50 -47.66 61.39
N PRO M 204 15.67 -47.07 61.67
CA PRO M 204 16.89 -47.52 60.98
C PRO M 204 17.16 -48.99 61.25
N PHE M 205 17.47 -49.73 60.19
CA PHE M 205 17.69 -51.16 60.26
C PHE M 205 19.19 -51.42 60.17
N ILE M 206 19.72 -52.13 61.15
CA ILE M 206 21.16 -52.36 61.28
C ILE M 206 21.45 -53.83 60.98
N VAL M 207 22.39 -54.06 60.06
CA VAL M 207 22.72 -55.39 59.61
C VAL M 207 24.21 -55.62 59.80
N VAL M 208 24.58 -56.86 60.12
CA VAL M 208 25.97 -57.25 60.31
C VAL M 208 26.44 -57.99 59.06
N LEU M 209 27.74 -57.90 58.79
CA LEU M 209 28.33 -58.47 57.58
C LEU M 209 29.40 -59.47 57.96
N PRO M 210 29.25 -60.75 57.59
CA PRO M 210 30.33 -61.72 57.84
C PRO M 210 31.60 -61.34 57.08
N VAL M 211 32.74 -61.70 57.65
CA VAL M 211 34.02 -61.34 57.08
C VAL M 211 34.28 -62.11 55.79
N GLY M 212 33.72 -63.32 55.69
CA GLY M 212 34.15 -64.25 54.65
C GLY M 212 33.91 -63.75 53.24
N ASN M 213 32.65 -63.67 52.84
CA ASN M 213 32.32 -63.45 51.45
C ASN M 213 31.44 -62.21 51.29
N PRO M 214 31.50 -61.56 50.13
CA PRO M 214 30.63 -60.41 49.89
C PRO M 214 29.16 -60.80 49.91
N LEU M 215 28.33 -59.87 50.38
CA LEU M 215 26.89 -60.06 50.49
C LEU M 215 26.21 -59.09 49.55
N VAL M 216 25.22 -59.59 48.80
CA VAL M 216 24.40 -58.76 47.92
C VAL M 216 22.96 -58.86 48.38
N ILE M 217 22.33 -57.71 48.63
CA ILE M 217 20.97 -57.64 49.15
C ILE M 217 20.09 -57.02 48.10
N SER M 218 18.97 -57.67 47.79
CA SER M 218 18.00 -57.17 46.82
C SER M 218 16.78 -56.65 47.57
N ALA M 219 16.43 -55.39 47.31
CA ALA M 219 15.33 -54.73 48.00
C ALA M 219 14.21 -54.42 47.03
N THR M 220 12.99 -54.80 47.40
CA THR M 220 11.80 -54.51 46.61
C THR M 220 10.81 -53.79 47.50
N ALA M 221 10.34 -52.62 47.06
CA ALA M 221 9.47 -51.78 47.86
C ALA M 221 8.16 -51.51 47.13
N ALA M 222 7.17 -51.08 47.88
CA ALA M 222 5.86 -50.71 47.35
C ALA M 222 5.37 -49.46 48.05
N THR M 223 4.89 -48.49 47.27
CA THR M 223 4.38 -47.24 47.79
C THR M 223 3.02 -46.95 47.18
N ARG M 224 2.14 -46.36 47.97
CA ARG M 224 0.76 -46.07 47.56
C ARG M 224 0.58 -44.56 47.42
N ILE M 225 0.20 -44.13 46.22
CA ILE M 225 -0.02 -42.72 45.90
C ILE M 225 -1.42 -42.58 45.32
N GLN M 226 -2.16 -41.58 45.80
CA GLN M 226 -3.51 -41.35 45.32
C GLN M 226 -3.49 -40.87 43.87
N VAL M 227 -4.26 -41.53 43.02
CA VAL M 227 -4.33 -41.20 41.60
C VAL M 227 -5.79 -41.26 41.16
N PRO M 228 -6.11 -40.61 40.04
CA PRO M 228 -7.48 -40.69 39.51
C PRO M 228 -7.82 -42.11 39.07
N LEU M 229 -9.11 -42.34 38.88
CA LEU M 229 -9.58 -43.68 38.51
C LEU M 229 -9.03 -44.10 37.17
N ALA M 230 -9.01 -43.20 36.19
CA ALA M 230 -8.56 -43.53 34.83
C ALA M 230 -7.04 -43.32 34.72
N PHE M 231 -6.32 -43.97 35.64
CA PHE M 231 -4.87 -43.93 35.67
C PHE M 231 -4.34 -45.33 35.35
N ASN M 232 -3.68 -45.46 34.20
CA ASN M 232 -3.10 -46.72 33.77
C ASN M 232 -1.58 -46.56 33.80
N LYS M 233 -0.92 -47.38 34.62
CA LYS M 233 0.53 -47.27 34.76
C LYS M 233 1.26 -47.65 33.48
N ALA M 234 0.70 -48.62 32.73
CA ALA M 234 1.33 -49.03 31.48
C ALA M 234 1.35 -47.88 30.47
N LEU M 235 0.26 -47.13 30.37
CA LEU M 235 0.20 -46.04 29.40
C LEU M 235 1.05 -44.87 29.85
N VAL M 236 1.16 -44.64 31.16
CA VAL M 236 1.95 -43.52 31.66
C VAL M 236 3.43 -43.74 31.42
N GLU M 237 3.89 -44.99 31.60
CA GLU M 237 5.31 -45.29 31.39
C GLU M 237 5.71 -45.04 29.94
N SER M 238 4.87 -45.49 29.00
CA SER M 238 5.17 -45.27 27.58
C SER M 238 5.07 -43.80 27.21
N GLY M 239 4.12 -43.08 27.80
CA GLY M 239 4.02 -41.66 27.54
C GLY M 239 5.21 -40.88 28.07
N PHE M 240 5.74 -41.29 29.23
CA PHE M 240 6.92 -40.64 29.78
C PHE M 240 8.12 -40.80 28.86
N GLN M 241 8.30 -42.01 28.30
CA GLN M 241 9.39 -42.23 27.37
C GLN M 241 9.23 -41.42 26.10
N THR M 242 8.00 -41.31 25.59
CA THR M 242 7.75 -40.53 24.39
C THR M 242 8.07 -39.06 24.61
N ALA M 243 7.67 -38.51 25.76
CA ALA M 243 7.89 -37.09 26.03
C ALA M 243 9.37 -36.76 26.05
N MET M 244 10.18 -37.62 26.66
CA MET M 244 11.62 -37.38 26.68
C MET M 244 12.21 -37.46 25.28
N ASN M 245 11.76 -38.42 24.47
CA ASN M 245 12.23 -38.51 23.10
C ASN M 245 11.80 -37.30 22.29
N ASP M 246 10.56 -36.84 22.47
CA ASP M 246 10.05 -35.68 21.75
C ASP M 246 10.70 -34.38 22.19
N GLY M 247 11.45 -34.39 23.28
CA GLY M 247 12.12 -33.18 23.73
C GLY M 247 11.30 -32.27 24.60
N LEU M 248 10.18 -32.76 25.16
CA LEU M 248 9.36 -31.92 26.02
C LEU M 248 10.10 -31.52 27.29
N PHE M 249 10.90 -32.44 27.84
CA PHE M 249 11.70 -32.17 29.04
C PHE M 249 13.12 -31.82 28.59
N ASP M 250 13.30 -30.57 28.17
CA ASP M 250 14.61 -30.08 27.76
C ASP M 250 14.95 -28.75 28.40
N ILE M 251 14.27 -28.39 29.50
CA ILE M 251 14.59 -27.15 30.20
C ILE M 251 15.92 -27.32 30.93
N GLN M 252 16.69 -26.24 30.98
CA GLN M 252 17.97 -26.27 31.67
C GLN M 252 17.76 -26.36 33.18
N ASN M 253 18.80 -26.84 33.87
CA ASN M 253 18.79 -26.97 35.34
C ASN M 253 17.65 -27.86 35.83
N VAL M 254 17.41 -28.97 35.12
CA VAL M 254 16.43 -29.95 35.53
C VAL M 254 17.10 -31.32 35.58
N ASN M 255 16.47 -32.24 36.31
CA ASN M 255 16.98 -33.58 36.48
C ASN M 255 16.16 -34.58 35.66
N TYR M 256 16.83 -35.57 35.12
CA TYR M 256 16.21 -36.57 34.25
C TYR M 256 16.14 -37.91 34.97
N TYR M 257 15.06 -38.65 34.70
CA TYR M 257 14.80 -39.90 35.39
C TYR M 257 14.48 -40.99 34.39
N SER M 258 14.80 -42.24 34.77
CA SER M 258 14.70 -43.35 33.83
C SER M 258 13.26 -43.74 33.56
N SER M 259 12.37 -43.51 34.52
CA SER M 259 10.97 -43.88 34.36
C SER M 259 10.12 -43.02 35.28
N PHE M 260 8.80 -43.11 35.08
CA PHE M 260 7.88 -42.26 35.82
C PHE M 260 7.84 -42.62 37.30
N ASP M 261 7.99 -43.91 37.64
CA ASP M 261 7.97 -44.30 39.05
C ASP M 261 9.14 -43.69 39.80
N GLU M 262 10.32 -43.65 39.18
CA GLU M 262 11.46 -42.99 39.80
C GLU M 262 11.21 -41.49 39.97
N PHE M 263 10.56 -40.87 38.98
CA PHE M 263 10.27 -39.45 39.06
C PHE M 263 9.32 -39.13 40.21
N ILE M 264 8.25 -39.91 40.34
CA ILE M 264 7.23 -39.60 41.34
C ILE M 264 7.76 -39.88 42.75
N ILE M 265 8.59 -40.91 42.90
CA ILE M 265 9.13 -41.23 44.22
C ILE M 265 10.15 -40.18 44.65
N SER M 266 10.99 -39.71 43.73
CA SER M 266 12.00 -38.73 44.07
C SER M 266 11.37 -37.42 44.54
N GLN M 267 10.31 -36.98 43.86
CA GLN M 267 9.62 -35.77 44.29
C GLN M 267 8.93 -35.98 45.63
N TYR M 268 8.46 -37.19 45.91
CA TYR M 268 7.82 -37.48 47.19
C TYR M 268 8.79 -37.30 48.36
N HIS M 269 10.03 -37.76 48.19
CA HIS M 269 10.99 -37.76 49.28
C HIS M 269 11.69 -36.42 49.48
N ALA M 270 11.54 -35.49 48.55
CA ALA M 270 12.07 -34.15 48.77
C ALA M 270 11.23 -33.40 49.79
N GLN M 271 11.82 -32.36 50.38
CA GLN M 271 11.08 -31.53 51.31
C GLN M 271 9.89 -30.89 50.60
N ASP M 272 8.77 -30.79 51.31
CA ASP M 272 7.50 -30.39 50.71
C ASP M 272 7.16 -31.34 49.56
N GLY M 273 6.93 -32.60 49.92
CA GLY M 273 6.66 -33.63 48.93
C GLY M 273 5.19 -33.93 48.72
N ILE M 274 4.35 -33.56 49.70
CA ILE M 274 2.93 -33.84 49.59
C ILE M 274 2.30 -32.99 48.49
N ASN M 275 2.76 -31.74 48.34
CA ASN M 275 2.26 -30.90 47.26
C ASN M 275 2.90 -31.25 45.92
N ARG M 276 4.14 -31.73 45.92
CA ARG M 276 4.79 -32.08 44.66
C ARG M 276 4.12 -33.26 43.99
N VAL M 277 3.73 -34.28 44.76
CA VAL M 277 3.12 -35.46 44.15
C VAL M 277 1.77 -35.12 43.55
N SER M 278 1.09 -34.10 44.07
CA SER M 278 -0.18 -33.68 43.49
C SER M 278 0.01 -33.20 42.07
N THR M 279 1.08 -32.46 41.80
CA THR M 279 1.37 -32.01 40.45
C THR M 279 1.87 -33.16 39.59
N CYS M 280 2.61 -34.09 40.18
CA CYS M 280 3.17 -35.20 39.42
C CYS M 280 2.09 -36.12 38.88
N VAL M 281 1.05 -36.39 39.68
CA VAL M 281 -0.02 -37.28 39.21
C VAL M 281 -0.82 -36.62 38.10
N ILE M 282 -0.97 -35.30 38.12
CA ILE M 282 -1.61 -34.62 37.01
C ILE M 282 -0.75 -34.72 35.75
N LEU M 283 0.57 -34.63 35.91
CA LEU M 283 1.46 -34.84 34.79
C LEU M 283 1.35 -36.27 34.27
N GLY M 284 1.22 -37.24 35.17
CA GLY M 284 1.04 -38.62 34.75
C GLY M 284 -0.21 -38.83 33.92
N LEU M 285 -1.33 -38.22 34.35
CA LEU M 285 -2.56 -38.34 33.58
C LEU M 285 -2.43 -37.66 32.22
N ALA M 286 -1.76 -36.51 32.18
CA ALA M 286 -1.52 -35.84 30.90
C ALA M 286 -0.62 -36.68 30.01
N LEU M 287 0.39 -37.32 30.59
CA LEU M 287 1.28 -38.17 29.80
C LEU M 287 0.52 -39.38 29.26
N GLN M 288 -0.47 -39.86 29.99
CA GLN M 288 -1.30 -40.96 29.49
C GLN M 288 -2.07 -40.52 28.24
N ALA M 289 -2.61 -39.30 28.25
CA ALA M 289 -3.29 -38.79 27.06
C ALA M 289 -2.32 -38.56 25.92
N TYR M 290 -1.10 -38.12 26.24
CA TYR M 290 -0.12 -37.83 25.20
C TYR M 290 0.25 -39.08 24.42
N ASP M 291 0.40 -40.21 25.12
CA ASP M 291 0.78 -41.46 24.46
C ASP M 291 -0.32 -41.94 23.53
N GLN M 292 -1.57 -41.94 24.01
CA GLN M 292 -2.67 -42.45 23.21
C GLN M 292 -2.90 -41.59 21.97
N MET M 293 -2.78 -40.27 22.11
CA MET M 293 -3.02 -39.39 20.98
C MET M 293 -1.88 -39.46 19.97
N ARG M 294 -0.63 -39.52 20.44
CA ARG M 294 0.51 -39.56 19.54
C ARG M 294 0.55 -40.87 18.77
N ARG M 295 0.19 -41.98 19.41
CA ARG M 295 0.15 -43.25 18.69
C ARG M 295 -0.94 -43.26 17.64
N ALA M 296 -2.03 -42.54 17.89
CA ALA M 296 -3.09 -42.43 16.89
C ALA M 296 -2.70 -41.47 15.77
N LEU M 297 -1.97 -40.41 16.11
CA LEU M 297 -1.57 -39.38 15.15
C LEU M 297 -0.07 -39.15 15.27
N PRO M 298 0.75 -40.03 14.71
CA PRO M 298 2.20 -39.84 14.78
C PRO M 298 2.65 -38.60 14.01
N VAL M 299 3.66 -37.94 14.56
CA VAL M 299 4.23 -36.76 13.92
C VAL M 299 5.75 -36.80 13.99
N ALA N 2 43.88 -52.33 25.20
CA ALA N 2 42.69 -51.79 24.57
C ALA N 2 41.62 -52.87 24.40
N ASN N 3 41.06 -53.31 25.53
CA ASN N 3 40.07 -54.38 25.50
C ASN N 3 38.73 -53.87 25.00
N ARG N 4 37.96 -54.79 24.42
CA ARG N 4 36.65 -54.48 23.86
C ARG N 4 35.57 -55.27 24.60
N ALA N 5 34.52 -54.56 25.00
CA ALA N 5 33.40 -55.16 25.70
C ALA N 5 32.11 -54.83 24.95
N THR N 6 31.29 -55.85 24.72
CA THR N 6 30.09 -55.70 23.91
C THR N 6 28.92 -56.40 24.59
N SER N 7 27.71 -55.98 24.21
CA SER N 7 26.51 -56.60 24.73
C SER N 7 26.33 -57.99 24.14
N ALA N 8 25.68 -58.86 24.93
CA ALA N 8 25.54 -60.26 24.53
C ALA N 8 24.58 -60.41 23.37
N PHE N 9 23.45 -59.71 23.39
CA PHE N 9 22.40 -59.94 22.40
C PHE N 9 22.67 -59.27 21.07
N LEU N 10 23.66 -58.38 21.00
CA LEU N 10 23.96 -57.69 19.75
C LEU N 10 24.87 -58.50 18.84
N ASP N 11 25.40 -59.62 19.31
CA ASP N 11 26.37 -60.39 18.55
C ASP N 11 25.66 -61.31 17.57
N ASN N 12 26.07 -61.26 16.30
CA ASN N 12 25.63 -62.15 15.23
C ASN N 12 24.11 -62.20 15.10
N PRO N 13 23.47 -61.14 14.61
CA PRO N 13 22.03 -61.22 14.31
C PRO N 13 21.79 -62.09 13.08
N HIS N 14 21.05 -63.16 13.27
CA HIS N 14 20.84 -64.11 12.18
C HIS N 14 19.85 -63.52 11.16
N PRO N 15 19.98 -63.92 9.88
CA PRO N 15 19.03 -63.47 8.87
C PRO N 15 17.61 -63.96 9.16
N VAL N 16 16.63 -63.16 8.76
CA VAL N 16 15.24 -63.51 8.89
C VAL N 16 14.71 -63.95 7.53
N GLY N 17 13.51 -64.55 7.54
CA GLY N 17 12.91 -64.99 6.29
C GLY N 17 12.58 -63.83 5.38
N VAL N 18 12.69 -64.08 4.08
CA VAL N 18 12.37 -63.11 3.06
C VAL N 18 11.04 -63.45 2.36
N ASN N 19 10.22 -64.27 3.01
CA ASN N 19 8.96 -64.74 2.44
C ASN N 19 7.80 -64.23 3.29
N TYR N 20 6.62 -64.21 2.67
CA TYR N 20 5.40 -63.74 3.31
C TYR N 20 5.55 -62.31 3.82
N VAL N 21 6.02 -61.42 2.94
CA VAL N 21 6.19 -60.01 3.27
C VAL N 21 5.44 -59.11 2.31
N ASP N 22 4.54 -59.67 1.50
CA ASP N 22 3.79 -58.88 0.54
C ASP N 22 2.57 -58.26 1.19
N GLU N 23 1.80 -57.51 0.40
CA GLU N 23 0.60 -56.87 0.92
C GLU N 23 -0.45 -57.90 1.32
N GLY N 24 -0.63 -58.94 0.51
CA GLY N 24 -1.58 -59.98 0.85
C GLY N 24 -1.16 -60.76 2.09
N SER N 25 0.13 -61.04 2.22
CA SER N 25 0.63 -61.73 3.40
C SER N 25 0.46 -60.89 4.65
N ARG N 26 0.80 -59.60 4.58
CA ARG N 26 0.64 -58.72 5.73
C ARG N 26 -0.82 -58.57 6.10
N GLN N 27 -1.72 -58.64 5.11
CA GLN N 27 -3.14 -58.61 5.39
C GLN N 27 -3.58 -59.85 6.17
N PHE N 28 -3.00 -61.01 5.83
CA PHE N 28 -3.36 -62.24 6.53
C PHE N 28 -2.97 -62.19 8.00
N VAL N 29 -1.78 -61.64 8.29
CA VAL N 29 -1.34 -61.53 9.69
C VAL N 29 -2.27 -60.61 10.46
N ALA N 30 -2.65 -59.49 9.86
CA ALA N 30 -3.57 -58.57 10.53
C ALA N 30 -4.95 -59.20 10.71
N VAL N 31 -5.42 -59.94 9.71
CA VAL N 31 -6.72 -60.61 9.83
C VAL N 31 -6.69 -61.65 10.93
N ALA N 32 -5.56 -62.35 11.06
CA ALA N 32 -5.44 -63.36 12.11
C ALA N 32 -5.53 -62.75 13.49
N GLU N 33 -4.88 -61.59 13.70
CA GLU N 33 -4.91 -60.94 15.01
C GLU N 33 -6.32 -60.48 15.36
N LEU N 34 -7.03 -59.91 14.40
CA LEU N 34 -8.39 -59.46 14.66
C LEU N 34 -9.31 -60.62 15.01
N LEU N 35 -9.22 -61.71 14.25
CA LEU N 35 -10.10 -62.85 14.50
C LEU N 35 -9.70 -63.60 15.75
N ALA N 36 -8.41 -63.55 16.13
CA ALA N 36 -7.99 -64.12 17.40
C ALA N 36 -8.57 -63.32 18.57
N SER N 37 -8.65 -62.00 18.43
CA SER N 37 -9.25 -61.18 19.47
C SER N 37 -10.72 -61.53 19.66
N LYS N 38 -11.44 -61.75 18.56
CA LYS N 38 -12.84 -62.14 18.67
C LYS N 38 -12.98 -63.50 19.34
N LEU N 39 -12.04 -64.42 19.06
CA LEU N 39 -12.11 -65.76 19.63
C LEU N 39 -11.96 -65.72 21.15
N ILE N 40 -10.93 -65.04 21.64
CA ILE N 40 -10.68 -65.01 23.08
C ILE N 40 -11.76 -64.22 23.80
N ASP N 41 -12.23 -63.12 23.19
CA ASP N 41 -13.29 -62.33 23.80
C ASP N 41 -14.60 -63.13 23.88
N SER N 42 -14.91 -63.87 22.81
CA SER N 42 -16.13 -64.68 22.82
C SER N 42 -16.05 -65.79 23.85
N SER N 43 -14.87 -66.40 24.01
CA SER N 43 -14.70 -67.44 25.01
C SER N 43 -14.94 -66.90 26.42
N ARG N 44 -14.47 -65.69 26.68
CA ARG N 44 -14.76 -65.05 27.96
C ARG N 44 -16.26 -64.78 28.11
N GLU N 45 -16.90 -64.33 27.03
CA GLU N 45 -18.34 -64.08 27.08
C GLU N 45 -19.13 -65.36 27.29
N SER N 46 -18.74 -66.44 26.58
CA SER N 46 -19.45 -67.70 26.73
C SER N 46 -19.26 -68.30 28.12
N ASP N 47 -18.06 -68.15 28.71
CA ASP N 47 -17.83 -68.61 30.06
C ASP N 47 -18.68 -67.83 31.06
N GLU N 48 -18.82 -66.52 30.84
CA GLU N 48 -19.63 -65.70 31.74
C GLU N 48 -21.09 -66.10 31.68
N SER N 49 -21.64 -66.20 30.48
CA SER N 49 -23.03 -66.61 30.31
C SER N 49 -23.15 -68.13 30.39
N ASN N 50 -24.37 -68.62 30.18
CA ASN N 50 -24.60 -70.06 30.16
C ASN N 50 -24.42 -70.65 28.77
N SER N 51 -24.84 -69.92 27.74
CA SER N 51 -24.76 -70.40 26.38
C SER N 51 -23.32 -70.41 25.87
N ASP N 52 -23.08 -71.22 24.85
CA ASP N 52 -21.79 -71.31 24.19
C ASP N 52 -21.85 -70.88 22.73
N VAL N 53 -22.96 -70.25 22.33
CA VAL N 53 -23.09 -69.81 20.93
C VAL N 53 -22.03 -68.77 20.55
N PRO N 54 -21.74 -67.73 21.36
CA PRO N 54 -20.71 -66.76 20.93
C PRO N 54 -19.37 -67.40 20.63
N PHE N 55 -18.97 -68.43 21.38
CA PHE N 55 -17.75 -69.15 21.04
C PHE N 55 -17.92 -69.95 19.76
N VAL N 56 -19.11 -70.51 19.54
CA VAL N 56 -19.35 -71.34 18.36
C VAL N 56 -19.22 -70.49 17.10
N GLN N 57 -19.81 -69.30 17.09
CA GLN N 57 -19.73 -68.44 15.93
C GLN N 57 -18.30 -67.98 15.67
N ALA N 58 -17.57 -67.63 16.74
CA ALA N 58 -16.19 -67.19 16.56
C ALA N 58 -15.31 -68.31 16.03
N TYR N 59 -15.48 -69.53 16.54
CA TYR N 59 -14.68 -70.65 16.05
C TYR N 59 -15.04 -71.01 14.62
N SER N 60 -16.31 -70.82 14.23
CA SER N 60 -16.72 -71.11 12.86
C SER N 60 -15.98 -70.21 11.87
N LYS N 61 -15.84 -68.92 12.21
CA LYS N 61 -15.10 -68.03 11.33
C LYS N 61 -13.61 -68.36 11.33
N PHE N 62 -13.05 -68.69 12.49
CA PHE N 62 -11.61 -68.89 12.60
C PHE N 62 -11.17 -70.18 11.91
N ALA N 63 -11.90 -71.27 12.12
CA ALA N 63 -11.47 -72.59 11.67
C ALA N 63 -12.29 -73.12 10.50
N ASP N 64 -13.26 -72.36 10.01
CA ASP N 64 -14.10 -72.70 8.85
C ASP N 64 -14.88 -74.00 9.04
N ASP N 65 -15.04 -74.48 10.27
CA ASP N 65 -15.85 -75.65 10.54
C ASP N 65 -16.61 -75.47 11.85
N ASN N 66 -17.75 -76.13 11.94
CA ASN N 66 -18.57 -76.04 13.15
C ASN N 66 -17.93 -76.87 14.26
N PRO N 67 -17.82 -76.35 15.48
CA PRO N 67 -17.24 -77.14 16.56
C PRO N 67 -18.12 -78.31 16.95
N ARG N 68 -17.49 -79.38 17.41
CA ARG N 68 -18.19 -80.58 17.84
C ARG N 68 -17.68 -80.99 19.22
N HIS N 69 -18.58 -81.52 20.04
CA HIS N 69 -18.24 -81.85 21.42
C HIS N 69 -17.21 -82.96 21.48
N LEU N 70 -17.38 -84.01 20.68
CA LEU N 70 -16.48 -85.15 20.73
C LEU N 70 -15.13 -84.83 20.10
N ARG N 71 -15.14 -84.16 18.96
CA ARG N 71 -13.91 -83.88 18.23
C ARG N 71 -13.11 -82.77 18.91
N VAL N 72 -11.79 -82.88 18.81
CA VAL N 72 -10.89 -81.90 19.40
C VAL N 72 -10.89 -80.63 18.56
N LYS N 73 -10.76 -79.48 19.23
CA LYS N 73 -10.73 -78.19 18.58
C LYS N 73 -9.27 -77.72 18.49
N THR N 74 -8.79 -77.52 17.27
CA THR N 74 -7.38 -77.19 17.05
C THR N 74 -7.15 -75.85 16.36
N GLY N 75 -8.19 -75.22 15.82
CA GLY N 75 -8.04 -73.98 15.10
C GLY N 75 -8.21 -74.08 13.60
N GLY N 76 -8.19 -75.29 13.05
CA GLY N 76 -8.47 -75.46 11.64
C GLY N 76 -7.33 -75.00 10.75
N LYS N 77 -7.69 -74.51 9.56
CA LYS N 77 -6.68 -74.12 8.57
C LYS N 77 -5.90 -72.90 9.04
N MET N 78 -6.57 -71.98 9.74
CA MET N 78 -5.90 -70.76 10.20
C MET N 78 -4.77 -71.07 11.17
N ALA N 79 -4.97 -72.03 12.06
CA ALA N 79 -3.94 -72.38 13.03
C ALA N 79 -2.70 -72.93 12.34
N ASN N 80 -2.89 -73.78 11.33
CA ASN N 80 -1.74 -74.34 10.63
C ASN N 80 -0.98 -73.28 9.85
N ALA N 81 -1.71 -72.40 9.16
CA ALA N 81 -1.06 -71.36 8.36
C ALA N 81 -0.30 -70.38 9.25
N LEU N 82 -0.90 -69.96 10.37
CA LEU N 82 -0.23 -69.03 11.27
C LEU N 82 1.02 -69.65 11.87
N THR N 83 0.94 -70.92 12.28
CA THR N 83 2.10 -71.59 12.84
C THR N 83 3.22 -71.70 11.82
N ASN N 84 2.85 -72.04 10.57
CA ASN N 84 3.86 -72.17 9.51
C ASN N 84 4.48 -70.82 9.16
N VAL N 85 3.66 -69.77 9.09
CA VAL N 85 4.19 -68.47 8.70
C VAL N 85 5.10 -67.90 9.78
N ILE N 86 4.85 -68.26 11.04
CA ILE N 86 5.71 -67.80 12.12
C ILE N 86 7.08 -68.45 12.01
N ARG N 87 7.12 -69.72 11.61
CA ARG N 87 8.38 -70.40 11.41
C ARG N 87 9.22 -69.73 10.34
N SER N 88 8.58 -69.32 9.24
CA SER N 88 9.32 -68.76 8.12
C SER N 88 9.92 -67.40 8.47
N TYR N 89 9.24 -66.61 9.29
CA TYR N 89 9.71 -65.26 9.59
C TYR N 89 11.02 -65.28 10.36
N TYR N 90 11.16 -66.23 11.30
CA TYR N 90 12.28 -66.17 12.24
C TYR N 90 13.61 -66.40 11.55
N SER N 91 13.65 -67.32 10.58
CA SER N 91 14.91 -67.67 9.92
C SER N 91 14.67 -67.86 8.43
N ILE N 92 15.72 -67.58 7.65
CA ILE N 92 15.66 -67.79 6.20
C ILE N 92 15.76 -69.26 5.85
N ASN N 93 16.12 -70.13 6.80
CA ASN N 93 16.26 -71.55 6.54
C ASN N 93 14.95 -72.32 6.71
N ALA N 94 13.87 -71.66 7.14
CA ALA N 94 12.61 -72.34 7.35
C ALA N 94 12.01 -72.77 6.01
N PRO N 95 11.29 -73.90 5.99
CA PRO N 95 10.74 -74.40 4.71
C PRO N 95 9.80 -73.43 4.02
N ALA N 96 8.98 -72.69 4.76
CA ALA N 96 7.99 -71.77 4.20
C ALA N 96 7.05 -72.51 3.24
N ILE N 97 6.30 -73.44 3.82
CA ILE N 97 5.54 -74.41 3.02
C ILE N 97 4.10 -73.99 2.70
N VAL N 98 3.54 -73.05 3.44
CA VAL N 98 2.12 -72.71 3.22
C VAL N 98 1.96 -72.02 1.87
N PRO N 99 0.98 -72.40 1.05
CA PRO N 99 0.83 -71.79 -0.27
C PRO N 99 0.28 -70.38 -0.19
N GLN N 100 0.45 -69.65 -1.30
CA GLN N 100 -0.04 -68.28 -1.40
C GLN N 100 -1.55 -68.24 -1.62
N VAL N 101 -2.11 -69.24 -2.31
CA VAL N 101 -3.55 -69.29 -2.53
C VAL N 101 -4.28 -69.44 -1.20
N GLU N 102 -3.72 -70.26 -0.30
CA GLU N 102 -4.31 -70.39 1.03
C GLU N 102 -4.22 -69.08 1.80
N ILE N 103 -3.11 -68.36 1.65
CA ILE N 103 -2.95 -67.08 2.34
C ILE N 103 -4.00 -66.08 1.87
N ASP N 104 -4.21 -66.00 0.56
CA ASP N 104 -5.18 -65.04 0.02
C ASP N 104 -6.60 -65.40 0.46
N ARG N 105 -6.94 -66.69 0.45
CA ARG N 105 -8.28 -67.10 0.85
C ARG N 105 -8.54 -66.79 2.32
N LEU N 106 -7.53 -67.02 3.17
CA LEU N 106 -7.69 -66.72 4.59
C LEU N 106 -7.85 -65.23 4.83
N ALA N 107 -7.10 -64.41 4.08
CA ALA N 107 -7.16 -62.95 4.28
C ALA N 107 -8.49 -62.36 3.83
N SER N 108 -9.27 -63.07 3.03
CA SER N 108 -10.54 -62.56 2.55
C SER N 108 -11.63 -62.61 3.61
N LYS N 109 -11.37 -63.26 4.76
CA LYS N 109 -12.41 -63.43 5.77
C LYS N 109 -12.82 -62.10 6.39
N ALA N 110 -11.86 -61.20 6.61
CA ALA N 110 -12.14 -59.90 7.21
C ALA N 110 -11.49 -58.80 6.40
N THR N 111 -12.13 -57.64 6.38
CA THR N 111 -11.63 -56.48 5.63
C THR N 111 -10.78 -55.64 6.59
N VAL N 112 -9.47 -55.85 6.52
CA VAL N 112 -8.52 -55.18 7.41
C VAL N 112 -7.31 -54.77 6.59
N SER N 113 -6.80 -53.57 6.83
CA SER N 113 -5.60 -53.10 6.14
C SER N 113 -4.38 -53.91 6.58
N GLY N 114 -3.44 -54.05 5.66
CA GLY N 114 -2.16 -54.66 5.95
C GLY N 114 -1.10 -53.69 6.39
N ASP N 115 -1.47 -52.48 6.80
CA ASP N 115 -0.50 -51.46 7.17
C ASP N 115 0.25 -51.86 8.43
N MET N 116 1.57 -51.63 8.41
CA MET N 116 2.42 -51.94 9.55
C MET N 116 3.24 -50.72 9.99
N TYR N 117 2.87 -49.52 9.54
CA TYR N 117 3.65 -48.33 9.83
C TYR N 117 2.78 -47.14 10.28
N ASN N 118 1.53 -47.38 10.69
CA ASN N 118 0.66 -46.27 11.07
C ASN N 118 0.84 -45.85 12.51
N SER N 119 1.62 -46.57 13.30
CA SER N 119 1.86 -46.19 14.69
C SER N 119 3.30 -46.45 15.09
N TYR N 120 3.58 -46.44 16.39
CA TYR N 120 4.93 -46.62 16.89
C TYR N 120 4.88 -47.28 18.27
N ALA N 121 5.99 -47.90 18.65
CA ALA N 121 6.15 -48.50 19.96
C ALA N 121 7.57 -48.22 20.45
N ILE N 122 7.75 -48.27 21.76
CA ILE N 122 9.01 -47.93 22.40
C ILE N 122 9.60 -49.18 23.02
N PHE N 123 10.87 -49.45 22.74
CA PHE N 123 11.57 -50.64 23.22
C PHE N 123 12.72 -50.23 24.11
N ASN N 124 12.99 -51.03 25.14
CA ASN N 124 13.88 -50.64 26.22
C ASN N 124 15.21 -51.37 26.23
N SER N 125 15.49 -52.22 25.24
CA SER N 125 16.79 -52.89 25.19
C SER N 125 17.89 -51.88 24.91
N VAL N 126 18.80 -51.74 25.88
CA VAL N 126 19.88 -50.76 25.76
C VAL N 126 21.01 -51.32 24.91
N PRO N 127 21.33 -50.69 23.78
CA PRO N 127 22.42 -51.18 22.94
C PRO N 127 23.77 -50.60 23.35
N ILE N 128 24.70 -51.47 23.72
CA ILE N 128 26.09 -51.07 23.99
C ILE N 128 26.95 -51.87 23.01
N VAL N 129 27.24 -51.26 21.86
CA VAL N 129 27.96 -51.98 20.82
C VAL N 129 29.41 -52.22 21.23
N GLU N 130 30.04 -51.25 21.89
CA GLU N 130 31.41 -51.42 22.35
C GLU N 130 31.67 -50.54 23.55
N VAL N 131 32.53 -51.03 24.46
CA VAL N 131 32.99 -50.20 25.62
C VAL N 131 34.52 -50.33 25.61
N LEU N 132 35.18 -49.60 24.70
CA LEU N 132 36.66 -49.68 24.57
C LEU N 132 37.32 -49.38 25.93
N SER N 133 38.02 -50.37 26.49
CA SER N 133 38.62 -50.22 27.84
C SER N 133 40.14 -50.15 27.75
N PRO N 134 40.82 -49.26 28.52
CA PRO N 134 42.28 -49.21 28.54
C PRO N 134 42.92 -50.34 29.37
N ALA N 135 44.25 -50.45 29.34
CA ALA N 135 44.96 -51.52 30.08
C ALA N 135 44.81 -51.32 31.60
N ARG N 136 44.90 -52.41 32.39
CA ARG N 136 44.72 -52.36 33.87
C ARG N 136 43.31 -51.84 34.16
N THR N 137 42.37 -52.06 33.24
CA THR N 137 40.98 -51.58 33.40
C THR N 137 40.00 -52.70 33.02
N THR N 138 39.29 -53.27 33.99
CA THR N 138 38.39 -54.42 33.72
C THR N 138 36.95 -53.93 33.60
N VAL N 139 36.26 -54.26 32.50
CA VAL N 139 34.87 -53.77 32.26
C VAL N 139 33.92 -54.98 32.15
N SER N 140 32.84 -54.98 32.92
CA SER N 140 31.83 -56.07 32.82
C SER N 140 30.47 -55.46 32.53
N ILE N 141 29.75 -55.99 31.54
CA ILE N 141 28.45 -55.40 31.12
C ILE N 141 27.37 -56.48 31.13
N VAL N 142 26.37 -56.35 32.01
CA VAL N 142 25.33 -57.38 32.13
C VAL N 142 23.97 -56.74 31.91
N GLY N 143 23.01 -57.57 31.54
CA GLY N 143 21.64 -57.13 31.40
C GLY N 143 21.33 -56.57 30.01
N SER N 144 20.05 -56.63 29.66
CA SER N 144 19.55 -56.10 28.40
C SER N 144 18.54 -54.98 28.58
N ASP N 145 17.57 -55.16 29.47
CA ASP N 145 16.62 -54.08 29.75
C ASP N 145 17.31 -52.95 30.51
N ARG N 146 18.11 -53.29 31.51
CA ARG N 146 18.93 -52.32 32.24
C ARG N 146 20.35 -52.85 32.28
N ALA N 147 21.29 -52.04 31.81
CA ALA N 147 22.68 -52.46 31.67
C ALA N 147 23.46 -52.03 32.90
N ASP N 148 24.17 -52.98 33.52
CA ASP N 148 25.04 -52.71 34.64
C ASP N 148 26.49 -52.84 34.16
N VAL N 149 27.21 -51.73 34.13
CA VAL N 149 28.58 -51.71 33.64
C VAL N 149 29.49 -51.42 34.84
N THR N 150 30.29 -52.41 35.23
CA THR N 150 31.19 -52.29 36.37
C THR N 150 32.62 -52.26 35.86
N MET N 151 33.36 -51.22 36.26
CA MET N 151 34.72 -51.00 35.78
C MET N 151 35.66 -50.77 36.96
N LEU N 152 36.86 -51.35 36.88
CA LEU N 152 37.90 -51.20 37.88
C LEU N 152 39.18 -50.71 37.24
N ASN N 153 39.85 -49.77 37.89
CA ASN N 153 41.17 -49.30 37.48
C ASN N 153 42.14 -49.57 38.63
N THR N 154 43.03 -50.54 38.44
CA THR N 154 43.94 -50.94 39.50
C THR N 154 45.08 -49.95 39.68
N GLY N 155 45.57 -49.37 38.59
CA GLY N 155 46.72 -48.49 38.66
C GLY N 155 46.41 -47.14 39.28
N ALA N 156 47.47 -46.36 39.48
CA ALA N 156 47.33 -45.07 40.13
C ALA N 156 46.72 -44.03 39.19
N GLY N 157 47.02 -44.12 37.89
CA GLY N 157 46.54 -43.12 36.96
C GLY N 157 45.06 -43.26 36.68
N ALA N 158 44.41 -42.12 36.47
CA ALA N 158 43.00 -42.11 36.08
C ALA N 158 42.86 -42.60 34.64
N ALA N 159 41.80 -43.38 34.39
CA ALA N 159 41.59 -44.02 33.11
C ALA N 159 40.38 -43.42 32.41
N ASN N 160 40.47 -43.35 31.08
CA ASN N 160 39.38 -42.88 30.22
C ASN N 160 38.82 -44.06 29.45
N ILE N 161 37.50 -44.21 29.48
CA ILE N 161 36.82 -45.31 28.80
C ILE N 161 35.86 -44.74 27.77
N THR N 162 35.80 -45.38 26.61
CA THR N 162 34.99 -44.94 25.49
C THR N 162 33.71 -45.76 25.42
N PHE N 163 32.57 -45.09 25.43
CA PHE N 163 31.27 -45.73 25.30
C PHE N 163 30.67 -45.40 23.94
N ASN N 164 30.28 -46.45 23.21
CA ASN N 164 29.60 -46.31 21.93
C ASN N 164 28.25 -46.99 22.06
N PHE N 165 27.17 -46.28 21.71
CA PHE N 165 25.82 -46.73 21.99
C PHE N 165 25.04 -47.09 20.73
N GLY N 166 25.72 -47.26 19.60
CA GLY N 166 25.11 -47.83 18.42
C GLY N 166 24.40 -46.87 17.50
N GLN N 167 24.31 -45.59 17.87
CA GLN N 167 23.73 -44.50 17.04
C GLN N 167 22.39 -44.87 16.41
N ILE N 168 21.65 -45.79 17.03
CA ILE N 168 20.31 -46.14 16.54
C ILE N 168 19.29 -45.74 17.60
N ALA N 169 19.70 -45.80 18.86
CA ALA N 169 18.82 -45.41 19.95
C ALA N 169 18.61 -43.90 19.96
N GLU N 170 17.53 -43.48 20.61
CA GLU N 170 17.17 -42.06 20.64
C GLU N 170 17.77 -41.36 21.85
N THR N 171 17.42 -41.80 23.06
CA THR N 171 17.92 -41.22 24.30
C THR N 171 18.38 -42.33 25.23
N VAL N 172 19.49 -42.10 25.91
CA VAL N 172 20.04 -43.03 26.90
C VAL N 172 20.30 -42.25 28.18
N ILE N 173 19.85 -42.79 29.30
CA ILE N 173 20.05 -42.18 30.61
C ILE N 173 21.04 -43.04 31.40
N LEU N 174 22.07 -42.42 31.94
CA LEU N 174 23.11 -43.11 32.70
C LEU N 174 23.01 -42.72 34.16
N LYS N 175 22.94 -43.72 35.03
CA LYS N 175 22.92 -43.52 36.47
C LYS N 175 24.07 -44.27 37.10
N GLY N 176 24.80 -43.60 37.99
CA GLY N 176 25.98 -44.17 38.61
C GLY N 176 25.80 -44.33 40.12
N SER N 177 26.52 -45.30 40.69
CA SER N 177 26.48 -45.51 42.13
C SER N 177 27.03 -44.30 42.86
N VAL N 178 28.12 -43.72 42.36
CA VAL N 178 28.68 -42.49 42.90
C VAL N 178 28.81 -41.51 41.75
N PRO N 179 28.82 -40.20 42.01
CA PRO N 179 28.88 -39.23 40.91
C PRO N 179 30.12 -39.44 40.04
N PHE N 180 29.94 -39.28 38.73
CA PHE N 180 31.01 -39.50 37.77
C PHE N 180 30.96 -38.44 36.69
N GLN N 181 32.09 -38.27 36.01
CA GLN N 181 32.26 -37.25 34.99
C GLN N 181 32.18 -37.90 33.60
N LEU N 182 31.41 -37.28 32.71
CA LEU N 182 31.16 -37.84 31.39
C LEU N 182 31.10 -36.71 30.38
N ALA N 183 31.76 -36.88 29.25
CA ALA N 183 31.78 -35.85 28.21
C ALA N 183 32.10 -36.49 26.87
N ARG N 184 31.86 -35.73 25.81
CA ARG N 184 32.12 -36.18 24.45
C ARG N 184 33.60 -36.03 24.11
N LEU N 185 33.96 -36.49 22.90
CA LEU N 185 35.33 -36.39 22.44
C LEU N 185 35.72 -34.94 22.23
N ASN N 186 36.85 -34.54 22.82
CA ASN N 186 37.41 -33.19 22.67
C ASN N 186 36.43 -32.11 23.13
N GLN N 187 35.69 -32.41 24.20
CA GLN N 187 34.84 -31.50 24.95
C GLN N 187 35.34 -31.39 26.39
N PRO N 188 35.08 -30.28 27.08
CA PRO N 188 35.59 -30.14 28.44
C PRO N 188 34.81 -30.97 29.44
N MET N 189 35.59 -31.43 30.44
CA MET N 189 35.06 -32.33 31.48
C MET N 189 34.15 -31.54 32.44
N PRO N 190 32.85 -31.89 32.63
CA PRO N 190 32.02 -31.20 33.62
C PRO N 190 32.18 -31.82 35.00
N ALA N 191 31.53 -31.18 35.97
CA ALA N 191 31.58 -31.64 37.35
C ALA N 191 30.90 -32.99 37.50
N ALA N 192 31.30 -33.75 38.51
CA ALA N 192 30.74 -35.07 38.75
C ALA N 192 29.25 -34.97 39.06
N ARG N 193 28.46 -35.79 38.38
CA ARG N 193 27.02 -35.80 38.53
C ARG N 193 26.52 -37.23 38.64
N PHE N 194 25.36 -37.39 39.27
CA PHE N 194 24.80 -38.73 39.44
C PHE N 194 24.21 -39.28 38.15
N THR N 195 23.54 -38.43 37.38
CA THR N 195 22.81 -38.86 36.20
C THR N 195 23.14 -37.99 35.00
N TYR N 196 23.21 -38.60 33.82
CA TYR N 196 23.44 -37.90 32.57
C TYR N 196 22.38 -38.35 31.56
N LYS N 197 21.87 -37.40 30.79
CA LYS N 197 21.00 -37.68 29.65
C LYS N 197 21.81 -37.56 28.37
N LEU N 198 21.80 -38.61 27.57
CA LEU N 198 22.69 -38.72 26.43
C LEU N 198 21.91 -38.97 25.15
N ARG N 199 22.46 -38.50 24.03
CA ARG N 199 21.98 -38.83 22.70
C ARG N 199 23.04 -39.68 22.01
N PRO N 200 22.76 -40.94 21.68
CA PRO N 200 23.80 -41.78 21.06
C PRO N 200 24.34 -41.23 19.76
N LEU N 201 23.54 -40.43 19.04
CA LEU N 201 23.98 -39.86 17.78
C LEU N 201 25.14 -38.88 17.95
N ASP N 202 25.35 -38.37 19.18
CA ASP N 202 26.38 -37.37 19.39
C ASP N 202 27.77 -37.93 19.12
N GLY N 203 28.04 -39.16 19.54
CA GLY N 203 29.32 -39.78 19.31
C GLY N 203 29.83 -40.53 20.52
N PRO N 204 31.01 -41.10 20.42
CA PRO N 204 31.59 -41.82 21.56
C PRO N 204 31.77 -40.90 22.77
N PHE N 205 31.57 -41.46 23.96
CA PHE N 205 31.63 -40.72 25.20
C PHE N 205 32.79 -41.20 26.05
N ILE N 206 33.38 -40.29 26.82
CA ILE N 206 34.54 -40.57 27.66
C ILE N 206 34.14 -40.46 29.13
N VAL N 207 34.47 -41.49 29.91
CA VAL N 207 34.19 -41.53 31.33
C VAL N 207 35.50 -41.68 32.08
N VAL N 208 35.73 -40.82 33.06
CA VAL N 208 36.92 -40.89 33.89
C VAL N 208 36.66 -41.83 35.07
N LEU N 209 37.71 -42.48 35.54
CA LEU N 209 37.60 -43.46 36.62
C LEU N 209 38.36 -42.99 37.84
N PRO N 210 37.69 -42.72 38.96
CA PRO N 210 38.41 -42.64 40.24
C PRO N 210 39.06 -43.96 40.56
N VAL N 211 40.24 -43.90 41.17
CA VAL N 211 41.03 -45.11 41.39
C VAL N 211 40.66 -45.85 42.68
N GLY N 212 40.03 -45.18 43.64
CA GLY N 212 39.82 -45.81 44.94
C GLY N 212 38.82 -46.95 44.90
N ASN N 213 37.66 -46.71 44.29
CA ASN N 213 36.53 -47.62 44.42
C ASN N 213 35.93 -47.93 43.07
N PRO N 214 35.22 -49.04 42.95
CA PRO N 214 34.50 -49.33 41.70
C PRO N 214 33.40 -48.31 41.43
N LEU N 215 33.16 -48.06 40.15
CA LEU N 215 32.05 -47.23 39.70
C LEU N 215 31.22 -48.04 38.72
N VAL N 216 29.93 -48.16 38.99
CA VAL N 216 29.01 -48.96 38.18
C VAL N 216 27.93 -48.05 37.62
N ILE N 217 27.68 -48.18 36.33
CA ILE N 217 26.76 -47.29 35.60
C ILE N 217 25.55 -48.11 35.17
N SER N 218 24.36 -47.62 35.52
CA SER N 218 23.11 -48.23 35.10
C SER N 218 22.59 -47.46 33.90
N ALA N 219 22.31 -48.17 32.80
CA ALA N 219 21.94 -47.56 31.54
C ALA N 219 20.56 -48.04 31.11
N THR N 220 19.70 -47.10 30.73
CA THR N 220 18.39 -47.39 30.16
C THR N 220 18.25 -46.58 28.89
N ALA N 221 17.66 -47.19 27.85
CA ALA N 221 17.53 -46.55 26.56
C ALA N 221 16.12 -46.73 26.02
N ALA N 222 15.70 -45.80 25.19
CA ALA N 222 14.40 -45.84 24.53
C ALA N 222 14.59 -45.71 23.03
N THR N 223 13.96 -46.60 22.28
CA THR N 223 14.02 -46.59 20.83
C THR N 223 12.63 -46.82 20.28
N ARG N 224 12.21 -45.98 19.34
CA ARG N 224 10.89 -46.09 18.75
C ARG N 224 10.98 -46.76 17.39
N ILE N 225 10.06 -47.69 17.13
CA ILE N 225 10.00 -48.45 15.89
C ILE N 225 8.57 -48.44 15.40
N GLN N 226 8.39 -48.20 14.11
CA GLN N 226 7.06 -48.14 13.53
C GLN N 226 6.39 -49.50 13.60
N VAL N 227 5.22 -49.55 14.23
CA VAL N 227 4.48 -50.79 14.46
C VAL N 227 3.03 -50.58 14.09
N PRO N 228 2.30 -51.66 13.81
CA PRO N 228 0.87 -51.53 13.51
C PRO N 228 0.09 -51.01 14.70
N LEU N 229 -1.07 -50.41 14.40
CA LEU N 229 -1.87 -49.76 15.41
C LEU N 229 -2.50 -50.74 16.39
N ALA N 230 -2.52 -52.03 16.05
CA ALA N 230 -3.04 -53.06 16.94
C ALA N 230 -1.94 -53.68 17.81
N PHE N 231 -0.73 -53.15 17.78
CA PHE N 231 0.38 -53.71 18.54
C PHE N 231 0.10 -53.66 20.03
N ASN N 232 0.52 -54.71 20.73
CA ASN N 232 0.41 -54.78 22.19
C ASN N 232 1.66 -55.48 22.70
N LYS N 233 2.56 -54.72 23.32
CA LYS N 233 3.84 -55.28 23.75
C LYS N 233 3.65 -56.34 24.83
N ALA N 234 2.61 -56.19 25.65
CA ALA N 234 2.34 -57.20 26.67
C ALA N 234 1.97 -58.55 26.04
N LEU N 235 1.16 -58.51 24.98
CA LEU N 235 0.75 -59.76 24.33
C LEU N 235 1.88 -60.31 23.44
N VAL N 236 2.65 -59.40 22.83
CA VAL N 236 3.73 -59.84 21.95
C VAL N 236 4.80 -60.58 22.73
N GLU N 237 5.19 -60.05 23.89
CA GLU N 237 6.21 -60.70 24.70
C GLU N 237 5.74 -62.06 25.20
N SER N 238 4.47 -62.16 25.60
CA SER N 238 3.94 -63.44 26.04
C SER N 238 3.93 -64.45 24.90
N GLY N 239 3.53 -64.02 23.71
CA GLY N 239 3.56 -64.93 22.57
C GLY N 239 4.97 -65.33 22.17
N PHE N 240 5.93 -64.44 22.33
CA PHE N 240 7.32 -64.76 22.01
C PHE N 240 7.83 -65.90 22.88
N GLN N 241 7.51 -65.86 24.17
CA GLN N 241 7.89 -66.96 25.06
C GLN N 241 7.13 -68.23 24.70
N THR N 242 5.84 -68.10 24.37
CA THR N 242 5.04 -69.27 24.04
C THR N 242 5.58 -69.98 22.80
N ALA N 243 5.96 -69.22 21.77
CA ALA N 243 6.51 -69.81 20.57
C ALA N 243 7.84 -70.49 20.85
N MET N 244 8.67 -69.88 21.70
CA MET N 244 9.98 -70.46 22.00
C MET N 244 9.83 -71.78 22.74
N ASN N 245 8.92 -71.86 23.70
CA ASN N 245 8.70 -73.11 24.42
C ASN N 245 8.11 -74.19 23.51
N ASP N 246 7.23 -73.79 22.59
CA ASP N 246 6.60 -74.73 21.68
C ASP N 246 7.53 -75.19 20.56
N GLY N 247 8.81 -74.82 20.61
CA GLY N 247 9.74 -75.26 19.60
C GLY N 247 9.54 -74.63 18.24
N LEU N 248 8.94 -73.45 18.17
CA LEU N 248 8.69 -72.82 16.88
C LEU N 248 9.94 -72.16 16.31
N PHE N 249 10.98 -71.97 17.12
CA PHE N 249 12.18 -71.27 16.68
C PHE N 249 13.39 -72.20 16.59
N ASP N 250 13.18 -73.51 16.53
CA ASP N 250 14.27 -74.48 16.50
C ASP N 250 14.72 -74.67 15.05
N ILE N 251 15.81 -74.02 14.68
CA ILE N 251 16.41 -74.14 13.36
C ILE N 251 17.92 -73.99 13.52
N GLN N 252 18.67 -74.80 12.76
CA GLN N 252 20.12 -74.82 12.90
C GLN N 252 20.72 -73.47 12.52
N ASN N 253 21.82 -73.13 13.21
CA ASN N 253 22.56 -71.89 12.96
C ASN N 253 21.66 -70.66 13.18
N VAL N 254 21.06 -70.59 14.37
CA VAL N 254 20.15 -69.50 14.72
C VAL N 254 20.42 -69.10 16.16
N ASN N 255 20.49 -67.79 16.40
CA ASN N 255 20.70 -67.27 17.74
C ASN N 255 19.36 -67.05 18.43
N TYR N 256 19.38 -67.11 19.77
CA TYR N 256 18.18 -67.03 20.57
C TYR N 256 18.25 -65.86 21.54
N TYR N 257 17.09 -65.24 21.79
CA TYR N 257 17.01 -64.03 22.59
C TYR N 257 15.99 -64.19 23.69
N SER N 258 16.22 -63.50 24.81
CA SER N 258 15.33 -63.62 25.97
C SER N 258 13.95 -63.06 25.69
N SER N 259 13.87 -61.92 24.99
CA SER N 259 12.60 -61.25 24.77
C SER N 259 12.53 -60.70 23.36
N PHE N 260 11.31 -60.36 22.93
CA PHE N 260 11.13 -59.75 21.62
C PHE N 260 11.80 -58.38 21.55
N ASP N 261 11.93 -57.70 22.68
CA ASP N 261 12.63 -56.42 22.70
C ASP N 261 14.08 -56.58 22.26
N GLU N 262 14.75 -57.62 22.75
CA GLU N 262 16.13 -57.87 22.33
C GLU N 262 16.20 -58.32 20.89
N PHE N 263 15.20 -59.08 20.44
CA PHE N 263 15.20 -59.56 19.06
C PHE N 263 15.13 -58.42 18.07
N ILE N 264 14.19 -57.49 18.26
CA ILE N 264 14.00 -56.42 17.29
C ILE N 264 15.14 -55.40 17.36
N ILE N 265 15.69 -55.18 18.56
CA ILE N 265 16.79 -54.23 18.71
C ILE N 265 18.07 -54.78 18.09
N SER N 266 18.34 -56.07 18.29
CA SER N 266 19.57 -56.67 17.77
C SER N 266 19.62 -56.60 16.25
N GLN N 267 18.50 -56.89 15.58
CA GLN N 267 18.50 -56.86 14.13
C GLN N 267 18.52 -55.43 13.60
N TYR N 268 17.96 -54.49 14.35
CA TYR N 268 18.01 -53.09 13.93
C TYR N 268 19.44 -52.55 13.90
N HIS N 269 20.35 -53.20 14.61
CA HIS N 269 21.75 -52.80 14.63
C HIS N 269 22.58 -53.56 13.60
N ALA N 270 21.98 -54.48 12.86
CA ALA N 270 22.68 -55.16 11.78
C ALA N 270 22.86 -54.22 10.59
N GLN N 271 23.62 -54.68 9.59
CA GLN N 271 23.89 -53.84 8.43
C GLN N 271 22.61 -53.55 7.64
N ASP N 272 21.76 -54.55 7.46
CA ASP N 272 20.46 -54.37 6.80
C ASP N 272 19.35 -54.18 7.83
N GLY N 273 19.52 -53.21 8.72
CA GLY N 273 18.56 -53.02 9.80
C GLY N 273 17.19 -52.60 9.33
N ILE N 274 17.13 -51.73 8.32
CA ILE N 274 15.85 -51.20 7.86
C ILE N 274 14.99 -52.32 7.30
N ASN N 275 15.57 -53.18 6.46
CA ASN N 275 14.80 -54.25 5.84
C ASN N 275 14.43 -55.35 6.84
N ARG N 276 15.32 -55.64 7.79
CA ARG N 276 15.05 -56.72 8.73
C ARG N 276 13.97 -56.34 9.73
N VAL N 277 13.94 -55.08 10.18
CA VAL N 277 12.96 -54.65 11.17
C VAL N 277 11.55 -54.76 10.62
N SER N 278 11.37 -54.48 9.32
CA SER N 278 10.03 -54.58 8.72
C SER N 278 9.48 -55.99 8.84
N THR N 279 10.32 -56.99 8.58
CA THR N 279 9.89 -58.38 8.73
C THR N 279 9.67 -58.73 10.19
N CYS N 280 10.55 -58.26 11.07
CA CYS N 280 10.43 -58.56 12.49
C CYS N 280 9.13 -58.01 13.06
N VAL N 281 8.71 -56.83 12.60
CA VAL N 281 7.45 -56.25 13.06
C VAL N 281 6.28 -57.15 12.66
N ILE N 282 6.30 -57.68 11.44
CA ILE N 282 5.23 -58.57 11.01
C ILE N 282 5.21 -59.83 11.87
N LEU N 283 6.39 -60.31 12.28
CA LEU N 283 6.46 -61.44 13.19
C LEU N 283 5.81 -61.12 14.53
N GLY N 284 6.03 -59.90 15.02
CA GLY N 284 5.46 -59.51 16.31
C GLY N 284 3.94 -59.56 16.31
N LEU N 285 3.31 -59.04 15.27
CA LEU N 285 1.85 -59.11 15.18
C LEU N 285 1.37 -60.54 15.06
N ALA N 286 2.10 -61.37 14.30
CA ALA N 286 1.77 -62.78 14.21
C ALA N 286 1.92 -63.47 15.56
N LEU N 287 2.97 -63.11 16.31
CA LEU N 287 3.13 -63.66 17.65
C LEU N 287 1.97 -63.26 18.56
N GLN N 288 1.48 -62.03 18.40
CA GLN N 288 0.33 -61.59 19.20
C GLN N 288 -0.90 -62.42 18.89
N ALA N 289 -1.13 -62.72 17.61
CA ALA N 289 -2.24 -63.58 17.23
C ALA N 289 -2.04 -65.00 17.75
N TYR N 290 -0.80 -65.47 17.77
CA TYR N 290 -0.54 -66.83 18.24
C TYR N 290 -0.85 -66.98 19.71
N ASP N 291 -0.43 -66.01 20.53
CA ASP N 291 -0.66 -66.10 21.97
C ASP N 291 -2.15 -66.06 22.27
N GLN N 292 -2.89 -65.16 21.61
CA GLN N 292 -4.32 -65.03 21.85
C GLN N 292 -5.07 -66.29 21.45
N MET N 293 -4.68 -66.90 20.33
CA MET N 293 -5.38 -68.09 19.87
C MET N 293 -5.04 -69.30 20.72
N ARG N 294 -3.78 -69.43 21.15
CA ARG N 294 -3.38 -70.59 21.93
C ARG N 294 -3.95 -70.54 23.34
N ARG N 295 -4.15 -69.35 23.91
CA ARG N 295 -4.73 -69.27 25.23
C ARG N 295 -6.23 -69.56 25.19
N ALA N 296 -6.89 -69.24 24.07
CA ALA N 296 -8.29 -69.59 23.91
C ALA N 296 -8.44 -71.08 23.62
N LEU N 297 -7.54 -71.64 22.81
CA LEU N 297 -7.55 -73.07 22.49
C LEU N 297 -6.27 -73.69 23.01
N PRO N 298 -6.30 -74.34 24.19
CA PRO N 298 -5.05 -74.78 24.83
C PRO N 298 -4.32 -75.88 24.09
N VAL N 299 -4.94 -76.52 23.09
CA VAL N 299 -4.31 -77.61 22.36
C VAL N 299 -3.02 -77.15 21.70
N ALA O 2 53.75 66.08 -22.42
CA ALA O 2 52.68 65.35 -23.09
C ALA O 2 51.64 66.31 -23.67
N ASN O 3 51.81 66.65 -24.94
CA ASN O 3 50.90 67.55 -25.61
C ASN O 3 49.54 66.88 -25.84
N ARG O 4 48.49 67.69 -25.90
CA ARG O 4 47.13 67.23 -26.11
C ARG O 4 46.52 67.97 -27.28
N ALA O 5 45.85 67.24 -28.16
CA ALA O 5 45.15 67.81 -29.30
C ALA O 5 43.73 67.26 -29.34
N THR O 6 42.78 68.11 -29.76
CA THR O 6 41.38 67.75 -29.78
C THR O 6 40.72 68.33 -31.02
N SER O 7 39.57 67.76 -31.38
CA SER O 7 38.80 68.27 -32.50
C SER O 7 38.22 69.63 -32.16
N ALA O 8 38.23 70.52 -33.16
CA ALA O 8 37.77 71.90 -32.93
C ALA O 8 36.27 71.95 -32.71
N PHE O 9 35.50 71.10 -33.41
CA PHE O 9 34.05 71.18 -33.31
C PHE O 9 33.51 70.59 -32.02
N LEU O 10 34.32 69.83 -31.28
CA LEU O 10 33.88 69.22 -30.04
C LEU O 10 34.10 70.13 -28.83
N ASP O 11 34.65 71.33 -29.02
CA ASP O 11 35.02 72.19 -27.91
C ASP O 11 33.85 73.05 -27.47
N ASN O 12 33.56 73.02 -26.17
CA ASN O 12 32.57 73.88 -25.51
C ASN O 12 31.21 73.85 -26.20
N PRO O 13 30.45 72.76 -26.08
CA PRO O 13 29.08 72.75 -26.60
C PRO O 13 28.19 73.66 -25.77
N HIS O 14 27.66 74.71 -26.40
CA HIS O 14 26.80 75.64 -25.70
C HIS O 14 25.46 74.98 -25.37
N PRO O 15 24.83 75.38 -24.26
CA PRO O 15 23.53 74.79 -23.90
C PRO O 15 22.47 75.09 -24.95
N VAL O 16 21.52 74.16 -25.08
CA VAL O 16 20.47 74.28 -26.05
C VAL O 16 19.18 74.68 -25.35
N GLY O 17 18.16 75.01 -26.13
CA GLY O 17 16.92 75.50 -25.56
C GLY O 17 16.18 74.42 -24.78
N VAL O 18 15.35 74.86 -23.85
CA VAL O 18 14.58 73.98 -22.98
C VAL O 18 13.08 74.18 -23.16
N ASN O 19 12.68 75.04 -24.09
CA ASN O 19 11.28 75.32 -24.34
C ASN O 19 10.82 74.64 -25.61
N TYR O 20 9.49 74.57 -25.78
CA TYR O 20 8.87 74.04 -26.99
C TYR O 20 9.28 72.59 -27.25
N VAL O 21 9.36 71.82 -26.16
CA VAL O 21 9.72 70.40 -26.23
C VAL O 21 8.59 69.50 -25.80
N ASP O 22 7.40 70.05 -25.53
CA ASP O 22 6.27 69.26 -25.10
C ASP O 22 5.65 68.53 -26.30
N GLU O 23 4.68 67.67 -26.02
CA GLU O 23 4.05 66.90 -27.09
C GLU O 23 3.30 67.80 -28.05
N GLY O 24 2.62 68.82 -27.54
CA GLY O 24 1.92 69.74 -28.42
C GLY O 24 2.86 70.53 -29.32
N SER O 25 4.04 70.87 -28.80
CA SER O 25 4.98 71.65 -29.58
C SER O 25 5.62 70.84 -30.69
N ARG O 26 6.01 69.60 -30.41
CA ARG O 26 6.63 68.78 -31.45
C ARG O 26 5.62 68.36 -32.51
N GLN O 27 4.34 68.37 -32.18
CA GLN O 27 3.32 68.14 -33.20
C GLN O 27 3.23 69.33 -34.14
N PHE O 28 3.47 70.53 -33.63
CA PHE O 28 3.48 71.72 -34.48
C PHE O 28 4.59 71.67 -35.51
N VAL O 29 5.76 71.18 -35.10
CA VAL O 29 6.89 71.08 -36.03
C VAL O 29 6.57 70.08 -37.14
N ALA O 30 5.98 68.94 -36.78
CA ALA O 30 5.63 67.94 -37.78
C ALA O 30 4.56 68.47 -38.73
N VAL O 31 3.59 69.23 -38.21
CA VAL O 31 2.58 69.85 -39.06
C VAL O 31 3.24 70.85 -40.01
N ALA O 32 4.20 71.63 -39.49
CA ALA O 32 4.90 72.59 -40.33
C ALA O 32 5.65 71.89 -41.46
N GLU O 33 6.32 70.77 -41.15
CA GLU O 33 7.03 70.03 -42.19
C GLU O 33 6.07 69.47 -43.23
N LEU O 34 4.94 68.93 -42.78
CA LEU O 34 3.98 68.36 -43.72
C LEU O 34 3.39 69.42 -44.63
N LEU O 35 3.01 70.57 -44.07
CA LEU O 35 2.39 71.61 -44.88
C LEU O 35 3.42 72.35 -45.74
N ALA O 36 4.67 72.44 -45.28
CA ALA O 36 5.71 73.03 -46.11
C ALA O 36 5.99 72.16 -47.34
N SER O 37 5.94 70.84 -47.17
CA SER O 37 6.11 69.94 -48.30
C SER O 37 4.99 70.14 -49.33
N LYS O 38 3.77 70.36 -48.86
CA LYS O 38 2.66 70.60 -49.76
C LYS O 38 2.86 71.88 -50.56
N LEU O 39 3.50 72.88 -49.96
CA LEU O 39 3.74 74.14 -50.65
C LEU O 39 4.65 73.94 -51.86
N ILE O 40 5.72 73.15 -51.69
CA ILE O 40 6.63 72.89 -52.81
C ILE O 40 5.92 72.09 -53.89
N ASP O 41 5.16 71.07 -53.48
CA ASP O 41 4.46 70.24 -54.46
C ASP O 41 3.41 71.05 -55.22
N SER O 42 2.67 71.90 -54.51
CA SER O 42 1.65 72.72 -55.17
C SER O 42 2.25 73.73 -56.12
N SER O 43 3.41 74.30 -55.76
CA SER O 43 4.06 75.25 -56.65
C SER O 43 4.49 74.58 -57.95
N ARG O 44 5.01 73.36 -57.86
CA ARG O 44 5.37 72.61 -59.07
C ARG O 44 4.13 72.27 -59.88
N GLU O 45 3.04 71.86 -59.20
CA GLU O 45 1.80 71.56 -59.91
C GLU O 45 1.24 72.79 -60.59
N SER O 46 1.33 73.95 -59.94
CA SER O 46 0.85 75.18 -60.54
C SER O 46 1.63 75.53 -61.80
N ASP O 47 2.94 75.33 -61.79
CA ASP O 47 3.76 75.64 -62.95
C ASP O 47 3.40 74.74 -64.14
N GLU O 48 3.17 73.45 -63.87
CA GLU O 48 2.85 72.54 -64.96
C GLU O 48 1.44 72.78 -65.51
N SER O 49 0.52 73.20 -64.65
CA SER O 49 -0.87 73.39 -65.04
C SER O 49 -1.17 74.79 -65.53
N ASN O 50 -0.21 75.71 -65.47
CA ASN O 50 -0.36 77.09 -65.92
C ASN O 50 -1.47 77.83 -65.17
N SER O 51 -1.78 77.40 -63.95
CA SER O 51 -2.78 78.05 -63.13
C SER O 51 -2.28 78.15 -61.70
N ASP O 52 -2.63 79.25 -61.03
CA ASP O 52 -2.22 79.49 -59.65
C ASP O 52 -3.18 78.87 -58.64
N VAL O 53 -4.24 78.19 -59.10
CA VAL O 53 -5.19 77.60 -58.17
C VAL O 53 -4.56 76.60 -57.23
N PRO O 54 -3.72 75.65 -57.67
CA PRO O 54 -3.07 74.76 -56.71
C PRO O 54 -2.23 75.47 -55.67
N PHE O 55 -1.55 76.56 -56.05
CA PHE O 55 -0.68 77.26 -55.11
C PHE O 55 -1.48 78.05 -54.09
N VAL O 56 -2.55 78.74 -54.53
CA VAL O 56 -3.31 79.58 -53.62
C VAL O 56 -4.03 78.74 -52.58
N GLN O 57 -4.39 77.50 -52.94
CA GLN O 57 -5.01 76.61 -51.96
C GLN O 57 -4.01 76.17 -50.91
N ALA O 58 -2.78 75.86 -51.33
CA ALA O 58 -1.77 75.43 -50.38
C ALA O 58 -1.32 76.58 -49.48
N TYR O 59 -1.18 77.78 -50.05
CA TYR O 59 -0.82 78.93 -49.24
C TYR O 59 -1.92 79.28 -48.26
N SER O 60 -3.18 79.11 -48.67
CA SER O 60 -4.30 79.41 -47.78
C SER O 60 -4.29 78.50 -46.55
N LYS O 61 -4.00 77.22 -46.74
CA LYS O 61 -3.92 76.31 -45.60
C LYS O 61 -2.72 76.63 -44.72
N PHE O 62 -1.57 76.95 -45.34
CA PHE O 62 -0.36 77.19 -44.56
C PHE O 62 -0.46 78.49 -43.77
N ALA O 63 -0.90 79.57 -44.42
CA ALA O 63 -0.88 80.89 -43.82
C ALA O 63 -2.20 81.30 -43.17
N ASP O 64 -3.28 80.55 -43.41
CA ASP O 64 -4.62 80.89 -42.92
C ASP O 64 -5.06 82.26 -43.41
N ASP O 65 -4.57 82.67 -44.59
CA ASP O 65 -4.90 83.96 -45.15
C ASP O 65 -4.92 83.85 -46.67
N ASN O 66 -5.75 84.67 -47.29
CA ASN O 66 -5.85 84.65 -48.75
C ASN O 66 -4.62 85.28 -49.38
N PRO O 67 -4.07 84.69 -50.44
CA PRO O 67 -2.96 85.36 -51.16
C PRO O 67 -3.48 86.59 -51.88
N ARG O 68 -2.82 87.72 -51.65
CA ARG O 68 -3.23 89.00 -52.22
C ARG O 68 -2.08 89.63 -52.97
N HIS O 69 -2.38 90.22 -54.12
CA HIS O 69 -1.41 91.06 -54.79
C HIS O 69 -1.11 92.29 -53.95
N LEU O 70 0.08 92.86 -54.18
CA LEU O 70 0.62 93.99 -53.42
C LEU O 70 0.90 93.61 -51.96
N ARG O 71 0.93 92.33 -51.64
CA ARG O 71 1.26 91.84 -50.30
C ARG O 71 2.33 90.77 -50.45
N VAL O 72 3.41 90.91 -49.67
CA VAL O 72 4.51 89.94 -49.76
C VAL O 72 4.09 88.66 -49.06
N LYS O 73 4.29 87.53 -49.75
CA LYS O 73 3.86 86.22 -49.26
C LYS O 73 4.91 85.69 -48.29
N THR O 74 4.90 86.24 -47.08
CA THR O 74 5.86 85.80 -46.06
C THR O 74 5.60 84.38 -45.61
N GLY O 75 4.33 84.02 -45.39
CA GLY O 75 3.99 82.71 -44.91
C GLY O 75 2.96 82.73 -43.80
N GLY O 76 2.69 83.92 -43.27
CA GLY O 76 1.66 84.08 -42.26
C GLY O 76 2.17 83.91 -40.84
N LYS O 77 1.26 83.64 -39.92
CA LYS O 77 1.66 83.42 -38.52
C LYS O 77 2.40 82.11 -38.35
N MET O 78 2.19 81.15 -39.25
CA MET O 78 2.94 79.90 -39.19
C MET O 78 4.42 80.14 -39.46
N ALA O 79 4.75 80.99 -40.43
CA ALA O 79 6.14 81.30 -40.71
C ALA O 79 6.80 82.00 -39.53
N ASN O 80 6.07 82.94 -38.90
CA ASN O 80 6.62 83.63 -37.72
C ASN O 80 6.85 82.65 -36.57
N ALA O 81 5.91 81.73 -36.35
CA ALA O 81 6.07 80.77 -35.28
C ALA O 81 7.25 79.83 -35.54
N LEU O 82 7.39 79.37 -36.78
CA LEU O 82 8.48 78.45 -37.12
C LEU O 82 9.84 79.13 -36.99
N THR O 83 9.91 80.41 -37.36
CA THR O 83 11.17 81.14 -37.24
C THR O 83 11.58 81.32 -35.79
N ASN O 84 10.61 81.61 -34.92
CA ASN O 84 10.93 81.92 -33.53
C ASN O 84 11.28 80.68 -32.73
N VAL O 85 10.66 79.55 -33.02
CA VAL O 85 10.99 78.32 -32.30
C VAL O 85 12.39 77.85 -32.65
N ILE O 86 12.85 78.13 -33.87
CA ILE O 86 14.21 77.77 -34.26
C ILE O 86 15.22 78.54 -33.41
N ARG O 87 14.95 79.83 -33.19
CA ARG O 87 15.85 80.63 -32.35
C ARG O 87 15.89 80.09 -30.93
N SER O 88 14.72 79.76 -30.37
CA SER O 88 14.67 79.26 -28.99
C SER O 88 15.35 77.91 -28.88
N TYR O 89 15.25 77.08 -29.92
CA TYR O 89 15.85 75.75 -29.88
C TYR O 89 17.37 75.82 -29.80
N TYR O 90 17.97 76.78 -30.50
CA TYR O 90 19.42 76.81 -30.64
C TYR O 90 20.11 77.10 -29.31
N SER O 91 19.62 78.08 -28.57
CA SER O 91 20.30 78.54 -27.36
C SER O 91 19.31 78.66 -26.22
N ILE O 92 19.85 78.53 -25.00
CA ILE O 92 19.03 78.69 -23.80
C ILE O 92 18.79 80.16 -23.48
N ASN O 93 19.61 81.06 -24.00
CA ASN O 93 19.42 82.49 -23.75
C ASN O 93 18.44 83.13 -24.71
N ALA O 94 18.01 82.41 -25.75
CA ALA O 94 17.06 82.96 -26.69
C ALA O 94 15.67 83.05 -26.04
N PRO O 95 14.96 84.17 -26.19
CA PRO O 95 13.63 84.27 -25.60
C PRO O 95 12.63 83.37 -26.30
N ALA O 96 11.62 82.94 -25.55
CA ALA O 96 10.51 82.16 -26.07
C ALA O 96 9.32 83.08 -26.24
N ILE O 97 9.06 83.48 -27.48
CA ILE O 97 8.07 84.52 -27.75
C ILE O 97 6.73 83.94 -28.15
N VAL O 98 6.72 82.80 -28.85
CA VAL O 98 5.46 82.26 -29.38
C VAL O 98 4.58 81.81 -28.23
N PRO O 99 3.36 82.31 -28.12
CA PRO O 99 2.45 81.83 -27.06
C PRO O 99 2.09 80.37 -27.26
N GLN O 100 1.83 79.69 -26.14
CA GLN O 100 1.46 78.28 -26.21
C GLN O 100 0.11 78.07 -26.88
N VAL O 101 -0.81 79.04 -26.73
CA VAL O 101 -2.11 78.91 -27.39
C VAL O 101 -1.94 79.02 -28.90
N GLU O 102 -0.92 79.73 -29.36
CA GLU O 102 -0.66 79.81 -30.79
C GLU O 102 -0.06 78.50 -31.31
N ILE O 103 0.79 77.87 -30.52
CA ILE O 103 1.37 76.59 -30.92
C ILE O 103 0.29 75.52 -31.02
N ASP O 104 -0.62 75.47 -30.05
CA ASP O 104 -1.68 74.48 -30.07
C ASP O 104 -2.65 74.74 -31.22
N ARG O 105 -2.90 76.01 -31.54
CA ARG O 105 -3.76 76.34 -32.67
C ARG O 105 -3.17 75.85 -33.98
N LEU O 106 -1.86 76.05 -34.17
CA LEU O 106 -1.23 75.67 -35.42
C LEU O 106 -1.01 74.16 -35.51
N ALA O 107 -1.02 73.46 -34.37
CA ALA O 107 -0.82 72.02 -34.37
C ALA O 107 -2.06 71.28 -34.86
N SER O 108 -3.23 71.89 -34.78
CA SER O 108 -4.47 71.24 -35.18
C SER O 108 -4.76 71.37 -36.66
N LYS O 109 -3.90 72.06 -37.41
CA LYS O 109 -4.17 72.30 -38.83
C LYS O 109 -4.11 71.02 -39.64
N ALA O 110 -3.22 70.10 -39.25
CA ALA O 110 -3.08 68.83 -39.95
C ALA O 110 -2.96 67.70 -38.93
N THR O 111 -3.33 66.50 -39.36
CA THR O 111 -3.28 65.33 -38.50
C THR O 111 -1.95 64.61 -38.68
N VAL O 112 -1.17 64.52 -37.61
CA VAL O 112 0.14 63.87 -37.62
C VAL O 112 0.57 63.62 -36.19
N SER O 113 1.36 62.56 -35.98
CA SER O 113 1.86 62.21 -34.66
C SER O 113 3.28 62.75 -34.52
N GLY O 114 3.50 63.59 -33.52
CA GLY O 114 4.82 64.17 -33.31
C GLY O 114 5.78 63.24 -32.63
N ASP O 115 6.01 62.07 -33.23
CA ASP O 115 6.93 61.08 -32.70
C ASP O 115 8.30 61.30 -33.32
N MET O 116 9.30 61.59 -32.49
CA MET O 116 10.64 61.91 -32.94
C MET O 116 11.63 60.77 -32.74
N TYR O 117 11.15 59.59 -32.35
CA TYR O 117 12.04 58.49 -32.00
C TYR O 117 11.67 57.19 -32.71
N ASN O 118 11.01 57.26 -33.86
CA ASN O 118 10.57 56.05 -34.53
C ASN O 118 11.62 55.49 -35.49
N SER O 119 12.59 56.30 -35.89
CA SER O 119 13.63 55.86 -36.81
C SER O 119 14.99 56.41 -36.37
N TYR O 120 15.98 56.27 -37.25
CA TYR O 120 17.35 56.68 -36.94
C TYR O 120 18.00 57.24 -38.20
N ALA O 121 19.12 57.93 -37.99
CA ALA O 121 19.95 58.43 -39.07
C ALA O 121 21.41 58.26 -38.69
N ILE O 122 22.25 58.07 -39.70
CA ILE O 122 23.68 57.86 -39.50
C ILE O 122 24.40 59.17 -39.71
N PHE O 123 25.17 59.59 -38.72
CA PHE O 123 25.90 60.85 -38.74
C PHE O 123 27.40 60.59 -38.83
N ASN O 124 28.06 61.33 -39.72
CA ASN O 124 29.41 61.01 -40.14
C ASN O 124 30.50 61.82 -39.46
N SER O 125 30.15 62.67 -38.49
CA SER O 125 31.17 63.45 -37.80
C SER O 125 32.03 62.53 -36.93
N VAL O 126 33.34 62.68 -37.03
CA VAL O 126 34.29 61.80 -36.35
C VAL O 126 34.75 62.49 -35.07
N PRO O 127 34.48 61.93 -33.90
CA PRO O 127 34.93 62.56 -32.65
C PRO O 127 36.34 62.13 -32.24
N ILE O 128 37.22 63.09 -31.99
CA ILE O 128 38.56 62.82 -31.48
C ILE O 128 38.73 63.66 -30.23
N VAL O 129 38.54 63.04 -29.05
CA VAL O 129 38.61 63.78 -27.80
C VAL O 129 40.04 64.20 -27.48
N GLU O 130 40.96 63.24 -27.47
CA GLU O 130 42.34 63.59 -27.04
C GLU O 130 43.39 62.68 -27.66
N VAL O 131 44.31 63.26 -28.43
CA VAL O 131 45.44 62.46 -29.00
C VAL O 131 46.67 62.78 -28.16
N LEU O 132 46.90 62.01 -27.09
CA LEU O 132 48.04 62.36 -26.21
C LEU O 132 49.32 62.21 -27.04
N SER O 133 50.17 63.23 -27.05
CA SER O 133 51.40 63.19 -27.89
C SER O 133 52.63 63.30 -26.98
N PRO O 134 53.62 62.39 -27.09
CA PRO O 134 54.84 62.50 -26.32
C PRO O 134 55.74 63.66 -26.80
N ALA O 135 56.71 64.06 -25.98
CA ALA O 135 57.58 65.21 -26.33
C ALA O 135 58.35 64.92 -27.62
N ARG O 136 58.56 65.94 -28.47
CA ARG O 136 59.29 65.82 -29.77
C ARG O 136 58.37 65.25 -30.85
N THR O 137 57.08 65.06 -30.55
CA THR O 137 56.12 64.59 -31.60
C THR O 137 55.07 65.69 -31.82
N THR O 138 54.81 66.05 -33.08
CA THR O 138 53.85 67.13 -33.40
C THR O 138 52.60 66.53 -34.05
N VAL O 139 51.45 66.64 -33.38
CA VAL O 139 50.19 66.03 -33.90
C VAL O 139 49.20 67.15 -34.24
N SER O 140 48.62 67.13 -35.45
CA SER O 140 47.62 68.15 -35.86
C SER O 140 46.36 67.46 -36.38
N ILE O 141 45.18 67.91 -35.93
CA ILE O 141 43.89 67.32 -36.43
C ILE O 141 43.16 68.33 -37.31
N VAL O 142 42.83 67.95 -38.55
CA VAL O 142 42.10 68.79 -39.48
C VAL O 142 40.92 68.00 -40.04
N GLY O 143 39.72 68.54 -39.92
CA GLY O 143 38.56 67.97 -40.56
C GLY O 143 37.51 67.52 -39.54
N SER O 144 36.27 67.49 -40.01
CA SER O 144 35.13 67.04 -39.23
C SER O 144 34.45 65.83 -39.84
N ASP O 145 34.19 65.85 -41.16
CA ASP O 145 33.64 64.68 -41.84
C ASP O 145 34.69 63.59 -41.98
N ARG O 146 35.90 63.97 -42.38
CA ARG O 146 37.03 63.06 -42.42
C ARG O 146 38.21 63.76 -41.74
N ALA O 147 38.67 63.20 -40.62
CA ALA O 147 39.71 63.81 -39.83
C ALA O 147 41.08 63.31 -40.28
N ASP O 148 41.92 64.22 -40.75
CA ASP O 148 43.29 63.89 -41.14
C ASP O 148 44.20 64.25 -39.97
N VAL O 149 44.78 63.25 -39.34
CA VAL O 149 45.70 63.43 -38.22
C VAL O 149 47.10 63.19 -38.75
N THR O 150 47.91 64.26 -38.80
CA THR O 150 49.28 64.19 -39.26
C THR O 150 50.22 64.24 -38.06
N MET O 151 51.11 63.25 -37.96
CA MET O 151 52.03 63.13 -36.84
C MET O 151 53.44 62.98 -37.36
N LEU O 152 54.37 63.68 -36.70
CA LEU O 152 55.79 63.60 -37.05
C LEU O 152 56.60 63.66 -35.77
N ASN O 153 57.48 62.68 -35.59
CA ASN O 153 58.35 62.63 -34.42
C ASN O 153 59.78 62.94 -34.85
N THR O 154 60.48 63.74 -34.04
CA THR O 154 61.84 64.14 -34.36
C THR O 154 62.87 63.48 -33.47
N GLY O 155 62.50 63.10 -32.25
CA GLY O 155 63.44 62.43 -31.37
C GLY O 155 63.73 61.02 -31.82
N ALA O 156 64.89 60.51 -31.40
CA ALA O 156 65.28 59.15 -31.75
C ALA O 156 64.41 58.14 -31.01
N GLY O 157 64.02 57.10 -31.73
CA GLY O 157 63.20 56.05 -31.15
C GLY O 157 61.73 56.26 -31.47
N ALA O 158 61.00 55.15 -31.58
CA ALA O 158 59.58 55.20 -31.87
C ALA O 158 58.81 55.78 -30.69
N ALA O 159 57.66 56.36 -30.98
CA ALA O 159 56.80 56.99 -29.98
C ALA O 159 55.43 56.34 -29.98
N ASN O 160 54.75 56.42 -28.84
CA ASN O 160 53.41 55.86 -28.67
C ASN O 160 52.42 57.00 -28.53
N ILE O 161 51.38 56.98 -29.36
CA ILE O 161 50.36 58.02 -29.38
C ILE O 161 49.00 57.37 -29.11
N THR O 162 48.29 57.87 -28.10
CA THR O 162 47.08 57.25 -27.60
C THR O 162 45.86 58.00 -28.11
N PHE O 163 45.05 57.34 -28.92
CA PHE O 163 43.85 57.94 -29.50
C PHE O 163 42.63 57.61 -28.66
N ASN O 164 41.78 58.62 -28.44
CA ASN O 164 40.54 58.47 -27.69
C ASN O 164 39.39 58.99 -28.55
N PHE O 165 38.50 58.09 -28.95
CA PHE O 165 37.40 58.43 -29.84
C PHE O 165 36.07 58.56 -29.10
N GLY O 166 36.09 58.60 -27.78
CA GLY O 166 34.87 58.69 -27.02
C GLY O 166 34.13 57.36 -26.94
N GLN O 167 32.91 57.43 -26.42
CA GLN O 167 32.06 56.25 -26.26
C GLN O 167 30.76 56.31 -27.05
N ILE O 168 30.39 57.48 -27.58
CA ILE O 168 29.13 57.59 -28.30
C ILE O 168 29.22 56.95 -29.68
N ALA O 169 30.36 57.12 -30.35
CA ALA O 169 30.50 56.64 -31.72
C ALA O 169 30.40 55.12 -31.77
N GLU O 170 29.89 54.61 -32.89
CA GLU O 170 29.65 53.18 -33.04
C GLU O 170 30.79 52.47 -33.76
N THR O 171 31.27 53.05 -34.86
CA THR O 171 32.34 52.44 -35.65
C THR O 171 33.23 53.52 -36.22
N VAL O 172 34.54 53.37 -36.02
CA VAL O 172 35.54 54.27 -36.58
C VAL O 172 36.48 53.44 -37.45
N ILE O 173 36.69 53.89 -38.68
CA ILE O 173 37.60 53.26 -39.62
C ILE O 173 38.78 54.18 -39.83
N LEU O 174 39.99 53.65 -39.66
CA LEU O 174 41.21 54.45 -39.68
C LEU O 174 42.08 53.95 -40.84
N LYS O 175 42.35 54.83 -41.80
CA LYS O 175 43.22 54.54 -42.93
C LYS O 175 44.46 55.42 -42.87
N GLY O 176 45.62 54.83 -43.14
CA GLY O 176 46.87 55.53 -43.07
C GLY O 176 47.53 55.68 -44.43
N SER O 177 48.33 56.75 -44.56
CA SER O 177 49.09 56.96 -45.79
C SER O 177 50.07 55.82 -46.03
N VAL O 178 50.74 55.37 -44.98
CA VAL O 178 51.61 54.21 -45.04
C VAL O 178 51.15 53.21 -43.98
N PRO O 179 51.44 51.93 -44.18
CA PRO O 179 51.03 50.93 -43.19
C PRO O 179 51.59 51.25 -41.81
N PHE O 180 50.74 51.09 -40.79
CA PHE O 180 51.09 51.45 -39.43
C PHE O 180 50.53 50.42 -38.46
N GLN O 181 50.99 50.49 -37.22
CA GLN O 181 50.62 49.55 -36.17
C GLN O 181 49.71 50.25 -35.17
N LEU O 182 48.63 49.56 -34.78
CA LEU O 182 47.70 50.07 -33.79
C LEU O 182 47.13 48.91 -33.00
N ALA O 183 47.03 49.08 -31.69
CA ALA O 183 46.45 48.07 -30.82
C ALA O 183 45.92 48.73 -29.56
N ARG O 184 45.05 48.00 -28.86
CA ARG O 184 44.48 48.49 -27.62
C ARG O 184 45.50 48.42 -26.49
N LEU O 185 45.13 49.01 -25.36
CA LEU O 185 46.00 49.00 -24.20
C LEU O 185 46.21 47.58 -23.69
N ASN O 186 47.46 47.28 -23.31
CA ASN O 186 47.84 45.96 -22.80
C ASN O 186 47.49 44.86 -23.79
N GLN O 187 47.76 45.10 -25.07
CA GLN O 187 47.51 44.13 -26.12
C GLN O 187 48.68 44.10 -27.07
N PRO O 188 49.05 42.93 -27.60
CA PRO O 188 50.18 42.87 -28.53
C PRO O 188 49.91 43.66 -29.80
N MET O 189 50.99 44.23 -30.35
CA MET O 189 50.92 45.10 -31.52
C MET O 189 51.05 44.28 -32.80
N PRO O 190 50.09 44.34 -33.70
CA PRO O 190 50.10 43.48 -34.89
C PRO O 190 51.01 44.05 -35.98
N ALA O 191 51.02 43.38 -37.12
CA ALA O 191 51.78 43.85 -38.26
C ALA O 191 51.13 45.09 -38.86
N ALA O 192 51.94 45.84 -39.61
CA ALA O 192 51.47 47.10 -40.17
C ALA O 192 50.46 46.83 -41.29
N ARG O 193 49.31 47.50 -41.21
CA ARG O 193 48.26 47.39 -42.22
C ARG O 193 47.75 48.78 -42.55
N PHE O 194 47.14 48.89 -43.74
CA PHE O 194 46.65 50.18 -44.20
C PHE O 194 45.42 50.63 -43.43
N THR O 195 44.48 49.73 -43.16
CA THR O 195 43.17 50.09 -42.63
C THR O 195 42.91 49.34 -41.33
N TYR O 196 42.21 50.02 -40.42
CA TYR O 196 41.79 49.45 -39.14
C TYR O 196 40.32 49.77 -38.92
N LYS O 197 39.56 48.78 -38.44
CA LYS O 197 38.18 48.98 -38.03
C LYS O 197 38.10 48.82 -36.52
N LEU O 198 37.60 49.86 -35.85
CA LEU O 198 37.63 49.92 -34.40
C LEU O 198 36.26 50.24 -33.83
N ARG O 199 35.93 49.57 -32.74
CA ARG O 199 34.79 49.97 -31.91
C ARG O 199 35.29 50.99 -30.89
N PRO O 200 34.75 52.21 -30.88
CA PRO O 200 35.31 53.24 -29.99
C PRO O 200 35.25 52.89 -28.52
N LEU O 201 34.35 51.98 -28.14
CA LEU O 201 34.21 51.59 -26.74
C LEU O 201 35.29 50.62 -26.29
N ASP O 202 36.10 50.10 -27.22
CA ASP O 202 37.11 49.10 -26.85
C ASP O 202 38.16 49.70 -25.92
N GLY O 203 38.52 50.95 -26.14
CA GLY O 203 39.44 51.64 -25.27
C GLY O 203 40.40 52.54 -26.02
N PRO O 204 41.28 53.23 -25.29
CA PRO O 204 42.31 54.03 -25.95
C PRO O 204 43.21 53.16 -26.81
N PHE O 205 43.60 53.69 -27.96
CA PHE O 205 44.36 52.95 -28.96
C PHE O 205 45.75 53.54 -29.09
N ILE O 206 46.76 52.69 -29.11
CA ILE O 206 48.15 53.11 -29.21
C ILE O 206 48.62 52.96 -30.64
N VAL O 207 49.24 53.99 -31.18
CA VAL O 207 49.78 53.99 -32.54
C VAL O 207 51.28 54.23 -32.47
N VAL O 208 52.05 53.36 -33.11
CA VAL O 208 53.51 53.48 -33.14
C VAL O 208 53.89 54.43 -34.27
N LEU O 209 54.70 55.44 -33.94
CA LEU O 209 55.16 56.40 -34.92
C LEU O 209 56.65 56.22 -35.16
N PRO O 210 57.06 55.59 -36.25
CA PRO O 210 58.49 55.42 -36.53
C PRO O 210 59.15 56.74 -36.87
N VAL O 211 60.46 56.81 -36.62
CA VAL O 211 61.23 57.99 -36.93
C VAL O 211 61.44 58.09 -38.43
N GLY O 212 61.11 59.24 -39.02
CA GLY O 212 61.26 59.43 -40.44
C GLY O 212 60.18 60.30 -41.05
N ASN O 213 59.62 59.87 -42.16
CA ASN O 213 58.58 60.64 -42.83
C ASN O 213 57.30 60.66 -41.99
N PRO O 214 56.55 61.75 -42.04
CA PRO O 214 55.33 61.84 -41.23
C PRO O 214 54.28 60.84 -41.67
N LEU O 215 53.45 60.42 -40.72
CA LEU O 215 52.35 59.50 -40.96
C LEU O 215 51.04 60.24 -40.80
N VAL O 216 50.19 60.16 -41.83
CA VAL O 216 48.88 60.82 -41.83
C VAL O 216 47.80 59.75 -41.85
N ILE O 217 46.90 59.81 -40.89
CA ILE O 217 45.84 58.82 -40.74
C ILE O 217 44.50 59.53 -40.88
N SER O 218 43.64 59.00 -41.76
CA SER O 218 42.32 59.58 -42.01
C SER O 218 41.27 58.77 -41.25
N ALA O 219 40.43 59.47 -40.49
CA ALA O 219 39.43 58.83 -39.64
C ALA O 219 38.03 59.15 -40.16
N THR O 220 37.23 58.10 -40.36
CA THR O 220 35.82 58.24 -40.70
C THR O 220 35.01 57.46 -39.68
N ALA O 221 33.97 58.07 -39.13
CA ALA O 221 33.17 57.48 -38.08
C ALA O 221 31.69 57.53 -38.44
N ALA O 222 30.93 56.63 -37.85
CA ALA O 222 29.48 56.54 -38.07
C ALA O 222 28.80 56.35 -36.72
N THR O 223 27.79 57.17 -36.45
CA THR O 223 27.01 57.08 -35.22
C THR O 223 25.53 57.21 -35.56
N ARG O 224 24.70 56.62 -34.71
CA ARG O 224 23.27 56.50 -34.95
C ARG O 224 22.50 57.29 -33.91
N ILE O 225 21.59 58.16 -34.36
CA ILE O 225 20.79 59.02 -33.50
C ILE O 225 19.33 58.86 -33.90
N GLN O 226 18.46 58.71 -32.90
CA GLN O 226 17.05 58.50 -33.17
C GLN O 226 16.41 59.77 -33.74
N VAL O 227 15.79 59.63 -34.91
CA VAL O 227 15.18 60.75 -35.63
C VAL O 227 13.83 60.32 -36.14
N PRO O 228 12.96 61.28 -36.47
CA PRO O 228 11.65 60.93 -37.04
C PRO O 228 11.79 60.32 -38.42
N LEU O 229 10.71 59.67 -38.86
CA LEU O 229 10.70 59.05 -40.19
C LEU O 229 10.84 60.11 -41.28
N ALA O 230 10.20 61.27 -41.09
CA ALA O 230 10.24 62.33 -42.09
C ALA O 230 11.60 63.01 -42.19
N PHE O 231 12.54 62.68 -41.30
CA PHE O 231 13.87 63.28 -41.33
C PHE O 231 14.54 63.04 -42.67
N ASN O 232 15.14 64.09 -43.22
CA ASN O 232 15.86 64.01 -44.48
C ASN O 232 17.16 64.78 -44.33
N LYS O 233 18.28 64.08 -44.43
CA LYS O 233 19.59 64.70 -44.18
C LYS O 233 19.87 65.82 -45.17
N ALA O 234 19.51 65.63 -46.44
CA ALA O 234 19.79 66.64 -47.44
C ALA O 234 19.03 67.93 -47.16
N LEU O 235 17.76 67.83 -46.77
CA LEU O 235 16.97 69.03 -46.51
C LEU O 235 17.41 69.72 -45.22
N VAL O 236 17.77 68.93 -44.19
CA VAL O 236 18.17 69.53 -42.91
C VAL O 236 19.45 70.33 -43.08
N GLU O 237 20.42 69.80 -43.84
CA GLU O 237 21.67 70.52 -44.06
C GLU O 237 21.42 71.82 -44.80
N SER O 238 20.52 71.82 -45.79
CA SER O 238 20.19 73.04 -46.50
C SER O 238 19.50 74.04 -45.58
N GLY O 239 18.61 73.56 -44.72
CA GLY O 239 17.93 74.45 -43.79
C GLY O 239 18.88 75.04 -42.76
N PHE O 240 19.88 74.26 -42.33
CA PHE O 240 20.84 74.75 -41.36
C PHE O 240 21.64 75.92 -41.92
N GLN O 241 22.05 75.83 -43.19
CA GLN O 241 22.78 76.92 -43.82
C GLN O 241 21.90 78.15 -44.00
N THR O 242 20.63 77.94 -44.38
CA THR O 242 19.72 79.06 -44.57
C THR O 242 19.48 79.81 -43.25
N ALA O 243 19.34 79.07 -42.15
CA ALA O 243 19.10 79.70 -40.86
C ALA O 243 20.27 80.58 -40.46
N MET O 244 21.50 80.12 -40.69
CA MET O 244 22.67 80.91 -40.34
C MET O 244 22.74 82.19 -41.17
N ASN O 245 22.47 82.08 -42.47
CA ASN O 245 22.59 83.24 -43.36
C ASN O 245 21.51 84.28 -43.07
N ASP O 246 20.33 83.85 -42.64
CA ASP O 246 19.24 84.76 -42.33
C ASP O 246 19.32 85.35 -40.93
N GLY O 247 20.42 85.12 -40.22
CA GLY O 247 20.57 85.64 -38.87
C GLY O 247 19.58 85.08 -37.88
N LEU O 248 19.38 83.77 -37.88
CA LEU O 248 18.54 83.12 -36.89
C LEU O 248 19.33 82.55 -35.72
N PHE O 249 20.66 82.55 -35.79
CA PHE O 249 21.51 82.02 -34.73
C PHE O 249 22.45 83.06 -34.15
N ASP O 250 22.24 84.34 -34.45
CA ASP O 250 23.15 85.40 -34.01
C ASP O 250 22.79 85.80 -32.57
N ILE O 251 23.15 84.93 -31.65
CA ILE O 251 22.90 85.12 -30.23
C ILE O 251 24.22 85.09 -29.49
N GLN O 252 24.36 85.96 -28.48
CA GLN O 252 25.61 86.07 -27.77
C GLN O 252 25.90 84.80 -26.97
N ASN O 253 27.20 84.51 -26.84
CA ASN O 253 27.69 83.38 -26.03
C ASN O 253 27.17 82.05 -26.55
N VAL O 254 27.28 81.85 -27.87
CA VAL O 254 26.96 80.58 -28.49
C VAL O 254 28.10 80.19 -29.42
N ASN O 255 28.18 78.90 -29.73
CA ASN O 255 29.17 78.37 -30.65
C ASN O 255 28.54 78.09 -32.01
N TYR O 256 29.33 78.29 -33.07
CA TYR O 256 28.87 78.13 -34.43
C TYR O 256 29.56 76.93 -35.08
N TYR O 257 28.80 76.18 -35.88
CA TYR O 257 29.27 74.93 -36.45
C TYR O 257 29.09 74.97 -37.96
N SER O 258 29.92 74.17 -38.65
CA SER O 258 29.90 74.16 -40.11
C SER O 258 28.70 73.41 -40.66
N SER O 259 28.26 72.38 -39.95
CA SER O 259 27.16 71.55 -40.43
C SER O 259 26.31 71.08 -39.25
N PHE O 260 25.08 70.67 -39.56
CA PHE O 260 24.21 70.09 -38.54
C PHE O 260 24.80 68.79 -38.00
N ASP O 261 25.63 68.11 -38.79
CA ASP O 261 26.35 66.94 -38.30
C ASP O 261 27.25 67.31 -37.13
N GLU O 262 28.02 68.38 -37.26
CA GLU O 262 28.91 68.80 -36.20
C GLU O 262 28.13 69.30 -34.99
N PHE O 263 26.97 69.90 -35.22
CA PHE O 263 26.17 70.42 -34.11
C PHE O 263 25.65 69.30 -33.22
N ILE O 264 25.02 68.28 -33.83
CA ILE O 264 24.39 67.24 -33.03
C ILE O 264 25.43 66.36 -32.36
N ILE O 265 26.60 66.19 -32.98
CA ILE O 265 27.63 65.35 -32.39
C ILE O 265 28.30 66.05 -31.22
N SER O 266 28.54 67.35 -31.34
CA SER O 266 29.13 68.10 -30.24
C SER O 266 28.22 68.11 -29.02
N GLN O 267 26.91 68.28 -29.23
CA GLN O 267 25.97 68.24 -28.12
C GLN O 267 25.85 66.85 -27.52
N TYR O 268 26.05 65.81 -28.33
CA TYR O 268 25.98 64.44 -27.84
C TYR O 268 27.10 64.16 -26.84
N HIS O 269 28.27 64.72 -27.07
CA HIS O 269 29.43 64.46 -26.21
C HIS O 269 29.47 65.33 -24.97
N ALA O 270 28.49 66.21 -24.78
CA ALA O 270 28.39 66.96 -23.53
C ALA O 270 27.99 66.03 -22.40
N GLN O 271 28.07 66.57 -21.17
CA GLN O 271 27.78 65.74 -20.00
C GLN O 271 26.34 65.23 -20.01
N ASP O 272 25.39 66.09 -20.32
CA ASP O 272 23.99 65.69 -20.47
C ASP O 272 23.66 65.46 -21.95
N GLY O 273 24.41 64.55 -22.57
CA GLY O 273 24.28 64.36 -24.00
C GLY O 273 22.95 63.77 -24.42
N ILE O 274 22.38 62.90 -23.59
CA ILE O 274 21.12 62.24 -23.95
C ILE O 274 19.99 63.26 -24.05
N ASN O 275 19.91 64.18 -23.10
CA ASN O 275 18.84 65.17 -23.11
C ASN O 275 19.00 66.18 -24.23
N ARG O 276 20.24 66.52 -24.59
CA ARG O 276 20.47 67.56 -25.58
C ARG O 276 20.13 67.10 -26.99
N VAL O 277 20.40 65.85 -27.33
CA VAL O 277 20.18 65.39 -28.70
C VAL O 277 18.70 65.34 -29.03
N SER O 278 17.84 65.13 -28.02
CA SER O 278 16.40 65.13 -28.26
C SER O 278 15.93 66.50 -28.74
N THR O 279 16.42 67.57 -28.11
CA THR O 279 16.10 68.91 -28.57
C THR O 279 16.71 69.19 -29.93
N CYS O 280 17.94 68.72 -30.16
CA CYS O 280 18.60 68.97 -31.44
C CYS O 280 17.88 68.29 -32.59
N VAL O 281 17.28 67.12 -32.34
CA VAL O 281 16.54 66.43 -33.37
C VAL O 281 15.30 67.23 -33.78
N ILE O 282 14.61 67.82 -32.80
CA ILE O 282 13.46 68.67 -33.10
C ILE O 282 13.89 69.87 -33.93
N LEU O 283 15.08 70.42 -33.64
CA LEU O 283 15.60 71.51 -34.45
C LEU O 283 15.84 71.07 -35.88
N GLY O 284 16.27 69.83 -36.07
CA GLY O 284 16.52 69.35 -37.42
C GLY O 284 15.26 69.30 -38.27
N LEU O 285 14.17 68.77 -37.71
CA LEU O 285 12.91 68.74 -38.44
C LEU O 285 12.34 70.13 -38.62
N ALA O 286 12.55 71.00 -37.62
CA ALA O 286 12.15 72.40 -37.77
C ALA O 286 12.95 73.08 -38.88
N LEU O 287 14.25 72.78 -38.95
CA LEU O 287 15.06 73.32 -40.05
C LEU O 287 14.69 72.71 -41.38
N GLN O 288 14.23 71.46 -41.37
CA GLN O 288 13.76 70.82 -42.60
C GLN O 288 12.56 71.55 -43.17
N ALA O 289 11.63 71.95 -42.29
CA ALA O 289 10.47 72.71 -42.74
C ALA O 289 10.86 74.12 -43.16
N TYR O 290 11.90 74.68 -42.54
CA TYR O 290 12.30 76.05 -42.84
C TYR O 290 12.78 76.19 -44.27
N ASP O 291 13.60 75.24 -44.74
CA ASP O 291 14.11 75.34 -46.11
C ASP O 291 13.02 75.10 -47.15
N GLN O 292 12.12 74.15 -46.88
CA GLN O 292 11.03 73.89 -47.82
C GLN O 292 10.12 75.10 -47.94
N MET O 293 9.80 75.74 -46.81
CA MET O 293 8.95 76.92 -46.83
C MET O 293 9.66 78.10 -47.50
N ARG O 294 10.94 78.31 -47.20
CA ARG O 294 11.65 79.46 -47.72
C ARG O 294 11.91 79.33 -49.22
N ARG O 295 12.19 78.10 -49.69
CA ARG O 295 12.39 77.90 -51.12
C ARG O 295 11.11 78.18 -51.91
N ALA O 296 9.95 77.79 -51.36
CA ALA O 296 8.69 78.07 -52.03
C ALA O 296 8.32 79.54 -51.94
N LEU O 297 8.65 80.20 -50.83
CA LEU O 297 8.32 81.60 -50.60
C LEU O 297 9.58 82.36 -50.23
N PRO O 298 10.40 82.71 -51.21
CA PRO O 298 11.63 83.47 -50.90
C PRO O 298 11.31 84.88 -50.42
N VAL O 299 12.22 85.42 -49.63
CA VAL O 299 12.10 86.78 -49.12
C VAL O 299 13.40 87.55 -49.31
N MET P 1 -8.25 -3.58 19.54
CA MET P 1 -9.19 -3.02 18.57
C MET P 1 -10.50 -2.63 19.24
N ASP P 2 -11.06 -3.56 20.01
CA ASP P 2 -12.31 -3.27 20.74
C ASP P 2 -12.08 -2.21 21.80
N VAL P 3 -10.95 -2.26 22.50
CA VAL P 3 -10.65 -1.28 23.52
C VAL P 3 -10.41 0.09 22.90
N LEU P 4 -9.73 0.13 21.76
CA LEU P 4 -9.40 1.40 21.11
C LEU P 4 -10.62 2.07 20.50
N SER P 5 -11.73 1.35 20.36
CA SER P 5 -12.94 1.90 19.78
C SER P 5 -13.87 2.52 20.81
N LYS P 6 -13.52 2.45 22.09
CA LYS P 6 -14.37 2.97 23.16
C LYS P 6 -14.22 4.48 23.21
N GLY P 7 -15.34 5.19 23.04
CA GLY P 7 -15.30 6.64 23.00
C GLY P 7 -15.53 7.31 24.34
N SER P 8 -16.57 6.88 25.04
CA SER P 8 -16.92 7.48 26.32
C SER P 8 -16.16 6.80 27.46
N LEU P 9 -16.16 7.47 28.61
CA LEU P 9 -15.61 6.85 29.82
C LEU P 9 -16.47 5.69 30.28
N LYS P 10 -17.79 5.80 30.11
CA LYS P 10 -18.69 4.72 30.50
C LYS P 10 -18.41 3.47 29.69
N GLU P 11 -18.23 3.62 28.38
CA GLU P 11 -17.97 2.46 27.52
C GLU P 11 -16.61 1.84 27.82
N LEU P 12 -15.60 2.67 28.06
CA LEU P 12 -14.27 2.15 28.36
C LEU P 12 -14.23 1.45 29.71
N LEU P 13 -14.85 2.07 30.72
CA LEU P 13 -14.87 1.46 32.05
C LEU P 13 -15.70 0.18 32.06
N ALA P 14 -16.78 0.14 31.27
CA ALA P 14 -17.56 -1.09 31.15
C ALA P 14 -16.75 -2.19 30.48
N HIS P 15 -15.94 -1.84 29.47
CA HIS P 15 -15.13 -2.82 28.78
C HIS P 15 -14.05 -3.39 29.69
N LEU P 16 -13.46 -2.54 30.54
CA LEU P 16 -12.44 -3.01 31.45
C LEU P 16 -13.04 -3.92 32.53
N GLU P 17 -14.35 -3.80 32.75
CA GLU P 17 -15.01 -4.69 33.71
C GLU P 17 -15.17 -6.09 33.14
N LYS P 18 -15.53 -6.19 31.85
CA LYS P 18 -15.76 -7.49 31.24
C LYS P 18 -14.45 -8.20 30.88
N THR P 19 -13.42 -7.43 30.52
CA THR P 19 -12.22 -8.02 29.94
C THR P 19 -11.31 -8.56 31.05
N PRO P 20 -10.95 -9.84 31.00
CA PRO P 20 -9.99 -10.38 31.98
C PRO P 20 -8.57 -9.91 31.69
N LEU P 21 -7.72 -10.04 32.71
CA LEU P 21 -6.34 -9.58 32.61
C LEU P 21 -5.54 -10.34 31.56
N GLU P 22 -5.97 -11.55 31.18
CA GLU P 22 -5.21 -12.33 30.22
C GLU P 22 -5.12 -11.64 28.87
N GLU P 23 -6.12 -10.83 28.52
CA GLU P 23 -6.05 -10.08 27.27
C GLU P 23 -4.98 -8.99 27.32
N ALA P 24 -4.60 -8.56 28.51
CA ALA P 24 -3.50 -7.61 28.64
C ALA P 24 -2.15 -8.30 28.45
N ILE P 25 -2.06 -9.57 28.82
CA ILE P 25 -0.85 -10.34 28.56
C ILE P 25 -0.86 -10.86 27.13
N SER P 26 0.32 -11.03 26.55
CA SER P 26 0.43 -11.34 25.13
C SER P 26 0.80 -12.79 24.83
N TYR P 27 1.61 -13.42 25.68
CA TYR P 27 2.10 -14.79 25.51
C TYR P 27 3.04 -14.95 24.33
N ARG P 28 3.49 -13.86 23.73
CA ARG P 28 4.42 -13.89 22.61
C ARG P 28 5.72 -13.22 23.01
N ILE P 29 6.84 -13.76 22.52
CA ILE P 29 8.14 -13.37 23.04
C ILE P 29 8.45 -11.91 22.75
N GLY P 30 8.13 -11.42 21.56
CA GLY P 30 8.46 -10.05 21.23
C GLY P 30 9.96 -9.83 21.19
N THR P 31 10.37 -8.56 21.35
CA THR P 31 11.78 -8.18 21.37
C THR P 31 11.99 -7.19 22.50
N VAL P 32 13.23 -6.70 22.62
CA VAL P 32 13.60 -5.76 23.69
C VAL P 32 12.87 -4.45 23.48
N PRO P 33 12.35 -3.82 24.55
CA PRO P 33 11.56 -2.58 24.37
C PRO P 33 12.29 -1.43 23.69
N TYR P 34 13.42 -0.99 24.24
CA TYR P 34 14.12 0.20 23.76
C TYR P 34 15.35 -0.25 22.99
N GLN P 35 15.31 -0.08 21.67
CA GLN P 35 16.40 -0.50 20.80
C GLN P 35 16.31 0.24 19.47
N ASN P 36 17.45 0.74 19.00
CA ASN P 36 17.52 1.41 17.71
C ASN P 36 17.62 0.36 16.61
N VAL P 37 16.67 0.38 15.68
CA VAL P 37 16.56 -0.65 14.66
C VAL P 37 16.43 0.00 13.29
N LEU P 38 16.76 -0.79 12.26
CA LEU P 38 16.58 -0.40 10.87
C LEU P 38 15.46 -1.25 10.28
N ILE P 39 14.43 -0.59 9.77
CA ILE P 39 13.24 -1.27 9.27
C ILE P 39 13.10 -0.99 7.78
N SER P 40 12.26 -1.78 7.13
CA SER P 40 12.05 -1.70 5.69
C SER P 40 10.74 -0.99 5.39
N ARG P 41 10.81 0.14 4.70
CA ARG P 41 9.65 0.88 4.23
C ARG P 41 9.87 1.17 2.76
N ASN P 42 9.48 0.22 1.90
CA ASN P 42 9.80 0.30 0.48
C ASN P 42 8.86 1.19 -0.30
N GLU P 43 7.71 1.57 0.27
CA GLU P 43 6.80 2.45 -0.46
C GLU P 43 7.35 3.85 -0.59
N TYR P 44 8.25 4.26 0.31
CA TYR P 44 8.81 5.60 0.31
C TYR P 44 10.29 5.62 -0.05
N TYR P 45 11.11 4.77 0.58
CA TYR P 45 12.54 4.83 0.44
C TYR P 45 13.10 3.47 0.04
N ASN P 46 14.23 3.48 -0.65
CA ASN P 46 14.97 2.23 -0.88
C ASN P 46 15.88 1.91 0.29
N GLN P 47 16.52 2.93 0.85
CA GLN P 47 17.34 2.77 2.05
C GLN P 47 16.46 2.39 3.24
N LEU P 48 17.02 1.57 4.12
CA LEU P 48 16.29 1.14 5.31
C LEU P 48 15.98 2.33 6.21
N TYR P 49 14.82 2.27 6.86
CA TYR P 49 14.30 3.41 7.60
C TYR P 49 14.62 3.26 9.08
N PRO P 50 15.41 4.16 9.66
CA PRO P 50 15.73 4.04 11.09
C PRO P 50 14.53 4.35 11.97
N ASP P 51 14.42 3.61 13.06
CA ASP P 51 13.36 3.85 14.04
C ASP P 51 13.79 3.24 15.36
N THR P 52 13.08 3.62 16.43
CA THR P 52 13.36 3.14 17.78
C THR P 52 12.10 2.44 18.30
N THR P 53 12.27 1.20 18.77
CA THR P 53 11.15 0.46 19.32
C THR P 53 10.73 1.04 20.67
N SER P 54 9.45 0.91 20.98
CA SER P 54 8.91 1.46 22.22
C SER P 54 7.87 0.50 22.79
N LEU P 55 7.56 0.70 24.06
CA LEU P 55 6.58 -0.16 24.73
C LEU P 55 5.17 0.06 24.19
N ILE P 56 4.82 1.29 23.83
CA ILE P 56 3.47 1.60 23.33
C ILE P 56 3.48 1.24 21.84
N ASP P 57 3.12 0.00 21.55
CA ASP P 57 3.07 -0.49 20.18
C ASP P 57 2.04 -1.60 20.10
N GLY P 58 1.67 -1.95 18.87
CA GLY P 58 0.74 -3.04 18.65
C GLY P 58 1.37 -4.41 18.65
N VAL P 59 2.62 -4.54 19.10
CA VAL P 59 3.35 -5.79 19.08
C VAL P 59 3.78 -6.12 20.51
N SER P 60 4.00 -7.41 20.77
CA SER P 60 4.49 -7.84 22.06
C SER P 60 5.92 -7.37 22.29
N ARG P 61 6.23 -7.04 23.56
CA ARG P 61 7.57 -6.69 23.96
C ARG P 61 7.85 -7.31 25.32
N GLU P 62 9.13 -7.52 25.60
CA GLU P 62 9.53 -8.09 26.87
C GLU P 62 9.28 -7.11 28.01
N GLY P 63 8.65 -7.60 29.08
CA GLY P 63 8.34 -6.76 30.22
C GLY P 63 8.82 -7.39 31.51
N GLN P 64 9.13 -6.53 32.47
CA GLN P 64 9.62 -6.99 33.76
C GLN P 64 8.53 -7.73 34.53
N ARG P 65 8.97 -8.70 35.34
CA ARG P 65 8.06 -9.61 36.03
C ARG P 65 7.35 -8.94 37.20
N ASN P 66 7.87 -7.84 37.73
CA ASN P 66 7.34 -7.25 38.94
C ASN P 66 5.97 -6.62 38.68
N VAL P 67 5.40 -6.03 39.74
CA VAL P 67 4.10 -5.37 39.63
C VAL P 67 4.18 -4.17 38.70
N ASN P 68 5.36 -3.55 38.60
CA ASN P 68 5.53 -2.44 37.67
C ASN P 68 5.24 -2.86 36.24
N GLY P 69 5.77 -4.01 35.83
CA GLY P 69 5.53 -4.48 34.48
C GLY P 69 4.07 -4.80 34.22
N LEU P 70 3.39 -5.39 35.22
CA LEU P 70 1.98 -5.72 35.06
C LEU P 70 1.14 -4.47 34.86
N ILE P 71 1.43 -3.41 35.62
CA ILE P 71 0.70 -2.16 35.45
C ILE P 71 0.99 -1.56 34.08
N MET P 72 2.25 -1.60 33.65
CA MET P 72 2.61 -1.04 32.35
C MET P 72 1.94 -1.81 31.21
N SER P 73 1.83 -3.14 31.34
CA SER P 73 1.19 -3.92 30.29
C SER P 73 -0.29 -3.60 30.18
N ILE P 74 -0.94 -3.28 31.31
CA ILE P 74 -2.33 -2.88 31.28
C ILE P 74 -2.50 -1.56 30.54
N ILE P 75 -1.64 -0.59 30.85
CA ILE P 75 -1.73 0.72 30.21
C ILE P 75 -1.43 0.60 28.72
N SER P 76 -0.41 -0.19 28.36
CA SER P 76 -0.08 -0.37 26.95
C SER P 76 -1.22 -1.02 26.20
N TYR P 77 -1.96 -1.91 26.86
CA TYR P 77 -3.13 -2.51 26.23
C TYR P 77 -4.19 -1.46 25.92
N VAL P 78 -4.42 -0.54 26.85
CA VAL P 78 -5.47 0.45 26.68
C VAL P 78 -5.10 1.45 25.59
N VAL P 79 -3.83 1.87 25.54
CA VAL P 79 -3.44 2.95 24.65
C VAL P 79 -2.94 2.45 23.30
N SER P 80 -2.50 1.19 23.21
CA SER P 80 -1.95 0.67 21.97
C SER P 80 -2.64 -0.58 21.44
N GLY P 81 -3.43 -1.27 22.26
CA GLY P 81 -4.15 -2.44 21.83
C GLY P 81 -3.44 -3.76 22.02
N SER P 82 -2.16 -3.74 22.38
CA SER P 82 -1.39 -4.95 22.63
C SER P 82 -0.57 -4.78 23.90
N GLY P 83 -0.44 -5.86 24.66
CA GLY P 83 0.27 -5.84 25.92
C GLY P 83 1.70 -6.32 25.80
N HIS P 84 2.22 -6.83 26.91
CA HIS P 84 3.61 -7.26 27.01
C HIS P 84 3.66 -8.72 27.43
N TYR P 85 4.87 -9.27 27.43
CA TYR P 85 5.12 -10.67 27.78
C TYR P 85 5.66 -10.72 29.20
N ILE P 86 4.79 -11.06 30.15
CA ILE P 86 5.17 -11.27 31.53
C ILE P 86 4.99 -12.76 31.84
N PRO P 87 6.07 -13.53 31.99
CA PRO P 87 5.93 -14.98 32.09
C PRO P 87 5.43 -15.44 33.46
N ASN P 88 4.60 -16.49 33.42
CA ASN P 88 4.19 -17.24 34.60
C ASN P 88 3.50 -16.36 35.64
N ILE P 89 2.37 -15.81 35.25
CA ILE P 89 1.46 -15.14 36.18
C ILE P 89 0.45 -16.16 36.65
N GLY P 90 0.08 -16.10 37.93
CA GLY P 90 -0.85 -17.07 38.47
C GLY P 90 -2.20 -17.01 37.80
N PHE P 91 -2.91 -18.14 37.82
CA PHE P 91 -4.22 -18.21 37.18
C PHE P 91 -5.23 -17.33 37.89
N MET P 92 -5.05 -17.08 39.19
CA MET P 92 -5.98 -16.24 39.92
C MET P 92 -5.98 -14.82 39.35
N LEU P 93 -4.79 -14.28 39.09
CA LEU P 93 -4.70 -12.93 38.54
C LEU P 93 -5.23 -12.86 37.11
N LEU P 94 -4.97 -13.90 36.31
CA LEU P 94 -5.30 -13.84 34.89
C LEU P 94 -6.80 -13.84 34.67
N ARG P 95 -7.57 -14.46 35.57
CA ARG P 95 -9.02 -14.50 35.44
C ARG P 95 -9.69 -13.25 35.98
N ARG P 96 -8.97 -12.43 36.74
CA ARG P 96 -9.53 -11.19 37.24
C ARG P 96 -9.66 -10.16 36.12
N SER P 97 -10.64 -9.27 36.26
CA SER P 97 -10.84 -8.22 35.29
C SER P 97 -9.78 -7.14 35.45
N ILE P 98 -9.58 -6.37 34.38
CA ILE P 98 -8.59 -5.30 34.41
C ILE P 98 -8.97 -4.25 35.43
N LEU P 99 -10.26 -3.90 35.51
CA LEU P 99 -10.71 -2.91 36.49
C LEU P 99 -10.48 -3.40 37.91
N ASP P 100 -10.69 -4.68 38.16
CA ASP P 100 -10.44 -5.23 39.49
C ASP P 100 -8.97 -5.13 39.86
N ILE P 101 -8.07 -5.33 38.89
CA ILE P 101 -6.64 -5.20 39.17
C ILE P 101 -6.31 -3.77 39.58
N LEU P 102 -6.92 -2.79 38.91
CA LEU P 102 -6.58 -1.39 39.16
C LEU P 102 -7.33 -0.80 40.34
N THR P 103 -8.50 -1.33 40.69
CA THR P 103 -9.36 -0.68 41.67
C THR P 103 -9.86 -1.60 42.78
N LYS P 104 -9.19 -2.70 43.08
CA LYS P 104 -9.62 -3.59 44.15
C LYS P 104 -8.44 -4.07 44.98
N HIS P 105 -8.70 -4.33 46.25
CA HIS P 105 -7.69 -4.82 47.19
C HIS P 105 -7.69 -6.35 47.30
N ASP P 106 -8.68 -7.02 46.71
CA ASP P 106 -8.75 -8.48 46.85
C ASP P 106 -7.55 -9.16 46.22
N THR P 107 -7.09 -8.65 45.08
CA THR P 107 -5.88 -9.18 44.46
C THR P 107 -4.67 -8.91 45.35
N GLY P 108 -3.68 -9.80 45.26
CA GLY P 108 -2.51 -9.71 46.10
C GLY P 108 -1.45 -8.73 45.65
N LEU P 109 -1.68 -8.02 44.55
CA LEU P 109 -0.70 -7.07 44.06
C LEU P 109 -0.59 -5.87 45.01
N VAL P 110 0.65 -5.46 45.27
CA VAL P 110 0.94 -4.27 46.06
C VAL P 110 1.43 -3.19 45.11
N THR P 111 0.76 -2.04 45.11
CA THR P 111 1.07 -0.95 44.21
C THR P 111 1.40 0.35 44.93
N ASN P 112 1.55 0.31 46.26
CA ASN P 112 1.67 1.54 47.03
C ASN P 112 2.94 2.32 46.71
N ASN P 113 3.98 1.62 46.27
CA ASN P 113 5.26 2.26 45.96
C ASN P 113 5.39 2.67 44.49
N LEU P 114 4.29 2.66 43.75
CA LEU P 114 4.34 3.06 42.34
C LEU P 114 4.71 4.53 42.21
N ASN P 115 5.62 4.82 41.28
CA ASN P 115 6.01 6.19 40.95
C ASN P 115 5.46 6.52 39.57
N TYR P 116 4.65 7.58 39.50
CA TYR P 116 3.97 7.89 38.24
C TYR P 116 4.92 8.48 37.22
N GLY P 117 5.94 9.21 37.66
CA GLY P 117 6.89 9.78 36.73
C GLY P 117 7.73 8.74 36.01
N ILE P 118 8.14 7.69 36.74
CA ILE P 118 8.93 6.62 36.13
C ILE P 118 8.10 5.86 35.11
N ILE P 119 6.85 5.55 35.45
CA ILE P 119 5.98 4.83 34.54
C ILE P 119 5.72 5.64 33.28
N ALA P 120 5.47 6.94 33.45
CA ALA P 120 5.20 7.79 32.29
C ALA P 120 6.41 7.87 31.35
N ARG P 121 7.62 7.76 31.89
CA ARG P 121 8.79 7.76 31.03
C ARG P 121 8.94 6.42 30.31
N ASN P 122 8.73 5.31 31.02
CA ASN P 122 8.88 3.99 30.41
C ASN P 122 7.86 3.79 29.30
N LEU P 123 6.58 4.01 29.59
CA LEU P 123 5.55 4.09 28.56
C LEU P 123 5.61 5.50 28.02
N THR P 124 6.46 5.70 27.00
CA THR P 124 6.87 7.02 26.56
C THR P 124 5.69 7.96 26.37
N VAL P 125 5.65 9.02 27.18
CA VAL P 125 4.53 9.95 27.15
C VAL P 125 4.74 11.09 26.15
N SER P 126 6.00 11.39 25.81
CA SER P 126 6.25 12.40 24.80
C SER P 126 5.85 11.92 23.41
N LYS P 127 5.60 10.62 23.26
CA LYS P 127 5.23 10.05 21.97
C LYS P 127 3.74 9.84 21.80
N MET P 128 2.99 9.80 22.90
CA MET P 128 1.55 9.57 22.82
C MET P 128 0.83 10.80 22.29
N ASN P 129 -0.34 10.57 21.71
CA ASN P 129 -1.23 11.64 21.31
C ASN P 129 -2.19 11.98 22.46
N CYS P 130 -3.07 12.94 22.22
CA CYS P 130 -3.91 13.46 23.29
C CYS P 130 -4.86 12.39 23.85
N GLU P 131 -5.47 11.61 22.96
CA GLU P 131 -6.39 10.57 23.43
C GLU P 131 -5.65 9.48 24.20
N GLN P 132 -4.44 9.13 23.77
CA GLN P 132 -3.67 8.12 24.49
C GLN P 132 -3.28 8.62 25.88
N ARG P 133 -2.93 9.90 25.99
CA ARG P 133 -2.56 10.45 27.29
C ARG P 133 -3.75 10.50 28.23
N LYS P 134 -4.95 10.80 27.70
CA LYS P 134 -6.14 10.81 28.54
C LYS P 134 -6.44 9.42 29.09
N ARG P 135 -6.26 8.39 28.27
CA ARG P 135 -6.50 7.02 28.75
C ARG P 135 -5.50 6.64 29.85
N MET P 136 -4.25 7.07 29.71
CA MET P 136 -3.25 6.79 30.73
C MET P 136 -3.60 7.45 32.04
N LEU P 137 -4.10 8.68 32.00
CA LEU P 137 -4.45 9.39 33.22
C LEU P 137 -5.64 8.74 33.92
N ILE P 138 -6.50 8.07 33.17
CA ILE P 138 -7.59 7.32 33.78
C ILE P 138 -7.04 6.16 34.59
N CYS P 139 -6.05 5.45 34.04
CA CYS P 139 -5.44 4.32 34.75
C CYS P 139 -4.70 4.80 35.99
N PHE P 140 -4.01 5.94 35.89
CA PHE P 140 -3.29 6.48 37.05
C PHE P 140 -4.25 6.88 38.15
N LYS P 141 -5.39 7.46 37.79
CA LYS P 141 -6.35 7.90 38.81
C LYS P 141 -6.98 6.72 39.53
N LEU P 142 -7.28 5.63 38.81
CA LEU P 142 -7.84 4.45 39.44
C LEU P 142 -6.87 3.84 40.43
N LEU P 143 -5.59 3.79 40.07
CA LEU P 143 -4.58 3.26 40.98
C LEU P 143 -4.43 4.13 42.22
N ALA P 144 -4.49 5.45 42.05
CA ALA P 144 -4.31 6.36 43.17
C ALA P 144 -5.43 6.22 44.19
N TYR P 145 -6.68 6.10 43.72
CA TYR P 145 -7.80 6.02 44.64
C TYR P 145 -7.80 4.70 45.41
N LYS P 146 -7.46 3.60 44.73
CA LYS P 146 -7.36 2.32 45.43
C LYS P 146 -6.25 2.35 46.48
N ASP P 147 -5.18 3.08 46.19
CA ASP P 147 -4.01 3.08 47.06
C ASP P 147 -4.07 4.18 48.12
N GLY P 148 -4.96 5.15 47.97
CA GLY P 148 -4.99 6.28 48.87
C GLY P 148 -3.99 7.37 48.55
N ASN P 149 -3.19 7.21 47.49
CA ASN P 149 -2.18 8.19 47.11
C ASN P 149 -2.77 9.20 46.12
N GLN P 150 -3.89 9.80 46.53
CA GLN P 150 -4.52 10.82 45.69
C GLN P 150 -3.70 12.10 45.66
N ASN P 151 -2.94 12.37 46.72
CA ASN P 151 -2.05 13.53 46.71
C ASN P 151 -0.92 13.34 45.69
N ASP P 152 -0.37 12.12 45.61
CA ASP P 152 0.70 11.87 44.65
C ASP P 152 0.20 12.04 43.22
N TYR P 153 -1.08 11.75 42.98
CA TYR P 153 -1.67 12.01 41.67
C TYR P 153 -1.70 13.51 41.38
N GLU P 154 -2.00 14.33 42.39
CA GLU P 154 -2.12 15.76 42.18
C GLU P 154 -0.76 16.42 42.00
N ILE P 155 0.24 15.99 42.77
CA ILE P 155 1.58 16.54 42.61
C ILE P 155 2.13 16.21 41.22
N TYR P 156 1.87 15.00 40.73
CA TYR P 156 2.29 14.64 39.39
C TYR P 156 1.61 15.51 38.34
N LEU P 157 0.32 15.78 38.53
CA LEU P 157 -0.41 16.62 37.57
C LEU P 157 0.10 18.05 37.60
N ASN P 158 0.50 18.55 38.77
CA ASN P 158 0.96 19.92 38.87
C ASN P 158 2.35 20.09 38.26
N GLN P 159 3.14 19.01 38.19
CA GLN P 159 4.47 19.10 37.60
C GLN P 159 4.41 19.14 36.08
N ASN P 160 3.29 18.72 35.49
CA ASN P 160 3.11 18.71 34.04
C ASN P 160 1.84 19.48 33.71
N ILE P 161 2.01 20.72 33.24
CA ILE P 161 0.85 21.57 32.97
C ILE P 161 -0.07 21.00 31.90
N PRO P 162 0.42 20.56 30.73
CA PRO P 162 -0.52 20.06 29.70
C PRO P 162 -1.32 18.86 30.15
N LEU P 163 -0.75 17.99 30.99
CA LEU P 163 -1.49 16.83 31.47
C LEU P 163 -2.63 17.25 32.40
N LYS P 164 -2.42 18.28 33.20
CA LYS P 164 -3.45 18.75 34.12
C LYS P 164 -4.65 19.30 33.36
N GLN P 165 -4.41 20.00 32.25
CA GLN P 165 -5.51 20.59 31.49
C GLN P 165 -6.39 19.51 30.89
N ILE P 166 -5.80 18.43 30.38
CA ILE P 166 -6.54 17.39 29.67
C ILE P 166 -6.88 16.21 30.57
N ALA P 167 -6.60 16.32 31.86
CA ALA P 167 -6.88 15.21 32.77
C ALA P 167 -8.38 14.95 32.87
N PRO P 168 -8.84 13.73 32.64
CA PRO P 168 -10.27 13.44 32.77
C PRO P 168 -10.75 13.71 34.18
N ASN P 169 -11.97 14.23 34.29
CA ASN P 169 -12.56 14.64 35.56
C ASN P 169 -13.65 13.65 35.93
N PHE P 170 -13.34 12.76 36.86
CA PHE P 170 -14.32 11.81 37.38
C PHE P 170 -13.83 11.32 38.73
N ILE P 171 -14.77 10.77 39.50
CA ILE P 171 -14.47 10.18 40.81
C ILE P 171 -14.51 8.66 40.65
N PRO P 172 -13.42 7.94 40.90
CA PRO P 172 -13.41 6.49 40.70
C PRO P 172 -14.41 5.72 41.55
N GLY P 173 -15.17 6.38 42.42
CA GLY P 173 -16.11 5.66 43.24
C GLY P 173 -17.56 6.08 43.05
N ASP P 174 -17.80 7.09 42.21
CA ASP P 174 -19.13 7.60 41.96
C ASP P 174 -19.47 7.43 40.49
N MET P 175 -20.61 6.79 40.21
CA MET P 175 -21.02 6.57 38.83
C MET P 175 -21.58 7.84 38.19
N ARG P 176 -22.11 8.76 39.00
CA ARG P 176 -22.70 9.97 38.45
C ARG P 176 -21.65 10.82 37.72
N THR P 177 -20.41 10.80 38.22
CA THR P 177 -19.34 11.52 37.54
C THR P 177 -19.03 10.91 36.18
N VAL P 178 -19.07 9.57 36.10
CA VAL P 178 -18.76 8.89 34.84
C VAL P 178 -19.78 9.24 33.77
N ILE P 179 -21.06 9.26 34.13
CA ILE P 179 -22.10 9.55 33.15
C ILE P 179 -21.97 10.97 32.63
N HIS P 180 -21.58 11.91 33.50
CA HIS P 180 -21.52 13.31 33.11
C HIS P 180 -20.32 13.64 32.23
N ASN P 181 -19.34 12.75 32.14
CA ASN P 181 -18.13 13.05 31.38
C ASN P 181 -18.43 13.15 29.89
N GLN P 182 -17.87 14.17 29.25
CA GLN P 182 -18.03 14.39 27.82
C GLN P 182 -16.74 14.16 27.05
N ASP P 183 -15.74 13.55 27.67
CA ASP P 183 -14.45 13.33 27.00
C ASP P 183 -14.58 12.29 25.91
N GLN P 184 -13.77 12.44 24.87
CA GLN P 184 -13.71 11.52 23.75
C GLN P 184 -12.37 10.81 23.77
N LEU P 185 -12.39 9.47 23.83
CA LEU P 185 -11.19 8.67 24.03
C LEU P 185 -11.10 7.57 22.99
N ALA P 186 -11.52 7.85 21.77
CA ALA P 186 -11.56 6.84 20.70
C ALA P 186 -10.32 7.02 19.83
N ILE P 187 -9.37 6.10 19.96
CA ILE P 187 -8.19 6.10 19.11
C ILE P 187 -8.56 5.68 17.69
N VAL P 188 -9.37 4.62 17.56
CA VAL P 188 -9.81 4.12 16.28
C VAL P 188 -11.31 4.36 16.16
N GLY P 189 -11.78 4.54 14.93
CA GLY P 189 -13.18 4.81 14.69
C GLY P 189 -13.43 5.00 13.22
N ILE P 190 -14.66 5.40 12.90
CA ILE P 190 -15.03 5.68 11.51
C ILE P 190 -14.41 7.02 11.13
N PRO P 191 -13.59 7.08 10.08
CA PRO P 191 -12.89 8.32 9.77
C PRO P 191 -13.69 9.25 8.87
N ALA P 192 -13.84 10.50 9.31
CA ALA P 192 -14.46 11.51 8.45
C ALA P 192 -13.60 11.78 7.23
N TYR P 193 -12.29 11.84 7.41
CA TYR P 193 -11.37 12.04 6.30
C TYR P 193 -11.26 10.78 5.45
N ARG P 194 -10.59 10.91 4.32
CA ARG P 194 -10.35 9.76 3.45
C ARG P 194 -9.17 8.96 3.96
N LEU P 195 -9.40 7.68 4.23
CA LEU P 195 -8.38 6.77 4.74
C LEU P 195 -8.01 5.78 3.65
N THR P 196 -6.74 5.75 3.27
CA THR P 196 -6.26 4.86 2.23
C THR P 196 -5.56 3.65 2.84
N GLN P 197 -5.07 2.77 1.97
CA GLN P 197 -4.40 1.55 2.40
C GLN P 197 -2.88 1.66 2.32
N SER P 198 -2.35 2.88 2.21
CA SER P 198 -0.91 3.08 2.13
C SER P 198 -0.28 2.84 3.51
N THR P 199 1.02 2.54 3.48
CA THR P 199 1.77 2.29 4.69
C THR P 199 2.25 3.61 5.30
N GLU P 200 2.74 3.53 6.53
CA GLU P 200 3.26 4.69 7.24
C GLU P 200 4.69 4.39 7.68
N LEU P 201 5.41 5.45 8.04
CA LEU P 201 6.84 5.33 8.29
C LEU P 201 7.13 4.73 9.66
N SER P 202 6.70 5.41 10.71
CA SER P 202 7.03 4.99 12.06
C SER P 202 6.34 3.68 12.41
N ILE P 203 6.92 2.94 13.36
CA ILE P 203 6.31 1.70 13.82
C ILE P 203 4.97 1.98 14.49
N ARG P 204 4.91 3.03 15.32
CA ARG P 204 3.67 3.38 15.99
C ARG P 204 2.60 3.79 14.99
N ASP P 205 2.98 4.60 13.99
CA ASP P 205 2.00 5.08 13.02
C ASP P 205 1.51 3.95 12.12
N ASP P 206 2.43 3.10 11.65
CA ASP P 206 2.02 1.99 10.79
C ASP P 206 1.15 0.99 11.57
N ASN P 207 1.53 0.71 12.81
CA ASN P 207 0.73 -0.20 13.63
C ASN P 207 -0.65 0.38 13.92
N ALA P 208 -0.72 1.69 14.17
CA ALA P 208 -2.01 2.32 14.45
C ALA P 208 -2.91 2.29 13.22
N LYS P 209 -2.34 2.49 12.04
CA LYS P 209 -3.15 2.46 10.82
C LYS P 209 -3.67 1.05 10.54
N SER P 210 -2.92 0.03 10.95
CA SER P 210 -3.42 -1.34 10.83
C SER P 210 -4.67 -1.54 11.67
N TYR P 211 -4.68 -0.99 12.89
CA TYR P 211 -5.87 -1.05 13.72
C TYR P 211 -7.00 -0.21 13.14
N LYS P 212 -6.66 0.94 12.57
CA LYS P 212 -7.68 1.82 11.99
C LYS P 212 -8.36 1.16 10.80
N LEU P 213 -7.58 0.54 9.92
CA LEU P 213 -8.17 -0.12 8.76
C LEU P 213 -8.87 -1.42 9.16
N GLY P 214 -8.37 -2.07 10.22
CA GLY P 214 -9.04 -3.26 10.71
C GLY P 214 -10.41 -2.97 11.30
N TYR P 215 -10.53 -1.85 12.00
CA TYR P 215 -11.82 -1.49 12.60
C TYR P 215 -12.86 -1.21 11.53
N VAL P 216 -12.46 -0.58 10.42
CA VAL P 216 -13.39 -0.32 9.32
C VAL P 216 -13.92 -1.62 8.76
N ASP P 217 -13.03 -2.60 8.56
CA ASP P 217 -13.48 -3.93 8.14
C ASP P 217 -14.35 -4.57 9.20
N TRP P 218 -13.99 -4.41 10.48
CA TRP P 218 -14.82 -4.93 11.56
C TRP P 218 -16.14 -4.18 11.66
N TYR P 219 -16.15 -2.90 11.27
CA TYR P 219 -17.39 -2.13 11.25
C TYR P 219 -18.39 -2.72 10.25
N ASN P 220 -17.92 -3.13 9.08
CA ASN P 220 -18.76 -3.67 8.04
C ASN P 220 -18.91 -5.19 8.11
N SER P 221 -18.31 -5.83 9.11
CA SER P 221 -18.45 -7.27 9.26
C SER P 221 -19.75 -7.61 9.97
N ASN P 222 -20.06 -8.91 10.02
CA ASN P 222 -21.25 -9.37 10.70
C ASN P 222 -21.10 -9.40 12.21
N SER P 223 -19.87 -9.30 12.71
CA SER P 223 -19.65 -9.30 14.16
C SER P 223 -20.04 -7.96 14.79
N PHE P 224 -20.03 -6.88 14.01
CA PHE P 224 -20.39 -5.58 14.55
C PHE P 224 -21.86 -5.57 14.96
N LEU P 225 -22.16 -4.78 15.98
CA LEU P 225 -23.48 -4.74 16.60
C LEU P 225 -24.17 -3.44 16.20
N ARG P 226 -25.27 -3.56 15.44
CA ARG P 226 -26.03 -2.41 14.99
C ARG P 226 -27.23 -2.22 15.91
N GLU P 227 -27.20 -1.16 16.72
CA GLU P 227 -28.28 -0.92 17.67
C GLU P 227 -29.58 -0.53 16.99
N ARG P 228 -29.50 0.34 15.97
CA ARG P 228 -30.71 0.88 15.37
C ARG P 228 -31.49 -0.17 14.58
N SER P 229 -30.91 -1.34 14.30
CA SER P 229 -31.55 -2.32 13.45
C SER P 229 -31.80 -3.66 14.14
N GLU P 230 -31.14 -3.94 15.27
CA GLU P 230 -31.27 -5.23 15.91
C GLU P 230 -31.38 -5.11 17.42
N PHE P 231 -31.95 -4.01 17.92
CA PHE P 231 -31.94 -3.76 19.36
C PHE P 231 -32.78 -4.78 20.12
N ASN P 232 -33.79 -5.37 19.48
CA ASN P 232 -34.63 -6.34 20.17
C ASN P 232 -33.96 -7.70 20.26
N LEU P 233 -32.93 -7.94 19.43
CA LEU P 233 -32.23 -9.22 19.46
C LEU P 233 -31.19 -9.28 20.56
N ILE P 234 -30.85 -8.13 21.16
CA ILE P 234 -29.78 -8.08 22.14
C ILE P 234 -30.28 -8.63 23.47
N ARG P 235 -29.38 -9.26 24.22
CA ARG P 235 -29.70 -9.68 25.57
C ARG P 235 -29.96 -8.46 26.45
N LEU P 236 -30.78 -8.66 27.48
CA LEU P 236 -31.15 -7.55 28.36
C LEU P 236 -29.93 -7.01 29.09
N LYS P 237 -28.96 -7.87 29.39
CA LYS P 237 -27.76 -7.42 30.09
C LYS P 237 -26.94 -6.46 29.25
N ASP P 238 -26.80 -6.74 27.94
CA ASP P 238 -25.94 -5.96 27.07
C ASP P 238 -26.67 -4.82 26.36
N ARG P 239 -27.97 -4.69 26.56
CA ARG P 239 -28.72 -3.62 25.91
C ARG P 239 -28.40 -2.28 26.54
N ASP P 240 -28.40 -1.23 25.72
CA ASP P 240 -28.07 0.11 26.20
C ASP P 240 -29.21 0.67 27.03
N THR P 241 -28.93 0.97 28.30
CA THR P 241 -29.93 1.50 29.22
C THR P 241 -29.32 2.67 29.99
N LYS P 242 -30.20 3.57 30.44
CA LYS P 242 -29.74 4.75 31.17
C LYS P 242 -29.32 4.40 32.59
N TYR P 243 -29.89 3.34 33.17
CA TYR P 243 -29.63 2.98 34.55
C TYR P 243 -28.51 1.95 34.70
N GLY P 244 -27.79 1.64 33.63
CA GLY P 244 -26.66 0.75 33.71
C GLY P 244 -25.58 1.26 34.65
N LYS P 245 -25.16 0.43 35.58
CA LYS P 245 -24.20 0.83 36.61
C LYS P 245 -23.10 -0.21 36.74
N LEU P 246 -21.89 0.26 36.98
CA LEU P 246 -20.77 -0.64 37.26
C LEU P 246 -20.94 -1.26 38.65
N ASN P 247 -20.29 -2.41 38.83
CA ASN P 247 -20.34 -3.08 40.13
C ASN P 247 -19.75 -2.17 41.20
N GLY P 248 -20.46 -2.04 42.31
CA GLY P 248 -20.08 -1.04 43.30
C GLY P 248 -20.29 0.35 42.72
N TRP P 249 -19.31 1.22 42.92
CA TRP P 249 -19.32 2.57 42.37
C TRP P 249 -20.58 3.35 42.75
N MET Q 1 11.18 11.98 -45.30
CA MET Q 1 9.97 11.18 -45.13
C MET Q 1 9.55 10.54 -46.45
N ASP Q 2 9.53 11.34 -47.52
CA ASP Q 2 9.11 10.83 -48.82
C ASP Q 2 10.11 9.82 -49.37
N VAL Q 3 11.40 10.07 -49.19
CA VAL Q 3 12.42 9.16 -49.71
C VAL Q 3 12.39 7.84 -48.95
N LEU Q 4 12.26 7.90 -47.63
CA LEU Q 4 12.23 6.68 -46.82
C LEU Q 4 10.96 5.88 -47.03
N SER Q 5 9.91 6.48 -47.59
CA SER Q 5 8.65 5.78 -47.79
C SER Q 5 8.64 4.93 -49.05
N LYS Q 6 9.52 5.23 -50.00
CA LYS Q 6 9.55 4.49 -51.26
C LYS Q 6 10.00 3.06 -51.02
N GLY Q 7 9.23 2.11 -51.55
CA GLY Q 7 9.47 0.71 -51.27
C GLY Q 7 9.89 -0.12 -52.46
N SER Q 8 10.11 0.53 -53.60
CA SER Q 8 10.51 -0.17 -54.82
C SER Q 8 11.65 0.58 -55.49
N LEU Q 9 12.41 -0.14 -56.31
CA LEU Q 9 13.49 0.48 -57.05
C LEU Q 9 12.96 1.50 -58.05
N LYS Q 10 11.82 1.21 -58.67
CA LYS Q 10 11.20 2.16 -59.59
C LYS Q 10 10.83 3.46 -58.87
N GLU Q 11 10.19 3.34 -57.71
CA GLU Q 11 9.75 4.52 -56.98
C GLU Q 11 10.95 5.31 -56.46
N LEU Q 12 11.98 4.62 -55.97
CA LEU Q 12 13.16 5.31 -55.47
C LEU Q 12 13.87 6.07 -56.59
N LEU Q 13 14.01 5.45 -57.76
CA LEU Q 13 14.69 6.11 -58.86
C LEU Q 13 13.85 7.25 -59.43
N ALA Q 14 12.53 7.08 -59.46
CA ALA Q 14 11.65 8.15 -59.90
C ALA Q 14 11.71 9.34 -58.95
N HIS Q 15 11.76 9.08 -57.65
CA HIS Q 15 11.85 10.16 -56.68
C HIS Q 15 13.17 10.93 -56.81
N LEU Q 16 14.27 10.22 -57.04
CA LEU Q 16 15.56 10.88 -57.17
C LEU Q 16 15.63 11.73 -58.42
N GLU Q 17 14.81 11.43 -59.43
CA GLU Q 17 14.78 12.25 -60.63
C GLU Q 17 14.10 13.59 -60.38
N LYS Q 18 13.08 13.60 -59.53
CA LYS Q 18 12.30 14.80 -59.27
C LYS Q 18 12.83 15.62 -58.11
N THR Q 19 13.83 15.13 -57.37
CA THR Q 19 14.31 15.79 -56.17
C THR Q 19 15.61 16.52 -56.45
N PRO Q 20 15.69 17.82 -56.22
CA PRO Q 20 16.95 18.54 -56.41
C PRO Q 20 17.96 18.17 -55.34
N LEU Q 21 19.22 18.52 -55.62
CA LEU Q 21 20.30 18.27 -54.67
C LEU Q 21 20.17 19.13 -53.42
N GLU Q 22 19.36 20.19 -53.46
CA GLU Q 22 19.17 21.03 -52.29
C GLU Q 22 18.54 20.25 -51.14
N GLU Q 23 17.61 19.34 -51.47
CA GLU Q 23 16.97 18.54 -50.43
C GLU Q 23 17.94 17.56 -49.80
N ALA Q 24 18.92 17.07 -50.57
CA ALA Q 24 19.89 16.13 -50.02
C ALA Q 24 20.75 16.78 -48.94
N ILE Q 25 21.23 17.99 -49.19
CA ILE Q 25 22.11 18.69 -48.26
C ILE Q 25 21.28 19.51 -47.27
N SER Q 26 21.92 19.97 -46.20
CA SER Q 26 21.26 20.75 -45.16
C SER Q 26 22.10 21.97 -44.82
N TYR Q 27 21.44 22.98 -44.26
CA TYR Q 27 22.08 24.25 -43.91
C TYR Q 27 22.30 24.39 -42.41
N ARG Q 28 22.26 23.30 -41.66
CA ARG Q 28 22.49 23.31 -40.23
C ARG Q 28 23.85 22.70 -39.93
N ILE Q 29 24.64 23.38 -39.08
CA ILE Q 29 26.03 22.98 -38.90
C ILE Q 29 26.14 21.65 -38.17
N GLY Q 30 25.24 21.39 -37.22
CA GLY Q 30 25.30 20.12 -36.52
C GLY Q 30 26.55 19.97 -35.67
N THR Q 31 27.03 18.73 -35.56
CA THR Q 31 28.21 18.40 -34.77
C THR Q 31 29.11 17.47 -35.56
N VAL Q 32 30.35 17.35 -35.10
CA VAL Q 32 31.34 16.49 -35.77
C VAL Q 32 30.99 15.02 -35.50
N PRO Q 33 31.03 14.16 -36.50
CA PRO Q 33 30.71 12.74 -36.29
C PRO Q 33 31.87 12.00 -35.62
N TYR Q 34 31.64 10.71 -35.36
CA TYR Q 34 32.63 9.83 -34.74
C TYR Q 34 33.08 10.36 -33.38
N GLN Q 35 32.10 10.62 -32.52
CA GLN Q 35 32.37 11.14 -31.18
C GLN Q 35 31.64 10.28 -30.16
N ASN Q 36 32.38 9.79 -29.16
CA ASN Q 36 31.80 9.03 -28.08
C ASN Q 36 31.11 9.99 -27.11
N VAL Q 37 29.78 9.90 -27.03
CA VAL Q 37 28.98 10.85 -26.26
C VAL Q 37 28.09 10.07 -25.30
N LEU Q 38 27.55 10.79 -24.33
CA LEU Q 38 26.58 10.26 -23.37
C LEU Q 38 25.27 11.02 -23.55
N ILE Q 39 24.21 10.29 -23.85
CA ILE Q 39 22.91 10.89 -24.10
C ILE Q 39 21.95 10.46 -22.99
N SER Q 40 20.83 11.16 -22.91
CA SER Q 40 19.85 10.95 -21.85
C SER Q 40 18.73 10.06 -22.36
N ARG Q 41 18.55 8.91 -21.71
CA ARG Q 41 17.43 8.01 -21.96
C ARG Q 41 16.80 7.71 -20.60
N ASN Q 42 15.90 8.58 -20.16
CA ASN Q 42 15.27 8.41 -18.87
C ASN Q 42 14.13 7.40 -18.88
N GLU Q 43 13.77 6.88 -20.05
CA GLU Q 43 12.79 5.80 -20.11
C GLU Q 43 13.31 4.56 -19.39
N TYR Q 44 14.61 4.31 -19.48
CA TYR Q 44 15.20 3.05 -19.05
C TYR Q 44 16.17 3.20 -17.89
N TYR Q 45 17.17 4.06 -18.03
CA TYR Q 45 18.26 4.16 -17.07
C TYR Q 45 18.31 5.56 -16.46
N ASN Q 46 18.74 5.63 -15.19
CA ASN Q 46 19.01 6.93 -14.58
C ASN Q 46 20.32 7.50 -15.06
N GLN Q 47 21.32 6.65 -15.27
CA GLN Q 47 22.61 7.10 -15.78
C GLN Q 47 22.52 7.46 -17.25
N LEU Q 48 23.50 8.24 -17.70
CA LEU Q 48 23.57 8.61 -19.11
C LEU Q 48 23.94 7.41 -19.96
N TYR Q 49 23.50 7.41 -21.21
CA TYR Q 49 23.63 6.24 -22.08
C TYR Q 49 24.69 6.51 -23.13
N PRO Q 50 25.76 5.72 -23.19
CA PRO Q 50 26.80 5.95 -24.20
C PRO Q 50 26.32 5.62 -25.61
N ASP Q 51 26.91 6.34 -26.57
CA ASP Q 51 26.63 6.11 -27.99
C ASP Q 51 27.69 6.83 -28.80
N THR Q 52 27.72 6.55 -30.09
CA THR Q 52 28.69 7.15 -31.00
C THR Q 52 27.94 7.82 -32.15
N THR Q 53 28.22 9.11 -32.35
CA THR Q 53 27.60 9.84 -33.44
C THR Q 53 28.14 9.36 -34.79
N SER Q 54 27.24 9.25 -35.77
CA SER Q 54 27.61 8.75 -37.08
C SER Q 54 26.97 9.64 -38.15
N LEU Q 55 27.34 9.37 -39.40
CA LEU Q 55 26.79 10.11 -40.53
C LEU Q 55 25.39 9.65 -40.92
N ILE Q 56 24.96 8.49 -40.44
CA ILE Q 56 23.64 7.96 -40.77
C ILE Q 56 22.68 8.09 -39.58
N ASP Q 57 22.93 9.05 -38.68
CA ASP Q 57 22.08 9.20 -37.52
C ASP Q 57 20.73 9.80 -37.87
N GLY Q 58 20.65 10.54 -38.96
CA GLY Q 58 19.47 11.31 -39.29
C GLY Q 58 19.53 12.75 -38.87
N VAL Q 59 20.68 13.22 -38.40
CA VAL Q 59 20.88 14.60 -37.96
C VAL Q 59 22.07 15.17 -38.73
N SER Q 60 21.93 16.41 -39.18
CA SER Q 60 22.96 17.04 -39.99
C SER Q 60 24.29 17.10 -39.25
N ARG Q 61 25.36 16.73 -39.95
CA ARG Q 61 26.72 16.78 -39.43
C ARG Q 61 27.60 17.51 -40.44
N GLU Q 62 28.70 18.04 -39.94
CA GLU Q 62 29.63 18.77 -40.80
C GLU Q 62 30.31 17.84 -41.78
N GLY Q 63 30.43 18.28 -43.02
CA GLY Q 63 31.09 17.50 -44.05
C GLY Q 63 31.98 18.38 -44.90
N GLN Q 64 32.97 17.76 -45.53
CA GLN Q 64 33.91 18.49 -46.36
C GLN Q 64 33.30 18.85 -47.70
N ARG Q 65 34.00 19.70 -48.44
CA ARG Q 65 33.51 20.24 -49.71
C ARG Q 65 34.04 19.47 -50.92
N ASN Q 66 34.72 18.35 -50.71
CA ASN Q 66 35.24 17.56 -51.82
C ASN Q 66 34.12 16.72 -52.44
N VAL Q 67 34.49 15.87 -53.38
CA VAL Q 67 33.51 15.03 -54.05
C VAL Q 67 32.95 14.00 -53.08
N ASN Q 68 33.81 13.47 -52.20
CA ASN Q 68 33.37 12.44 -51.25
C ASN Q 68 32.30 12.98 -50.32
N GLY Q 69 32.44 14.22 -49.86
CA GLY Q 69 31.45 14.79 -48.97
C GLY Q 69 30.08 14.91 -49.61
N LEU Q 70 30.05 15.25 -50.90
CA LEU Q 70 28.76 15.36 -51.59
C LEU Q 70 28.12 13.99 -51.78
N ILE Q 71 28.92 12.99 -52.15
CA ILE Q 71 28.38 11.64 -52.32
C ILE Q 71 27.90 11.09 -50.98
N MET Q 72 28.68 11.29 -49.92
CA MET Q 72 28.27 10.80 -48.60
C MET Q 72 26.99 11.48 -48.13
N SER Q 73 26.82 12.76 -48.47
CA SER Q 73 25.59 13.45 -48.11
C SER Q 73 24.38 12.86 -48.83
N ILE Q 74 24.54 12.51 -50.10
CA ILE Q 74 23.43 11.93 -50.87
C ILE Q 74 23.03 10.57 -50.28
N ILE Q 75 24.03 9.73 -49.99
CA ILE Q 75 23.73 8.40 -49.48
C ILE Q 75 23.08 8.49 -48.10
N SER Q 76 23.53 9.44 -47.27
CA SER Q 76 22.90 9.63 -45.97
C SER Q 76 21.45 10.06 -46.12
N TYR Q 77 21.15 10.90 -47.11
CA TYR Q 77 19.77 11.32 -47.34
C TYR Q 77 18.90 10.13 -47.72
N VAL Q 78 19.43 9.21 -48.53
CA VAL Q 78 18.65 8.06 -48.96
C VAL Q 78 18.39 7.10 -47.81
N VAL Q 79 19.37 6.91 -46.93
CA VAL Q 79 19.26 5.89 -45.90
C VAL Q 79 18.83 6.42 -44.53
N SER Q 80 18.90 7.74 -44.31
CA SER Q 80 18.55 8.31 -43.03
C SER Q 80 17.57 9.47 -43.10
N GLY Q 81 17.27 9.98 -44.29
CA GLY Q 81 16.32 11.06 -44.44
C GLY Q 81 16.87 12.45 -44.22
N SER Q 82 18.16 12.58 -43.89
CA SER Q 82 18.78 13.88 -43.66
C SER Q 82 20.22 13.84 -44.14
N GLY Q 83 20.68 14.97 -44.68
CA GLY Q 83 22.01 15.09 -45.22
C GLY Q 83 22.92 15.88 -44.32
N HIS Q 84 24.08 16.22 -44.88
CA HIS Q 84 25.13 16.89 -44.13
C HIS Q 84 25.30 18.34 -44.58
N TYR Q 85 26.21 19.03 -43.91
CA TYR Q 85 26.44 20.46 -44.12
C TYR Q 85 27.72 20.63 -44.93
N ILE Q 86 27.55 20.85 -46.24
CA ILE Q 86 28.65 21.13 -47.15
C ILE Q 86 28.60 22.62 -47.49
N PRO Q 87 29.57 23.42 -47.07
CA PRO Q 87 29.47 24.88 -47.25
C PRO Q 87 29.58 25.29 -48.71
N ASN Q 88 28.64 26.13 -49.15
CA ASN Q 88 28.70 26.84 -50.43
C ASN Q 88 28.92 25.87 -51.59
N ILE Q 89 27.93 25.01 -51.81
CA ILE Q 89 27.99 24.07 -52.92
C ILE Q 89 27.90 24.80 -54.25
N GLY Q 90 27.03 25.79 -54.34
CA GLY Q 90 26.84 26.53 -55.57
C GLY Q 90 25.48 26.27 -56.20
N PHE Q 91 24.93 27.29 -56.84
CA PHE Q 91 23.61 27.17 -57.45
C PHE Q 91 23.62 26.20 -58.62
N MET Q 92 24.77 26.03 -59.27
CA MET Q 92 24.84 25.17 -60.45
C MET Q 92 24.54 23.71 -60.10
N LEU Q 93 25.05 23.24 -58.96
CA LEU Q 93 24.82 21.85 -58.57
C LEU Q 93 23.54 21.67 -57.78
N LEU Q 94 23.04 22.74 -57.14
CA LEU Q 94 21.83 22.60 -56.32
C LEU Q 94 20.60 22.39 -57.17
N ARG Q 95 20.56 22.97 -58.38
CA ARG Q 95 19.39 22.82 -59.22
C ARG Q 95 19.31 21.43 -59.83
N ARG Q 96 20.45 20.77 -60.02
CA ARG Q 96 20.47 19.43 -60.59
C ARG Q 96 19.84 18.43 -59.63
N SER Q 97 19.15 17.44 -60.20
CA SER Q 97 18.55 16.40 -59.39
C SER Q 97 19.61 15.40 -58.92
N ILE Q 98 19.22 14.58 -57.95
CA ILE Q 98 20.16 13.65 -57.33
C ILE Q 98 20.64 12.63 -58.34
N LEU Q 99 19.74 12.13 -59.19
CA LEU Q 99 20.12 11.09 -60.14
C LEU Q 99 21.14 11.59 -61.16
N ASP Q 100 21.01 12.84 -61.61
CA ASP Q 100 21.98 13.37 -62.56
C ASP Q 100 23.37 13.45 -61.93
N ILE Q 101 23.44 13.81 -60.64
CA ILE Q 101 24.72 13.80 -59.94
C ILE Q 101 25.28 12.38 -59.91
N LEU Q 102 24.41 11.39 -59.78
CA LEU Q 102 24.86 10.01 -59.66
C LEU Q 102 25.14 9.37 -61.03
N THR Q 103 24.34 9.70 -62.05
CA THR Q 103 24.36 8.95 -63.30
C THR Q 103 24.45 9.83 -64.54
N LYS Q 104 25.10 10.99 -64.48
CA LYS Q 104 25.24 11.84 -65.65
C LYS Q 104 26.59 12.54 -65.67
N HIS Q 105 27.02 12.93 -66.87
CA HIS Q 105 28.30 13.56 -67.08
C HIS Q 105 28.21 15.06 -67.29
N ASP Q 106 27.00 15.63 -67.25
CA ASP Q 106 26.80 17.05 -67.50
C ASP Q 106 26.88 17.89 -66.24
N THR Q 107 27.11 17.29 -65.08
CA THR Q 107 27.11 18.04 -63.83
C THR Q 107 28.44 18.74 -63.57
N GLY Q 108 29.47 18.44 -64.35
CA GLY Q 108 30.77 19.03 -64.13
C GLY Q 108 31.51 18.49 -62.93
N LEU Q 109 31.03 17.41 -62.33
CA LEU Q 109 31.62 16.82 -61.14
C LEU Q 109 32.37 15.55 -61.53
N VAL Q 110 33.62 15.45 -61.11
CA VAL Q 110 34.45 14.28 -61.39
C VAL Q 110 34.25 13.31 -60.23
N THR Q 111 33.44 12.28 -60.45
CA THR Q 111 33.16 11.28 -59.43
C THR Q 111 34.04 10.05 -59.58
N ASN Q 112 34.99 10.06 -60.51
CA ASN Q 112 35.98 9.00 -60.58
C ASN Q 112 36.94 9.11 -59.40
N ASN Q 113 37.87 8.17 -59.33
CA ASN Q 113 38.85 8.09 -58.23
C ASN Q 113 38.13 8.03 -56.88
N LEU Q 114 37.05 7.27 -56.82
CA LEU Q 114 36.25 7.10 -55.62
C LEU Q 114 36.47 5.71 -55.05
N ASN Q 115 36.76 5.63 -53.76
CA ASN Q 115 37.00 4.37 -53.09
C ASN Q 115 35.74 3.98 -52.32
N TYR Q 116 35.13 2.86 -52.69
CA TYR Q 116 33.89 2.44 -52.05
C TYR Q 116 34.14 1.89 -50.65
N GLY Q 117 35.31 1.29 -50.42
CA GLY Q 117 35.63 0.82 -49.08
C GLY Q 117 35.76 1.95 -48.08
N ILE Q 118 36.42 3.04 -48.48
CA ILE Q 118 36.56 4.19 -47.59
C ILE Q 118 35.20 4.83 -47.33
N ILE Q 119 34.38 4.98 -48.38
CA ILE Q 119 33.07 5.59 -48.22
C ILE Q 119 32.18 4.72 -47.32
N ALA Q 120 32.23 3.41 -47.51
CA ALA Q 120 31.43 2.50 -46.70
C ALA Q 120 31.84 2.57 -45.23
N ARG Q 121 33.15 2.66 -44.97
CA ARG Q 121 33.62 2.78 -43.59
C ARG Q 121 33.13 4.07 -42.96
N ASN Q 122 33.16 5.17 -43.71
CA ASN Q 122 32.71 6.46 -43.17
C ASN Q 122 31.23 6.48 -42.87
N LEU Q 123 30.43 5.75 -43.66
CA LEU Q 123 28.99 5.71 -43.49
C LEU Q 123 28.54 4.66 -42.49
N THR Q 124 29.47 3.95 -41.86
CA THR Q 124 29.19 2.90 -40.88
C THR Q 124 28.21 1.86 -41.47
N VAL Q 125 28.70 1.19 -42.51
CA VAL Q 125 27.91 0.15 -43.16
C VAL Q 125 27.66 -1.02 -42.22
N SER Q 126 28.50 -1.19 -41.20
CA SER Q 126 28.30 -2.29 -40.26
C SER Q 126 27.10 -2.03 -39.35
N LYS Q 127 26.63 -0.78 -39.28
CA LYS Q 127 25.52 -0.44 -38.40
C LYS Q 127 24.18 -0.34 -39.12
N MET Q 128 24.19 -0.24 -40.44
CA MET Q 128 22.93 -0.10 -41.18
C MET Q 128 22.31 -1.46 -41.45
N ASN Q 129 20.98 -1.46 -41.57
CA ASN Q 129 20.21 -2.69 -41.72
C ASN Q 129 20.15 -3.09 -43.19
N CYS Q 130 19.35 -4.11 -43.49
CA CYS Q 130 19.32 -4.67 -44.84
C CYS Q 130 18.82 -3.65 -45.86
N GLU Q 131 17.76 -2.92 -45.52
CA GLU Q 131 17.22 -1.93 -46.45
C GLU Q 131 18.20 -0.78 -46.67
N GLN Q 132 18.84 -0.32 -45.60
CA GLN Q 132 19.82 0.74 -45.74
C GLN Q 132 21.05 0.26 -46.51
N ARG Q 133 21.46 -0.98 -46.28
CA ARG Q 133 22.57 -1.55 -47.04
C ARG Q 133 22.21 -1.66 -48.51
N LYS Q 134 20.98 -2.07 -48.81
CA LYS Q 134 20.54 -2.21 -50.20
C LYS Q 134 20.55 -0.85 -50.90
N ARG Q 135 20.06 0.19 -50.23
CA ARG Q 135 20.02 1.51 -50.84
C ARG Q 135 21.42 2.04 -51.11
N MET Q 136 22.36 1.78 -50.19
CA MET Q 136 23.73 2.24 -50.37
C MET Q 136 24.37 1.58 -51.59
N LEU Q 137 24.11 0.29 -51.79
CA LEU Q 137 24.69 -0.42 -52.93
C LEU Q 137 24.10 0.07 -54.25
N ILE Q 138 22.85 0.52 -54.23
CA ILE Q 138 22.23 1.07 -55.43
C ILE Q 138 22.96 2.33 -55.88
N CYS Q 139 23.28 3.20 -54.92
CA CYS Q 139 24.05 4.40 -55.25
C CYS Q 139 25.43 4.05 -55.76
N PHE Q 140 26.07 3.04 -55.15
CA PHE Q 140 27.41 2.64 -55.60
C PHE Q 140 27.38 2.12 -57.03
N LYS Q 141 26.38 1.31 -57.37
CA LYS Q 141 26.32 0.74 -58.71
C LYS Q 141 26.07 1.82 -59.76
N LEU Q 142 25.22 2.80 -59.45
CA LEU Q 142 24.98 3.89 -60.40
C LEU Q 142 26.25 4.69 -60.62
N LEU Q 143 27.00 4.97 -59.56
CA LEU Q 143 28.25 5.70 -59.70
C LEU Q 143 29.28 4.89 -60.48
N ALA Q 144 29.35 3.59 -60.22
CA ALA Q 144 30.36 2.75 -60.87
C ALA Q 144 30.09 2.63 -62.37
N TYR Q 145 28.83 2.42 -62.76
CA TYR Q 145 28.52 2.21 -64.17
C TYR Q 145 28.66 3.50 -64.98
N LYS Q 146 28.45 4.65 -64.35
CA LYS Q 146 28.57 5.91 -65.08
C LYS Q 146 30.03 6.21 -65.43
N ASP Q 147 30.95 5.90 -64.51
CA ASP Q 147 32.36 6.16 -64.70
C ASP Q 147 33.11 4.98 -65.29
N GLY Q 148 32.41 3.91 -65.66
CA GLY Q 148 33.05 2.73 -66.21
C GLY Q 148 33.91 1.99 -65.21
N ASN Q 149 33.48 1.89 -63.95
CA ASN Q 149 34.21 1.20 -62.90
C ASN Q 149 33.42 0.02 -62.39
N GLN Q 150 32.84 -0.77 -63.30
CA GLN Q 150 32.08 -1.94 -62.90
C GLN Q 150 32.98 -2.99 -62.25
N ASN Q 151 34.25 -3.04 -62.63
CA ASN Q 151 35.18 -4.00 -62.02
C ASN Q 151 35.44 -3.66 -60.56
N ASP Q 152 35.59 -2.37 -60.25
CA ASP Q 152 35.84 -1.97 -58.88
C ASP Q 152 34.62 -2.21 -57.99
N TYR Q 153 33.42 -2.10 -58.56
CA TYR Q 153 32.22 -2.45 -57.81
C TYR Q 153 32.18 -3.94 -57.49
N GLU Q 154 32.57 -4.78 -58.45
CA GLU Q 154 32.60 -6.22 -58.22
C GLU Q 154 33.66 -6.60 -57.21
N ILE Q 155 34.82 -5.92 -57.26
CA ILE Q 155 35.89 -6.19 -56.31
C ILE Q 155 35.44 -5.85 -54.90
N TYR Q 156 34.74 -4.72 -54.74
CA TYR Q 156 34.22 -4.34 -53.42
C TYR Q 156 33.24 -5.38 -52.89
N LEU Q 157 32.37 -5.89 -53.76
CA LEU Q 157 31.39 -6.87 -53.31
C LEU Q 157 32.05 -8.20 -52.94
N ASN Q 158 33.12 -8.57 -53.65
CA ASN Q 158 33.82 -9.81 -53.34
C ASN Q 158 34.47 -9.75 -51.96
N GLN Q 159 35.04 -8.60 -51.61
CA GLN Q 159 35.68 -8.47 -50.30
C GLN Q 159 34.67 -8.49 -49.16
N ASN Q 160 33.43 -8.08 -49.43
CA ASN Q 160 32.38 -7.99 -48.42
C ASN Q 160 31.30 -9.02 -48.77
N ILE Q 161 31.44 -10.22 -48.24
CA ILE Q 161 30.48 -11.29 -48.54
C ILE Q 161 29.07 -10.94 -48.06
N PRO Q 162 28.85 -10.44 -46.83
CA PRO Q 162 27.47 -10.12 -46.43
C PRO Q 162 26.77 -9.13 -47.34
N LEU Q 163 27.50 -8.17 -47.90
CA LEU Q 163 26.87 -7.23 -48.84
C LEU Q 163 26.62 -7.88 -50.19
N LYS Q 164 27.42 -8.88 -50.56
CA LYS Q 164 27.23 -9.55 -51.85
C LYS Q 164 25.92 -10.36 -51.87
N GLN Q 165 25.52 -10.91 -50.72
CA GLN Q 165 24.31 -11.71 -50.68
C GLN Q 165 23.07 -10.87 -50.97
N ILE Q 166 23.04 -9.62 -50.50
CA ILE Q 166 21.86 -8.78 -50.61
C ILE Q 166 22.08 -7.68 -51.65
N ALA Q 167 22.96 -7.93 -52.61
CA ALA Q 167 23.22 -6.94 -53.64
C ALA Q 167 21.99 -6.77 -54.53
N PRO Q 168 21.71 -5.55 -55.00
CA PRO Q 168 20.60 -5.35 -55.92
C PRO Q 168 20.84 -6.05 -57.25
N ASN Q 169 19.74 -6.44 -57.88
CA ASN Q 169 19.77 -7.28 -59.08
C ASN Q 169 19.56 -6.49 -60.37
N PHE Q 170 19.70 -5.17 -60.34
CA PHE Q 170 19.46 -4.37 -61.52
C PHE Q 170 20.78 -3.94 -62.17
N ILE Q 171 20.71 -3.65 -63.47
CA ILE Q 171 21.82 -3.11 -64.23
C ILE Q 171 21.46 -1.68 -64.61
N PRO Q 172 22.32 -0.70 -64.32
CA PRO Q 172 21.91 0.71 -64.49
C PRO Q 172 21.47 1.08 -65.89
N GLY Q 173 22.05 0.47 -66.93
CA GLY Q 173 21.73 0.87 -68.29
C GLY Q 173 20.48 0.23 -68.86
N ASP Q 174 20.02 -0.87 -68.27
CA ASP Q 174 18.91 -1.64 -68.81
C ASP Q 174 17.62 -1.31 -68.05
N MET Q 175 16.58 -0.96 -68.80
CA MET Q 175 15.29 -0.66 -68.19
C MET Q 175 14.55 -1.91 -67.76
N ARG Q 176 14.77 -3.04 -68.44
CA ARG Q 176 14.04 -4.26 -68.10
C ARG Q 176 14.39 -4.74 -66.70
N THR Q 177 15.63 -4.54 -66.27
CA THR Q 177 16.03 -4.95 -64.92
C THR Q 177 15.34 -4.11 -63.86
N VAL Q 178 15.08 -2.84 -64.15
CA VAL Q 178 14.46 -1.95 -63.17
C VAL Q 178 13.00 -2.34 -62.94
N ILE Q 179 12.26 -2.61 -64.02
CA ILE Q 179 10.83 -2.87 -63.88
C ILE Q 179 10.57 -4.21 -63.20
N HIS Q 180 11.39 -5.22 -63.48
CA HIS Q 180 11.18 -6.55 -62.94
C HIS Q 180 11.79 -6.74 -61.56
N ASN Q 181 12.48 -5.74 -61.02
CA ASN Q 181 13.10 -5.88 -59.71
C ASN Q 181 12.04 -5.98 -58.63
N GLN Q 182 12.28 -6.85 -57.65
CA GLN Q 182 11.32 -7.11 -56.59
C GLN Q 182 11.89 -6.78 -55.21
N ASP Q 183 12.88 -5.90 -55.13
CA ASP Q 183 13.44 -5.51 -53.86
C ASP Q 183 12.44 -4.68 -53.05
N GLN Q 184 12.51 -4.82 -51.73
CA GLN Q 184 11.74 -4.00 -50.80
C GLN Q 184 12.71 -3.06 -50.09
N LEU Q 185 12.49 -1.76 -50.23
CA LEU Q 185 13.42 -0.76 -49.72
C LEU Q 185 12.73 0.28 -48.85
N ALA Q 186 11.60 -0.05 -48.24
CA ALA Q 186 10.81 0.91 -47.47
C ALA Q 186 11.28 0.90 -46.03
N ILE Q 187 11.98 1.96 -45.62
CA ILE Q 187 12.37 2.10 -44.22
C ILE Q 187 11.15 2.41 -43.36
N VAL Q 188 10.28 3.31 -43.83
CA VAL Q 188 9.10 3.72 -43.10
C VAL Q 188 7.87 3.39 -43.93
N GLY Q 189 6.74 3.28 -43.24
CA GLY Q 189 5.48 2.98 -43.91
C GLY Q 189 4.35 2.91 -42.90
N ILE Q 190 3.14 3.00 -43.41
CA ILE Q 190 1.95 2.94 -42.56
C ILE Q 190 1.82 1.51 -42.04
N PRO Q 191 1.85 1.31 -40.72
CA PRO Q 191 1.80 -0.06 -40.18
C PRO Q 191 0.38 -0.50 -39.82
N ALA Q 192 0.16 -1.81 -39.92
CA ALA Q 192 -1.05 -2.39 -39.37
C ALA Q 192 -1.04 -2.25 -37.85
N TYR Q 193 -2.22 -2.01 -37.28
CA TYR Q 193 -2.36 -1.65 -35.86
C TYR Q 193 -1.56 -0.36 -35.69
N ARG Q 194 -0.77 -0.23 -34.63
CA ARG Q 194 0.04 0.98 -34.42
C ARG Q 194 1.34 0.59 -33.73
N LEU Q 195 2.13 1.61 -33.42
CA LEU Q 195 3.39 1.45 -32.70
C LEU Q 195 3.39 2.39 -31.50
N THR Q 196 3.90 1.90 -30.37
CA THR Q 196 3.88 2.67 -29.14
C THR Q 196 4.77 3.90 -29.27
N GLN Q 197 4.33 4.99 -28.63
CA GLN Q 197 5.08 6.25 -28.63
C GLN Q 197 6.13 6.20 -27.52
N SER Q 198 7.13 5.34 -27.73
CA SER Q 198 8.19 5.12 -26.76
C SER Q 198 9.54 5.32 -27.42
N THR Q 199 10.51 5.73 -26.62
CA THR Q 199 11.84 6.02 -27.12
C THR Q 199 12.66 4.74 -27.28
N GLU Q 200 13.78 4.87 -27.99
CA GLU Q 200 14.72 3.78 -28.21
C GLU Q 200 16.10 4.18 -27.73
N LEU Q 201 16.95 3.18 -27.51
CA LEU Q 201 18.25 3.41 -26.90
C LEU Q 201 19.20 4.14 -27.84
N SER Q 202 19.30 3.67 -29.08
CA SER Q 202 20.30 4.19 -29.99
C SER Q 202 19.84 5.52 -30.62
N ILE Q 203 20.82 6.31 -31.06
CA ILE Q 203 20.49 7.53 -31.79
C ILE Q 203 19.81 7.19 -33.10
N ARG Q 204 20.35 6.19 -33.81
CA ARG Q 204 19.75 5.78 -35.08
C ARG Q 204 18.37 5.19 -34.88
N ASP Q 205 18.20 4.35 -33.85
CA ASP Q 205 16.92 3.69 -33.62
C ASP Q 205 15.85 4.70 -33.23
N ASP Q 206 16.19 5.64 -32.35
CA ASP Q 206 15.21 6.63 -31.91
C ASP Q 206 14.83 7.58 -33.05
N ASN Q 207 15.81 8.02 -33.83
CA ASN Q 207 15.51 8.91 -34.95
C ASN Q 207 14.69 8.19 -36.02
N ALA Q 208 15.01 6.92 -36.27
CA ALA Q 208 14.22 6.15 -37.23
C ALA Q 208 12.79 5.96 -36.73
N LYS Q 209 12.63 5.73 -35.43
CA LYS Q 209 11.27 5.58 -34.88
C LYS Q 209 10.49 6.88 -34.99
N SER Q 210 11.17 8.03 -34.83
CA SER Q 210 10.50 9.30 -34.96
C SER Q 210 9.98 9.52 -36.38
N TYR Q 211 10.66 8.94 -37.37
CA TYR Q 211 10.19 9.05 -38.75
C TYR Q 211 8.98 8.18 -38.99
N LYS Q 212 8.97 6.97 -38.43
CA LYS Q 212 7.84 6.07 -38.63
C LYS Q 212 6.58 6.61 -37.96
N LEU Q 213 6.71 7.15 -36.74
CA LEU Q 213 5.55 7.66 -36.03
C LEU Q 213 4.95 8.86 -36.74
N GLY Q 214 5.80 9.75 -37.26
CA GLY Q 214 5.32 10.95 -37.93
C GLY Q 214 4.91 10.76 -39.37
N TYR Q 215 5.11 9.57 -39.93
CA TYR Q 215 4.75 9.34 -41.33
C TYR Q 215 3.24 9.39 -41.53
N VAL Q 216 2.48 8.85 -40.59
CA VAL Q 216 1.02 8.81 -40.73
C VAL Q 216 0.45 10.21 -40.77
N ASP Q 217 0.89 11.08 -39.86
CA ASP Q 217 0.43 12.46 -39.86
C ASP Q 217 0.94 13.21 -41.09
N TRP Q 218 2.19 12.94 -41.49
CA TRP Q 218 2.72 13.58 -42.69
C TRP Q 218 1.96 13.14 -43.93
N TYR Q 219 1.52 11.89 -43.98
CA TYR Q 219 0.79 11.39 -45.14
C TYR Q 219 -0.52 12.13 -45.33
N ASN Q 220 -1.21 12.45 -44.24
CA ASN Q 220 -2.55 13.02 -44.37
C ASN Q 220 -2.51 14.54 -44.57
N SER Q 221 -1.55 15.22 -43.96
CA SER Q 221 -1.55 16.68 -43.93
C SER Q 221 -0.36 17.31 -44.65
N ASN Q 222 0.04 16.76 -45.80
CA ASN Q 222 1.16 17.34 -46.53
C ASN Q 222 0.72 18.00 -47.84
N SER Q 223 -0.36 17.51 -48.45
CA SER Q 223 -0.73 17.96 -49.78
C SER Q 223 -1.08 19.45 -49.80
N PHE Q 224 -1.85 19.91 -48.80
CA PHE Q 224 -2.30 21.30 -48.81
C PHE Q 224 -1.16 22.24 -48.43
N LEU Q 225 -0.37 21.88 -47.42
CA LEU Q 225 0.69 22.77 -46.96
C LEU Q 225 1.78 22.93 -48.03
N ARG Q 226 2.12 21.85 -48.71
CA ARG Q 226 3.08 21.95 -49.81
C ARG Q 226 2.52 22.74 -50.97
N GLU Q 227 1.23 22.57 -51.24
CA GLU Q 227 0.62 23.25 -52.41
C GLU Q 227 0.62 24.75 -52.17
N ARG Q 228 0.41 25.17 -50.92
CA ARG Q 228 0.28 26.63 -50.65
C ARG Q 228 1.59 27.30 -51.02
N SER Q 229 2.73 26.66 -50.69
CA SER Q 229 4.06 27.22 -51.01
C SER Q 229 4.39 27.01 -52.50
N GLU Q 230 4.01 25.85 -53.06
CA GLU Q 230 4.33 25.52 -54.48
C GLU Q 230 3.65 26.53 -55.42
N PHE Q 231 2.42 26.94 -55.08
CA PHE Q 231 1.65 27.84 -55.98
C PHE Q 231 2.41 29.16 -56.18
N ASN Q 232 2.37 29.72 -57.39
CA ASN Q 232 3.05 31.00 -57.71
C ASN Q 232 4.56 30.88 -57.45
N LEU Q 233 5.19 29.81 -57.95
CA LEU Q 233 6.66 29.66 -57.82
C LEU Q 233 7.19 28.80 -58.97
N ILE Q 234 8.48 28.93 -59.30
CA ILE Q 234 9.10 28.14 -60.41
C ILE Q 234 10.06 27.11 -59.79
N ARG Q 235 9.98 25.85 -60.23
CA ARG Q 235 10.80 24.78 -59.62
C ARG Q 235 12.29 24.91 -59.97
N LEU Q 236 13.18 24.48 -59.07
CA LEU Q 236 14.65 24.54 -59.32
C LEU Q 236 15.05 23.41 -60.27
#